data_9PD1
#
_entry.id   9PD1
#
_cell.length_a   1.00
_cell.length_b   1.00
_cell.length_c   1.00
_cell.angle_alpha   90.00
_cell.angle_beta   90.00
_cell.angle_gamma   90.00
#
_symmetry.space_group_name_H-M   'P 1'
#
loop_
_entity.id
_entity.type
_entity.pdbx_description
1 polymer 'Vesicle-fusing ATPase'
2 polymer 'Synaptosomal-associated protein 25'
3 polymer Syntaxin-1A
4 polymer 'Alpha-soluble NSF attachment protein'
5 non-polymer "ADENOSINE-5'-DIPHOSPHATE"
6 non-polymer "ADENOSINE-5'-TRIPHOSPHATE"
#
loop_
_entity_poly.entity_id
_entity_poly.type
_entity_poly.pdbx_seq_one_letter_code
_entity_poly.pdbx_strand_id
1 'polypeptide(L)'
;GANMAGRSMQAARCPTDELSLSNCAVVSEKDYQSGQHVIVRTSPNHKYIFTLRTHPSVVPGSVAFSLPQRKWAGLSIGQE
IEVALYSFDKAKQCIGTMTIEIDFLQKKNIDSNPYDTDKMAAEFIQQFNNQAFSVGQQLVFSFNDKLFGLLVKDIEAMDP
SILKGEPASGKRQKIEVGLVVGNSQVAFEKAENSSLNLIGKAKTKENRQSIINPDWNFEKMGIGGLDKEFSDIFRRAFAS
RVFPPEIVEQMGCKHVKGILLYGPPGCGKTLLARQIGKMLNAREPKVVNGPEILNKYVGESEANIRKLFADAEEEQRRLG
ANSGLHIIIFDEIDAICKQRGSMAGSTGVHDTVVNQLLSKIDGVEQLNNILVIGMTNRPDLIDEALLRPGRLEVKMEIGL
PDEKGRLQILHIHTARMRGHQLLSADVDIKELAVETKNFSGAELEGLVRAAQSTAMNRHIKASTKVEVDMEKAESLQVTR
GDFLASLENDIKPAFGTNQEDYASYIMNGIIKWGDPVTRVLDDGELLVQQTKNSDRTPLVSVLLEGPPHSGKTALAAKIA
EESNFPFIKICSPDKMIGFSETAKCQAMKKIFDDAYKSQLSCVVVDDIERLLDYVPIGPRFSNLVLQALLVLLKKAPPQG
RKLLIIGTTSRKDVLQEMEMLNAFSTTIHVPNIATGEQLLEALELLGNFKDKERTTIAQQVKGKKVWIGIKKLLMLIEMS
LQMDPEYRVRKFLALLREEGASPLDFD
;
A,B,C,D,E,F
2 'polypeptide(L)'
;MGSSHHHHHHSQDPNSMAEDADMRNELEEMQRRADQLADESLESTRRMLQLVEESKDAGIRTLVMLDEQGEQLERIEEGM
DQINKDMKEAEKNLTDLGKFAGLAVAPANKLKSSDAYKKAWGNNQDGVVASQPARVVDEREQMAISGGFIRRVTNDAREN
EMDENLEQVSGIIGNLRHMALDMGNEIDTQNRQIDRIMEKADSNKTRIDEANQRATKMLGSG
;
J,I
3 'polypeptide(L)'
;MKDRTQELRTAKDSDDDDDVTVTVDRDRFMDEFFEQVEEIRGFIDKIAENVEEVKRKHSAILASPNPDEKTKEELEELMS
DIKKTANKVRSKLKSIEQSIEQEEGLNRSSADLRIRKTQHSTLSRKFVEVMSEYNATQSDYRERCKGRIQRQLEITGRTT
TSEELEDMLESGNPAIFASGIIMDSSISKQALSEIETRHSEIIKLENSIRELHDMFMDMAMLVESQGEMIDRIEYNVEHA
VDYVERAVSDTKKAVKYQSKARRKKIM
;
G,H
4 'polypeptide(L)'
;GMDTSGKQAEAMALLAEAERKVKNSQSFFSGLFGGSSKIEEACEIYARAANMFKMAKNWSAAGNAFCQAAQLHLQLQSKH
DAATCFVDAGNAFKKADPQEAINCLMRAIEIYTDMGRFTIAAKHHISIAEIYETELVDVEKAIAHYEQSADYYKGEESNS
SANKCLLKVAGYAAQLEQYQKAIDIYEQVGTSAMDSPLLKYSAKDYFFKAALCHFCIDMLNAKLAVQKYEELFPAFSDSR
ECKLMKKLLEAHEEQNVDSYTESVKEYDSISRLDQWLTTMLLRIKKTIQGDEEDLR
;
K,L,M,N
#
loop_
_chem_comp.id
_chem_comp.type
_chem_comp.name
_chem_comp.formula
ADP non-polymer ADENOSINE-5'-DIPHOSPHATE 'C10 H15 N5 O10 P2'
ATP non-polymer ADENOSINE-5'-TRIPHOSPHATE 'C10 H16 N5 O13 P3'
#
# COMPACT_ATOMS: atom_id res chain seq x y z
N SER A 210 21.20 -37.07 35.02
CA SER A 210 22.61 -37.11 34.64
C SER A 210 22.76 -37.25 33.13
N ILE A 211 23.33 -36.24 32.49
CA ILE A 211 23.60 -36.27 31.05
C ILE A 211 25.06 -35.92 30.81
N ILE A 212 25.90 -36.12 31.83
CA ILE A 212 27.31 -35.79 31.74
C ILE A 212 28.03 -36.50 32.88
N ASN A 213 29.33 -36.70 32.72
CA ASN A 213 30.10 -37.39 33.75
C ASN A 213 30.12 -36.58 35.04
N PRO A 214 30.23 -37.25 36.19
CA PRO A 214 30.04 -36.53 37.48
C PRO A 214 30.98 -35.36 37.67
N ASP A 215 32.21 -35.45 37.18
CA ASP A 215 33.19 -34.38 37.35
C ASP A 215 33.32 -33.50 36.12
N TRP A 216 32.53 -33.76 35.07
CA TRP A 216 32.60 -32.95 33.86
C TRP A 216 34.00 -32.99 33.27
N ASN A 217 34.20 -32.22 32.20
CA ASN A 217 35.51 -32.18 31.55
C ASN A 217 35.58 -30.90 30.74
N PHE A 218 36.69 -30.17 30.90
CA PHE A 218 36.92 -28.90 30.21
C PHE A 218 38.41 -28.78 29.90
N GLU A 219 38.77 -29.28 28.72
CA GLU A 219 40.15 -29.38 28.29
C GLU A 219 40.16 -29.71 26.80
N LYS A 220 41.08 -29.08 26.07
CA LYS A 220 41.31 -29.27 24.64
C LYS A 220 40.07 -29.14 23.74
N MET A 221 39.01 -28.42 24.15
CA MET A 221 37.82 -28.28 23.32
C MET A 221 37.53 -26.79 23.11
N GLY A 222 38.58 -25.99 22.93
CA GLY A 222 38.40 -24.54 22.87
C GLY A 222 38.67 -23.85 24.19
N ILE A 223 37.66 -23.51 25.00
CA ILE A 223 37.96 -22.88 26.29
C ILE A 223 39.00 -23.69 27.03
N GLY A 224 40.11 -23.02 27.40
CA GLY A 224 41.16 -23.61 28.20
C GLY A 224 41.54 -22.80 29.43
N GLY A 225 41.33 -21.49 29.37
CA GLY A 225 41.71 -20.63 30.48
C GLY A 225 40.87 -20.83 31.72
N LEU A 226 39.57 -21.08 31.54
CA LEU A 226 38.63 -21.16 32.66
C LEU A 226 38.33 -22.63 32.92
N ASP A 227 38.78 -23.14 34.06
CA ASP A 227 38.50 -24.51 34.47
C ASP A 227 37.83 -24.60 35.83
N LYS A 228 38.26 -23.80 36.81
CA LYS A 228 37.59 -23.76 38.11
C LYS A 228 36.20 -23.14 38.01
N GLU A 229 36.01 -22.26 37.02
CA GLU A 229 34.74 -21.55 36.90
C GLU A 229 33.61 -22.53 36.59
N PHE A 230 33.89 -23.53 35.75
CA PHE A 230 32.89 -24.53 35.44
C PHE A 230 32.43 -25.26 36.70
N SER A 231 33.39 -25.71 37.52
CA SER A 231 33.03 -26.39 38.76
C SER A 231 32.22 -25.48 39.68
N ASP A 232 32.66 -24.24 39.85
CA ASP A 232 31.96 -23.31 40.73
C ASP A 232 30.51 -23.13 40.27
N ILE A 233 30.33 -22.81 38.98
CA ILE A 233 29.02 -22.48 38.44
C ILE A 233 28.14 -23.73 38.49
N PHE A 234 28.70 -24.89 38.18
CA PHE A 234 27.91 -26.13 38.19
C PHE A 234 27.44 -26.47 39.59
N ARG A 235 28.35 -26.33 40.57
CA ARG A 235 28.00 -26.56 41.97
C ARG A 235 26.86 -25.63 42.35
N ARG A 236 26.93 -24.37 41.93
CA ARG A 236 25.93 -23.40 42.37
C ARG A 236 24.60 -23.60 41.64
N ALA A 237 24.65 -24.10 40.39
CA ALA A 237 23.47 -24.08 39.53
C ALA A 237 23.03 -25.50 39.15
N PHE A 238 23.93 -26.34 38.64
CA PHE A 238 23.48 -27.54 37.94
C PHE A 238 23.62 -28.78 38.82
N ALA A 239 22.74 -28.90 39.81
CA ALA A 239 22.71 -30.10 40.62
C ALA A 239 21.36 -30.78 40.43
N SER A 240 20.34 -30.01 40.06
CA SER A 240 19.01 -30.59 39.91
C SER A 240 18.94 -31.45 38.66
N ARG A 241 19.60 -31.01 37.59
CA ARG A 241 19.48 -31.64 36.29
C ARG A 241 20.45 -32.81 36.11
N VAL A 242 21.34 -33.03 37.07
CA VAL A 242 22.30 -34.14 36.99
C VAL A 242 21.86 -35.36 37.78
N PHE A 243 20.96 -35.21 38.74
CA PHE A 243 20.59 -36.25 39.68
C PHE A 243 19.32 -36.95 39.20
N PRO A 244 19.16 -38.27 39.35
CA PRO A 244 18.09 -38.98 38.66
C PRO A 244 16.74 -38.32 38.90
N PRO A 245 15.93 -38.14 37.85
CA PRO A 245 14.71 -37.33 37.99
C PRO A 245 13.71 -37.86 39.00
N GLU A 246 13.73 -39.15 39.32
CA GLU A 246 12.69 -39.74 40.16
C GLU A 246 12.68 -39.10 41.54
N ILE A 247 13.84 -39.10 42.20
CA ILE A 247 13.93 -38.52 43.53
C ILE A 247 13.64 -37.03 43.45
N VAL A 248 14.04 -36.38 42.34
CA VAL A 248 13.76 -34.96 42.17
C VAL A 248 12.26 -34.69 42.23
N GLU A 249 11.47 -35.31 41.34
CA GLU A 249 10.02 -35.05 41.43
C GLU A 249 9.50 -35.38 42.82
N GLN A 250 10.10 -36.36 43.50
CA GLN A 250 9.72 -36.57 44.89
C GLN A 250 10.03 -35.33 45.73
N MET A 251 11.17 -34.68 45.50
CA MET A 251 11.46 -33.45 46.22
C MET A 251 10.52 -32.32 45.83
N GLY A 252 9.93 -32.39 44.65
CA GLY A 252 9.05 -31.32 44.19
C GLY A 252 9.72 -29.97 44.23
N CYS A 253 10.77 -29.80 43.42
CA CYS A 253 11.52 -28.56 43.38
C CYS A 253 11.63 -28.08 41.95
N LYS A 254 11.87 -26.79 41.79
CA LYS A 254 11.98 -26.17 40.49
C LYS A 254 13.43 -25.82 40.19
N HIS A 255 13.76 -25.78 38.89
CA HIS A 255 15.09 -25.44 38.44
C HIS A 255 15.27 -23.93 38.39
N VAL A 256 16.53 -23.51 38.46
CA VAL A 256 16.85 -22.10 38.28
C VAL A 256 16.46 -21.66 36.87
N LYS A 257 16.08 -20.39 36.75
CA LYS A 257 15.53 -19.85 35.52
C LYS A 257 16.43 -18.79 34.89
N GLY A 258 17.71 -18.78 35.23
CA GLY A 258 18.65 -17.91 34.56
C GLY A 258 19.86 -17.62 35.40
N ILE A 259 20.95 -17.25 34.73
CA ILE A 259 22.21 -16.89 35.36
C ILE A 259 22.78 -15.70 34.61
N LEU A 260 23.60 -14.91 35.30
CA LEU A 260 24.23 -13.75 34.69
C LEU A 260 25.73 -13.97 34.58
N LEU A 261 26.31 -13.44 33.49
CA LEU A 261 27.75 -13.34 33.36
C LEU A 261 28.12 -11.89 33.10
N TYR A 262 29.24 -11.46 33.66
CA TYR A 262 29.71 -10.10 33.44
C TYR A 262 31.22 -10.07 33.56
N GLY A 263 31.83 -9.07 32.93
CA GLY A 263 33.27 -8.92 32.93
C GLY A 263 33.76 -8.04 31.81
N PRO A 264 35.09 -7.93 31.66
CA PRO A 264 35.64 -7.10 30.61
C PRO A 264 35.32 -7.67 29.24
N PRO A 265 35.24 -6.84 28.21
CA PRO A 265 34.88 -7.35 26.88
C PRO A 265 35.97 -8.25 26.30
N GLY A 266 35.55 -9.11 25.38
CA GLY A 266 36.47 -10.00 24.71
C GLY A 266 37.20 -10.95 25.63
N CYS A 267 36.51 -11.49 26.63
CA CYS A 267 37.11 -12.44 27.58
C CYS A 267 36.49 -13.83 27.45
N GLY A 268 36.00 -14.17 26.28
CA GLY A 268 35.55 -15.53 26.02
C GLY A 268 34.28 -15.92 26.75
N LYS A 269 33.30 -15.01 26.82
CA LYS A 269 32.04 -15.34 27.46
C LYS A 269 31.13 -16.13 26.53
N THR A 270 31.05 -15.74 25.26
CA THR A 270 30.20 -16.46 24.31
C THR A 270 30.65 -17.91 24.17
N LEU A 271 31.96 -18.14 24.08
CA LEU A 271 32.47 -19.50 23.98
C LEU A 271 31.99 -20.35 25.16
N LEU A 272 32.03 -19.77 26.36
CA LEU A 272 31.56 -20.48 27.55
C LEU A 272 30.08 -20.84 27.43
N ALA A 273 29.27 -19.88 26.97
CA ALA A 273 27.83 -20.14 26.81
C ALA A 273 27.59 -21.25 25.79
N ARG A 274 28.34 -21.23 24.68
CA ARG A 274 28.14 -22.25 23.66
C ARG A 274 28.56 -23.62 24.17
N GLN A 275 29.65 -23.70 24.93
CA GLN A 275 30.05 -24.98 25.51
C GLN A 275 28.98 -25.49 26.47
N ILE A 276 28.46 -24.60 27.33
CA ILE A 276 27.40 -25.02 28.26
C ILE A 276 26.20 -25.53 27.49
N GLY A 277 25.80 -24.81 26.44
CA GLY A 277 24.66 -25.26 25.64
C GLY A 277 24.90 -26.63 25.02
N LYS A 278 26.11 -26.85 24.48
CA LYS A 278 26.42 -28.13 23.88
C LYS A 278 26.37 -29.27 24.89
N MET A 279 26.93 -29.04 26.09
CA MET A 279 27.07 -30.12 27.06
C MET A 279 25.77 -30.48 27.75
N LEU A 280 24.77 -29.60 27.73
CA LEU A 280 23.48 -29.88 28.33
C LEU A 280 22.51 -30.57 27.36
N ASN A 281 22.92 -30.77 26.11
CA ASN A 281 22.08 -31.37 25.08
C ASN A 281 20.84 -30.53 24.78
N ALA A 282 20.87 -29.25 25.14
CA ALA A 282 19.75 -28.37 24.84
C ALA A 282 19.71 -28.07 23.34
N ARG A 283 18.66 -27.38 22.93
CA ARG A 283 18.50 -27.06 21.51
C ARG A 283 19.46 -25.94 21.12
N GLU A 284 19.37 -25.51 19.86
CA GLU A 284 20.27 -24.49 19.35
C GLU A 284 20.02 -23.18 20.07
N PRO A 285 21.02 -22.56 20.69
CA PRO A 285 20.79 -21.24 21.31
C PRO A 285 20.34 -20.21 20.28
N LYS A 286 19.50 -19.29 20.74
CA LYS A 286 18.96 -18.21 19.91
C LYS A 286 19.67 -16.92 20.31
N VAL A 287 20.76 -16.60 19.60
CA VAL A 287 21.54 -15.43 19.96
C VAL A 287 20.80 -14.15 19.59
N VAL A 288 21.10 -13.09 20.34
CA VAL A 288 20.47 -11.79 20.11
C VAL A 288 21.32 -10.71 20.77
N ASN A 289 21.20 -9.48 20.31
CA ASN A 289 22.01 -8.37 20.80
C ASN A 289 21.07 -7.36 21.41
N GLY A 290 21.59 -6.44 22.21
CA GLY A 290 20.85 -5.42 22.91
C GLY A 290 20.40 -4.25 22.04
N PRO A 291 21.36 -3.48 21.51
CA PRO A 291 21.03 -2.30 20.69
C PRO A 291 20.16 -2.53 19.46
N GLU A 292 20.19 -3.73 18.88
CA GLU A 292 19.37 -4.05 17.71
C GLU A 292 17.88 -3.87 17.97
N ILE A 293 17.40 -4.30 19.14
CA ILE A 293 15.98 -4.29 19.47
C ILE A 293 15.59 -2.92 20.00
N LEU A 294 15.27 -2.01 19.09
CA LEU A 294 14.79 -0.66 19.41
C LEU A 294 14.16 -0.02 18.18
N ASN A 295 12.97 0.55 18.34
CA ASN A 295 12.22 1.10 17.21
C ASN A 295 11.41 2.32 17.65
N LYS A 296 11.22 3.23 16.69
CA LYS A 296 10.55 4.52 16.83
C LYS A 296 9.04 4.50 16.65
N TYR A 297 8.44 3.34 16.41
CA TYR A 297 6.99 3.26 16.23
C TYR A 297 6.24 3.06 17.54
N VAL A 298 6.05 4.21 18.23
CA VAL A 298 5.41 4.33 19.55
C VAL A 298 5.49 3.05 20.36
N GLY A 299 6.54 2.28 20.15
CA GLY A 299 6.74 1.04 20.87
C GLY A 299 6.33 -0.18 20.07
N GLU A 300 7.31 -0.75 19.37
CA GLU A 300 7.16 -2.00 18.64
C GLU A 300 8.21 -2.98 19.16
N SER A 301 8.87 -2.61 20.26
CA SER A 301 9.77 -3.49 20.99
C SER A 301 9.06 -4.70 21.56
N GLU A 302 7.83 -4.56 22.04
CA GLU A 302 7.13 -5.72 22.58
C GLU A 302 6.99 -6.80 21.52
N ALA A 303 6.76 -6.39 20.27
CA ALA A 303 6.74 -7.36 19.17
C ALA A 303 8.09 -8.06 19.06
N ASN A 304 9.18 -7.30 19.09
CA ASN A 304 10.51 -7.87 19.04
C ASN A 304 10.73 -8.88 20.16
N ILE A 305 10.29 -8.52 21.35
CA ILE A 305 10.44 -9.35 22.55
C ILE A 305 9.64 -10.64 22.43
N ARG A 306 8.42 -10.58 21.92
CA ARG A 306 7.55 -11.75 21.96
C ARG A 306 7.92 -12.88 21.01
N LYS A 307 8.51 -12.62 19.84
CA LYS A 307 8.80 -13.73 18.92
C LYS A 307 9.73 -14.75 19.56
N LEU A 308 10.48 -14.38 20.59
CA LEU A 308 11.58 -15.19 21.08
C LEU A 308 11.13 -16.42 21.86
N PHE A 309 9.92 -16.42 22.41
CA PHE A 309 9.49 -17.47 23.32
C PHE A 309 8.45 -18.38 22.68
N ALA A 310 8.14 -18.17 21.39
CA ALA A 310 7.21 -19.03 20.69
C ALA A 310 7.59 -20.51 20.83
N ASP A 311 8.81 -20.85 20.42
CA ASP A 311 9.21 -22.26 20.40
C ASP A 311 8.93 -22.94 21.73
N ALA A 312 9.33 -22.29 22.83
CA ALA A 312 9.01 -22.83 24.15
C ALA A 312 7.50 -22.95 24.36
N GLU A 313 6.74 -21.94 23.92
CA GLU A 313 5.30 -21.99 24.10
C GLU A 313 4.69 -23.21 23.41
N GLU A 314 5.00 -23.39 22.12
CA GLU A 314 4.43 -24.50 21.38
C GLU A 314 4.92 -25.86 21.90
N GLU A 315 6.19 -25.90 22.29
CA GLU A 315 6.83 -27.13 22.83
C GLU A 315 6.07 -27.55 24.08
N GLN A 316 5.78 -26.61 24.98
CA GLN A 316 5.03 -26.87 26.20
C GLN A 316 3.60 -27.28 25.86
N ARG A 317 2.97 -26.59 24.91
CA ARG A 317 1.60 -26.90 24.55
C ARG A 317 1.49 -28.36 24.07
N ARG A 318 2.42 -28.78 23.22
CA ARG A 318 2.32 -30.10 22.60
C ARG A 318 2.79 -31.21 23.53
N LEU A 319 4.07 -31.16 23.94
CA LEU A 319 4.67 -32.23 24.71
C LEU A 319 4.31 -32.19 26.18
N GLY A 320 3.65 -31.13 26.65
CA GLY A 320 3.26 -31.03 28.04
C GLY A 320 4.44 -30.87 28.97
N ALA A 321 4.64 -31.84 29.87
CA ALA A 321 5.70 -31.81 30.87
C ALA A 321 6.84 -32.76 30.52
N ASN A 322 7.12 -32.91 29.23
CA ASN A 322 8.24 -33.74 28.77
C ASN A 322 9.08 -33.06 27.70
N SER A 323 8.89 -31.77 27.48
CA SER A 323 9.70 -31.04 26.51
C SER A 323 11.13 -30.88 27.02
N GLY A 324 12.04 -30.58 26.09
CA GLY A 324 13.44 -30.41 26.43
C GLY A 324 13.71 -29.10 27.14
N LEU A 325 14.92 -28.56 26.96
CA LEU A 325 15.34 -27.31 27.57
C LEU A 325 15.71 -26.31 26.50
N HIS A 326 15.15 -25.09 26.60
CA HIS A 326 15.48 -23.98 25.72
C HIS A 326 16.29 -22.93 26.47
N ILE A 327 17.39 -22.49 25.88
CA ILE A 327 18.26 -21.48 26.48
C ILE A 327 18.27 -20.29 25.54
N ILE A 328 18.12 -19.09 26.11
CA ILE A 328 18.16 -17.84 25.36
C ILE A 328 19.35 -17.04 25.86
N ILE A 329 20.19 -16.60 24.93
CA ILE A 329 21.40 -15.85 25.25
C ILE A 329 21.24 -14.43 24.73
N PHE A 330 21.32 -13.45 25.63
CA PHE A 330 21.27 -12.05 25.26
C PHE A 330 22.68 -11.53 24.94
N ASP A 331 22.80 -10.23 24.78
CA ASP A 331 24.10 -9.57 24.69
C ASP A 331 23.89 -8.08 24.92
N GLU A 332 24.67 -7.51 25.85
CA GLU A 332 24.53 -6.11 26.24
C GLU A 332 23.11 -5.82 26.74
N ILE A 333 22.61 -6.72 27.58
CA ILE A 333 21.25 -6.61 28.11
C ILE A 333 21.05 -5.30 28.87
N ASP A 334 22.12 -4.69 29.37
CA ASP A 334 22.00 -3.43 30.08
C ASP A 334 21.46 -2.30 29.20
N ALA A 335 21.50 -2.48 27.87
CA ALA A 335 20.96 -1.46 26.97
C ALA A 335 19.50 -1.15 27.28
N ILE A 336 18.74 -2.15 27.71
CA ILE A 336 17.33 -2.00 28.04
C ILE A 336 17.20 -1.99 29.56
N CYS A 337 17.04 -0.81 30.13
CA CYS A 337 16.82 -0.65 31.56
C CYS A 337 16.51 0.82 31.86
N LYS A 338 15.61 1.04 32.81
CA LYS A 338 15.22 2.40 33.21
C LYS A 338 16.02 2.90 34.41
N GLN A 339 17.35 2.80 34.34
CA GLN A 339 18.20 3.33 35.40
C GLN A 339 19.24 4.26 34.80
N VAL A 349 14.05 5.00 27.26
CA VAL A 349 13.93 3.72 26.57
C VAL A 349 12.52 3.16 26.76
N HIS A 350 11.55 4.03 26.99
CA HIS A 350 10.14 3.65 27.08
C HIS A 350 9.98 2.44 28.01
N ASP A 351 10.19 2.72 29.30
CA ASP A 351 10.43 1.72 30.32
C ASP A 351 9.59 0.47 30.12
N THR A 352 8.38 0.65 29.61
CA THR A 352 7.43 -0.42 29.36
C THR A 352 8.10 -1.69 28.87
N VAL A 353 9.07 -1.55 27.96
CA VAL A 353 9.76 -2.69 27.37
C VAL A 353 10.14 -3.70 28.44
N VAL A 354 10.88 -3.24 29.46
CA VAL A 354 11.38 -4.13 30.49
C VAL A 354 10.24 -4.93 31.11
N ASN A 355 9.13 -4.26 31.43
CA ASN A 355 8.00 -4.95 32.03
C ASN A 355 7.64 -6.20 31.22
N GLN A 356 7.55 -6.06 29.90
CA GLN A 356 7.20 -7.20 29.06
C GLN A 356 8.08 -8.40 29.39
N LEU A 357 9.39 -8.19 29.40
CA LEU A 357 10.33 -9.27 29.69
C LEU A 357 9.96 -9.97 30.99
N LEU A 358 9.74 -9.19 32.05
CA LEU A 358 9.40 -9.79 33.34
C LEU A 358 8.19 -10.70 33.21
N SER A 359 7.14 -10.24 32.53
CA SER A 359 5.91 -11.01 32.48
C SER A 359 6.07 -12.33 31.74
N LYS A 360 7.19 -12.51 31.02
CA LYS A 360 7.45 -13.78 30.36
C LYS A 360 8.31 -14.69 31.24
N ILE A 361 9.14 -14.12 32.10
CA ILE A 361 9.93 -14.93 33.02
C ILE A 361 9.05 -15.51 34.13
N ASP A 362 7.95 -14.85 34.46
CA ASP A 362 7.05 -15.32 35.51
C ASP A 362 5.65 -14.79 35.20
N GLY A 363 4.74 -14.96 36.16
CA GLY A 363 3.38 -14.49 35.96
C GLY A 363 2.35 -15.58 36.14
N VAL A 364 1.17 -15.38 35.55
CA VAL A 364 0.11 -16.38 35.62
C VAL A 364 0.55 -17.66 34.94
N GLU A 365 1.21 -17.54 33.78
CA GLU A 365 1.62 -18.70 33.01
C GLU A 365 3.06 -19.08 33.36
N GLN A 366 3.22 -20.34 33.78
CA GLN A 366 4.48 -20.84 34.31
C GLN A 366 5.21 -21.68 33.25
N LEU A 367 6.05 -21.03 32.45
CA LEU A 367 6.87 -21.75 31.48
C LEU A 367 7.93 -22.55 32.24
N ASN A 368 8.02 -23.84 31.95
CA ASN A 368 8.89 -24.74 32.70
C ASN A 368 9.96 -25.40 31.82
N ASN A 369 10.27 -24.80 30.67
CA ASN A 369 11.25 -25.37 29.74
C ASN A 369 12.16 -24.28 29.19
N ILE A 370 12.60 -23.37 30.05
CA ILE A 370 13.46 -22.26 29.63
C ILE A 370 14.61 -22.09 30.60
N LEU A 371 15.69 -21.46 30.12
CA LEU A 371 16.86 -21.13 30.92
C LEU A 371 17.49 -19.91 30.29
N VAL A 372 17.61 -18.82 31.05
CA VAL A 372 18.01 -17.53 30.49
C VAL A 372 19.40 -17.18 31.02
N ILE A 373 20.35 -17.07 30.12
CA ILE A 373 21.72 -16.68 30.43
C ILE A 373 21.94 -15.28 29.87
N GLY A 374 22.28 -14.35 30.74
CA GLY A 374 22.57 -12.99 30.33
C GLY A 374 24.06 -12.72 30.26
N MET A 375 24.42 -11.70 29.49
CA MET A 375 25.80 -11.31 29.27
C MET A 375 25.87 -9.79 29.21
N THR A 376 26.86 -9.22 29.89
CA THR A 376 26.97 -7.78 30.06
C THR A 376 28.44 -7.42 30.17
N ASN A 377 28.74 -6.15 29.91
CA ASN A 377 30.08 -5.60 30.11
C ASN A 377 30.16 -4.59 31.24
N ARG A 378 29.06 -3.90 31.56
CA ARG A 378 29.05 -2.91 32.63
C ARG A 378 28.24 -3.47 33.78
N PRO A 379 28.86 -4.29 34.64
CA PRO A 379 28.11 -4.95 35.71
C PRO A 379 27.58 -3.95 36.73
N ASP A 380 26.61 -3.15 36.31
CA ASP A 380 26.04 -2.09 37.14
C ASP A 380 24.72 -1.67 36.52
N LEU A 381 23.94 -0.92 37.30
CA LEU A 381 22.64 -0.43 36.83
C LEU A 381 21.80 -1.68 36.55
N ILE A 382 21.19 -1.82 35.37
CA ILE A 382 20.39 -2.99 35.02
C ILE A 382 19.27 -3.18 36.04
N ASP A 383 18.87 -2.09 36.71
CA ASP A 383 17.76 -2.13 37.67
C ASP A 383 18.00 -3.17 38.77
N GLU A 384 17.00 -3.34 39.63
CA GLU A 384 17.11 -4.18 40.83
C GLU A 384 15.98 -5.19 40.89
N ALA A 385 14.81 -4.86 40.33
CA ALA A 385 13.70 -5.80 40.32
C ALA A 385 14.03 -7.06 39.52
N LEU A 386 15.06 -7.01 38.69
CA LEU A 386 15.43 -8.11 37.82
C LEU A 386 16.36 -9.10 38.52
N LEU A 387 16.35 -9.10 39.86
CA LEU A 387 17.22 -9.95 40.66
C LEU A 387 16.47 -10.68 41.77
N ARG A 388 15.16 -10.49 41.89
CA ARG A 388 14.41 -11.09 42.98
C ARG A 388 14.30 -12.61 42.79
N PRO A 389 14.00 -13.35 43.87
CA PRO A 389 13.83 -14.80 43.75
C PRO A 389 12.72 -15.15 42.76
N GLY A 390 12.92 -16.25 42.05
CA GLY A 390 12.04 -16.61 40.95
C GLY A 390 12.41 -16.00 39.63
N ARG A 391 13.36 -15.06 39.62
CA ARG A 391 13.87 -14.44 38.42
C ARG A 391 15.36 -14.74 38.32
N LEU A 392 16.03 -14.05 37.39
CA LEU A 392 17.48 -14.13 37.30
C LEU A 392 18.09 -13.94 38.68
N GLU A 393 18.71 -15.00 39.23
CA GLU A 393 19.09 -15.00 40.64
C GLU A 393 20.44 -15.68 40.89
N VAL A 394 21.34 -15.70 39.93
CA VAL A 394 22.68 -16.25 40.16
C VAL A 394 23.68 -15.43 39.36
N LYS A 395 24.65 -14.84 40.07
CA LYS A 395 25.69 -13.99 39.50
C LYS A 395 27.02 -14.74 39.43
N MET A 396 27.89 -14.25 38.57
CA MET A 396 29.25 -14.78 38.43
C MET A 396 30.11 -13.73 37.75
N GLU A 397 31.37 -13.67 38.15
CA GLU A 397 32.29 -12.65 37.66
C GLU A 397 33.35 -13.33 36.80
N ILE A 398 33.66 -12.71 35.66
CA ILE A 398 34.67 -13.22 34.73
C ILE A 398 35.71 -12.13 34.60
N GLY A 399 36.86 -12.31 35.25
CA GLY A 399 37.92 -11.33 35.28
C GLY A 399 39.00 -11.62 34.25
N LEU A 400 40.17 -11.04 34.49
CA LEU A 400 41.29 -11.22 33.59
C LEU A 400 42.02 -12.52 33.90
N PRO A 401 42.73 -13.07 32.92
CA PRO A 401 43.50 -14.29 33.15
C PRO A 401 44.83 -13.95 33.85
N ASP A 402 45.56 -15.02 34.19
CA ASP A 402 46.87 -14.89 34.82
C ASP A 402 47.91 -15.65 34.02
N GLU A 403 49.11 -15.79 34.56
CA GLU A 403 50.21 -16.42 33.82
C GLU A 403 49.80 -17.77 33.26
N LYS A 404 49.24 -18.64 34.12
CA LYS A 404 48.86 -19.97 33.66
C LYS A 404 47.78 -19.91 32.58
N GLY A 405 46.79 -19.02 32.77
CA GLY A 405 45.76 -18.88 31.75
C GLY A 405 46.31 -18.46 30.41
N ARG A 406 47.20 -17.45 30.41
CA ARG A 406 47.82 -17.02 29.17
C ARG A 406 48.61 -18.15 28.53
N LEU A 407 49.37 -18.89 29.34
CA LEU A 407 50.17 -19.99 28.82
C LEU A 407 49.29 -21.04 28.15
N GLN A 408 48.23 -21.47 28.85
CA GLN A 408 47.34 -22.49 28.30
C GLN A 408 46.64 -22.01 27.04
N ILE A 409 46.19 -20.75 27.04
CA ILE A 409 45.50 -20.21 25.87
C ILE A 409 46.45 -20.19 24.68
N LEU A 410 47.70 -19.75 24.89
CA LEU A 410 48.67 -19.75 23.80
C LEU A 410 48.92 -21.16 23.30
N HIS A 411 49.08 -22.14 24.20
CA HIS A 411 49.22 -23.52 23.76
C HIS A 411 48.05 -23.92 22.87
N ILE A 412 46.82 -23.60 23.30
CA ILE A 412 45.65 -24.03 22.53
C ILE A 412 45.67 -23.39 21.14
N HIS A 413 45.88 -22.08 21.08
CA HIS A 413 45.83 -21.38 19.80
C HIS A 413 46.99 -21.74 18.88
N THR A 414 48.01 -22.44 19.37
CA THR A 414 49.18 -22.79 18.56
C THR A 414 49.31 -24.29 18.32
N ALA A 415 48.22 -25.06 18.49
CA ALA A 415 48.30 -26.49 18.24
C ALA A 415 48.43 -26.79 16.75
N ARG A 416 47.75 -25.99 15.90
CA ARG A 416 47.69 -26.33 14.49
C ARG A 416 49.07 -26.30 13.87
N MET A 417 49.89 -25.29 14.19
CA MET A 417 51.20 -25.21 13.58
C MET A 417 52.07 -26.34 14.11
N ARG A 418 51.94 -26.65 15.40
CA ARG A 418 52.72 -27.73 16.00
C ARG A 418 52.41 -29.06 15.32
N GLY A 419 51.18 -29.22 14.82
CA GLY A 419 50.83 -30.46 14.14
C GLY A 419 51.56 -30.66 12.83
N HIS A 420 51.71 -29.59 12.04
CA HIS A 420 52.25 -29.69 10.69
C HIS A 420 53.70 -29.22 10.61
N GLN A 421 54.36 -28.99 11.74
CA GLN A 421 55.77 -28.61 11.82
C GLN A 421 56.00 -27.19 11.32
N LEU A 422 54.97 -26.50 10.83
CA LEU A 422 55.17 -25.18 10.25
C LEU A 422 55.81 -24.23 11.26
N LEU A 423 55.47 -24.38 12.54
CA LEU A 423 56.09 -23.56 13.57
C LEU A 423 57.57 -23.89 13.71
N SER A 424 58.38 -22.86 13.90
CA SER A 424 59.82 -23.07 14.10
C SER A 424 60.09 -23.67 15.48
N ALA A 425 61.23 -24.35 15.60
CA ALA A 425 61.64 -24.93 16.86
C ALA A 425 62.30 -23.91 17.78
N ASP A 426 62.67 -22.73 17.27
CA ASP A 426 63.30 -21.73 18.11
C ASP A 426 62.30 -21.14 19.11
N VAL A 427 61.05 -20.95 18.68
CA VAL A 427 60.07 -20.27 19.51
C VAL A 427 59.78 -21.08 20.77
N ASP A 428 59.51 -20.37 21.86
CA ASP A 428 59.00 -20.94 23.10
C ASP A 428 57.66 -20.30 23.42
N ILE A 429 56.97 -20.85 24.42
CA ILE A 429 55.68 -20.32 24.83
C ILE A 429 55.74 -19.78 26.25
N LYS A 430 56.62 -20.35 27.09
CA LYS A 430 56.77 -19.82 28.44
C LYS A 430 57.29 -18.38 28.40
N GLU A 431 58.27 -18.11 27.53
CA GLU A 431 58.78 -16.75 27.38
C GLU A 431 57.66 -15.79 26.99
N LEU A 432 56.92 -16.13 25.92
CA LEU A 432 55.82 -15.28 25.48
C LEU A 432 54.73 -15.21 26.54
N ALA A 433 54.51 -16.29 27.27
CA ALA A 433 53.50 -16.28 28.33
C ALA A 433 53.86 -15.33 29.46
N VAL A 434 55.16 -15.21 29.77
CA VAL A 434 55.56 -14.30 30.84
C VAL A 434 55.66 -12.86 30.33
N GLU A 435 56.01 -12.67 29.06
CA GLU A 435 56.13 -11.31 28.52
C GLU A 435 54.78 -10.60 28.50
N THR A 436 53.70 -11.29 28.13
CA THR A 436 52.38 -10.69 28.11
C THR A 436 51.84 -10.61 29.54
N LYS A 437 51.79 -9.38 30.08
CA LYS A 437 51.40 -9.19 31.48
C LYS A 437 49.89 -9.22 31.65
N ASN A 438 49.18 -8.30 31.01
CA ASN A 438 47.76 -8.09 31.26
C ASN A 438 46.93 -8.34 30.00
N PHE A 439 47.42 -9.17 29.10
CA PHE A 439 46.70 -9.44 27.88
C PHE A 439 45.41 -10.21 28.18
N SER A 440 44.39 -9.94 27.38
CA SER A 440 43.11 -10.63 27.49
C SER A 440 43.01 -11.70 26.39
N GLY A 441 41.90 -12.43 26.40
CA GLY A 441 41.80 -13.59 25.53
C GLY A 441 41.92 -13.24 24.06
N ALA A 442 41.19 -12.21 23.62
CA ALA A 442 41.19 -11.85 22.21
C ALA A 442 42.55 -11.31 21.78
N GLU A 443 43.28 -10.67 22.70
CA GLU A 443 44.57 -10.08 22.33
C GLU A 443 45.59 -11.16 21.98
N LEU A 444 45.54 -12.30 22.67
CA LEU A 444 46.46 -13.38 22.34
C LEU A 444 46.17 -13.94 20.95
N GLU A 445 44.89 -14.10 20.60
CA GLU A 445 44.54 -14.55 19.26
C GLU A 445 44.98 -13.55 18.20
N GLY A 446 44.77 -12.26 18.46
CA GLY A 446 45.24 -11.25 17.53
C GLY A 446 46.75 -11.25 17.37
N LEU A 447 47.48 -11.43 18.48
CA LEU A 447 48.93 -11.55 18.42
C LEU A 447 49.34 -12.75 17.57
N VAL A 448 48.67 -13.89 17.77
CA VAL A 448 48.97 -15.07 16.97
C VAL A 448 48.81 -14.78 15.49
N ARG A 449 47.64 -14.22 15.11
CA ARG A 449 47.40 -13.94 13.70
C ARG A 449 48.40 -12.93 13.16
N ALA A 450 48.75 -11.92 13.94
CA ALA A 450 49.68 -10.90 13.49
C ALA A 450 51.07 -11.48 13.26
N ALA A 451 51.54 -12.33 14.17
CA ALA A 451 52.83 -12.98 13.96
C ALA A 451 52.78 -13.86 12.72
N GLN A 452 51.68 -14.59 12.54
CA GLN A 452 51.50 -15.38 11.32
C GLN A 452 51.75 -14.52 10.08
N SER A 453 50.95 -13.45 9.96
CA SER A 453 51.02 -12.62 8.76
C SER A 453 52.39 -11.99 8.60
N THR A 454 53.00 -11.54 9.69
CA THR A 454 54.31 -10.88 9.58
C THR A 454 55.37 -11.87 9.10
N ALA A 455 55.41 -13.06 9.70
CA ALA A 455 56.39 -14.06 9.27
C ALA A 455 56.18 -14.45 7.81
N MET A 456 54.94 -14.68 7.40
CA MET A 456 54.68 -15.09 6.03
C MET A 456 55.05 -13.97 5.05
N ASN A 457 54.74 -12.72 5.40
CA ASN A 457 55.14 -11.59 4.56
C ASN A 457 56.65 -11.49 4.45
N ARG A 458 57.36 -11.67 5.57
CA ARG A 458 58.82 -11.65 5.52
C ARG A 458 59.33 -12.75 4.60
N HIS A 459 58.75 -13.95 4.70
CA HIS A 459 59.22 -15.06 3.88
C HIS A 459 58.99 -14.80 2.40
N ILE A 460 57.82 -14.26 2.03
CA ILE A 460 57.58 -13.96 0.62
C ILE A 460 58.54 -12.89 0.14
N LYS A 461 58.75 -11.84 0.94
CA LYS A 461 59.64 -10.77 0.51
C LYS A 461 61.06 -11.30 0.32
N ALA A 462 61.53 -12.15 1.24
CA ALA A 462 62.85 -12.74 1.09
C ALA A 462 62.94 -13.61 -0.15
N SER A 463 61.91 -14.42 -0.40
CA SER A 463 61.92 -15.29 -1.58
C SER A 463 61.96 -14.47 -2.86
N THR A 464 61.19 -13.38 -2.91
CA THR A 464 61.25 -12.49 -4.06
C THR A 464 62.63 -11.87 -4.22
N LYS A 465 63.21 -11.39 -3.12
CA LYS A 465 64.50 -10.70 -3.20
C LYS A 465 65.61 -11.67 -3.63
N VAL A 466 65.62 -12.88 -3.06
CA VAL A 466 66.66 -13.86 -3.32
C VAL A 466 66.01 -15.11 -3.89
N GLU A 467 66.55 -15.62 -4.99
CA GLU A 467 66.03 -16.83 -5.63
C GLU A 467 66.53 -18.06 -4.87
N VAL A 468 66.07 -18.15 -3.62
CA VAL A 468 66.48 -19.26 -2.76
C VAL A 468 66.01 -20.58 -3.37
N ASP A 469 66.69 -21.66 -3.00
CA ASP A 469 66.33 -22.97 -3.49
C ASP A 469 64.96 -23.37 -2.93
N MET A 470 64.33 -24.33 -3.61
CA MET A 470 63.00 -24.77 -3.21
C MET A 470 62.98 -25.31 -1.78
N GLU A 471 64.12 -25.78 -1.28
CA GLU A 471 64.15 -26.34 0.07
C GLU A 471 63.60 -25.36 1.10
N LYS A 472 64.12 -24.13 1.10
CA LYS A 472 63.58 -23.11 1.98
C LYS A 472 62.24 -22.58 1.49
N ALA A 473 62.10 -22.36 0.18
CA ALA A 473 60.86 -21.80 -0.35
C ALA A 473 59.65 -22.59 0.13
N GLU A 474 59.74 -23.91 0.13
CA GLU A 474 58.68 -24.73 0.71
C GLU A 474 58.51 -24.43 2.19
N SER A 475 59.63 -24.38 2.92
CA SER A 475 59.57 -24.09 4.34
C SER A 475 58.98 -22.70 4.58
N LEU A 476 58.13 -22.60 5.59
CA LEU A 476 57.52 -21.33 5.97
C LEU A 476 57.58 -21.16 7.48
N GLN A 477 58.74 -21.46 8.06
CA GLN A 477 58.91 -21.29 9.50
C GLN A 477 58.65 -19.85 9.90
N VAL A 478 57.94 -19.67 11.01
CA VAL A 478 57.64 -18.33 11.49
C VAL A 478 58.71 -17.78 12.43
N THR A 479 59.55 -18.64 13.00
CA THR A 479 60.61 -18.20 13.89
C THR A 479 60.05 -17.42 15.07
N ARG A 480 60.92 -16.86 15.90
CA ARG A 480 60.52 -16.05 17.03
C ARG A 480 60.59 -14.55 16.75
N GLY A 481 61.47 -14.12 15.85
CA GLY A 481 61.62 -12.70 15.59
C GLY A 481 60.31 -12.06 15.17
N ASP A 482 59.52 -12.75 14.35
CA ASP A 482 58.23 -12.22 13.93
C ASP A 482 57.30 -12.01 15.12
N PHE A 483 57.27 -12.98 16.04
CA PHE A 483 56.42 -12.85 17.23
C PHE A 483 56.84 -11.65 18.06
N LEU A 484 58.15 -11.50 18.29
CA LEU A 484 58.63 -10.37 19.09
C LEU A 484 58.32 -9.04 18.39
N ALA A 485 58.54 -8.98 17.08
CA ALA A 485 58.26 -7.74 16.35
C ALA A 485 56.79 -7.36 16.44
N SER A 486 55.90 -8.35 16.23
CA SER A 486 54.47 -8.07 16.34
C SER A 486 54.11 -7.62 17.75
N LEU A 487 54.64 -8.31 18.76
CA LEU A 487 54.31 -7.97 20.14
C LEU A 487 54.75 -6.53 20.45
N GLU A 488 55.95 -6.16 20.02
CA GLU A 488 56.50 -4.85 20.32
C GLU A 488 55.96 -3.75 19.43
N ASN A 489 55.28 -4.08 18.32
CA ASN A 489 54.86 -3.04 17.38
C ASN A 489 53.37 -3.12 17.06
N ASP A 490 52.78 -4.31 17.13
CA ASP A 490 51.42 -4.50 16.64
C ASP A 490 50.37 -4.28 17.74
N ILE A 491 50.47 -5.03 18.84
CA ILE A 491 49.39 -5.11 19.81
C ILE A 491 49.60 -4.04 20.88
N LYS A 492 48.55 -3.28 21.13
CA LYS A 492 48.51 -2.23 22.14
C LYS A 492 47.43 -2.58 23.14
N PRO A 493 47.77 -3.22 24.26
CA PRO A 493 46.71 -3.66 25.18
C PRO A 493 45.88 -2.49 25.67
N ALA A 494 44.56 -2.73 25.78
CA ALA A 494 43.67 -1.71 26.29
C ALA A 494 43.78 -1.57 27.79
N PHE A 495 44.17 -2.63 28.48
CA PHE A 495 44.38 -2.61 29.93
C PHE A 495 45.85 -2.67 30.30
N GLY A 496 46.75 -2.48 29.32
CA GLY A 496 48.18 -2.53 29.57
C GLY A 496 48.88 -1.20 29.37
N THR A 497 50.09 -1.08 29.92
CA THR A 497 50.89 0.13 29.74
C THR A 497 51.02 0.48 28.27
N ASN A 498 51.18 1.77 27.99
CA ASN A 498 51.37 2.30 26.64
C ASN A 498 52.72 2.98 26.59
N GLN A 499 53.74 2.28 26.10
CA GLN A 499 55.08 2.83 26.05
C GLN A 499 55.19 4.00 25.08
N GLU A 500 54.26 4.12 24.13
CA GLU A 500 54.28 5.22 23.18
C GLU A 500 54.02 6.56 23.85
N ASP A 501 53.04 6.61 24.76
CA ASP A 501 52.62 7.89 25.32
C ASP A 501 53.73 8.57 26.10
N TYR A 502 54.62 7.81 26.73
CA TYR A 502 55.66 8.42 27.55
C TYR A 502 56.48 9.40 26.74
N ALA A 503 56.92 9.01 25.54
CA ALA A 503 57.65 9.92 24.68
C ALA A 503 56.87 11.19 24.38
N SER A 504 55.54 11.08 24.27
CA SER A 504 54.72 12.27 24.00
C SER A 504 54.84 13.30 25.09
N TYR A 505 55.27 12.91 26.30
CA TYR A 505 55.47 13.83 27.41
C TYR A 505 56.94 14.07 27.72
N ILE A 506 57.78 13.03 27.73
CA ILE A 506 59.22 13.18 27.93
C ILE A 506 59.87 13.24 26.56
N MET A 507 60.10 14.47 26.07
CA MET A 507 60.69 14.68 24.76
C MET A 507 62.17 15.01 24.80
N ASN A 508 62.68 15.58 25.90
CA ASN A 508 64.10 15.90 26.04
C ASN A 508 64.73 15.20 27.23
N GLY A 509 64.08 14.17 27.77
CA GLY A 509 64.65 13.41 28.87
C GLY A 509 64.77 14.23 30.14
N ILE A 510 65.54 13.68 31.08
CA ILE A 510 65.77 14.27 32.39
C ILE A 510 67.27 14.43 32.59
N ILE A 511 67.69 15.65 32.95
CA ILE A 511 69.09 15.93 33.28
C ILE A 511 69.15 16.37 34.73
N LYS A 512 70.10 15.81 35.49
CA LYS A 512 70.26 16.12 36.91
C LYS A 512 71.17 17.32 37.02
N TRP A 513 70.58 18.51 37.18
CA TRP A 513 71.34 19.73 37.38
C TRP A 513 71.49 20.12 38.84
N GLY A 514 70.83 19.43 39.76
CA GLY A 514 70.93 19.81 41.16
C GLY A 514 70.30 18.75 42.05
N ASP A 515 70.48 18.95 43.35
CA ASP A 515 69.99 17.98 44.32
C ASP A 515 68.49 17.72 44.22
N PRO A 516 67.63 18.71 44.01
CA PRO A 516 66.18 18.45 44.11
C PRO A 516 65.69 17.28 43.28
N VAL A 517 66.24 17.09 42.08
CA VAL A 517 65.74 16.02 41.21
C VAL A 517 65.88 14.67 41.89
N THR A 518 67.07 14.38 42.44
CA THR A 518 67.30 13.11 43.12
C THR A 518 66.40 12.97 44.34
N ARG A 519 66.24 14.05 45.11
CA ARG A 519 65.34 14.02 46.26
C ARG A 519 63.93 13.61 45.85
N VAL A 520 63.40 14.27 44.81
CA VAL A 520 62.03 13.98 44.38
C VAL A 520 61.92 12.55 43.90
N LEU A 521 62.90 12.09 43.13
CA LEU A 521 62.86 10.72 42.62
C LEU A 521 62.89 9.71 43.76
N ASP A 522 63.75 9.94 44.76
CA ASP A 522 63.80 9.07 45.93
C ASP A 522 62.45 9.06 46.65
N ASP A 523 61.85 10.23 46.86
CA ASP A 523 60.56 10.29 47.55
C ASP A 523 59.51 9.51 46.78
N GLY A 524 59.48 9.66 45.45
CA GLY A 524 58.56 8.88 44.64
C GLY A 524 58.78 7.39 44.77
N GLU A 525 60.06 6.97 44.79
CA GLU A 525 60.36 5.56 44.98
C GLU A 525 59.85 5.06 46.32
N LEU A 526 60.04 5.86 47.38
CA LEU A 526 59.55 5.46 48.70
C LEU A 526 58.03 5.31 48.70
N LEU A 527 57.32 6.26 48.09
CA LEU A 527 55.86 6.16 48.04
C LEU A 527 55.43 4.93 47.26
N VAL A 528 56.09 4.67 46.13
CA VAL A 528 55.75 3.49 45.33
C VAL A 528 55.97 2.22 46.15
N GLN A 529 57.10 2.14 46.86
CA GLN A 529 57.37 0.99 47.71
C GLN A 529 56.26 0.81 48.74
N GLN A 530 55.91 1.89 49.44
CA GLN A 530 54.90 1.77 50.49
C GLN A 530 53.57 1.30 49.95
N THR A 531 53.14 1.86 48.80
CA THR A 531 51.86 1.43 48.25
C THR A 531 51.92 -0.02 47.79
N LYS A 532 53.06 -0.45 47.25
CA LYS A 532 53.17 -1.81 46.74
C LYS A 532 52.88 -2.83 47.84
N ASN A 533 53.72 -2.86 48.88
CA ASN A 533 53.64 -3.87 49.94
C ASN A 533 53.25 -3.18 51.24
N SER A 534 51.96 -3.21 51.56
CA SER A 534 51.48 -2.64 52.80
C SER A 534 50.00 -2.99 52.96
N ASP A 535 49.59 -3.19 54.22
CA ASP A 535 48.20 -3.41 54.56
C ASP A 535 47.74 -2.28 55.48
N ARG A 536 46.42 -2.23 55.70
CA ARG A 536 45.77 -1.20 56.49
C ARG A 536 45.77 0.15 55.78
N THR A 537 46.27 0.21 54.55
CA THR A 537 46.34 1.43 53.75
C THR A 537 46.51 1.06 52.29
N PRO A 538 45.44 0.65 51.60
CA PRO A 538 45.56 0.25 50.19
C PRO A 538 45.54 1.41 49.21
N LEU A 539 45.36 2.64 49.68
CA LEU A 539 45.28 3.81 48.82
C LEU A 539 46.28 4.85 49.28
N VAL A 540 46.99 5.45 48.32
CA VAL A 540 47.98 6.47 48.59
C VAL A 540 47.89 7.52 47.50
N SER A 541 48.06 8.79 47.90
CA SER A 541 48.02 9.91 46.97
C SER A 541 49.22 10.81 47.22
N VAL A 542 49.49 11.67 46.25
CA VAL A 542 50.59 12.62 46.35
C VAL A 542 50.34 13.72 45.33
N LEU A 543 50.85 14.92 45.62
CA LEU A 543 50.65 16.08 44.77
C LEU A 543 51.98 16.75 44.51
N LEU A 544 52.17 17.19 43.27
CA LEU A 544 53.35 17.95 42.86
C LEU A 544 52.96 19.39 42.61
N GLU A 545 53.68 20.32 43.22
CA GLU A 545 53.40 21.75 43.12
C GLU A 545 54.67 22.49 42.76
N GLY A 546 54.52 23.55 41.98
CA GLY A 546 55.65 24.38 41.60
C GLY A 546 55.23 25.51 40.67
N PRO A 547 56.13 26.47 40.48
CA PRO A 547 55.82 27.59 39.58
C PRO A 547 55.74 27.11 38.14
N PRO A 548 55.09 27.88 37.26
CA PRO A 548 54.90 27.42 35.87
C PRO A 548 56.24 27.17 35.17
N HIS A 549 56.21 26.19 34.26
CA HIS A 549 57.36 25.81 33.44
C HIS A 549 58.50 25.22 34.25
N SER A 550 58.24 24.81 35.50
CA SER A 550 59.22 24.05 36.27
C SER A 550 59.41 22.62 35.77
N GLY A 551 58.54 22.14 34.88
CA GLY A 551 58.68 20.81 34.34
C GLY A 551 58.14 19.75 35.29
N LYS A 552 56.91 19.94 35.77
CA LYS A 552 56.34 19.02 36.74
C LYS A 552 55.83 17.75 36.07
N THR A 553 55.10 17.90 34.96
CA THR A 553 54.50 16.75 34.30
C THR A 553 55.55 15.69 33.95
N ALA A 554 56.70 16.12 33.44
CA ALA A 554 57.71 15.16 32.99
C ALA A 554 58.21 14.28 34.13
N LEU A 555 58.47 14.87 35.30
CA LEU A 555 58.92 14.06 36.43
C LEU A 555 57.84 13.08 36.87
N ALA A 556 56.58 13.50 36.85
CA ALA A 556 55.49 12.58 37.16
C ALA A 556 55.50 11.41 36.18
N ALA A 557 55.65 11.70 34.89
CA ALA A 557 55.71 10.64 33.88
C ALA A 557 56.87 9.69 34.16
N LYS A 558 58.04 10.25 34.50
CA LYS A 558 59.21 9.41 34.75
C LYS A 558 59.00 8.49 35.94
N ILE A 559 58.50 9.03 37.05
CA ILE A 559 58.29 8.22 38.24
C ILE A 559 57.23 7.15 37.97
N ALA A 560 56.18 7.51 37.23
CA ALA A 560 55.16 6.52 36.88
C ALA A 560 55.77 5.42 36.04
N GLU A 561 56.61 5.77 35.05
CA GLU A 561 57.20 4.73 34.23
C GLU A 561 58.08 3.83 35.09
N GLU A 562 58.87 4.43 35.99
CA GLU A 562 59.76 3.65 36.84
C GLU A 562 58.98 2.72 37.75
N SER A 563 57.71 3.04 38.03
CA SER A 563 56.96 2.22 38.99
C SER A 563 56.88 0.77 38.54
N ASN A 564 56.98 0.52 37.23
CA ASN A 564 56.92 -0.83 36.66
C ASN A 564 55.58 -1.52 36.91
N PHE A 565 54.54 -0.77 37.22
CA PHE A 565 53.24 -1.36 37.47
C PHE A 565 52.65 -1.96 36.20
N PRO A 566 51.68 -2.87 36.32
CA PRO A 566 51.07 -3.43 35.11
C PRO A 566 50.19 -2.44 34.39
N PHE A 567 49.50 -1.55 35.10
CA PHE A 567 48.50 -0.66 34.53
C PHE A 567 48.91 0.77 34.86
N ILE A 568 49.21 1.55 33.83
CA ILE A 568 49.58 2.95 33.98
C ILE A 568 48.72 3.78 33.03
N LYS A 569 48.12 4.85 33.53
CA LYS A 569 47.27 5.70 32.71
C LYS A 569 47.56 7.16 33.01
N ILE A 570 47.46 7.98 31.96
CA ILE A 570 47.60 9.43 32.05
C ILE A 570 46.31 10.06 31.56
N CYS A 571 45.76 10.99 32.34
CA CYS A 571 44.52 11.67 32.02
C CYS A 571 44.78 13.17 31.94
N SER A 572 44.77 13.72 30.74
CA SER A 572 45.15 15.10 30.49
C SER A 572 44.03 15.82 29.76
N PRO A 573 43.99 17.15 29.85
CA PRO A 573 42.90 17.90 29.19
C PRO A 573 43.08 18.04 27.69
N ASP A 574 44.22 17.60 27.13
CA ASP A 574 44.46 17.77 25.71
C ASP A 574 43.38 17.09 24.87
N LYS A 575 42.76 16.03 25.38
CA LYS A 575 41.84 15.21 24.60
C LYS A 575 40.38 15.45 24.97
N MET A 576 40.10 16.49 25.77
CA MET A 576 38.75 16.78 26.25
C MET A 576 38.34 18.18 25.84
N ILE A 577 38.93 18.69 24.76
CA ILE A 577 38.67 20.06 24.33
C ILE A 577 37.22 20.19 23.88
N GLY A 578 36.54 21.22 24.37
CA GLY A 578 35.18 21.51 23.98
C GLY A 578 34.14 20.60 24.62
N PHE A 579 34.56 19.65 25.44
CA PHE A 579 33.62 18.77 26.10
C PHE A 579 32.75 19.57 27.08
N SER A 580 31.53 19.08 27.30
CA SER A 580 30.74 19.59 28.40
C SER A 580 31.17 18.92 29.71
N GLU A 581 30.98 19.63 30.81
CA GLU A 581 31.51 19.17 32.09
C GLU A 581 31.04 17.75 32.41
N THR A 582 29.80 17.42 32.05
CA THR A 582 29.31 16.07 32.30
C THR A 582 30.12 15.03 31.54
N ALA A 583 30.50 15.33 30.28
CA ALA A 583 31.33 14.41 29.53
C ALA A 583 32.69 14.21 30.18
N LYS A 584 33.29 15.30 30.69
CA LYS A 584 34.55 15.18 31.42
C LYS A 584 34.39 14.28 32.64
N CYS A 585 33.30 14.47 33.39
CA CYS A 585 33.06 13.62 34.55
C CYS A 585 32.93 12.16 34.14
N GLN A 586 32.21 11.90 33.04
CA GLN A 586 32.07 10.53 32.56
C GLN A 586 33.42 9.93 32.19
N ALA A 587 34.27 10.70 31.51
CA ALA A 587 35.60 10.19 31.15
C ALA A 587 36.44 9.88 32.39
N MET A 588 36.41 10.78 33.39
CA MET A 588 37.12 10.53 34.63
C MET A 588 36.65 9.23 35.28
N LYS A 589 35.33 9.09 35.43
CA LYS A 589 34.77 7.88 36.03
C LYS A 589 35.17 6.65 35.24
N LYS A 590 35.16 6.75 33.92
N LYS A 590 35.17 6.75 33.92
CA LYS A 590 35.54 5.60 33.10
CA LYS A 590 35.54 5.61 33.09
C LYS A 590 36.99 5.19 33.34
C LYS A 590 36.98 5.20 33.33
N ILE A 591 37.89 6.18 33.39
CA ILE A 591 39.30 5.86 33.61
C ILE A 591 39.48 5.18 34.96
N PHE A 592 38.85 5.73 36.00
CA PHE A 592 38.99 5.13 37.33
C PHE A 592 38.38 3.72 37.37
N ASP A 593 37.21 3.56 36.77
CA ASP A 593 36.59 2.23 36.66
C ASP A 593 37.56 1.24 36.01
N ASP A 594 38.16 1.65 34.89
CA ASP A 594 39.14 0.80 34.22
C ASP A 594 40.27 0.44 35.17
N ALA A 595 40.77 1.42 35.90
CA ALA A 595 41.88 1.16 36.82
C ALA A 595 41.46 0.14 37.89
N TYR A 596 40.22 0.22 38.35
CA TYR A 596 39.75 -0.63 39.44
C TYR A 596 39.88 -2.13 39.14
N LYS A 597 40.10 -2.52 37.89
CA LYS A 597 40.07 -3.94 37.50
C LYS A 597 41.46 -4.53 37.37
N SER A 598 42.39 -4.17 38.25
CA SER A 598 43.71 -4.76 38.24
C SER A 598 44.24 -4.86 39.67
N GLN A 599 45.29 -5.67 39.84
CA GLN A 599 45.90 -5.80 41.16
C GLN A 599 46.69 -4.55 41.51
N LEU A 600 47.45 -4.01 40.56
CA LEU A 600 48.24 -2.81 40.79
C LEU A 600 47.99 -1.84 39.64
N SER A 601 48.03 -0.55 39.96
CA SER A 601 47.66 0.47 38.99
C SER A 601 48.32 1.80 39.37
N CYS A 602 48.40 2.69 38.40
CA CYS A 602 48.97 4.02 38.63
C CYS A 602 48.33 5.00 37.65
N VAL A 603 47.61 5.97 38.19
CA VAL A 603 46.89 6.96 37.39
C VAL A 603 47.50 8.33 37.65
N VAL A 604 47.66 9.11 36.59
CA VAL A 604 48.20 10.47 36.66
C VAL A 604 47.15 11.44 36.15
N VAL A 605 46.98 12.55 36.86
CA VAL A 605 46.12 13.65 36.43
C VAL A 605 47.01 14.81 36.05
N ASP A 606 46.89 15.27 34.80
CA ASP A 606 47.87 16.19 34.24
C ASP A 606 47.79 17.56 34.90
N ASP A 607 46.65 18.25 34.78
CA ASP A 607 46.53 19.66 35.19
C ASP A 607 45.20 19.85 35.90
N ILE A 608 45.23 19.82 37.24
CA ILE A 608 44.00 19.96 38.01
C ILE A 608 43.35 21.31 37.73
N GLU A 609 44.15 22.37 37.67
CA GLU A 609 43.59 23.70 37.45
C GLU A 609 42.80 23.77 36.15
N ARG A 610 43.36 23.22 35.07
CA ARG A 610 42.68 23.27 33.79
C ARG A 610 41.38 22.48 33.83
N LEU A 611 41.39 21.33 34.49
CA LEU A 611 40.17 20.52 34.59
C LEU A 611 39.02 21.31 35.19
N LEU A 612 39.31 22.24 36.10
CA LEU A 612 38.27 22.99 36.79
C LEU A 612 37.89 24.29 36.07
N ASP A 613 38.57 24.64 34.98
CA ASP A 613 38.24 25.85 34.21
C ASP A 613 38.30 27.10 35.08
N TYR A 614 39.44 27.28 35.75
CA TYR A 614 39.60 28.41 36.67
C TYR A 614 40.02 29.68 35.94
N VAL A 615 39.44 30.81 36.34
CA VAL A 615 39.82 32.13 35.84
C VAL A 615 39.80 33.09 37.03
N PRO A 616 40.87 33.85 37.29
CA PRO A 616 40.86 34.70 38.49
C PRO A 616 39.72 35.69 38.58
N ILE A 617 39.31 36.34 37.49
CA ILE A 617 38.11 37.17 37.56
C ILE A 617 36.94 36.28 37.95
N GLY A 618 36.03 36.83 38.76
CA GLY A 618 35.00 36.03 39.38
C GLY A 618 35.34 35.75 40.83
N PRO A 619 35.92 34.57 41.12
CA PRO A 619 36.39 33.52 40.20
C PRO A 619 35.27 32.66 39.63
N ARG A 620 35.59 31.81 38.66
CA ARG A 620 34.61 30.92 38.05
C ARG A 620 35.22 29.55 37.83
N PHE A 621 34.38 28.53 37.91
CA PHE A 621 34.79 27.14 37.73
C PHE A 621 33.53 26.27 37.79
N SER A 622 33.68 25.01 37.39
CA SER A 622 32.58 24.06 37.36
C SER A 622 32.67 23.17 38.60
N ASN A 623 31.70 23.35 39.50
CA ASN A 623 31.70 22.63 40.78
C ASN A 623 31.65 21.13 40.57
N LEU A 624 30.88 20.67 39.57
CA LEU A 624 30.61 19.24 39.41
C LEU A 624 31.91 18.45 39.35
N VAL A 625 32.86 18.90 38.54
CA VAL A 625 34.14 18.19 38.42
C VAL A 625 34.87 18.21 39.76
N LEU A 626 34.78 19.33 40.48
CA LEU A 626 35.45 19.42 41.77
C LEU A 626 34.91 18.36 42.73
N GLN A 627 33.59 18.23 42.79
CA GLN A 627 33.00 17.20 43.64
C GLN A 627 33.38 15.80 43.17
N ALA A 628 33.40 15.58 41.86
CA ALA A 628 33.78 14.27 41.36
C ALA A 628 35.18 13.89 41.85
N LEU A 629 36.14 14.80 41.69
CA LEU A 629 37.51 14.52 42.15
C LEU A 629 37.57 14.34 43.66
N LEU A 630 36.88 15.20 44.42
CA LEU A 630 36.92 15.08 45.87
C LEU A 630 36.40 13.72 46.32
N VAL A 631 35.25 13.32 45.79
CA VAL A 631 34.68 12.02 46.16
C VAL A 631 35.65 10.90 45.76
N LEU A 632 36.15 10.95 44.51
CA LEU A 632 36.99 9.87 44.03
C LEU A 632 38.26 9.72 44.85
N LEU A 633 38.79 10.82 45.38
CA LEU A 633 40.07 10.74 46.10
C LEU A 633 40.00 9.96 47.40
N LYS A 634 38.81 9.61 47.87
CA LYS A 634 38.64 8.93 49.16
C LYS A 634 37.73 7.72 49.03
N LYS A 635 37.97 6.88 48.02
CA LYS A 635 37.18 5.68 47.79
C LYS A 635 38.14 4.53 47.49
N ALA A 636 38.23 3.58 48.41
CA ALA A 636 39.12 2.44 48.22
C ALA A 636 38.60 1.52 47.13
N PRO A 637 39.49 0.82 46.41
CA PRO A 637 39.04 -0.18 45.44
C PRO A 637 38.41 -1.37 46.13
N PRO A 638 37.94 -2.36 45.38
CA PRO A 638 37.45 -3.59 46.02
C PRO A 638 38.55 -4.25 46.84
N GLN A 639 38.16 -5.28 47.58
CA GLN A 639 39.07 -5.89 48.54
C GLN A 639 40.30 -6.44 47.84
N GLY A 640 41.45 -6.29 48.49
CA GLY A 640 42.67 -6.94 48.06
C GLY A 640 43.44 -6.22 46.96
N ARG A 641 43.07 -5.00 46.61
CA ARG A 641 43.70 -4.28 45.52
C ARG A 641 44.20 -2.92 46.00
N LYS A 642 45.18 -2.40 45.28
CA LYS A 642 45.90 -1.19 45.65
C LYS A 642 45.77 -0.14 44.54
N LEU A 643 46.08 1.11 44.90
CA LEU A 643 45.94 2.23 43.97
C LEU A 643 46.89 3.34 44.37
N LEU A 644 47.29 4.13 43.36
CA LEU A 644 48.13 5.31 43.57
C LEU A 644 47.69 6.39 42.59
N ILE A 645 47.71 7.63 43.06
CA ILE A 645 47.31 8.79 42.27
C ILE A 645 48.37 9.88 42.40
N ILE A 646 48.68 10.53 41.29
CA ILE A 646 49.65 11.63 41.28
C ILE A 646 48.98 12.83 40.63
N GLY A 647 48.95 13.95 41.35
CA GLY A 647 48.38 15.18 40.85
C GLY A 647 49.45 16.18 40.43
N THR A 648 49.00 17.33 39.96
CA THR A 648 49.90 18.35 39.45
C THR A 648 49.13 19.64 39.25
N THR A 649 49.80 20.76 39.54
CA THR A 649 49.19 22.09 39.43
C THR A 649 50.29 23.11 39.65
N SER A 650 49.97 24.37 39.34
CA SER A 650 50.88 25.48 39.57
C SER A 650 50.33 26.53 40.53
N ARG A 651 49.15 26.30 41.11
CA ARG A 651 48.50 27.26 42.00
C ARG A 651 48.09 26.51 43.27
N LYS A 652 49.01 26.45 44.24
CA LYS A 652 48.74 25.72 45.48
C LYS A 652 47.75 26.46 46.37
N ASP A 653 47.88 27.79 46.46
CA ASP A 653 47.06 28.55 47.40
C ASP A 653 45.57 28.36 47.11
N VAL A 654 45.18 28.41 45.84
CA VAL A 654 43.76 28.27 45.50
C VAL A 654 43.24 26.90 45.91
N LEU A 655 44.02 25.85 45.61
CA LEU A 655 43.61 24.51 46.00
C LEU A 655 43.49 24.39 47.52
N GLN A 656 44.44 24.94 48.26
CA GLN A 656 44.32 24.99 49.71
C GLN A 656 43.00 25.62 50.11
N GLU A 657 42.68 26.78 49.52
CA GLU A 657 41.46 27.48 49.90
C GLU A 657 40.22 26.66 49.55
N MET A 658 40.29 25.83 48.52
CA MET A 658 39.19 24.97 48.11
C MET A 658 39.17 23.63 48.85
N GLU A 659 39.83 23.55 50.01
CA GLU A 659 39.82 22.36 50.85
C GLU A 659 40.35 21.12 50.15
N MET A 660 40.97 21.27 48.99
CA MET A 660 41.52 20.12 48.29
C MET A 660 42.82 19.64 48.90
N LEU A 661 43.67 20.55 49.41
CA LEU A 661 44.90 20.10 50.04
C LEU A 661 44.63 19.21 51.25
N ASN A 662 43.45 19.35 51.88
CA ASN A 662 43.09 18.48 52.98
C ASN A 662 42.86 17.04 52.53
N ALA A 663 42.59 16.82 51.24
CA ALA A 663 42.30 15.47 50.76
C ALA A 663 43.57 14.68 50.49
N PHE A 664 44.58 15.31 49.90
CA PHE A 664 45.81 14.60 49.59
C PHE A 664 46.52 14.17 50.87
N SER A 665 47.47 13.25 50.71
CA SER A 665 48.21 12.68 51.84
C SER A 665 49.66 13.14 51.91
N THR A 666 50.15 13.88 50.92
CA THR A 666 51.54 14.31 50.91
C THR A 666 51.69 15.44 49.89
N THR A 667 52.78 16.19 50.03
CA THR A 667 53.09 17.27 49.11
C THR A 667 54.58 17.24 48.79
N ILE A 668 54.92 17.66 47.57
CA ILE A 668 56.30 17.75 47.12
C ILE A 668 56.48 19.09 46.41
N HIS A 669 57.71 19.61 46.43
CA HIS A 669 58.04 20.90 45.84
C HIS A 669 58.97 20.73 44.66
N VAL A 670 58.77 21.55 43.64
CA VAL A 670 59.65 21.59 42.48
C VAL A 670 60.15 23.03 42.31
N PRO A 671 61.38 23.35 42.72
CA PRO A 671 61.85 24.74 42.61
C PRO A 671 62.33 25.09 41.21
N ASN A 672 62.90 26.29 41.06
CA ASN A 672 63.51 26.73 39.81
C ASN A 672 65.00 26.98 40.05
N ILE A 673 65.67 27.48 39.02
CA ILE A 673 67.11 27.75 39.08
C ILE A 673 67.29 29.18 39.54
N ALA A 674 68.31 29.41 40.38
CA ALA A 674 68.41 30.68 41.09
C ALA A 674 69.81 31.24 41.22
N THR A 675 70.83 30.61 40.63
CA THR A 675 72.20 31.09 40.81
C THR A 675 72.95 31.00 39.49
N GLY A 676 73.95 31.88 39.35
CA GLY A 676 74.67 31.96 38.09
C GLY A 676 75.46 30.69 37.78
N GLU A 677 76.25 30.22 38.74
CA GLU A 677 77.02 28.99 38.54
C GLU A 677 76.11 27.83 38.17
N GLN A 678 74.89 27.79 38.73
CA GLN A 678 73.94 26.76 38.34
C GLN A 678 73.59 26.88 36.86
N LEU A 679 73.38 28.10 36.37
CA LEU A 679 73.10 28.29 34.95
C LEU A 679 74.28 27.87 34.10
N LEU A 680 75.51 28.20 34.54
CA LEU A 680 76.69 27.79 33.80
C LEU A 680 76.78 26.27 33.72
N GLU A 681 76.52 25.58 34.83
CA GLU A 681 76.52 24.12 34.82
C GLU A 681 75.47 23.58 33.87
N ALA A 682 74.26 24.16 33.89
CA ALA A 682 73.21 23.72 32.99
C ALA A 682 73.62 23.89 31.53
N LEU A 683 74.19 25.04 31.18
CA LEU A 683 74.63 25.26 29.81
C LEU A 683 75.73 24.28 29.43
N GLU A 684 76.70 24.07 30.33
CA GLU A 684 77.77 23.12 30.04
C GLU A 684 77.21 21.73 29.80
N LEU A 685 76.21 21.33 30.58
CA LEU A 685 75.57 20.04 30.38
C LEU A 685 74.86 19.99 29.03
N LEU A 686 74.22 21.09 28.64
CA LEU A 686 73.56 21.12 27.33
C LEU A 686 74.58 21.14 26.20
N GLY A 687 75.70 21.85 26.40
CA GLY A 687 76.77 21.88 25.42
C GLY A 687 76.43 22.65 24.15
N ASN A 688 76.28 23.97 24.26
CA ASN A 688 75.99 24.83 23.12
C ASN A 688 76.88 26.04 23.00
N PHE A 689 77.74 26.32 23.98
CA PHE A 689 78.51 27.57 24.03
C PHE A 689 79.99 27.25 24.15
N LYS A 690 80.82 28.12 23.57
CA LYS A 690 82.25 27.88 23.44
C LYS A 690 82.99 28.31 24.70
N ASP A 691 84.33 28.25 24.66
CA ASP A 691 85.13 28.49 25.84
C ASP A 691 85.18 29.98 26.19
N LYS A 692 85.70 30.80 25.27
CA LYS A 692 85.62 32.24 25.47
C LYS A 692 84.18 32.70 25.62
N GLU A 693 83.27 32.05 24.88
CA GLU A 693 81.85 32.36 25.01
C GLU A 693 81.36 32.07 26.42
N ARG A 694 81.74 30.91 26.97
CA ARG A 694 81.36 30.57 28.34
C ARG A 694 81.95 31.55 29.33
N THR A 695 83.20 31.96 29.12
CA THR A 695 83.84 32.91 30.01
C THR A 695 83.10 34.23 30.02
N THR A 696 82.75 34.75 28.84
CA THR A 696 82.00 35.99 28.75
C THR A 696 80.63 35.85 29.41
N ILE A 697 79.94 34.72 29.16
CA ILE A 697 78.64 34.51 29.77
C ILE A 697 78.76 34.54 31.30
N ALA A 698 79.72 33.80 31.84
CA ALA A 698 79.92 33.81 33.29
C ALA A 698 80.21 35.21 33.81
N GLN A 699 81.10 35.93 33.12
CA GLN A 699 81.38 37.32 33.49
C GLN A 699 80.12 38.16 33.52
N GLN A 700 79.18 37.88 32.63
CA GLN A 700 77.97 38.70 32.51
C GLN A 700 76.85 38.27 33.45
N VAL A 701 76.84 37.02 33.90
CA VAL A 701 75.76 36.51 34.75
C VAL A 701 76.16 36.42 36.22
N LYS A 702 77.43 36.63 36.54
CA LYS A 702 77.89 36.56 37.93
C LYS A 702 77.11 37.48 38.87
N GLY A 703 76.31 38.41 38.33
CA GLY A 703 75.49 39.25 39.18
C GLY A 703 74.49 38.48 40.02
N LYS A 704 74.21 37.24 39.65
CA LYS A 704 73.40 36.27 40.41
C LYS A 704 71.90 36.55 40.30
N LYS A 705 71.48 37.64 39.65
CA LYS A 705 70.06 37.98 39.55
C LYS A 705 69.41 37.12 38.47
N VAL A 706 69.30 35.83 38.76
CA VAL A 706 68.78 34.84 37.82
C VAL A 706 67.63 34.09 38.49
N TRP A 707 66.48 34.05 37.82
CA TRP A 707 65.33 33.29 38.29
C TRP A 707 64.52 32.92 37.05
N ILE A 708 64.68 31.68 36.58
CA ILE A 708 64.06 31.22 35.35
C ILE A 708 63.61 29.77 35.51
N GLY A 709 62.71 29.35 34.62
CA GLY A 709 62.33 27.97 34.50
C GLY A 709 63.03 27.28 33.34
N ILE A 710 63.11 25.95 33.43
CA ILE A 710 63.88 25.19 32.46
C ILE A 710 63.29 25.35 31.07
N LYS A 711 61.97 25.28 30.95
CA LYS A 711 61.33 25.33 29.64
C LYS A 711 61.55 26.68 28.97
N LYS A 712 61.39 27.77 29.73
CA LYS A 712 61.67 29.10 29.19
C LYS A 712 63.14 29.21 28.79
N LEU A 713 64.04 28.59 29.56
CA LEU A 713 65.45 28.59 29.19
C LEU A 713 65.67 27.92 27.84
N LEU A 714 65.04 26.76 27.63
CA LEU A 714 65.17 26.07 26.35
C LEU A 714 64.63 26.91 25.21
N MET A 715 63.47 27.53 25.42
CA MET A 715 62.90 28.39 24.38
C MET A 715 63.83 29.56 24.06
N LEU A 716 64.40 30.17 25.10
CA LEU A 716 65.35 31.26 24.91
C LEU A 716 66.57 30.78 24.11
N ILE A 717 67.11 29.61 24.45
CA ILE A 717 68.28 29.10 23.73
C ILE A 717 67.93 28.88 22.27
N GLU A 718 66.79 28.24 22.00
CA GLU A 718 66.38 27.97 20.63
C GLU A 718 66.26 29.26 19.83
N MET A 719 65.55 30.26 20.38
CA MET A 719 65.38 31.51 19.64
C MET A 719 66.72 32.23 19.46
N SER A 720 67.58 32.21 20.49
CA SER A 720 68.86 32.90 20.39
C SER A 720 69.75 32.30 19.33
N LEU A 721 69.70 30.99 19.13
CA LEU A 721 70.55 30.34 18.15
C LEU A 721 70.09 30.58 16.70
N GLN A 722 69.21 31.54 16.46
CA GLN A 722 68.67 31.79 15.13
C GLN A 722 69.48 32.76 14.30
N MET A 723 70.56 33.32 14.84
CA MET A 723 71.32 34.38 14.19
C MET A 723 72.74 33.89 13.90
N ASP A 724 73.54 34.75 13.28
CA ASP A 724 74.91 34.42 12.99
C ASP A 724 75.70 34.27 14.29
N PRO A 725 76.79 33.50 14.27
CA PRO A 725 77.50 33.22 15.52
C PRO A 725 78.00 34.46 16.23
N GLU A 726 78.23 35.56 15.51
CA GLU A 726 78.77 36.76 16.12
C GLU A 726 77.85 37.31 17.21
N TYR A 727 76.55 37.37 16.93
CA TYR A 727 75.62 38.13 17.76
C TYR A 727 74.76 37.25 18.65
N ARG A 728 75.08 35.95 18.77
CA ARG A 728 74.30 35.07 19.62
C ARG A 728 74.38 35.50 21.09
N VAL A 729 75.60 35.80 21.55
CA VAL A 729 75.82 36.00 22.98
C VAL A 729 75.05 37.22 23.46
N ARG A 730 75.17 38.34 22.75
CA ARG A 730 74.52 39.57 23.19
C ARG A 730 73.01 39.45 23.14
N LYS A 731 72.47 38.82 22.09
CA LYS A 731 71.03 38.61 22.02
C LYS A 731 70.55 37.76 23.19
N PHE A 732 71.25 36.66 23.47
CA PHE A 732 70.87 35.78 24.56
C PHE A 732 70.92 36.52 25.90
N LEU A 733 71.97 37.33 26.10
CA LEU A 733 72.12 38.05 27.36
C LEU A 733 71.03 39.11 27.52
N ALA A 734 70.73 39.84 26.45
CA ALA A 734 69.65 40.82 26.51
C ALA A 734 68.32 40.15 26.80
N LEU A 735 68.08 38.99 26.17
CA LEU A 735 66.87 38.22 26.45
C LEU A 735 66.79 37.88 27.93
N LEU A 736 67.85 37.30 28.49
CA LEU A 736 67.84 36.93 29.91
C LEU A 736 67.60 38.14 30.79
N ARG A 737 68.27 39.26 30.48
CA ARG A 737 68.12 40.46 31.30
C ARG A 737 66.68 40.96 31.26
N GLU A 738 66.05 40.92 30.07
CA GLU A 738 64.67 41.32 29.95
C GLU A 738 63.76 40.55 30.90
N GLU A 739 64.07 39.27 31.14
CA GLU A 739 63.34 38.45 32.10
C GLU A 739 63.93 38.62 33.50
N GLY A 740 63.88 39.87 33.98
CA GLY A 740 64.44 40.18 35.27
C GLY A 740 63.43 40.05 36.40
N ALA A 741 62.95 38.83 36.63
CA ALA A 741 62.02 38.59 37.72
C ALA A 741 62.73 38.74 39.06
N SER A 742 61.95 39.10 40.08
CA SER A 742 62.50 39.32 41.43
C SER A 742 61.46 38.89 42.45
N PRO A 743 61.37 37.59 42.74
CA PRO A 743 60.42 37.06 43.73
C PRO A 743 60.45 37.82 45.06
N SER B 210 -23.87 -24.36 42.44
CA SER B 210 -23.78 -22.93 42.73
C SER B 210 -22.77 -22.25 41.83
N ILE B 211 -22.74 -20.91 41.86
CA ILE B 211 -21.79 -20.17 41.04
C ILE B 211 -20.36 -20.52 41.43
N ILE B 212 -20.15 -20.96 42.67
CA ILE B 212 -18.85 -21.43 43.11
C ILE B 212 -18.71 -22.90 42.77
N ASN B 213 -17.48 -23.39 42.76
CA ASN B 213 -17.25 -24.80 42.54
C ASN B 213 -17.91 -25.63 43.65
N PRO B 214 -18.42 -26.82 43.32
CA PRO B 214 -19.02 -27.65 44.37
C PRO B 214 -18.07 -27.98 45.50
N ASP B 215 -16.78 -28.12 45.21
CA ASP B 215 -15.76 -28.46 46.20
C ASP B 215 -14.71 -27.36 46.27
N TRP B 216 -14.46 -26.87 47.48
CA TRP B 216 -13.35 -25.96 47.74
C TRP B 216 -13.23 -25.77 49.25
N ASN B 217 -11.99 -25.68 49.73
CA ASN B 217 -11.75 -25.37 51.13
C ASN B 217 -10.55 -24.44 51.23
N PHE B 218 -10.60 -23.55 52.22
CA PHE B 218 -9.58 -22.52 52.35
C PHE B 218 -8.20 -23.14 52.55
N GLU B 219 -8.12 -24.17 53.38
CA GLU B 219 -6.83 -24.76 53.69
C GLU B 219 -6.12 -25.28 52.45
N LYS B 220 -6.88 -25.83 51.50
CA LYS B 220 -6.27 -26.33 50.27
C LYS B 220 -5.65 -25.24 49.43
N MET B 221 -6.17 -24.00 49.50
CA MET B 221 -5.66 -22.98 48.59
C MET B 221 -4.15 -22.79 48.72
N GLY B 222 -3.60 -23.02 49.91
CA GLY B 222 -2.17 -22.93 50.10
C GLY B 222 -1.68 -21.54 50.44
N ILE B 223 -2.54 -20.54 50.41
CA ILE B 223 -2.15 -19.17 50.76
C ILE B 223 -2.02 -19.09 52.28
N GLY B 224 -0.90 -18.54 52.74
CA GLY B 224 -0.60 -18.44 54.15
C GLY B 224 -0.32 -17.03 54.64
N GLY B 225 -1.10 -16.58 55.61
CA GLY B 225 -0.91 -15.26 56.19
C GLY B 225 -2.07 -14.32 55.92
N LEU B 226 -2.63 -14.38 54.72
CA LEU B 226 -3.71 -13.48 54.32
C LEU B 226 -5.03 -14.10 54.82
N ASP B 227 -5.44 -13.68 56.02
CA ASP B 227 -6.64 -14.20 56.65
C ASP B 227 -7.76 -13.15 56.73
N LYS B 228 -7.48 -12.00 57.32
CA LYS B 228 -8.49 -10.95 57.41
C LYS B 228 -8.78 -10.37 56.04
N GLU B 229 -7.75 -10.26 55.20
CA GLU B 229 -7.91 -9.70 53.86
C GLU B 229 -8.86 -10.55 53.02
N PHE B 230 -8.71 -11.87 53.06
CA PHE B 230 -9.60 -12.74 52.30
C PHE B 230 -11.04 -12.62 52.82
N SER B 231 -11.19 -12.60 54.15
CA SER B 231 -12.52 -12.48 54.74
C SER B 231 -13.20 -11.19 54.30
N ASP B 232 -12.47 -10.08 54.35
CA ASP B 232 -13.07 -8.80 53.95
C ASP B 232 -13.41 -8.79 52.46
N ILE B 233 -12.53 -9.33 51.61
CA ILE B 233 -12.84 -9.36 50.18
C ILE B 233 -14.09 -10.21 49.94
N PHE B 234 -14.19 -11.35 50.63
CA PHE B 234 -15.38 -12.19 50.50
C PHE B 234 -16.62 -11.41 50.90
N ARG B 235 -16.58 -10.79 52.10
CA ARG B 235 -17.75 -10.07 52.60
C ARG B 235 -18.18 -8.95 51.67
N ARG B 236 -17.22 -8.23 51.08
CA ARG B 236 -17.57 -7.09 50.25
C ARG B 236 -17.99 -7.52 48.84
N ALA B 237 -17.09 -8.18 48.12
CA ALA B 237 -17.29 -8.43 46.69
C ALA B 237 -17.96 -9.75 46.37
N PHE B 238 -18.37 -10.54 47.38
CA PHE B 238 -18.95 -11.85 47.08
C PHE B 238 -20.18 -12.17 47.91
N ALA B 239 -20.61 -11.26 48.80
CA ALA B 239 -21.80 -11.52 49.61
C ALA B 239 -23.02 -11.79 48.75
N SER B 240 -23.31 -10.89 47.80
CA SER B 240 -24.58 -10.92 47.08
C SER B 240 -24.66 -12.04 46.05
N ARG B 241 -23.56 -12.70 45.74
CA ARG B 241 -23.52 -13.71 44.69
C ARG B 241 -23.79 -15.13 45.19
N VAL B 242 -23.99 -15.31 46.49
CA VAL B 242 -24.36 -16.59 47.07
C VAL B 242 -25.73 -16.58 47.72
N PHE B 243 -26.34 -15.41 47.91
CA PHE B 243 -27.60 -15.34 48.64
C PHE B 243 -28.76 -15.56 47.66
N PRO B 244 -29.78 -16.32 48.03
CA PRO B 244 -30.64 -16.93 47.01
C PRO B 244 -31.26 -15.89 46.11
N PRO B 245 -31.47 -16.23 44.82
CA PRO B 245 -31.87 -15.19 43.85
C PRO B 245 -33.14 -14.46 44.23
N GLU B 246 -34.10 -15.13 44.88
CA GLU B 246 -35.38 -14.47 45.11
C GLU B 246 -35.19 -13.25 45.99
N ILE B 247 -34.52 -13.43 47.13
CA ILE B 247 -34.32 -12.32 48.05
C ILE B 247 -33.42 -11.29 47.40
N VAL B 248 -32.51 -11.72 46.53
CA VAL B 248 -31.63 -10.76 45.85
C VAL B 248 -32.42 -9.86 44.91
N GLU B 249 -33.28 -10.43 44.07
CA GLU B 249 -34.07 -9.58 43.19
C GLU B 249 -35.01 -8.70 43.99
N GLN B 250 -35.48 -9.20 45.14
CA GLN B 250 -36.18 -8.33 46.09
C GLN B 250 -35.28 -7.23 46.64
N MET B 251 -33.97 -7.50 46.76
CA MET B 251 -33.02 -6.45 47.13
C MET B 251 -32.94 -5.39 46.04
N GLY B 252 -32.76 -5.82 44.79
CA GLY B 252 -32.51 -4.92 43.69
C GLY B 252 -31.16 -4.24 43.74
N CYS B 253 -30.30 -4.64 44.68
CA CYS B 253 -28.95 -4.12 44.73
C CYS B 253 -28.15 -4.63 43.53
N LYS B 254 -26.97 -4.06 43.35
CA LYS B 254 -26.10 -4.40 42.24
C LYS B 254 -24.77 -4.86 42.78
N HIS B 255 -24.24 -5.94 42.19
CA HIS B 255 -22.97 -6.48 42.64
C HIS B 255 -21.84 -5.50 42.35
N VAL B 256 -20.75 -5.67 43.08
CA VAL B 256 -19.55 -4.89 42.81
C VAL B 256 -18.87 -5.46 41.59
N LYS B 257 -18.20 -4.60 40.82
CA LYS B 257 -17.61 -4.98 39.55
C LYS B 257 -16.20 -4.43 39.44
N GLY B 258 -15.46 -4.46 40.54
CA GLY B 258 -14.10 -3.96 40.53
C GLY B 258 -13.39 -4.16 41.85
N ILE B 259 -12.10 -4.47 41.79
CA ILE B 259 -11.29 -4.69 42.98
C ILE B 259 -9.85 -4.34 42.64
N LEU B 260 -9.16 -3.71 43.59
CA LEU B 260 -7.75 -3.36 43.41
C LEU B 260 -6.93 -3.91 44.57
N LEU B 261 -5.74 -4.39 44.25
CA LEU B 261 -4.79 -4.89 45.25
C LEU B 261 -3.49 -4.14 45.10
N TYR B 262 -2.94 -3.68 46.24
CA TYR B 262 -1.63 -3.04 46.24
C TYR B 262 -0.77 -3.67 47.34
N GLY B 263 0.40 -4.15 46.95
CA GLY B 263 1.38 -4.65 47.90
C GLY B 263 2.78 -4.32 47.44
N PRO B 264 3.75 -4.48 48.34
CA PRO B 264 5.15 -4.26 47.96
C PRO B 264 5.69 -5.44 47.19
N PRO B 265 6.72 -5.25 46.37
CA PRO B 265 7.29 -6.38 45.64
C PRO B 265 7.69 -7.49 46.60
N GLY B 266 7.36 -8.72 46.23
CA GLY B 266 7.70 -9.86 47.04
C GLY B 266 6.56 -10.42 47.87
N CYS B 267 5.32 -10.26 47.42
CA CYS B 267 4.16 -10.86 48.07
C CYS B 267 3.38 -11.79 47.16
N GLY B 268 3.73 -11.87 45.88
CA GLY B 268 3.06 -12.75 44.94
C GLY B 268 1.55 -12.72 45.04
N LYS B 269 0.97 -11.51 45.03
CA LYS B 269 -0.47 -11.39 45.01
C LYS B 269 -1.05 -12.13 43.81
N THR B 270 -0.26 -12.27 42.75
CA THR B 270 -0.65 -13.08 41.59
C THR B 270 -1.15 -14.45 42.04
N LEU B 271 -0.46 -15.06 43.01
CA LEU B 271 -0.97 -16.28 43.61
C LEU B 271 -2.39 -16.09 44.09
N LEU B 272 -2.63 -15.00 44.82
CA LEU B 272 -3.98 -14.73 45.31
C LEU B 272 -4.96 -14.53 44.15
N ALA B 273 -4.53 -13.84 43.09
CA ALA B 273 -5.38 -13.63 41.93
C ALA B 273 -5.85 -14.96 41.34
N ARG B 274 -4.91 -15.83 40.98
CA ARG B 274 -5.26 -17.11 40.40
C ARG B 274 -6.05 -17.96 41.37
N GLN B 275 -5.67 -17.92 42.65
CA GLN B 275 -6.30 -18.76 43.64
C GLN B 275 -7.75 -18.36 43.87
N ILE B 276 -8.02 -17.06 43.86
CA ILE B 276 -9.40 -16.58 43.92
C ILE B 276 -10.15 -16.98 42.66
N GLY B 277 -9.50 -16.84 41.50
CA GLY B 277 -10.16 -17.20 40.26
C GLY B 277 -10.62 -18.65 40.26
N LYS B 278 -9.77 -19.56 40.73
CA LYS B 278 -10.17 -20.96 40.79
C LYS B 278 -11.11 -21.25 41.95
N MET B 279 -10.97 -20.52 43.07
CA MET B 279 -11.90 -20.67 44.17
C MET B 279 -13.35 -20.60 43.71
N LEU B 280 -13.63 -19.73 42.75
CA LEU B 280 -14.95 -19.63 42.15
C LEU B 280 -15.04 -20.60 40.98
N ASN B 281 -16.26 -20.85 40.53
CA ASN B 281 -16.46 -21.61 39.30
C ASN B 281 -16.24 -20.70 38.09
N ALA B 282 -15.09 -20.03 38.06
CA ALA B 282 -14.75 -19.19 36.93
C ALA B 282 -14.59 -20.03 35.67
N ARG B 283 -14.71 -19.39 34.52
CA ARG B 283 -14.66 -20.11 33.25
C ARG B 283 -13.23 -20.18 32.73
N GLU B 284 -12.65 -19.03 32.41
CA GLU B 284 -11.30 -18.94 31.85
C GLU B 284 -10.78 -17.53 32.06
N PRO B 285 -10.26 -17.20 33.25
CA PRO B 285 -9.85 -15.82 33.51
C PRO B 285 -8.90 -15.29 32.45
N LYS B 286 -9.35 -14.31 31.68
CA LYS B 286 -8.49 -13.68 30.69
C LYS B 286 -7.45 -12.82 31.38
N VAL B 287 -6.27 -12.74 30.78
CA VAL B 287 -5.14 -12.04 31.37
C VAL B 287 -4.45 -11.19 30.32
N VAL B 288 -3.93 -10.05 30.76
CA VAL B 288 -3.12 -9.15 29.95
C VAL B 288 -1.92 -8.79 30.82
N ASN B 289 -0.72 -8.89 30.25
CA ASN B 289 0.47 -8.47 30.98
C ASN B 289 0.41 -7.01 31.40
N GLY B 290 0.01 -6.12 30.51
CA GLY B 290 -0.07 -4.72 30.84
C GLY B 290 0.50 -3.78 29.80
N PRO B 291 1.56 -4.17 29.10
CA PRO B 291 2.09 -3.32 28.03
C PRO B 291 1.59 -3.69 26.66
N GLU B 292 0.76 -4.73 26.58
CA GLU B 292 0.30 -5.31 25.33
C GLU B 292 -0.77 -4.36 24.83
N ILE B 293 -1.67 -4.84 23.98
CA ILE B 293 -2.75 -4.05 23.39
C ILE B 293 -2.24 -2.72 22.87
N LEU B 294 -0.95 -2.64 22.52
CA LEU B 294 -0.37 -1.41 22.03
C LEU B 294 0.09 -1.68 20.61
N ASN B 295 -0.10 -0.71 19.74
CA ASN B 295 0.27 -0.80 18.34
C ASN B 295 0.63 0.58 17.83
N LYS B 296 1.42 0.62 16.77
CA LYS B 296 1.83 1.89 16.19
C LYS B 296 0.68 2.51 15.42
N TYR B 297 -0.12 1.69 14.75
CA TYR B 297 -1.16 2.22 13.91
C TYR B 297 -2.24 2.87 14.77
N VAL B 298 -2.83 3.94 14.24
CA VAL B 298 -3.81 4.77 14.92
C VAL B 298 -5.11 3.99 15.09
N GLY B 299 -5.74 4.10 16.26
CA GLY B 299 -7.02 3.47 16.51
C GLY B 299 -7.04 1.96 16.55
N GLU B 300 -6.06 1.34 17.21
CA GLU B 300 -5.98 -0.11 17.31
C GLU B 300 -6.15 -0.59 18.75
N SER B 301 -5.50 0.09 19.69
CA SER B 301 -5.65 -0.27 21.10
C SER B 301 -7.11 -0.19 21.55
N GLU B 302 -7.84 0.83 21.12
CA GLU B 302 -9.24 0.95 21.52
C GLU B 302 -10.04 -0.25 21.08
N ALA B 303 -9.82 -0.70 19.83
CA ALA B 303 -10.49 -1.88 19.33
C ALA B 303 -10.13 -3.12 20.13
N ASN B 304 -8.84 -3.31 20.42
CA ASN B 304 -8.41 -4.44 21.24
C ASN B 304 -9.10 -4.44 22.60
N ILE B 305 -9.14 -3.28 23.26
CA ILE B 305 -9.84 -3.19 24.53
C ILE B 305 -11.28 -3.62 24.38
N ARG B 306 -11.95 -3.14 23.33
CA ARG B 306 -13.35 -3.49 23.14
C ARG B 306 -13.51 -4.99 22.91
N LYS B 307 -12.54 -5.63 22.25
CA LYS B 307 -12.66 -7.04 21.94
C LYS B 307 -12.83 -7.87 23.21
N LEU B 308 -12.35 -7.34 24.34
CA LEU B 308 -12.34 -8.10 25.58
C LEU B 308 -13.74 -8.43 26.07
N PHE B 309 -14.68 -7.50 25.88
CA PHE B 309 -16.01 -7.58 26.48
C PHE B 309 -17.03 -8.20 25.53
N ALA B 310 -16.60 -8.66 24.35
CA ALA B 310 -17.54 -9.15 23.35
C ALA B 310 -18.38 -10.31 23.90
N ASP B 311 -17.74 -11.29 24.52
CA ASP B 311 -18.48 -12.43 25.04
C ASP B 311 -19.47 -12.00 26.11
N ALA B 312 -19.05 -11.09 26.99
CA ALA B 312 -19.94 -10.63 28.05
C ALA B 312 -21.18 -9.96 27.48
N GLU B 313 -20.98 -9.06 26.50
CA GLU B 313 -22.13 -8.37 25.91
C GLU B 313 -23.02 -9.34 25.14
N GLU B 314 -22.42 -10.31 24.44
CA GLU B 314 -23.20 -11.30 23.72
C GLU B 314 -24.10 -12.07 24.68
N GLU B 315 -23.52 -12.57 25.78
CA GLU B 315 -24.32 -13.31 26.75
C GLU B 315 -25.39 -12.40 27.37
N GLN B 316 -25.03 -11.15 27.68
CA GLN B 316 -25.99 -10.23 28.29
C GLN B 316 -27.18 -9.99 27.36
N ARG B 317 -26.93 -9.93 26.06
CA ARG B 317 -28.03 -9.74 25.12
C ARG B 317 -28.84 -11.02 24.94
N ARG B 318 -28.17 -12.16 24.82
CA ARG B 318 -28.86 -13.42 24.55
C ARG B 318 -29.65 -13.87 25.77
N LEU B 319 -28.95 -14.09 26.88
CA LEU B 319 -29.57 -14.39 28.16
C LEU B 319 -29.70 -13.12 28.99
N GLY B 320 -30.32 -13.24 30.15
CA GLY B 320 -30.45 -12.12 31.07
C GLY B 320 -30.76 -12.61 32.47
N ALA B 321 -30.00 -12.12 33.44
CA ALA B 321 -30.09 -12.58 34.83
C ALA B 321 -29.76 -14.06 34.96
N ASN B 322 -29.18 -14.66 33.93
CA ASN B 322 -28.79 -16.06 33.95
C ASN B 322 -27.42 -16.32 33.35
N SER B 323 -26.75 -15.31 32.81
CA SER B 323 -25.45 -15.51 32.18
C SER B 323 -24.39 -15.74 33.24
N GLY B 324 -23.36 -16.50 32.88
CA GLY B 324 -22.29 -16.77 33.81
C GLY B 324 -21.39 -15.57 34.00
N LEU B 325 -20.49 -15.69 34.98
CA LEU B 325 -19.59 -14.61 35.31
C LEU B 325 -18.36 -14.65 34.41
N HIS B 326 -17.86 -13.46 34.08
CA HIS B 326 -16.61 -13.31 33.34
C HIS B 326 -15.64 -12.52 34.20
N ILE B 327 -14.41 -13.00 34.28
CA ILE B 327 -13.37 -12.38 35.10
C ILE B 327 -12.22 -11.97 34.19
N ILE B 328 -11.68 -10.78 34.42
CA ILE B 328 -10.54 -10.28 33.67
C ILE B 328 -9.48 -9.91 34.70
N ILE B 329 -8.26 -10.37 34.45
CA ILE B 329 -7.13 -10.15 35.35
C ILE B 329 -6.14 -9.23 34.63
N PHE B 330 -6.09 -7.97 35.04
N PHE B 330 -6.09 -7.97 35.04
CA PHE B 330 -5.08 -7.06 34.51
CA PHE B 330 -5.08 -7.06 34.51
C PHE B 330 -3.87 -7.04 35.42
C PHE B 330 -3.87 -7.03 35.43
N ASP B 331 -2.69 -6.98 34.82
CA ASP B 331 -1.42 -6.93 35.54
C ASP B 331 -0.85 -5.53 35.43
N GLU B 332 -0.48 -4.96 36.58
CA GLU B 332 0.20 -3.66 36.60
C GLU B 332 -0.62 -2.61 35.86
N ILE B 333 -1.80 -2.27 36.40
CA ILE B 333 -2.66 -1.25 35.82
C ILE B 333 -1.93 0.08 35.68
N ASP B 334 -0.98 0.36 36.57
CA ASP B 334 -0.29 1.65 36.54
C ASP B 334 0.49 1.85 35.24
N ALA B 335 0.78 0.78 34.50
CA ALA B 335 1.63 0.89 33.32
C ALA B 335 1.00 1.82 32.27
N ILE B 336 -0.29 1.66 32.01
CA ILE B 336 -0.97 2.38 30.95
C ILE B 336 -1.96 3.41 31.48
N CYS B 337 -2.71 3.06 32.53
CA CYS B 337 -3.79 3.90 33.04
C CYS B 337 -3.23 5.02 33.91
N LYS B 338 -2.42 5.88 33.30
CA LYS B 338 -1.86 7.02 34.00
C LYS B 338 -2.89 8.16 34.03
N GLN B 339 -2.53 9.25 34.70
CA GLN B 339 -3.39 10.42 34.73
C GLN B 339 -3.55 10.98 33.32
N ARG B 340 -4.78 11.34 32.98
CA ARG B 340 -5.12 11.83 31.64
C ARG B 340 -4.77 13.30 31.49
N GLY B 341 -3.49 13.62 31.67
CA GLY B 341 -3.01 14.99 31.52
C GLY B 341 -3.64 15.95 32.53
N SER B 346 -0.67 16.56 25.21
CA SER B 346 -1.09 15.25 24.72
C SER B 346 -0.27 14.14 25.37
N THR B 347 -0.96 13.18 25.98
CA THR B 347 -0.33 12.01 26.57
C THR B 347 -0.20 10.86 25.57
N GLY B 348 -0.17 11.17 24.28
CA GLY B 348 -0.03 10.14 23.28
C GLY B 348 -1.20 9.19 23.29
N VAL B 349 -0.90 7.89 23.15
CA VAL B 349 -1.95 6.88 23.13
C VAL B 349 -2.50 6.57 24.52
N HIS B 350 -1.80 6.99 25.57
CA HIS B 350 -2.23 6.68 26.93
C HIS B 350 -3.48 7.43 27.35
N ASP B 351 -3.88 8.47 26.63
CA ASP B 351 -5.10 9.20 26.94
C ASP B 351 -6.32 8.64 26.24
N THR B 352 -6.17 8.19 24.98
CA THR B 352 -7.30 7.63 24.25
C THR B 352 -7.71 6.26 24.77
N VAL B 353 -6.83 5.56 25.50
CA VAL B 353 -7.15 4.22 25.98
C VAL B 353 -7.98 4.30 27.26
N VAL B 354 -7.62 5.23 28.16
CA VAL B 354 -8.35 5.38 29.42
C VAL B 354 -9.79 5.78 29.15
N ASN B 355 -10.01 6.66 28.18
CA ASN B 355 -11.37 7.09 27.85
C ASN B 355 -12.22 5.90 27.39
N GLN B 356 -11.67 5.06 26.51
CA GLN B 356 -12.40 3.87 26.08
C GLN B 356 -12.68 2.93 27.24
N LEU B 357 -11.69 2.71 28.11
CA LEU B 357 -11.90 1.80 29.24
C LEU B 357 -13.02 2.33 30.12
N LEU B 358 -12.94 3.61 30.46
CA LEU B 358 -13.96 4.25 31.32
C LEU B 358 -15.25 4.29 30.52
N SER B 359 -15.15 4.34 29.20
CA SER B 359 -16.34 4.34 28.31
C SER B 359 -17.02 2.98 28.43
N LYS B 360 -16.22 1.92 28.45
CA LYS B 360 -16.75 0.54 28.55
C LYS B 360 -17.43 0.39 29.91
N ILE B 361 -16.66 0.46 31.00
CA ILE B 361 -17.21 0.30 32.37
C ILE B 361 -18.34 1.31 32.52
N ASP B 362 -19.43 0.94 33.19
CA ASP B 362 -20.59 1.84 33.40
C ASP B 362 -20.77 2.70 32.15
N GLY B 363 -21.01 2.06 31.00
CA GLY B 363 -21.21 2.77 29.73
C GLY B 363 -22.64 3.27 29.60
N VAL B 364 -23.01 3.81 28.44
CA VAL B 364 -24.41 4.24 28.18
C VAL B 364 -25.27 3.01 28.41
N GLU B 365 -24.75 1.84 28.09
CA GLU B 365 -25.47 0.55 28.26
C GLU B 365 -25.21 0.03 29.68
N GLN B 366 -25.69 -1.17 30.01
CA GLN B 366 -25.56 -1.70 31.40
C GLN B 366 -25.12 -3.16 31.41
N LEU B 367 -23.97 -3.47 32.02
CA LEU B 367 -23.51 -4.83 32.20
C LEU B 367 -23.64 -5.25 33.66
N ASN B 368 -24.03 -6.53 33.85
CA ASN B 368 -24.19 -7.05 35.21
C ASN B 368 -23.61 -8.44 35.37
N ASN B 369 -22.67 -8.86 34.52
CA ASN B 369 -22.08 -10.20 34.59
C ASN B 369 -20.58 -10.14 34.40
N ILE B 370 -19.93 -9.13 34.99
CA ILE B 370 -18.49 -8.95 34.83
C ILE B 370 -17.86 -8.61 36.19
N LEU B 371 -16.55 -8.81 36.26
CA LEU B 371 -15.78 -8.48 37.46
C LEU B 371 -14.33 -8.25 37.02
N VAL B 372 -13.72 -7.18 37.53
CA VAL B 372 -12.38 -6.78 37.12
C VAL B 372 -11.48 -6.70 38.35
N ILE B 373 -10.29 -7.28 38.24
CA ILE B 373 -9.30 -7.30 39.30
C ILE B 373 -8.03 -6.64 38.78
N GLY B 374 -7.53 -5.68 39.53
CA GLY B 374 -6.30 -4.97 39.17
C GLY B 374 -5.25 -5.11 40.25
N MET B 375 -3.99 -5.24 39.82
CA MET B 375 -2.86 -5.30 40.73
C MET B 375 -1.85 -4.23 40.35
N THR B 376 -1.38 -3.48 41.34
CA THR B 376 -0.37 -2.45 41.13
C THR B 376 0.41 -2.27 42.42
N ASN B 377 1.68 -1.90 42.29
CA ASN B 377 2.50 -1.63 43.46
C ASN B 377 2.43 -0.18 43.92
N ARG B 378 2.17 0.75 42.99
CA ARG B 378 2.08 2.17 43.33
C ARG B 378 0.65 2.65 43.13
N PRO B 379 -0.12 2.87 44.20
CA PRO B 379 -1.54 3.23 44.02
C PRO B 379 -1.80 4.72 43.82
N ASP B 380 -0.78 5.58 43.92
CA ASP B 380 -0.99 7.02 43.89
C ASP B 380 -0.64 7.62 42.53
N LEU B 381 -0.40 6.78 41.52
CA LEU B 381 -0.11 7.24 40.16
C LEU B 381 -1.18 6.76 39.18
N ILE B 382 -2.32 6.32 39.68
CA ILE B 382 -3.42 5.84 38.86
C ILE B 382 -4.37 7.01 38.61
N ASP B 383 -5.01 6.99 37.45
CA ASP B 383 -6.00 8.03 37.14
C ASP B 383 -7.12 8.03 38.17
N GLU B 384 -7.42 9.21 38.72
CA GLU B 384 -8.47 9.31 39.73
C GLU B 384 -9.84 9.03 39.14
N ALA B 385 -10.08 9.42 37.89
CA ALA B 385 -11.35 9.17 37.23
C ALA B 385 -11.71 7.69 37.21
N LEU B 386 -10.71 6.80 37.21
CA LEU B 386 -11.02 5.39 37.25
C LEU B 386 -11.44 4.96 38.64
N LEU B 387 -11.21 5.82 39.64
CA LEU B 387 -11.40 5.51 41.04
C LEU B 387 -12.64 6.28 41.47
N ARG B 388 -13.79 5.63 41.40
CA ARG B 388 -15.06 6.25 41.76
C ARG B 388 -15.89 5.31 42.62
N PRO B 389 -16.92 5.84 43.29
CA PRO B 389 -17.90 4.99 43.98
C PRO B 389 -18.66 4.04 43.07
N GLY B 390 -18.34 4.05 41.77
CA GLY B 390 -19.07 3.37 40.73
C GLY B 390 -18.24 2.42 39.89
N ARG B 391 -16.93 2.37 40.10
CA ARG B 391 -16.07 1.41 39.43
C ARG B 391 -14.74 1.29 40.18
N LEU B 392 -14.29 0.04 40.33
CA LEU B 392 -13.06 -0.27 41.06
C LEU B 392 -13.00 0.47 42.38
N GLU B 393 -13.96 0.11 43.26
CA GLU B 393 -14.24 0.80 44.50
C GLU B 393 -13.38 0.26 45.64
N VAL B 394 -13.43 -1.06 45.87
CA VAL B 394 -12.68 -1.64 46.97
C VAL B 394 -11.22 -1.79 46.60
N LYS B 395 -10.36 -1.41 47.55
CA LYS B 395 -8.92 -1.50 47.42
C LYS B 395 -8.37 -2.14 48.68
N MET B 396 -7.40 -3.04 48.51
CA MET B 396 -6.84 -3.69 49.69
C MET B 396 -5.32 -3.71 49.61
N GLU B 397 -4.71 -3.63 50.79
CA GLU B 397 -3.27 -3.62 50.95
C GLU B 397 -2.79 -4.99 51.42
N ILE B 398 -1.73 -5.47 50.79
CA ILE B 398 -1.05 -6.70 51.18
C ILE B 398 0.36 -6.33 51.60
N GLY B 399 0.71 -6.62 52.85
CA GLY B 399 1.99 -6.23 53.40
C GLY B 399 2.83 -7.44 53.76
N LEU B 400 3.94 -7.19 54.43
CA LEU B 400 4.84 -8.26 54.83
C LEU B 400 4.20 -9.06 55.96
N PRO B 401 4.47 -10.37 56.03
CA PRO B 401 3.86 -11.20 57.09
C PRO B 401 4.55 -11.07 58.45
N ASP B 402 3.91 -11.61 59.48
CA ASP B 402 4.51 -11.68 60.80
C ASP B 402 5.02 -13.10 61.05
N GLU B 403 5.46 -13.37 62.29
CA GLU B 403 6.02 -14.69 62.61
C GLU B 403 5.06 -15.81 62.26
N LYS B 404 3.77 -15.66 62.62
CA LYS B 404 2.82 -16.73 62.37
C LYS B 404 2.69 -17.02 60.88
N GLY B 405 2.62 -15.98 60.06
CA GLY B 405 2.55 -16.18 58.62
C GLY B 405 3.78 -16.88 58.08
N ARG B 406 4.96 -16.50 58.58
CA ARG B 406 6.19 -17.17 58.18
C ARG B 406 6.14 -18.65 58.54
N LEU B 407 5.67 -18.98 59.74
CA LEU B 407 5.55 -20.37 60.16
C LEU B 407 4.60 -21.13 59.24
N GLN B 408 3.46 -20.53 58.93
CA GLN B 408 2.49 -21.20 58.07
C GLN B 408 3.07 -21.43 56.67
N ILE B 409 3.78 -20.45 56.13
CA ILE B 409 4.39 -20.59 54.82
C ILE B 409 5.44 -21.70 54.84
N LEU B 410 6.24 -21.75 55.91
CA LEU B 410 7.24 -22.81 56.02
C LEU B 410 6.57 -24.18 56.08
N HIS B 411 5.49 -24.30 56.85
CA HIS B 411 4.75 -25.56 56.87
C HIS B 411 4.27 -25.94 55.48
N ILE B 412 3.73 -24.96 54.75
CA ILE B 412 3.20 -25.23 53.41
C ILE B 412 4.32 -25.74 52.50
N HIS B 413 5.48 -25.10 52.56
CA HIS B 413 6.58 -25.44 51.67
C HIS B 413 7.39 -26.64 52.13
N THR B 414 7.17 -27.13 53.36
CA THR B 414 7.87 -28.30 53.87
C THR B 414 6.97 -29.51 54.02
N ALA B 415 5.67 -29.38 53.75
CA ALA B 415 4.78 -30.54 53.87
C ALA B 415 5.25 -31.70 53.02
N ARG B 416 5.57 -31.44 51.75
CA ARG B 416 5.97 -32.53 50.86
C ARG B 416 7.23 -33.22 51.36
N MET B 417 8.23 -32.43 51.80
CA MET B 417 9.46 -33.03 52.29
C MET B 417 9.21 -33.85 53.54
N ARG B 418 8.36 -33.36 54.43
CA ARG B 418 8.03 -34.13 55.63
C ARG B 418 7.27 -35.40 55.27
N GLY B 419 6.55 -35.40 54.14
CA GLY B 419 5.77 -36.57 53.77
C GLY B 419 6.62 -37.79 53.49
N HIS B 420 7.72 -37.62 52.76
CA HIS B 420 8.55 -38.75 52.33
C HIS B 420 9.66 -39.06 53.33
N GLN B 421 9.58 -38.54 54.55
CA GLN B 421 10.58 -38.79 55.58
C GLN B 421 11.98 -38.40 55.10
N LEU B 422 12.05 -37.34 54.29
CA LEU B 422 13.30 -36.86 53.73
C LEU B 422 13.81 -35.60 54.44
N LEU B 423 13.12 -35.17 55.50
CA LEU B 423 13.53 -34.02 56.30
C LEU B 423 14.06 -34.52 57.63
N SER B 424 15.30 -34.15 57.95
CA SER B 424 15.92 -34.61 59.19
C SER B 424 15.12 -34.13 60.40
N ALA B 425 15.09 -34.97 61.42
CA ALA B 425 14.37 -34.65 62.66
C ALA B 425 15.04 -33.53 63.45
N ASP B 426 16.29 -33.21 63.14
CA ASP B 426 17.00 -32.17 63.88
C ASP B 426 16.47 -30.78 63.56
N VAL B 427 16.00 -30.56 62.33
CA VAL B 427 15.55 -29.23 61.93
C VAL B 427 14.34 -28.81 62.76
N ASP B 428 14.32 -27.54 63.15
CA ASP B 428 13.19 -26.95 63.85
C ASP B 428 12.65 -25.79 63.02
N ILE B 429 11.32 -25.66 62.98
CA ILE B 429 10.70 -24.63 62.17
C ILE B 429 10.41 -23.36 62.97
N LYS B 430 10.13 -23.48 64.27
CA LYS B 430 9.92 -22.29 65.08
C LYS B 430 11.18 -21.44 65.15
N GLU B 431 12.34 -22.08 65.31
CA GLU B 431 13.60 -21.34 65.30
C GLU B 431 13.79 -20.60 63.98
N LEU B 432 13.52 -21.28 62.86
CA LEU B 432 13.67 -20.64 61.56
C LEU B 432 12.73 -19.44 61.43
N ALA B 433 11.48 -19.61 61.84
CA ALA B 433 10.54 -18.50 61.79
C ALA B 433 11.02 -17.33 62.65
N VAL B 434 11.57 -17.63 63.82
CA VAL B 434 12.08 -16.58 64.70
C VAL B 434 13.22 -15.82 64.02
N GLU B 435 14.19 -16.55 63.46
CA GLU B 435 15.38 -15.91 62.94
C GLU B 435 15.06 -15.05 61.72
N THR B 436 14.34 -15.61 60.75
CA THR B 436 14.04 -14.88 59.52
C THR B 436 13.14 -13.70 59.85
N LYS B 437 13.65 -12.49 59.66
CA LYS B 437 12.94 -11.26 59.95
C LYS B 437 12.85 -10.40 58.70
N ASN B 438 11.71 -9.72 58.54
CA ASN B 438 11.47 -8.87 57.37
C ASN B 438 11.59 -9.67 56.08
N PHE B 439 11.32 -10.97 56.14
CA PHE B 439 11.41 -11.85 55.00
C PHE B 439 10.05 -11.97 54.31
N SER B 440 10.08 -12.31 53.03
CA SER B 440 8.88 -12.47 52.23
C SER B 440 8.77 -13.90 51.73
N GLY B 441 7.58 -14.24 51.22
CA GLY B 441 7.33 -15.59 50.77
C GLY B 441 8.32 -16.05 49.72
N ALA B 442 8.60 -15.20 48.74
CA ALA B 442 9.58 -15.55 47.71
C ALA B 442 10.94 -15.81 48.34
N GLU B 443 11.36 -14.95 49.27
CA GLU B 443 12.64 -15.16 49.94
C GLU B 443 12.67 -16.46 50.72
N LEU B 444 11.58 -16.78 51.42
CA LEU B 444 11.53 -18.01 52.20
C LEU B 444 11.58 -19.24 51.30
N GLU B 445 10.84 -19.22 50.18
CA GLU B 445 10.88 -20.35 49.25
C GLU B 445 12.28 -20.50 48.65
N GLY B 446 12.91 -19.38 48.32
CA GLY B 446 14.30 -19.43 47.87
C GLY B 446 15.22 -20.02 48.93
N LEU B 447 14.98 -19.68 50.20
CA LEU B 447 15.76 -20.25 51.29
C LEU B 447 15.62 -21.77 51.33
N VAL B 448 14.38 -22.26 51.25
CA VAL B 448 14.16 -23.70 51.28
C VAL B 448 14.83 -24.38 50.09
N ARG B 449 14.71 -23.77 48.90
CA ARG B 449 15.36 -24.32 47.72
C ARG B 449 16.87 -24.35 47.88
N ALA B 450 17.44 -23.28 48.43
CA ALA B 450 18.89 -23.23 48.63
C ALA B 450 19.34 -24.30 49.63
N ALA B 451 18.57 -24.51 50.69
CA ALA B 451 18.91 -25.56 51.65
C ALA B 451 18.88 -26.92 50.98
N GLN B 452 17.86 -27.17 50.16
CA GLN B 452 17.80 -28.43 49.42
C GLN B 452 19.02 -28.58 48.52
N SER B 453 19.39 -27.51 47.82
CA SER B 453 20.53 -27.58 46.91
C SER B 453 21.84 -27.82 47.66
N THR B 454 21.98 -27.23 48.85
CA THR B 454 23.19 -27.45 49.65
C THR B 454 23.26 -28.89 50.12
N ALA B 455 22.18 -29.39 50.73
CA ALA B 455 22.14 -30.80 51.11
C ALA B 455 22.43 -31.69 49.92
N MET B 456 21.96 -31.29 48.74
CA MET B 456 22.21 -32.07 47.54
C MET B 456 23.70 -32.08 47.18
N ASN B 457 24.31 -30.89 47.09
CA ASN B 457 25.71 -30.81 46.71
C ASN B 457 26.59 -31.55 47.70
N ARG B 458 26.15 -31.67 48.95
CA ARG B 458 26.92 -32.44 49.92
C ARG B 458 27.08 -33.89 49.48
N HIS B 459 26.14 -34.40 48.68
CA HIS B 459 26.18 -35.78 48.20
C HIS B 459 26.71 -35.93 46.79
N ILE B 460 26.99 -34.82 46.09
CA ILE B 460 27.50 -34.89 44.72
C ILE B 460 29.02 -35.06 44.69
N LYS B 461 29.67 -35.17 45.85
CA LYS B 461 31.11 -35.33 45.92
C LYS B 461 31.55 -36.62 46.61
N ALA B 462 30.62 -37.44 47.08
CA ALA B 462 30.97 -38.61 47.88
C ALA B 462 30.35 -39.89 47.37
N SER B 463 29.13 -39.85 46.85
CA SER B 463 28.42 -41.05 46.41
C SER B 463 28.29 -41.12 44.90
N THR B 464 27.62 -40.15 44.28
CA THR B 464 27.52 -40.14 42.82
C THR B 464 28.80 -39.66 42.16
N LYS B 465 29.66 -38.95 42.89
CA LYS B 465 30.95 -38.55 42.32
C LYS B 465 31.80 -39.77 42.00
N VAL B 466 31.82 -40.75 42.90
CA VAL B 466 32.63 -41.94 42.73
C VAL B 466 31.83 -43.10 42.15
N GLU B 467 30.55 -42.88 41.83
CA GLU B 467 29.68 -43.92 41.29
C GLU B 467 29.63 -45.14 42.22
N VAL B 468 29.58 -44.87 43.52
CA VAL B 468 29.50 -45.91 44.52
C VAL B 468 28.02 -46.06 44.91
N ASP B 469 27.73 -47.11 45.67
CA ASP B 469 26.35 -47.43 46.05
C ASP B 469 25.53 -46.19 46.38
N MET B 470 24.39 -46.05 45.71
CA MET B 470 23.51 -44.93 45.97
C MET B 470 22.74 -45.07 47.28
N GLU B 471 23.06 -46.11 48.06
CA GLU B 471 22.46 -46.25 49.38
C GLU B 471 22.82 -45.06 50.26
N LYS B 472 24.08 -44.66 50.24
CA LYS B 472 24.46 -43.44 50.94
C LYS B 472 23.88 -42.23 50.23
N ALA B 473 23.67 -42.33 48.92
CA ALA B 473 22.95 -41.26 48.24
C ALA B 473 21.47 -41.29 48.58
N GLU B 474 20.92 -42.47 48.86
CA GLU B 474 19.52 -42.52 49.24
C GLU B 474 19.31 -42.21 50.73
N SER B 475 20.38 -42.12 51.52
CA SER B 475 20.27 -41.66 52.90
C SER B 475 20.22 -40.14 52.99
N LEU B 476 20.00 -39.47 51.86
CA LEU B 476 19.95 -38.02 51.82
C LEU B 476 18.94 -37.48 52.82
N GLN B 477 19.34 -36.56 53.65
CA GLN B 477 18.48 -35.95 54.66
C GLN B 477 18.99 -34.52 54.87
N VAL B 478 18.14 -33.54 54.55
CA VAL B 478 18.51 -32.15 54.81
C VAL B 478 18.48 -31.91 56.31
N THR B 479 19.55 -31.31 56.82
CA THR B 479 19.72 -31.10 58.25
C THR B 479 19.81 -29.61 58.57
N ARG B 480 19.83 -29.31 59.86
CA ARG B 480 19.94 -27.93 60.32
C ARG B 480 21.20 -27.27 59.79
N GLY B 481 22.29 -28.02 59.64
CA GLY B 481 23.52 -27.44 59.14
C GLY B 481 23.35 -26.80 57.78
N ASP B 482 22.59 -27.45 56.89
CA ASP B 482 22.38 -26.90 55.55
C ASP B 482 21.66 -25.55 55.63
N PHE B 483 20.59 -25.47 56.41
CA PHE B 483 19.88 -24.20 56.57
C PHE B 483 20.79 -23.14 57.15
N LEU B 484 21.50 -23.46 58.23
CA LEU B 484 22.34 -22.46 58.90
C LEU B 484 23.59 -22.12 58.11
N ALA B 485 23.91 -22.88 57.05
CA ALA B 485 24.95 -22.48 56.12
C ALA B 485 24.41 -21.65 54.98
N SER B 486 23.19 -21.93 54.54
CA SER B 486 22.57 -21.16 53.46
C SER B 486 22.04 -19.80 53.94
N LEU B 487 21.53 -19.73 55.17
CA LEU B 487 20.93 -18.51 55.67
C LEU B 487 21.92 -17.36 55.79
N GLU B 488 23.21 -17.62 55.60
CA GLU B 488 24.25 -16.61 55.81
C GLU B 488 25.00 -16.22 54.55
N ASN B 489 24.94 -17.01 53.48
CA ASN B 489 25.78 -16.77 52.31
C ASN B 489 25.01 -16.90 50.99
N ASP B 490 23.68 -17.01 51.01
CA ASP B 490 22.93 -17.25 49.78
C ASP B 490 21.80 -16.25 49.55
N ILE B 491 21.13 -15.79 50.60
CA ILE B 491 19.92 -14.98 50.47
C ILE B 491 20.19 -13.61 51.07
N LYS B 492 19.84 -12.57 50.31
CA LYS B 492 19.97 -11.18 50.75
C LYS B 492 18.59 -10.54 50.77
N PRO B 493 17.96 -10.40 51.94
CA PRO B 493 16.63 -9.78 51.98
C PRO B 493 16.67 -8.33 51.52
N ALA B 494 15.57 -7.90 50.88
CA ALA B 494 15.48 -6.53 50.41
C ALA B 494 15.18 -5.55 51.54
N PHE B 495 14.42 -5.98 52.54
CA PHE B 495 13.99 -5.11 53.63
C PHE B 495 14.64 -5.49 54.96
N GLY B 496 15.75 -6.24 54.92
CA GLY B 496 16.40 -6.71 56.12
C GLY B 496 17.87 -6.29 56.15
N THR B 497 18.48 -6.51 57.30
CA THR B 497 19.88 -6.12 57.49
C THR B 497 20.77 -6.79 56.43
N ASN B 498 21.95 -6.21 56.25
CA ASN B 498 22.93 -6.71 55.29
C ASN B 498 24.31 -6.52 55.90
N GLN B 499 24.93 -7.63 56.32
CA GLN B 499 26.15 -7.59 57.10
C GLN B 499 27.40 -7.57 56.21
N GLU B 500 27.46 -6.60 55.29
CA GLU B 500 28.65 -6.38 54.48
C GLU B 500 29.05 -4.91 54.53
N ASP B 501 28.08 -4.01 54.70
CA ASP B 501 28.38 -2.60 54.83
C ASP B 501 29.20 -2.31 56.09
N TYR B 502 28.85 -2.95 57.21
CA TYR B 502 29.57 -2.69 58.45
C TYR B 502 31.05 -3.02 58.31
N ALA B 503 31.36 -4.24 57.85
CA ALA B 503 32.74 -4.62 57.63
C ALA B 503 33.42 -3.73 56.59
N SER B 504 32.64 -3.15 55.68
CA SER B 504 33.22 -2.26 54.68
C SER B 504 33.56 -0.89 55.25
N TYR B 505 32.83 -0.46 56.27
CA TYR B 505 33.03 0.87 56.89
C TYR B 505 34.03 0.75 58.04
N ILE B 506 33.86 -0.20 58.97
CA ILE B 506 34.74 -0.34 60.14
C ILE B 506 35.94 -1.16 59.68
N MET B 507 36.91 -0.47 59.09
CA MET B 507 38.03 -1.16 58.45
C MET B 507 39.07 -1.65 59.46
N ASN B 508 39.18 -1.00 60.62
CA ASN B 508 40.20 -1.36 61.60
C ASN B 508 39.61 -1.44 63.01
N GLY B 509 38.36 -1.86 63.14
CA GLY B 509 37.79 -2.07 64.46
C GLY B 509 37.66 -0.77 65.24
N ILE B 510 37.39 -0.93 66.54
CA ILE B 510 37.22 0.18 67.46
C ILE B 510 38.11 -0.08 68.67
N ILE B 511 39.29 0.50 68.69
CA ILE B 511 40.19 0.42 69.83
C ILE B 511 39.85 1.55 70.78
N LYS B 512 39.87 1.27 72.09
CA LYS B 512 39.55 2.27 73.10
C LYS B 512 40.85 2.96 73.51
N TRP B 513 40.97 4.24 73.17
CA TRP B 513 42.13 5.05 73.53
C TRP B 513 41.82 6.09 74.59
N GLY B 514 40.56 6.30 74.93
CA GLY B 514 40.21 7.29 75.92
C GLY B 514 38.77 7.14 76.36
N ASP B 515 38.43 7.85 77.42
CA ASP B 515 37.08 7.79 77.96
C ASP B 515 36.01 8.23 76.97
N PRO B 516 36.17 9.31 76.20
CA PRO B 516 35.06 9.79 75.36
C PRO B 516 34.34 8.71 74.58
N VAL B 517 35.05 7.67 74.14
CA VAL B 517 34.42 6.59 73.38
C VAL B 517 33.31 5.93 74.21
N THR B 518 33.61 5.63 75.47
CA THR B 518 32.61 5.03 76.35
C THR B 518 31.40 5.93 76.51
N ARG B 519 31.62 7.23 76.72
CA ARG B 519 30.52 8.17 76.85
C ARG B 519 29.65 8.17 75.60
N VAL B 520 30.30 8.23 74.42
CA VAL B 520 29.55 8.27 73.17
C VAL B 520 28.72 7.00 73.01
N LEU B 521 29.32 5.85 73.29
CA LEU B 521 28.59 4.59 73.13
C LEU B 521 27.41 4.53 74.09
N ASP B 522 27.60 4.96 75.35
CA ASP B 522 26.50 4.97 76.30
C ASP B 522 25.39 5.90 75.84
N ASP B 523 25.74 7.08 75.33
CA ASP B 523 24.72 8.01 74.86
C ASP B 523 23.94 7.42 73.70
N GLY B 524 24.63 6.79 72.75
CA GLY B 524 23.94 6.15 71.65
C GLY B 524 23.01 5.05 72.13
N GLU B 525 23.46 4.24 73.09
CA GLU B 525 22.60 3.19 73.64
C GLU B 525 21.36 3.79 74.28
N LEU B 526 21.54 4.89 75.04
CA LEU B 526 20.39 5.55 75.64
C LEU B 526 19.41 6.05 74.60
N LEU B 527 19.93 6.66 73.52
CA LEU B 527 19.06 7.09 72.43
C LEU B 527 18.28 5.91 71.85
N VAL B 528 18.97 4.79 71.61
CA VAL B 528 18.32 3.63 71.01
C VAL B 528 17.20 3.13 71.92
N GLN B 529 17.49 3.01 73.22
CA GLN B 529 16.47 2.54 74.15
C GLN B 529 15.28 3.49 74.19
N GLN B 530 15.56 4.80 74.19
CA GLN B 530 14.48 5.77 74.22
C GLN B 530 13.57 5.61 73.00
N THR B 531 14.17 5.53 71.81
CA THR B 531 13.37 5.30 70.61
C THR B 531 12.53 4.04 70.73
N LYS B 532 13.15 2.94 71.18
CA LYS B 532 12.42 1.67 71.22
C LYS B 532 11.26 1.74 72.20
N ASN B 533 11.43 2.38 73.35
CA ASN B 533 10.49 2.25 74.46
C ASN B 533 9.51 3.41 74.56
N SER B 534 9.62 4.43 73.72
CA SER B 534 8.75 5.59 73.84
C SER B 534 7.46 5.38 73.06
N ASP B 535 6.46 6.21 73.37
CA ASP B 535 5.15 6.16 72.72
C ASP B 535 4.75 7.49 72.10
N ARG B 536 5.08 8.61 72.75
CA ARG B 536 4.68 9.93 72.32
C ARG B 536 5.80 10.67 71.57
N THR B 537 6.79 9.93 71.08
CA THR B 537 7.92 10.51 70.35
C THR B 537 8.43 9.50 69.35
N PRO B 538 7.63 9.20 68.31
CA PRO B 538 8.01 8.13 67.38
C PRO B 538 9.23 8.47 66.52
N LEU B 539 9.60 9.74 66.42
CA LEU B 539 10.71 10.20 65.60
C LEU B 539 11.76 10.81 66.51
N VAL B 540 13.03 10.49 66.24
CA VAL B 540 14.14 10.99 67.03
C VAL B 540 15.32 11.20 66.10
N SER B 541 16.14 12.20 66.40
CA SER B 541 17.30 12.54 65.58
C SER B 541 18.48 12.86 66.47
N VAL B 542 19.68 12.67 65.93
CA VAL B 542 20.92 12.98 66.62
C VAL B 542 21.97 13.31 65.58
N LEU B 543 22.86 14.24 65.91
CA LEU B 543 23.89 14.70 65.00
C LEU B 543 25.26 14.51 65.65
N LEU B 544 26.16 13.85 64.94
CA LEU B 544 27.54 13.67 65.38
C LEU B 544 28.41 14.69 64.66
N GLU B 545 29.27 15.36 65.40
CA GLU B 545 30.15 16.37 64.83
C GLU B 545 31.52 16.27 65.47
N GLY B 546 32.53 16.74 64.74
CA GLY B 546 33.88 16.78 65.22
C GLY B 546 34.85 17.27 64.16
N PRO B 547 36.12 17.44 64.55
CA PRO B 547 37.12 17.87 63.56
C PRO B 547 37.34 16.80 62.52
N PRO B 548 37.92 17.15 61.37
CA PRO B 548 38.13 16.14 60.33
C PRO B 548 39.04 15.02 60.79
N HIS B 549 38.79 13.81 60.25
CA HIS B 549 39.65 12.65 60.47
C HIS B 549 39.59 12.17 61.92
N SER B 550 38.46 12.39 62.60
CA SER B 550 38.30 12.00 63.99
C SER B 550 37.64 10.64 64.18
N GLY B 551 37.09 10.04 63.13
CA GLY B 551 36.47 8.74 63.23
C GLY B 551 34.98 8.82 63.48
N LYS B 552 34.31 9.69 62.73
CA LYS B 552 32.86 9.84 62.88
C LYS B 552 32.12 8.66 62.25
N THR B 553 32.39 8.40 60.96
CA THR B 553 31.66 7.37 60.23
C THR B 553 31.75 6.02 60.93
N ALA B 554 32.94 5.63 61.38
CA ALA B 554 33.10 4.34 62.04
C ALA B 554 32.25 4.26 63.30
N LEU B 555 32.26 5.32 64.11
CA LEU B 555 31.47 5.31 65.35
C LEU B 555 29.99 5.24 65.05
N ALA B 556 29.53 5.99 64.04
CA ALA B 556 28.13 5.93 63.65
C ALA B 556 27.75 4.52 63.19
N ALA B 557 28.61 3.90 62.38
CA ALA B 557 28.33 2.54 61.93
C ALA B 557 28.25 1.57 63.09
N LYS B 558 29.17 1.69 64.06
CA LYS B 558 29.17 0.78 65.20
C LYS B 558 27.91 0.95 66.03
N ILE B 559 27.52 2.20 66.32
CA ILE B 559 26.32 2.42 67.12
C ILE B 559 25.09 1.91 66.39
N ALA B 560 25.05 2.10 65.06
CA ALA B 560 23.94 1.57 64.29
C ALA B 560 23.90 0.04 64.36
N GLU B 561 25.06 -0.60 64.23
CA GLU B 561 25.12 -2.06 64.26
C GLU B 561 24.63 -2.59 65.60
N GLU B 562 24.98 -1.91 66.69
CA GLU B 562 24.65 -2.38 68.03
C GLU B 562 23.20 -2.09 68.42
N SER B 563 22.32 -1.78 67.45
CA SER B 563 20.92 -1.53 67.75
C SER B 563 20.06 -2.78 67.65
N ASN B 564 20.44 -3.73 66.80
CA ASN B 564 19.72 -4.99 66.61
C ASN B 564 18.37 -4.81 65.94
N PHE B 565 18.14 -3.68 65.28
CA PHE B 565 16.88 -3.46 64.60
C PHE B 565 16.76 -4.36 63.36
N PRO B 566 15.54 -4.73 62.97
CA PRO B 566 15.40 -5.61 61.80
C PRO B 566 15.76 -4.95 60.48
N PHE B 567 15.64 -3.63 60.37
CA PHE B 567 15.97 -2.90 59.15
C PHE B 567 17.03 -1.86 59.45
N ILE B 568 18.06 -1.79 58.60
CA ILE B 568 19.13 -0.80 58.72
C ILE B 568 19.62 -0.46 57.33
N LYS B 569 20.01 0.80 57.14
CA LYS B 569 20.53 1.23 55.85
C LYS B 569 21.46 2.42 56.04
N ILE B 570 22.47 2.50 55.17
CA ILE B 570 23.43 3.65 55.16
C ILE B 570 23.44 4.19 53.74
N CYS B 571 23.64 5.50 53.55
CA CYS B 571 23.69 6.16 52.22
C CYS B 571 24.90 7.07 52.18
N SER B 572 25.77 6.93 51.18
CA SER B 572 27.04 7.69 51.09
C SER B 572 27.11 8.44 49.78
N PRO B 573 27.83 9.56 49.71
CA PRO B 573 27.93 10.25 48.45
C PRO B 573 28.51 9.27 47.43
N ASP B 574 29.36 8.34 47.86
CA ASP B 574 30.08 7.43 46.94
C ASP B 574 29.17 6.76 45.92
N LYS B 575 27.93 6.43 46.26
CA LYS B 575 27.07 5.62 45.38
C LYS B 575 26.23 6.52 44.47
N MET B 576 26.65 7.75 44.24
CA MET B 576 25.85 8.72 43.44
C MET B 576 26.76 9.64 42.64
N ILE B 577 28.03 9.32 42.44
CA ILE B 577 28.97 10.22 41.79
C ILE B 577 28.47 10.57 40.40
N GLY B 578 28.53 11.85 40.06
CA GLY B 578 28.14 12.33 38.76
C GLY B 578 26.64 12.51 38.57
N PHE B 579 25.82 12.16 39.56
CA PHE B 579 24.39 12.26 39.40
C PHE B 579 23.97 13.74 39.33
N SER B 580 22.69 13.96 39.07
CA SER B 580 22.09 15.28 39.15
C SER B 580 21.20 15.37 40.38
N GLU B 581 20.92 16.61 40.80
CA GLU B 581 20.17 16.84 42.04
C GLU B 581 18.86 16.05 42.06
N THR B 582 18.14 16.00 40.94
CA THR B 582 16.87 15.26 40.92
C THR B 582 17.09 13.80 41.25
N ALA B 583 18.14 13.19 40.69
CA ALA B 583 18.41 11.78 40.97
C ALA B 583 18.73 11.56 42.43
N LYS B 584 19.52 12.46 43.03
CA LYS B 584 19.82 12.34 44.46
C LYS B 584 18.54 12.40 45.29
N CYS B 585 17.66 13.36 44.96
CA CYS B 585 16.39 13.47 45.65
C CYS B 585 15.57 12.19 45.50
N GLN B 586 15.53 11.63 44.29
CA GLN B 586 14.79 10.40 44.06
C GLN B 586 15.35 9.26 44.92
N ALA B 587 16.67 9.15 44.99
CA ALA B 587 17.30 8.11 45.80
C ALA B 587 16.93 8.28 47.27
N MET B 588 17.03 9.51 47.78
CA MET B 588 16.75 9.74 49.19
C MET B 588 15.30 9.42 49.52
N LYS B 589 14.37 9.87 48.68
CA LYS B 589 12.97 9.59 48.92
C LYS B 589 12.67 8.11 48.82
N LYS B 590 13.31 7.41 47.87
CA LYS B 590 13.10 5.97 47.76
C LYS B 590 13.57 5.25 49.01
N ILE B 591 14.75 5.62 49.52
CA ILE B 591 15.26 4.99 50.73
C ILE B 591 14.29 5.21 51.89
N PHE B 592 13.85 6.46 52.08
CA PHE B 592 12.98 6.75 53.20
C PHE B 592 11.63 6.07 53.04
N ASP B 593 11.08 6.02 51.82
CA ASP B 593 9.84 5.33 51.56
C ASP B 593 9.95 3.84 51.91
N ASP B 594 11.04 3.20 51.47
CA ASP B 594 11.25 1.81 51.83
C ASP B 594 11.29 1.64 53.34
N ALA B 595 12.03 2.53 54.02
CA ALA B 595 12.13 2.45 55.47
C ALA B 595 10.78 2.60 56.15
N TYR B 596 9.88 3.41 55.57
CA TYR B 596 8.59 3.68 56.20
C TYR B 596 7.78 2.41 56.44
N LYS B 597 8.10 1.31 55.76
CA LYS B 597 7.24 0.13 55.73
C LYS B 597 7.55 -0.90 56.81
N SER B 598 8.50 -0.62 57.69
CA SER B 598 8.83 -1.54 58.77
C SER B 598 8.28 -1.01 60.10
N GLN B 599 8.29 -1.89 61.11
CA GLN B 599 7.90 -1.51 62.46
C GLN B 599 9.07 -0.94 63.24
N LEU B 600 10.31 -1.14 62.77
CA LEU B 600 11.50 -0.62 63.41
C LEU B 600 12.58 -0.50 62.34
N SER B 601 13.31 0.60 62.34
CA SER B 601 14.27 0.86 61.28
C SER B 601 15.32 1.85 61.77
N CYS B 602 16.44 1.88 61.05
CA CYS B 602 17.52 2.82 61.35
C CYS B 602 18.22 3.17 60.04
N VAL B 603 18.38 4.47 59.80
CA VAL B 603 19.00 4.96 58.58
C VAL B 603 20.15 5.88 58.98
N VAL B 604 21.20 5.86 58.16
CA VAL B 604 22.39 6.68 58.39
C VAL B 604 22.61 7.54 57.15
N VAL B 605 22.70 8.85 57.35
CA VAL B 605 23.06 9.79 56.30
C VAL B 605 24.42 10.35 56.65
N ASP B 606 25.40 10.03 55.81
CA ASP B 606 26.82 10.39 56.08
C ASP B 606 27.29 11.57 55.25
N ASP B 607 28.21 12.37 55.78
CA ASP B 607 28.81 13.52 55.09
C ASP B 607 27.73 14.43 54.51
N ILE B 608 26.93 15.01 55.42
CA ILE B 608 25.83 15.85 55.00
C ILE B 608 26.34 16.99 54.11
N GLU B 609 27.49 17.57 54.46
CA GLU B 609 28.01 18.69 53.69
C GLU B 609 28.24 18.30 52.24
N ARG B 610 28.57 17.02 51.98
CA ARG B 610 28.86 16.60 50.60
C ARG B 610 27.59 16.45 49.78
N LEU B 611 26.49 16.02 50.41
CA LEU B 611 25.23 15.91 49.67
C LEU B 611 24.79 17.27 49.13
N LEU B 612 24.97 18.33 49.91
CA LEU B 612 24.58 19.67 49.47
C LEU B 612 25.58 20.29 48.50
N ASP B 613 26.77 19.72 48.35
CA ASP B 613 27.80 20.26 47.46
C ASP B 613 28.21 21.67 47.90
N TYR B 614 28.69 21.76 49.14
CA TYR B 614 29.17 23.03 49.67
C TYR B 614 30.57 23.34 49.16
N VAL B 615 30.84 24.62 48.99
CA VAL B 615 32.17 25.13 48.68
C VAL B 615 32.28 26.53 49.28
N PRO B 616 33.32 26.82 50.09
CA PRO B 616 33.34 28.13 50.78
C PRO B 616 33.28 29.31 49.84
N ILE B 617 33.99 29.27 48.70
CA ILE B 617 33.88 30.36 47.74
C ILE B 617 32.43 30.46 47.29
N GLY B 618 31.97 31.68 47.06
CA GLY B 618 30.56 31.93 46.84
C GLY B 618 29.88 32.47 48.08
N PRO B 619 29.22 31.61 48.85
CA PRO B 619 29.16 30.13 48.75
C PRO B 619 28.21 29.65 47.67
N ARG B 620 28.26 28.36 47.34
CA ARG B 620 27.31 27.75 46.43
C ARG B 620 26.93 26.36 46.95
N PHE B 621 25.74 25.91 46.56
CA PHE B 621 25.18 24.66 47.04
C PHE B 621 23.86 24.44 46.29
N SER B 622 23.29 23.26 46.47
CA SER B 622 22.00 22.91 45.88
C SER B 622 20.92 23.11 46.93
N ASN B 623 20.13 24.18 46.76
CA ASN B 623 19.05 24.47 47.71
C ASN B 623 18.00 23.36 47.71
N LEU B 624 17.72 22.77 46.54
CA LEU B 624 16.64 21.80 46.43
C LEU B 624 16.84 20.62 47.38
N VAL B 625 18.03 20.02 47.35
CA VAL B 625 18.31 18.89 48.23
C VAL B 625 18.20 19.31 49.69
N LEU B 626 18.60 20.54 50.00
CA LEU B 626 18.50 21.03 51.38
C LEU B 626 17.04 21.08 51.82
N GLN B 627 16.17 21.63 50.98
CA GLN B 627 14.75 21.67 51.33
C GLN B 627 14.17 20.28 51.49
N ALA B 628 14.53 19.37 50.59
CA ALA B 628 14.04 17.99 50.70
C ALA B 628 14.45 17.37 52.03
N LEU B 629 15.73 17.49 52.38
CA LEU B 629 16.21 16.92 53.64
C LEU B 629 15.53 17.56 54.83
N LEU B 630 15.41 18.89 54.83
CA LEU B 630 14.80 19.59 55.96
C LEU B 630 13.36 19.14 56.16
N VAL B 631 12.59 19.05 55.08
CA VAL B 631 11.21 18.61 55.18
C VAL B 631 11.16 17.18 55.69
N LEU B 632 11.99 16.29 55.12
CA LEU B 632 11.94 14.90 55.53
C LEU B 632 12.26 14.74 57.02
N LEU B 633 13.18 15.56 57.54
CA LEU B 633 13.58 15.40 58.93
C LEU B 633 12.43 15.60 59.93
N LYS B 634 11.26 16.07 59.48
CA LYS B 634 10.15 16.35 60.37
C LYS B 634 8.85 15.75 59.86
N LYS B 635 8.93 14.57 59.25
CA LYS B 635 7.75 13.85 58.79
C LYS B 635 7.62 12.56 59.60
N ALA B 636 6.47 12.40 60.27
CA ALA B 636 6.26 11.17 61.01
C ALA B 636 5.85 10.03 60.08
N PRO B 637 6.22 8.80 60.39
CA PRO B 637 5.73 7.66 59.58
C PRO B 637 4.26 7.40 59.84
N PRO B 638 3.66 6.45 59.14
CA PRO B 638 2.28 6.08 59.45
C PRO B 638 2.16 5.66 60.91
N GLN B 639 0.91 5.55 61.35
CA GLN B 639 0.66 5.30 62.77
C GLN B 639 1.34 4.02 63.24
N GLY B 640 1.89 4.08 64.45
CA GLY B 640 2.35 2.88 65.12
C GLY B 640 3.70 2.34 64.69
N ARG B 641 4.53 3.16 64.04
CA ARG B 641 5.84 2.71 63.59
C ARG B 641 6.90 3.69 64.07
N LYS B 642 8.12 3.18 64.25
CA LYS B 642 9.21 3.93 64.84
C LYS B 642 10.31 4.20 63.82
N LEU B 643 11.17 5.16 64.14
CA LEU B 643 12.26 5.55 63.25
C LEU B 643 13.39 6.14 64.08
N LEU B 644 14.55 6.27 63.45
CA LEU B 644 15.72 6.85 64.11
C LEU B 644 16.71 7.29 63.04
N ILE B 645 17.15 8.54 63.12
CA ILE B 645 17.99 9.16 62.10
C ILE B 645 19.29 9.59 62.76
N ILE B 646 20.41 9.30 62.10
CA ILE B 646 21.74 9.68 62.57
C ILE B 646 22.47 10.42 61.46
N GLY B 647 23.01 11.59 61.79
CA GLY B 647 23.71 12.42 60.82
C GLY B 647 25.15 12.65 61.21
N THR B 648 25.99 12.92 60.20
CA THR B 648 27.41 13.14 60.39
C THR B 648 27.83 14.38 59.63
N THR B 649 28.67 15.21 60.25
CA THR B 649 29.09 16.46 59.65
C THR B 649 30.46 16.84 60.19
N SER B 650 31.02 17.92 59.63
CA SER B 650 32.32 18.42 60.09
C SER B 650 32.39 19.94 60.16
N ARG B 651 31.28 20.66 59.96
CA ARG B 651 31.34 22.12 59.83
C ARG B 651 30.16 22.76 60.56
N LYS B 652 29.92 22.33 61.80
CA LYS B 652 28.69 22.66 62.51
C LYS B 652 28.25 24.11 62.36
N ASP B 653 29.20 25.05 62.28
CA ASP B 653 28.84 26.46 62.14
C ASP B 653 27.96 26.68 60.91
N VAL B 654 28.50 26.38 59.72
CA VAL B 654 27.77 26.64 58.49
C VAL B 654 26.43 25.93 58.52
N LEU B 655 26.40 24.73 59.09
CA LEU B 655 25.14 24.05 59.32
C LEU B 655 24.21 24.90 60.17
N GLN B 656 24.75 25.67 61.12
CA GLN B 656 23.91 26.50 61.96
C GLN B 656 23.35 27.69 61.18
N GLU B 657 24.19 28.34 60.37
CA GLU B 657 23.69 29.48 59.62
C GLU B 657 22.55 29.09 58.68
N MET B 658 22.54 27.87 58.17
CA MET B 658 21.44 27.43 57.32
C MET B 658 20.18 27.09 58.10
N GLU B 659 20.17 27.32 59.40
CA GLU B 659 18.94 27.18 60.25
C GLU B 659 18.53 25.72 60.42
N MET B 660 19.36 24.76 60.02
CA MET B 660 18.98 23.35 60.00
C MET B 660 19.14 22.68 61.37
N LEU B 661 19.90 23.29 62.28
CA LEU B 661 20.07 22.70 63.61
C LEU B 661 18.80 22.72 64.44
N ASN B 662 17.79 23.48 64.04
CA ASN B 662 16.52 23.45 64.77
C ASN B 662 15.86 22.09 64.61
N ALA B 663 15.97 21.51 63.41
CA ALA B 663 15.37 20.22 63.14
C ALA B 663 15.93 19.13 64.06
N PHE B 664 17.25 19.09 64.21
CA PHE B 664 17.86 18.04 65.01
C PHE B 664 17.45 18.15 66.47
N SER B 665 17.42 17.00 67.14
CA SER B 665 16.99 16.93 68.54
C SER B 665 18.13 17.08 69.53
N THR B 666 19.35 16.70 69.16
CA THR B 666 20.49 16.76 70.07
C THR B 666 21.75 16.59 69.25
N THR B 667 22.90 16.76 69.91
CA THR B 667 24.19 16.65 69.26
C THR B 667 25.17 15.98 70.20
N ILE B 668 26.21 15.38 69.61
CA ILE B 668 27.29 14.75 70.35
C ILE B 668 28.61 15.25 69.78
N HIS B 669 29.61 15.35 70.64
CA HIS B 669 30.92 15.86 70.25
C HIS B 669 31.96 14.76 70.36
N VAL B 670 32.76 14.58 69.31
CA VAL B 670 33.85 13.63 69.28
C VAL B 670 35.15 14.43 69.27
N PRO B 671 35.94 14.41 70.33
CA PRO B 671 37.17 15.21 70.37
C PRO B 671 38.32 14.47 69.70
N ASN B 672 39.50 15.07 69.79
CA ASN B 672 40.73 14.48 69.29
C ASN B 672 41.64 14.14 70.47
N ILE B 673 42.80 13.58 70.15
CA ILE B 673 43.81 13.28 71.16
C ILE B 673 44.60 14.54 71.45
N ALA B 674 44.89 14.79 72.74
CA ALA B 674 45.53 16.05 73.11
C ALA B 674 46.55 15.91 74.24
N THR B 675 47.14 14.74 74.44
CA THR B 675 48.05 14.56 75.55
C THR B 675 49.08 13.49 75.22
N GLY B 676 50.31 13.69 75.69
CA GLY B 676 51.36 12.72 75.44
C GLY B 676 51.08 11.36 76.04
N GLU B 677 50.54 11.35 77.26
CA GLU B 677 50.12 10.09 77.86
C GLU B 677 49.17 9.33 76.95
N GLN B 678 48.18 10.04 76.38
CA GLN B 678 47.24 9.40 75.48
C GLN B 678 47.94 8.84 74.25
N LEU B 679 48.89 9.60 73.68
CA LEU B 679 49.61 9.12 72.51
C LEU B 679 50.41 7.87 72.83
N LEU B 680 51.11 7.86 73.96
CA LEU B 680 51.88 6.68 74.35
C LEU B 680 50.98 5.48 74.56
N GLU B 681 49.83 5.69 75.20
CA GLU B 681 48.89 4.59 75.40
C GLU B 681 48.38 4.06 74.05
N ALA B 682 48.07 4.96 73.12
CA ALA B 682 47.62 4.52 71.80
C ALA B 682 48.69 3.73 71.08
N LEU B 683 49.94 4.20 71.13
CA LEU B 683 51.04 3.46 70.51
C LEU B 683 51.17 2.07 71.14
N GLU B 684 51.15 2.00 72.47
CA GLU B 684 51.27 0.71 73.14
C GLU B 684 50.14 -0.22 72.72
N LEU B 685 48.91 0.28 72.71
CA LEU B 685 47.77 -0.54 72.33
C LEU B 685 47.84 -0.95 70.86
N LEU B 686 48.54 -0.18 70.03
CA LEU B 686 48.62 -0.51 68.61
C LEU B 686 49.59 -1.67 68.35
N GLY B 687 50.64 -1.77 69.15
CA GLY B 687 51.60 -2.87 69.02
C GLY B 687 52.71 -2.60 68.02
N ASN B 688 53.45 -1.52 68.23
CA ASN B 688 54.57 -1.17 67.38
C ASN B 688 55.72 -0.65 68.22
N PHE B 689 56.93 -0.71 67.65
CA PHE B 689 58.13 -0.18 68.30
C PHE B 689 58.44 -0.95 69.58
N LYS B 690 59.64 -0.77 70.12
CA LYS B 690 60.15 -1.55 71.23
C LYS B 690 60.33 -0.67 72.46
N ASP B 691 60.82 -1.30 73.54
CA ASP B 691 60.89 -0.63 74.84
C ASP B 691 61.78 0.60 74.79
N LYS B 692 62.99 0.46 74.25
CA LYS B 692 63.90 1.60 74.20
C LYS B 692 63.36 2.72 73.32
N GLU B 693 62.81 2.36 72.15
CA GLU B 693 62.18 3.36 71.29
C GLU B 693 61.01 4.02 72.00
N ARG B 694 60.20 3.21 72.70
CA ARG B 694 59.07 3.73 73.45
C ARG B 694 59.54 4.74 74.49
N THR B 695 60.61 4.40 75.22
CA THR B 695 61.13 5.30 76.25
C THR B 695 61.65 6.60 75.63
N THR B 696 62.38 6.51 74.52
CA THR B 696 62.88 7.72 73.89
C THR B 696 61.74 8.63 73.45
N ILE B 697 60.69 8.03 72.89
CA ILE B 697 59.55 8.84 72.47
C ILE B 697 58.86 9.44 73.69
N ALA B 698 58.68 8.66 74.75
CA ALA B 698 57.99 9.21 75.92
C ALA B 698 58.78 10.34 76.54
N GLN B 699 60.11 10.18 76.67
CA GLN B 699 60.95 11.21 77.24
C GLN B 699 61.08 12.41 76.33
N GLN B 700 60.60 12.32 75.09
CA GLN B 700 60.65 13.46 74.17
C GLN B 700 59.32 14.19 74.10
N VAL B 701 58.22 13.47 73.95
CA VAL B 701 56.93 14.09 73.63
C VAL B 701 56.20 14.61 74.87
N LYS B 702 56.50 14.08 76.06
CA LYS B 702 55.70 14.42 77.24
C LYS B 702 55.72 15.91 77.53
N GLY B 703 56.79 16.61 77.14
CA GLY B 703 56.91 18.02 77.50
C GLY B 703 55.83 18.88 76.89
N LYS B 704 55.54 18.68 75.61
CA LYS B 704 54.65 19.53 74.84
C LYS B 704 53.28 18.85 74.68
N LYS B 705 52.40 19.50 73.94
CA LYS B 705 51.07 19.00 73.65
C LYS B 705 50.95 18.69 72.16
N VAL B 706 50.00 17.79 71.84
CA VAL B 706 49.80 17.33 70.48
C VAL B 706 48.33 17.48 70.13
N TRP B 707 48.04 17.47 68.83
CA TRP B 707 46.68 17.68 68.33
C TRP B 707 46.59 16.96 66.99
N ILE B 708 45.98 15.77 66.98
CA ILE B 708 45.92 14.95 65.77
C ILE B 708 44.75 13.98 65.87
N GLY B 709 44.15 13.69 64.71
CA GLY B 709 43.13 12.66 64.64
C GLY B 709 43.72 11.28 64.48
N ILE B 710 42.95 10.27 64.92
CA ILE B 710 43.45 8.90 64.92
C ILE B 710 43.84 8.47 63.52
N LYS B 711 42.98 8.77 62.53
CA LYS B 711 43.22 8.29 61.18
C LYS B 711 44.54 8.83 60.64
N LYS B 712 44.81 10.12 60.91
CA LYS B 712 46.07 10.66 60.44
C LYS B 712 47.22 10.01 61.19
N LEU B 713 46.99 9.61 62.44
CA LEU B 713 48.05 8.97 63.20
C LEU B 713 48.45 7.65 62.54
N LEU B 714 47.44 6.88 62.10
CA LEU B 714 47.71 5.61 61.42
C LEU B 714 48.45 5.86 60.11
N MET B 715 47.98 6.85 59.33
CA MET B 715 48.70 7.23 58.13
C MET B 715 50.16 7.55 58.43
N LEU B 716 50.40 8.34 59.48
CA LEU B 716 51.77 8.75 59.80
C LEU B 716 52.61 7.56 60.23
N ILE B 717 52.04 6.64 61.01
CA ILE B 717 52.80 5.47 61.43
C ILE B 717 53.20 4.66 60.21
N GLU B 718 52.27 4.48 59.26
CA GLU B 718 52.62 3.78 58.04
C GLU B 718 53.72 4.52 57.28
N MET B 719 53.61 5.84 57.18
CA MET B 719 54.68 6.64 56.56
C MET B 719 56.03 6.31 57.20
N SER B 720 56.10 6.38 58.52
CA SER B 720 57.35 6.21 59.24
C SER B 720 57.89 4.78 59.17
N LEU B 721 57.03 3.78 58.97
CA LEU B 721 57.47 2.40 59.04
C LEU B 721 58.18 1.92 57.75
N GLN B 722 58.61 2.84 56.88
CA GLN B 722 59.26 2.46 55.63
C GLN B 722 60.76 2.69 55.60
N MET B 723 61.32 3.45 56.54
CA MET B 723 62.75 3.73 56.55
C MET B 723 63.51 2.59 57.23
N ASP B 724 64.81 2.79 57.44
CA ASP B 724 65.62 1.81 58.14
C ASP B 724 65.29 1.81 59.63
N PRO B 725 65.65 0.74 60.34
CA PRO B 725 65.35 0.71 61.79
C PRO B 725 65.99 1.85 62.56
N GLU B 726 67.10 2.40 62.07
CA GLU B 726 67.82 3.43 62.82
C GLU B 726 67.02 4.74 62.86
N TYR B 727 66.47 5.15 61.72
CA TYR B 727 65.91 6.49 61.57
C TYR B 727 64.41 6.56 61.75
N ARG B 728 63.75 5.44 62.06
CA ARG B 728 62.29 5.41 62.09
C ARG B 728 61.75 6.40 63.12
N VAL B 729 62.27 6.35 64.34
CA VAL B 729 61.78 7.24 65.40
C VAL B 729 62.01 8.70 65.02
N ARG B 730 63.18 8.99 64.44
CA ARG B 730 63.50 10.38 64.09
C ARG B 730 62.52 10.92 63.05
N LYS B 731 62.28 10.14 61.99
CA LYS B 731 61.34 10.58 60.97
C LYS B 731 59.94 10.73 61.54
N PHE B 732 59.51 9.77 62.36
CA PHE B 732 58.19 9.86 62.99
C PHE B 732 58.07 11.15 63.78
N LEU B 733 59.07 11.46 64.60
CA LEU B 733 59.01 12.65 65.44
C LEU B 733 59.01 13.91 64.60
N ALA B 734 59.87 13.97 63.58
CA ALA B 734 59.95 15.15 62.73
C ALA B 734 58.61 15.42 62.06
N LEU B 735 58.03 14.40 61.43
CA LEU B 735 56.74 14.56 60.77
C LEU B 735 55.66 14.95 61.77
N LEU B 736 55.60 14.24 62.91
CA LEU B 736 54.60 14.57 63.93
C LEU B 736 54.67 16.04 64.30
N ARG B 737 55.88 16.54 64.55
CA ARG B 737 56.05 17.96 64.85
C ARG B 737 55.56 18.83 63.70
N GLU B 738 55.90 18.46 62.46
CA GLU B 738 55.51 19.27 61.32
C GLU B 738 53.98 19.34 61.20
N GLU B 739 53.31 18.20 61.30
CA GLU B 739 51.85 18.17 61.20
C GLU B 739 51.20 18.44 62.55
N GLY B 740 51.61 19.53 63.19
CA GLY B 740 51.07 19.93 64.48
C GLY B 740 50.44 21.30 64.41
N ALA B 741 49.42 21.51 65.22
CA ALA B 741 48.69 22.77 65.28
C ALA B 741 47.88 22.77 66.56
N SER B 742 47.20 23.88 66.82
CA SER B 742 46.38 24.04 68.01
C SER B 742 45.04 24.64 67.64
N PRO B 743 44.01 24.46 68.48
CA PRO B 743 42.68 25.04 68.26
C PRO B 743 42.72 26.52 67.90
N ASN C 3 -71.85 -4.42 -31.32
CA ASN C 3 -71.52 -3.40 -30.33
C ASN C 3 -72.02 -3.80 -28.95
N MET C 4 -73.34 -3.97 -28.81
CA MET C 4 -73.90 -4.37 -27.52
C MET C 4 -73.29 -5.68 -27.03
N ALA C 5 -73.26 -6.69 -27.89
CA ALA C 5 -72.68 -7.98 -27.55
C ALA C 5 -71.16 -7.96 -27.57
N GLY C 6 -70.55 -7.07 -28.33
CA GLY C 6 -69.10 -7.00 -28.48
C GLY C 6 -68.69 -7.53 -29.83
N ARG C 7 -67.71 -6.87 -30.44
CA ARG C 7 -67.22 -7.23 -31.75
C ARG C 7 -65.69 -7.23 -31.76
N SER C 8 -65.12 -8.03 -32.66
CA SER C 8 -63.67 -8.09 -32.81
C SER C 8 -63.15 -6.84 -33.52
N MET C 9 -62.05 -6.30 -33.00
CA MET C 9 -61.46 -5.07 -33.49
C MET C 9 -59.96 -5.23 -33.58
N GLN C 10 -59.34 -4.44 -34.45
CA GLN C 10 -57.89 -4.41 -34.61
C GLN C 10 -57.33 -3.15 -33.98
N ALA C 11 -56.36 -3.32 -33.08
CA ALA C 11 -55.76 -2.18 -32.40
C ALA C 11 -54.97 -1.32 -33.37
N ALA C 12 -55.11 0.00 -33.24
CA ALA C 12 -54.40 0.94 -34.08
C ALA C 12 -53.80 2.04 -33.22
N ARG C 13 -52.82 2.74 -33.78
CA ARG C 13 -52.18 3.85 -33.09
C ARG C 13 -53.04 5.11 -33.17
N CYS C 14 -52.93 5.94 -32.14
CA CYS C 14 -53.67 7.18 -32.12
C CYS C 14 -53.23 8.06 -33.28
N PRO C 15 -54.15 8.71 -34.00
CA PRO C 15 -53.76 9.45 -35.20
C PRO C 15 -53.25 10.84 -34.90
N THR C 16 -53.68 11.43 -33.78
CA THR C 16 -53.33 12.80 -33.43
C THR C 16 -52.89 12.88 -31.98
N ASP C 17 -52.03 13.86 -31.69
CA ASP C 17 -51.58 14.07 -30.33
C ASP C 17 -52.73 14.46 -29.41
N GLU C 18 -53.66 15.29 -29.91
CA GLU C 18 -54.77 15.72 -29.07
C GLU C 18 -55.60 14.53 -28.62
N LEU C 19 -55.90 13.60 -29.53
CA LEU C 19 -56.67 12.44 -29.10
C LEU C 19 -55.89 11.61 -28.11
N SER C 20 -54.55 11.60 -28.22
CA SER C 20 -53.74 10.88 -27.24
C SER C 20 -53.90 11.51 -25.87
N LEU C 21 -53.94 12.84 -25.82
CA LEU C 21 -54.11 13.57 -24.58
C LEU C 21 -55.53 13.52 -24.05
N SER C 22 -56.49 13.09 -24.88
CA SER C 22 -57.88 13.05 -24.48
C SER C 22 -58.22 11.84 -23.62
N ASN C 23 -57.34 10.84 -23.56
CA ASN C 23 -57.53 9.63 -22.77
C ASN C 23 -58.71 8.79 -23.26
N CYS C 24 -59.21 9.08 -24.46
CA CYS C 24 -60.35 8.37 -25.02
C CYS C 24 -59.88 7.46 -26.16
N ALA C 25 -60.58 6.33 -26.31
CA ALA C 25 -60.30 5.45 -27.43
C ALA C 25 -60.84 6.07 -28.71
N VAL C 26 -60.02 6.12 -29.74
CA VAL C 26 -60.41 6.74 -31.00
C VAL C 26 -60.97 5.67 -31.93
N VAL C 27 -62.23 5.85 -32.32
CA VAL C 27 -62.93 4.89 -33.16
C VAL C 27 -63.56 5.63 -34.33
N SER C 28 -63.82 4.89 -35.41
CA SER C 28 -64.47 5.47 -36.57
C SER C 28 -65.93 5.78 -36.28
N GLU C 29 -66.40 6.91 -36.81
CA GLU C 29 -67.80 7.26 -36.65
C GLU C 29 -68.72 6.17 -37.20
N LYS C 30 -68.25 5.43 -38.21
CA LYS C 30 -69.05 4.34 -38.74
C LYS C 30 -69.22 3.22 -37.72
N ASP C 31 -68.27 3.08 -36.80
CA ASP C 31 -68.29 1.99 -35.82
C ASP C 31 -68.91 2.40 -34.50
N TYR C 32 -68.62 3.62 -34.04
CA TYR C 32 -69.09 4.11 -32.75
C TYR C 32 -69.33 5.60 -32.85
N GLN C 33 -69.68 6.19 -31.71
CA GLN C 33 -69.81 7.67 -31.66
C GLN C 33 -68.86 8.14 -30.55
N SER C 34 -68.60 9.45 -30.47
CA SER C 34 -67.76 9.99 -29.37
C SER C 34 -68.53 9.97 -28.05
N GLY C 35 -67.85 9.72 -26.93
CA GLY C 35 -68.50 9.65 -25.61
C GLY C 35 -68.89 8.23 -25.23
N GLN C 36 -69.03 7.33 -26.22
CA GLN C 36 -69.51 5.95 -25.92
C GLN C 36 -68.51 5.24 -25.01
N HIS C 37 -69.00 4.58 -23.96
CA HIS C 37 -68.10 3.80 -23.07
C HIS C 37 -68.07 2.36 -23.57
N VAL C 38 -66.88 1.84 -23.90
CA VAL C 38 -66.77 0.48 -24.40
C VAL C 38 -65.84 -0.30 -23.49
N ILE C 39 -66.11 -1.60 -23.37
CA ILE C 39 -65.25 -2.50 -22.63
C ILE C 39 -64.40 -3.28 -23.63
N VAL C 40 -63.09 -3.09 -23.54
CA VAL C 40 -62.12 -3.75 -24.42
C VAL C 40 -61.69 -5.03 -23.73
N ARG C 41 -61.95 -6.16 -24.37
CA ARG C 41 -61.63 -7.48 -23.86
C ARG C 41 -60.44 -8.00 -24.65
N THR C 42 -59.32 -8.20 -23.94
CA THR C 42 -58.17 -8.88 -24.50
C THR C 42 -58.10 -10.36 -24.13
N SER C 43 -58.83 -10.74 -23.08
CA SER C 43 -58.89 -12.12 -22.61
C SER C 43 -60.07 -12.24 -21.66
N PRO C 44 -60.42 -13.44 -21.22
CA PRO C 44 -61.55 -13.57 -20.28
C PRO C 44 -61.34 -12.78 -19.01
N ASN C 45 -60.09 -12.62 -18.58
CA ASN C 45 -59.78 -11.96 -17.32
C ASN C 45 -59.28 -10.53 -17.50
N HIS C 46 -59.23 -10.01 -18.74
CA HIS C 46 -58.73 -8.66 -18.97
C HIS C 46 -59.75 -7.87 -19.77
N LYS C 47 -60.45 -6.97 -19.08
CA LYS C 47 -61.38 -6.01 -19.64
C LYS C 47 -61.01 -4.62 -19.17
N TYR C 48 -61.10 -3.64 -20.06
CA TYR C 48 -60.67 -2.27 -19.78
C TYR C 48 -61.71 -1.32 -20.33
N ILE C 49 -62.10 -0.31 -19.55
CA ILE C 49 -63.18 0.58 -19.95
C ILE C 49 -62.57 1.86 -20.52
N PHE C 50 -63.03 2.24 -21.71
CA PHE C 50 -62.57 3.44 -22.38
C PHE C 50 -63.78 4.23 -22.88
N THR C 51 -63.63 5.55 -22.92
CA THR C 51 -64.66 6.42 -23.49
C THR C 51 -64.28 6.75 -24.92
N LEU C 52 -65.22 6.58 -25.86
CA LEU C 52 -64.83 6.70 -27.29
C LEU C 52 -64.84 8.13 -27.83
N ARG C 53 -64.02 8.38 -28.86
CA ARG C 53 -63.98 9.69 -29.55
C ARG C 53 -63.78 9.37 -31.03
N THR C 54 -64.78 9.66 -31.89
CA THR C 54 -64.67 9.26 -33.27
C THR C 54 -63.74 10.21 -34.01
N HIS C 55 -63.09 9.70 -35.06
CA HIS C 55 -62.19 10.51 -35.86
C HIS C 55 -62.27 10.06 -37.31
N PRO C 56 -62.31 10.98 -38.25
CA PRO C 56 -62.43 10.58 -39.67
C PRO C 56 -61.27 9.73 -40.15
N SER C 57 -60.07 9.89 -39.58
CA SER C 57 -58.91 9.15 -40.05
C SER C 57 -58.90 7.71 -39.59
N VAL C 58 -59.76 7.34 -38.64
CA VAL C 58 -59.79 5.98 -38.11
C VAL C 58 -60.49 5.08 -39.12
N VAL C 59 -59.84 3.99 -39.49
CA VAL C 59 -60.45 3.05 -40.43
C VAL C 59 -61.54 2.26 -39.70
N PRO C 60 -62.68 2.00 -40.33
CA PRO C 60 -63.71 1.18 -39.68
C PRO C 60 -63.18 -0.20 -39.32
N GLY C 61 -63.66 -0.73 -38.20
CA GLY C 61 -63.22 -2.02 -37.71
C GLY C 61 -61.97 -1.98 -36.84
N SER C 62 -61.41 -0.80 -36.60
CA SER C 62 -60.22 -0.66 -35.76
C SER C 62 -60.44 0.46 -34.75
N VAL C 63 -59.76 0.35 -33.62
CA VAL C 63 -59.81 1.33 -32.55
C VAL C 63 -58.40 1.80 -32.23
N ALA C 64 -58.21 3.12 -32.21
CA ALA C 64 -56.89 3.69 -31.99
C ALA C 64 -56.68 3.99 -30.51
N PHE C 65 -55.48 3.68 -30.02
CA PHE C 65 -55.11 3.91 -28.63
C PHE C 65 -53.75 4.58 -28.56
N SER C 66 -53.58 5.43 -27.55
CA SER C 66 -52.32 6.11 -27.30
C SER C 66 -51.34 5.20 -26.57
N LEU C 67 -50.09 5.64 -26.51
CA LEU C 67 -49.04 4.87 -25.86
C LEU C 67 -49.34 4.56 -24.40
N PRO C 68 -49.68 5.54 -23.55
CA PRO C 68 -50.01 5.19 -22.16
C PRO C 68 -51.15 4.19 -22.04
N GLN C 69 -52.17 4.33 -22.89
CA GLN C 69 -53.24 3.34 -22.92
C GLN C 69 -52.73 1.96 -23.32
N ARG C 70 -51.83 1.91 -24.30
CA ARG C 70 -51.27 0.64 -24.72
C ARG C 70 -50.45 -0.01 -23.62
N LYS C 71 -49.64 0.76 -22.91
CA LYS C 71 -48.82 0.19 -21.85
C LYS C 71 -49.61 -0.06 -20.57
N TRP C 72 -50.82 0.50 -20.46
CA TRP C 72 -51.68 0.21 -19.32
C TRP C 72 -52.51 -1.05 -19.55
N ALA C 73 -53.16 -1.16 -20.70
CA ALA C 73 -53.99 -2.31 -21.01
C ALA C 73 -53.18 -3.47 -21.58
N GLY C 74 -51.87 -3.32 -21.74
CA GLY C 74 -51.04 -4.35 -22.31
C GLY C 74 -51.48 -4.66 -23.73
N LEU C 75 -51.67 -3.61 -24.52
CA LEU C 75 -52.19 -3.74 -25.88
C LEU C 75 -51.05 -3.68 -26.89
N SER C 76 -51.31 -4.25 -28.06
CA SER C 76 -50.40 -4.24 -29.19
C SER C 76 -51.12 -3.68 -30.39
N ILE C 77 -50.44 -2.80 -31.14
CA ILE C 77 -51.03 -2.27 -32.35
C ILE C 77 -51.17 -3.39 -33.37
N GLY C 78 -52.38 -3.55 -33.90
CA GLY C 78 -52.69 -4.66 -34.78
C GLY C 78 -53.24 -5.88 -34.09
N GLN C 79 -53.20 -5.92 -32.77
CA GLN C 79 -53.77 -7.04 -32.02
C GLN C 79 -55.29 -7.00 -32.07
N GLU C 80 -55.89 -8.20 -32.05
CA GLU C 80 -57.34 -8.30 -32.03
C GLU C 80 -57.87 -8.07 -30.62
N ILE C 81 -58.94 -7.29 -30.53
CA ILE C 81 -59.63 -7.02 -29.27
C ILE C 81 -61.11 -7.15 -29.51
N GLU C 82 -61.86 -7.45 -28.45
CA GLU C 82 -63.31 -7.54 -28.54
C GLU C 82 -63.93 -6.37 -27.79
N VAL C 83 -64.79 -5.60 -28.46
CA VAL C 83 -65.33 -4.37 -27.89
C VAL C 83 -66.84 -4.46 -27.87
N ALA C 84 -67.42 -4.23 -26.69
CA ALA C 84 -68.86 -4.15 -26.50
C ALA C 84 -69.20 -2.88 -25.73
N LEU C 85 -70.23 -2.18 -26.18
CA LEU C 85 -70.61 -0.93 -25.52
C LEU C 85 -71.04 -1.21 -24.09
N TYR C 86 -70.68 -0.30 -23.19
CA TYR C 86 -70.87 -0.42 -21.76
C TYR C 86 -71.68 0.76 -21.26
N SER C 87 -72.62 0.50 -20.35
CA SER C 87 -73.49 1.54 -19.83
C SER C 87 -73.24 1.67 -18.34
N PHE C 88 -72.99 2.89 -17.88
CA PHE C 88 -72.72 3.16 -16.48
C PHE C 88 -73.99 3.25 -15.67
N ASP C 89 -73.90 2.88 -14.40
CA ASP C 89 -74.93 3.14 -13.41
C ASP C 89 -74.62 4.48 -12.78
N LYS C 90 -75.15 5.55 -13.39
CA LYS C 90 -74.79 6.89 -12.94
C LYS C 90 -75.13 7.10 -11.47
N ALA C 91 -76.19 6.45 -10.98
CA ALA C 91 -76.53 6.56 -9.57
C ALA C 91 -75.43 6.01 -8.69
N LYS C 92 -74.61 5.10 -9.20
CA LYS C 92 -73.57 4.44 -8.44
C LYS C 92 -72.17 4.65 -8.98
N GLN C 93 -72.02 4.86 -10.28
CA GLN C 93 -70.69 4.92 -10.89
C GLN C 93 -70.22 6.35 -11.15
N CYS C 94 -70.95 7.35 -10.66
CA CYS C 94 -70.48 8.72 -10.74
C CYS C 94 -69.42 8.97 -9.67
N ILE C 95 -68.30 9.57 -10.06
CA ILE C 95 -67.16 9.72 -9.16
C ILE C 95 -67.40 10.92 -8.26
N GLY C 96 -67.49 10.67 -6.95
CA GLY C 96 -67.58 11.74 -5.99
C GLY C 96 -66.23 12.34 -5.68
N THR C 97 -65.32 11.49 -5.18
CA THR C 97 -63.96 11.93 -4.87
C THR C 97 -62.99 10.86 -5.37
N MET C 98 -61.89 11.30 -5.97
CA MET C 98 -60.90 10.37 -6.50
C MET C 98 -59.52 10.98 -6.32
N THR C 99 -58.55 10.15 -5.95
CA THR C 99 -57.20 10.60 -5.65
C THR C 99 -56.27 10.26 -6.81
N ILE C 100 -55.44 11.23 -7.20
CA ILE C 100 -54.57 11.10 -8.36
C ILE C 100 -53.13 11.27 -7.92
N GLU C 101 -52.29 10.31 -8.28
CA GLU C 101 -50.85 10.42 -8.10
C GLU C 101 -50.29 11.04 -9.36
N ILE C 102 -49.51 12.11 -9.21
CA ILE C 102 -49.04 12.89 -10.34
C ILE C 102 -47.54 13.09 -10.22
N ASP C 103 -46.88 13.11 -11.38
CA ASP C 103 -45.44 13.39 -11.39
C ASP C 103 -45.08 13.91 -12.77
N PHE C 104 -43.91 14.55 -12.87
CA PHE C 104 -43.44 15.02 -14.16
C PHE C 104 -43.32 13.85 -15.14
N LEU C 105 -43.97 13.98 -16.30
CA LEU C 105 -43.96 12.88 -17.27
C LEU C 105 -42.56 12.64 -17.82
N GLN C 106 -41.81 13.70 -18.12
CA GLN C 106 -40.47 13.58 -18.64
C GLN C 106 -39.48 14.05 -17.59
N LYS C 107 -38.49 13.20 -17.28
CA LYS C 107 -37.46 13.59 -16.32
C LYS C 107 -36.62 14.74 -16.85
N LYS C 108 -36.46 14.84 -18.17
CA LYS C 108 -35.68 15.95 -18.73
C LYS C 108 -36.35 17.29 -18.52
N ASN C 109 -37.66 17.30 -18.23
CA ASN C 109 -38.43 18.53 -18.09
C ASN C 109 -38.92 18.74 -16.65
N ILE C 110 -38.18 18.23 -15.67
CA ILE C 110 -38.57 18.38 -14.28
C ILE C 110 -38.05 19.70 -13.73
N ASP C 111 -38.84 20.32 -12.88
CA ASP C 111 -38.47 21.59 -12.24
C ASP C 111 -39.07 21.62 -10.84
N SER C 112 -38.60 22.59 -10.05
CA SER C 112 -39.03 22.75 -8.67
C SER C 112 -40.10 23.84 -8.51
N ASN C 113 -40.60 24.39 -9.61
CA ASN C 113 -41.56 25.48 -9.51
C ASN C 113 -42.88 24.98 -8.90
N PRO C 114 -43.61 25.85 -8.22
CA PRO C 114 -44.90 25.44 -7.66
C PRO C 114 -45.94 25.26 -8.75
N TYR C 115 -46.81 24.28 -8.55
CA TYR C 115 -47.94 24.00 -9.43
C TYR C 115 -49.22 23.99 -8.63
N ASP C 116 -50.21 24.79 -9.05
CA ASP C 116 -51.45 24.91 -8.29
C ASP C 116 -52.31 23.70 -8.58
N THR C 117 -52.55 22.87 -7.55
CA THR C 117 -53.38 21.70 -7.72
C THR C 117 -54.84 22.07 -7.99
N ASP C 118 -55.34 23.13 -7.36
CA ASP C 118 -56.75 23.46 -7.52
C ASP C 118 -57.08 23.83 -8.97
N LYS C 119 -56.29 24.72 -9.56
CA LYS C 119 -56.52 25.05 -10.96
C LYS C 119 -56.32 23.80 -11.82
N MET C 120 -55.29 23.02 -11.52
CA MET C 120 -55.06 21.81 -12.30
C MET C 120 -56.23 20.87 -12.12
N ALA C 121 -56.78 20.82 -10.90
CA ALA C 121 -57.95 19.97 -10.68
C ALA C 121 -59.10 20.44 -11.56
N ALA C 122 -59.32 21.76 -11.60
CA ALA C 122 -60.36 22.27 -12.49
C ALA C 122 -60.00 21.96 -13.94
N GLU C 123 -58.73 22.13 -14.30
CA GLU C 123 -58.30 21.74 -15.63
C GLU C 123 -58.52 20.26 -15.84
N PHE C 124 -58.26 19.46 -14.82
CA PHE C 124 -58.54 18.04 -14.91
C PHE C 124 -60.02 17.83 -15.19
N ILE C 125 -60.87 18.55 -14.44
CA ILE C 125 -62.30 18.41 -14.63
C ILE C 125 -62.68 18.82 -16.04
N GLN C 126 -62.10 19.91 -16.53
CA GLN C 126 -62.46 20.34 -17.88
C GLN C 126 -62.10 19.26 -18.90
N GLN C 127 -60.93 18.64 -18.76
CA GLN C 127 -60.50 17.70 -19.79
C GLN C 127 -61.23 16.36 -19.72
N PHE C 128 -61.47 15.84 -18.52
CA PHE C 128 -61.92 14.46 -18.38
C PHE C 128 -63.34 14.34 -17.82
N ASN C 129 -64.11 15.42 -17.77
CA ASN C 129 -65.47 15.33 -17.26
C ASN C 129 -66.29 14.35 -18.09
N ASN C 130 -67.05 13.49 -17.41
CA ASN C 130 -67.94 12.53 -18.05
C ASN C 130 -67.16 11.45 -18.81
N GLN C 131 -66.04 11.02 -18.23
CA GLN C 131 -65.22 9.95 -18.81
C GLN C 131 -64.97 8.88 -17.75
N ALA C 132 -64.82 7.64 -18.22
CA ALA C 132 -64.61 6.52 -17.31
C ALA C 132 -63.16 6.49 -16.84
N PHE C 133 -62.97 6.26 -15.55
CA PHE C 133 -61.65 6.12 -14.94
C PHE C 133 -61.66 4.97 -13.94
N SER C 134 -60.56 4.23 -13.90
CA SER C 134 -60.43 3.05 -13.04
C SER C 134 -59.27 3.24 -12.08
N VAL C 135 -59.39 2.61 -10.91
CA VAL C 135 -58.32 2.65 -9.92
C VAL C 135 -57.06 2.04 -10.52
N GLY C 136 -55.94 2.77 -10.48
CA GLY C 136 -54.70 2.25 -11.08
C GLY C 136 -54.53 2.75 -12.50
N GLN C 137 -55.57 3.34 -13.08
CA GLN C 137 -55.48 3.78 -14.46
C GLN C 137 -54.38 4.83 -14.61
N GLN C 138 -53.59 4.69 -15.67
CA GLN C 138 -52.47 5.58 -15.95
C GLN C 138 -52.79 6.42 -17.18
N LEU C 139 -52.35 7.67 -17.16
CA LEU C 139 -52.63 8.57 -18.29
C LEU C 139 -51.63 9.73 -18.25
N VAL C 140 -51.72 10.59 -19.27
CA VAL C 140 -50.90 11.78 -19.36
C VAL C 140 -51.83 13.00 -19.34
N PHE C 141 -51.47 13.98 -18.53
CA PHE C 141 -52.23 15.21 -18.35
C PHE C 141 -51.39 16.40 -18.80
N SER C 142 -51.98 17.27 -19.61
CA SER C 142 -51.29 18.47 -20.07
C SER C 142 -51.83 19.65 -19.26
N PHE C 143 -50.96 20.31 -18.52
CA PHE C 143 -51.33 21.43 -17.66
C PHE C 143 -50.29 22.52 -17.76
N ASN C 144 -50.71 23.70 -18.21
CA ASN C 144 -49.81 24.84 -18.40
C ASN C 144 -48.61 24.42 -19.24
N ASP C 145 -48.92 23.77 -20.37
CA ASP C 145 -47.90 23.36 -21.33
C ASP C 145 -46.85 22.48 -20.65
N LYS C 146 -47.31 21.62 -19.73
CA LYS C 146 -46.41 20.67 -19.09
C LYS C 146 -47.07 19.31 -19.01
N LEU C 147 -46.32 18.28 -19.37
CA LEU C 147 -46.82 16.91 -19.41
C LEU C 147 -46.56 16.20 -18.08
N PHE C 148 -47.61 15.66 -17.48
CA PHE C 148 -47.51 15.00 -16.20
C PHE C 148 -48.14 13.62 -16.28
N GLY C 149 -47.48 12.62 -15.69
CA GLY C 149 -48.04 11.29 -15.63
C GLY C 149 -48.95 11.19 -14.43
N LEU C 150 -50.14 10.61 -14.65
CA LEU C 150 -51.18 10.46 -13.65
C LEU C 150 -51.48 8.99 -13.43
N LEU C 151 -51.85 8.66 -12.19
CA LEU C 151 -52.21 7.31 -11.79
C LEU C 151 -53.39 7.39 -10.83
N VAL C 152 -54.49 6.74 -11.22
CA VAL C 152 -55.69 6.73 -10.33
C VAL C 152 -55.39 5.78 -9.18
N LYS C 153 -55.65 6.21 -7.96
CA LYS C 153 -55.44 5.40 -6.76
C LYS C 153 -56.73 4.96 -6.09
N ASP C 154 -57.72 5.84 -5.97
CA ASP C 154 -58.94 5.53 -5.25
C ASP C 154 -60.10 6.27 -5.91
N ILE C 155 -61.26 5.63 -5.92
CA ILE C 155 -62.48 6.19 -6.49
C ILE C 155 -63.61 6.05 -5.47
N GLU C 156 -64.32 7.15 -5.23
CA GLU C 156 -65.44 7.17 -4.30
C GLU C 156 -66.71 7.61 -5.04
N ALA C 157 -67.80 6.89 -4.78
CA ALA C 157 -69.07 7.21 -5.42
C ALA C 157 -69.63 8.52 -4.88
N MET C 158 -70.53 9.12 -5.65
CA MET C 158 -71.12 10.40 -5.28
C MET C 158 -72.18 10.22 -4.20
N ARG C 172 -71.08 7.27 1.63
CA ARG C 172 -69.93 7.44 0.75
C ARG C 172 -69.37 6.10 0.33
N GLN C 173 -69.94 5.53 -0.72
CA GLN C 173 -69.53 4.22 -1.21
C GLN C 173 -68.23 4.31 -2.02
N LYS C 174 -67.29 3.42 -1.71
CA LYS C 174 -66.09 3.28 -2.53
C LYS C 174 -66.42 2.47 -3.78
N ILE C 175 -65.85 2.88 -4.91
CA ILE C 175 -66.09 2.21 -6.18
C ILE C 175 -64.77 1.93 -6.87
N GLU C 176 -64.74 0.85 -7.65
CA GLU C 176 -63.56 0.48 -8.41
C GLU C 176 -63.48 1.24 -9.72
N VAL C 177 -64.62 1.49 -10.36
CA VAL C 177 -64.69 2.25 -11.60
C VAL C 177 -65.83 3.25 -11.48
N GLY C 178 -65.57 4.49 -11.89
CA GLY C 178 -66.55 5.55 -11.79
C GLY C 178 -66.47 6.51 -12.96
N LEU C 179 -67.44 7.42 -12.99
CA LEU C 179 -67.51 8.46 -14.01
C LEU C 179 -67.33 9.82 -13.34
N VAL C 180 -66.41 10.61 -13.87
CA VAL C 180 -66.21 11.98 -13.39
C VAL C 180 -67.20 12.90 -14.08
N VAL C 181 -67.90 13.71 -13.30
CA VAL C 181 -68.83 14.70 -13.83
C VAL C 181 -68.40 16.09 -13.34
N GLY C 182 -69.22 17.09 -13.64
CA GLY C 182 -68.84 18.46 -13.32
C GLY C 182 -68.55 18.66 -11.84
N ASN C 183 -69.35 18.06 -10.97
CA ASN C 183 -69.23 18.29 -9.54
C ASN C 183 -68.32 17.28 -8.85
N SER C 184 -67.69 16.38 -9.60
CA SER C 184 -66.76 15.44 -9.00
C SER C 184 -65.58 16.18 -8.39
N GLN C 185 -65.15 15.72 -7.21
CA GLN C 185 -64.07 16.35 -6.47
C GLN C 185 -62.83 15.48 -6.54
N VAL C 186 -61.68 16.13 -6.70
CA VAL C 186 -60.40 15.45 -6.89
C VAL C 186 -59.43 15.91 -5.80
N ALA C 187 -58.73 14.95 -5.21
CA ALA C 187 -57.70 15.22 -4.21
C ALA C 187 -56.39 14.64 -4.72
N PHE C 188 -55.30 15.38 -4.51
CA PHE C 188 -54.00 15.01 -5.05
C PHE C 188 -53.00 14.83 -3.93
N GLU C 189 -52.12 13.83 -4.10
CA GLU C 189 -51.02 13.58 -3.19
C GLU C 189 -49.77 13.30 -4.00
N LYS C 190 -48.64 13.81 -3.53
CA LYS C 190 -47.39 13.64 -4.25
C LYS C 190 -46.85 12.22 -4.08
N ALA C 191 -46.18 11.72 -5.12
CA ALA C 191 -45.57 10.41 -5.05
C ALA C 191 -44.45 10.38 -4.01
N GLU C 192 -44.25 9.21 -3.41
CA GLU C 192 -43.14 9.04 -2.49
C GLU C 192 -41.82 9.21 -3.23
N ASN C 193 -40.90 9.97 -2.64
CA ASN C 193 -39.65 10.44 -3.25
C ASN C 193 -39.89 11.61 -4.20
N SER C 194 -41.14 12.01 -4.43
CA SER C 194 -41.42 13.10 -5.36
C SER C 194 -40.95 14.43 -4.81
N SER C 195 -40.35 15.24 -5.67
CA SER C 195 -39.97 16.61 -5.34
C SER C 195 -41.05 17.61 -5.71
N LEU C 196 -42.21 17.15 -6.16
CA LEU C 196 -43.29 18.05 -6.54
C LEU C 196 -43.79 18.84 -5.35
N ASN C 197 -43.84 20.16 -5.49
CA ASN C 197 -44.35 21.06 -4.46
C ASN C 197 -45.81 21.34 -4.79
N LEU C 198 -46.71 20.53 -4.24
CA LEU C 198 -48.13 20.73 -4.43
C LEU C 198 -48.63 21.81 -3.49
N ILE C 199 -49.43 22.74 -4.01
CA ILE C 199 -50.02 23.82 -3.24
C ILE C 199 -51.51 23.85 -3.50
N GLY C 200 -52.20 24.70 -2.74
CA GLY C 200 -53.64 24.79 -2.84
C GLY C 200 -54.35 23.89 -1.87
N LYS C 201 -55.68 23.81 -2.04
CA LYS C 201 -56.53 23.04 -1.16
C LYS C 201 -56.67 21.59 -1.61
N ALA C 202 -56.60 21.35 -2.91
CA ALA C 202 -56.81 20.02 -3.46
C ALA C 202 -55.61 19.12 -3.18
N LYS C 203 -55.47 18.68 -1.93
CA LYS C 203 -54.33 17.90 -1.49
C LYS C 203 -54.82 16.75 -0.61
N THR C 204 -53.95 15.78 -0.38
CA THR C 204 -54.27 14.62 0.43
C THR C 204 -55.31 13.75 -0.27
N GLN C 209 -49.54 12.83 15.95
CA GLN C 209 -48.60 11.83 16.45
C GLN C 209 -47.40 12.50 17.12
N SER C 210 -47.56 12.82 18.40
CA SER C 210 -46.52 13.52 19.14
C SER C 210 -45.28 12.66 19.30
N ILE C 211 -44.12 13.31 19.26
CA ILE C 211 -42.86 12.61 19.50
C ILE C 211 -42.83 12.03 20.91
N ILE C 212 -43.51 12.69 21.86
CA ILE C 212 -43.52 12.22 23.23
C ILE C 212 -44.09 10.81 23.28
N ASN C 213 -43.52 9.98 24.14
CA ASN C 213 -44.09 8.67 24.42
C ASN C 213 -45.51 8.85 24.97
N PRO C 214 -46.52 8.17 24.41
CA PRO C 214 -47.88 8.36 24.93
C PRO C 214 -48.02 8.10 26.43
N ASP C 215 -47.14 7.29 27.03
CA ASP C 215 -47.16 7.03 28.47
C ASP C 215 -45.81 7.39 29.06
N TRP C 216 -45.68 8.62 29.57
CA TRP C 216 -44.49 9.06 30.25
C TRP C 216 -44.84 10.13 31.29
N ASN C 217 -44.28 9.99 32.49
CA ASN C 217 -44.37 11.02 33.51
C ASN C 217 -43.01 11.19 34.15
N PHE C 218 -42.75 12.39 34.68
CA PHE C 218 -41.44 12.67 35.28
C PHE C 218 -41.18 11.77 36.48
N GLU C 219 -42.23 11.32 37.18
CA GLU C 219 -42.02 10.50 38.36
C GLU C 219 -41.37 9.17 37.99
N LYS C 220 -41.81 8.57 36.88
CA LYS C 220 -41.22 7.31 36.42
C LYS C 220 -39.77 7.48 36.00
N MET C 221 -39.30 8.72 35.80
CA MET C 221 -37.94 8.91 35.30
C MET C 221 -36.91 8.38 36.29
N GLY C 222 -37.11 8.62 37.57
CA GLY C 222 -36.16 8.20 38.59
C GLY C 222 -35.04 9.18 38.85
N ILE C 223 -35.17 10.42 38.42
CA ILE C 223 -34.16 11.46 38.62
C ILE C 223 -34.71 12.48 39.61
N GLY C 224 -33.96 12.74 40.67
CA GLY C 224 -34.41 13.61 41.74
C GLY C 224 -33.45 14.73 42.09
N GLY C 225 -33.95 15.95 42.12
CA GLY C 225 -33.17 17.11 42.49
C GLY C 225 -32.63 17.93 41.34
N LEU C 226 -33.04 17.66 40.11
CA LEU C 226 -32.60 18.40 38.93
C LEU C 226 -33.79 19.02 38.22
N ASP C 227 -34.78 19.47 39.01
CA ASP C 227 -36.03 19.97 38.45
C ASP C 227 -35.79 21.13 37.49
N LYS C 228 -35.06 22.15 37.96
CA LYS C 228 -34.91 23.37 37.15
C LYS C 228 -34.19 23.08 35.84
N GLU C 229 -33.12 22.27 35.90
CA GLU C 229 -32.36 21.99 34.68
C GLU C 229 -33.22 21.28 33.65
N PHE C 230 -33.98 20.27 34.07
CA PHE C 230 -34.87 19.58 33.13
C PHE C 230 -35.94 20.50 32.58
N SER C 231 -36.54 21.32 33.44
CA SER C 231 -37.56 22.26 32.96
C SER C 231 -36.99 23.18 31.90
N ASP C 232 -35.80 23.73 32.15
CA ASP C 232 -35.17 24.63 31.18
C ASP C 232 -34.88 23.90 29.88
N ILE C 233 -34.32 22.70 29.97
CA ILE C 233 -33.96 21.95 28.76
C ILE C 233 -35.19 21.66 27.93
N PHE C 234 -36.25 21.16 28.57
CA PHE C 234 -37.48 20.85 27.83
C PHE C 234 -38.07 22.11 27.21
N ARG C 235 -38.08 23.21 27.97
CA ARG C 235 -38.61 24.46 27.44
C ARG C 235 -37.85 24.91 26.21
N ARG C 236 -36.51 24.83 26.27
CA ARG C 236 -35.71 25.39 25.19
C ARG C 236 -35.63 24.47 23.97
N ALA C 237 -35.76 23.16 24.15
CA ALA C 237 -35.50 22.22 23.06
C ALA C 237 -36.73 21.49 22.55
N PHE C 238 -37.68 21.14 23.42
CA PHE C 238 -38.82 20.33 23.04
C PHE C 238 -40.11 21.15 22.94
N ALA C 239 -40.00 22.47 23.04
CA ALA C 239 -41.18 23.33 22.97
C ALA C 239 -41.73 23.43 21.56
N SER C 240 -40.88 23.64 20.57
CA SER C 240 -41.32 23.83 19.19
C SER C 240 -41.83 22.55 18.54
N ARG C 241 -41.60 21.38 19.15
CA ARG C 241 -41.98 20.11 18.57
C ARG C 241 -43.28 19.55 19.14
N VAL C 242 -44.01 20.35 19.92
CA VAL C 242 -45.31 19.93 20.45
C VAL C 242 -46.44 20.88 20.06
N PHE C 243 -46.14 22.08 19.56
CA PHE C 243 -47.18 23.07 19.31
C PHE C 243 -47.91 22.74 18.00
N PRO C 244 -49.17 23.16 17.88
CA PRO C 244 -49.92 22.86 16.65
C PRO C 244 -49.13 23.28 15.42
N PRO C 245 -49.03 22.42 14.40
CA PRO C 245 -48.13 22.73 13.28
C PRO C 245 -48.46 24.02 12.56
N GLU C 246 -49.74 24.38 12.43
CA GLU C 246 -50.09 25.53 11.60
C GLU C 246 -49.47 26.81 12.14
N ILE C 247 -49.54 27.03 13.45
CA ILE C 247 -49.02 28.28 14.01
C ILE C 247 -47.51 28.29 13.98
N VAL C 248 -46.86 27.12 14.05
CA VAL C 248 -45.41 27.07 13.91
C VAL C 248 -45.00 27.37 12.47
N GLU C 249 -45.75 26.84 11.50
CA GLU C 249 -45.46 27.13 10.10
C GLU C 249 -45.63 28.62 9.81
N GLN C 250 -46.71 29.22 10.31
CA GLN C 250 -46.79 30.68 10.34
C GLN C 250 -45.58 31.28 11.06
N MET C 251 -45.08 30.58 12.08
CA MET C 251 -44.08 31.14 12.97
C MET C 251 -42.70 31.20 12.32
N GLY C 252 -42.48 30.41 11.28
CA GLY C 252 -41.24 30.42 10.53
C GLY C 252 -40.00 30.39 11.40
N CYS C 253 -39.82 29.31 12.16
CA CYS C 253 -38.71 29.18 13.09
C CYS C 253 -38.00 27.85 12.87
N LYS C 254 -36.74 27.81 13.26
CA LYS C 254 -35.93 26.60 13.21
C LYS C 254 -35.67 26.09 14.62
N HIS C 255 -35.71 24.78 14.80
CA HIS C 255 -35.54 24.19 16.12
C HIS C 255 -34.05 24.21 16.51
N VAL C 256 -33.79 23.89 17.77
CA VAL C 256 -32.43 23.83 18.29
C VAL C 256 -31.89 22.43 18.05
N LYS C 257 -30.59 22.34 17.74
CA LYS C 257 -29.97 21.09 17.34
C LYS C 257 -28.64 20.89 18.07
N GLY C 258 -28.66 21.08 19.38
CA GLY C 258 -27.46 20.86 20.16
C GLY C 258 -27.65 21.07 21.65
N ILE C 259 -27.04 20.21 22.46
CA ILE C 259 -27.06 20.37 23.91
C ILE C 259 -25.76 19.82 24.46
N LEU C 260 -25.23 20.48 25.49
CA LEU C 260 -23.98 20.08 26.14
C LEU C 260 -24.20 20.02 27.64
N LEU C 261 -23.58 19.04 28.29
CA LEU C 261 -23.69 18.84 29.72
C LEU C 261 -22.28 18.72 30.30
N TYR C 262 -22.09 19.25 31.49
CA TYR C 262 -20.78 19.15 32.12
C TYR C 262 -20.92 19.31 33.63
N GLY C 263 -19.90 18.85 34.34
CA GLY C 263 -19.83 18.96 35.78
C GLY C 263 -18.77 18.05 36.36
N PRO C 264 -18.70 17.95 37.67
CA PRO C 264 -17.78 16.99 38.30
C PRO C 264 -18.23 15.56 38.03
N PRO C 265 -17.33 14.59 38.11
CA PRO C 265 -17.70 13.22 37.76
C PRO C 265 -18.75 12.65 38.71
N GLY C 266 -19.55 11.71 38.19
CA GLY C 266 -20.49 10.96 38.99
C GLY C 266 -21.64 11.72 39.60
N CYS C 267 -22.30 12.58 38.81
CA CYS C 267 -23.46 13.33 39.28
C CYS C 267 -24.75 12.97 38.56
N GLY C 268 -24.74 11.99 37.67
CA GLY C 268 -25.96 11.54 37.03
C GLY C 268 -26.13 12.03 35.60
N LYS C 269 -25.05 12.29 34.88
CA LYS C 269 -25.15 12.76 33.51
C LYS C 269 -25.62 11.66 32.57
N THR C 270 -24.91 10.53 32.63
CA THR C 270 -25.26 9.36 31.81
C THR C 270 -26.67 8.93 32.18
N LEU C 271 -27.09 9.06 33.45
CA LEU C 271 -28.45 8.73 33.88
C LEU C 271 -29.48 9.58 33.15
N LEU C 272 -29.25 10.90 33.12
CA LEU C 272 -30.16 11.79 32.40
C LEU C 272 -30.19 11.45 30.92
N ALA C 273 -29.03 11.19 30.33
CA ALA C 273 -28.98 10.85 28.92
C ALA C 273 -29.85 9.64 28.62
N ARG C 274 -29.68 8.59 29.43
CA ARG C 274 -30.45 7.35 29.25
C ARG C 274 -31.92 7.71 29.36
N GLN C 275 -32.34 8.40 30.43
CA GLN C 275 -33.76 8.69 30.65
C GLN C 275 -34.36 9.47 29.48
N ILE C 276 -33.66 10.51 29.03
CA ILE C 276 -34.18 11.30 27.91
C ILE C 276 -34.26 10.45 26.66
N GLY C 277 -33.31 9.53 26.47
CA GLY C 277 -33.40 8.60 25.36
C GLY C 277 -34.65 7.76 25.42
N LYS C 278 -34.95 7.20 26.59
CA LYS C 278 -36.16 6.38 26.73
C LYS C 278 -37.43 7.21 26.59
N MET C 279 -37.37 8.51 26.89
CA MET C 279 -38.59 9.30 26.97
C MET C 279 -39.33 9.35 25.64
N LEU C 280 -38.61 9.41 24.52
CA LEU C 280 -39.21 9.77 23.24
C LEU C 280 -39.50 8.52 22.43
N ASN C 281 -40.71 8.44 21.89
CA ASN C 281 -41.13 7.34 21.03
C ASN C 281 -40.93 7.70 19.55
N ALA C 282 -39.65 7.88 19.20
CA ALA C 282 -39.27 8.24 17.83
C ALA C 282 -37.92 7.59 17.55
N ARG C 283 -37.95 6.43 16.89
CA ARG C 283 -36.74 5.70 16.56
C ARG C 283 -35.97 5.38 17.84
N GLU C 284 -34.69 5.01 17.70
CA GLU C 284 -33.86 4.68 18.84
C GLU C 284 -32.53 5.43 18.72
N PRO C 285 -32.04 6.03 19.81
CA PRO C 285 -30.82 6.84 19.69
C PRO C 285 -29.63 6.01 19.23
N LYS C 286 -28.80 6.63 18.39
CA LYS C 286 -27.59 6.01 17.87
C LYS C 286 -26.43 6.50 18.73
N VAL C 287 -25.79 5.57 19.44
CA VAL C 287 -24.82 5.94 20.44
C VAL C 287 -23.41 5.90 19.84
N VAL C 288 -22.52 6.75 20.35
CA VAL C 288 -21.12 6.75 19.97
C VAL C 288 -20.29 6.70 21.25
N ASN C 289 -19.47 5.67 21.38
CA ASN C 289 -18.71 5.46 22.60
C ASN C 289 -17.28 5.97 22.44
N GLY C 290 -17.03 7.14 23.02
CA GLY C 290 -15.72 7.74 22.99
C GLY C 290 -15.23 7.91 21.56
N PRO C 291 -13.93 7.63 21.30
CA PRO C 291 -13.40 7.71 19.93
C PRO C 291 -13.60 6.41 19.15
N GLU C 292 -14.82 5.88 19.19
CA GLU C 292 -15.13 4.62 18.53
C GLU C 292 -14.93 4.71 17.01
N ILE C 293 -15.04 5.90 16.44
CA ILE C 293 -14.98 6.08 14.99
C ILE C 293 -13.57 6.56 14.64
N LEU C 294 -12.68 5.60 14.36
CA LEU C 294 -11.32 5.88 13.97
C LEU C 294 -10.79 4.67 13.21
N ASN C 295 -10.24 4.91 12.02
CA ASN C 295 -9.71 3.85 11.16
C ASN C 295 -8.29 4.20 10.74
N LYS C 296 -7.58 3.18 10.27
CA LYS C 296 -6.23 3.34 9.76
C LYS C 296 -6.16 3.71 8.28
N TYR C 297 -6.92 3.01 7.45
CA TYR C 297 -6.97 3.34 6.04
C TYR C 297 -7.36 4.79 5.89
N VAL C 298 -6.98 5.38 4.76
CA VAL C 298 -7.22 6.80 4.53
C VAL C 298 -8.67 7.01 4.14
N GLY C 299 -9.35 7.88 4.86
CA GLY C 299 -10.68 8.30 4.49
C GLY C 299 -11.79 7.33 4.88
N GLU C 300 -11.80 6.88 6.14
CA GLU C 300 -12.89 6.05 6.64
C GLU C 300 -13.50 6.59 7.92
N SER C 301 -12.69 7.20 8.80
CA SER C 301 -13.27 7.79 10.00
C SER C 301 -14.35 8.79 9.62
N GLU C 302 -14.07 9.60 8.60
CA GLU C 302 -15.09 10.52 8.09
C GLU C 302 -16.25 9.75 7.48
N ALA C 303 -15.96 8.64 6.81
CA ALA C 303 -17.03 7.79 6.30
C ALA C 303 -17.87 7.22 7.45
N ASN C 304 -17.20 6.77 8.52
CA ASN C 304 -17.93 6.33 9.70
C ASN C 304 -18.84 7.43 10.22
N ILE C 305 -18.34 8.66 10.29
CA ILE C 305 -19.16 9.78 10.73
C ILE C 305 -20.37 9.95 9.82
N ARG C 306 -20.13 9.92 8.51
CA ARG C 306 -21.21 10.16 7.55
C ARG C 306 -22.29 9.08 7.62
N LYS C 307 -21.89 7.82 7.81
CA LYS C 307 -22.89 6.75 7.90
C LYS C 307 -23.91 7.04 8.99
N LEU C 308 -23.49 7.71 10.06
CA LEU C 308 -24.38 7.97 11.18
C LEU C 308 -25.61 8.76 10.76
N PHE C 309 -25.48 9.62 9.77
CA PHE C 309 -26.47 10.65 9.48
C PHE C 309 -27.32 10.38 8.25
N ALA C 310 -27.16 9.20 7.64
CA ALA C 310 -27.90 8.89 6.42
C ALA C 310 -29.41 8.92 6.68
N ASP C 311 -29.87 8.20 7.70
CA ASP C 311 -31.30 8.00 7.89
C ASP C 311 -32.04 9.33 7.96
N ALA C 312 -31.46 10.31 8.66
CA ALA C 312 -32.07 11.64 8.69
C ALA C 312 -32.20 12.20 7.28
N GLU C 313 -31.16 12.03 6.45
CA GLU C 313 -31.20 12.55 5.09
C GLU C 313 -32.31 11.89 4.28
N GLU C 314 -32.36 10.56 4.29
CA GLU C 314 -33.37 9.88 3.48
C GLU C 314 -34.78 10.19 3.96
N GLU C 315 -35.01 10.23 5.27
CA GLU C 315 -36.35 10.54 5.75
C GLU C 315 -36.74 11.98 5.42
N GLN C 316 -35.78 12.92 5.55
CA GLN C 316 -36.05 14.30 5.15
C GLN C 316 -36.45 14.36 3.68
N ARG C 317 -35.72 13.63 2.82
CA ARG C 317 -36.02 13.67 1.40
C ARG C 317 -37.39 13.05 1.11
N ARG C 318 -37.70 11.92 1.76
CA ARG C 318 -38.93 11.20 1.43
C ARG C 318 -40.16 11.93 1.95
N LEU C 319 -40.13 12.39 3.20
CA LEU C 319 -41.31 12.93 3.87
C LEU C 319 -41.27 14.44 4.05
N GLY C 320 -40.08 15.03 4.20
CA GLY C 320 -39.97 16.46 4.35
C GLY C 320 -40.20 16.92 5.79
N ALA C 321 -41.35 17.55 6.03
CA ALA C 321 -41.66 18.13 7.34
C ALA C 321 -42.52 17.22 8.21
N ASN C 322 -42.69 15.97 7.81
CA ASN C 322 -43.43 14.98 8.58
C ASN C 322 -42.53 13.81 8.95
N SER C 323 -41.27 14.12 9.26
CA SER C 323 -40.29 13.12 9.67
C SER C 323 -40.38 12.87 11.17
N GLY C 324 -39.46 12.05 11.67
CA GLY C 324 -39.35 11.82 13.09
C GLY C 324 -37.99 12.25 13.63
N LEU C 325 -37.91 12.50 14.92
CA LEU C 325 -36.65 12.95 15.50
C LEU C 325 -35.61 11.84 15.46
N HIS C 326 -34.35 12.23 15.34
CA HIS C 326 -33.21 11.33 15.40
C HIS C 326 -32.25 11.82 16.47
N ILE C 327 -31.77 10.89 17.30
CA ILE C 327 -30.98 11.21 18.48
C ILE C 327 -29.63 10.54 18.35
N ILE C 328 -28.61 11.18 18.93
CA ILE C 328 -27.22 10.75 18.78
C ILE C 328 -26.47 11.14 20.05
N ILE C 329 -25.65 10.22 20.55
CA ILE C 329 -25.01 10.36 21.85
C ILE C 329 -23.50 10.21 21.64
N PHE C 330 -22.74 11.21 22.08
CA PHE C 330 -21.27 11.23 21.99
C PHE C 330 -20.71 11.13 23.41
N ASP C 331 -20.36 9.91 23.81
CA ASP C 331 -19.76 9.67 25.15
C ASP C 331 -18.40 10.35 25.19
N GLU C 332 -18.14 11.17 26.20
CA GLU C 332 -16.84 11.79 26.39
C GLU C 332 -16.41 12.48 25.10
N ILE C 333 -17.10 13.56 24.75
CA ILE C 333 -16.91 14.26 23.48
C ILE C 333 -15.48 14.74 23.26
N ASP C 334 -14.78 15.13 24.33
CA ASP C 334 -13.49 15.78 24.16
C ASP C 334 -12.37 14.83 23.72
N ALA C 335 -12.57 13.51 23.69
CA ALA C 335 -11.54 12.64 23.13
C ALA C 335 -11.28 12.95 21.66
N ILE C 336 -12.29 13.40 20.93
CA ILE C 336 -12.22 13.55 19.48
C ILE C 336 -12.33 15.02 19.07
N CYS C 337 -13.37 15.70 19.53
CA CYS C 337 -13.53 17.12 19.25
C CYS C 337 -12.61 17.92 20.17
N LYS C 338 -11.72 18.70 19.59
CA LYS C 338 -10.80 19.53 20.35
C LYS C 338 -10.36 20.70 19.48
N GLN C 339 -9.73 21.68 20.11
CA GLN C 339 -9.28 22.86 19.40
C GLN C 339 -8.38 22.47 18.24
N ARG C 340 -8.66 23.03 17.07
CA ARG C 340 -7.87 22.75 15.88
C ARG C 340 -6.60 23.60 15.88
N GLY C 341 -5.53 23.02 15.34
CA GLY C 341 -4.28 23.74 15.21
C GLY C 341 -3.47 23.85 16.48
N SER C 342 -3.95 23.30 17.60
CA SER C 342 -3.25 23.38 18.87
C SER C 342 -2.56 22.06 19.21
N MET C 343 -3.31 20.96 19.23
CA MET C 343 -2.72 19.65 19.49
C MET C 343 -1.96 19.20 18.25
N ALA C 344 -0.74 18.70 18.46
CA ALA C 344 0.15 18.33 17.37
C ALA C 344 -0.31 16.99 16.78
N GLY C 345 -1.34 17.07 15.95
CA GLY C 345 -1.86 15.91 15.26
C GLY C 345 -1.03 15.56 14.04
N SER C 346 0.14 14.94 14.27
CA SER C 346 1.06 14.68 13.18
C SER C 346 0.37 13.98 12.01
N THR C 347 -0.51 13.02 12.30
CA THR C 347 -1.26 12.37 11.23
C THR C 347 -2.26 13.35 10.61
N GLY C 348 -2.90 14.17 11.45
CA GLY C 348 -3.88 15.12 10.97
C GLY C 348 -5.30 14.65 11.07
N VAL C 349 -5.55 13.48 11.66
CA VAL C 349 -6.90 12.92 11.70
C VAL C 349 -7.81 13.76 12.58
N HIS C 350 -7.29 14.30 13.68
CA HIS C 350 -8.13 14.99 14.65
C HIS C 350 -8.80 16.22 14.03
N ASP C 351 -7.98 17.13 13.51
CA ASP C 351 -8.53 18.34 12.90
C ASP C 351 -9.41 18.01 11.71
N THR C 352 -9.02 17.01 10.92
CA THR C 352 -9.83 16.62 9.76
C THR C 352 -11.22 16.14 10.21
N VAL C 353 -11.27 15.34 11.27
CA VAL C 353 -12.55 14.87 11.80
C VAL C 353 -13.38 16.04 12.30
N VAL C 354 -12.74 16.98 13.00
CA VAL C 354 -13.46 18.15 13.47
C VAL C 354 -14.03 18.93 12.29
N ASN C 355 -13.22 19.10 11.23
CA ASN C 355 -13.69 19.80 10.04
C ASN C 355 -14.88 19.09 9.43
N GLN C 356 -14.82 17.77 9.33
CA GLN C 356 -15.93 17.03 8.73
C GLN C 356 -17.20 17.19 9.54
N LEU C 357 -17.09 17.05 10.87
CA LEU C 357 -18.26 17.20 11.73
C LEU C 357 -18.85 18.60 11.60
N LEU C 358 -17.99 19.63 11.64
CA LEU C 358 -18.49 21.00 11.55
C LEU C 358 -19.15 21.25 10.20
N SER C 359 -18.54 20.73 9.14
CA SER C 359 -19.15 20.81 7.80
C SER C 359 -20.50 20.12 7.84
N LYS C 360 -20.66 19.09 8.68
CA LYS C 360 -21.91 18.29 8.74
C LYS C 360 -22.98 19.09 9.48
N ILE C 361 -22.81 19.31 10.78
CA ILE C 361 -23.79 20.04 11.62
C ILE C 361 -24.30 21.25 10.84
N ASP C 362 -23.41 22.02 10.22
CA ASP C 362 -23.78 23.24 9.46
C ASP C 362 -23.21 23.15 8.05
N GLY C 363 -23.78 22.31 7.20
CA GLY C 363 -23.31 22.12 5.81
C GLY C 363 -24.17 22.85 4.81
N VAL C 364 -23.82 22.81 3.51
CA VAL C 364 -24.64 23.43 2.45
C VAL C 364 -26.03 22.82 2.59
N GLU C 365 -26.10 21.51 2.75
CA GLU C 365 -27.39 20.82 2.98
C GLU C 365 -28.01 21.38 4.25
N GLN C 366 -29.33 21.38 4.37
CA GLN C 366 -30.01 21.77 5.59
C GLN C 366 -30.73 20.58 6.17
N LEU C 367 -30.73 20.46 7.49
CA LEU C 367 -31.47 19.43 8.20
C LEU C 367 -32.30 20.07 9.31
N ASN C 368 -33.40 19.40 9.67
CA ASN C 368 -34.30 19.92 10.69
C ASN C 368 -34.76 18.80 11.61
N ASN C 369 -34.10 17.65 11.56
CA ASN C 369 -34.57 16.45 12.26
C ASN C 369 -33.41 15.74 12.95
N ILE C 370 -32.50 16.51 13.56
CA ILE C 370 -31.37 15.93 14.27
C ILE C 370 -31.22 16.61 15.62
N LEU C 371 -30.61 15.89 16.57
CA LEU C 371 -30.32 16.42 17.89
C LEU C 371 -29.06 15.76 18.39
N VAL C 372 -28.14 16.56 18.93
CA VAL C 372 -26.82 16.08 19.36
C VAL C 372 -26.64 16.43 20.83
N ILE C 373 -26.22 15.44 21.62
CA ILE C 373 -26.02 15.59 23.05
C ILE C 373 -24.55 15.30 23.34
N GLY C 374 -23.90 16.22 24.04
CA GLY C 374 -22.50 16.06 24.39
C GLY C 374 -22.31 16.07 25.90
N MET C 375 -21.30 15.34 26.36
CA MET C 375 -21.00 15.22 27.77
C MET C 375 -19.49 15.28 27.97
N THR C 376 -19.07 16.00 29.01
CA THR C 376 -17.65 16.12 29.30
C THR C 376 -17.45 16.65 30.71
N ASN C 377 -16.23 16.47 31.23
CA ASN C 377 -15.83 17.06 32.50
C ASN C 377 -14.86 18.22 32.34
N ARG C 378 -14.22 18.35 31.20
CA ARG C 378 -13.31 19.45 30.90
C ARG C 378 -13.89 20.29 29.77
N PRO C 379 -14.80 21.22 30.05
CA PRO C 379 -15.46 21.99 29.00
C PRO C 379 -14.67 23.19 28.49
N ASP C 380 -13.38 22.96 28.22
CA ASP C 380 -12.53 24.02 27.67
C ASP C 380 -11.61 23.56 26.54
N LEU C 381 -11.28 22.28 26.43
CA LEU C 381 -10.55 21.81 25.26
C LEU C 381 -11.38 21.86 23.99
N ILE C 382 -12.71 21.97 24.11
CA ILE C 382 -13.58 21.87 22.94
C ILE C 382 -13.36 23.08 22.04
N ASP C 383 -13.53 22.87 20.74
CA ASP C 383 -13.35 23.94 19.78
C ASP C 383 -14.44 24.99 19.94
N GLU C 384 -14.05 26.26 19.89
CA GLU C 384 -15.03 27.34 20.02
C GLU C 384 -16.00 27.37 18.84
N ALA C 385 -15.53 27.00 17.64
CA ALA C 385 -16.40 27.02 16.47
C ALA C 385 -17.57 26.06 16.60
N LEU C 386 -17.50 25.09 17.51
CA LEU C 386 -18.58 24.13 17.70
C LEU C 386 -19.58 24.58 18.75
N LEU C 387 -19.28 25.64 19.51
CA LEU C 387 -20.10 26.10 20.62
C LEU C 387 -20.67 27.48 20.35
N ARG C 388 -21.10 27.73 19.11
CA ARG C 388 -21.76 28.98 18.76
C ARG C 388 -23.26 28.77 18.67
N PRO C 389 -24.05 29.85 18.76
CA PRO C 389 -25.51 29.67 18.79
C PRO C 389 -26.06 28.89 17.60
N GLY C 390 -25.29 28.77 16.52
CA GLY C 390 -25.74 27.96 15.40
C GLY C 390 -25.71 26.47 15.72
N ARG C 391 -24.61 25.99 16.32
CA ARG C 391 -24.35 24.57 16.45
C ARG C 391 -24.83 24.00 17.78
N LEU C 392 -24.27 24.47 18.90
CA LEU C 392 -24.59 23.97 20.22
C LEU C 392 -24.93 25.15 21.11
N GLU C 393 -26.20 25.26 21.49
CA GLU C 393 -26.74 26.44 22.16
C GLU C 393 -26.85 26.23 23.66
N VAL C 394 -27.61 25.22 24.08
CA VAL C 394 -27.84 24.97 25.49
C VAL C 394 -26.62 24.25 26.06
N LYS C 395 -26.06 24.81 27.14
CA LYS C 395 -24.90 24.22 27.80
C LYS C 395 -25.15 24.31 29.30
N MET C 396 -25.28 23.16 29.95
CA MET C 396 -25.75 23.09 31.33
C MET C 396 -24.71 22.42 32.23
N GLU C 397 -24.76 22.81 33.50
CA GLU C 397 -23.84 22.33 34.52
C GLU C 397 -24.62 21.54 35.56
N ILE C 398 -24.11 20.38 35.93
CA ILE C 398 -24.72 19.54 36.95
C ILE C 398 -23.83 19.59 38.17
N GLY C 399 -24.38 20.06 39.29
CA GLY C 399 -23.63 20.30 40.49
C GLY C 399 -24.01 19.37 41.63
N LEU C 400 -23.17 19.38 42.66
CA LEU C 400 -23.44 18.57 43.83
C LEU C 400 -24.80 18.94 44.42
N PRO C 401 -25.57 17.97 44.91
CA PRO C 401 -26.91 18.26 45.41
C PRO C 401 -26.87 18.87 46.81
N ASP C 402 -28.01 19.39 47.23
CA ASP C 402 -28.19 19.94 48.56
C ASP C 402 -28.87 18.91 49.46
N GLU C 403 -29.23 19.33 50.68
CA GLU C 403 -29.89 18.42 51.61
C GLU C 403 -31.15 17.83 50.99
N LYS C 404 -31.99 18.69 50.41
CA LYS C 404 -33.26 18.22 49.86
C LYS C 404 -33.05 17.23 48.73
N GLY C 405 -32.09 17.51 47.84
CA GLY C 405 -31.78 16.57 46.78
C GLY C 405 -31.29 15.24 47.32
N ARG C 406 -30.46 15.29 48.37
CA ARG C 406 -30.00 14.06 49.00
C ARG C 406 -31.18 13.26 49.57
N LEU C 407 -32.12 13.94 50.21
CA LEU C 407 -33.30 13.26 50.73
C LEU C 407 -34.08 12.60 49.60
N GLN C 408 -34.27 13.33 48.49
CA GLN C 408 -34.97 12.76 47.35
C GLN C 408 -34.25 11.53 46.82
N ILE C 409 -32.93 11.62 46.71
CA ILE C 409 -32.13 10.50 46.19
C ILE C 409 -32.28 9.28 47.09
N LEU C 410 -32.20 9.48 48.40
CA LEU C 410 -32.34 8.37 49.33
C LEU C 410 -33.74 7.76 49.25
N HIS C 411 -34.77 8.60 49.12
CA HIS C 411 -36.11 8.06 48.92
C HIS C 411 -36.18 7.21 47.66
N ILE C 412 -35.59 7.69 46.56
CA ILE C 412 -35.65 6.95 45.31
C ILE C 412 -34.95 5.61 45.45
N HIS C 413 -33.70 5.63 45.94
CA HIS C 413 -32.91 4.40 45.96
C HIS C 413 -33.51 3.38 46.94
N THR C 414 -33.91 3.84 48.13
CA THR C 414 -34.49 2.97 49.14
C THR C 414 -36.02 3.02 49.02
N ALA C 415 -36.54 2.33 48.00
CA ALA C 415 -37.97 2.26 47.76
C ALA C 415 -38.49 0.84 47.83
N ARG C 416 -37.79 -0.11 47.20
CA ARG C 416 -38.25 -1.50 47.17
C ARG C 416 -38.22 -2.13 48.56
N MET C 417 -37.23 -1.77 49.37
CA MET C 417 -37.15 -2.34 50.72
C MET C 417 -38.36 -1.96 51.56
N ARG C 418 -38.79 -0.70 51.49
N ARG C 418 -38.79 -0.70 51.49
CA ARG C 418 -39.97 -0.28 52.26
CA ARG C 418 -39.97 -0.28 52.26
C ARG C 418 -41.22 -1.03 51.80
C ARG C 418 -41.22 -1.03 51.80
N GLY C 419 -41.30 -1.36 50.51
CA GLY C 419 -42.44 -2.13 50.04
C GLY C 419 -42.50 -3.52 50.64
N HIS C 420 -41.35 -4.15 50.82
CA HIS C 420 -41.28 -5.54 51.28
C HIS C 420 -40.88 -5.66 52.75
N GLN C 421 -40.99 -4.57 53.52
CA GLN C 421 -40.83 -4.61 54.98
C GLN C 421 -39.48 -5.19 55.40
N LEU C 422 -38.44 -4.96 54.61
CA LEU C 422 -37.10 -5.40 54.95
C LEU C 422 -36.32 -4.38 55.75
N LEU C 423 -36.94 -3.26 56.12
CA LEU C 423 -36.27 -2.16 56.79
C LEU C 423 -36.83 -2.02 58.21
N SER C 424 -35.94 -1.99 59.19
CA SER C 424 -36.32 -1.75 60.56
C SER C 424 -36.73 -0.29 60.76
N ALA C 425 -37.67 -0.07 61.68
CA ALA C 425 -38.04 1.28 62.04
C ALA C 425 -36.92 2.02 62.77
N ASP C 426 -35.86 1.31 63.17
CA ASP C 426 -34.74 1.93 63.85
C ASP C 426 -34.06 3.00 63.00
N VAL C 427 -34.16 2.92 61.67
CA VAL C 427 -33.41 3.78 60.77
C VAL C 427 -34.31 4.95 60.35
N ASP C 428 -33.75 6.16 60.39
CA ASP C 428 -34.43 7.36 59.94
C ASP C 428 -33.71 7.92 58.73
N ILE C 429 -34.47 8.53 57.83
CA ILE C 429 -33.88 9.13 56.63
C ILE C 429 -33.40 10.56 56.89
N LYS C 430 -34.07 11.29 57.79
CA LYS C 430 -33.65 12.66 58.06
C LYS C 430 -32.25 12.71 58.68
N GLU C 431 -31.98 11.83 59.65
CA GLU C 431 -30.64 11.80 60.23
C GLU C 431 -29.60 11.47 59.18
N LEU C 432 -29.88 10.51 58.30
CA LEU C 432 -28.92 10.16 57.26
C LEU C 432 -28.68 11.35 56.33
N ALA C 433 -29.75 12.00 55.89
CA ALA C 433 -29.60 13.13 54.99
C ALA C 433 -28.78 14.25 55.63
N VAL C 434 -29.07 14.57 56.89
CA VAL C 434 -28.33 15.62 57.57
C VAL C 434 -26.86 15.23 57.73
N GLU C 435 -26.63 14.00 58.20
CA GLU C 435 -25.28 13.59 58.57
C GLU C 435 -24.34 13.48 57.38
N THR C 436 -24.88 13.33 56.17
CA THR C 436 -24.07 13.21 54.97
C THR C 436 -24.12 14.55 54.23
N LYS C 437 -22.95 15.09 53.91
CA LYS C 437 -22.83 16.41 53.30
C LYS C 437 -21.87 16.35 52.12
N ASN C 438 -22.19 17.10 51.06
CA ASN C 438 -21.34 17.22 49.88
C ASN C 438 -21.17 15.89 49.17
N PHE C 439 -22.08 14.95 49.41
CA PHE C 439 -22.01 13.63 48.78
C PHE C 439 -22.55 13.70 47.36
N SER C 440 -21.92 12.94 46.47
CA SER C 440 -22.39 12.84 45.10
C SER C 440 -23.49 11.78 45.01
N GLY C 441 -24.20 11.79 43.87
CA GLY C 441 -25.26 10.82 43.68
C GLY C 441 -24.75 9.40 43.62
N ALA C 442 -23.51 9.21 43.18
CA ALA C 442 -22.93 7.87 43.06
C ALA C 442 -22.45 7.32 44.39
N GLU C 443 -22.43 8.12 45.46
CA GLU C 443 -21.88 7.71 46.74
C GLU C 443 -22.94 7.25 47.74
N LEU C 444 -24.11 7.88 47.73
CA LEU C 444 -25.19 7.42 48.60
C LEU C 444 -25.62 6.00 48.21
N GLU C 445 -25.71 5.72 46.91
CA GLU C 445 -26.04 4.38 46.45
C GLU C 445 -25.00 3.37 46.92
N GLY C 446 -23.72 3.72 46.83
CA GLY C 446 -22.68 2.83 47.33
C GLY C 446 -22.78 2.60 48.83
N LEU C 447 -23.09 3.66 49.58
CA LEU C 447 -23.31 3.52 51.01
C LEU C 447 -24.42 2.52 51.29
N VAL C 448 -25.54 2.67 50.59
CA VAL C 448 -26.69 1.77 50.80
C VAL C 448 -26.29 0.33 50.46
N ARG C 449 -25.58 0.15 49.34
CA ARG C 449 -25.16 -1.20 48.96
C ARG C 449 -24.25 -1.82 50.01
N ALA C 450 -23.30 -1.04 50.53
CA ALA C 450 -22.40 -1.55 51.56
C ALA C 450 -23.15 -1.92 52.83
N ALA C 451 -24.10 -1.07 53.23
CA ALA C 451 -24.89 -1.39 54.42
C ALA C 451 -25.65 -2.69 54.23
N GLN C 452 -26.28 -2.86 53.06
CA GLN C 452 -27.02 -4.08 52.79
C GLN C 452 -26.09 -5.30 52.78
N SER C 453 -24.91 -5.15 52.18
CA SER C 453 -23.95 -6.25 52.14
C SER C 453 -23.55 -6.66 53.55
N THR C 454 -23.23 -5.70 54.41
CA THR C 454 -22.89 -6.03 55.79
C THR C 454 -24.06 -6.72 56.48
N ALA C 455 -25.26 -6.18 56.31
CA ALA C 455 -26.44 -6.77 56.95
C ALA C 455 -26.59 -8.23 56.57
N MET C 456 -26.55 -8.52 55.26
CA MET C 456 -26.78 -9.90 54.84
C MET C 456 -25.61 -10.79 55.23
N ASN C 457 -24.37 -10.30 55.10
CA ASN C 457 -23.20 -11.07 55.52
C ASN C 457 -23.30 -11.46 56.99
N ARG C 458 -23.99 -10.66 57.80
CA ARG C 458 -24.19 -11.02 59.20
C ARG C 458 -24.68 -12.46 59.33
N HIS C 459 -25.69 -12.83 58.53
CA HIS C 459 -26.30 -14.15 58.68
C HIS C 459 -25.36 -15.27 58.27
N ILE C 460 -24.63 -15.10 57.16
CA ILE C 460 -23.81 -16.18 56.63
C ILE C 460 -22.67 -16.48 57.59
N LYS C 461 -22.48 -17.76 57.88
CA LYS C 461 -21.43 -18.25 58.79
C LYS C 461 -20.66 -19.34 58.06
N ALA C 462 -19.57 -18.94 57.40
CA ALA C 462 -18.74 -19.89 56.65
C ALA C 462 -17.37 -19.29 56.44
N SER C 463 -16.33 -20.04 56.80
CA SER C 463 -14.95 -19.56 56.73
C SER C 463 -14.12 -20.30 55.70
N THR C 464 -14.02 -21.62 55.80
CA THR C 464 -13.27 -22.44 54.86
C THR C 464 -14.18 -23.12 53.84
N LYS C 465 -15.30 -23.65 54.30
CA LYS C 465 -16.30 -24.25 53.42
C LYS C 465 -17.51 -23.33 53.36
N VAL C 466 -17.87 -22.90 52.15
CA VAL C 466 -19.02 -22.01 52.00
C VAL C 466 -20.27 -22.68 52.55
N GLU C 467 -21.08 -21.91 53.25
CA GLU C 467 -22.31 -22.42 53.84
C GLU C 467 -23.24 -21.24 54.11
N VAL C 468 -24.54 -21.48 53.92
CA VAL C 468 -25.56 -20.46 54.14
C VAL C 468 -26.53 -20.98 55.19
N ASP C 469 -26.76 -20.18 56.23
CA ASP C 469 -27.71 -20.52 57.28
C ASP C 469 -29.10 -20.06 56.85
N MET C 470 -29.73 -20.89 56.02
CA MET C 470 -31.05 -20.56 55.50
C MET C 470 -32.04 -20.28 56.62
N GLU C 471 -31.86 -20.92 57.78
CA GLU C 471 -32.74 -20.68 58.91
C GLU C 471 -32.73 -19.21 59.30
N LYS C 472 -31.54 -18.61 59.40
CA LYS C 472 -31.44 -17.20 59.77
C LYS C 472 -31.88 -16.26 58.66
N ALA C 473 -31.89 -16.73 57.40
CA ALA C 473 -32.32 -15.89 56.30
C ALA C 473 -33.83 -15.64 56.28
N GLU C 474 -34.59 -16.33 57.13
CA GLU C 474 -36.04 -16.15 57.13
C GLU C 474 -36.42 -14.72 57.50
N SER C 475 -35.73 -14.14 58.48
CA SER C 475 -35.98 -12.78 58.94
C SER C 475 -34.73 -11.95 58.70
N LEU C 476 -34.81 -11.05 57.72
CA LEU C 476 -33.69 -10.16 57.37
C LEU C 476 -34.15 -8.71 57.50
N GLN C 477 -33.36 -7.93 58.23
CA GLN C 477 -33.65 -6.51 58.42
C GLN C 477 -32.34 -5.77 58.59
N VAL C 478 -32.38 -4.46 58.37
CA VAL C 478 -31.20 -3.60 58.44
C VAL C 478 -31.42 -2.57 59.53
N THR C 479 -30.42 -2.42 60.40
CA THR C 479 -30.48 -1.49 61.52
C THR C 479 -29.45 -0.37 61.34
N ARG C 480 -29.52 0.60 62.25
CA ARG C 480 -28.64 1.76 62.17
C ARG C 480 -27.17 1.36 62.24
N GLY C 481 -26.87 0.26 62.93
CA GLY C 481 -25.48 -0.16 63.06
C GLY C 481 -24.81 -0.39 61.73
N ASP C 482 -25.52 -1.00 60.79
CA ASP C 482 -24.98 -1.19 59.44
C ASP C 482 -24.58 0.15 58.84
N PHE C 483 -25.48 1.13 58.88
CA PHE C 483 -25.21 2.43 58.27
C PHE C 483 -24.02 3.10 58.94
N LEU C 484 -23.99 3.08 60.28
CA LEU C 484 -22.91 3.75 60.99
C LEU C 484 -21.56 3.09 60.72
N ALA C 485 -21.52 1.75 60.72
CA ALA C 485 -20.25 1.07 60.43
C ALA C 485 -19.80 1.36 59.01
N SER C 486 -20.72 1.33 58.04
CA SER C 486 -20.34 1.64 56.67
C SER C 486 -19.82 3.06 56.56
N LEU C 487 -20.48 4.02 57.20
CA LEU C 487 -20.03 5.40 57.16
C LEU C 487 -18.63 5.53 57.75
N GLU C 488 -18.39 4.89 58.90
CA GLU C 488 -17.11 5.06 59.58
C GLU C 488 -15.97 4.37 58.84
N ASN C 489 -16.25 3.24 58.17
CA ASN C 489 -15.19 2.37 57.69
C ASN C 489 -15.09 2.30 56.17
N ASP C 490 -16.22 2.20 55.46
CA ASP C 490 -16.18 1.81 54.06
C ASP C 490 -16.09 3.00 53.11
N ILE C 491 -17.06 3.89 53.16
CA ILE C 491 -17.20 4.95 52.17
C ILE C 491 -16.34 6.14 52.57
N LYS C 492 -15.71 6.78 51.58
CA LYS C 492 -14.87 7.95 51.79
C LYS C 492 -15.25 9.01 50.77
N PRO C 493 -15.88 10.11 51.18
CA PRO C 493 -16.25 11.14 50.20
C PRO C 493 -15.01 11.80 49.60
N ALA C 494 -15.16 12.26 48.37
CA ALA C 494 -14.06 12.92 47.66
C ALA C 494 -14.03 14.42 47.89
N PHE C 495 -15.20 15.07 47.99
CA PHE C 495 -15.28 16.51 48.17
C PHE C 495 -15.63 16.91 49.60
N GLY C 496 -15.89 15.95 50.48
CA GLY C 496 -16.20 16.23 51.87
C GLY C 496 -14.96 16.27 52.74
N THR C 497 -15.20 16.40 54.05
CA THR C 497 -14.11 16.42 55.01
C THR C 497 -13.80 15.01 55.49
N ASN C 498 -12.52 14.76 55.78
CA ASN C 498 -12.05 13.45 56.19
C ASN C 498 -11.35 13.57 57.54
N GLN C 499 -11.56 12.55 58.38
CA GLN C 499 -11.17 12.63 59.79
C GLN C 499 -9.69 12.32 60.05
N GLU C 500 -9.04 11.56 59.16
CA GLU C 500 -7.64 11.20 59.42
C GLU C 500 -6.74 12.43 59.43
N ASP C 501 -7.02 13.40 58.55
CA ASP C 501 -6.20 14.61 58.52
C ASP C 501 -6.14 15.26 59.89
N TYR C 502 -7.29 15.41 60.55
CA TYR C 502 -7.30 15.98 61.89
C TYR C 502 -6.62 15.08 62.90
N ALA C 503 -6.43 13.80 62.58
CA ALA C 503 -5.76 12.88 63.48
C ALA C 503 -4.25 12.96 63.37
N SER C 504 -3.74 13.32 62.20
CA SER C 504 -2.31 13.32 61.91
C SER C 504 -1.59 14.60 62.34
N TYR C 505 -2.30 15.55 62.94
CA TYR C 505 -1.70 16.83 63.32
C TYR C 505 -1.85 17.14 64.80
N ILE C 506 -3.03 16.97 65.38
CA ILE C 506 -3.21 17.10 66.83
C ILE C 506 -2.92 15.74 67.44
N MET C 507 -1.62 15.47 67.64
CA MET C 507 -1.17 14.16 68.10
C MET C 507 -1.31 14.03 69.61
N ASN C 508 -0.99 15.08 70.35
CA ASN C 508 -1.03 15.04 71.81
C ASN C 508 -2.03 16.04 72.38
N GLY C 509 -3.13 16.27 71.66
CA GLY C 509 -4.23 17.05 72.18
C GLY C 509 -3.87 18.51 72.46
N ILE C 510 -4.82 19.15 73.15
CA ILE C 510 -4.73 20.56 73.50
C ILE C 510 -4.98 20.66 75.00
N ILE C 511 -4.05 21.28 75.72
CA ILE C 511 -4.13 21.43 77.17
C ILE C 511 -4.05 22.91 77.50
N LYS C 512 -4.99 23.39 78.31
CA LYS C 512 -5.03 24.80 78.69
C LYS C 512 -3.98 25.01 79.77
N TRP C 513 -2.78 25.39 79.34
CA TRP C 513 -1.71 25.74 80.25
C TRP C 513 -1.67 27.22 80.57
N GLY C 514 -2.51 28.03 79.94
CA GLY C 514 -2.50 29.46 80.17
C GLY C 514 -3.64 30.14 79.47
N ASP C 515 -3.80 31.42 79.78
CA ASP C 515 -4.89 32.20 79.19
C ASP C 515 -4.81 32.32 77.67
N PRO C 516 -3.65 32.58 77.06
CA PRO C 516 -3.62 32.86 75.62
C PRO C 516 -4.38 31.86 74.75
N VAL C 517 -4.42 30.59 75.13
CA VAL C 517 -5.08 29.59 74.29
C VAL C 517 -6.55 29.95 74.11
N THR C 518 -7.23 30.31 75.21
CA THR C 518 -8.63 30.70 75.10
C THR C 518 -8.80 31.92 74.21
N ARG C 519 -7.90 32.90 74.36
CA ARG C 519 -7.96 34.09 73.51
C ARG C 519 -7.88 33.70 72.03
N VAL C 520 -6.91 32.84 71.68
CA VAL C 520 -6.73 32.45 70.29
C VAL C 520 -7.98 31.73 69.77
N LEU C 521 -8.49 30.79 70.56
CA LEU C 521 -9.67 30.03 70.11
C LEU C 521 -10.87 30.96 69.92
N ASP C 522 -11.08 31.90 70.85
CA ASP C 522 -12.18 32.84 70.72
C ASP C 522 -12.02 33.72 69.48
N ASP C 523 -10.80 34.18 69.22
CA ASP C 523 -10.57 35.00 68.04
C ASP C 523 -10.89 34.22 66.77
N GLY C 524 -10.45 32.97 66.70
CA GLY C 524 -10.81 32.13 65.57
C GLY C 524 -12.31 31.99 65.42
N GLU C 525 -13.02 31.80 66.54
CA GLU C 525 -14.48 31.73 66.52
C GLU C 525 -15.06 33.01 65.92
N LEU C 526 -14.57 34.16 66.37
CA LEU C 526 -15.09 35.43 65.85
C LEU C 526 -14.86 35.56 64.36
N LEU C 527 -13.67 35.19 63.88
CA LEU C 527 -13.38 35.29 62.45
C LEU C 527 -14.31 34.39 61.63
N VAL C 528 -14.48 33.14 62.08
CA VAL C 528 -15.36 32.23 61.35
C VAL C 528 -16.79 32.76 61.36
N GLN C 529 -17.21 33.34 62.50
CA GLN C 529 -18.54 33.93 62.58
C GLN C 529 -18.71 35.04 61.54
N GLN C 530 -17.74 35.96 61.49
CA GLN C 530 -17.86 37.07 60.54
C GLN C 530 -17.96 36.55 59.12
N THR C 531 -17.07 35.63 58.74
CA THR C 531 -17.10 35.16 57.36
C THR C 531 -18.39 34.40 57.05
N LYS C 532 -18.95 33.69 58.04
CA LYS C 532 -20.15 32.90 57.79
C LYS C 532 -21.39 33.77 57.61
N ASN C 533 -21.48 34.88 58.35
CA ASN C 533 -22.72 35.66 58.44
C ASN C 533 -22.48 37.11 58.05
N SER C 534 -21.82 37.33 56.92
CA SER C 534 -21.61 38.69 56.45
C SER C 534 -21.61 38.73 54.93
N ASP C 535 -22.15 39.81 54.38
CA ASP C 535 -22.00 40.17 52.99
C ASP C 535 -21.14 41.42 52.90
N ARG C 536 -20.68 41.74 51.70
CA ARG C 536 -19.71 42.81 51.44
C ARG C 536 -18.30 42.33 51.77
N THR C 537 -18.12 41.09 52.21
CA THR C 537 -16.82 40.59 52.61
C THR C 537 -16.82 39.06 52.53
N PRO C 538 -16.89 38.50 51.33
CA PRO C 538 -16.88 37.04 51.17
C PRO C 538 -15.51 36.41 51.27
N LEU C 539 -14.47 37.21 51.54
CA LEU C 539 -13.10 36.72 51.61
C LEU C 539 -12.40 37.44 52.76
N VAL C 540 -11.93 36.67 53.73
CA VAL C 540 -11.19 37.19 54.88
C VAL C 540 -9.98 36.28 55.09
N SER C 541 -8.85 36.88 55.43
CA SER C 541 -7.61 36.14 55.65
C SER C 541 -6.96 36.56 56.95
N VAL C 542 -6.43 35.58 57.68
CA VAL C 542 -5.78 35.80 58.96
C VAL C 542 -4.41 35.13 58.92
N LEU C 543 -3.47 35.70 59.68
CA LEU C 543 -2.11 35.18 59.75
C LEU C 543 -1.80 34.79 61.19
N LEU C 544 -1.23 33.59 61.36
CA LEU C 544 -0.75 33.12 62.65
C LEU C 544 0.77 33.06 62.59
N GLU C 545 1.42 33.73 63.53
CA GLU C 545 2.87 33.81 63.57
C GLU C 545 3.36 33.61 65.00
N GLY C 546 4.60 33.14 65.12
CA GLY C 546 5.21 32.94 66.41
C GLY C 546 6.57 32.29 66.31
N PRO C 547 7.25 32.17 67.44
CA PRO C 547 8.57 31.54 67.46
C PRO C 547 8.46 30.04 67.18
N PRO C 548 9.56 29.41 66.78
CA PRO C 548 9.48 27.98 66.44
C PRO C 548 9.15 27.13 67.66
N HIS C 549 8.57 25.96 67.40
CA HIS C 549 8.24 24.96 68.40
C HIS C 549 7.15 25.42 69.36
N SER C 550 6.47 26.54 69.06
CA SER C 550 5.41 27.06 69.91
C SER C 550 4.09 26.30 69.79
N GLY C 551 3.97 25.39 68.82
CA GLY C 551 2.76 24.62 68.67
C GLY C 551 1.61 25.37 68.03
N LYS C 552 1.90 26.15 66.98
CA LYS C 552 0.87 26.93 66.29
C LYS C 552 0.20 26.15 65.17
N THR C 553 0.89 25.16 64.59
CA THR C 553 0.30 24.36 63.52
C THR C 553 -0.94 23.61 64.02
N ALA C 554 -0.85 22.99 65.20
CA ALA C 554 -1.98 22.26 65.74
C ALA C 554 -3.17 23.19 66.03
N LEU C 555 -2.88 24.38 66.53
CA LEU C 555 -3.96 25.32 66.87
C LEU C 555 -4.77 25.69 65.63
N ALA C 556 -4.12 25.84 64.48
CA ALA C 556 -4.86 26.11 63.25
C ALA C 556 -5.82 24.97 62.93
N ALA C 557 -5.36 23.73 63.06
CA ALA C 557 -6.24 22.58 62.83
C ALA C 557 -7.42 22.61 63.79
N LYS C 558 -7.16 22.93 65.06
CA LYS C 558 -8.25 23.00 66.03
C LYS C 558 -9.26 24.05 65.63
N ILE C 559 -8.79 25.24 65.26
CA ILE C 559 -9.70 26.31 64.83
C ILE C 559 -10.56 25.81 63.66
N ALA C 560 -9.91 25.18 62.67
CA ALA C 560 -10.66 24.71 61.51
C ALA C 560 -11.68 23.64 61.88
N GLU C 561 -11.39 22.81 62.89
CA GLU C 561 -12.30 21.73 63.25
C GLU C 561 -13.61 22.23 63.85
N GLU C 562 -13.63 23.45 64.40
CA GLU C 562 -14.82 23.98 65.06
C GLU C 562 -15.67 24.84 64.15
N SER C 563 -15.31 24.99 62.88
CA SER C 563 -16.14 25.76 61.97
C SER C 563 -17.38 24.99 61.52
N ASN C 564 -17.32 23.66 61.51
CA ASN C 564 -18.42 22.82 61.03
C ASN C 564 -18.75 23.08 59.57
N PHE C 565 -17.81 23.66 58.82
CA PHE C 565 -18.04 23.91 57.41
C PHE C 565 -18.05 22.60 56.62
N PRO C 566 -18.88 22.50 55.58
CA PRO C 566 -18.93 21.24 54.83
C PRO C 566 -17.60 20.85 54.21
N PHE C 567 -16.82 21.82 53.75
CA PHE C 567 -15.57 21.55 53.04
C PHE C 567 -14.42 22.20 53.79
N ILE C 568 -13.45 21.40 54.20
CA ILE C 568 -12.25 21.86 54.89
C ILE C 568 -11.07 21.15 54.26
N LYS C 569 -9.99 21.87 53.99
CA LYS C 569 -8.81 21.24 53.41
C LYS C 569 -7.54 21.88 53.94
N ILE C 570 -6.51 21.04 54.08
CA ILE C 570 -5.18 21.46 54.53
C ILE C 570 -4.20 21.13 53.41
N CYS C 571 -3.35 22.08 53.06
CA CYS C 571 -2.32 21.88 52.05
C CYS C 571 -0.96 22.02 52.70
N SER C 572 -0.12 20.99 52.56
CA SER C 572 1.15 20.93 53.26
C SER C 572 2.28 20.65 52.28
N PRO C 573 3.49 21.13 52.58
CA PRO C 573 4.67 20.73 51.78
C PRO C 573 5.07 19.28 51.99
N ASP C 574 4.45 18.59 52.94
CA ASP C 574 4.80 17.22 53.23
C ASP C 574 4.60 16.32 52.00
N LYS C 575 3.72 16.72 51.08
CA LYS C 575 3.33 15.89 49.95
C LYS C 575 3.95 16.36 48.63
N MET C 576 4.94 17.24 48.69
CA MET C 576 5.49 17.88 47.50
C MET C 576 7.02 17.75 47.45
N ILE C 577 7.56 16.70 48.07
CA ILE C 577 9.00 16.54 48.16
C ILE C 577 9.58 16.39 46.75
N GLY C 578 10.55 17.23 46.43
CA GLY C 578 11.23 17.14 45.16
C GLY C 578 10.49 17.76 44.00
N PHE C 579 9.33 18.34 44.22
CA PHE C 579 8.56 18.93 43.14
C PHE C 579 9.30 20.14 42.57
N SER C 580 8.99 20.47 41.33
CA SER C 580 9.46 21.70 40.73
C SER C 580 8.47 22.84 41.02
N GLU C 581 8.82 24.04 40.59
CA GLU C 581 7.95 25.19 40.84
C GLU C 581 6.60 24.99 40.18
N THR C 582 6.60 24.54 38.92
CA THR C 582 5.35 24.39 38.19
C THR C 582 4.42 23.41 38.89
N ALA C 583 4.97 22.28 39.36
CA ALA C 583 4.14 21.31 40.07
C ALA C 583 3.51 21.92 41.31
N LYS C 584 4.30 22.67 42.08
CA LYS C 584 3.76 23.31 43.28
C LYS C 584 2.62 24.25 42.94
N CYS C 585 2.82 25.12 41.94
CA CYS C 585 1.77 26.07 41.60
C CYS C 585 0.53 25.35 41.08
N GLN C 586 0.72 24.25 40.35
N GLN C 586 0.72 24.24 40.36
CA GLN C 586 -0.41 23.46 39.87
CA GLN C 586 -0.44 23.50 39.88
C GLN C 586 -1.18 22.84 41.04
C GLN C 586 -1.18 22.82 41.03
N ALA C 587 -0.46 22.37 42.06
CA ALA C 587 -1.12 21.89 43.26
C ALA C 587 -1.95 23.00 43.89
N MET C 588 -1.39 24.21 43.96
CA MET C 588 -2.12 25.34 44.53
C MET C 588 -3.40 25.58 43.71
N LYS C 589 -3.27 25.59 42.39
CA LYS C 589 -4.42 25.67 41.50
C LYS C 589 -5.48 24.63 41.81
N LYS C 590 -5.07 23.37 41.90
CA LYS C 590 -6.08 22.32 42.00
C LYS C 590 -6.82 22.41 43.32
N ILE C 591 -6.10 22.68 44.41
CA ILE C 591 -6.74 22.80 45.72
C ILE C 591 -7.71 23.98 45.73
N PHE C 592 -7.27 25.15 45.25
CA PHE C 592 -8.15 26.31 45.30
C PHE C 592 -9.36 26.15 44.38
N ASP C 593 -9.15 25.57 43.19
CA ASP C 593 -10.27 25.33 42.28
C ASP C 593 -11.29 24.37 42.91
N ASP C 594 -10.82 23.30 43.53
CA ASP C 594 -11.73 22.39 44.21
C ASP C 594 -12.49 23.11 45.33
N ALA C 595 -11.78 23.91 46.11
CA ALA C 595 -12.43 24.68 47.18
C ALA C 595 -13.51 25.61 46.62
N TYR C 596 -13.30 26.13 45.41
CA TYR C 596 -14.24 27.07 44.81
C TYR C 596 -15.61 26.47 44.48
N LYS C 597 -15.84 25.18 44.74
CA LYS C 597 -17.06 24.51 44.28
C LYS C 597 -18.01 24.18 45.42
N SER C 598 -17.93 24.90 46.53
CA SER C 598 -18.82 24.66 47.67
C SER C 598 -19.29 26.01 48.21
N GLN C 599 -20.35 25.96 49.01
CA GLN C 599 -20.92 27.19 49.57
C GLN C 599 -19.99 27.78 50.63
N LEU C 600 -19.41 26.94 51.48
CA LEU C 600 -18.50 27.36 52.54
C LEU C 600 -17.24 26.51 52.46
N SER C 601 -16.10 27.12 52.76
CA SER C 601 -14.83 26.45 52.61
C SER C 601 -13.79 27.08 53.52
N CYS C 602 -12.90 26.24 54.05
CA CYS C 602 -11.73 26.68 54.80
C CYS C 602 -10.50 25.96 54.28
N VAL C 603 -9.40 26.70 54.15
CA VAL C 603 -8.15 26.16 53.65
C VAL C 603 -7.02 26.56 54.60
N VAL C 604 -6.13 25.61 54.88
CA VAL C 604 -5.01 25.83 55.79
C VAL C 604 -3.70 25.71 55.02
N VAL C 605 -2.92 26.78 55.02
CA VAL C 605 -1.57 26.80 54.44
C VAL C 605 -0.57 26.83 55.57
N ASP C 606 0.35 25.87 55.58
CA ASP C 606 1.26 25.66 56.70
C ASP C 606 2.70 25.93 56.26
N ASP C 607 3.44 26.63 57.12
CA ASP C 607 4.88 26.84 56.93
C ASP C 607 5.16 27.56 55.61
N ILE C 608 4.53 28.73 55.47
CA ILE C 608 4.65 29.51 54.25
C ILE C 608 6.10 29.59 53.80
N GLU C 609 7.02 29.82 54.75
CA GLU C 609 8.43 29.95 54.40
C GLU C 609 8.92 28.72 53.64
N ARG C 610 8.54 27.52 54.08
CA ARG C 610 8.99 26.32 53.41
C ARG C 610 8.44 26.23 51.99
N LEU C 611 7.22 26.73 51.76
CA LEU C 611 6.68 26.76 50.41
C LEU C 611 7.53 27.64 49.50
N LEU C 612 7.98 28.79 50.01
CA LEU C 612 8.77 29.72 49.22
C LEU C 612 10.21 29.28 49.03
N ASP C 613 10.67 28.24 49.72
CA ASP C 613 12.05 27.80 49.64
C ASP C 613 13.01 28.90 50.09
N TYR C 614 12.83 29.35 51.32
CA TYR C 614 13.66 30.41 51.88
C TYR C 614 14.95 29.85 52.46
N VAL C 615 15.99 30.66 52.44
CA VAL C 615 17.27 30.35 53.08
C VAL C 615 17.98 31.67 53.37
N PRO C 616 18.43 31.92 54.60
CA PRO C 616 18.99 33.25 54.91
C PRO C 616 20.15 33.64 54.01
N ILE C 617 20.93 32.67 53.54
CA ILE C 617 22.05 32.99 52.67
C ILE C 617 21.54 33.37 51.28
N GLY C 618 22.24 34.30 50.64
CA GLY C 618 21.83 34.92 49.40
C GLY C 618 21.13 36.26 49.56
N PRO C 619 19.85 36.28 49.99
CA PRO C 619 18.89 35.18 50.17
C PRO C 619 18.43 34.60 48.83
N ARG C 620 17.76 33.45 48.84
CA ARG C 620 17.29 32.82 47.62
C ARG C 620 15.92 32.19 47.87
N PHE C 621 15.11 32.12 46.82
CA PHE C 621 13.74 31.65 46.94
C PHE C 621 13.13 31.58 45.53
N SER C 622 11.90 31.06 45.47
CA SER C 622 11.18 30.89 44.21
C SER C 622 10.17 32.02 44.06
N ASN C 623 10.41 32.89 43.09
CA ASN C 623 9.54 34.05 42.88
C ASN C 623 8.16 33.65 42.39
N LEU C 624 8.08 32.64 41.52
CA LEU C 624 6.81 32.24 40.93
C LEU C 624 5.78 31.87 42.00
N VAL C 625 6.19 31.05 42.97
CA VAL C 625 5.26 30.66 44.03
C VAL C 625 4.78 31.89 44.79
N LEU C 626 5.68 32.84 45.03
CA LEU C 626 5.32 34.08 45.75
C LEU C 626 4.27 34.85 44.96
N GLN C 627 4.48 35.02 43.66
CA GLN C 627 3.50 35.74 42.86
C GLN C 627 2.15 35.03 42.84
N ALA C 628 2.18 33.70 42.69
CA ALA C 628 0.93 32.94 42.69
C ALA C 628 0.17 33.14 44.00
N LEU C 629 0.88 33.08 45.13
CA LEU C 629 0.21 33.24 46.41
C LEU C 629 -0.35 34.65 46.55
N LEU C 630 0.48 35.67 46.28
CA LEU C 630 0.02 37.04 46.40
C LEU C 630 -1.24 37.29 45.57
N VAL C 631 -1.26 36.80 44.33
CA VAL C 631 -2.44 36.99 43.50
C VAL C 631 -3.60 36.11 43.95
N LEU C 632 -3.33 35.04 44.70
CA LEU C 632 -4.37 34.11 45.10
C LEU C 632 -5.03 34.47 46.43
N LEU C 633 -4.64 35.57 47.06
CA LEU C 633 -5.26 36.02 48.30
C LEU C 633 -6.26 37.16 48.09
N LYS C 634 -6.59 37.48 46.84
CA LYS C 634 -7.55 38.53 46.53
C LYS C 634 -8.65 38.11 45.57
N LYS C 635 -8.50 37.00 44.86
CA LYS C 635 -9.54 36.55 43.95
C LYS C 635 -10.75 36.11 44.75
N ALA C 636 -11.88 36.75 44.51
CA ALA C 636 -13.08 36.40 45.27
C ALA C 636 -13.79 35.23 44.62
N PRO C 637 -14.49 34.39 45.40
CA PRO C 637 -15.26 33.31 44.81
C PRO C 637 -16.40 33.85 43.97
N PRO C 638 -16.77 33.16 42.89
CA PRO C 638 -17.82 33.69 42.02
C PRO C 638 -19.18 33.72 42.70
N GLN C 639 -19.97 34.74 42.35
CA GLN C 639 -21.38 34.83 42.71
C GLN C 639 -21.64 34.44 44.17
N GLY C 640 -21.11 35.23 45.10
CA GLY C 640 -21.52 35.14 46.48
C GLY C 640 -21.27 33.81 47.16
N ARG C 641 -20.04 33.32 47.11
CA ARG C 641 -19.63 32.16 47.89
C ARG C 641 -18.54 32.58 48.86
N LYS C 642 -18.60 32.05 50.09
CA LYS C 642 -17.67 32.45 51.13
C LYS C 642 -16.38 31.65 51.03
N LEU C 643 -15.40 32.03 51.84
CA LEU C 643 -14.10 31.38 51.86
C LEU C 643 -13.32 31.87 53.06
N LEU C 644 -12.46 30.99 53.61
CA LEU C 644 -11.59 31.36 54.71
C LEU C 644 -10.22 30.71 54.51
N ILE C 645 -9.18 31.50 54.76
CA ILE C 645 -7.80 31.09 54.58
C ILE C 645 -7.06 31.30 55.90
N ILE C 646 -6.37 30.27 56.37
CA ILE C 646 -5.55 30.36 57.57
C ILE C 646 -4.12 29.97 57.19
N GLY C 647 -3.19 30.89 57.39
CA GLY C 647 -1.79 30.66 57.08
C GLY C 647 -0.95 30.67 58.35
N THR C 648 0.10 29.83 58.36
CA THR C 648 0.99 29.75 59.50
C THR C 648 2.42 29.98 59.04
N THR C 649 3.21 30.59 59.92
CA THR C 649 4.62 30.88 59.63
C THR C 649 5.34 31.06 60.95
N SER C 650 6.66 31.29 60.87
CA SER C 650 7.48 31.49 62.05
C SER C 650 8.47 32.63 61.93
N ARG C 651 8.59 33.29 60.78
CA ARG C 651 9.54 34.38 60.58
C ARG C 651 8.78 35.55 59.94
N LYS C 652 8.19 36.39 60.79
CA LYS C 652 7.34 37.47 60.31
C LYS C 652 8.15 38.57 59.61
N ASP C 653 9.36 38.84 60.07
CA ASP C 653 10.16 39.92 59.49
C ASP C 653 10.34 39.74 57.99
N VAL C 654 10.71 38.53 57.56
CA VAL C 654 10.90 38.28 56.14
C VAL C 654 9.63 38.58 55.38
N LEU C 655 8.48 38.12 55.90
CA LEU C 655 7.21 38.40 55.25
C LEU C 655 6.98 39.90 55.11
N GLN C 656 7.23 40.67 56.19
CA GLN C 656 7.02 42.11 56.09
C GLN C 656 7.94 42.72 55.04
N GLU C 657 9.14 42.17 54.88
CA GLU C 657 10.03 42.68 53.83
C GLU C 657 9.50 42.35 52.44
N MET C 658 8.60 41.37 52.32
CA MET C 658 8.04 40.95 51.05
C MET C 658 6.74 41.65 50.70
N GLU C 659 6.30 42.63 51.50
CA GLU C 659 5.04 43.33 51.29
C GLU C 659 3.84 42.38 51.35
N MET C 660 4.03 41.16 51.83
CA MET C 660 2.97 40.16 51.87
C MET C 660 2.00 40.38 53.01
N LEU C 661 2.38 41.12 54.04
CA LEU C 661 1.47 41.37 55.16
C LEU C 661 0.30 42.25 54.76
N ASN C 662 0.38 42.95 53.64
CA ASN C 662 -0.76 43.71 53.16
C ASN C 662 -1.89 42.79 52.74
N ALA C 663 -1.55 41.63 52.16
CA ALA C 663 -2.57 40.68 51.72
C ALA C 663 -3.42 40.22 52.89
N PHE C 664 -2.78 39.87 54.01
CA PHE C 664 -3.50 39.33 55.16
C PHE C 664 -4.32 40.44 55.83
N SER C 665 -5.49 40.07 56.34
CA SER C 665 -6.43 41.04 56.88
C SER C 665 -6.20 41.35 58.35
N THR C 666 -5.45 40.52 59.07
CA THR C 666 -5.21 40.71 60.50
C THR C 666 -4.07 39.79 60.90
N THR C 667 -3.78 39.73 62.20
CA THR C 667 -2.69 38.90 62.69
C THR C 667 -2.93 38.55 64.15
N ILE C 668 -2.54 37.32 64.53
CA ILE C 668 -2.65 36.83 65.89
C ILE C 668 -1.25 36.41 66.35
N HIS C 669 -1.07 36.38 67.66
CA HIS C 669 0.21 36.04 68.27
C HIS C 669 0.07 34.82 69.16
N VAL C 670 1.07 33.96 69.13
CA VAL C 670 1.12 32.76 69.96
C VAL C 670 2.40 32.80 70.77
N PRO C 671 2.34 33.06 72.08
CA PRO C 671 3.59 33.19 72.86
C PRO C 671 4.05 31.86 73.45
N ASN C 672 5.21 31.89 74.10
CA ASN C 672 5.78 30.72 74.76
C ASN C 672 5.41 30.76 76.24
N ILE C 673 5.98 29.84 77.00
CA ILE C 673 5.81 29.82 78.46
C ILE C 673 6.92 30.65 79.06
N ALA C 674 6.60 31.36 80.13
CA ALA C 674 7.53 32.34 80.70
C ALA C 674 7.78 32.14 82.19
N THR C 675 6.77 31.71 82.94
CA THR C 675 6.80 31.76 84.40
C THR C 675 6.92 30.35 84.96
N GLY C 676 7.67 30.23 86.05
CA GLY C 676 7.86 28.92 86.68
C GLY C 676 6.56 28.28 87.12
N GLU C 677 5.62 29.09 87.61
CA GLU C 677 4.30 28.57 87.94
C GLU C 677 3.63 27.91 86.74
N GLN C 678 3.79 28.50 85.55
CA GLN C 678 3.27 27.86 84.34
C GLN C 678 3.92 26.50 84.13
N LEU C 679 5.23 26.40 84.36
CA LEU C 679 5.92 25.13 84.21
C LEU C 679 5.39 24.09 85.18
N LEU C 680 5.18 24.49 86.44
CA LEU C 680 4.63 23.56 87.43
C LEU C 680 3.22 23.12 87.05
N GLU C 681 2.40 24.06 86.55
CA GLU C 681 1.06 23.71 86.08
C GLU C 681 1.14 22.67 84.98
N ALA C 682 2.02 22.90 83.99
CA ALA C 682 2.17 21.94 82.90
C ALA C 682 2.62 20.57 83.40
N LEU C 683 3.63 20.57 84.29
CA LEU C 683 4.12 19.31 84.83
C LEU C 683 3.01 18.55 85.56
N GLU C 684 2.23 19.26 86.39
CA GLU C 684 1.11 18.62 87.08
C GLU C 684 0.12 18.04 86.08
N LEU C 685 -0.20 18.81 85.03
CA LEU C 685 -1.19 18.37 84.07
C LEU C 685 -0.74 17.17 83.26
N LEU C 686 0.57 17.06 82.99
CA LEU C 686 1.06 16.02 82.10
C LEU C 686 0.97 14.64 82.74
N GLY C 687 1.15 14.54 84.05
CA GLY C 687 1.14 13.24 84.71
C GLY C 687 2.55 12.69 84.84
N ASN C 688 3.43 13.47 85.45
CA ASN C 688 4.84 13.14 85.56
C ASN C 688 5.29 13.51 86.97
N PHE C 689 6.60 13.66 87.17
CA PHE C 689 7.20 13.75 88.49
C PHE C 689 6.28 14.45 89.48
N LYS C 690 6.04 13.81 90.63
CA LYS C 690 5.02 14.25 91.57
C LYS C 690 5.50 13.99 92.98
N ASP C 691 4.67 14.40 93.96
CA ASP C 691 5.04 14.25 95.37
C ASP C 691 6.25 15.11 95.68
N LYS C 692 7.10 14.65 96.59
CA LYS C 692 8.28 15.43 96.96
C LYS C 692 9.10 15.83 95.74
N GLU C 693 9.16 14.95 94.73
CA GLU C 693 9.79 15.31 93.48
C GLU C 693 9.36 16.71 93.04
N ARG C 694 8.05 16.87 92.81
CA ARG C 694 7.54 18.18 92.41
C ARG C 694 8.06 19.25 93.37
N THR C 695 7.92 19.00 94.67
CA THR C 695 8.35 19.98 95.65
C THR C 695 9.79 20.40 95.42
N THR C 696 10.71 19.43 95.32
CA THR C 696 12.10 19.81 95.15
C THR C 696 12.28 20.60 93.87
N ILE C 697 11.59 20.19 92.80
CA ILE C 697 11.66 20.95 91.55
C ILE C 697 11.19 22.37 91.78
N ALA C 698 10.06 22.52 92.48
CA ALA C 698 9.54 23.86 92.73
C ALA C 698 10.58 24.72 93.45
N GLN C 699 11.42 24.11 94.27
CA GLN C 699 12.39 24.88 95.06
C GLN C 699 13.46 25.50 94.18
N GLN C 700 13.61 25.05 92.93
CA GLN C 700 14.74 25.44 92.10
C GLN C 700 14.37 26.32 90.92
N VAL C 701 13.12 26.32 90.47
CA VAL C 701 12.73 27.06 89.28
C VAL C 701 12.03 28.36 89.66
N LYS C 702 11.34 28.36 90.80
CA LYS C 702 10.48 29.50 91.13
C LYS C 702 11.27 30.80 91.19
N GLY C 703 12.55 30.74 91.56
CA GLY C 703 13.34 31.95 91.71
C GLY C 703 14.13 32.30 90.47
N LYS C 704 13.48 32.30 89.31
CA LYS C 704 14.13 32.69 88.06
C LYS C 704 13.05 32.73 86.98
N LYS C 705 13.46 33.13 85.77
CA LYS C 705 12.59 33.17 84.61
C LYS C 705 12.88 31.97 83.70
N VAL C 706 11.85 31.53 82.98
CA VAL C 706 11.95 30.41 82.06
C VAL C 706 11.41 30.84 80.70
N TRP C 707 11.88 30.14 79.67
CA TRP C 707 11.51 30.46 78.28
C TRP C 707 11.70 29.20 77.45
N ILE C 708 10.58 28.61 77.00
CA ILE C 708 10.63 27.36 76.27
C ILE C 708 9.29 27.11 75.61
N GLY C 709 9.31 26.43 74.46
CA GLY C 709 8.10 25.94 73.85
C GLY C 709 7.73 24.55 74.37
N ILE C 710 6.44 24.22 74.23
CA ILE C 710 5.92 22.98 74.78
C ILE C 710 6.53 21.77 74.08
N LYS C 711 6.71 21.84 72.76
CA LYS C 711 7.22 20.68 72.03
C LYS C 711 8.61 20.27 72.55
N LYS C 712 9.44 21.26 72.88
CA LYS C 712 10.71 20.94 73.50
C LYS C 712 10.51 20.43 74.91
N LEU C 713 9.49 20.91 75.61
CA LEU C 713 9.26 20.42 76.97
C LEU C 713 8.94 18.92 76.92
N LEU C 714 8.07 18.52 75.99
CA LEU C 714 7.74 17.11 75.84
C LEU C 714 8.98 16.29 75.48
N MET C 715 9.79 16.80 74.55
CA MET C 715 10.98 16.05 74.15
C MET C 715 11.93 15.88 75.33
N LEU C 716 12.15 16.95 76.10
CA LEU C 716 12.99 16.87 77.28
C LEU C 716 12.43 15.88 78.30
N ILE C 717 11.13 15.94 78.54
CA ILE C 717 10.51 15.02 79.50
C ILE C 717 10.73 13.58 79.07
N GLU C 718 10.48 13.28 77.80
CA GLU C 718 10.71 11.92 77.31
C GLU C 718 12.17 11.51 77.46
N MET C 719 13.09 12.38 77.06
CA MET C 719 14.50 12.02 77.10
C MET C 719 14.98 11.78 78.53
N SER C 720 14.44 12.54 79.48
CA SER C 720 14.89 12.48 80.87
C SER C 720 14.42 11.23 81.60
N LEU C 721 13.54 10.43 81.02
CA LEU C 721 12.91 9.33 81.74
C LEU C 721 13.65 8.00 81.56
N GLN C 722 14.81 8.00 80.89
CA GLN C 722 15.55 6.77 80.62
C GLN C 722 16.63 6.48 81.66
N MET C 723 16.90 7.41 82.58
CA MET C 723 17.87 7.18 83.64
C MET C 723 17.23 6.35 84.76
N ASP C 724 18.02 6.01 85.77
CA ASP C 724 17.50 5.35 86.95
C ASP C 724 16.64 6.31 87.77
N PRO C 725 15.78 5.79 88.64
CA PRO C 725 14.89 6.69 89.40
C PRO C 725 15.60 7.40 90.55
N GLU C 726 16.82 7.89 90.30
CA GLU C 726 17.58 8.61 91.32
C GLU C 726 18.24 9.87 90.80
N TYR C 727 18.34 10.05 89.47
CA TYR C 727 18.95 11.24 88.89
C TYR C 727 18.04 11.91 87.87
N ARG C 728 16.83 11.37 87.65
CA ARG C 728 15.95 11.91 86.62
C ARG C 728 15.72 13.40 86.80
N VAL C 729 15.42 13.81 88.04
CA VAL C 729 15.22 15.23 88.33
C VAL C 729 16.50 16.01 88.05
N ARG C 730 17.65 15.46 88.43
CA ARG C 730 18.93 16.15 88.19
C ARG C 730 19.15 16.37 86.70
N LYS C 731 18.97 15.31 85.90
CA LYS C 731 19.18 15.42 84.46
C LYS C 731 18.20 16.41 83.85
N PHE C 732 16.92 16.34 84.26
CA PHE C 732 15.92 17.27 83.77
C PHE C 732 16.31 18.71 84.07
N LEU C 733 16.74 18.98 85.31
CA LEU C 733 17.08 20.34 85.69
C LEU C 733 18.32 20.83 84.94
N ALA C 734 19.33 19.98 84.80
CA ALA C 734 20.52 20.37 84.04
C ALA C 734 20.16 20.72 82.60
N LEU C 735 19.35 19.88 81.96
CA LEU C 735 18.89 20.20 80.61
C LEU C 735 18.12 21.52 80.59
N LEU C 736 17.11 21.65 81.45
CA LEU C 736 16.30 22.87 81.45
C LEU C 736 17.19 24.11 81.59
N ARG C 737 18.24 24.01 82.41
CA ARG C 737 19.20 25.10 82.52
C ARG C 737 19.92 25.35 81.19
N GLU C 738 20.40 24.28 80.55
CA GLU C 738 21.15 24.44 79.31
C GLU C 738 20.29 25.02 78.20
N GLU C 739 19.03 24.61 78.10
CA GLU C 739 18.14 25.03 77.03
C GLU C 739 17.23 26.19 77.42
N GLY C 740 17.05 26.46 78.70
CA GLY C 740 16.26 27.60 79.11
C GLY C 740 16.98 28.92 78.90
N ALA C 741 17.39 29.17 77.65
CA ALA C 741 18.15 30.36 77.30
C ALA C 741 17.21 31.50 76.95
N SER C 742 17.74 32.71 77.03
CA SER C 742 16.97 33.93 76.80
C SER C 742 15.71 33.95 77.65
N PRO C 743 15.84 33.96 78.99
CA PRO C 743 14.66 33.99 79.85
C PRO C 743 13.81 35.24 79.65
N ASN D 3 -60.04 29.74 -62.81
CA ASN D 3 -58.81 30.09 -62.11
C ASN D 3 -58.87 31.52 -61.56
N MET D 4 -59.16 32.47 -62.45
CA MET D 4 -59.33 33.86 -62.04
C MET D 4 -60.52 34.02 -61.11
N ALA D 5 -61.66 33.41 -61.47
CA ALA D 5 -62.86 33.50 -60.64
C ALA D 5 -62.80 32.57 -59.43
N GLY D 6 -62.17 31.42 -59.56
CA GLY D 6 -62.12 30.47 -58.46
C GLY D 6 -63.00 29.26 -58.76
N ARG D 7 -62.50 28.08 -58.42
CA ARG D 7 -63.17 26.83 -58.67
C ARG D 7 -63.09 25.94 -57.43
N SER D 8 -64.03 25.01 -57.31
CA SER D 8 -63.99 24.10 -56.19
C SER D 8 -62.85 23.14 -56.46
N MET D 9 -62.03 22.88 -55.45
CA MET D 9 -60.85 22.00 -55.66
C MET D 9 -60.81 20.97 -54.54
N GLN D 10 -60.01 19.91 -54.72
CA GLN D 10 -59.85 18.85 -53.69
C GLN D 10 -58.48 18.98 -53.03
N ALA D 11 -58.39 18.72 -51.72
CA ALA D 11 -57.10 18.78 -50.99
C ALA D 11 -56.46 17.39 -50.98
N ALA D 12 -55.54 17.12 -51.93
CA ALA D 12 -54.88 15.80 -52.03
C ALA D 12 -53.59 15.77 -51.19
N ARG D 13 -52.84 14.67 -51.28
CA ARG D 13 -51.60 14.51 -50.46
C ARG D 13 -50.37 14.66 -51.36
N CYS D 14 -49.29 15.24 -50.83
CA CYS D 14 -48.11 15.50 -51.66
C CYS D 14 -47.64 14.19 -52.30
N PRO D 15 -47.31 14.21 -53.59
CA PRO D 15 -46.98 12.94 -54.28
C PRO D 15 -45.55 12.49 -54.08
N THR D 16 -44.63 13.41 -53.81
CA THR D 16 -43.21 13.09 -53.69
C THR D 16 -42.61 13.81 -52.51
N ASP D 17 -41.52 13.25 -51.99
CA ASP D 17 -40.81 13.90 -50.88
C ASP D 17 -40.23 15.24 -51.33
N GLU D 18 -39.66 15.29 -52.53
CA GLU D 18 -39.05 16.53 -53.00
C GLU D 18 -40.08 17.64 -53.07
N LEU D 19 -41.27 17.34 -53.60
CA LEU D 19 -42.29 18.37 -53.67
C LEU D 19 -42.76 18.74 -52.28
N SER D 20 -42.71 17.80 -51.33
CA SER D 20 -43.12 18.13 -49.97
C SER D 20 -42.14 19.11 -49.36
N LEU D 21 -40.85 18.95 -49.68
CA LEU D 21 -39.83 19.86 -49.18
C LEU D 21 -39.75 21.15 -49.99
N SER D 22 -40.44 21.22 -51.13
CA SER D 22 -40.47 22.43 -51.93
C SER D 22 -41.45 23.47 -51.40
N ASN D 23 -42.30 23.10 -50.44
CA ASN D 23 -43.28 24.00 -49.83
C ASN D 23 -44.27 24.54 -50.85
N CYS D 24 -44.40 23.87 -51.99
CA CYS D 24 -45.31 24.29 -53.06
C CYS D 24 -46.52 23.36 -53.11
N ALA D 25 -47.68 23.93 -53.40
CA ALA D 25 -48.88 23.13 -53.61
C ALA D 25 -48.76 22.36 -54.92
N VAL D 26 -49.07 21.07 -54.87
CA VAL D 26 -48.90 20.20 -56.04
C VAL D 26 -50.23 20.13 -56.77
N VAL D 27 -50.20 20.47 -58.06
CA VAL D 27 -51.39 20.47 -58.90
C VAL D 27 -51.06 19.80 -60.23
N SER D 28 -52.11 19.52 -61.01
CA SER D 28 -51.95 18.89 -62.31
C SER D 28 -51.68 19.95 -63.38
N GLU D 29 -50.87 19.56 -64.37
CA GLU D 29 -50.52 20.47 -65.46
C GLU D 29 -51.77 20.95 -66.20
N LYS D 30 -52.80 20.11 -66.28
CA LYS D 30 -54.01 20.50 -67.00
C LYS D 30 -54.84 21.54 -66.26
N ASP D 31 -54.57 21.75 -64.97
CA ASP D 31 -55.29 22.72 -64.16
C ASP D 31 -54.53 24.03 -64.00
N TYR D 32 -53.21 23.95 -63.82
CA TYR D 32 -52.39 25.13 -63.57
C TYR D 32 -51.03 24.91 -64.21
N GLN D 33 -50.26 25.99 -64.30
CA GLN D 33 -48.89 25.95 -64.79
C GLN D 33 -47.92 26.20 -63.64
N SER D 34 -46.80 25.50 -63.67
CA SER D 34 -45.83 25.61 -62.59
C SER D 34 -45.38 27.05 -62.40
N GLY D 35 -45.27 27.44 -61.13
CA GLY D 35 -44.87 28.78 -60.76
C GLY D 35 -46.02 29.70 -60.40
N GLN D 36 -47.24 29.35 -60.80
CA GLN D 36 -48.40 30.18 -60.46
C GLN D 36 -48.70 30.09 -58.97
N HIS D 37 -49.14 31.21 -58.40
CA HIS D 37 -49.53 31.28 -57.01
C HIS D 37 -51.04 31.32 -56.90
N VAL D 38 -51.59 30.60 -55.92
CA VAL D 38 -53.04 30.51 -55.78
C VAL D 38 -53.43 30.80 -54.33
N ILE D 39 -54.70 31.19 -54.17
CA ILE D 39 -55.33 31.40 -52.88
C ILE D 39 -56.35 30.30 -52.66
N VAL D 40 -56.12 29.52 -51.60
CA VAL D 40 -56.97 28.41 -51.21
C VAL D 40 -57.95 28.93 -50.17
N ARG D 41 -59.24 28.81 -50.47
CA ARG D 41 -60.31 29.31 -49.62
C ARG D 41 -61.04 28.12 -49.02
N THR D 42 -60.99 28.01 -47.69
CA THR D 42 -61.79 27.02 -46.98
C THR D 42 -63.01 27.63 -46.31
N SER D 43 -63.03 28.94 -46.11
CA SER D 43 -64.16 29.65 -45.53
C SER D 43 -63.98 31.14 -45.79
N PRO D 44 -65.00 31.96 -45.52
CA PRO D 44 -64.83 33.40 -45.73
C PRO D 44 -63.69 33.99 -44.93
N ASN D 45 -63.38 33.42 -43.77
CA ASN D 45 -62.31 33.91 -42.91
C ASN D 45 -61.04 33.09 -43.02
N HIS D 46 -60.96 32.16 -43.97
CA HIS D 46 -59.79 31.27 -44.08
C HIS D 46 -59.35 31.19 -45.54
N LYS D 47 -58.27 31.90 -45.84
CA LYS D 47 -57.58 31.88 -47.12
C LYS D 47 -56.10 31.69 -46.88
N TYR D 48 -55.45 30.93 -47.77
CA TYR D 48 -54.04 30.59 -47.65
C TYR D 48 -53.38 30.70 -49.01
N ILE D 49 -52.18 31.29 -49.05
CA ILE D 49 -51.50 31.54 -50.31
C ILE D 49 -50.41 30.51 -50.50
N PHE D 50 -50.36 29.90 -51.68
CA PHE D 50 -49.38 28.87 -51.99
C PHE D 50 -48.82 29.09 -53.40
N THR D 51 -47.66 28.49 -53.65
CA THR D 51 -47.06 28.48 -54.97
C THR D 51 -47.28 27.11 -55.61
N LEU D 52 -47.68 27.11 -56.88
CA LEU D 52 -48.09 25.89 -57.56
C LEU D 52 -46.92 25.22 -58.26
N ARG D 53 -46.92 23.88 -58.23
CA ARG D 53 -45.97 23.08 -58.97
C ARG D 53 -46.70 21.88 -59.55
N THR D 54 -46.45 21.59 -60.82
CA THR D 54 -47.19 20.56 -61.53
C THR D 54 -46.53 19.19 -61.33
N HIS D 55 -47.34 18.15 -61.40
CA HIS D 55 -46.84 16.78 -61.33
C HIS D 55 -47.80 15.91 -62.13
N PRO D 56 -47.30 15.04 -63.01
CA PRO D 56 -48.20 14.18 -63.79
C PRO D 56 -49.02 13.25 -62.92
N SER D 57 -48.61 12.99 -61.68
CA SER D 57 -49.34 12.08 -60.80
C SER D 57 -50.54 12.74 -60.15
N VAL D 58 -50.69 14.05 -60.26
CA VAL D 58 -51.80 14.74 -59.62
C VAL D 58 -53.06 14.49 -60.43
N VAL D 59 -54.11 14.03 -59.76
CA VAL D 59 -55.38 13.76 -60.46
C VAL D 59 -56.06 15.08 -60.80
N PRO D 60 -56.71 15.20 -61.95
CA PRO D 60 -57.41 16.45 -62.27
C PRO D 60 -58.46 16.74 -61.22
N GLY D 61 -58.64 18.02 -60.93
CA GLY D 61 -59.62 18.45 -59.97
C GLY D 61 -59.20 18.32 -58.53
N SER D 62 -57.93 17.95 -58.30
CA SER D 62 -57.43 17.80 -56.91
C SER D 62 -56.19 18.66 -56.71
N VAL D 63 -56.00 19.19 -55.49
CA VAL D 63 -54.76 19.96 -55.19
C VAL D 63 -54.06 19.30 -53.99
N ALA D 64 -52.91 18.69 -54.22
CA ALA D 64 -52.19 17.97 -53.14
C ALA D 64 -51.62 18.97 -52.14
N PHE D 65 -51.41 18.54 -50.90
CA PHE D 65 -50.78 19.42 -49.88
C PHE D 65 -49.91 18.57 -48.96
N SER D 66 -48.66 18.99 -48.72
CA SER D 66 -47.82 18.26 -47.80
C SER D 66 -48.38 18.37 -46.38
N LEU D 67 -47.92 17.47 -45.50
CA LEU D 67 -48.42 17.46 -44.14
C LEU D 67 -48.24 18.80 -43.45
N PRO D 68 -47.06 19.43 -43.46
CA PRO D 68 -46.96 20.77 -42.87
C PRO D 68 -47.88 21.78 -43.53
N GLN D 69 -48.08 21.70 -44.85
CA GLN D 69 -48.99 22.64 -45.51
C GLN D 69 -50.42 22.45 -45.03
N ARG D 70 -50.87 21.19 -45.00
CA ARG D 70 -52.25 20.91 -44.55
C ARG D 70 -52.41 21.40 -43.10
N LYS D 71 -51.40 21.14 -42.26
CA LYS D 71 -51.50 21.52 -40.85
C LYS D 71 -51.51 23.03 -40.67
N TRP D 72 -50.76 23.76 -41.51
CA TRP D 72 -50.79 25.22 -41.43
C TRP D 72 -52.12 25.76 -41.91
N ALA D 73 -52.63 25.24 -43.03
CA ALA D 73 -53.87 25.71 -43.62
C ALA D 73 -55.10 25.03 -43.02
N GLY D 74 -54.91 24.14 -42.05
CA GLY D 74 -56.04 23.40 -41.50
C GLY D 74 -56.73 22.55 -42.55
N LEU D 75 -55.94 21.87 -43.37
CA LEU D 75 -56.44 21.09 -44.50
C LEU D 75 -56.45 19.61 -44.17
N SER D 76 -57.49 18.93 -44.64
CA SER D 76 -57.64 17.49 -44.49
C SER D 76 -57.76 16.86 -45.87
N ILE D 77 -57.12 15.71 -46.06
CA ILE D 77 -57.16 15.05 -47.36
C ILE D 77 -58.60 14.71 -47.71
N GLY D 78 -59.02 15.08 -48.92
CA GLY D 78 -60.34 14.78 -49.41
C GLY D 78 -61.35 15.92 -49.28
N GLN D 79 -61.01 16.96 -48.51
CA GLN D 79 -61.94 18.07 -48.34
C GLN D 79 -62.00 18.94 -49.58
N GLU D 80 -63.15 19.59 -49.78
CA GLU D 80 -63.32 20.53 -50.88
C GLU D 80 -62.75 21.89 -50.51
N ILE D 81 -62.05 22.50 -51.47
CA ILE D 81 -61.42 23.86 -51.25
C ILE D 81 -61.55 24.66 -52.54
N GLU D 82 -61.78 25.96 -52.44
CA GLU D 82 -61.93 26.85 -53.59
C GLU D 82 -60.59 27.48 -53.90
N VAL D 83 -60.10 27.33 -55.13
CA VAL D 83 -58.77 27.80 -55.50
C VAL D 83 -58.93 28.88 -56.55
N ALA D 84 -58.34 30.05 -56.30
CA ALA D 84 -58.34 31.14 -57.27
C ALA D 84 -56.94 31.67 -57.43
N LEU D 85 -56.53 31.92 -58.67
CA LEU D 85 -55.16 32.40 -58.89
C LEU D 85 -54.96 33.76 -58.22
N TYR D 86 -53.81 33.90 -57.59
CA TYR D 86 -53.43 35.09 -56.82
C TYR D 86 -52.20 35.71 -57.47
N SER D 87 -52.24 37.02 -57.69
CA SER D 87 -51.15 37.73 -58.32
C SER D 87 -50.54 38.71 -57.33
N PHE D 88 -49.23 38.61 -57.13
CA PHE D 88 -48.53 39.51 -56.24
C PHE D 88 -48.24 40.83 -56.95
N ASP D 89 -48.30 41.91 -56.19
CA ASP D 89 -47.83 43.22 -56.65
C ASP D 89 -46.38 43.38 -56.21
N LYS D 90 -45.46 43.01 -57.09
CA LYS D 90 -44.05 42.91 -56.71
C LYS D 90 -43.51 44.24 -56.22
N ALA D 91 -44.14 45.36 -56.58
CA ALA D 91 -43.68 46.66 -56.08
C ALA D 91 -43.81 46.74 -54.56
N LYS D 92 -44.79 46.07 -53.98
CA LYS D 92 -45.05 46.14 -52.55
C LYS D 92 -44.91 44.82 -51.82
N GLN D 93 -45.16 43.68 -52.47
CA GLN D 93 -45.15 42.39 -51.80
C GLN D 93 -43.85 41.61 -51.99
N CYS D 94 -42.83 42.23 -52.57
CA CYS D 94 -41.52 41.58 -52.64
C CYS D 94 -40.84 41.65 -51.28
N ILE D 95 -40.34 40.51 -50.81
CA ILE D 95 -39.76 40.42 -49.48
C ILE D 95 -38.35 41.00 -49.51
N GLY D 96 -38.11 42.00 -48.67
CA GLY D 96 -36.77 42.52 -48.48
C GLY D 96 -36.06 41.81 -47.36
N THR D 97 -36.72 41.71 -46.21
CA THR D 97 -36.21 40.99 -45.05
C THR D 97 -37.33 40.15 -44.47
N MET D 98 -37.00 38.94 -44.02
CA MET D 98 -37.94 38.07 -43.35
C MET D 98 -37.26 37.35 -42.20
N THR D 99 -37.94 37.30 -41.06
CA THR D 99 -37.43 36.63 -39.88
C THR D 99 -38.03 35.23 -39.79
N ILE D 100 -37.17 34.22 -39.65
CA ILE D 100 -37.58 32.82 -39.63
C ILE D 100 -37.11 32.19 -38.33
N GLU D 101 -38.05 31.60 -37.61
CA GLU D 101 -37.74 30.80 -36.43
C GLU D 101 -37.46 29.37 -36.86
N ILE D 102 -36.37 28.80 -36.36
CA ILE D 102 -35.90 27.49 -36.83
C ILE D 102 -35.73 26.58 -35.62
N ASP D 103 -36.06 25.30 -35.82
CA ASP D 103 -35.85 24.31 -34.78
C ASP D 103 -35.66 22.95 -35.45
N PHE D 104 -35.08 22.01 -34.69
CA PHE D 104 -34.94 20.66 -35.22
C PHE D 104 -36.32 20.07 -35.51
N LEU D 105 -36.49 19.53 -36.71
CA LEU D 105 -37.80 18.97 -37.08
C LEU D 105 -38.13 17.73 -36.26
N GLN D 106 -37.15 16.87 -36.03
CA GLN D 106 -37.33 15.63 -35.28
C GLN D 106 -36.42 15.63 -34.06
N LYS D 107 -36.97 15.26 -32.90
CA LYS D 107 -36.15 15.19 -31.70
C LYS D 107 -35.17 14.02 -31.78
N LYS D 108 -35.51 12.96 -32.51
CA LYS D 108 -34.63 11.82 -32.65
C LYS D 108 -33.32 12.20 -33.34
N ASN D 109 -33.32 13.28 -34.13
CA ASN D 109 -32.17 13.68 -34.92
C ASN D 109 -31.45 14.89 -34.32
N ILE D 110 -31.76 15.24 -33.08
CA ILE D 110 -31.17 16.43 -32.46
C ILE D 110 -29.68 16.21 -32.27
N ASP D 111 -28.89 17.26 -32.51
CA ASP D 111 -27.45 17.24 -32.30
C ASP D 111 -26.99 18.63 -31.93
N SER D 112 -25.76 18.71 -31.42
CA SER D 112 -25.18 19.97 -30.99
C SER D 112 -24.28 20.59 -32.05
N ASN D 113 -24.21 20.01 -33.24
CA ASN D 113 -23.32 20.52 -34.27
C ASN D 113 -23.76 21.92 -34.71
N PRO D 114 -22.80 22.78 -35.03
CA PRO D 114 -23.15 24.13 -35.50
C PRO D 114 -23.80 24.09 -36.88
N TYR D 115 -24.71 25.03 -37.11
CA TYR D 115 -25.38 25.17 -38.40
C TYR D 115 -25.16 26.59 -38.91
N ASP D 116 -24.53 26.71 -40.07
CA ASP D 116 -24.20 28.03 -40.61
C ASP D 116 -25.46 28.68 -41.16
N THR D 117 -25.84 29.82 -40.59
CA THR D 117 -27.05 30.52 -41.04
C THR D 117 -26.86 31.14 -42.43
N ASP D 118 -25.66 31.66 -42.72
CA ASP D 118 -25.44 32.27 -44.02
C ASP D 118 -25.62 31.29 -45.17
N LYS D 119 -25.06 30.07 -45.02
CA LYS D 119 -25.26 29.07 -46.06
C LYS D 119 -26.72 28.67 -46.14
N MET D 120 -27.38 28.59 -44.99
CA MET D 120 -28.80 28.29 -45.00
C MET D 120 -29.54 29.36 -45.75
N ALA D 121 -29.18 30.63 -45.52
CA ALA D 121 -29.92 31.68 -46.19
C ALA D 121 -29.78 31.53 -47.70
N ALA D 122 -28.58 31.24 -48.18
CA ALA D 122 -28.42 31.04 -49.61
C ALA D 122 -29.25 29.85 -50.08
N GLU D 123 -29.22 28.76 -49.31
CA GLU D 123 -30.02 27.61 -49.69
C GLU D 123 -31.49 27.99 -49.69
N PHE D 124 -31.90 28.76 -48.68
CA PHE D 124 -33.30 29.14 -48.61
C PHE D 124 -33.67 29.92 -49.87
N ILE D 125 -32.84 30.90 -50.23
CA ILE D 125 -33.12 31.67 -51.43
C ILE D 125 -33.07 30.74 -52.64
N GLN D 126 -32.10 29.83 -52.65
CA GLN D 126 -32.02 28.90 -53.77
C GLN D 126 -33.28 28.03 -53.84
N GLN D 127 -33.73 27.52 -52.68
CA GLN D 127 -34.89 26.64 -52.69
C GLN D 127 -36.20 27.39 -52.89
N PHE D 128 -36.38 28.51 -52.19
CA PHE D 128 -37.68 29.16 -52.09
C PHE D 128 -37.79 30.46 -52.87
N ASN D 129 -36.83 30.77 -53.74
CA ASN D 129 -36.93 31.99 -54.52
C ASN D 129 -38.17 31.94 -55.41
N ASN D 130 -38.88 33.06 -55.49
CA ASN D 130 -40.08 33.18 -56.31
C ASN D 130 -41.23 32.35 -55.76
N GLN D 131 -41.30 32.22 -54.43
CA GLN D 131 -42.37 31.48 -53.77
C GLN D 131 -43.02 32.36 -52.72
N ALA D 132 -44.34 32.23 -52.58
CA ALA D 132 -45.08 33.04 -51.63
C ALA D 132 -44.83 32.58 -50.21
N PHE D 133 -44.65 33.55 -49.30
CA PHE D 133 -44.46 33.27 -47.88
C PHE D 133 -45.32 34.22 -47.07
N SER D 134 -45.86 33.71 -45.96
CA SER D 134 -46.73 34.48 -45.09
C SER D 134 -46.27 34.34 -43.65
N VAL D 135 -46.51 35.39 -42.86
CA VAL D 135 -46.13 35.37 -41.46
C VAL D 135 -46.88 34.26 -40.74
N GLY D 136 -46.15 33.47 -39.97
CA GLY D 136 -46.73 32.34 -39.27
C GLY D 136 -46.78 31.04 -40.05
N GLN D 137 -46.34 31.04 -41.31
CA GLN D 137 -46.34 29.81 -42.09
C GLN D 137 -45.30 28.84 -41.56
N GLN D 138 -45.66 27.55 -41.56
CA GLN D 138 -44.78 26.49 -41.09
C GLN D 138 -44.37 25.62 -42.27
N LEU D 139 -43.09 25.24 -42.31
CA LEU D 139 -42.57 24.46 -43.41
C LEU D 139 -41.38 23.63 -42.96
N VAL D 140 -41.06 22.61 -43.73
CA VAL D 140 -39.88 21.77 -43.50
C VAL D 140 -38.83 22.15 -44.52
N PHE D 141 -37.60 22.37 -44.05
CA PHE D 141 -36.49 22.80 -44.88
C PHE D 141 -35.37 21.76 -44.82
N SER D 142 -34.86 21.39 -45.99
CA SER D 142 -33.76 20.44 -46.09
C SER D 142 -32.46 21.23 -46.25
N PHE D 143 -31.56 21.09 -45.29
CA PHE D 143 -30.29 21.82 -45.29
C PHE D 143 -29.19 20.87 -44.83
N ASN D 144 -28.21 20.62 -45.70
CA ASN D 144 -27.12 19.70 -45.42
C ASN D 144 -27.69 18.35 -44.97
N ASP D 145 -28.68 17.88 -45.72
CA ASP D 145 -29.33 16.59 -45.45
C ASP D 145 -29.89 16.54 -44.04
N LYS D 146 -30.32 17.71 -43.54
CA LYS D 146 -30.93 17.81 -42.19
C LYS D 146 -32.30 18.50 -42.31
N LEU D 147 -33.34 17.93 -41.72
CA LEU D 147 -34.68 18.48 -41.81
C LEU D 147 -34.94 19.41 -40.63
N PHE D 148 -35.35 20.64 -40.93
CA PHE D 148 -35.60 21.65 -39.93
C PHE D 148 -37.02 22.18 -40.06
N GLY D 149 -37.63 22.53 -38.94
CA GLY D 149 -38.93 23.17 -38.95
C GLY D 149 -38.74 24.67 -38.90
N LEU D 150 -39.36 25.36 -39.87
CA LEU D 150 -39.23 26.79 -40.05
C LEU D 150 -40.60 27.43 -39.90
N LEU D 151 -40.63 28.58 -39.22
CA LEU D 151 -41.84 29.35 -39.02
C LEU D 151 -41.57 30.79 -39.44
N VAL D 152 -42.36 31.29 -40.38
CA VAL D 152 -42.24 32.68 -40.81
C VAL D 152 -42.76 33.58 -39.71
N LYS D 153 -41.88 34.39 -39.15
CA LYS D 153 -42.19 35.26 -38.02
C LYS D 153 -42.46 36.70 -38.43
N ASP D 154 -41.71 37.21 -39.41
CA ASP D 154 -41.85 38.59 -39.85
C ASP D 154 -41.45 38.67 -41.32
N ILE D 155 -42.15 39.52 -42.07
CA ILE D 155 -41.91 39.72 -43.48
C ILE D 155 -41.90 41.22 -43.76
N GLU D 156 -40.88 41.68 -44.47
CA GLU D 156 -40.75 43.09 -44.83
C GLU D 156 -40.58 43.22 -46.34
N ALA D 157 -41.33 44.15 -46.93
CA ALA D 157 -41.25 44.36 -48.36
C ALA D 157 -39.89 44.94 -48.75
N MET D 158 -39.50 44.69 -50.00
CA MET D 158 -38.22 45.19 -50.51
C MET D 158 -38.19 46.72 -50.47
N ARG D 172 -38.38 51.04 -45.58
CA ARG D 172 -38.59 49.70 -45.03
C ARG D 172 -40.04 49.52 -44.57
N GLN D 173 -40.95 49.51 -45.52
CA GLN D 173 -42.37 49.33 -45.22
C GLN D 173 -42.65 47.88 -44.85
N LYS D 174 -43.46 47.68 -43.82
CA LYS D 174 -43.81 46.34 -43.37
C LYS D 174 -44.97 45.78 -44.18
N ILE D 175 -44.88 44.50 -44.53
CA ILE D 175 -45.92 43.81 -45.28
C ILE D 175 -46.33 42.55 -44.54
N GLU D 176 -47.57 42.13 -44.77
CA GLU D 176 -48.10 40.91 -44.14
C GLU D 176 -47.78 39.66 -44.94
N VAL D 177 -47.87 39.74 -46.26
CA VAL D 177 -47.54 38.62 -47.15
C VAL D 177 -46.61 39.13 -48.24
N GLY D 178 -45.52 38.40 -48.48
CA GLY D 178 -44.50 38.85 -49.40
C GLY D 178 -44.04 37.73 -50.31
N LEU D 179 -43.24 38.12 -51.30
CA LEU D 179 -42.66 37.20 -52.27
C LEU D 179 -41.14 37.17 -52.08
N VAL D 180 -40.59 35.98 -51.88
CA VAL D 180 -39.15 35.85 -51.73
C VAL D 180 -38.50 35.88 -53.10
N VAL D 181 -37.50 36.74 -53.26
CA VAL D 181 -36.76 36.88 -54.51
C VAL D 181 -35.27 36.74 -54.22
N GLY D 182 -34.49 36.64 -55.30
CA GLY D 182 -33.08 36.34 -55.16
C GLY D 182 -32.33 37.34 -54.32
N ASN D 183 -32.73 38.61 -54.37
CA ASN D 183 -32.06 39.67 -53.61
C ASN D 183 -32.67 39.88 -52.23
N SER D 184 -33.68 39.09 -51.87
CA SER D 184 -34.26 39.20 -50.54
C SER D 184 -33.24 38.76 -49.49
N GLN D 185 -33.19 39.51 -48.39
CA GLN D 185 -32.22 39.28 -47.33
C GLN D 185 -32.89 38.61 -46.13
N VAL D 186 -32.13 37.74 -45.48
CA VAL D 186 -32.65 36.89 -44.41
C VAL D 186 -31.87 37.16 -43.13
N ALA D 187 -32.59 37.35 -42.03
CA ALA D 187 -32.02 37.49 -40.70
C ALA D 187 -32.65 36.44 -39.80
N PHE D 188 -31.81 35.71 -39.08
CA PHE D 188 -32.27 34.57 -38.28
C PHE D 188 -32.21 34.89 -36.79
N GLU D 189 -33.20 34.38 -36.06
CA GLU D 189 -33.23 34.43 -34.60
C GLU D 189 -33.79 33.11 -34.12
N LYS D 190 -33.06 32.45 -33.21
CA LYS D 190 -33.45 31.12 -32.77
C LYS D 190 -34.69 31.19 -31.90
N ALA D 191 -35.43 30.08 -31.87
CA ALA D 191 -36.69 30.03 -31.14
C ALA D 191 -36.46 30.22 -29.65
N GLU D 192 -37.50 30.72 -28.98
CA GLU D 192 -37.40 30.97 -27.54
C GLU D 192 -36.99 29.70 -26.80
N ASN D 193 -35.98 29.84 -25.95
CA ASN D 193 -35.44 28.75 -25.15
C ASN D 193 -34.81 27.65 -26.00
N SER D 194 -34.60 27.89 -27.30
CA SER D 194 -33.99 26.90 -28.16
C SER D 194 -32.49 26.80 -27.91
N SER D 195 -31.95 25.61 -28.10
CA SER D 195 -30.52 25.38 -27.94
C SER D 195 -29.72 25.63 -29.22
N LEU D 196 -30.39 26.02 -30.29
CA LEU D 196 -29.71 26.24 -31.56
C LEU D 196 -28.63 27.31 -31.41
N ASN D 197 -27.44 27.00 -31.92
CA ASN D 197 -26.31 27.92 -31.88
C ASN D 197 -26.19 28.52 -33.28
N LEU D 198 -26.65 29.76 -33.43
CA LEU D 198 -26.63 30.46 -34.71
C LEU D 198 -25.37 31.31 -34.80
N ILE D 199 -24.62 31.15 -35.89
CA ILE D 199 -23.43 31.94 -36.15
C ILE D 199 -23.61 32.65 -37.49
N GLY D 200 -22.66 33.53 -37.80
CA GLY D 200 -22.74 34.32 -39.01
C GLY D 200 -23.34 35.69 -38.74
N LYS D 201 -23.57 36.41 -39.84
CA LYS D 201 -24.06 37.78 -39.77
C LYS D 201 -25.58 37.89 -39.96
N ALA D 202 -26.20 36.92 -40.65
CA ALA D 202 -27.63 36.97 -40.91
C ALA D 202 -28.43 36.55 -39.67
N LYS D 203 -28.27 37.33 -38.60
CA LYS D 203 -28.93 37.06 -37.33
C LYS D 203 -29.57 38.34 -36.82
N THR D 204 -30.34 38.20 -35.75
CA THR D 204 -31.05 39.32 -35.14
C THR D 204 -32.10 39.87 -36.10
N ARG D 208 -27.55 34.95 -25.91
CA ARG D 208 -28.50 36.06 -25.87
C ARG D 208 -29.30 36.04 -24.57
N GLN D 209 -29.61 34.83 -24.10
CA GLN D 209 -30.44 34.70 -22.91
C GLN D 209 -29.71 35.26 -21.69
N SER D 210 -30.48 35.84 -20.77
CA SER D 210 -29.91 36.45 -19.58
C SER D 210 -29.46 35.38 -18.59
N ILE D 211 -28.22 35.48 -18.13
CA ILE D 211 -27.72 34.57 -17.11
C ILE D 211 -28.42 34.79 -15.77
N ILE D 212 -29.07 35.93 -15.58
CA ILE D 212 -29.80 36.22 -14.35
C ILE D 212 -31.24 35.77 -14.54
N ASN D 213 -31.83 35.23 -13.48
CA ASN D 213 -33.20 34.77 -13.57
C ASN D 213 -34.12 35.95 -13.87
N PRO D 214 -35.11 35.78 -14.75
CA PRO D 214 -36.02 36.91 -15.03
C PRO D 214 -36.71 37.44 -13.79
N ASP D 215 -37.09 36.56 -12.86
CA ASP D 215 -37.68 36.96 -11.59
C ASP D 215 -36.58 36.99 -10.52
N TRP D 216 -36.38 38.17 -9.92
CA TRP D 216 -35.29 38.35 -8.99
C TRP D 216 -35.51 39.62 -8.18
N ASN D 217 -34.86 39.67 -7.01
CA ASN D 217 -34.84 40.87 -6.18
C ASN D 217 -33.81 40.72 -5.07
N PHE D 218 -32.99 41.76 -4.88
CA PHE D 218 -31.98 41.73 -3.82
C PHE D 218 -32.63 41.49 -2.45
N GLU D 219 -33.77 42.15 -2.21
CA GLU D 219 -34.47 41.97 -0.94
C GLU D 219 -34.97 40.54 -0.79
N LYS D 220 -35.35 39.90 -1.90
CA LYS D 220 -35.90 38.55 -1.83
C LYS D 220 -34.96 37.59 -1.12
N MET D 221 -33.65 37.78 -1.27
CA MET D 221 -32.69 36.86 -0.65
C MET D 221 -32.82 36.87 0.86
N GLY D 222 -32.88 38.07 1.45
CA GLY D 222 -32.90 38.21 2.89
C GLY D 222 -31.50 38.20 3.49
N ILE D 223 -30.62 39.04 2.95
CA ILE D 223 -29.28 39.25 3.49
C ILE D 223 -29.10 40.74 3.70
N GLY D 224 -28.70 41.12 4.91
CA GLY D 224 -28.60 42.53 5.26
C GLY D 224 -27.27 42.87 5.90
N GLY D 225 -26.82 44.09 5.65
CA GLY D 225 -25.63 44.63 6.26
C GLY D 225 -24.36 44.45 5.45
N LEU D 226 -24.40 43.70 4.36
CA LEU D 226 -23.22 43.43 3.54
C LEU D 226 -23.37 44.02 2.15
N ASP D 227 -24.07 45.16 2.04
CA ASP D 227 -24.37 45.72 0.73
C ASP D 227 -23.09 46.04 -0.04
N LYS D 228 -22.10 46.63 0.64
CA LYS D 228 -20.83 46.92 0.00
C LYS D 228 -20.18 45.63 -0.49
N GLU D 229 -20.25 44.58 0.32
CA GLU D 229 -19.62 43.30 -0.05
C GLU D 229 -20.26 42.76 -1.33
N PHE D 230 -21.59 42.77 -1.38
CA PHE D 230 -22.30 42.30 -2.58
C PHE D 230 -21.96 43.16 -3.79
N SER D 231 -21.90 44.48 -3.60
CA SER D 231 -21.56 45.37 -4.71
C SER D 231 -20.18 45.04 -5.26
N ASP D 232 -19.19 44.89 -4.39
CA ASP D 232 -17.84 44.58 -4.84
C ASP D 232 -17.79 43.22 -5.54
N ILE D 233 -18.46 42.21 -4.98
CA ILE D 233 -18.47 40.89 -5.60
C ILE D 233 -19.06 40.97 -6.99
N PHE D 234 -20.22 41.62 -7.12
CA PHE D 234 -20.87 41.74 -8.42
C PHE D 234 -19.99 42.51 -9.41
N ARG D 235 -19.35 43.58 -8.93
CA ARG D 235 -18.52 44.39 -9.83
C ARG D 235 -17.34 43.60 -10.35
N ARG D 236 -16.66 42.85 -9.48
CA ARG D 236 -15.42 42.19 -9.86
C ARG D 236 -15.63 40.77 -10.36
N ALA D 237 -16.86 40.25 -10.35
CA ALA D 237 -17.14 38.89 -10.76
C ALA D 237 -18.11 38.80 -11.92
N PHE D 238 -19.23 39.52 -11.85
CA PHE D 238 -20.33 39.38 -12.80
C PHE D 238 -20.46 40.56 -13.75
N ALA D 239 -19.47 41.44 -13.81
CA ALA D 239 -19.55 42.57 -14.72
C ALA D 239 -19.42 42.13 -16.17
N SER D 240 -18.53 41.17 -16.44
CA SER D 240 -18.27 40.74 -17.81
C SER D 240 -19.32 39.76 -18.34
N ARG D 241 -20.20 39.23 -17.49
CA ARG D 241 -21.20 38.26 -17.90
C ARG D 241 -22.57 38.88 -18.15
N VAL D 242 -22.68 40.21 -18.13
CA VAL D 242 -23.97 40.86 -18.35
C VAL D 242 -23.95 41.85 -19.51
N PHE D 243 -22.80 42.41 -19.87
CA PHE D 243 -22.76 43.37 -20.96
C PHE D 243 -22.91 42.68 -22.32
N PRO D 244 -23.40 43.40 -23.33
CA PRO D 244 -23.55 42.78 -24.64
C PRO D 244 -22.26 42.12 -25.10
N PRO D 245 -22.35 40.93 -25.69
CA PRO D 245 -21.13 40.18 -26.03
C PRO D 245 -20.17 40.93 -26.94
N GLU D 246 -20.66 41.80 -27.82
CA GLU D 246 -19.82 42.34 -28.88
C GLU D 246 -18.60 43.07 -28.32
N ILE D 247 -18.81 44.01 -27.40
CA ILE D 247 -17.69 44.80 -26.90
C ILE D 247 -16.72 43.92 -26.11
N VAL D 248 -17.24 43.07 -25.23
CA VAL D 248 -16.37 42.23 -24.42
C VAL D 248 -15.53 41.33 -25.31
N GLU D 249 -16.12 40.80 -26.38
CA GLU D 249 -15.36 39.99 -27.33
C GLU D 249 -14.36 40.83 -28.10
N GLN D 250 -14.64 42.13 -28.31
CA GLN D 250 -13.68 43.00 -28.97
C GLN D 250 -12.46 43.30 -28.12
N MET D 251 -12.41 42.81 -26.89
CA MET D 251 -11.39 43.16 -25.92
C MET D 251 -10.41 42.03 -25.62
N GLY D 252 -10.84 40.78 -25.76
CA GLY D 252 -9.97 39.66 -25.45
C GLY D 252 -9.60 39.55 -23.98
N CYS D 253 -10.57 39.73 -23.08
CA CYS D 253 -10.34 39.62 -21.65
C CYS D 253 -10.87 38.29 -21.13
N LYS D 254 -10.13 37.69 -20.21
CA LYS D 254 -10.50 36.41 -19.62
C LYS D 254 -11.21 36.65 -18.29
N HIS D 255 -12.36 35.99 -18.14
CA HIS D 255 -13.17 36.18 -16.95
C HIS D 255 -12.44 35.70 -15.70
N VAL D 256 -12.80 36.29 -14.56
CA VAL D 256 -12.25 35.87 -13.28
C VAL D 256 -12.94 34.58 -12.86
N LYS D 257 -12.18 33.65 -12.30
CA LYS D 257 -12.70 32.34 -11.92
C LYS D 257 -12.20 31.93 -10.54
N GLY D 258 -12.24 32.86 -9.59
CA GLY D 258 -11.78 32.57 -8.25
C GLY D 258 -12.28 33.55 -7.21
N ILE D 259 -12.75 33.06 -6.07
CA ILE D 259 -13.27 33.90 -5.00
C ILE D 259 -13.03 33.20 -3.67
N LEU D 260 -12.64 33.96 -2.67
CA LEU D 260 -12.32 33.43 -1.35
C LEU D 260 -12.96 34.29 -0.27
N LEU D 261 -13.53 33.64 0.74
CA LEU D 261 -14.18 34.30 1.86
C LEU D 261 -13.66 33.75 3.18
N TYR D 262 -13.69 34.58 4.20
CA TYR D 262 -13.24 34.14 5.52
C TYR D 262 -13.67 35.15 6.57
N GLY D 263 -13.76 34.67 7.81
CA GLY D 263 -14.17 35.47 8.94
C GLY D 263 -14.49 34.59 10.13
N PRO D 264 -14.81 35.20 11.27
CA PRO D 264 -15.17 34.42 12.45
C PRO D 264 -16.51 33.71 12.25
N PRO D 265 -16.79 32.66 13.02
CA PRO D 265 -18.00 31.87 12.76
C PRO D 265 -19.27 32.69 12.95
N GLY D 266 -20.29 32.34 12.16
CA GLY D 266 -21.61 32.90 12.32
C GLY D 266 -21.80 34.30 11.79
N CYS D 267 -20.97 34.73 10.84
CA CYS D 267 -21.09 36.05 10.24
C CYS D 267 -21.80 36.04 8.90
N GLY D 268 -22.41 34.92 8.52
CA GLY D 268 -23.18 34.86 7.29
C GLY D 268 -22.35 34.56 6.06
N LYS D 269 -21.31 33.75 6.20
CA LYS D 269 -20.50 33.35 5.05
C LYS D 269 -21.16 32.21 4.29
N THR D 270 -21.63 31.21 5.03
CA THR D 270 -22.33 30.06 4.41
C THR D 270 -23.52 30.61 3.63
N LEU D 271 -24.42 31.31 4.30
CA LEU D 271 -25.62 31.82 3.66
C LEU D 271 -25.29 32.64 2.42
N LEU D 272 -24.19 33.39 2.46
CA LEU D 272 -23.81 34.20 1.30
C LEU D 272 -23.62 33.31 0.08
N ALA D 273 -22.82 32.25 0.23
CA ALA D 273 -22.57 31.36 -0.91
C ALA D 273 -23.83 30.61 -1.31
N ARG D 274 -24.66 30.27 -0.33
CA ARG D 274 -25.93 29.59 -0.61
C ARG D 274 -26.74 30.49 -1.53
N GLN D 275 -26.86 31.78 -1.22
CA GLN D 275 -27.72 32.69 -1.96
C GLN D 275 -27.10 33.04 -3.31
N ILE D 276 -25.77 33.24 -3.35
CA ILE D 276 -25.13 33.55 -4.63
C ILE D 276 -25.33 32.41 -5.61
N GLY D 277 -25.20 31.17 -5.12
CA GLY D 277 -25.47 30.03 -5.99
C GLY D 277 -26.91 29.99 -6.46
N LYS D 278 -27.84 30.20 -5.52
CA LYS D 278 -29.26 30.12 -5.87
C LYS D 278 -29.62 31.18 -6.91
N MET D 279 -29.00 32.36 -6.81
CA MET D 279 -29.39 33.48 -7.67
C MET D 279 -29.20 33.20 -9.15
N LEU D 280 -28.26 32.33 -9.51
CA LEU D 280 -27.89 32.21 -10.92
C LEU D 280 -28.94 31.39 -11.68
N ASN D 281 -29.07 31.70 -12.97
CA ASN D 281 -29.91 30.94 -13.88
C ASN D 281 -29.15 29.79 -14.53
N ALA D 282 -28.07 29.33 -13.89
CA ALA D 282 -27.20 28.29 -14.39
C ALA D 282 -27.55 26.97 -13.73
N ARG D 283 -26.72 25.96 -13.98
CA ARG D 283 -26.98 24.63 -13.43
C ARG D 283 -26.72 24.63 -11.93
N GLU D 284 -27.21 23.57 -11.27
CA GLU D 284 -27.05 23.48 -9.82
C GLU D 284 -25.57 23.37 -9.48
N PRO D 285 -25.04 24.23 -8.61
CA PRO D 285 -23.61 24.17 -8.28
C PRO D 285 -23.24 22.85 -7.60
N LYS D 286 -22.03 22.38 -7.88
CA LYS D 286 -21.48 21.19 -7.25
C LYS D 286 -20.66 21.61 -6.04
N VAL D 287 -21.07 21.17 -4.85
CA VAL D 287 -20.44 21.57 -3.60
C VAL D 287 -19.65 20.38 -3.06
N VAL D 288 -18.54 20.68 -2.37
CA VAL D 288 -17.71 19.67 -1.72
C VAL D 288 -17.66 20.01 -0.24
N ASN D 289 -18.11 19.06 0.59
CA ASN D 289 -18.20 19.26 2.06
C ASN D 289 -16.89 18.85 2.69
N GLY D 290 -15.93 19.76 2.77
CA GLY D 290 -14.66 19.50 3.39
C GLY D 290 -13.88 18.41 2.68
N PRO D 291 -12.99 17.71 3.39
CA PRO D 291 -12.23 16.63 2.76
C PRO D 291 -13.09 15.41 2.47
N GLU D 292 -14.01 15.54 1.53
CA GLU D 292 -14.92 14.47 1.14
C GLU D 292 -14.47 13.78 -0.14
N ILE D 293 -13.26 14.06 -0.61
CA ILE D 293 -12.78 13.58 -1.89
C ILE D 293 -11.54 12.72 -1.69
N LEU D 294 -11.44 12.08 -0.54
CA LEU D 294 -10.32 11.21 -0.20
C LEU D 294 -10.78 9.76 -0.29
N ASN D 295 -9.87 8.89 -0.73
CA ASN D 295 -10.15 7.48 -0.91
C ASN D 295 -9.04 6.66 -0.28
N LYS D 296 -9.36 5.39 -0.02
CA LYS D 296 -8.52 4.54 0.81
C LYS D 296 -7.36 3.91 0.06
N TYR D 297 -7.07 4.38 -1.15
CA TYR D 297 -6.11 3.75 -2.04
C TYR D 297 -5.17 4.82 -2.57
N VAL D 298 -4.11 4.38 -3.22
CA VAL D 298 -3.17 5.30 -3.84
C VAL D 298 -3.79 5.78 -5.15
N GLY D 299 -3.84 7.10 -5.34
CA GLY D 299 -4.18 7.63 -6.65
C GLY D 299 -5.59 8.15 -6.82
N GLU D 300 -6.51 7.82 -5.93
CA GLU D 300 -7.88 8.25 -6.14
C GLU D 300 -8.23 9.53 -5.40
N SER D 301 -7.33 10.06 -4.56
CA SER D 301 -7.47 11.44 -4.16
C SER D 301 -7.39 12.35 -5.38
N GLU D 302 -6.41 12.08 -6.27
CA GLU D 302 -6.30 12.84 -7.51
C GLU D 302 -7.44 12.51 -8.47
N ALA D 303 -7.78 11.24 -8.61
CA ALA D 303 -8.90 10.88 -9.49
C ALA D 303 -10.18 11.57 -9.06
N ASN D 304 -10.39 11.71 -7.74
CA ASN D 304 -11.55 12.42 -7.24
C ASN D 304 -11.46 13.92 -7.49
N ILE D 305 -10.28 14.52 -7.23
CA ILE D 305 -10.14 15.95 -7.47
C ILE D 305 -10.14 16.28 -8.95
N ARG D 306 -10.09 15.26 -9.82
CA ARG D 306 -10.07 15.46 -11.26
C ARG D 306 -11.45 15.29 -11.88
N LYS D 307 -12.31 14.44 -11.30
CA LYS D 307 -13.66 14.26 -11.84
C LYS D 307 -14.49 15.53 -11.78
N LEU D 308 -14.10 16.50 -10.93
CA LEU D 308 -14.89 17.70 -10.71
C LEU D 308 -14.96 18.60 -11.94
N PHE D 309 -14.16 18.37 -12.97
CA PHE D 309 -14.05 19.30 -14.08
C PHE D 309 -14.42 18.66 -15.42
N ALA D 310 -14.90 17.41 -15.40
CA ALA D 310 -15.27 16.75 -16.65
C ALA D 310 -16.36 17.52 -17.39
N ASP D 311 -17.39 17.95 -16.66
CA ASP D 311 -18.51 18.63 -17.31
C ASP D 311 -18.07 19.90 -18.00
N ALA D 312 -17.26 20.71 -17.32
CA ALA D 312 -16.83 21.98 -17.90
C ALA D 312 -16.00 21.75 -19.17
N GLU D 313 -15.04 20.82 -19.10
CA GLU D 313 -14.20 20.54 -20.26
C GLU D 313 -15.02 20.01 -21.43
N GLU D 314 -15.90 19.05 -21.16
CA GLU D 314 -16.74 18.49 -22.22
C GLU D 314 -17.61 19.58 -22.85
N GLU D 315 -18.27 20.39 -22.02
CA GLU D 315 -19.15 21.43 -22.53
C GLU D 315 -18.37 22.46 -23.35
N GLN D 316 -17.19 22.85 -22.87
CA GLN D 316 -16.37 23.79 -23.63
C GLN D 316 -15.99 23.23 -24.99
N ARG D 317 -15.60 21.95 -25.03
CA ARG D 317 -15.18 21.36 -26.29
C ARG D 317 -16.34 21.13 -27.26
N ARG D 318 -17.56 20.95 -26.75
CA ARG D 318 -18.71 20.75 -27.63
C ARG D 318 -19.18 22.06 -28.26
N LEU D 319 -19.60 23.02 -27.44
CA LEU D 319 -20.00 24.32 -27.97
C LEU D 319 -18.84 25.30 -28.08
N GLY D 320 -18.25 25.66 -26.95
CA GLY D 320 -17.15 26.61 -26.93
C GLY D 320 -17.64 28.04 -26.94
N ALA D 321 -17.14 28.86 -26.01
CA ALA D 321 -17.41 30.29 -26.01
C ALA D 321 -18.89 30.63 -25.83
N ASN D 322 -19.75 29.62 -25.63
CA ASN D 322 -21.17 29.88 -25.45
C ASN D 322 -21.78 29.00 -24.36
N SER D 323 -20.97 28.40 -23.51
CA SER D 323 -21.44 27.48 -22.49
C SER D 323 -21.84 28.23 -21.22
N GLY D 324 -22.67 27.58 -20.40
CA GLY D 324 -23.06 28.15 -19.14
C GLY D 324 -21.98 27.99 -18.08
N LEU D 325 -22.04 28.83 -17.06
CA LEU D 325 -21.04 28.78 -16.01
C LEU D 325 -21.15 27.48 -15.23
N HIS D 326 -20.03 27.04 -14.67
CA HIS D 326 -19.97 25.84 -13.83
C HIS D 326 -19.43 26.27 -12.48
N ILE D 327 -20.28 26.23 -11.46
CA ILE D 327 -19.93 26.75 -10.13
C ILE D 327 -19.56 25.56 -9.25
N ILE D 328 -18.42 25.67 -8.56
CA ILE D 328 -17.94 24.65 -7.65
C ILE D 328 -17.65 25.33 -6.31
N ILE D 329 -18.06 24.69 -5.22
CA ILE D 329 -17.95 25.29 -3.89
C ILE D 329 -17.15 24.38 -2.98
N PHE D 330 -16.10 24.92 -2.37
CA PHE D 330 -15.27 24.23 -1.39
C PHE D 330 -15.56 24.85 -0.02
N ASP D 331 -15.84 23.99 0.96
CA ASP D 331 -16.05 24.42 2.34
C ASP D 331 -14.84 24.05 3.19
N GLU D 332 -14.35 25.03 3.95
CA GLU D 332 -13.14 24.86 4.74
C GLU D 332 -12.03 24.33 3.84
N ILE D 333 -11.66 25.12 2.84
CA ILE D 333 -10.58 24.76 1.92
C ILE D 333 -9.32 24.40 2.68
N ASP D 334 -9.09 25.01 3.84
CA ASP D 334 -7.89 24.74 4.62
C ASP D 334 -7.81 23.28 5.06
N ALA D 335 -8.93 22.55 5.03
CA ALA D 335 -8.91 21.14 5.42
C ALA D 335 -8.02 20.34 4.50
N ILE D 336 -8.10 20.59 3.18
CA ILE D 336 -7.39 19.80 2.19
C ILE D 336 -6.20 20.56 1.61
N CYS D 337 -6.38 21.84 1.28
CA CYS D 337 -5.31 22.64 0.67
C CYS D 337 -4.57 23.38 1.78
N LYS D 338 -3.29 23.07 1.94
CA LYS D 338 -2.45 23.69 2.95
C LYS D 338 -1.05 23.89 2.37
N GLN D 339 -0.10 24.34 3.20
CA GLN D 339 1.27 24.65 2.72
C GLN D 339 2.00 23.37 2.31
N ARG D 340 2.55 23.32 1.09
CA ARG D 340 3.38 22.18 0.65
C ARG D 340 4.70 22.28 1.42
N GLY D 341 5.32 21.15 1.75
CA GLY D 341 6.54 21.15 2.57
C GLY D 341 6.21 21.05 4.04
N SER D 342 4.93 21.19 4.43
CA SER D 342 4.50 21.05 5.81
C SER D 342 3.76 19.72 5.95
N MET D 343 3.26 19.45 7.16
CA MET D 343 2.61 18.17 7.46
C MET D 343 3.51 17.02 7.06
N ALA D 344 4.77 17.08 7.47
CA ALA D 344 5.74 16.07 7.06
C ALA D 344 5.48 14.76 7.78
N GLY D 345 4.37 14.10 7.41
CA GLY D 345 4.02 12.82 8.00
C GLY D 345 4.39 11.67 7.08
N SER D 346 3.40 11.12 6.37
CA SER D 346 3.67 10.03 5.44
C SER D 346 2.61 10.02 4.35
N THR D 347 2.93 9.32 3.26
CA THR D 347 2.09 9.07 2.09
C THR D 347 1.99 10.28 1.17
N GLY D 348 2.47 11.45 1.56
CA GLY D 348 2.55 12.61 0.67
C GLY D 348 1.31 12.86 -0.16
N VAL D 349 0.16 12.34 0.30
CA VAL D 349 -1.06 12.45 -0.49
C VAL D 349 -1.49 13.90 -0.60
N HIS D 350 -1.38 14.66 0.50
CA HIS D 350 -1.79 16.06 0.50
C HIS D 350 -0.99 16.88 -0.51
N ASP D 351 0.32 16.69 -0.53
CA ASP D 351 1.14 17.39 -1.53
C ASP D 351 0.78 16.98 -2.95
N THR D 352 0.28 15.76 -3.14
CA THR D 352 -0.12 15.38 -4.50
C THR D 352 -1.45 16.01 -4.86
N VAL D 353 -2.35 16.13 -3.89
CA VAL D 353 -3.67 16.71 -4.18
C VAL D 353 -3.52 18.19 -4.50
N VAL D 354 -2.70 18.90 -3.73
CA VAL D 354 -2.53 20.33 -3.97
C VAL D 354 -1.92 20.54 -5.36
N ASN D 355 -0.96 19.69 -5.73
CA ASN D 355 -0.32 19.81 -7.03
C ASN D 355 -1.33 19.58 -8.16
N GLN D 356 -2.18 18.55 -8.01
CA GLN D 356 -3.20 18.32 -9.04
C GLN D 356 -4.15 19.51 -9.13
N LEU D 357 -4.64 20.01 -8.00
CA LEU D 357 -5.66 21.08 -8.00
C LEU D 357 -5.16 22.28 -8.78
N LEU D 358 -3.93 22.72 -8.50
CA LEU D 358 -3.31 23.87 -9.20
C LEU D 358 -3.09 23.49 -10.66
N SER D 359 -2.59 22.29 -10.91
CA SER D 359 -2.31 21.79 -12.27
C SER D 359 -3.58 21.82 -13.09
N LYS D 360 -4.74 21.83 -12.42
CA LYS D 360 -6.02 21.73 -13.11
C LYS D 360 -6.80 23.04 -13.11
N ILE D 361 -6.71 23.85 -12.06
CA ILE D 361 -7.41 25.18 -12.07
C ILE D 361 -6.83 25.96 -13.23
N ASP D 362 -5.51 25.85 -13.44
CA ASP D 362 -4.81 26.55 -14.53
C ASP D 362 -3.81 25.56 -15.10
N GLY D 363 -3.14 25.90 -16.20
CA GLY D 363 -2.10 25.05 -16.79
C GLY D 363 -2.10 25.11 -18.30
N VAL D 364 -1.65 24.04 -18.95
CA VAL D 364 -1.54 24.01 -20.43
C VAL D 364 -2.93 24.23 -21.04
N GLU D 365 -3.98 23.64 -20.46
CA GLU D 365 -5.33 23.77 -21.02
C GLU D 365 -6.02 25.03 -20.52
N GLN D 366 -6.96 25.52 -21.32
CA GLN D 366 -7.72 26.72 -21.03
C GLN D 366 -9.16 26.37 -20.71
N LEU D 367 -9.74 27.11 -19.77
CA LEU D 367 -11.15 26.96 -19.40
C LEU D 367 -11.69 28.35 -19.06
N ASN D 368 -12.92 28.61 -19.52
CA ASN D 368 -13.49 29.95 -19.35
C ASN D 368 -14.96 29.90 -18.94
N ASN D 369 -15.42 28.80 -18.36
CA ASN D 369 -16.80 28.65 -17.93
C ASN D 369 -16.86 28.01 -16.54
N ILE D 370 -15.94 28.41 -15.66
CA ILE D 370 -15.84 27.87 -14.32
C ILE D 370 -15.72 29.03 -13.32
N LEU D 371 -16.06 28.73 -12.07
CA LEU D 371 -15.91 29.71 -10.99
C LEU D 371 -15.86 28.94 -9.67
N VAL D 372 -14.81 29.15 -8.89
CA VAL D 372 -14.57 28.41 -7.66
C VAL D 372 -14.67 29.38 -6.49
N ILE D 373 -15.38 28.96 -5.45
CA ILE D 373 -15.54 29.73 -4.22
C ILE D 373 -14.97 28.91 -3.07
N GLY D 374 -14.07 29.52 -2.31
CA GLY D 374 -13.49 28.90 -1.13
C GLY D 374 -13.85 29.68 0.11
N MET D 375 -13.90 28.98 1.24
CA MET D 375 -14.27 29.57 2.52
C MET D 375 -13.34 29.02 3.60
N THR D 376 -12.83 29.91 4.44
CA THR D 376 -11.90 29.50 5.48
C THR D 376 -12.06 30.41 6.69
N ASN D 377 -11.44 29.99 7.80
CA ASN D 377 -11.36 30.82 9.00
C ASN D 377 -9.94 31.23 9.37
N ARG D 378 -8.92 30.60 8.79
CA ARG D 378 -7.51 30.90 9.10
C ARG D 378 -6.79 31.10 7.77
N PRO D 379 -6.94 32.28 7.16
CA PRO D 379 -6.40 32.50 5.81
C PRO D 379 -4.87 32.52 5.72
N ASP D 380 -4.14 32.26 6.81
CA ASP D 380 -2.69 32.25 6.76
C ASP D 380 -2.09 30.88 6.45
N LEU D 381 -2.91 29.84 6.25
CA LEU D 381 -2.40 28.51 5.99
C LEU D 381 -2.61 28.04 4.55
N ILE D 382 -3.28 28.83 3.72
CA ILE D 382 -3.54 28.44 2.34
C ILE D 382 -2.28 28.69 1.52
N ASP D 383 -2.15 27.96 0.40
CA ASP D 383 -1.01 28.11 -0.55
C ASP D 383 -1.00 29.51 -1.16
N GLU D 384 0.17 30.02 -1.54
CA GLU D 384 0.31 31.39 -2.11
C GLU D 384 -0.28 31.47 -3.52
N ALA D 385 0.04 30.55 -4.42
CA ALA D 385 -0.39 30.62 -5.84
C ALA D 385 -1.90 30.42 -5.93
N LEU D 386 -2.43 29.59 -4.90
CA LEU D 386 -3.87 29.37 -4.93
C LEU D 386 -4.66 30.67 -4.81
N LEU D 387 -4.04 31.71 -4.26
CA LEU D 387 -4.68 33.02 -4.12
C LEU D 387 -4.02 34.10 -4.99
N ARG D 388 -3.24 33.71 -5.99
CA ARG D 388 -2.53 34.64 -6.86
C ARG D 388 -3.45 35.12 -7.97
N PRO D 389 -2.96 35.99 -8.86
CA PRO D 389 -3.80 36.48 -9.96
C PRO D 389 -4.40 35.34 -10.76
N GLY D 390 -5.68 35.48 -11.08
CA GLY D 390 -6.41 34.42 -11.77
C GLY D 390 -6.51 33.15 -10.99
N ARG D 391 -6.27 33.22 -9.68
CA ARG D 391 -6.24 32.06 -8.80
C ARG D 391 -6.82 32.52 -7.47
N LEU D 392 -8.13 32.35 -7.31
CA LEU D 392 -8.84 32.92 -6.18
C LEU D 392 -8.35 34.34 -5.91
N GLU D 393 -8.16 35.11 -6.98
CA GLU D 393 -7.52 36.42 -6.84
C GLU D 393 -8.31 37.32 -5.91
N VAL D 394 -9.64 37.34 -6.07
CA VAL D 394 -10.47 38.19 -5.24
C VAL D 394 -10.50 37.61 -3.83
N LYS D 395 -10.11 38.48 -2.83
CA LYS D 395 -9.99 37.96 -1.47
C LYS D 395 -10.76 38.94 -0.58
N MET D 396 -11.97 38.55 -0.20
CA MET D 396 -12.85 39.47 0.51
C MET D 396 -12.72 39.24 2.02
N GLU D 397 -13.27 40.18 2.79
CA GLU D 397 -13.13 40.18 4.25
C GLU D 397 -14.49 40.49 4.87
N ILE D 398 -15.14 39.45 5.37
CA ILE D 398 -16.43 39.59 6.07
C ILE D 398 -16.13 39.89 7.53
N GLY D 399 -16.65 41.02 8.01
CA GLY D 399 -16.43 41.44 9.38
C GLY D 399 -17.72 41.61 10.17
N LEU D 400 -17.61 41.64 11.48
CA LEU D 400 -18.79 41.78 12.32
C LEU D 400 -19.65 42.96 11.85
N PRO D 401 -20.98 42.84 11.92
CA PRO D 401 -21.83 43.91 11.40
C PRO D 401 -21.81 45.15 12.28
N ASP D 402 -22.39 46.22 11.75
CA ASP D 402 -22.54 47.48 12.46
C ASP D 402 -23.94 47.58 13.04
N GLU D 403 -24.28 48.74 13.62
CA GLU D 403 -25.62 48.94 14.15
C GLU D 403 -26.68 48.82 13.06
N LYS D 404 -26.42 49.45 11.91
CA LYS D 404 -27.40 49.39 10.82
C LYS D 404 -27.55 47.96 10.32
N GLY D 405 -26.44 47.23 10.22
CA GLY D 405 -26.52 45.82 9.89
C GLY D 405 -27.35 45.05 10.90
N ARG D 406 -27.18 45.35 12.19
CA ARG D 406 -27.98 44.69 13.21
C ARG D 406 -29.47 44.96 13.01
N LEU D 407 -29.83 46.22 12.74
CA LEU D 407 -31.23 46.55 12.49
C LEU D 407 -31.77 45.78 11.29
N GLN D 408 -31.02 45.78 10.18
CA GLN D 408 -31.46 45.08 8.99
C GLN D 408 -31.62 43.58 9.26
N ILE D 409 -30.68 43.00 10.01
CA ILE D 409 -30.74 41.56 10.31
C ILE D 409 -31.98 41.26 11.13
N LEU D 410 -32.20 42.02 12.20
CA LEU D 410 -33.36 41.79 13.04
C LEU D 410 -34.65 41.94 12.25
N HIS D 411 -34.70 42.93 11.35
N HIS D 411 -34.70 42.93 11.35
CA HIS D 411 -35.87 43.07 10.49
CA HIS D 411 -35.88 43.07 10.49
C HIS D 411 -36.04 41.85 9.60
C HIS D 411 -36.04 41.85 9.60
N ILE D 412 -34.94 41.34 9.04
CA ILE D 412 -35.02 40.18 8.16
C ILE D 412 -35.60 38.99 8.91
N HIS D 413 -35.14 38.75 10.13
CA HIS D 413 -35.58 37.60 10.89
C HIS D 413 -36.90 37.84 11.62
N THR D 414 -37.49 39.03 11.47
CA THR D 414 -38.78 39.36 12.06
C THR D 414 -39.72 39.93 11.00
N ALA D 415 -39.79 39.26 9.85
CA ALA D 415 -40.69 39.67 8.78
C ALA D 415 -41.96 38.84 8.72
N ARG D 416 -41.87 37.56 9.04
CA ARG D 416 -43.02 36.66 9.02
C ARG D 416 -43.92 36.84 10.23
N MET D 417 -43.52 37.67 11.20
CA MET D 417 -44.29 37.88 12.41
C MET D 417 -45.26 39.05 12.27
N ARG D 418 -44.74 40.21 11.89
CA ARG D 418 -45.58 41.41 11.71
C ARG D 418 -46.72 41.04 10.77
N GLY D 419 -46.50 40.18 9.78
CA GLY D 419 -47.48 39.82 8.79
C GLY D 419 -48.59 38.90 9.28
N HIS D 420 -48.54 38.47 10.54
CA HIS D 420 -49.60 37.63 11.09
C HIS D 420 -50.03 38.09 12.49
N GLN D 421 -49.69 39.32 12.88
CA GLN D 421 -50.14 39.89 14.14
C GLN D 421 -49.78 39.01 15.33
N LEU D 422 -48.66 38.30 15.23
CA LEU D 422 -48.17 37.45 16.31
C LEU D 422 -47.22 38.17 17.25
N LEU D 423 -46.86 39.41 16.95
CA LEU D 423 -45.91 40.19 17.74
C LEU D 423 -46.62 41.40 18.31
N SER D 424 -46.50 41.61 19.62
CA SER D 424 -47.09 42.77 20.26
C SER D 424 -46.37 44.04 19.82
N ALA D 425 -47.14 45.12 19.69
CA ALA D 425 -46.59 46.41 19.29
C ALA D 425 -45.71 47.05 20.37
N ASP D 426 -45.75 46.53 21.60
CA ASP D 426 -44.96 47.13 22.68
C ASP D 426 -43.47 47.12 22.33
N VAL D 427 -42.99 46.04 21.72
CA VAL D 427 -41.57 45.94 21.39
C VAL D 427 -41.20 47.01 20.37
N ASP D 428 -40.02 47.59 20.55
CA ASP D 428 -39.46 48.54 19.59
C ASP D 428 -38.08 48.05 19.18
N ILE D 429 -37.84 47.98 17.87
CA ILE D 429 -36.61 47.38 17.36
C ILE D 429 -35.40 48.25 17.69
N LYS D 430 -35.55 49.57 17.62
CA LYS D 430 -34.40 50.46 17.81
C LYS D 430 -33.67 50.14 19.11
N GLU D 431 -34.42 49.94 20.20
CA GLU D 431 -33.79 49.57 21.46
C GLU D 431 -32.97 48.30 21.29
N LEU D 432 -33.59 47.23 20.79
CA LEU D 432 -32.90 45.95 20.64
C LEU D 432 -31.60 46.13 19.87
N ALA D 433 -31.64 46.87 18.76
CA ALA D 433 -30.43 47.15 17.99
C ALA D 433 -29.41 47.87 18.86
N VAL D 434 -29.86 48.76 19.75
CA VAL D 434 -28.94 49.52 20.57
C VAL D 434 -28.23 48.62 21.59
N GLU D 435 -29.01 47.92 22.41
CA GLU D 435 -28.41 47.15 23.51
C GLU D 435 -27.52 46.04 22.98
N THR D 436 -27.91 45.38 21.89
CA THR D 436 -27.15 44.27 21.34
C THR D 436 -25.80 44.78 20.86
N LYS D 437 -24.75 44.54 21.64
CA LYS D 437 -23.40 44.96 21.29
C LYS D 437 -22.51 43.73 21.12
N ASN D 438 -21.64 43.77 20.12
CA ASN D 438 -20.78 42.65 19.79
C ASN D 438 -21.60 41.40 19.49
N PHE D 439 -22.57 41.56 18.60
CA PHE D 439 -23.50 40.48 18.25
C PHE D 439 -23.36 40.13 16.78
N SER D 440 -23.44 38.84 16.48
CA SER D 440 -23.46 38.33 15.12
C SER D 440 -24.86 37.86 14.77
N GLY D 441 -25.11 37.73 13.46
CA GLY D 441 -26.44 37.34 13.01
C GLY D 441 -26.93 36.07 13.67
N ALA D 442 -26.05 35.08 13.82
CA ALA D 442 -26.41 33.86 14.54
C ALA D 442 -26.87 34.17 15.95
N GLU D 443 -26.17 35.07 16.64
CA GLU D 443 -26.56 35.45 17.99
C GLU D 443 -27.95 36.09 17.99
N LEU D 444 -28.21 36.95 17.00
CA LEU D 444 -29.52 37.62 16.95
C LEU D 444 -30.63 36.62 16.70
N GLU D 445 -30.41 35.67 15.79
CA GLU D 445 -31.41 34.63 15.56
C GLU D 445 -31.61 33.78 16.81
N GLY D 446 -30.53 33.48 17.53
CA GLY D 446 -30.66 32.74 18.77
C GLY D 446 -31.48 33.49 19.81
N LEU D 447 -31.27 34.80 19.94
CA LEU D 447 -32.08 35.61 20.84
C LEU D 447 -33.55 35.57 20.43
N VAL D 448 -33.83 35.77 19.14
CA VAL D 448 -35.20 35.71 18.67
C VAL D 448 -35.82 34.36 19.00
N ARG D 449 -35.07 33.28 18.76
CA ARG D 449 -35.57 31.93 19.03
C ARG D 449 -35.86 31.74 20.51
N ALA D 450 -34.98 32.24 21.37
CA ALA D 450 -35.17 32.09 22.81
C ALA D 450 -36.41 32.84 23.27
N ALA D 451 -36.60 34.06 22.76
CA ALA D 451 -37.81 34.81 23.07
C ALA D 451 -39.04 34.05 22.60
N GLN D 452 -38.98 33.45 21.41
CA GLN D 452 -40.09 32.65 20.91
C GLN D 452 -40.42 31.51 21.85
N SER D 453 -39.39 30.76 22.26
CA SER D 453 -39.61 29.59 23.10
C SER D 453 -40.18 29.98 24.46
N THR D 454 -39.64 31.03 25.07
CA THR D 454 -40.17 31.47 26.36
C THR D 454 -41.60 31.99 26.21
N ALA D 455 -41.91 32.66 25.09
CA ALA D 455 -43.28 33.11 24.85
C ALA D 455 -44.22 31.93 24.77
N MET D 456 -43.83 30.87 24.07
CA MET D 456 -44.64 29.66 24.05
C MET D 456 -44.81 29.08 25.45
N ASN D 457 -43.71 28.92 26.19
CA ASN D 457 -43.73 28.03 27.34
C ASN D 457 -44.86 28.32 28.31
N ARG D 458 -45.45 29.53 28.25
CA ARG D 458 -46.50 29.89 29.18
C ARG D 458 -47.75 29.03 29.02
N HIS D 459 -47.93 28.40 27.85
CA HIS D 459 -49.14 27.64 27.56
C HIS D 459 -48.95 26.13 27.71
N ILE D 460 -47.94 25.70 28.46
CA ILE D 460 -47.65 24.28 28.61
C ILE D 460 -47.59 23.94 30.10
N LYS D 461 -48.21 22.83 30.47
CA LYS D 461 -48.18 22.33 31.84
C LYS D 461 -47.43 21.01 31.88
N ALA D 462 -46.44 20.92 32.75
CA ALA D 462 -45.60 19.74 32.89
C ALA D 462 -45.67 19.21 34.32
N SER D 463 -44.86 18.20 34.61
CA SER D 463 -44.75 17.52 35.90
C SER D 463 -45.98 16.69 36.23
N THR D 464 -47.01 16.69 35.38
CA THR D 464 -48.17 15.83 35.52
C THR D 464 -48.51 15.27 34.14
N LYS D 465 -47.49 14.75 33.46
CA LYS D 465 -47.51 14.49 32.02
C LYS D 465 -47.48 15.83 31.30
N VAL D 466 -47.46 15.80 29.97
CA VAL D 466 -47.35 17.02 29.16
C VAL D 466 -48.77 17.41 28.73
N GLU D 467 -49.21 18.57 29.18
CA GLU D 467 -50.53 19.11 28.84
C GLU D 467 -50.34 20.45 28.15
N VAL D 468 -51.08 20.67 27.07
CA VAL D 468 -51.07 21.92 26.33
C VAL D 468 -52.51 22.39 26.16
N ASP D 469 -52.75 23.67 26.43
CA ASP D 469 -54.10 24.21 26.40
C ASP D 469 -54.45 24.71 25.00
N MET D 470 -55.58 24.24 24.47
CA MET D 470 -56.06 24.62 23.16
C MET D 470 -57.01 25.81 23.18
N GLU D 471 -57.33 26.35 24.36
CA GLU D 471 -58.27 27.45 24.45
C GLU D 471 -57.55 28.80 24.36
N LYS D 472 -56.54 29.00 25.19
CA LYS D 472 -55.75 30.23 25.16
C LYS D 472 -54.64 30.21 24.11
N ALA D 473 -54.46 29.08 23.41
CA ALA D 473 -53.39 28.98 22.43
C ALA D 473 -53.60 29.90 21.23
N GLU D 474 -54.84 30.37 21.01
CA GLU D 474 -55.12 31.23 19.88
C GLU D 474 -54.78 32.70 20.14
N SER D 475 -54.40 33.05 21.36
CA SER D 475 -54.10 34.43 21.73
C SER D 475 -52.62 34.60 22.07
N LEU D 476 -51.75 33.94 21.30
CA LEU D 476 -50.32 34.00 21.56
C LEU D 476 -49.76 35.35 21.12
N GLN D 477 -48.89 35.91 21.95
CA GLN D 477 -48.23 37.16 21.65
C GLN D 477 -46.84 37.17 22.27
N VAL D 478 -45.99 38.06 21.77
CA VAL D 478 -44.60 38.19 22.23
C VAL D 478 -44.44 39.57 22.83
N THR D 479 -43.93 39.61 24.07
CA THR D 479 -43.85 40.84 24.84
C THR D 479 -42.39 41.26 25.04
N ARG D 480 -42.20 42.56 25.30
CA ARG D 480 -40.85 43.08 25.52
C ARG D 480 -40.19 42.41 26.73
N GLY D 481 -40.97 42.11 27.77
CA GLY D 481 -40.40 41.47 28.94
C GLY D 481 -39.76 40.13 28.60
N ASP D 482 -40.36 39.39 27.66
CA ASP D 482 -39.76 38.13 27.22
C ASP D 482 -38.37 38.37 26.63
N PHE D 483 -38.26 39.37 25.74
CA PHE D 483 -36.96 39.69 25.16
C PHE D 483 -35.95 40.09 26.23
N LEU D 484 -36.39 40.92 27.18
CA LEU D 484 -35.47 41.38 28.22
C LEU D 484 -34.98 40.21 29.07
N ALA D 485 -35.89 39.34 29.48
CA ALA D 485 -35.49 38.18 30.29
C ALA D 485 -34.55 37.27 29.52
N SER D 486 -34.86 37.00 28.24
CA SER D 486 -33.96 36.20 27.43
C SER D 486 -32.58 36.83 27.35
N LEU D 487 -32.52 38.12 27.02
CA LEU D 487 -31.23 38.81 26.95
C LEU D 487 -30.47 38.67 28.26
N GLU D 488 -31.15 38.82 29.38
CA GLU D 488 -30.49 38.86 30.68
C GLU D 488 -30.23 37.47 31.26
N ASN D 489 -30.73 36.40 30.63
CA ASN D 489 -30.63 35.07 31.20
C ASN D 489 -29.74 34.13 30.41
N ASP D 490 -30.00 33.92 29.12
CA ASP D 490 -29.37 32.84 28.36
C ASP D 490 -28.29 33.31 27.40
N ILE D 491 -28.58 34.27 26.52
CA ILE D 491 -27.63 34.62 25.46
C ILE D 491 -26.42 35.32 26.08
N LYS D 492 -25.24 35.02 25.54
CA LYS D 492 -24.03 35.66 26.00
C LYS D 492 -23.01 35.68 24.86
N PRO D 493 -22.66 36.86 24.34
CA PRO D 493 -21.65 36.92 23.28
C PRO D 493 -20.29 36.45 23.77
N ALA D 494 -19.39 36.21 22.81
CA ALA D 494 -18.05 35.71 23.09
C ALA D 494 -17.01 36.60 22.42
N PHE D 495 -17.30 37.89 22.35
CA PHE D 495 -16.41 38.87 21.73
C PHE D 495 -16.60 40.19 22.45
N GLY D 496 -15.68 40.52 23.35
CA GLY D 496 -15.73 41.77 24.09
C GLY D 496 -16.18 41.57 25.53
N THR D 497 -15.99 42.64 26.30
CA THR D 497 -16.32 42.62 27.72
C THR D 497 -17.83 42.65 27.94
N ASN D 498 -18.27 42.11 29.07
CA ASN D 498 -19.67 41.97 29.39
C ASN D 498 -19.98 42.68 30.70
N GLN D 499 -21.27 42.96 30.91
CA GLN D 499 -21.70 43.61 32.15
C GLN D 499 -21.27 42.83 33.38
N GLU D 500 -21.19 41.50 33.26
CA GLU D 500 -20.84 40.67 34.42
C GLU D 500 -19.45 40.99 34.95
N ASP D 501 -18.56 41.51 34.10
CA ASP D 501 -17.23 41.85 34.56
C ASP D 501 -17.21 43.16 35.32
N TYR D 502 -17.94 44.17 34.82
CA TYR D 502 -18.08 45.40 35.59
C TYR D 502 -18.75 45.11 36.93
N ALA D 503 -19.78 44.25 36.92
CA ALA D 503 -20.40 43.83 38.17
C ALA D 503 -19.42 43.10 39.08
N SER D 504 -18.42 42.44 38.50
CA SER D 504 -17.43 41.75 39.32
C SER D 504 -16.43 42.71 39.94
N TYR D 505 -16.01 43.73 39.22
CA TYR D 505 -15.02 44.70 39.75
C TYR D 505 -15.77 45.71 40.62
N ILE D 506 -16.76 46.42 40.10
CA ILE D 506 -17.46 47.44 40.87
C ILE D 506 -18.43 46.76 41.83
N MET D 507 -17.96 46.53 43.06
CA MET D 507 -18.66 45.67 44.02
C MET D 507 -19.53 46.45 44.99
N ASN D 508 -19.01 47.54 45.57
CA ASN D 508 -19.80 48.45 46.39
C ASN D 508 -20.08 49.79 45.70
N GLY D 509 -20.08 49.81 44.38
CA GLY D 509 -20.43 51.04 43.69
C GLY D 509 -19.45 52.17 43.99
N ILE D 510 -19.95 53.39 43.86
CA ILE D 510 -19.19 54.61 44.08
C ILE D 510 -20.00 55.51 45.01
N ILE D 511 -19.33 56.09 46.00
CA ILE D 511 -19.97 57.01 46.94
C ILE D 511 -19.15 58.29 46.97
N LYS D 512 -19.84 59.43 46.91
CA LYS D 512 -19.19 60.74 46.83
C LYS D 512 -18.92 61.22 48.26
N TRP D 513 -17.75 60.88 48.78
CA TRP D 513 -17.35 61.33 50.11
C TRP D 513 -16.48 62.58 50.07
N GLY D 514 -16.18 63.08 48.89
CA GLY D 514 -15.35 64.27 48.76
C GLY D 514 -15.28 64.70 47.30
N ASP D 515 -14.62 65.83 47.09
CA ASP D 515 -14.47 66.36 45.74
C ASP D 515 -13.42 65.62 44.89
N PRO D 516 -12.45 64.88 45.47
CA PRO D 516 -11.46 64.23 44.59
C PRO D 516 -12.08 63.31 43.56
N VAL D 517 -13.14 62.59 43.94
CA VAL D 517 -13.81 61.69 43.00
C VAL D 517 -14.38 62.49 41.83
N THR D 518 -15.03 63.62 42.12
CA THR D 518 -15.58 64.44 41.06
C THR D 518 -14.47 64.96 40.15
N ARG D 519 -13.35 65.40 40.74
CA ARG D 519 -12.23 65.86 39.93
C ARG D 519 -11.74 64.76 39.00
N VAL D 520 -11.52 63.56 39.54
CA VAL D 520 -10.99 62.46 38.74
C VAL D 520 -11.96 62.11 37.61
N LEU D 521 -13.25 62.01 37.93
CA LEU D 521 -14.24 61.66 36.92
C LEU D 521 -14.29 62.72 35.82
N ASP D 522 -14.27 64.00 36.19
CA ASP D 522 -14.28 65.06 35.18
C ASP D 522 -13.03 65.00 34.30
N ASP D 523 -11.86 64.78 34.90
CA ASP D 523 -10.64 64.71 34.11
C ASP D 523 -10.69 63.55 33.13
N GLY D 524 -11.16 62.38 33.60
CA GLY D 524 -11.33 61.26 32.69
C GLY D 524 -12.31 61.55 31.57
N GLU D 525 -13.39 62.28 31.89
CA GLU D 525 -14.35 62.67 30.87
C GLU D 525 -13.69 63.54 29.81
N LEU D 526 -12.89 64.52 30.25
CA LEU D 526 -12.18 65.35 29.29
C LEU D 526 -11.24 64.53 28.42
N LEU D 527 -10.52 63.58 29.03
CA LEU D 527 -9.60 62.75 28.26
C LEU D 527 -10.34 61.92 27.21
N VAL D 528 -11.46 61.31 27.60
CA VAL D 528 -12.21 60.47 26.66
C VAL D 528 -12.77 61.32 25.52
N GLN D 529 -13.28 62.52 25.84
CA GLN D 529 -13.76 63.40 24.78
C GLN D 529 -12.63 63.78 23.83
N GLN D 530 -11.46 64.11 24.38
CA GLN D 530 -10.32 64.46 23.55
C GLN D 530 -9.96 63.34 22.60
N THR D 531 -9.83 62.11 23.12
CA THR D 531 -9.47 61.01 22.23
C THR D 531 -10.57 60.75 21.20
N LYS D 532 -11.83 60.90 21.59
CA LYS D 532 -12.92 60.64 20.65
C LYS D 532 -12.88 61.65 19.50
N ASN D 533 -12.66 62.93 19.81
N ASN D 533 -12.65 62.93 19.80
CA ASN D 533 -12.76 63.98 18.80
CA ASN D 533 -12.78 63.98 18.80
C ASN D 533 -11.43 64.28 18.13
C ASN D 533 -11.44 64.42 18.19
N SER D 534 -10.32 64.20 18.87
CA SER D 534 -9.03 64.61 18.34
C SER D 534 -8.59 63.69 17.20
N ASP D 535 -7.81 64.27 16.28
CA ASP D 535 -7.25 63.52 15.16
C ASP D 535 -5.73 63.61 15.07
N ARG D 536 -5.12 64.71 15.51
CA ARG D 536 -3.66 64.80 15.52
C ARG D 536 -3.04 63.72 16.39
N THR D 537 -3.77 63.25 17.40
CA THR D 537 -3.22 62.37 18.43
C THR D 537 -4.12 61.15 18.56
N PRO D 538 -4.05 60.22 17.60
CA PRO D 538 -4.91 59.04 17.67
C PRO D 538 -4.67 58.18 18.88
N LEU D 539 -3.51 58.30 19.53
CA LEU D 539 -3.19 57.54 20.73
C LEU D 539 -3.06 58.49 21.91
N VAL D 540 -3.62 58.08 23.05
CA VAL D 540 -3.54 58.84 24.29
C VAL D 540 -3.36 57.84 25.43
N SER D 541 -2.54 58.21 26.40
CA SER D 541 -2.27 57.37 27.56
C SER D 541 -2.49 58.17 28.84
N VAL D 542 -2.53 57.47 29.96
CA VAL D 542 -2.76 58.10 31.26
C VAL D 542 -2.47 57.08 32.36
N LEU D 543 -1.91 57.54 33.47
CA LEU D 543 -1.57 56.68 34.60
C LEU D 543 -2.28 57.17 35.85
N LEU D 544 -3.01 56.27 36.49
CA LEU D 544 -3.62 56.54 37.79
C LEU D 544 -2.68 56.05 38.87
N GLU D 545 -2.46 56.86 39.90
CA GLU D 545 -1.51 56.53 40.95
C GLU D 545 -2.06 56.89 42.31
N GLY D 546 -1.75 56.06 43.30
CA GLY D 546 -2.11 56.33 44.67
C GLY D 546 -1.62 55.25 45.60
N PRO D 547 -1.76 55.47 46.91
CA PRO D 547 -1.36 54.45 47.89
C PRO D 547 -2.28 53.24 47.82
N PRO D 548 -1.88 52.13 48.45
CA PRO D 548 -2.71 50.92 48.37
C PRO D 548 -4.05 51.12 49.07
N HIS D 549 -5.04 50.36 48.61
CA HIS D 549 -6.38 50.35 49.20
C HIS D 549 -7.10 51.69 49.00
N SER D 550 -6.85 52.34 47.87
CA SER D 550 -7.44 53.64 47.58
C SER D 550 -8.74 53.55 46.78
N GLY D 551 -8.84 52.58 45.87
CA GLY D 551 -10.03 52.46 45.04
C GLY D 551 -9.70 52.66 43.57
N LYS D 552 -8.42 52.50 43.22
CA LYS D 552 -7.98 52.76 41.85
C LYS D 552 -8.71 51.89 40.85
N THR D 553 -8.77 50.58 41.11
CA THR D 553 -9.37 49.65 40.16
C THR D 553 -10.82 50.03 39.86
N ALA D 554 -11.60 50.28 40.91
CA ALA D 554 -13.02 50.60 40.71
C ALA D 554 -13.18 51.90 39.94
N LEU D 555 -12.38 52.92 40.26
CA LEU D 555 -12.49 54.19 39.56
C LEU D 555 -12.14 54.03 38.09
N ALA D 556 -11.09 53.25 37.80
CA ALA D 556 -10.72 52.97 36.41
C ALA D 556 -11.87 52.28 35.68
N ALA D 557 -12.46 51.26 36.31
CA ALA D 557 -13.55 50.55 35.67
C ALA D 557 -14.72 51.47 35.39
N LYS D 558 -15.08 52.33 36.35
CA LYS D 558 -16.22 53.24 36.15
C LYS D 558 -15.94 54.23 35.02
N ILE D 559 -14.75 54.84 35.02
CA ILE D 559 -14.44 55.81 33.98
C ILE D 559 -14.44 55.13 32.62
N ALA D 560 -13.91 53.90 32.55
CA ALA D 560 -13.96 53.17 31.29
C ALA D 560 -15.40 52.89 30.86
N GLU D 561 -16.25 52.52 31.81
CA GLU D 561 -17.63 52.18 31.47
C GLU D 561 -18.36 53.40 30.93
N GLU D 562 -18.13 54.56 31.53
CA GLU D 562 -18.89 55.75 31.09
C GLU D 562 -18.43 56.31 29.75
N SER D 563 -17.60 55.59 28.97
CA SER D 563 -17.17 56.08 27.66
C SER D 563 -18.11 55.66 26.53
N ASN D 564 -18.91 54.62 26.72
CA ASN D 564 -19.86 54.15 25.70
C ASN D 564 -19.16 53.78 24.40
N PHE D 565 -17.92 53.33 24.48
CA PHE D 565 -17.17 52.94 23.31
C PHE D 565 -17.64 51.58 22.79
N PRO D 566 -17.34 51.25 21.52
CA PRO D 566 -17.73 49.94 21.00
C PRO D 566 -16.96 48.78 21.62
N PHE D 567 -15.64 48.88 21.66
CA PHE D 567 -14.77 47.80 22.12
C PHE D 567 -14.11 48.20 23.43
N ILE D 568 -14.33 47.40 24.47
CA ILE D 568 -13.74 47.60 25.78
C ILE D 568 -13.27 46.26 26.31
N LYS D 569 -12.12 46.26 26.99
CA LYS D 569 -11.55 45.03 27.50
C LYS D 569 -10.82 45.33 28.80
N ILE D 570 -10.82 44.37 29.73
CA ILE D 570 -10.21 44.58 31.08
C ILE D 570 -9.31 43.39 31.41
N CYS D 571 -8.01 43.46 31.08
CA CYS D 571 -7.01 42.40 31.38
C CYS D 571 -6.59 42.51 32.84
N SER D 572 -5.92 41.50 33.39
CA SER D 572 -5.48 41.52 34.80
C SER D 572 -4.64 40.29 35.11
N PRO D 573 -3.71 40.35 36.09
CA PRO D 573 -2.85 39.23 36.36
C PRO D 573 -3.71 38.04 36.78
N ASP D 574 -4.80 38.31 37.49
CA ASP D 574 -5.67 37.25 38.04
C ASP D 574 -5.97 36.14 37.02
N LYS D 575 -6.05 36.43 35.73
CA LYS D 575 -6.49 35.41 34.75
C LYS D 575 -5.31 34.80 34.00
N MET D 576 -4.10 34.86 34.51
CA MET D 576 -2.95 34.20 33.85
C MET D 576 -1.99 33.68 34.91
N ILE D 577 -2.40 33.66 36.16
CA ILE D 577 -1.55 33.28 37.28
C ILE D 577 -0.90 31.94 36.98
N GLY D 578 0.38 31.84 37.31
CA GLY D 578 1.16 30.64 37.12
C GLY D 578 1.70 30.45 35.72
N PHE D 579 1.43 31.38 34.81
CA PHE D 579 1.95 31.28 33.46
C PHE D 579 3.44 31.62 33.46
N SER D 580 4.11 31.28 32.36
CA SER D 580 5.48 31.71 32.17
C SER D 580 5.49 32.99 31.34
N GLU D 581 6.68 33.58 31.24
CA GLU D 581 6.81 34.88 30.57
C GLU D 581 6.27 34.82 29.15
N THR D 582 6.65 33.80 28.39
CA THR D 582 6.21 33.70 27.01
C THR D 582 4.69 33.70 26.92
N ALA D 583 4.02 32.99 27.82
CA ALA D 583 2.56 32.96 27.83
C ALA D 583 1.98 34.35 28.08
N LYS D 584 2.54 35.08 29.04
CA LYS D 584 2.04 36.43 29.32
C LYS D 584 2.22 37.33 28.10
N CYS D 585 3.38 37.27 27.45
CA CYS D 585 3.59 38.08 26.26
C CYS D 585 2.58 37.71 25.16
N GLN D 586 2.35 36.41 24.97
CA GLN D 586 1.34 35.97 24.00
C GLN D 586 -0.03 36.53 24.33
N ALA D 587 -0.43 36.48 25.61
CA ALA D 587 -1.73 36.97 26.01
C ALA D 587 -1.87 38.47 25.76
N MET D 588 -0.84 39.24 26.13
CA MET D 588 -0.89 40.68 25.88
C MET D 588 -0.97 40.97 24.39
N LYS D 589 -0.19 40.25 23.58
CA LYS D 589 -0.30 40.38 22.13
C LYS D 589 -1.73 40.16 21.65
N LYS D 590 -2.34 39.05 22.08
CA LYS D 590 -3.68 38.72 21.57
C LYS D 590 -4.70 39.78 22.00
N ILE D 591 -4.59 40.26 23.25
CA ILE D 591 -5.53 41.28 23.72
C ILE D 591 -5.40 42.55 22.90
N PHE D 592 -4.17 43.05 22.73
CA PHE D 592 -3.99 44.29 21.99
C PHE D 592 -4.37 44.12 20.52
N ASP D 593 -4.13 42.96 19.93
CA ASP D 593 -4.43 42.79 18.50
C ASP D 593 -5.90 43.08 18.21
N ASP D 594 -6.80 42.63 19.09
CA ASP D 594 -8.22 42.85 18.86
C ASP D 594 -8.54 44.34 18.76
N ALA D 595 -7.97 45.16 19.65
CA ALA D 595 -8.26 46.58 19.65
C ALA D 595 -7.93 47.22 18.31
N TYR D 596 -6.95 46.68 17.58
CA TYR D 596 -6.59 47.21 16.27
C TYR D 596 -7.65 46.93 15.21
N LYS D 597 -8.59 46.02 15.47
CA LYS D 597 -9.64 45.66 14.51
C LYS D 597 -10.98 46.31 14.84
N SER D 598 -10.95 47.47 15.49
CA SER D 598 -12.17 48.24 15.71
C SER D 598 -11.97 49.68 15.22
N GLN D 599 -12.94 50.55 15.46
CA GLN D 599 -12.83 51.96 15.09
C GLN D 599 -12.22 52.79 16.22
N LEU D 600 -12.80 52.72 17.41
CA LEU D 600 -12.28 53.42 18.58
C LEU D 600 -12.49 52.55 19.80
N SER D 601 -11.45 52.38 20.61
CA SER D 601 -11.51 51.44 21.71
C SER D 601 -10.73 51.94 22.92
N CYS D 602 -11.05 51.37 24.07
CA CYS D 602 -10.41 51.68 25.34
C CYS D 602 -9.98 50.38 26.02
N VAL D 603 -8.80 50.41 26.63
CA VAL D 603 -8.23 49.23 27.27
C VAL D 603 -7.76 49.61 28.67
N VAL D 604 -7.74 48.61 29.56
CA VAL D 604 -7.38 48.80 30.97
C VAL D 604 -6.26 47.84 31.31
N VAL D 605 -5.24 48.35 32.00
CA VAL D 605 -4.15 47.54 32.52
C VAL D 605 -3.99 47.92 33.99
N ASP D 606 -4.45 47.01 34.84
CA ASP D 606 -4.44 47.27 36.29
C ASP D 606 -3.31 46.54 36.98
N ASP D 607 -2.88 47.06 38.11
CA ASP D 607 -1.89 46.38 38.95
C ASP D 607 -0.63 46.05 38.15
N ILE D 608 -0.14 47.04 37.42
CA ILE D 608 1.04 46.84 36.57
C ILE D 608 2.15 46.14 37.37
N GLU D 609 2.30 46.51 38.64
CA GLU D 609 3.40 45.96 39.43
C GLU D 609 3.32 44.45 39.56
N ARG D 610 2.14 43.86 39.33
CA ARG D 610 2.02 42.40 39.31
C ARG D 610 2.29 41.81 37.94
N LEU D 611 1.90 42.51 36.90
CA LEU D 611 2.16 42.02 35.53
C LEU D 611 3.62 41.59 35.54
N LEU D 612 4.53 42.50 35.80
CA LEU D 612 5.94 42.16 35.97
C LEU D 612 6.18 41.83 37.44
N ASP D 613 6.82 40.71 37.70
CA ASP D 613 6.92 40.18 39.06
C ASP D 613 7.96 40.98 39.85
N TYR D 614 7.50 42.09 40.43
CA TYR D 614 8.37 42.92 41.25
C TYR D 614 8.45 42.40 42.67
N VAL D 615 9.58 42.63 43.32
CA VAL D 615 9.78 42.26 44.71
C VAL D 615 10.95 43.05 45.28
N PRO D 616 10.81 43.71 46.44
CA PRO D 616 11.88 44.62 46.90
C PRO D 616 13.26 44.00 46.95
N ILE D 617 13.42 42.87 47.65
CA ILE D 617 14.73 42.24 47.71
C ILE D 617 15.21 41.95 46.29
N GLY D 618 16.53 42.01 46.10
CA GLY D 618 17.10 41.97 44.78
C GLY D 618 17.58 43.34 44.33
N PRO D 619 16.78 44.04 43.52
CA PRO D 619 15.43 43.73 43.06
C PRO D 619 15.41 42.67 41.96
N ARG D 620 14.28 42.00 41.74
CA ARG D 620 14.15 41.00 40.69
C ARG D 620 12.82 41.20 39.97
N PHE D 621 12.84 41.04 38.66
CA PHE D 621 11.67 41.28 37.82
C PHE D 621 11.91 40.63 36.46
N SER D 622 10.91 40.77 35.58
CA SER D 622 10.98 40.22 34.24
C SER D 622 11.18 41.37 33.25
N ASN D 623 12.28 41.31 32.50
CA ASN D 623 12.58 42.36 31.52
C ASN D 623 11.74 42.22 30.26
N LEU D 624 11.45 40.98 29.86
CA LEU D 624 10.71 40.75 28.61
C LEU D 624 9.36 41.44 28.62
N VAL D 625 8.58 41.23 29.68
CA VAL D 625 7.26 41.84 29.77
C VAL D 625 7.38 43.36 29.79
N LEU D 626 8.41 43.87 30.47
CA LEU D 626 8.61 45.32 30.54
C LEU D 626 8.84 45.90 29.15
N GLN D 627 9.70 45.25 28.36
CA GLN D 627 9.93 45.71 27.00
C GLN D 627 8.67 45.61 26.15
N ALA D 628 7.93 44.52 26.31
CA ALA D 628 6.66 44.40 25.59
C ALA D 628 5.77 45.59 25.87
N LEU D 629 5.60 45.93 27.15
CA LEU D 629 4.77 47.09 27.50
C LEU D 629 5.35 48.37 26.92
N LEU D 630 6.65 48.62 27.11
CA LEU D 630 7.24 49.87 26.66
C LEU D 630 7.09 50.06 25.16
N VAL D 631 7.36 49.00 24.38
CA VAL D 631 7.19 49.10 22.93
C VAL D 631 5.73 49.32 22.58
N LEU D 632 4.83 48.54 23.19
CA LEU D 632 3.43 48.59 22.82
C LEU D 632 2.80 49.96 23.11
N LEU D 633 3.32 50.69 24.09
CA LEU D 633 2.75 51.98 24.47
C LEU D 633 3.11 53.12 23.53
N LYS D 634 3.90 52.88 22.48
CA LYS D 634 4.24 53.92 21.53
C LYS D 634 3.95 53.52 20.09
N LYS D 635 3.10 52.52 19.87
CA LYS D 635 2.66 52.12 18.54
C LYS D 635 1.23 52.58 18.32
N ALA D 636 1.05 53.49 17.37
CA ALA D 636 -0.29 53.93 17.00
C ALA D 636 -1.00 52.81 16.23
N PRO D 637 -2.33 52.80 16.25
CA PRO D 637 -3.06 51.74 15.57
C PRO D 637 -3.14 52.00 14.08
N PRO D 638 -3.78 51.11 13.31
CA PRO D 638 -3.94 51.36 11.87
C PRO D 638 -4.61 52.69 11.59
N GLN D 639 -4.58 53.07 10.31
CA GLN D 639 -5.05 54.39 9.91
C GLN D 639 -6.51 54.58 10.26
N GLY D 640 -6.85 55.78 10.71
CA GLY D 640 -8.24 56.13 10.98
C GLY D 640 -8.84 55.42 12.18
N ARG D 641 -8.01 55.02 13.14
CA ARG D 641 -8.47 54.30 14.33
C ARG D 641 -7.91 54.94 15.58
N LYS D 642 -8.64 54.84 16.68
CA LYS D 642 -8.33 55.56 17.90
C LYS D 642 -8.35 54.62 19.10
N LEU D 643 -7.35 54.78 19.97
CA LEU D 643 -7.19 53.90 21.11
C LEU D 643 -6.93 54.73 22.36
N LEU D 644 -7.43 54.25 23.49
CA LEU D 644 -7.19 54.86 24.78
C LEU D 644 -6.74 53.77 25.74
N ILE D 645 -5.79 54.09 26.61
CA ILE D 645 -5.21 53.15 27.55
C ILE D 645 -5.24 53.77 28.94
N ILE D 646 -5.83 53.05 29.89
CA ILE D 646 -5.84 53.46 31.29
C ILE D 646 -5.05 52.43 32.07
N GLY D 647 -3.98 52.89 32.75
CA GLY D 647 -3.14 52.02 33.52
C GLY D 647 -3.16 52.44 34.98
N THR D 648 -3.01 51.46 35.87
CA THR D 648 -2.96 51.73 37.30
C THR D 648 -1.73 51.08 37.93
N THR D 649 -1.27 51.70 39.01
CA THR D 649 -0.13 51.20 39.77
C THR D 649 -0.22 51.78 41.17
N SER D 650 0.73 51.38 42.02
CA SER D 650 0.77 51.87 43.39
C SER D 650 2.17 52.22 43.87
N ARG D 651 3.19 52.12 43.02
CA ARG D 651 4.57 52.41 43.39
C ARG D 651 5.12 53.34 42.32
N LYS D 652 4.89 54.64 42.47
CA LYS D 652 5.25 55.58 41.42
C LYS D 652 6.76 55.68 41.27
N ASP D 653 7.50 55.71 42.38
CA ASP D 653 8.94 55.89 42.32
C ASP D 653 9.59 54.76 41.52
N VAL D 654 9.17 53.51 41.76
CA VAL D 654 9.76 52.38 41.06
C VAL D 654 9.52 52.52 39.56
N LEU D 655 8.30 52.82 39.15
CA LEU D 655 8.02 53.01 37.73
C LEU D 655 8.88 54.13 37.15
N GLN D 656 9.01 55.24 37.88
CA GLN D 656 9.92 56.30 37.44
C GLN D 656 11.33 55.77 37.21
N GLU D 657 11.84 54.95 38.14
CA GLU D 657 13.19 54.44 38.01
C GLU D 657 13.38 53.64 36.72
N MET D 658 12.34 52.95 36.26
CA MET D 658 12.42 52.24 34.99
C MET D 658 12.14 53.15 33.80
N GLU D 659 12.13 54.47 33.99
CA GLU D 659 11.95 55.43 32.91
C GLU D 659 10.61 55.25 32.19
N MET D 660 9.69 54.48 32.77
CA MET D 660 8.39 54.24 32.16
C MET D 660 7.39 55.36 32.44
N LEU D 661 7.70 56.28 33.35
CA LEU D 661 6.79 57.36 33.70
C LEU D 661 6.75 58.45 32.63
N ASN D 662 7.65 58.41 31.66
CA ASN D 662 7.58 59.32 30.52
C ASN D 662 6.75 58.75 29.38
N ALA D 663 6.68 57.41 29.28
CA ALA D 663 5.87 56.80 28.24
C ALA D 663 4.39 57.10 28.41
N PHE D 664 3.97 57.47 29.62
CA PHE D 664 2.60 57.88 29.84
C PHE D 664 2.41 59.35 29.48
N SER D 665 1.23 59.69 28.98
CA SER D 665 0.99 61.04 28.50
C SER D 665 0.75 62.00 29.67
N THR D 666 0.11 61.55 30.73
CA THR D 666 -0.18 62.39 31.88
C THR D 666 -0.37 61.48 33.09
N THR D 667 -0.87 62.05 34.19
CA THR D 667 -1.02 61.30 35.43
C THR D 667 -2.16 61.89 36.25
N ILE D 668 -2.73 61.05 37.11
CA ILE D 668 -3.78 61.47 38.04
C ILE D 668 -3.50 60.82 39.39
N HIS D 669 -3.79 61.56 40.47
CA HIS D 669 -3.51 61.12 41.82
C HIS D 669 -4.81 60.78 42.55
N VAL D 670 -4.77 59.74 43.37
CA VAL D 670 -5.90 59.31 44.18
C VAL D 670 -5.46 59.33 45.65
N PRO D 671 -5.83 60.35 46.41
CA PRO D 671 -5.36 60.45 47.80
C PRO D 671 -6.27 59.63 48.72
N ASN D 672 -5.98 59.73 50.02
CA ASN D 672 -6.72 59.03 51.05
C ASN D 672 -7.63 60.00 51.80
N ILE D 673 -8.28 59.49 52.83
CA ILE D 673 -9.12 60.29 53.71
C ILE D 673 -8.27 60.70 54.91
N ALA D 674 -8.26 62.00 55.22
CA ALA D 674 -7.35 62.53 56.23
C ALA D 674 -8.01 63.62 57.07
N THR D 675 -9.23 63.38 57.54
CA THR D 675 -9.86 64.37 58.41
C THR D 675 -11.04 63.75 59.13
N GLY D 676 -11.27 64.21 60.36
CA GLY D 676 -12.37 63.68 61.15
C GLY D 676 -13.73 63.97 60.55
N GLU D 677 -13.91 65.18 60.00
CA GLU D 677 -15.15 65.50 59.33
C GLU D 677 -15.42 64.51 58.19
N GLN D 678 -14.40 64.17 57.42
CA GLN D 678 -14.55 63.18 56.36
C GLN D 678 -14.98 61.84 56.93
N LEU D 679 -14.40 61.43 58.05
CA LEU D 679 -14.77 60.16 58.68
C LEU D 679 -16.24 60.17 59.10
N LEU D 680 -16.68 61.26 59.74
CA LEU D 680 -18.08 61.36 60.15
C LEU D 680 -19.00 61.31 58.94
N GLU D 681 -18.63 62.02 57.87
CA GLU D 681 -19.43 61.97 56.64
C GLU D 681 -19.54 60.54 56.12
N ALA D 682 -18.41 59.84 56.05
CA ALA D 682 -18.41 58.46 55.56
C ALA D 682 -19.28 57.56 56.43
N LEU D 683 -19.06 57.60 57.74
CA LEU D 683 -19.84 56.75 58.64
C LEU D 683 -21.33 57.03 58.50
N GLU D 684 -21.70 58.32 58.46
CA GLU D 684 -23.11 58.68 58.29
C GLU D 684 -23.65 58.12 56.98
N LEU D 685 -22.87 58.21 55.91
CA LEU D 685 -23.34 57.71 54.62
C LEU D 685 -23.54 56.20 54.65
N LEU D 686 -22.66 55.48 55.33
CA LEU D 686 -22.78 54.02 55.38
C LEU D 686 -24.04 53.59 56.11
N GLY D 687 -24.41 54.30 57.17
CA GLY D 687 -25.61 53.98 57.91
C GLY D 687 -25.36 53.10 59.12
N ASN D 688 -24.41 53.49 59.98
CA ASN D 688 -24.09 52.72 61.16
C ASN D 688 -23.68 53.67 62.28
N PHE D 689 -23.72 53.16 63.51
CA PHE D 689 -23.33 53.93 64.69
C PHE D 689 -24.03 55.28 64.69
N LYS D 690 -25.35 55.24 64.51
CA LYS D 690 -26.18 56.43 64.34
C LYS D 690 -26.60 56.98 65.70
N ASP D 691 -27.50 57.97 65.68
CA ASP D 691 -27.98 58.68 66.86
C ASP D 691 -26.85 58.89 67.89
N LYS D 692 -27.13 58.64 69.17
CA LYS D 692 -26.17 58.98 70.21
C LYS D 692 -24.85 58.24 70.03
N GLU D 693 -24.89 57.01 69.50
CA GLU D 693 -23.65 56.28 69.28
C GLU D 693 -22.68 57.09 68.41
N ARG D 694 -23.22 57.84 67.45
CA ARG D 694 -22.37 58.70 66.63
C ARG D 694 -21.71 59.77 67.48
N THR D 695 -22.47 60.40 68.37
CA THR D 695 -21.97 61.54 69.12
C THR D 695 -20.67 61.19 69.85
N THR D 696 -20.68 60.10 70.62
CA THR D 696 -19.48 59.70 71.33
C THR D 696 -18.30 59.60 70.38
N ILE D 697 -18.50 59.01 69.20
CA ILE D 697 -17.41 58.87 68.25
C ILE D 697 -16.87 60.25 67.89
N ALA D 698 -17.78 61.20 67.60
CA ALA D 698 -17.34 62.55 67.31
C ALA D 698 -16.52 63.15 68.44
N GLN D 699 -16.88 62.81 69.69
CA GLN D 699 -16.22 63.41 70.84
C GLN D 699 -14.75 63.06 70.92
N GLN D 700 -14.36 61.90 70.39
CA GLN D 700 -13.01 61.39 70.54
C GLN D 700 -12.25 61.31 69.21
N VAL D 701 -12.77 61.90 68.15
CA VAL D 701 -12.15 61.86 66.83
C VAL D 701 -11.81 63.26 66.31
N LYS D 702 -12.73 64.22 66.49
CA LYS D 702 -12.55 65.54 65.93
C LYS D 702 -11.29 66.23 66.42
N GLY D 703 -10.73 65.81 67.54
CA GLY D 703 -9.59 66.48 68.12
C GLY D 703 -8.24 65.95 67.63
N LYS D 704 -8.18 65.46 66.39
CA LYS D 704 -6.93 64.98 65.82
C LYS D 704 -7.17 64.68 64.35
N LYS D 705 -6.12 64.22 63.67
CA LYS D 705 -6.14 63.85 62.26
C LYS D 705 -6.09 62.33 62.11
N VAL D 706 -6.47 61.87 60.92
CA VAL D 706 -6.52 60.45 60.59
C VAL D 706 -5.88 60.25 59.22
N TRP D 707 -5.62 58.98 58.89
CA TRP D 707 -5.05 58.63 57.60
C TRP D 707 -5.36 57.16 57.35
N ILE D 708 -6.24 56.89 56.38
CA ILE D 708 -6.77 55.54 56.18
C ILE D 708 -7.43 55.50 54.81
N GLY D 709 -7.39 54.31 54.19
CA GLY D 709 -8.13 54.09 52.95
C GLY D 709 -9.56 53.62 53.19
N ILE D 710 -10.32 53.58 52.10
CA ILE D 710 -11.74 53.28 52.18
C ILE D 710 -11.97 51.81 52.48
N LYS D 711 -11.28 50.92 51.76
CA LYS D 711 -11.44 49.49 51.95
C LYS D 711 -11.22 49.09 53.41
N LYS D 712 -10.13 49.59 54.00
CA LYS D 712 -9.85 49.27 55.40
C LYS D 712 -10.95 49.78 56.31
N LEU D 713 -11.61 50.87 55.95
CA LEU D 713 -12.72 51.36 56.77
C LEU D 713 -13.86 50.36 56.79
N LEU D 714 -14.23 49.84 55.63
CA LEU D 714 -15.25 48.80 55.57
C LEU D 714 -14.82 47.57 56.36
N MET D 715 -13.55 47.18 56.23
CA MET D 715 -13.05 46.02 56.95
C MET D 715 -13.19 46.22 58.46
N LEU D 716 -12.80 47.40 58.95
CA LEU D 716 -12.90 47.69 60.38
C LEU D 716 -14.36 47.71 60.84
N ILE D 717 -15.26 48.27 60.03
CA ILE D 717 -16.67 48.27 60.39
C ILE D 717 -17.16 46.84 60.54
N GLU D 718 -16.79 45.97 59.59
CA GLU D 718 -17.18 44.57 59.68
C GLU D 718 -16.59 43.92 60.93
N MET D 719 -15.33 44.21 61.23
CA MET D 719 -14.73 43.71 62.47
C MET D 719 -15.59 44.09 63.67
N SER D 720 -15.90 45.38 63.80
CA SER D 720 -16.57 45.85 65.00
C SER D 720 -17.98 45.28 65.13
N LEU D 721 -18.71 45.19 64.01
CA LEU D 721 -20.12 44.79 64.10
C LEU D 721 -20.30 43.37 64.62
N GLN D 722 -19.24 42.56 64.65
CA GLN D 722 -19.39 41.17 65.07
C GLN D 722 -19.58 41.04 66.58
N MET D 723 -19.10 42.00 67.36
CA MET D 723 -19.18 41.89 68.80
C MET D 723 -20.59 42.22 69.28
N ASP D 724 -20.83 41.96 70.57
CA ASP D 724 -22.13 42.21 71.15
C ASP D 724 -22.44 43.71 71.15
N PRO D 725 -23.73 44.08 71.11
CA PRO D 725 -24.05 45.52 71.04
C PRO D 725 -23.89 46.19 72.40
N GLU D 726 -22.75 46.87 72.57
CA GLU D 726 -22.33 47.52 73.81
C GLU D 726 -20.88 47.96 73.66
N TYR D 727 -20.03 47.04 73.22
CA TYR D 727 -18.60 47.27 73.12
C TYR D 727 -18.15 47.59 71.70
N ARG D 728 -19.10 47.65 70.75
CA ARG D 728 -18.74 47.80 69.35
C ARG D 728 -18.00 49.11 69.10
N VAL D 729 -18.48 50.21 69.69
CA VAL D 729 -17.81 51.49 69.52
C VAL D 729 -16.41 51.44 70.10
N ARG D 730 -16.27 50.82 71.28
CA ARG D 730 -14.95 50.74 71.91
C ARG D 730 -13.97 49.96 71.04
N LYS D 731 -14.41 48.81 70.52
CA LYS D 731 -13.54 48.01 69.66
C LYS D 731 -13.20 48.76 68.38
N PHE D 732 -14.18 49.45 67.80
CA PHE D 732 -13.94 50.24 66.60
C PHE D 732 -12.89 51.30 66.86
N LEU D 733 -13.02 52.03 67.96
CA LEU D 733 -12.05 53.07 68.28
C LEU D 733 -10.67 52.48 68.51
N ALA D 734 -10.59 51.36 69.22
CA ALA D 734 -9.29 50.72 69.44
C ALA D 734 -8.64 50.32 68.13
N LEU D 735 -9.42 49.68 67.25
CA LEU D 735 -8.89 49.27 65.94
C LEU D 735 -8.43 50.49 65.13
N LEU D 736 -9.21 51.57 65.16
CA LEU D 736 -8.79 52.77 64.45
C LEU D 736 -7.47 53.29 65.01
N ARG D 737 -7.36 53.35 66.35
CA ARG D 737 -6.13 53.84 66.97
C ARG D 737 -4.92 52.95 66.66
N GLU D 738 -5.09 51.63 66.56
CA GLU D 738 -3.95 50.80 66.19
C GLU D 738 -3.44 51.20 64.81
N GLU D 739 -4.34 51.49 63.86
CA GLU D 739 -3.91 51.92 62.52
C GLU D 739 -3.78 53.44 62.49
N GLY D 740 -3.01 53.98 63.44
CA GLY D 740 -2.73 55.40 63.49
C GLY D 740 -1.38 55.67 62.86
N ALA D 741 -1.37 56.34 61.73
CA ALA D 741 -0.13 56.61 61.00
C ALA D 741 -0.34 57.82 60.12
N SER D 742 0.73 58.22 59.43
CA SER D 742 0.72 59.39 58.57
C SER D 742 1.88 59.28 57.59
N PRO D 743 1.87 60.07 56.51
CA PRO D 743 2.96 60.01 55.53
C PRO D 743 4.33 60.25 56.15
N ASN E 3 5.75 -8.31 -80.19
CA ASN E 3 6.42 -7.20 -79.53
C ASN E 3 5.60 -5.92 -79.64
N MET E 4 5.34 -5.49 -80.86
CA MET E 4 4.50 -4.32 -81.07
C MET E 4 3.09 -4.54 -80.54
N ALA E 5 2.52 -5.72 -80.78
CA ALA E 5 1.18 -6.02 -80.29
C ALA E 5 1.20 -6.48 -78.83
N GLY E 6 2.29 -7.09 -78.40
CA GLY E 6 2.42 -7.59 -77.04
C GLY E 6 2.40 -9.11 -77.01
N ARG E 7 3.31 -9.68 -76.22
CA ARG E 7 3.44 -11.13 -76.09
C ARG E 7 3.72 -11.48 -74.64
N SER E 8 3.32 -12.69 -74.25
CA SER E 8 3.51 -13.15 -72.89
C SER E 8 4.94 -13.67 -72.71
N MET E 9 5.62 -13.19 -71.67
CA MET E 9 6.98 -13.62 -71.36
C MET E 9 7.10 -13.89 -69.88
N GLN E 10 8.25 -14.46 -69.50
CA GLN E 10 8.52 -14.89 -68.13
C GLN E 10 9.56 -13.98 -67.50
N ALA E 11 9.30 -13.57 -66.25
CA ALA E 11 10.24 -12.73 -65.53
C ALA E 11 11.39 -13.56 -65.00
N ALA E 12 12.62 -13.12 -65.25
CA ALA E 12 13.81 -13.83 -64.80
C ALA E 12 14.73 -12.89 -64.04
N ARG E 13 15.75 -13.47 -63.42
CA ARG E 13 16.72 -12.72 -62.64
C ARG E 13 17.77 -12.10 -63.55
N CYS E 14 18.37 -11.02 -63.09
CA CYS E 14 19.44 -10.40 -63.85
C CYS E 14 20.60 -11.38 -64.00
N PRO E 15 21.16 -11.55 -65.19
CA PRO E 15 22.19 -12.58 -65.39
C PRO E 15 23.56 -12.17 -64.87
N THR E 16 23.87 -10.88 -64.91
CA THR E 16 25.19 -10.40 -64.52
C THR E 16 25.05 -9.16 -63.65
N ASP E 17 26.09 -8.90 -62.86
CA ASP E 17 26.10 -7.72 -62.00
C ASP E 17 26.04 -6.44 -62.83
N GLU E 18 26.79 -6.40 -63.93
CA GLU E 18 26.81 -5.19 -64.75
C GLU E 18 25.42 -4.88 -65.31
N LEU E 19 24.70 -5.91 -65.76
CA LEU E 19 23.35 -5.65 -66.23
C LEU E 19 22.44 -5.26 -65.07
N SER E 20 22.72 -5.76 -63.87
CA SER E 20 21.90 -5.38 -62.72
C SER E 20 22.06 -3.90 -62.44
N LEU E 21 23.31 -3.41 -62.53
CA LEU E 21 23.58 -2.00 -62.29
C LEU E 21 23.12 -1.12 -63.43
N SER E 22 22.97 -1.68 -64.63
CA SER E 22 22.54 -0.88 -65.78
C SER E 22 21.09 -0.48 -65.70
N ASN E 23 20.30 -1.07 -64.80
CA ASN E 23 18.89 -0.77 -64.64
C ASN E 23 18.10 -1.03 -65.92
N CYS E 24 18.64 -1.88 -66.79
CA CYS E 24 18.00 -2.24 -68.05
C CYS E 24 17.36 -3.62 -67.96
N ALA E 25 16.24 -3.78 -68.66
CA ALA E 25 15.61 -5.10 -68.75
C ALA E 25 16.41 -5.97 -69.70
N VAL E 26 16.81 -7.16 -69.21
CA VAL E 26 17.68 -8.04 -69.96
C VAL E 26 16.83 -9.02 -70.77
N VAL E 27 17.02 -9.02 -72.09
CA VAL E 27 16.25 -9.85 -72.98
C VAL E 27 17.18 -10.63 -73.92
N SER E 28 16.64 -11.70 -74.49
CA SER E 28 17.38 -12.50 -75.45
C SER E 28 17.39 -11.82 -76.82
N GLU E 29 18.50 -12.01 -77.55
CA GLU E 29 18.63 -11.37 -78.86
C GLU E 29 17.55 -11.85 -79.83
N LYS E 30 17.02 -13.05 -79.63
CA LYS E 30 16.01 -13.58 -80.54
C LYS E 30 14.63 -12.97 -80.34
N ASP E 31 14.41 -12.25 -79.23
CA ASP E 31 13.12 -11.62 -78.94
C ASP E 31 13.14 -10.12 -79.14
N TYR E 32 14.20 -9.44 -78.70
CA TYR E 32 14.31 -8.00 -78.76
C TYR E 32 15.69 -7.63 -79.25
N GLN E 33 15.94 -6.33 -79.37
CA GLN E 33 17.27 -5.80 -79.65
C GLN E 33 17.65 -4.83 -78.54
N SER E 34 18.93 -4.84 -78.17
CA SER E 34 19.38 -3.94 -77.11
C SER E 34 19.12 -2.50 -77.51
N GLY E 35 18.66 -1.71 -76.54
CA GLY E 35 18.29 -0.33 -76.77
C GLY E 35 16.81 -0.12 -76.98
N GLN E 36 16.06 -1.17 -77.29
CA GLN E 36 14.62 -1.07 -77.44
C GLN E 36 13.95 -0.77 -76.11
N HIS E 37 12.87 0.00 -76.16
CA HIS E 37 12.09 0.34 -74.99
C HIS E 37 10.77 -0.43 -75.02
N VAL E 38 10.39 -0.99 -73.87
CA VAL E 38 9.21 -1.84 -73.80
C VAL E 38 8.34 -1.40 -72.62
N ILE E 39 7.06 -1.73 -72.72
CA ILE E 39 6.09 -1.50 -71.66
C ILE E 39 5.68 -2.86 -71.11
N VAL E 40 5.95 -3.07 -69.82
CA VAL E 40 5.67 -4.29 -69.09
C VAL E 40 4.35 -4.11 -68.37
N ARG E 41 3.39 -4.97 -68.66
CA ARG E 41 2.05 -4.95 -68.09
C ARG E 41 1.95 -6.16 -67.16
N THR E 42 1.62 -5.89 -65.90
CA THR E 42 1.30 -6.95 -64.94
C THR E 42 -0.19 -7.05 -64.69
N SER E 43 -0.96 -6.04 -65.05
CA SER E 43 -2.40 -6.02 -64.93
C SER E 43 -2.94 -4.82 -65.68
N PRO E 44 -4.26 -4.62 -65.74
CA PRO E 44 -4.79 -3.45 -66.44
C PRO E 44 -4.24 -2.13 -65.91
N ASN E 45 -3.97 -2.06 -64.60
CA ASN E 45 -3.60 -0.81 -63.95
C ASN E 45 -2.11 -0.70 -63.63
N HIS E 46 -1.30 -1.71 -63.94
CA HIS E 46 0.13 -1.66 -63.64
C HIS E 46 0.94 -1.88 -64.92
N LYS E 47 1.52 -0.79 -65.41
CA LYS E 47 2.42 -0.77 -66.56
C LYS E 47 3.70 -0.01 -66.19
N TYR E 48 4.84 -0.52 -66.64
CA TYR E 48 6.14 0.04 -66.35
C TYR E 48 6.96 0.12 -67.63
N ILE E 49 7.77 1.16 -67.78
CA ILE E 49 8.56 1.35 -68.99
C ILE E 49 10.01 1.00 -68.69
N PHE E 50 10.59 0.13 -69.52
CA PHE E 50 11.98 -0.29 -69.35
C PHE E 50 12.74 -0.13 -70.67
N THR E 51 14.05 0.03 -70.56
CA THR E 51 14.93 0.03 -71.72
C THR E 51 15.59 -1.34 -71.83
N LEU E 52 15.57 -1.91 -73.04
CA LEU E 52 16.02 -3.28 -73.25
C LEU E 52 17.49 -3.38 -73.59
N ARG E 53 18.16 -4.38 -72.99
CA ARG E 53 19.54 -4.74 -73.29
C ARG E 53 19.62 -6.25 -73.46
N THR E 54 20.26 -6.69 -74.54
CA THR E 54 20.31 -8.10 -74.87
C THR E 54 21.50 -8.76 -74.19
N HIS E 55 21.32 -10.03 -73.80
CA HIS E 55 22.39 -10.82 -73.22
C HIS E 55 22.20 -12.26 -73.68
N PRO E 56 23.28 -12.97 -74.03
CA PRO E 56 23.11 -14.34 -74.55
C PRO E 56 22.53 -15.30 -73.53
N SER E 57 22.61 -14.99 -72.23
CA SER E 57 22.13 -15.91 -71.21
C SER E 57 20.63 -15.84 -70.99
N VAL E 58 19.95 -14.86 -71.59
CA VAL E 58 18.51 -14.70 -71.40
C VAL E 58 17.78 -15.72 -72.27
N VAL E 59 16.91 -16.51 -71.64
CA VAL E 59 16.14 -17.51 -72.39
C VAL E 59 15.08 -16.79 -73.21
N PRO E 60 14.83 -17.20 -74.46
CA PRO E 60 13.79 -16.55 -75.25
C PRO E 60 12.44 -16.67 -74.56
N GLY E 61 11.62 -15.63 -74.69
CA GLY E 61 10.32 -15.61 -74.06
C GLY E 61 10.33 -15.19 -72.62
N SER E 62 11.48 -14.81 -72.07
CA SER E 62 11.61 -14.38 -70.69
C SER E 62 12.36 -13.07 -70.63
N VAL E 63 12.05 -12.28 -69.60
CA VAL E 63 12.70 -10.99 -69.37
C VAL E 63 13.35 -11.02 -67.99
N ALA E 64 14.64 -10.68 -67.95
CA ALA E 64 15.41 -10.69 -66.71
C ALA E 64 15.32 -9.33 -66.05
N PHE E 65 14.96 -9.32 -64.76
CA PHE E 65 14.82 -8.09 -64.00
C PHE E 65 15.75 -8.14 -62.78
N SER E 66 16.45 -7.02 -62.55
CA SER E 66 17.28 -6.91 -61.37
C SER E 66 16.41 -6.77 -60.12
N LEU E 67 17.03 -6.99 -58.96
CA LEU E 67 16.28 -6.90 -57.71
C LEU E 67 15.61 -5.55 -57.54
N PRO E 68 16.30 -4.42 -57.65
CA PRO E 68 15.61 -3.13 -57.52
C PRO E 68 14.48 -2.95 -58.51
N GLN E 69 14.67 -3.40 -59.75
CA GLN E 69 13.60 -3.35 -60.74
C GLN E 69 12.40 -4.19 -60.32
N ARG E 70 12.65 -5.40 -59.83
CA ARG E 70 11.56 -6.26 -59.39
C ARG E 70 10.81 -5.66 -58.20
N LYS E 71 11.54 -5.05 -57.25
CA LYS E 71 10.89 -4.41 -56.11
C LYS E 71 10.10 -3.17 -56.52
N TRP E 72 10.59 -2.41 -57.50
CA TRP E 72 9.83 -1.25 -57.96
C TRP E 72 8.60 -1.68 -58.75
N ALA E 73 8.76 -2.62 -59.68
CA ALA E 73 7.68 -3.06 -60.54
C ALA E 73 6.82 -4.15 -59.92
N GLY E 74 7.15 -4.61 -58.70
CA GLY E 74 6.38 -5.66 -58.08
C GLY E 74 6.39 -6.96 -58.87
N LEU E 75 7.58 -7.38 -59.29
CA LEU E 75 7.73 -8.55 -60.15
C LEU E 75 8.35 -9.70 -59.36
N SER E 76 7.85 -10.91 -59.61
CA SER E 76 8.34 -12.13 -58.98
C SER E 76 8.89 -13.06 -60.05
N ILE E 77 10.03 -13.70 -59.75
CA ILE E 77 10.68 -14.56 -60.73
C ILE E 77 9.74 -15.71 -61.10
N GLY E 78 9.61 -15.97 -62.40
CA GLY E 78 8.78 -17.02 -62.90
C GLY E 78 7.35 -16.62 -63.19
N GLN E 79 6.95 -15.40 -62.84
CA GLN E 79 5.59 -14.94 -63.07
C GLN E 79 5.40 -14.55 -64.53
N GLU E 80 4.16 -14.66 -64.99
CA GLU E 80 3.82 -14.27 -66.36
C GLU E 80 3.64 -12.77 -66.46
N ILE E 81 4.11 -12.20 -67.58
CA ILE E 81 4.05 -10.77 -67.83
C ILE E 81 3.66 -10.56 -69.29
N GLU E 82 3.17 -9.36 -69.58
CA GLU E 82 2.87 -8.94 -70.94
C GLU E 82 3.79 -7.79 -71.33
N VAL E 83 4.53 -7.94 -72.42
CA VAL E 83 5.48 -6.90 -72.80
C VAL E 83 5.21 -6.51 -74.23
N ALA E 84 5.10 -5.19 -74.48
CA ALA E 84 4.91 -4.69 -75.84
C ALA E 84 5.86 -3.53 -76.09
N LEU E 85 6.38 -3.44 -77.31
CA LEU E 85 7.31 -2.36 -77.62
C LEU E 85 6.66 -1.01 -77.42
N TYR E 86 7.40 -0.08 -76.82
CA TYR E 86 6.95 1.27 -76.52
C TYR E 86 7.82 2.26 -77.27
N SER E 87 7.21 3.26 -77.89
CA SER E 87 7.93 4.28 -78.63
C SER E 87 7.75 5.62 -77.92
N PHE E 88 8.87 6.26 -77.58
CA PHE E 88 8.84 7.56 -76.93
C PHE E 88 8.63 8.68 -77.95
N ASP E 89 7.95 9.73 -77.51
CA ASP E 89 7.82 10.97 -78.27
C ASP E 89 8.93 11.91 -77.80
N LYS E 90 10.08 11.83 -78.48
CA LYS E 90 11.26 12.55 -78.01
C LYS E 90 11.01 14.06 -77.96
N ALA E 91 10.11 14.57 -78.80
CA ALA E 91 9.83 16.00 -78.77
C ALA E 91 9.26 16.44 -77.43
N LYS E 92 8.56 15.55 -76.74
CA LYS E 92 7.95 15.86 -75.46
C LYS E 92 8.51 15.06 -74.29
N GLN E 93 8.99 13.84 -74.53
CA GLN E 93 9.38 12.96 -73.44
C GLN E 93 10.88 12.93 -73.20
N CYS E 94 11.70 13.44 -74.12
CA CYS E 94 13.12 13.54 -73.86
C CYS E 94 13.36 14.42 -72.64
N ILE E 95 14.23 13.96 -71.74
CA ILE E 95 14.34 14.58 -70.43
C ILE E 95 15.29 15.77 -70.51
N GLY E 96 14.85 16.90 -69.98
CA GLY E 96 15.69 18.08 -69.89
C GLY E 96 16.38 18.17 -68.54
N THR E 97 15.60 18.00 -67.47
CA THR E 97 16.11 18.07 -66.12
C THR E 97 15.37 17.08 -65.25
N MET E 98 16.09 16.48 -64.29
CA MET E 98 15.52 15.51 -63.37
C MET E 98 15.93 15.89 -61.95
N THR E 99 15.11 15.48 -60.98
CA THR E 99 15.48 15.50 -59.57
C THR E 99 15.51 14.07 -59.06
N ILE E 100 16.65 13.65 -58.52
CA ILE E 100 16.86 12.29 -58.06
C ILE E 100 17.21 12.34 -56.58
N GLU E 101 16.51 11.53 -55.78
CA GLU E 101 16.85 11.37 -54.37
C GLU E 101 17.86 10.23 -54.26
N ILE E 102 19.01 10.51 -53.64
CA ILE E 102 20.10 9.55 -53.57
C ILE E 102 20.48 9.34 -52.11
N ASP E 103 20.66 8.09 -51.72
CA ASP E 103 21.18 7.79 -50.39
C ASP E 103 21.97 6.49 -50.46
N PHE E 104 22.86 6.29 -49.49
CA PHE E 104 23.75 5.14 -49.54
C PHE E 104 22.92 3.85 -49.56
N LEU E 105 23.26 2.97 -50.51
CA LEU E 105 22.50 1.73 -50.67
C LEU E 105 22.64 0.82 -49.45
N GLN E 106 23.84 0.71 -48.91
CA GLN E 106 24.12 -0.17 -47.78
C GLN E 106 24.52 0.67 -46.57
N LYS E 107 23.84 0.45 -45.45
CA LYS E 107 24.17 1.19 -44.24
C LYS E 107 25.58 0.85 -43.77
N LYS E 108 25.98 -0.42 -43.88
CA LYS E 108 27.30 -0.83 -43.43
C LYS E 108 28.42 -0.11 -44.17
N ASN E 109 28.13 0.42 -45.37
CA ASN E 109 29.14 1.08 -46.19
C ASN E 109 28.99 2.59 -46.19
N ILE E 110 28.30 3.14 -45.18
CA ILE E 110 28.12 4.58 -45.10
C ILE E 110 29.43 5.25 -44.70
N ASP E 111 29.64 6.46 -45.21
CA ASP E 111 30.80 7.25 -44.85
C ASP E 111 30.46 8.72 -45.00
N SER E 112 31.26 9.57 -44.35
CA SER E 112 31.04 11.02 -44.35
C SER E 112 31.94 11.74 -45.36
N ASN E 113 32.65 11.01 -46.20
CA ASN E 113 33.53 11.64 -47.17
C ASN E 113 32.70 12.44 -48.18
N PRO E 114 33.24 13.53 -48.70
CA PRO E 114 32.50 14.33 -49.67
C PRO E 114 32.29 13.58 -50.98
N TYR E 115 31.16 13.86 -51.63
CA TYR E 115 30.84 13.29 -52.93
C TYR E 115 30.42 14.43 -53.85
N ASP E 116 31.09 14.56 -55.00
CA ASP E 116 30.83 15.66 -55.90
C ASP E 116 29.65 15.31 -56.80
N THR E 117 28.62 16.15 -56.75
CA THR E 117 27.41 15.91 -57.58
C THR E 117 27.73 16.18 -59.05
N ASP E 118 28.67 17.08 -59.35
CA ASP E 118 28.92 17.44 -60.74
C ASP E 118 29.47 16.26 -61.54
N LYS E 119 30.54 15.62 -61.06
CA LYS E 119 31.04 14.45 -61.76
C LYS E 119 30.04 13.31 -61.68
N MET E 120 29.37 13.18 -60.53
CA MET E 120 28.31 12.19 -60.42
C MET E 120 27.17 12.55 -61.35
N ALA E 121 26.94 13.84 -61.57
CA ALA E 121 25.93 14.24 -62.52
C ALA E 121 26.28 13.76 -63.92
N ALA E 122 27.56 13.93 -64.31
CA ALA E 122 27.98 13.46 -65.63
C ALA E 122 28.03 11.94 -65.71
N GLU E 123 28.63 11.30 -64.71
CA GLU E 123 28.75 9.84 -64.69
C GLU E 123 27.41 9.15 -64.87
N PHE E 124 26.36 9.72 -64.29
CA PHE E 124 25.04 9.13 -64.41
C PHE E 124 24.57 9.09 -65.87
N ILE E 125 24.79 10.17 -66.61
CA ILE E 125 24.30 10.23 -67.99
C ILE E 125 24.97 9.17 -68.84
N GLN E 126 26.29 9.03 -68.73
CA GLN E 126 26.95 8.02 -69.55
C GLN E 126 26.38 6.66 -69.23
N GLN E 127 26.10 6.40 -67.96
CA GLN E 127 25.58 5.08 -67.61
C GLN E 127 24.16 4.94 -68.13
N PHE E 128 23.32 5.97 -67.91
CA PHE E 128 21.89 5.85 -68.19
C PHE E 128 21.44 6.69 -69.39
N ASN E 129 22.36 7.18 -70.21
CA ASN E 129 21.96 7.94 -71.38
C ASN E 129 21.07 7.09 -72.28
N ASN E 130 19.98 7.69 -72.77
CA ASN E 130 19.07 7.03 -73.69
C ASN E 130 18.25 5.94 -73.00
N GLN E 131 17.95 6.13 -71.72
CA GLN E 131 17.16 5.16 -70.96
C GLN E 131 15.92 5.83 -70.39
N ALA E 132 14.87 5.03 -70.22
CA ALA E 132 13.60 5.53 -69.72
C ALA E 132 13.62 5.62 -68.20
N PHE E 133 13.12 6.73 -67.67
CA PHE E 133 13.00 6.93 -66.23
C PHE E 133 11.59 7.42 -65.91
N SER E 134 11.05 6.94 -64.80
CA SER E 134 9.71 7.29 -64.35
C SER E 134 9.75 7.80 -62.92
N VAL E 135 8.83 8.71 -62.60
CA VAL E 135 8.78 9.26 -61.26
C VAL E 135 8.55 8.14 -60.26
N GLY E 136 9.33 8.14 -59.18
CA GLY E 136 9.26 7.07 -58.21
C GLY E 136 10.09 5.85 -58.54
N GLN E 137 10.75 5.83 -59.69
CA GLN E 137 11.58 4.69 -60.07
C GLN E 137 12.74 4.53 -59.11
N GLN E 138 13.06 3.27 -58.79
CA GLN E 138 14.14 2.92 -57.89
C GLN E 138 15.25 2.25 -58.69
N LEU E 139 16.50 2.69 -58.45
CA LEU E 139 17.63 2.11 -59.18
C LEU E 139 18.89 2.22 -58.34
N VAL E 140 19.89 1.43 -58.71
CA VAL E 140 21.19 1.46 -58.05
C VAL E 140 22.20 2.11 -58.98
N PHE E 141 22.96 3.06 -58.43
CA PHE E 141 23.95 3.83 -59.17
C PHE E 141 25.34 3.45 -58.66
N SER E 142 26.23 3.08 -59.58
CA SER E 142 27.62 2.78 -59.23
C SER E 142 28.44 4.05 -59.39
N PHE E 143 28.96 4.57 -58.28
CA PHE E 143 29.71 5.82 -58.25
C PHE E 143 30.94 5.62 -57.37
N ASN E 144 32.12 5.65 -57.98
CA ASN E 144 33.38 5.47 -57.28
C ASN E 144 33.36 4.17 -56.47
N ASP E 145 33.00 3.07 -57.13
CA ASP E 145 32.97 1.77 -56.50
C ASP E 145 32.02 1.76 -55.30
N LYS E 146 30.94 2.53 -55.37
CA LYS E 146 29.96 2.60 -54.29
C LYS E 146 28.56 2.56 -54.86
N LEU E 147 27.72 1.70 -54.28
CA LEU E 147 26.35 1.54 -54.73
C LEU E 147 25.46 2.54 -53.98
N PHE E 148 24.61 3.23 -54.72
CA PHE E 148 23.72 4.24 -54.15
C PHE E 148 22.31 3.97 -54.62
N GLY E 149 21.35 4.10 -53.70
CA GLY E 149 19.96 3.97 -54.07
C GLY E 149 19.38 5.29 -54.50
N LEU E 150 18.85 5.30 -55.73
CA LEU E 150 18.30 6.49 -56.36
C LEU E 150 16.80 6.30 -56.56
N LEU E 151 16.07 7.40 -56.39
CA LEU E 151 14.63 7.47 -56.60
C LEU E 151 14.33 8.62 -57.54
N VAL E 152 13.61 8.31 -58.62
CA VAL E 152 13.19 9.32 -59.58
C VAL E 152 12.03 10.11 -58.98
N LYS E 153 12.24 11.40 -58.77
CA LYS E 153 11.28 12.26 -58.09
C LYS E 153 10.57 13.23 -59.02
N ASP E 154 11.27 13.86 -59.94
CA ASP E 154 10.66 14.81 -60.85
C ASP E 154 11.35 14.73 -62.20
N ILE E 155 10.56 14.89 -63.26
CA ILE E 155 11.05 14.83 -64.64
C ILE E 155 10.53 16.04 -65.39
N GLU E 156 11.43 16.76 -66.04
CA GLU E 156 11.08 17.90 -66.88
C GLU E 156 11.57 17.66 -68.30
N ALA E 157 10.69 17.81 -69.27
CA ALA E 157 11.08 17.65 -70.66
C ALA E 157 11.86 18.88 -71.14
N MET E 158 12.64 18.69 -72.18
CA MET E 158 13.41 19.78 -72.75
C MET E 158 12.50 20.79 -73.45
N ARG E 172 8.76 25.24 -71.02
CA ARG E 172 9.28 24.23 -70.11
C ARG E 172 8.15 23.35 -69.59
N GLN E 173 7.86 22.27 -70.32
CA GLN E 173 6.75 21.39 -69.99
C GLN E 173 7.19 20.33 -68.99
N LYS E 174 6.33 20.11 -67.99
CA LYS E 174 6.53 19.03 -67.03
C LYS E 174 6.02 17.72 -67.61
N ILE E 175 6.76 16.64 -67.39
CA ILE E 175 6.38 15.31 -67.87
C ILE E 175 6.48 14.31 -66.74
N GLU E 176 5.70 13.23 -66.86
CA GLU E 176 5.69 12.16 -65.87
C GLU E 176 6.69 11.06 -66.22
N VAL E 177 6.84 10.74 -67.50
CA VAL E 177 7.81 9.76 -67.97
C VAL E 177 8.61 10.42 -69.08
N GLY E 178 9.94 10.22 -69.05
CA GLY E 178 10.81 10.90 -69.98
C GLY E 178 11.91 10.00 -70.50
N LEU E 179 12.64 10.53 -71.48
CA LEU E 179 13.76 9.84 -72.12
C LEU E 179 15.04 10.59 -71.78
N VAL E 180 16.03 9.85 -71.29
CA VAL E 180 17.32 10.45 -70.93
C VAL E 180 18.14 10.65 -72.20
N VAL E 181 18.60 11.88 -72.42
CA VAL E 181 19.40 12.23 -73.59
C VAL E 181 20.72 12.82 -73.11
N GLY E 182 21.65 12.97 -74.06
CA GLY E 182 22.98 13.42 -73.71
C GLY E 182 22.99 14.79 -73.05
N ASN E 183 22.13 15.68 -73.51
CA ASN E 183 22.05 17.04 -73.00
C ASN E 183 21.10 17.18 -71.81
N SER E 184 20.55 16.07 -71.33
CA SER E 184 19.66 16.12 -70.17
C SER E 184 20.42 16.59 -68.94
N GLN E 185 19.74 17.42 -68.14
CA GLN E 185 20.30 17.96 -66.91
C GLN E 185 19.70 17.22 -65.71
N VAL E 186 20.51 17.00 -64.68
CA VAL E 186 20.07 16.30 -63.48
C VAL E 186 20.41 17.16 -62.28
N ALA E 187 19.42 17.35 -61.40
CA ALA E 187 19.59 18.13 -60.19
C ALA E 187 19.35 17.22 -58.99
N PHE E 188 20.23 17.29 -58.00
CA PHE E 188 20.20 16.40 -56.86
C PHE E 188 19.91 17.18 -55.58
N GLU E 189 19.00 16.65 -54.77
CA GLU E 189 18.70 17.18 -53.45
C GLU E 189 18.68 16.02 -52.45
N LYS E 190 19.38 16.22 -51.34
CA LYS E 190 19.46 15.13 -50.35
C LYS E 190 18.06 14.83 -49.82
N ALA E 191 17.87 13.63 -49.29
CA ALA E 191 16.62 13.26 -48.66
C ALA E 191 16.51 13.93 -47.29
N GLU E 192 15.29 13.98 -46.77
CA GLU E 192 15.05 14.61 -45.48
C GLU E 192 15.87 13.94 -44.40
N ASN E 193 16.54 14.74 -43.57
CA ASN E 193 17.37 14.28 -42.46
C ASN E 193 18.63 13.56 -42.94
N SER E 194 18.92 13.60 -44.24
CA SER E 194 20.10 12.91 -44.76
C SER E 194 21.37 13.64 -44.35
N SER E 195 22.41 12.87 -44.06
CA SER E 195 23.72 13.40 -43.73
C SER E 195 24.61 13.58 -44.95
N LEU E 196 24.11 13.26 -46.14
CA LEU E 196 24.90 13.37 -47.36
C LEU E 196 25.36 14.82 -47.55
N ASN E 197 26.67 14.98 -47.82
CA ASN E 197 27.27 16.29 -48.04
C ASN E 197 27.35 16.52 -49.54
N LEU E 198 26.34 17.18 -50.09
CA LEU E 198 26.24 17.42 -51.51
C LEU E 198 26.85 18.77 -51.85
N ILE E 199 27.79 18.77 -52.80
CA ILE E 199 28.44 19.99 -53.28
C ILE E 199 28.26 20.07 -54.79
N GLY E 200 28.62 21.22 -55.34
CA GLY E 200 28.48 21.48 -56.76
C GLY E 200 27.24 22.29 -57.08
N LYS E 201 27.08 22.55 -58.38
CA LYS E 201 25.97 23.37 -58.86
C LYS E 201 24.74 22.55 -59.22
N ALA E 202 24.93 21.30 -59.63
CA ALA E 202 23.82 20.44 -60.03
C ALA E 202 23.07 19.91 -58.80
N LYS E 203 22.49 20.84 -58.05
CA LYS E 203 21.79 20.53 -56.81
C LYS E 203 20.46 21.26 -56.79
N THR E 204 19.65 20.96 -55.79
CA THR E 204 18.33 21.57 -55.64
C THR E 204 17.40 21.14 -56.77
N GLN E 209 14.40 24.16 -44.48
CA GLN E 209 14.89 24.77 -43.22
C GLN E 209 15.75 23.75 -42.46
N SER E 210 16.44 24.18 -41.40
CA SER E 210 17.22 23.26 -40.57
C SER E 210 16.46 22.74 -39.37
N ILE E 211 16.22 23.59 -38.35
CA ILE E 211 15.36 23.21 -37.24
C ILE E 211 14.43 24.37 -36.88
N ILE E 212 15.03 25.52 -36.57
CA ILE E 212 14.31 26.71 -36.10
C ILE E 212 13.19 27.07 -37.06
N ASN E 213 12.10 27.64 -36.53
CA ASN E 213 11.01 28.10 -37.37
C ASN E 213 11.13 29.60 -37.60
N PRO E 214 10.58 30.10 -38.72
CA PRO E 214 10.74 31.51 -39.06
C PRO E 214 10.21 32.51 -38.05
N ASP E 215 9.11 32.23 -37.36
CA ASP E 215 8.45 33.25 -36.54
C ASP E 215 9.09 33.37 -35.16
N TRP E 216 10.20 34.12 -35.14
CA TRP E 216 10.97 34.39 -33.94
C TRP E 216 10.82 35.83 -33.50
N ASN E 217 9.62 36.40 -33.63
CA ASN E 217 9.35 37.76 -33.21
C ASN E 217 9.60 37.96 -31.72
N PHE E 218 9.16 36.99 -30.92
CA PHE E 218 9.30 37.00 -29.48
C PHE E 218 8.30 37.96 -28.84
N GLU E 219 7.59 38.76 -29.64
CA GLU E 219 6.48 39.51 -29.08
C GLU E 219 5.17 39.00 -29.66
N LYS E 220 5.17 38.63 -30.95
CA LYS E 220 4.04 37.89 -31.49
C LYS E 220 3.75 36.63 -30.70
N MET E 221 4.83 36.04 -30.19
CA MET E 221 4.76 34.83 -29.32
C MET E 221 4.20 35.29 -27.98
N GLY E 222 4.67 36.42 -27.46
CA GLY E 222 4.17 36.98 -26.18
C GLY E 222 5.00 36.52 -25.00
N ILE E 223 6.13 37.17 -24.73
CA ILE E 223 6.99 36.86 -23.54
C ILE E 223 7.32 38.20 -22.87
N GLY E 224 7.54 38.23 -21.56
CA GLY E 224 7.79 39.47 -20.80
C GLY E 224 9.24 39.92 -20.83
N GLY E 225 9.71 40.41 -21.98
CA GLY E 225 11.09 40.92 -22.12
C GLY E 225 12.11 39.96 -21.57
N LEU E 226 12.08 38.70 -21.99
CA LEU E 226 13.03 37.65 -21.52
C LEU E 226 13.99 37.32 -22.66
N ASP E 227 14.39 38.34 -23.43
CA ASP E 227 15.33 38.14 -24.58
C ASP E 227 16.64 37.58 -24.04
N LYS E 228 17.23 38.24 -23.04
CA LYS E 228 18.50 37.81 -22.48
C LYS E 228 18.43 36.37 -21.99
N GLU E 229 17.27 35.97 -21.46
CA GLU E 229 17.13 34.62 -20.97
C GLU E 229 17.25 33.63 -22.11
N PHE E 230 16.60 33.93 -23.23
CA PHE E 230 16.65 33.06 -24.39
C PHE E 230 18.03 33.06 -25.05
N SER E 231 18.67 34.24 -25.11
CA SER E 231 20.03 34.28 -25.60
C SER E 231 20.96 33.41 -24.77
N ASP E 232 20.82 33.46 -23.44
CA ASP E 232 21.71 32.68 -22.58
C ASP E 232 21.41 31.19 -22.70
N ILE E 233 20.14 30.81 -22.75
CA ILE E 233 19.81 29.39 -22.86
C ILE E 233 20.30 28.83 -24.19
N PHE E 234 20.14 29.58 -25.29
CA PHE E 234 20.66 29.11 -26.57
C PHE E 234 22.18 29.02 -26.54
N ARG E 235 22.84 29.97 -25.89
CA ARG E 235 24.29 29.89 -25.77
C ARG E 235 24.67 28.61 -25.04
N ARG E 236 24.05 28.37 -23.88
CA ARG E 236 24.41 27.25 -23.02
C ARG E 236 24.04 25.91 -23.66
N ALA E 237 22.82 25.82 -24.20
CA ALA E 237 22.31 24.62 -24.84
C ALA E 237 21.60 25.03 -26.13
N PHE E 238 21.22 24.03 -26.94
CA PHE E 238 20.63 24.27 -28.24
C PHE E 238 21.67 24.75 -29.24
N ALA E 239 22.95 24.80 -28.83
CA ALA E 239 23.99 25.21 -29.75
C ALA E 239 24.64 24.00 -30.43
N SER E 240 25.13 23.04 -29.63
CA SER E 240 25.66 21.81 -30.21
C SER E 240 24.63 21.16 -31.14
N ARG E 241 23.36 21.53 -30.99
CA ARG E 241 22.24 20.96 -31.73
C ARG E 241 22.17 21.49 -33.15
N VAL E 242 22.84 22.61 -33.45
CA VAL E 242 22.75 23.23 -34.77
C VAL E 242 24.11 23.38 -35.45
N PHE E 243 25.01 22.43 -35.19
CA PHE E 243 26.41 22.49 -35.59
C PHE E 243 26.73 21.28 -36.45
N PRO E 244 27.91 21.26 -37.06
CA PRO E 244 28.34 20.08 -37.83
C PRO E 244 28.63 18.87 -36.95
N PRO E 245 28.02 17.73 -37.25
CA PRO E 245 28.30 16.51 -36.46
C PRO E 245 29.78 16.16 -36.46
N GLU E 246 30.51 16.54 -37.51
CA GLU E 246 31.93 16.23 -37.57
C GLU E 246 32.66 16.91 -36.44
N ILE E 247 32.26 18.14 -36.09
CA ILE E 247 32.87 18.82 -34.97
C ILE E 247 32.63 18.01 -33.70
N VAL E 248 31.43 17.44 -33.60
CA VAL E 248 30.98 16.65 -32.41
C VAL E 248 31.75 15.33 -32.37
N GLU E 249 32.23 14.83 -33.50
CA GLU E 249 33.12 13.68 -33.48
C GLU E 249 34.55 14.04 -33.08
N GLN E 250 35.12 15.11 -33.64
CA GLN E 250 36.46 15.48 -33.18
C GLN E 250 36.53 15.84 -31.69
N MET E 251 35.62 16.70 -31.22
CA MET E 251 35.40 17.02 -29.82
C MET E 251 34.84 15.89 -28.97
N GLY E 252 33.92 15.09 -29.51
CA GLY E 252 33.28 14.04 -28.75
C GLY E 252 32.47 14.57 -27.57
N CYS E 253 31.73 15.66 -27.77
CA CYS E 253 30.91 16.27 -26.72
C CYS E 253 29.45 15.99 -27.09
N LYS E 254 28.72 15.36 -26.16
CA LYS E 254 27.31 15.05 -26.37
C LYS E 254 26.35 16.21 -26.19
N HIS E 255 25.16 16.07 -26.77
CA HIS E 255 24.15 17.13 -26.81
C HIS E 255 23.40 17.15 -25.48
N VAL E 256 23.34 18.31 -24.83
CA VAL E 256 22.69 18.42 -23.53
C VAL E 256 21.22 18.04 -23.66
N LYS E 257 20.70 17.26 -22.70
CA LYS E 257 19.33 16.79 -22.72
C LYS E 257 18.69 16.92 -21.34
N GLY E 258 18.83 18.09 -20.73
CA GLY E 258 18.16 18.37 -19.47
C GLY E 258 18.06 19.85 -19.19
N ILE E 259 16.87 20.33 -18.83
CA ILE E 259 16.66 21.72 -18.48
C ILE E 259 15.68 21.82 -17.32
N LEU E 260 15.77 22.92 -16.58
CA LEU E 260 14.87 23.19 -15.46
C LEU E 260 14.49 24.66 -15.46
N LEU E 261 13.18 24.92 -15.29
CA LEU E 261 12.63 26.29 -15.21
C LEU E 261 11.78 26.40 -13.94
N TYR E 262 12.22 27.16 -12.94
CA TYR E 262 11.50 27.36 -11.65
C TYR E 262 11.44 28.87 -11.39
N GLY E 263 10.53 29.31 -10.51
CA GLY E 263 10.37 30.74 -10.23
C GLY E 263 9.06 31.02 -9.51
N PRO E 264 8.65 32.30 -9.32
CA PRO E 264 7.46 32.59 -8.55
C PRO E 264 6.32 31.76 -9.13
N PRO E 265 5.50 31.07 -8.32
CA PRO E 265 4.47 30.18 -8.86
C PRO E 265 3.70 30.80 -10.03
N GLY E 266 3.63 30.08 -11.14
CA GLY E 266 2.87 30.54 -12.32
C GLY E 266 3.25 31.95 -12.73
N CYS E 267 4.50 32.36 -12.55
CA CYS E 267 5.00 33.69 -12.99
C CYS E 267 5.42 33.57 -14.44
N GLY E 268 4.47 33.28 -15.33
CA GLY E 268 4.80 33.03 -16.74
C GLY E 268 5.67 31.79 -16.83
N LYS E 269 5.58 30.91 -15.84
CA LYS E 269 6.39 29.68 -15.79
C LYS E 269 5.92 28.77 -16.92
N THR E 270 4.58 28.56 -17.16
CA THR E 270 4.00 27.77 -18.24
C THR E 270 3.70 28.61 -19.47
N LEU E 271 3.82 29.94 -19.37
CA LEU E 271 3.64 30.80 -20.52
C LEU E 271 4.50 30.35 -21.69
N LEU E 272 5.82 30.36 -21.51
CA LEU E 272 6.73 29.94 -22.57
C LEU E 272 6.68 28.44 -22.79
N ALA E 273 6.31 27.67 -21.77
CA ALA E 273 6.15 26.23 -21.97
C ALA E 273 5.10 25.96 -23.04
N ARG E 274 4.04 26.77 -23.07
CA ARG E 274 3.01 26.65 -24.08
C ARG E 274 3.36 27.35 -25.39
N GLN E 275 4.50 28.06 -25.45
CA GLN E 275 4.95 28.65 -26.70
C GLN E 275 6.08 27.90 -27.38
N ILE E 276 6.88 27.13 -26.63
CA ILE E 276 7.99 26.42 -27.26
C ILE E 276 7.48 25.38 -28.24
N GLY E 277 6.27 24.85 -27.99
CA GLY E 277 5.74 23.82 -28.87
C GLY E 277 5.51 24.28 -30.29
N LYS E 278 5.54 25.59 -30.54
CA LYS E 278 5.32 26.12 -31.88
C LYS E 278 6.61 26.34 -32.64
N MET E 279 7.54 26.99 -32.00
CA MET E 279 8.84 27.24 -32.61
C MET E 279 9.70 25.98 -32.53
N LEU E 280 9.38 25.04 -33.42
CA LEU E 280 10.21 23.86 -33.65
C LEU E 280 9.75 23.11 -34.88
N ASN E 281 10.68 22.75 -35.77
CA ASN E 281 10.33 22.07 -37.02
C ASN E 281 10.42 20.56 -36.88
N ALA E 282 10.17 20.04 -35.69
CA ALA E 282 10.06 18.62 -35.40
C ALA E 282 8.62 18.35 -34.93
N ARG E 283 8.33 17.07 -34.67
CA ARG E 283 7.00 16.70 -34.22
C ARG E 283 6.66 17.41 -32.91
N GLU E 284 5.36 17.59 -32.68
CA GLU E 284 4.91 18.38 -31.54
C GLU E 284 5.41 17.73 -30.25
N PRO E 285 6.07 18.46 -29.36
CA PRO E 285 6.57 17.85 -28.12
C PRO E 285 5.44 17.36 -27.22
N LYS E 286 5.67 16.22 -26.59
CA LYS E 286 4.70 15.60 -25.70
C LYS E 286 4.86 16.16 -24.29
N VAL E 287 3.75 16.60 -23.70
CA VAL E 287 3.75 17.30 -22.43
C VAL E 287 3.00 16.45 -21.40
N VAL E 288 3.62 16.26 -20.24
CA VAL E 288 3.00 15.55 -19.12
C VAL E 288 2.55 16.60 -18.11
N ASN E 289 1.23 16.70 -17.93
CA ASN E 289 0.62 17.72 -17.08
C ASN E 289 0.39 17.15 -15.68
N GLY E 290 1.39 17.31 -14.82
CA GLY E 290 1.28 16.93 -13.44
C GLY E 290 1.35 15.45 -13.17
N PRO E 291 1.28 15.07 -11.89
CA PRO E 291 1.43 13.66 -11.45
C PRO E 291 0.21 12.83 -11.81
N GLU E 292 -0.05 12.68 -13.10
CA GLU E 292 -1.07 11.78 -13.60
C GLU E 292 -0.55 10.38 -13.91
N ILE E 293 0.58 9.98 -13.32
CA ILE E 293 1.12 8.68 -13.68
C ILE E 293 0.64 7.73 -12.59
N LEU E 294 -0.66 7.49 -12.57
CA LEU E 294 -1.32 6.72 -11.53
C LEU E 294 -1.54 5.28 -12.00
N ASN E 295 -1.31 4.34 -11.11
CA ASN E 295 -1.40 2.92 -11.42
C ASN E 295 -2.08 2.17 -10.28
N LYS E 296 -3.19 1.51 -10.60
CA LYS E 296 -4.12 1.13 -9.55
C LYS E 296 -3.88 -0.32 -9.12
N TYR E 297 -3.71 -1.23 -10.08
CA TYR E 297 -3.36 -2.61 -9.73
C TYR E 297 -1.96 -2.81 -9.16
N VAL E 298 -0.95 -2.91 -10.04
CA VAL E 298 0.46 -3.09 -9.60
C VAL E 298 1.36 -3.08 -10.84
N GLY E 299 2.44 -2.29 -10.83
CA GLY E 299 3.42 -2.25 -11.93
C GLY E 299 3.16 -1.22 -13.00
N GLU E 300 1.90 -0.94 -13.38
CA GLU E 300 1.63 -0.07 -14.51
C GLU E 300 2.13 1.35 -14.32
N SER E 301 2.54 1.74 -13.11
CA SER E 301 3.24 3.02 -12.99
C SER E 301 4.52 2.98 -13.80
N GLU E 302 5.22 1.85 -13.72
CA GLU E 302 6.48 1.64 -14.48
C GLU E 302 6.12 1.46 -15.96
N ALA E 303 4.95 0.93 -16.29
CA ALA E 303 4.49 0.86 -17.68
C ALA E 303 4.27 2.26 -18.24
N ASN E 304 3.62 3.12 -17.46
CA ASN E 304 3.41 4.51 -17.89
C ASN E 304 4.75 5.18 -18.13
N ILE E 305 5.65 5.10 -17.15
CA ILE E 305 6.98 5.68 -17.32
C ILE E 305 7.63 5.16 -18.60
N ARG E 306 7.43 3.88 -18.89
CA ARG E 306 8.02 3.28 -20.09
C ARG E 306 7.40 3.87 -21.36
N LYS E 307 6.08 4.06 -21.37
CA LYS E 307 5.36 4.53 -22.54
C LYS E 307 5.71 5.96 -22.93
N LEU E 308 6.56 6.64 -22.16
CA LEU E 308 7.01 7.98 -22.53
C LEU E 308 8.17 7.95 -23.52
N PHE E 309 9.10 7.00 -23.35
CA PHE E 309 10.33 6.96 -24.12
C PHE E 309 10.29 5.98 -25.28
N ALA E 310 9.14 5.33 -25.53
CA ALA E 310 9.09 4.33 -26.58
C ALA E 310 9.40 4.92 -27.95
N ASP E 311 8.84 6.11 -28.24
CA ASP E 311 9.06 6.71 -29.55
C ASP E 311 10.53 7.03 -29.78
N ALA E 312 11.22 7.52 -28.74
CA ALA E 312 12.64 7.82 -28.89
C ALA E 312 13.45 6.56 -29.17
N GLU E 313 13.18 5.48 -28.45
CA GLU E 313 13.86 4.22 -28.71
C GLU E 313 13.62 3.76 -30.14
N GLU E 314 12.36 3.77 -30.57
CA GLU E 314 12.03 3.32 -31.92
C GLU E 314 12.74 4.17 -32.97
N GLU E 315 12.74 5.50 -32.80
CA GLU E 315 13.39 6.36 -33.78
C GLU E 315 14.88 6.13 -33.81
N GLN E 316 15.52 6.03 -32.64
CA GLN E 316 16.97 5.82 -32.60
C GLN E 316 17.33 4.50 -33.26
N ARG E 317 16.55 3.44 -33.00
CA ARG E 317 16.81 2.17 -33.68
C ARG E 317 16.63 2.32 -35.18
N ARG E 318 15.58 3.03 -35.61
CA ARG E 318 15.31 3.19 -37.03
C ARG E 318 16.42 3.99 -37.71
N LEU E 319 16.82 5.10 -37.10
CA LEU E 319 17.82 6.00 -37.68
C LEU E 319 18.70 6.53 -36.57
N GLY E 320 20.00 6.61 -36.84
CA GLY E 320 20.97 7.04 -35.85
C GLY E 320 21.79 8.24 -36.32
N ALA E 321 22.13 9.10 -35.36
CA ALA E 321 22.97 10.28 -35.57
C ALA E 321 22.23 11.40 -36.28
N ASN E 322 21.01 11.14 -36.76
CA ASN E 322 20.21 12.18 -37.40
C ASN E 322 18.73 12.04 -37.06
N SER E 323 18.41 11.38 -35.95
CA SER E 323 17.02 11.05 -35.65
C SER E 323 16.15 12.29 -35.53
N GLY E 324 16.58 13.25 -34.73
CA GLY E 324 15.79 14.40 -34.35
C GLY E 324 15.74 14.52 -32.85
N LEU E 325 14.81 15.34 -32.36
CA LEU E 325 14.68 15.59 -30.94
C LEU E 325 13.25 15.31 -30.50
N HIS E 326 13.12 14.86 -29.25
CA HIS E 326 11.83 14.64 -28.61
C HIS E 326 11.88 15.30 -27.24
N ILE E 327 10.95 16.21 -26.98
CA ILE E 327 10.97 17.03 -25.77
C ILE E 327 9.83 16.59 -24.88
N ILE E 328 10.15 16.30 -23.61
CA ILE E 328 9.19 15.87 -22.62
C ILE E 328 9.20 16.86 -21.47
N ILE E 329 8.01 17.23 -21.00
CA ILE E 329 7.84 18.24 -19.97
C ILE E 329 7.07 17.63 -18.81
N PHE E 330 7.61 17.76 -17.61
CA PHE E 330 7.02 17.23 -16.38
C PHE E 330 6.56 18.42 -15.54
N ASP E 331 5.24 18.65 -15.52
CA ASP E 331 4.68 19.67 -14.60
C ASP E 331 4.65 19.00 -13.23
N GLU E 332 4.72 19.79 -12.15
CA GLU E 332 4.74 19.23 -10.78
C GLU E 332 5.82 18.14 -10.74
N ILE E 333 7.05 18.48 -11.09
CA ILE E 333 8.15 17.48 -10.93
C ILE E 333 8.16 17.11 -9.45
N ASP E 334 8.01 18.07 -8.53
CA ASP E 334 8.12 17.83 -7.09
C ASP E 334 7.07 16.84 -6.60
N ALA E 335 5.97 16.67 -7.34
CA ALA E 335 4.94 15.74 -6.92
C ALA E 335 5.48 14.31 -6.84
N ILE E 336 6.27 13.91 -7.83
CA ILE E 336 6.68 12.52 -7.98
C ILE E 336 8.14 12.27 -7.60
N CYS E 337 8.97 13.30 -7.51
CA CYS E 337 10.39 13.14 -7.21
C CYS E 337 10.68 13.73 -5.84
N LYS E 338 10.79 12.87 -4.83
CA LYS E 338 11.13 13.29 -3.48
C LYS E 338 12.25 12.42 -2.92
N GLN E 339 12.56 12.57 -1.64
CA GLN E 339 13.57 11.74 -1.01
C GLN E 339 13.16 10.27 -1.11
N ARG E 340 14.11 9.43 -1.54
CA ARG E 340 13.81 8.01 -1.73
C ARG E 340 13.48 7.34 -0.40
N GLY E 341 14.34 7.49 0.59
CA GLY E 341 14.21 6.74 1.82
C GLY E 341 13.40 7.43 2.90
N SER E 342 13.06 8.70 2.70
CA SER E 342 12.34 9.45 3.73
C SER E 342 10.99 8.83 4.02
N MET E 343 10.24 8.47 2.98
CA MET E 343 8.90 7.92 3.19
C MET E 343 8.99 6.54 3.84
N ALA E 344 8.09 6.31 4.81
CA ALA E 344 8.00 5.03 5.50
C ALA E 344 6.75 4.24 5.10
N GLY E 345 6.05 4.67 4.05
CA GLY E 345 4.84 3.99 3.66
C GLY E 345 5.10 2.54 3.28
N SER E 346 4.10 1.70 3.53
CA SER E 346 4.24 0.27 3.23
C SER E 346 4.56 0.05 1.77
N THR E 347 3.77 0.64 0.88
CA THR E 347 4.06 0.59 -0.55
C THR E 347 5.15 1.60 -0.89
N GLY E 348 6.07 1.19 -1.77
CA GLY E 348 7.21 2.01 -2.11
C GLY E 348 7.13 2.56 -3.52
N VAL E 349 5.92 2.88 -3.97
CA VAL E 349 5.72 3.24 -5.38
C VAL E 349 6.61 4.40 -5.77
N HIS E 350 6.77 5.39 -4.88
CA HIS E 350 7.57 6.55 -5.22
C HIS E 350 9.01 6.16 -5.49
N ASP E 351 9.59 5.31 -4.63
CA ASP E 351 10.92 4.78 -4.90
C ASP E 351 10.97 4.06 -6.24
N THR E 352 9.92 3.30 -6.57
CA THR E 352 9.87 2.49 -7.81
C THR E 352 9.92 3.40 -9.03
N VAL E 353 9.13 4.48 -9.04
CA VAL E 353 9.10 5.41 -10.17
C VAL E 353 10.38 6.21 -10.23
N VAL E 354 10.91 6.64 -9.07
CA VAL E 354 12.15 7.40 -9.06
C VAL E 354 13.29 6.58 -9.65
N ASN E 355 13.43 5.33 -9.22
CA ASN E 355 14.50 4.48 -9.72
C ASN E 355 14.33 4.20 -11.21
N GLN E 356 13.11 3.93 -11.65
CA GLN E 356 12.88 3.65 -13.07
C GLN E 356 13.24 4.87 -13.92
N LEU E 357 12.79 6.06 -13.49
CA LEU E 357 13.11 7.28 -14.23
C LEU E 357 14.61 7.52 -14.25
N LEU E 358 15.28 7.33 -13.10
CA LEU E 358 16.73 7.51 -13.06
C LEU E 358 17.44 6.57 -14.02
N SER E 359 17.03 5.31 -14.05
CA SER E 359 17.65 4.36 -14.97
C SER E 359 17.40 4.77 -16.42
N LYS E 360 16.18 5.20 -16.74
CA LYS E 360 15.86 5.56 -18.11
C LYS E 360 16.64 6.77 -18.58
N ILE E 361 16.71 7.82 -17.75
CA ILE E 361 17.43 9.02 -18.16
C ILE E 361 18.93 8.75 -18.20
N ASP E 362 19.44 8.00 -17.21
CA ASP E 362 20.85 7.70 -17.10
C ASP E 362 21.00 6.21 -16.78
N GLY E 363 21.91 5.55 -17.47
CA GLY E 363 22.10 4.13 -17.26
C GLY E 363 22.97 3.55 -18.37
N VAL E 364 23.07 2.23 -18.36
CA VAL E 364 23.86 1.54 -19.38
C VAL E 364 23.32 1.89 -20.77
N GLU E 365 22.01 1.87 -20.93
CA GLU E 365 21.41 2.30 -22.19
C GLU E 365 21.66 3.78 -22.41
N GLN E 366 21.92 4.15 -23.67
CA GLN E 366 22.33 5.50 -24.04
C GLN E 366 21.24 6.17 -24.86
N LEU E 367 21.05 7.47 -24.65
CA LEU E 367 20.03 8.25 -25.34
C LEU E 367 20.64 9.52 -25.88
N ASN E 368 20.24 9.89 -27.10
CA ASN E 368 20.84 11.04 -27.77
C ASN E 368 19.82 11.91 -28.52
N ASN E 369 18.53 11.63 -28.41
CA ASN E 369 17.51 12.36 -29.18
C ASN E 369 16.33 12.73 -28.29
N ILE E 370 16.59 13.07 -27.03
CA ILE E 370 15.54 13.46 -26.09
C ILE E 370 15.95 14.77 -25.41
N LEU E 371 14.96 15.46 -24.85
CA LEU E 371 15.20 16.61 -23.98
C LEU E 371 14.14 16.60 -22.88
N VAL E 372 14.57 16.47 -21.63
CA VAL E 372 13.68 16.50 -20.47
C VAL E 372 13.72 17.89 -19.87
N ILE E 373 12.54 18.46 -19.61
CA ILE E 373 12.42 19.77 -18.98
C ILE E 373 11.56 19.62 -17.73
N GLY E 374 12.02 20.16 -16.58
CA GLY E 374 11.30 20.03 -15.30
C GLY E 374 10.87 21.37 -14.72
N MET E 375 9.68 21.45 -14.13
CA MET E 375 9.18 22.69 -13.50
C MET E 375 8.68 22.44 -12.08
N THR E 376 9.13 23.24 -11.10
CA THR E 376 8.66 23.20 -9.69
C THR E 376 8.54 24.65 -9.21
N ASN E 377 7.62 24.93 -8.29
CA ASN E 377 7.40 26.31 -7.76
C ASN E 377 8.14 26.42 -6.43
N ARG E 378 9.02 25.46 -6.12
CA ARG E 378 9.73 25.43 -4.82
C ARG E 378 10.91 24.45 -4.90
N PRO E 379 11.97 24.71 -5.69
CA PRO E 379 13.14 23.81 -5.69
C PRO E 379 13.72 23.64 -4.28
N ASP E 380 13.39 22.56 -3.58
CA ASP E 380 13.82 22.27 -2.18
C ASP E 380 13.57 20.81 -1.87
N LEU E 381 12.35 20.32 -2.11
CA LEU E 381 11.88 18.94 -1.98
C LEU E 381 12.19 18.13 -3.24
N ILE E 382 13.48 18.10 -3.60
CA ILE E 382 13.96 17.34 -4.74
C ILE E 382 15.14 16.49 -4.29
N ASP E 383 15.06 15.19 -4.55
CA ASP E 383 16.17 14.31 -4.20
C ASP E 383 17.42 14.70 -4.97
N GLU E 384 18.57 14.63 -4.29
CA GLU E 384 19.82 15.08 -4.90
C GLU E 384 20.34 14.11 -5.96
N ALA E 385 19.94 12.84 -5.90
CA ALA E 385 20.40 11.87 -6.90
C ALA E 385 20.02 12.31 -8.30
N LEU E 386 18.79 12.83 -8.46
CA LEU E 386 18.34 13.29 -9.76
C LEU E 386 19.10 14.52 -10.24
N LEU E 387 19.85 15.17 -9.36
CA LEU E 387 20.58 16.38 -9.68
C LEU E 387 22.08 16.13 -9.88
N ARG E 388 22.49 14.87 -9.96
CA ARG E 388 23.89 14.55 -10.17
C ARG E 388 24.32 15.06 -11.54
N PRO E 389 25.58 15.47 -11.70
CA PRO E 389 26.04 15.93 -13.02
C PRO E 389 25.83 14.86 -14.08
N GLY E 390 25.42 15.30 -15.26
CA GLY E 390 25.21 14.42 -16.39
C GLY E 390 23.77 14.14 -16.72
N ARG E 391 22.82 14.47 -15.84
CA ARG E 391 21.40 14.27 -16.13
C ARG E 391 20.65 15.59 -16.17
N LEU E 392 20.69 16.37 -15.09
CA LEU E 392 20.04 17.68 -15.03
C LEU E 392 21.04 18.72 -14.53
N GLU E 393 22.24 18.69 -15.10
CA GLU E 393 23.29 19.59 -14.62
C GLU E 393 22.88 21.05 -14.77
N VAL E 394 22.16 21.38 -15.83
CA VAL E 394 21.76 22.76 -16.08
C VAL E 394 20.66 23.15 -15.11
N LYS E 395 20.69 24.40 -14.66
CA LYS E 395 19.70 24.94 -13.74
C LYS E 395 19.60 26.44 -14.01
N MET E 396 18.38 26.96 -14.04
CA MET E 396 18.19 28.37 -14.32
C MET E 396 16.98 28.88 -13.54
N GLU E 397 17.04 30.16 -13.16
CA GLU E 397 16.00 30.82 -12.40
C GLU E 397 15.36 31.93 -13.22
N ILE E 398 14.12 32.24 -12.89
CA ILE E 398 13.35 33.28 -13.59
C ILE E 398 12.87 34.22 -12.48
N GLY E 399 13.66 35.25 -12.19
CA GLY E 399 13.38 36.10 -11.04
C GLY E 399 12.18 37.00 -11.18
N LEU E 400 12.32 38.19 -11.77
CA LEU E 400 11.20 39.17 -11.84
C LEU E 400 11.41 40.12 -13.02
N PRO E 401 10.38 40.84 -13.50
CA PRO E 401 10.54 41.68 -14.69
C PRO E 401 11.11 43.07 -14.35
N ASP E 402 12.06 43.55 -15.17
CA ASP E 402 12.66 44.88 -14.99
C ASP E 402 11.62 45.93 -15.39
N GLU E 403 11.86 47.20 -15.16
CA GLU E 403 11.01 48.31 -15.61
C GLU E 403 10.84 48.26 -17.12
N LYS E 404 11.96 48.12 -17.85
CA LYS E 404 11.87 48.15 -19.30
C LYS E 404 11.04 46.98 -19.80
N GLY E 405 11.26 45.78 -19.26
CA GLY E 405 10.45 44.66 -19.68
C GLY E 405 9.00 44.88 -19.30
N ARG E 406 8.76 45.56 -18.18
CA ARG E 406 7.41 45.88 -17.78
C ARG E 406 6.72 46.74 -18.84
N LEU E 407 7.48 47.64 -19.46
CA LEU E 407 6.91 48.47 -20.53
C LEU E 407 6.43 47.61 -21.69
N GLN E 408 7.30 46.76 -22.21
CA GLN E 408 6.92 45.90 -23.35
C GLN E 408 5.70 45.11 -22.89
N ILE E 409 5.73 44.64 -21.64
CA ILE E 409 4.63 43.81 -21.08
C ILE E 409 3.33 44.59 -21.20
N LEU E 410 3.31 45.82 -20.70
CA LEU E 410 2.11 46.67 -20.74
C LEU E 410 1.65 46.72 -22.19
N HIS E 411 2.57 47.05 -23.09
CA HIS E 411 2.22 47.19 -24.50
C HIS E 411 1.53 45.93 -25.02
N ILE E 412 2.12 44.77 -24.72
CA ILE E 412 1.62 43.46 -25.21
C ILE E 412 0.22 43.27 -24.66
N HIS E 413 0.00 43.71 -23.43
CA HIS E 413 -1.28 43.48 -22.75
C HIS E 413 -2.25 44.60 -23.08
N THR E 414 -1.90 45.51 -23.99
CA THR E 414 -2.76 46.67 -24.31
C THR E 414 -2.85 46.93 -25.82
N ALA E 415 -2.40 46.02 -26.69
CA ALA E 415 -2.42 46.32 -28.11
C ALA E 415 -3.84 46.30 -28.67
N ARG E 416 -4.63 45.29 -28.29
CA ARG E 416 -6.01 45.23 -28.74
C ARG E 416 -6.82 46.42 -28.22
N MET E 417 -6.63 46.77 -26.95
CA MET E 417 -7.25 47.97 -26.38
C MET E 417 -7.14 49.15 -27.34
N ARG E 418 -5.91 49.47 -27.76
CA ARG E 418 -5.69 50.62 -28.64
C ARG E 418 -6.15 50.34 -30.06
N GLY E 419 -6.14 49.08 -30.50
CA GLY E 419 -6.54 48.77 -31.85
C GLY E 419 -7.96 49.19 -32.17
N HIS E 420 -8.87 49.01 -31.20
CA HIS E 420 -10.28 49.29 -31.41
C HIS E 420 -10.70 50.64 -30.84
N GLN E 421 -9.75 51.49 -30.45
CA GLN E 421 -10.04 52.82 -29.91
C GLN E 421 -10.97 52.69 -28.70
N LEU E 422 -10.42 52.10 -27.64
CA LEU E 422 -11.10 52.03 -26.36
C LEU E 422 -10.26 52.56 -25.21
N LEU E 423 -9.15 53.26 -25.49
CA LEU E 423 -8.26 53.77 -24.46
C LEU E 423 -8.26 55.30 -24.54
N SER E 424 -8.44 55.94 -23.37
CA SER E 424 -8.43 57.39 -23.31
C SER E 424 -7.01 57.92 -23.42
N ALA E 425 -6.83 58.98 -24.20
CA ALA E 425 -5.51 59.52 -24.45
C ALA E 425 -4.83 59.98 -23.16
N ASP E 426 -5.60 60.29 -22.12
CA ASP E 426 -4.99 60.74 -20.86
C ASP E 426 -4.10 59.66 -20.26
N VAL E 427 -4.53 58.40 -20.33
CA VAL E 427 -3.74 57.32 -19.76
C VAL E 427 -2.36 57.30 -20.38
N ASP E 428 -1.34 57.12 -19.54
CA ASP E 428 0.06 57.10 -19.96
C ASP E 428 0.70 55.78 -19.54
N ILE E 429 1.30 55.07 -20.49
CA ILE E 429 1.86 53.76 -20.18
C ILE E 429 3.15 53.91 -19.37
N LYS E 430 4.03 54.82 -19.78
CA LYS E 430 5.32 54.96 -19.09
C LYS E 430 5.13 55.36 -17.63
N GLU E 431 4.19 56.27 -17.37
CA GLU E 431 3.92 56.66 -15.98
C GLU E 431 3.45 55.47 -15.15
N LEU E 432 2.54 54.67 -15.71
CA LEU E 432 2.07 53.49 -15.00
C LEU E 432 3.22 52.51 -14.74
N ALA E 433 4.08 52.30 -15.73
CA ALA E 433 5.22 51.42 -15.56
C ALA E 433 6.13 51.93 -14.44
N VAL E 434 6.36 53.24 -14.39
CA VAL E 434 7.16 53.81 -13.32
C VAL E 434 6.49 53.57 -11.97
N GLU E 435 5.17 53.77 -11.90
CA GLU E 435 4.46 53.61 -10.63
C GLU E 435 4.57 52.17 -10.12
N THR E 436 4.39 51.21 -11.01
CA THR E 436 4.40 49.80 -10.60
C THR E 436 5.82 49.28 -10.52
N LYS E 437 6.17 48.71 -9.37
CA LYS E 437 7.48 48.10 -9.16
C LYS E 437 7.29 46.84 -8.32
N ASN E 438 8.25 45.91 -8.47
CA ASN E 438 8.17 44.62 -7.81
C ASN E 438 6.88 43.90 -8.21
N PHE E 439 6.44 44.09 -9.44
CA PHE E 439 5.20 43.54 -9.98
C PHE E 439 5.51 42.41 -10.95
N SER E 440 4.95 41.24 -10.69
CA SER E 440 5.00 40.15 -11.64
C SER E 440 4.08 40.46 -12.82
N GLY E 441 4.34 39.78 -13.93
CA GLY E 441 3.50 39.98 -15.10
C GLY E 441 2.04 39.69 -14.82
N ALA E 442 1.78 38.65 -14.03
CA ALA E 442 0.41 38.35 -13.67
C ALA E 442 -0.23 39.52 -12.94
N GLU E 443 0.52 40.16 -12.03
CA GLU E 443 0.00 41.35 -11.38
C GLU E 443 -0.22 42.47 -12.39
N LEU E 444 0.75 42.68 -13.29
CA LEU E 444 0.63 43.78 -14.23
C LEU E 444 -0.60 43.63 -15.11
N GLU E 445 -0.95 42.40 -15.49
CA GLU E 445 -2.12 42.17 -16.33
C GLU E 445 -3.42 42.08 -15.53
N GLY E 446 -3.35 41.62 -14.28
CA GLY E 446 -4.50 41.70 -13.42
C GLY E 446 -4.89 43.15 -13.16
N LEU E 447 -3.91 44.04 -13.06
CA LEU E 447 -4.19 45.46 -12.93
C LEU E 447 -5.04 45.94 -14.10
N VAL E 448 -4.64 45.56 -15.32
CA VAL E 448 -5.38 45.92 -16.50
C VAL E 448 -6.79 45.33 -16.46
N ARG E 449 -6.91 44.06 -16.05
CA ARG E 449 -8.23 43.44 -15.98
C ARG E 449 -9.13 44.19 -15.01
N ALA E 450 -8.59 44.56 -13.85
CA ALA E 450 -9.36 45.29 -12.85
C ALA E 450 -9.80 46.66 -13.38
N ALA E 451 -8.91 47.35 -14.10
CA ALA E 451 -9.29 48.63 -14.68
C ALA E 451 -10.45 48.46 -15.66
N GLN E 452 -10.36 47.44 -16.52
CA GLN E 452 -11.47 47.16 -17.43
C GLN E 452 -12.75 46.85 -16.66
N SER E 453 -12.63 46.09 -15.57
CA SER E 453 -13.81 45.73 -14.80
C SER E 453 -14.50 46.96 -14.23
N THR E 454 -13.74 47.88 -13.65
CA THR E 454 -14.38 49.07 -13.09
C THR E 454 -14.99 49.94 -14.18
N ALA E 455 -14.34 50.19 -15.30
CA ALA E 455 -14.94 50.94 -16.40
C ALA E 455 -16.23 50.30 -16.86
N MET E 456 -16.24 48.96 -16.93
CA MET E 456 -17.44 48.24 -17.33
C MET E 456 -18.56 48.47 -16.32
N ASN E 457 -18.26 48.33 -15.04
CA ASN E 457 -19.28 48.53 -14.02
C ASN E 457 -19.86 49.93 -14.08
N ARG E 458 -19.06 50.91 -14.54
CA ARG E 458 -19.56 52.28 -14.57
C ARG E 458 -20.90 52.40 -15.29
N HIS E 459 -21.09 51.62 -16.36
CA HIS E 459 -22.28 51.74 -17.20
C HIS E 459 -23.25 50.56 -17.06
N ILE E 460 -23.13 49.77 -15.99
CA ILE E 460 -24.09 48.70 -15.72
C ILE E 460 -24.38 48.74 -14.23
N LYS E 461 -25.60 49.16 -13.87
CA LYS E 461 -25.95 49.34 -12.46
C LYS E 461 -27.44 49.11 -12.27
N ALA E 462 -27.77 48.27 -11.29
CA ALA E 462 -29.16 48.05 -10.87
C ALA E 462 -29.13 47.18 -9.63
N SER E 463 -30.03 47.47 -8.69
CA SER E 463 -30.07 46.80 -7.40
C SER E 463 -31.29 45.90 -7.24
N THR E 464 -32.49 46.43 -7.42
CA THR E 464 -33.69 45.58 -7.38
C THR E 464 -33.66 44.55 -8.51
N LYS E 465 -33.27 44.97 -9.70
CA LYS E 465 -33.10 44.11 -10.86
C LYS E 465 -31.69 44.28 -11.41
N VAL E 466 -31.45 43.71 -12.60
CA VAL E 466 -30.19 43.86 -13.31
C VAL E 466 -30.49 44.41 -14.69
N GLU E 467 -29.75 45.44 -15.11
CA GLU E 467 -30.00 46.06 -16.39
C GLU E 467 -28.78 46.84 -16.83
N VAL E 468 -28.37 46.64 -18.09
CA VAL E 468 -27.29 47.44 -18.67
C VAL E 468 -27.79 48.86 -18.94
N ASP E 469 -26.86 49.76 -19.22
CA ASP E 469 -27.22 51.15 -19.49
C ASP E 469 -27.83 51.26 -20.88
N MET E 470 -28.92 50.53 -21.12
CA MET E 470 -29.67 50.60 -22.37
C MET E 470 -28.76 50.44 -23.59
N GLU E 471 -27.60 49.81 -23.41
CA GLU E 471 -26.61 49.63 -24.47
C GLU E 471 -26.12 50.96 -25.02
N LYS E 472 -26.41 52.06 -24.33
CA LYS E 472 -26.01 53.39 -24.78
C LYS E 472 -24.56 53.73 -24.41
N ALA E 473 -23.88 52.87 -23.68
CA ALA E 473 -22.47 53.09 -23.35
C ALA E 473 -21.56 52.46 -24.40
N GLU E 474 -21.80 52.80 -25.67
CA GLU E 474 -20.95 52.35 -26.75
C GLU E 474 -19.70 53.21 -26.89
N SER E 475 -19.62 54.32 -26.16
CA SER E 475 -18.43 55.17 -26.13
C SER E 475 -17.56 54.87 -24.92
N LEU E 476 -17.69 53.66 -24.36
CA LEU E 476 -16.92 53.27 -23.19
C LEU E 476 -15.45 53.61 -23.36
N GLN E 477 -14.96 54.48 -22.48
CA GLN E 477 -13.56 54.88 -22.46
C GLN E 477 -13.00 54.69 -21.07
N VAL E 478 -11.76 54.22 -20.99
CA VAL E 478 -11.09 53.96 -19.73
C VAL E 478 -10.16 55.13 -19.44
N THR E 479 -10.30 55.72 -18.26
CA THR E 479 -9.48 56.85 -17.85
C THR E 479 -8.41 56.40 -16.86
N ARG E 480 -7.40 57.25 -16.70
CA ARG E 480 -6.34 56.96 -15.74
C ARG E 480 -6.89 56.85 -14.32
N GLY E 481 -7.99 57.54 -14.03
CA GLY E 481 -8.57 57.46 -12.69
C GLY E 481 -8.96 56.05 -12.31
N ASP E 482 -9.52 55.29 -13.25
CA ASP E 482 -9.82 53.88 -13.01
C ASP E 482 -8.56 53.13 -12.59
N PHE E 483 -7.47 53.34 -13.33
CA PHE E 483 -6.22 52.65 -13.03
C PHE E 483 -5.68 53.04 -11.66
N LEU E 484 -5.76 54.33 -11.32
CA LEU E 484 -5.29 54.78 -10.02
C LEU E 484 -6.11 54.17 -8.89
N ALA E 485 -7.44 54.17 -9.04
CA ALA E 485 -8.28 53.59 -8.00
C ALA E 485 -7.98 52.10 -7.84
N SER E 486 -7.81 51.38 -8.95
CA SER E 486 -7.46 49.97 -8.86
C SER E 486 -6.13 49.77 -8.16
N LEU E 487 -5.09 50.50 -8.61
CA LEU E 487 -3.78 50.39 -7.99
C LEU E 487 -3.81 50.73 -6.51
N GLU E 488 -4.75 51.57 -6.08
CA GLU E 488 -4.84 51.94 -4.68
C GLU E 488 -5.66 50.96 -3.85
N ASN E 489 -6.66 50.30 -4.44
CA ASN E 489 -7.56 49.45 -3.67
C ASN E 489 -7.64 48.01 -4.17
N ASP E 490 -7.28 47.71 -5.42
CA ASP E 490 -7.59 46.42 -6.01
C ASP E 490 -6.41 45.44 -5.97
N ILE E 491 -5.25 45.83 -6.49
CA ILE E 491 -4.12 44.92 -6.67
C ILE E 491 -2.95 45.41 -5.85
N LYS E 492 -2.48 44.56 -4.93
CA LYS E 492 -1.38 44.85 -4.03
C LYS E 492 -0.28 43.82 -4.23
N PRO E 493 0.98 44.22 -4.45
CA PRO E 493 2.03 43.23 -4.66
C PRO E 493 2.25 42.35 -3.44
N ALA E 494 2.63 41.10 -3.69
CA ALA E 494 2.93 40.16 -2.62
C ALA E 494 4.34 40.34 -2.05
N PHE E 495 5.25 40.93 -2.84
CA PHE E 495 6.62 41.10 -2.38
C PHE E 495 6.73 42.09 -1.23
N GLY E 496 5.75 42.96 -1.06
CA GLY E 496 5.75 43.96 -0.02
C GLY E 496 6.15 45.33 -0.56
N THR E 497 5.84 46.36 0.22
CA THR E 497 6.10 47.74 -0.16
C THR E 497 6.64 48.50 1.05
N ASN E 498 6.74 49.82 0.91
CA ASN E 498 7.26 50.66 1.97
C ASN E 498 6.46 51.95 2.14
N GLN E 499 5.29 52.07 1.49
CA GLN E 499 4.47 53.26 1.67
C GLN E 499 3.96 53.37 3.10
N GLU E 500 3.53 52.24 3.67
CA GLU E 500 2.92 52.26 5.00
C GLU E 500 3.89 52.82 6.03
N ASP E 501 5.14 52.37 6.00
CA ASP E 501 6.12 52.85 6.96
C ASP E 501 6.35 54.35 6.82
N TYR E 502 6.51 54.82 5.58
CA TYR E 502 6.70 56.25 5.36
C TYR E 502 5.53 57.05 5.93
N ALA E 503 4.30 56.68 5.57
CA ALA E 503 3.14 57.41 6.05
C ALA E 503 2.99 57.33 7.56
N SER E 504 3.40 56.21 8.17
CA SER E 504 3.22 56.04 9.61
C SER E 504 4.29 56.76 10.42
N TYR E 505 5.49 56.90 9.87
CA TYR E 505 6.58 57.52 10.63
C TYR E 505 6.57 59.05 10.53
N ILE E 506 6.47 59.60 9.32
CA ILE E 506 6.26 61.04 9.16
C ILE E 506 4.75 61.25 9.18
N MET E 507 4.22 61.51 10.37
CA MET E 507 2.77 61.66 10.55
C MET E 507 2.32 63.11 10.30
N ASN E 508 2.85 64.06 11.06
CA ASN E 508 2.45 65.45 10.97
C ASN E 508 3.43 66.27 10.13
N GLY E 509 4.19 65.61 9.26
CA GLY E 509 5.08 66.30 8.36
C GLY E 509 6.27 66.90 9.09
N ILE E 510 7.00 67.73 8.35
CA ILE E 510 8.20 68.40 8.83
C ILE E 510 8.00 69.90 8.66
N ILE E 511 8.23 70.66 9.73
CA ILE E 511 8.16 72.12 9.69
C ILE E 511 9.54 72.67 10.01
N LYS E 512 9.73 73.96 9.70
CA LYS E 512 10.99 74.65 9.90
C LYS E 512 10.83 75.65 11.04
N TRP E 513 11.34 75.27 12.21
CA TRP E 513 11.33 76.15 13.38
C TRP E 513 12.68 76.76 13.71
N GLY E 514 13.77 76.27 13.13
CA GLY E 514 15.08 76.80 13.42
C GLY E 514 16.13 76.29 12.46
N ASP E 515 17.28 76.94 12.50
CA ASP E 515 18.39 76.55 11.64
C ASP E 515 18.82 75.10 11.80
N PRO E 516 18.88 74.53 13.01
CA PRO E 516 19.36 73.14 13.14
C PRO E 516 18.71 72.18 12.17
N VAL E 517 17.44 72.37 11.84
CA VAL E 517 16.79 71.51 10.85
C VAL E 517 17.51 71.60 9.51
N THR E 518 17.75 72.82 9.04
CA THR E 518 18.45 73.00 7.77
C THR E 518 19.85 72.41 7.84
N ARG E 519 20.55 72.65 8.94
CA ARG E 519 21.90 72.12 9.10
C ARG E 519 21.90 70.59 9.00
N VAL E 520 20.97 69.94 9.71
CA VAL E 520 20.92 68.49 9.70
C VAL E 520 20.59 67.97 8.30
N LEU E 521 19.61 68.59 7.63
CA LEU E 521 19.26 68.14 6.30
C LEU E 521 20.45 68.28 5.33
N ASP E 522 21.14 69.41 5.41
CA ASP E 522 22.33 69.61 4.57
C ASP E 522 23.38 68.54 4.85
N ASP E 523 23.65 68.28 6.13
CA ASP E 523 24.67 67.28 6.47
C ASP E 523 24.28 65.91 5.94
N GLY E 524 23.01 65.53 6.08
CA GLY E 524 22.56 64.27 5.54
C GLY E 524 22.75 64.19 4.03
N GLU E 525 22.44 65.29 3.33
CA GLU E 525 22.65 65.31 1.88
C GLU E 525 24.12 65.15 1.55
N LEU E 526 25.00 65.82 2.31
CA LEU E 526 26.44 65.66 2.08
C LEU E 526 26.88 64.22 2.26
N LEU E 527 26.41 63.56 3.31
CA LEU E 527 26.78 62.16 3.53
C LEU E 527 26.24 61.26 2.43
N VAL E 528 25.03 61.55 1.96
CA VAL E 528 24.47 60.78 0.85
C VAL E 528 25.36 60.93 -0.38
N GLN E 529 25.79 62.15 -0.68
CA GLN E 529 26.70 62.36 -1.80
C GLN E 529 28.02 61.63 -1.57
N GLN E 530 28.53 61.66 -0.34
CA GLN E 530 29.76 60.95 -0.01
C GLN E 530 29.65 59.48 -0.39
N THR E 531 28.66 58.79 0.17
CA THR E 531 28.50 57.37 -0.12
C THR E 531 28.21 57.13 -1.59
N LYS E 532 27.56 58.09 -2.26
CA LYS E 532 27.24 57.92 -3.67
C LYS E 532 28.50 57.81 -4.53
N ASN E 533 29.52 58.61 -4.21
CA ASN E 533 30.68 58.80 -5.08
C ASN E 533 31.97 58.63 -4.31
N SER E 534 32.07 57.56 -3.52
CA SER E 534 33.30 57.20 -2.84
C SER E 534 33.94 56.00 -3.51
N ASP E 535 35.25 55.87 -3.31
CA ASP E 535 36.02 54.75 -3.86
C ASP E 535 36.68 53.91 -2.77
N ARG E 536 37.33 54.54 -1.81
CA ARG E 536 38.09 53.85 -0.77
C ARG E 536 37.24 53.48 0.44
N THR E 537 36.01 53.99 0.52
CA THR E 537 35.16 53.84 1.70
C THR E 537 33.76 53.41 1.26
N PRO E 538 33.62 52.18 0.76
CA PRO E 538 32.31 51.72 0.29
C PRO E 538 31.28 51.60 1.39
N LEU E 539 31.68 51.67 2.66
CA LEU E 539 30.77 51.57 3.79
C LEU E 539 30.88 52.85 4.62
N VAL E 540 29.72 53.39 5.01
CA VAL E 540 29.65 54.62 5.79
C VAL E 540 28.50 54.49 6.78
N SER E 541 28.67 55.08 7.96
CA SER E 541 27.67 55.00 9.02
C SER E 541 27.60 56.32 9.75
N VAL E 542 26.44 56.58 10.35
CA VAL E 542 26.21 57.81 11.10
C VAL E 542 25.25 57.50 12.26
N LEU E 543 25.36 58.30 13.32
CA LEU E 543 24.52 58.13 14.51
C LEU E 543 23.86 59.47 14.82
N LEU E 544 22.53 59.49 14.78
CA LEU E 544 21.75 60.65 15.18
C LEU E 544 21.48 60.58 16.68
N GLU E 545 21.90 61.61 17.41
CA GLU E 545 21.81 61.64 18.87
C GLU E 545 21.04 62.87 19.29
N GLY E 546 20.15 62.70 20.27
CA GLY E 546 19.40 63.80 20.83
C GLY E 546 18.59 63.36 22.03
N PRO E 547 18.06 64.33 22.78
CA PRO E 547 17.23 63.98 23.95
C PRO E 547 15.90 63.40 23.51
N PRO E 548 15.16 62.77 24.43
CA PRO E 548 13.92 62.11 24.02
C PRO E 548 12.90 63.12 23.49
N HIS E 549 12.04 62.63 22.58
CA HIS E 549 10.99 63.45 21.99
C HIS E 549 11.58 64.65 21.24
N SER E 550 12.53 64.36 20.36
CA SER E 550 13.22 65.38 19.58
C SER E 550 13.02 65.22 18.08
N GLY E 551 12.09 64.37 17.65
CA GLY E 551 11.85 64.17 16.23
C GLY E 551 13.01 63.52 15.52
N LYS E 552 13.69 62.59 16.18
CA LYS E 552 14.81 61.89 15.55
C LYS E 552 14.33 60.92 14.48
N THR E 553 13.32 60.11 14.78
CA THR E 553 12.81 59.14 13.82
C THR E 553 12.36 59.82 12.53
N ALA E 554 11.54 60.87 12.65
CA ALA E 554 11.01 61.53 11.48
C ALA E 554 12.13 62.13 10.64
N LEU E 555 13.11 62.77 11.29
CA LEU E 555 14.20 63.40 10.57
C LEU E 555 15.01 62.36 9.81
N ALA E 556 15.30 61.22 10.44
CA ALA E 556 16.04 60.16 9.76
C ALA E 556 15.25 59.62 8.58
N ALA E 557 13.95 59.40 8.77
CA ALA E 557 13.12 58.91 7.67
C ALA E 557 13.14 59.90 6.50
N LYS E 558 13.02 61.19 6.78
CA LYS E 558 13.05 62.19 5.71
C LYS E 558 14.41 62.19 5.01
N ILE E 559 15.50 62.10 5.78
CA ILE E 559 16.83 62.08 5.17
C ILE E 559 16.96 60.89 4.25
N ALA E 560 16.50 59.72 4.68
CA ALA E 560 16.53 58.55 3.82
C ALA E 560 15.69 58.76 2.57
N GLU E 561 14.52 59.37 2.73
CA GLU E 561 13.62 59.58 1.59
C GLU E 561 14.24 60.52 0.56
N GLU E 562 15.00 61.51 1.02
CA GLU E 562 15.62 62.47 0.10
C GLU E 562 16.42 61.74 -0.98
N SER E 563 17.22 60.76 -0.59
CA SER E 563 17.96 59.97 -1.55
C SER E 563 17.01 59.09 -2.37
N ASN E 564 17.49 58.69 -3.55
CA ASN E 564 16.69 57.89 -4.48
C ASN E 564 17.35 56.52 -4.71
N PHE E 565 17.99 55.98 -3.68
CA PHE E 565 18.66 54.70 -3.83
C PHE E 565 17.63 53.61 -4.10
N PRO E 566 17.96 52.62 -4.94
CA PRO E 566 16.98 51.57 -5.27
C PRO E 566 16.49 50.77 -4.08
N PHE E 567 17.26 50.66 -3.00
CA PHE E 567 16.93 49.81 -1.87
C PHE E 567 16.91 50.64 -0.60
N ILE E 568 15.77 50.64 0.09
CA ILE E 568 15.58 51.33 1.36
C ILE E 568 14.76 50.42 2.27
N LYS E 569 15.17 50.33 3.54
CA LYS E 569 14.48 49.53 4.52
C LYS E 569 14.61 50.18 5.89
N ILE E 570 13.59 49.97 6.73
CA ILE E 570 13.54 50.53 8.08
C ILE E 570 13.44 49.37 9.07
N CYS E 571 14.30 49.39 10.09
CA CYS E 571 14.25 48.43 11.19
C CYS E 571 13.79 49.11 12.46
N SER E 572 12.79 48.54 13.11
CA SER E 572 12.31 49.00 14.40
C SER E 572 12.02 47.79 15.27
N PRO E 573 12.07 47.94 16.60
CA PRO E 573 11.73 46.80 17.48
C PRO E 573 10.28 46.37 17.34
N ASP E 574 9.44 47.22 16.73
CA ASP E 574 7.99 47.03 16.76
C ASP E 574 7.55 45.71 16.10
N LYS E 575 8.36 45.16 15.20
CA LYS E 575 7.97 43.93 14.51
C LYS E 575 8.53 42.69 15.21
N MET E 576 9.27 42.86 16.30
CA MET E 576 9.94 41.76 16.99
C MET E 576 9.52 41.70 18.46
N ILE E 577 8.30 42.10 18.76
CA ILE E 577 7.83 42.17 20.14
C ILE E 577 7.41 40.78 20.58
N GLY E 578 7.96 40.32 21.70
CA GLY E 578 7.81 38.95 22.13
C GLY E 578 8.87 38.02 21.59
N PHE E 579 9.83 38.53 20.83
CA PHE E 579 10.85 37.70 20.21
C PHE E 579 11.99 37.44 21.18
N SER E 580 12.52 36.22 21.15
CA SER E 580 13.76 35.95 21.85
C SER E 580 14.93 36.55 21.08
N GLU E 581 16.07 36.67 21.78
CA GLU E 581 17.24 37.29 21.17
C GLU E 581 17.63 36.59 19.87
N THR E 582 17.48 35.27 19.83
CA THR E 582 17.82 34.50 18.63
C THR E 582 17.00 34.97 17.44
N ALA E 583 15.70 35.15 17.63
CA ALA E 583 14.84 35.64 16.54
C ALA E 583 15.28 37.02 16.09
N LYS E 584 15.63 37.89 17.03
CA LYS E 584 16.11 39.22 16.68
C LYS E 584 17.33 39.14 15.78
N CYS E 585 18.32 38.33 16.19
CA CYS E 585 19.54 38.20 15.40
C CYS E 585 19.24 37.62 14.02
N GLN E 586 18.37 36.61 13.94
CA GLN E 586 18.03 36.03 12.65
C GLN E 586 17.38 37.07 11.75
N ALA E 587 16.46 37.86 12.28
CA ALA E 587 15.82 38.90 11.48
C ALA E 587 16.86 39.91 10.98
N MET E 588 17.77 40.33 11.85
CA MET E 588 18.75 41.33 11.44
C MET E 588 19.66 40.79 10.35
N LYS E 589 20.10 39.54 10.51
CA LYS E 589 20.93 38.91 9.50
C LYS E 589 20.20 38.81 8.18
N LYS E 590 18.91 38.45 8.22
CA LYS E 590 18.12 38.35 7.00
C LYS E 590 18.02 39.71 6.30
N ILE E 591 17.74 40.75 7.08
CA ILE E 591 17.58 42.08 6.48
C ILE E 591 18.88 42.53 5.83
N PHE E 592 20.01 42.36 6.53
CA PHE E 592 21.28 42.81 5.95
C PHE E 592 21.67 41.97 4.74
N ASP E 593 21.45 40.66 4.80
CA ASP E 593 21.66 39.82 3.62
C ASP E 593 20.84 40.33 2.43
N ASP E 594 19.57 40.66 2.67
CA ASP E 594 18.75 41.24 1.61
C ASP E 594 19.38 42.52 1.08
N ALA E 595 19.83 43.40 1.97
CA ALA E 595 20.45 44.65 1.55
C ALA E 595 21.70 44.41 0.72
N TYR E 596 22.36 43.27 0.90
CA TYR E 596 23.64 43.01 0.25
C TYR E 596 23.51 42.65 -1.23
N LYS E 597 22.30 42.66 -1.79
CA LYS E 597 22.09 42.27 -3.17
C LYS E 597 21.65 43.44 -4.07
N SER E 598 22.33 44.57 -3.95
CA SER E 598 22.07 45.69 -4.85
C SER E 598 23.34 46.54 -4.95
N GLN E 599 23.41 47.33 -6.03
CA GLN E 599 24.51 48.28 -6.16
C GLN E 599 24.41 49.43 -5.17
N LEU E 600 23.23 49.63 -4.57
CA LEU E 600 23.00 50.75 -3.67
C LEU E 600 21.94 50.34 -2.66
N SER E 601 22.10 50.80 -1.42
CA SER E 601 21.17 50.44 -0.36
C SER E 601 21.30 51.42 0.78
N CYS E 602 20.28 51.45 1.63
CA CYS E 602 20.29 52.29 2.82
C CYS E 602 19.36 51.67 3.85
N VAL E 603 19.87 51.45 5.07
CA VAL E 603 19.11 50.81 6.12
C VAL E 603 19.08 51.74 7.33
N VAL E 604 17.98 51.67 8.09
CA VAL E 604 17.77 52.50 9.26
C VAL E 604 17.54 51.59 10.46
N VAL E 605 18.28 51.84 11.54
CA VAL E 605 18.13 51.12 12.79
C VAL E 605 17.85 52.18 13.85
N ASP E 606 16.59 52.29 14.25
CA ASP E 606 16.18 53.32 15.20
C ASP E 606 16.02 52.72 16.59
N ASP E 607 16.31 53.55 17.59
CA ASP E 607 16.11 53.19 19.00
C ASP E 607 16.88 51.91 19.33
N ILE E 608 18.20 51.99 19.18
CA ILE E 608 19.07 50.85 19.41
C ILE E 608 18.90 50.31 20.83
N GLU E 609 18.83 51.20 21.81
CA GLU E 609 18.75 50.78 23.21
C GLU E 609 17.60 49.80 23.45
N ARG E 610 16.46 50.00 22.80
CA ARG E 610 15.36 49.04 22.96
C ARG E 610 15.69 47.68 22.36
N LEU E 611 16.44 47.65 21.25
CA LEU E 611 16.86 46.38 20.67
C LEU E 611 17.75 45.59 21.63
N LEU E 612 18.62 46.29 22.37
CA LEU E 612 19.56 45.65 23.28
C LEU E 612 18.97 45.26 24.63
N ASP E 613 17.68 45.48 24.87
CA ASP E 613 17.04 45.09 26.12
C ASP E 613 17.71 45.77 27.32
N TYR E 614 17.92 47.07 27.21
CA TYR E 614 18.66 47.79 28.24
C TYR E 614 17.73 48.25 29.35
N VAL E 615 18.20 48.13 30.59
CA VAL E 615 17.50 48.67 31.75
C VAL E 615 18.56 49.08 32.75
N PRO E 616 18.50 50.27 33.36
CA PRO E 616 19.61 50.75 34.17
C PRO E 616 19.70 50.13 35.56
N ILE E 617 18.86 49.15 35.89
CA ILE E 617 18.84 48.57 37.23
C ILE E 617 19.73 47.33 37.19
N GLY E 618 21.01 47.52 37.46
CA GLY E 618 21.95 46.44 37.60
C GLY E 618 23.24 46.63 36.80
N PRO E 619 23.13 47.07 35.53
CA PRO E 619 21.98 46.99 34.62
C PRO E 619 21.90 45.61 33.97
N ARG E 620 21.03 45.41 32.98
CA ARG E 620 20.96 44.15 32.25
C ARG E 620 20.74 44.44 30.77
N PHE E 621 20.97 43.41 29.96
CA PHE E 621 20.78 43.50 28.52
C PHE E 621 21.07 42.14 27.91
N SER E 622 20.80 42.01 26.62
CA SER E 622 21.13 40.81 25.86
C SER E 622 22.45 41.04 25.14
N ASN E 623 23.32 40.04 25.19
CA ASN E 623 24.68 40.19 24.67
C ASN E 623 24.79 39.78 23.21
N LEU E 624 24.02 38.78 22.79
CA LEU E 624 24.12 38.28 21.42
C LEU E 624 23.82 39.39 20.42
N VAL E 625 22.73 40.14 20.65
CA VAL E 625 22.37 41.23 19.74
C VAL E 625 23.47 42.29 19.72
N LEU E 626 24.05 42.58 20.89
CA LEU E 626 25.13 43.55 20.95
C LEU E 626 26.31 43.13 20.07
N GLN E 627 26.71 41.85 20.18
CA GLN E 627 27.83 41.37 19.37
C GLN E 627 27.47 41.37 17.90
N ALA E 628 26.25 40.96 17.55
CA ALA E 628 25.83 40.97 16.16
C ALA E 628 25.91 42.38 15.58
N LEU E 629 25.40 43.37 16.33
CA LEU E 629 25.44 44.74 15.86
C LEU E 629 26.86 45.26 15.73
N LEU E 630 27.73 44.97 16.71
CA LEU E 630 29.10 45.42 16.61
C LEU E 630 29.82 44.82 15.41
N VAL E 631 29.60 43.53 15.15
CA VAL E 631 30.25 42.89 14.02
C VAL E 631 29.69 43.41 12.70
N LEU E 632 28.38 43.55 12.60
CA LEU E 632 27.73 43.96 11.36
C LEU E 632 28.09 45.38 10.95
N LEU E 633 28.52 46.22 11.89
CA LEU E 633 28.87 47.60 11.59
C LEU E 633 30.30 47.74 11.06
N LYS E 634 30.95 46.64 10.69
CA LYS E 634 32.35 46.67 10.28
C LYS E 634 32.64 45.86 9.03
N LYS E 635 31.73 45.01 8.56
CA LYS E 635 31.99 44.16 7.39
C LYS E 635 31.52 44.88 6.13
N ALA E 636 32.36 44.86 5.10
CA ALA E 636 32.06 45.53 3.85
C ALA E 636 31.26 44.62 2.92
N PRO E 637 30.49 45.19 2.01
CA PRO E 637 29.66 44.37 1.11
C PRO E 637 30.51 43.78 0.00
N PRO E 638 29.91 42.93 -0.85
CA PRO E 638 30.67 42.35 -1.96
C PRO E 638 31.20 43.42 -2.90
N GLN E 639 32.30 43.10 -3.57
CA GLN E 639 32.98 44.06 -4.43
C GLN E 639 31.99 44.79 -5.34
N GLY E 640 32.27 46.06 -5.59
CA GLY E 640 31.45 46.88 -6.47
C GLY E 640 30.06 47.15 -5.95
N ARG E 641 29.93 47.52 -4.68
CA ARG E 641 28.63 47.84 -4.10
C ARG E 641 28.80 48.87 -2.99
N LYS E 642 27.70 49.52 -2.63
CA LYS E 642 27.69 50.56 -1.62
C LYS E 642 26.55 50.30 -0.64
N LEU E 643 26.67 50.88 0.56
CA LEU E 643 25.68 50.72 1.60
C LEU E 643 25.81 51.90 2.55
N LEU E 644 24.68 52.43 3.01
CA LEU E 644 24.65 53.52 3.98
C LEU E 644 23.78 53.10 5.15
N ILE E 645 24.25 53.39 6.36
CA ILE E 645 23.56 53.04 7.60
C ILE E 645 23.40 54.28 8.46
N ILE E 646 22.23 54.42 9.08
CA ILE E 646 21.93 55.53 9.97
C ILE E 646 21.36 54.95 11.26
N GLY E 647 21.84 55.45 12.39
CA GLY E 647 21.43 54.96 13.69
C GLY E 647 20.78 56.06 14.52
N THR E 648 19.80 55.66 15.33
CA THR E 648 19.10 56.57 16.22
C THR E 648 19.17 56.03 17.64
N THR E 649 19.33 56.94 18.60
CA THR E 649 19.50 56.57 19.99
C THR E 649 19.21 57.80 20.84
N SER E 650 18.89 57.57 22.12
CA SER E 650 18.55 58.63 23.03
C SER E 650 19.43 58.70 24.28
N ARG E 651 20.41 57.81 24.41
CA ARG E 651 21.31 57.80 25.57
C ARG E 651 22.73 57.53 25.03
N LYS E 652 23.45 58.61 24.72
CA LYS E 652 24.78 58.45 24.16
C LYS E 652 25.76 57.84 25.16
N ASP E 653 25.69 58.28 26.42
CA ASP E 653 26.64 57.81 27.43
C ASP E 653 26.67 56.29 27.50
N VAL E 654 25.50 55.65 27.50
CA VAL E 654 25.44 54.20 27.60
C VAL E 654 26.21 53.57 26.44
N LEU E 655 25.98 54.08 25.23
CA LEU E 655 26.71 53.57 24.07
C LEU E 655 28.21 53.80 24.23
N GLN E 656 28.60 54.94 24.81
CA GLN E 656 30.02 55.20 25.05
C GLN E 656 30.61 54.14 25.96
N GLU E 657 29.89 53.75 27.01
CA GLU E 657 30.40 52.73 27.92
C GLU E 657 30.63 51.40 27.20
N MET E 658 29.69 51.00 26.34
CA MET E 658 29.82 49.76 25.57
C MET E 658 30.85 49.85 24.45
N GLU E 659 31.58 50.95 24.33
CA GLU E 659 32.65 51.10 23.34
C GLU E 659 32.12 50.94 21.92
N MET E 660 30.84 51.27 21.72
CA MET E 660 30.25 51.30 20.39
C MET E 660 30.40 52.65 19.70
N LEU E 661 30.67 53.71 20.46
CA LEU E 661 30.71 55.05 19.87
C LEU E 661 31.86 55.22 18.87
N ASN E 662 32.90 54.41 18.98
CA ASN E 662 34.02 54.51 18.04
C ASN E 662 33.76 53.78 16.74
N ALA E 663 32.90 52.75 16.77
CA ALA E 663 32.61 52.00 15.55
C ALA E 663 31.98 52.88 14.48
N PHE E 664 31.05 53.75 14.87
CA PHE E 664 30.42 54.65 13.91
C PHE E 664 31.48 55.58 13.29
N SER E 665 31.07 56.25 12.21
CA SER E 665 31.95 57.22 11.55
C SER E 665 31.74 58.64 12.06
N THR E 666 30.49 59.07 12.21
CA THR E 666 30.19 60.43 12.66
C THR E 666 28.91 60.44 13.48
N THR E 667 28.74 61.50 14.24
CA THR E 667 27.51 61.76 14.99
C THR E 667 27.07 63.19 14.76
N ILE E 668 25.76 63.40 14.74
CA ILE E 668 25.17 64.71 14.52
C ILE E 668 24.12 64.95 15.60
N HIS E 669 24.15 66.13 16.21
CA HIS E 669 23.31 66.43 17.35
C HIS E 669 21.95 66.97 16.91
N VAL E 670 20.92 66.63 17.67
CA VAL E 670 19.57 67.12 17.47
C VAL E 670 19.11 67.81 18.75
N PRO E 671 19.10 69.15 18.78
CA PRO E 671 18.62 69.85 19.97
C PRO E 671 17.12 70.10 19.92
N ASN E 672 16.57 70.67 20.98
CA ASN E 672 15.16 71.01 21.06
C ASN E 672 15.02 72.52 21.26
N ILE E 673 13.78 72.96 21.43
CA ILE E 673 13.48 74.39 21.51
C ILE E 673 13.88 74.90 22.89
N ALA E 674 14.49 76.08 22.93
CA ALA E 674 15.01 76.62 24.19
C ALA E 674 14.85 78.13 24.31
N THR E 675 13.85 78.73 23.65
CA THR E 675 13.69 80.17 23.75
C THR E 675 12.28 80.57 23.36
N GLY E 676 11.80 81.64 24.00
CA GLY E 676 10.43 82.09 23.78
C GLY E 676 10.17 82.52 22.35
N GLU E 677 11.14 83.16 21.71
CA GLU E 677 11.00 83.53 20.31
C GLU E 677 10.68 82.31 19.45
N GLN E 678 11.37 81.20 19.69
CA GLN E 678 11.09 79.97 18.96
C GLN E 678 9.65 79.52 19.21
N LEU E 679 9.18 79.61 20.45
CA LEU E 679 7.81 79.19 20.75
C LEU E 679 6.81 80.05 20.00
N LEU E 680 7.02 81.37 20.00
CA LEU E 680 6.10 82.25 19.28
C LEU E 680 6.12 81.95 17.79
N GLU E 681 7.30 81.68 17.23
CA GLU E 681 7.38 81.31 15.82
C GLU E 681 6.62 80.02 15.54
N ALA E 682 6.78 79.02 16.41
CA ALA E 682 6.09 77.74 16.21
C ALA E 682 4.58 77.92 16.31
N LEU E 683 4.12 78.67 17.31
CA LEU E 683 2.69 78.92 17.46
C LEU E 683 2.13 79.67 16.26
N GLU E 684 2.87 80.67 15.78
CA GLU E 684 2.49 81.34 14.53
C GLU E 684 2.35 80.33 13.41
N LEU E 685 3.33 79.44 13.27
CA LEU E 685 3.33 78.47 12.18
C LEU E 685 2.28 77.39 12.35
N LEU E 686 1.70 77.27 13.55
CA LEU E 686 0.62 76.31 13.80
C LEU E 686 -0.76 76.93 13.67
N GLY E 687 -0.92 78.18 14.10
CA GLY E 687 -2.19 78.87 13.98
C GLY E 687 -3.28 78.35 14.89
N ASN E 688 -3.03 78.39 16.20
CA ASN E 688 -4.04 77.96 17.19
C ASN E 688 -4.49 79.09 18.09
N PHE E 689 -3.55 79.81 18.72
CA PHE E 689 -3.85 81.01 19.48
C PHE E 689 -3.38 82.21 18.66
N LYS E 690 -4.25 83.21 18.51
CA LYS E 690 -3.99 84.33 17.63
C LYS E 690 -4.56 85.61 18.21
N ASP E 691 -4.09 86.75 17.68
CA ASP E 691 -4.56 88.06 18.09
C ASP E 691 -4.12 88.37 19.51
N LYS E 692 -4.99 89.01 20.30
CA LYS E 692 -4.61 89.41 21.66
C LYS E 692 -4.17 88.21 22.49
N GLU E 693 -4.71 87.03 22.19
CA GLU E 693 -4.28 85.82 22.88
C GLU E 693 -2.77 85.67 22.75
N ARG E 694 -2.31 85.76 21.51
CA ARG E 694 -0.88 85.62 21.15
C ARG E 694 -0.07 86.76 21.76
N THR E 695 -0.67 87.92 21.95
CA THR E 695 0.00 89.07 22.53
C THR E 695 0.24 88.89 24.02
N THR E 696 -0.79 88.49 24.77
CA THR E 696 -0.60 88.20 26.19
C THR E 696 0.33 87.02 26.39
N ILE E 697 0.25 86.01 25.52
CA ILE E 697 1.13 84.86 25.65
C ILE E 697 2.59 85.28 25.45
N ALA E 698 2.84 86.15 24.47
CA ALA E 698 4.19 86.67 24.27
C ALA E 698 4.65 87.48 25.48
N GLN E 699 3.78 88.34 26.01
CA GLN E 699 4.14 89.10 27.20
C GLN E 699 4.51 88.18 28.36
N GLN E 700 3.81 87.05 28.47
CA GLN E 700 4.04 86.16 29.60
C GLN E 700 5.30 85.31 29.42
N VAL E 701 5.52 84.79 28.21
CA VAL E 701 6.62 83.84 28.00
C VAL E 701 7.97 84.51 28.19
N LYS E 702 8.09 85.78 27.80
CA LYS E 702 9.39 86.45 27.80
C LYS E 702 10.09 86.24 29.15
N GLY E 703 11.24 85.57 29.10
CA GLY E 703 12.00 85.26 30.29
C GLY E 703 11.82 83.82 30.73
N LYS E 704 12.77 83.35 31.54
CA LYS E 704 12.83 82.04 32.17
C LYS E 704 13.23 80.94 31.18
N LYS E 705 13.30 81.20 29.89
CA LYS E 705 13.67 80.18 28.91
C LYS E 705 12.74 78.98 28.98
N VAL E 706 13.00 77.95 28.17
CA VAL E 706 12.14 76.78 28.08
C VAL E 706 12.99 75.60 27.62
N TRP E 707 12.48 74.39 27.86
CA TRP E 707 13.17 73.17 27.48
C TRP E 707 12.19 72.13 26.93
N ILE E 708 11.29 72.56 26.04
CA ILE E 708 10.19 71.72 25.56
C ILE E 708 10.54 71.13 24.20
N GLY E 709 10.24 69.84 24.03
CA GLY E 709 10.36 69.21 22.73
C GLY E 709 9.11 69.39 21.87
N ILE E 710 9.25 69.06 20.59
CA ILE E 710 8.17 69.29 19.63
C ILE E 710 6.98 68.40 19.94
N LYS E 711 7.22 67.11 20.18
CA LYS E 711 6.14 66.15 20.39
C LYS E 711 5.31 66.52 21.61
N LYS E 712 5.98 66.85 22.72
CA LYS E 712 5.25 67.25 23.93
C LYS E 712 4.50 68.55 23.69
N LEU E 713 5.08 69.47 22.91
CA LEU E 713 4.39 70.72 22.60
C LEU E 713 3.09 70.45 21.85
N LEU E 714 3.15 69.58 20.84
CA LEU E 714 1.93 69.22 20.13
C LEU E 714 0.91 68.58 21.06
N MET E 715 1.37 67.68 21.94
CA MET E 715 0.46 67.04 22.87
C MET E 715 -0.23 68.06 23.76
N LEU E 716 0.53 69.01 24.30
CA LEU E 716 -0.04 70.02 25.18
C LEU E 716 -1.00 70.93 24.42
N ILE E 717 -0.63 71.32 23.19
CA ILE E 717 -1.53 72.16 22.39
C ILE E 717 -2.85 71.46 22.16
N GLU E 718 -2.80 70.16 21.84
CA GLU E 718 -4.04 69.42 21.61
C GLU E 718 -4.86 69.33 22.89
N MET E 719 -4.22 69.01 24.02
CA MET E 719 -4.93 68.92 25.28
C MET E 719 -5.60 70.25 25.64
N SER E 720 -4.92 71.36 25.41
CA SER E 720 -5.43 72.66 25.86
C SER E 720 -6.71 73.08 25.14
N LEU E 721 -7.07 72.43 24.03
CA LEU E 721 -8.20 72.85 23.23
C LEU E 721 -9.51 72.12 23.58
N GLN E 722 -9.60 71.57 24.80
CA GLN E 722 -10.77 70.79 25.20
C GLN E 722 -11.68 71.54 26.16
N MET E 723 -11.56 72.86 26.26
CA MET E 723 -12.31 73.64 27.24
C MET E 723 -13.05 74.79 26.58
N ASP E 724 -13.68 75.63 27.39
CA ASP E 724 -14.30 76.84 26.87
C ASP E 724 -13.22 77.83 26.40
N PRO E 725 -13.56 78.73 25.49
CA PRO E 725 -12.53 79.65 24.95
C PRO E 725 -11.87 80.50 26.03
N GLU E 726 -12.57 80.78 27.12
CA GLU E 726 -12.08 81.78 28.07
C GLU E 726 -10.88 81.30 28.88
N TYR E 727 -10.72 79.98 29.05
CA TYR E 727 -9.71 79.44 29.94
C TYR E 727 -8.55 78.76 29.22
N ARG E 728 -8.66 78.58 27.89
CA ARG E 728 -7.67 77.81 27.16
C ARG E 728 -6.26 78.33 27.40
N VAL E 729 -6.07 79.64 27.28
CA VAL E 729 -4.74 80.23 27.44
C VAL E 729 -4.22 79.96 28.84
N ARG E 730 -5.09 80.11 29.85
CA ARG E 730 -4.66 79.94 31.24
C ARG E 730 -4.19 78.50 31.50
N LYS E 731 -5.00 77.52 31.07
CA LYS E 731 -4.59 76.13 31.27
C LYS E 731 -3.33 75.81 30.48
N PHE E 732 -3.22 76.33 29.26
CA PHE E 732 -2.02 76.07 28.46
C PHE E 732 -0.78 76.60 29.16
N LEU E 733 -0.87 77.82 29.71
CA LEU E 733 0.26 78.39 30.43
C LEU E 733 0.58 77.58 31.67
N ALA E 734 -0.45 77.15 32.40
CA ALA E 734 -0.21 76.35 33.59
C ALA E 734 0.49 75.03 33.24
N LEU E 735 0.04 74.37 32.17
CA LEU E 735 0.65 73.13 31.74
C LEU E 735 2.10 73.36 31.32
N LEU E 736 2.36 74.42 30.55
CA LEU E 736 3.72 74.73 30.16
C LEU E 736 4.60 74.96 31.38
N ARG E 737 4.10 75.71 32.36
CA ARG E 737 4.87 76.00 33.56
C ARG E 737 5.17 74.71 34.32
N GLU E 738 4.18 73.84 34.49
CA GLU E 738 4.39 72.63 35.28
C GLU E 738 5.31 71.66 34.56
N GLU E 739 4.91 71.20 33.37
CA GLU E 739 5.71 70.23 32.64
C GLU E 739 7.02 70.85 32.16
N GLY E 740 7.00 72.13 31.79
CA GLY E 740 8.17 72.79 31.26
C GLY E 740 9.44 72.42 31.99
N ALA E 741 9.37 72.31 33.32
CA ALA E 741 10.51 71.87 34.11
C ALA E 741 11.73 72.74 33.81
N SER E 742 12.91 72.21 34.08
CA SER E 742 14.16 72.90 33.79
C SER E 742 15.13 71.93 33.14
N PRO E 743 16.03 72.43 32.28
CA PRO E 743 17.01 71.54 31.62
C PRO E 743 18.05 70.98 32.58
N ASN F 3 36.24 -69.86 -28.48
CA ASN F 3 36.64 -68.75 -27.63
C ASN F 3 37.43 -67.71 -28.43
N MET F 4 38.33 -68.20 -29.30
CA MET F 4 39.12 -67.29 -30.11
C MET F 4 38.28 -66.62 -31.18
N ALA F 5 37.44 -67.40 -31.88
CA ALA F 5 36.65 -66.83 -32.96
C ALA F 5 35.48 -66.00 -32.44
N GLY F 6 35.02 -66.29 -31.23
CA GLY F 6 33.89 -65.57 -30.67
C GLY F 6 32.60 -66.37 -30.68
N ARG F 7 31.94 -66.46 -29.53
CA ARG F 7 30.71 -67.23 -29.38
C ARG F 7 29.68 -66.40 -28.65
N SER F 8 28.41 -66.68 -28.93
CA SER F 8 27.31 -65.94 -28.32
C SER F 8 27.13 -66.34 -26.86
N MET F 9 26.82 -65.35 -26.03
CA MET F 9 26.59 -65.58 -24.61
C MET F 9 25.61 -64.53 -24.08
N GLN F 10 25.00 -64.84 -22.95
CA GLN F 10 23.99 -63.99 -22.33
C GLN F 10 24.58 -63.31 -21.10
N ALA F 11 24.37 -61.99 -21.00
CA ALA F 11 24.87 -61.26 -19.85
C ALA F 11 24.02 -61.57 -18.63
N ALA F 12 24.68 -61.82 -17.50
CA ALA F 12 24.01 -62.17 -16.26
C ALA F 12 24.58 -61.35 -15.10
N ARG F 13 24.01 -61.54 -13.93
CA ARG F 13 24.43 -60.84 -12.73
C ARG F 13 25.60 -61.56 -12.06
N CYS F 14 26.49 -60.79 -11.44
CA CYS F 14 27.61 -61.37 -10.72
C CYS F 14 27.08 -62.22 -9.57
N PRO F 15 27.70 -63.37 -9.29
CA PRO F 15 27.15 -64.28 -8.28
C PRO F 15 27.59 -63.96 -6.87
N THR F 16 28.76 -63.32 -6.71
CA THR F 16 29.32 -63.08 -5.39
C THR F 16 29.77 -61.64 -5.27
N ASP F 17 29.70 -61.12 -4.03
CA ASP F 17 30.18 -59.77 -3.76
C ASP F 17 31.67 -59.64 -4.03
N GLU F 18 32.46 -60.64 -3.62
CA GLU F 18 33.90 -60.58 -3.86
C GLU F 18 34.20 -60.54 -5.35
N LEU F 19 33.51 -61.36 -6.15
CA LEU F 19 33.70 -61.26 -7.59
C LEU F 19 33.28 -59.89 -8.10
N SER F 20 32.28 -59.27 -7.48
CA SER F 20 31.89 -57.92 -7.88
C SER F 20 33.04 -56.96 -7.65
N LEU F 21 33.73 -57.10 -6.52
CA LEU F 21 34.87 -56.24 -6.18
C LEU F 21 36.14 -56.61 -6.94
N SER F 22 36.15 -57.76 -7.62
CA SER F 22 37.32 -58.23 -8.34
C SER F 22 37.49 -57.57 -9.71
N ASN F 23 36.45 -56.91 -10.21
CA ASN F 23 36.47 -56.27 -11.53
C ASN F 23 36.63 -57.28 -12.66
N CYS F 24 36.49 -58.56 -12.36
CA CYS F 24 36.61 -59.63 -13.33
C CYS F 24 35.24 -60.06 -13.83
N ALA F 25 35.16 -60.44 -15.10
CA ALA F 25 33.95 -61.00 -15.66
C ALA F 25 33.84 -62.45 -15.17
N VAL F 26 32.76 -62.76 -14.48
CA VAL F 26 32.60 -64.09 -13.90
C VAL F 26 32.10 -65.05 -14.98
N VAL F 27 32.85 -66.12 -15.20
CA VAL F 27 32.55 -67.07 -16.26
C VAL F 27 32.53 -68.49 -15.69
N SER F 28 31.81 -69.36 -16.40
CA SER F 28 31.76 -70.77 -16.01
C SER F 28 33.06 -71.47 -16.39
N GLU F 29 33.51 -72.39 -15.52
CA GLU F 29 34.70 -73.16 -15.83
C GLU F 29 34.56 -73.96 -17.12
N LYS F 30 33.32 -74.26 -17.53
CA LYS F 30 33.10 -75.00 -18.76
C LYS F 30 33.34 -74.16 -20.01
N ASP F 31 33.43 -72.84 -19.87
CA ASP F 31 33.56 -71.92 -20.99
C ASP F 31 34.92 -71.27 -21.11
N TYR F 32 35.53 -70.90 -19.98
CA TYR F 32 36.81 -70.19 -19.97
C TYR F 32 37.62 -70.68 -18.78
N GLN F 33 38.84 -70.18 -18.67
CA GLN F 33 39.70 -70.42 -17.53
C GLN F 33 40.08 -69.08 -16.89
N SER F 34 40.17 -69.08 -15.56
CA SER F 34 40.41 -67.83 -14.84
C SER F 34 41.71 -67.18 -15.32
N GLY F 35 41.67 -65.87 -15.48
CA GLY F 35 42.81 -65.09 -15.92
C GLY F 35 42.78 -64.71 -17.39
N GLN F 36 41.97 -65.39 -18.20
CA GLN F 36 41.86 -65.05 -19.61
C GLN F 36 41.16 -63.71 -19.79
N HIS F 37 41.66 -62.93 -20.74
CA HIS F 37 41.04 -61.68 -21.13
C HIS F 37 40.17 -61.89 -22.36
N VAL F 38 39.01 -61.24 -22.39
CA VAL F 38 38.07 -61.41 -23.49
C VAL F 38 37.58 -60.04 -23.93
N ILE F 39 37.19 -59.96 -25.20
CA ILE F 39 36.59 -58.77 -25.79
C ILE F 39 35.11 -59.06 -26.01
N VAL F 40 34.28 -58.27 -25.34
CA VAL F 40 32.82 -58.37 -25.41
C VAL F 40 32.34 -57.35 -26.43
N ARG F 41 31.68 -57.85 -27.47
CA ARG F 41 31.16 -57.08 -28.59
C ARG F 41 29.66 -57.05 -28.44
N THR F 42 29.10 -55.88 -28.11
CA THR F 42 27.65 -55.71 -28.11
C THR F 42 27.14 -55.11 -29.41
N SER F 43 28.03 -54.52 -30.21
CA SER F 43 27.71 -53.96 -31.51
C SER F 43 29.02 -53.69 -32.23
N PRO F 44 28.99 -53.33 -33.50
CA PRO F 44 30.25 -52.99 -34.19
C PRO F 44 30.99 -51.84 -33.55
N ASN F 45 30.27 -50.87 -32.96
CA ASN F 45 30.93 -49.75 -32.30
C ASN F 45 31.14 -49.96 -30.80
N HIS F 46 30.59 -51.00 -30.20
CA HIS F 46 30.67 -51.21 -28.75
C HIS F 46 31.45 -52.49 -28.47
N LYS F 47 32.70 -52.32 -28.02
CA LYS F 47 33.56 -53.41 -27.58
C LYS F 47 34.20 -53.02 -26.26
N TYR F 48 34.33 -54.00 -25.37
CA TYR F 48 34.90 -53.79 -24.05
C TYR F 48 35.80 -54.96 -23.68
N ILE F 49 36.93 -54.68 -23.04
CA ILE F 49 37.89 -55.72 -22.67
C ILE F 49 37.73 -56.00 -21.19
N PHE F 50 37.68 -57.28 -20.83
CA PHE F 50 37.50 -57.70 -19.45
C PHE F 50 38.44 -58.86 -19.13
N THR F 51 38.75 -59.01 -17.86
CA THR F 51 39.53 -60.13 -17.36
C THR F 51 38.59 -61.16 -16.73
N LEU F 52 38.77 -62.43 -17.12
CA LEU F 52 37.84 -63.48 -16.75
C LEU F 52 38.27 -64.13 -15.43
N ARG F 53 37.27 -64.41 -14.59
CA ARG F 53 37.45 -65.22 -13.39
C ARG F 53 36.28 -66.19 -13.30
N THR F 54 36.59 -67.48 -13.21
CA THR F 54 35.54 -68.48 -13.26
C THR F 54 34.92 -68.67 -11.88
N HIS F 55 33.62 -69.00 -11.87
CA HIS F 55 32.89 -69.28 -10.65
C HIS F 55 31.97 -70.47 -10.89
N PRO F 56 31.91 -71.42 -9.96
CA PRO F 56 31.09 -72.62 -10.20
C PRO F 56 29.61 -72.32 -10.38
N SER F 57 29.12 -71.20 -9.88
CA SER F 57 27.70 -70.88 -9.99
C SER F 57 27.31 -70.32 -11.34
N VAL F 58 28.28 -70.02 -12.21
CA VAL F 58 27.97 -69.44 -13.52
C VAL F 58 27.57 -70.54 -14.48
N VAL F 59 26.41 -70.40 -15.09
CA VAL F 59 25.94 -71.39 -16.07
C VAL F 59 26.74 -71.24 -17.36
N PRO F 60 27.16 -72.34 -17.99
CA PRO F 60 27.85 -72.21 -19.28
C PRO F 60 26.97 -71.52 -20.30
N GLY F 61 27.61 -70.76 -21.19
CA GLY F 61 26.91 -70.00 -22.19
C GLY F 61 26.48 -68.61 -21.76
N SER F 62 26.82 -68.19 -20.55
CA SER F 62 26.49 -66.88 -20.03
C SER F 62 27.71 -66.27 -19.36
N VAL F 63 27.77 -64.95 -19.34
CA VAL F 63 28.87 -64.22 -18.72
C VAL F 63 28.31 -63.31 -17.64
N ALA F 64 28.88 -63.40 -16.45
CA ALA F 64 28.42 -62.62 -15.30
C ALA F 64 29.15 -61.30 -15.25
N PHE F 65 28.40 -60.22 -14.98
CA PHE F 65 28.94 -58.89 -14.87
C PHE F 65 28.44 -58.23 -13.61
N SER F 66 29.24 -57.34 -13.05
CA SER F 66 28.85 -56.57 -11.88
C SER F 66 28.13 -55.29 -12.30
N LEU F 67 27.49 -54.64 -11.33
CA LEU F 67 26.77 -53.41 -11.65
C LEU F 67 27.69 -52.34 -12.24
N PRO F 68 28.85 -52.04 -11.65
CA PRO F 68 29.77 -51.11 -12.32
C PRO F 68 30.16 -51.55 -13.71
N GLN F 69 30.35 -52.86 -13.91
CA GLN F 69 30.70 -53.35 -15.24
C GLN F 69 29.56 -53.12 -16.22
N ARG F 70 28.33 -53.43 -15.81
CA ARG F 70 27.19 -53.24 -16.70
C ARG F 70 27.02 -51.77 -17.06
N LYS F 71 27.16 -50.88 -16.07
CA LYS F 71 27.06 -49.45 -16.33
C LYS F 71 28.16 -48.98 -17.28
N TRP F 72 29.40 -49.41 -17.07
CA TRP F 72 30.49 -48.97 -17.94
C TRP F 72 30.31 -49.50 -19.36
N ALA F 73 29.92 -50.76 -19.50
CA ALA F 73 29.78 -51.39 -20.81
C ALA F 73 28.37 -51.28 -21.37
N GLY F 74 27.45 -50.68 -20.63
CA GLY F 74 26.08 -50.55 -21.10
C GLY F 74 25.42 -51.90 -21.34
N LEU F 75 25.59 -52.83 -20.40
CA LEU F 75 25.06 -54.18 -20.51
C LEU F 75 23.83 -54.34 -19.63
N SER F 76 22.89 -55.16 -20.09
CA SER F 76 21.68 -55.50 -19.36
C SER F 76 21.64 -57.00 -19.14
N ILE F 77 21.21 -57.40 -17.94
CA ILE F 77 21.19 -58.83 -17.62
C ILE F 77 20.27 -59.54 -18.60
N GLY F 78 20.77 -60.66 -19.14
CA GLY F 78 20.03 -61.44 -20.11
C GLY F 78 20.26 -61.05 -21.56
N GLN F 79 20.98 -59.96 -21.81
CA GLN F 79 21.25 -59.54 -23.17
C GLN F 79 22.28 -60.44 -23.83
N GLU F 80 22.17 -60.58 -25.15
CA GLU F 80 23.09 -61.41 -25.91
C GLU F 80 24.32 -60.59 -26.31
N ILE F 81 25.50 -61.19 -26.13
CA ILE F 81 26.78 -60.54 -26.40
C ILE F 81 27.66 -61.53 -27.13
N GLU F 82 28.68 -61.00 -27.82
CA GLU F 82 29.68 -61.81 -28.50
C GLU F 82 31.00 -61.67 -27.76
N VAL F 83 31.61 -62.78 -27.36
CA VAL F 83 32.84 -62.71 -26.60
C VAL F 83 33.91 -63.52 -27.32
N ALA F 84 35.08 -62.91 -27.53
CA ALA F 84 36.21 -63.60 -28.14
C ALA F 84 37.46 -63.38 -27.32
N LEU F 85 38.29 -64.42 -27.23
CA LEU F 85 39.52 -64.31 -26.45
C LEU F 85 40.41 -63.20 -27.00
N TYR F 86 41.02 -62.46 -26.09
CA TYR F 86 41.88 -61.32 -26.41
C TYR F 86 43.27 -61.55 -25.83
N SER F 87 44.29 -61.19 -26.61
CA SER F 87 45.67 -61.33 -26.19
C SER F 87 46.29 -59.94 -26.15
N PHE F 88 46.83 -59.55 -24.99
CA PHE F 88 47.49 -58.27 -24.85
C PHE F 88 48.92 -58.36 -25.38
N ASP F 89 49.36 -57.29 -26.04
CA ASP F 89 50.76 -57.17 -26.44
C ASP F 89 51.52 -56.59 -25.25
N LYS F 90 52.02 -57.50 -24.40
CA LYS F 90 52.64 -57.07 -23.15
C LYS F 90 53.84 -56.16 -23.39
N ALA F 91 54.45 -56.22 -24.56
CA ALA F 91 55.56 -55.32 -24.86
C ALA F 91 55.08 -53.88 -24.98
N LYS F 92 53.82 -53.68 -25.38
CA LYS F 92 53.29 -52.36 -25.65
C LYS F 92 52.09 -51.98 -24.78
N GLN F 93 51.44 -52.93 -24.13
CA GLN F 93 50.20 -52.66 -23.40
C GLN F 93 50.34 -52.84 -21.90
N CYS F 94 51.51 -53.23 -21.40
CA CYS F 94 51.69 -53.29 -19.96
C CYS F 94 51.69 -51.88 -19.38
N ILE F 95 50.88 -51.68 -18.34
CA ILE F 95 50.67 -50.33 -17.80
C ILE F 95 51.87 -49.95 -16.94
N GLY F 96 52.50 -48.83 -17.28
CA GLY F 96 53.54 -48.30 -16.43
C GLY F 96 52.96 -47.41 -15.35
N THR F 97 52.15 -46.44 -15.76
CA THR F 97 51.46 -45.54 -14.84
C THR F 97 50.04 -45.32 -15.35
N MET F 98 49.09 -45.26 -14.44
CA MET F 98 47.70 -44.98 -14.78
C MET F 98 47.15 -43.97 -13.79
N THR F 99 46.36 -43.03 -14.29
CA THR F 99 45.73 -42.02 -13.45
C THR F 99 44.26 -42.38 -13.28
N ILE F 100 43.82 -42.51 -12.04
CA ILE F 100 42.47 -42.94 -11.72
C ILE F 100 41.84 -41.91 -10.78
N GLU F 101 40.64 -41.47 -11.14
CA GLU F 101 39.87 -40.58 -10.28
C GLU F 101 39.15 -41.42 -9.23
N ILE F 102 39.21 -40.96 -7.99
CA ILE F 102 38.69 -41.69 -6.84
C ILE F 102 37.70 -40.80 -6.11
N ASP F 103 36.57 -41.37 -5.70
CA ASP F 103 35.61 -40.62 -4.90
C ASP F 103 34.76 -41.60 -4.11
N PHE F 104 34.09 -41.10 -3.09
CA PHE F 104 33.25 -41.99 -2.28
C PHE F 104 32.18 -42.66 -3.12
N LEU F 105 32.09 -43.98 -2.99
CA LEU F 105 31.05 -44.73 -3.70
C LEU F 105 29.67 -44.36 -3.18
N GLN F 106 29.54 -44.22 -1.86
CA GLN F 106 28.26 -43.95 -1.21
C GLN F 106 28.33 -42.57 -0.56
N LYS F 107 27.33 -41.74 -0.84
CA LYS F 107 27.25 -40.44 -0.17
C LYS F 107 26.98 -40.58 1.33
N LYS F 108 26.45 -41.72 1.76
CA LYS F 108 26.11 -41.92 3.16
C LYS F 108 27.35 -42.09 4.03
N ASN F 109 28.45 -42.60 3.46
CA ASN F 109 29.63 -42.96 4.24
C ASN F 109 30.81 -42.05 3.94
N ILE F 110 30.57 -40.85 3.41
CA ILE F 110 31.65 -39.93 3.14
C ILE F 110 32.22 -39.43 4.47
N ASP F 111 33.55 -39.34 4.50
CA ASP F 111 34.25 -38.84 5.72
C ASP F 111 35.44 -37.97 5.32
N SER F 112 35.90 -37.10 6.22
CA SER F 112 37.04 -36.23 6.00
C SER F 112 38.37 -36.85 6.43
N ASN F 113 38.36 -38.14 6.80
CA ASN F 113 39.57 -38.76 7.30
C ASN F 113 40.63 -38.87 6.19
N PRO F 114 41.91 -38.87 6.55
CA PRO F 114 42.97 -38.98 5.55
C PRO F 114 43.00 -40.37 4.92
N TYR F 115 43.24 -40.40 3.61
CA TYR F 115 43.35 -41.65 2.85
C TYR F 115 44.71 -41.69 2.16
N ASP F 116 45.53 -42.68 2.51
CA ASP F 116 46.90 -42.71 2.02
C ASP F 116 46.88 -43.22 0.58
N THR F 117 47.50 -42.46 -0.31
CA THR F 117 47.55 -42.87 -1.71
C THR F 117 48.48 -44.05 -1.93
N ASP F 118 49.61 -44.10 -1.20
CA ASP F 118 50.57 -45.18 -1.45
C ASP F 118 50.00 -46.54 -1.07
N LYS F 119 49.42 -46.65 0.13
CA LYS F 119 48.86 -47.93 0.54
C LYS F 119 47.74 -48.34 -0.39
N MET F 120 46.87 -47.38 -0.71
CA MET F 120 45.72 -47.71 -1.54
C MET F 120 46.19 -48.04 -2.94
N ALA F 121 47.29 -47.44 -3.38
CA ALA F 121 47.86 -47.84 -4.66
C ALA F 121 48.40 -49.27 -4.59
N ALA F 122 49.12 -49.61 -3.51
CA ALA F 122 49.63 -50.98 -3.40
C ALA F 122 48.50 -51.98 -3.31
N GLU F 123 47.46 -51.67 -2.52
CA GLU F 123 46.31 -52.56 -2.47
C GLU F 123 45.70 -52.68 -3.85
N PHE F 124 45.67 -51.58 -4.59
CA PHE F 124 45.08 -51.62 -5.91
C PHE F 124 45.82 -52.62 -6.77
N ILE F 125 47.15 -52.57 -6.75
CA ILE F 125 47.90 -53.50 -7.56
C ILE F 125 47.62 -54.92 -7.08
N GLN F 126 47.62 -55.11 -5.76
CA GLN F 126 47.35 -56.43 -5.22
C GLN F 126 46.00 -56.92 -5.72
N GLN F 127 45.00 -56.05 -5.69
CA GLN F 127 43.68 -56.49 -6.11
C GLN F 127 43.64 -56.65 -7.63
N PHE F 128 44.22 -55.72 -8.37
CA PHE F 128 44.01 -55.66 -9.81
C PHE F 128 45.24 -56.03 -10.64
N ASN F 129 46.29 -56.55 -10.02
CA ASN F 129 47.46 -56.93 -10.80
C ASN F 129 47.08 -58.02 -11.81
N ASN F 130 47.57 -57.86 -13.04
CA ASN F 130 47.36 -58.84 -14.11
C ASN F 130 45.92 -58.83 -14.61
N GLN F 131 45.26 -57.69 -14.56
CA GLN F 131 43.90 -57.55 -15.07
C GLN F 131 43.83 -56.39 -16.06
N ALA F 132 42.94 -56.53 -17.04
CA ALA F 132 42.84 -55.54 -18.10
C ALA F 132 42.09 -54.30 -17.62
N PHE F 133 42.61 -53.13 -18.01
CA PHE F 133 41.99 -51.86 -17.69
C PHE F 133 41.98 -50.98 -18.93
N SER F 134 40.94 -50.15 -19.05
CA SER F 134 40.79 -49.24 -20.17
C SER F 134 40.54 -47.83 -19.67
N VAL F 135 41.01 -46.85 -20.43
CA VAL F 135 40.79 -45.44 -20.09
C VAL F 135 39.31 -45.12 -20.16
N GLY F 136 38.80 -44.44 -19.13
CA GLY F 136 37.39 -44.17 -19.01
C GLY F 136 36.60 -45.27 -18.34
N GLN F 137 37.24 -46.36 -17.93
CA GLN F 137 36.54 -47.43 -17.24
C GLN F 137 36.18 -47.02 -15.82
N GLN F 138 34.99 -47.42 -15.38
CA GLN F 138 34.52 -47.13 -14.03
C GLN F 138 34.40 -48.44 -13.27
N LEU F 139 34.83 -48.43 -12.02
CA LEU F 139 34.76 -49.63 -11.20
C LEU F 139 34.66 -49.26 -9.72
N VAL F 140 34.46 -50.28 -8.88
CA VAL F 140 34.37 -50.11 -7.44
C VAL F 140 35.61 -50.74 -6.82
N PHE F 141 36.27 -50.00 -5.94
CA PHE F 141 37.47 -50.45 -5.24
C PHE F 141 37.18 -50.56 -3.76
N SER F 142 37.62 -51.65 -3.15
CA SER F 142 37.50 -51.81 -1.70
C SER F 142 38.86 -51.54 -1.06
N PHE F 143 38.89 -50.52 -0.19
CA PHE F 143 40.10 -50.13 0.51
C PHE F 143 39.76 -49.87 1.98
N ASN F 144 40.38 -50.63 2.87
CA ASN F 144 40.11 -50.56 4.30
C ASN F 144 38.61 -50.68 4.56
N ASP F 145 37.99 -51.68 3.94
CA ASP F 145 36.57 -51.94 4.11
C ASP F 145 35.74 -50.72 3.73
N LYS F 146 36.17 -50.00 2.69
CA LYS F 146 35.45 -48.84 2.19
C LYS F 146 35.34 -48.91 0.68
N LEU F 147 34.16 -48.57 0.17
CA LEU F 147 33.90 -48.66 -1.26
C LEU F 147 34.14 -47.30 -1.92
N PHE F 148 34.96 -47.30 -2.96
CA PHE F 148 35.33 -46.09 -3.68
C PHE F 148 34.99 -46.26 -5.15
N GLY F 149 34.40 -45.22 -5.75
CA GLY F 149 34.14 -45.22 -7.17
C GLY F 149 35.34 -44.67 -7.91
N LEU F 150 35.89 -45.51 -8.79
CA LEU F 150 37.11 -45.22 -9.53
C LEU F 150 36.79 -45.05 -11.01
N LEU F 151 37.53 -44.16 -11.65
CA LEU F 151 37.42 -43.89 -13.08
C LEU F 151 38.82 -43.89 -13.68
N VAL F 152 39.06 -44.75 -14.66
CA VAL F 152 40.35 -44.80 -15.33
C VAL F 152 40.42 -43.61 -16.29
N LYS F 153 41.33 -42.68 -16.00
CA LYS F 153 41.48 -41.44 -16.78
C LYS F 153 42.61 -41.53 -17.79
N ASP F 154 43.78 -42.04 -17.38
CA ASP F 154 44.95 -42.07 -18.24
C ASP F 154 45.74 -43.35 -17.98
N ILE F 155 46.33 -43.88 -19.05
CA ILE F 155 47.16 -45.08 -18.97
C ILE F 155 48.39 -44.85 -19.83
N GLU F 156 49.56 -45.18 -19.29
CA GLU F 156 50.82 -45.05 -20.00
C GLU F 156 51.52 -46.39 -20.03
N ALA F 157 52.13 -46.71 -21.18
CA ALA F 157 52.81 -47.98 -21.34
C ALA F 157 54.03 -48.05 -20.43
N MET F 158 54.37 -49.26 -20.03
CA MET F 158 55.51 -49.48 -19.16
C MET F 158 56.80 -49.01 -19.83
N ARG F 172 57.73 -43.00 -22.82
CA ARG F 172 56.44 -43.07 -22.14
C ARG F 172 55.31 -43.22 -23.17
N GLN F 173 55.18 -44.42 -23.73
CA GLN F 173 54.14 -44.66 -24.73
C GLN F 173 52.77 -44.60 -24.07
N LYS F 174 51.83 -43.93 -24.74
CA LYS F 174 50.46 -43.85 -24.29
C LYS F 174 49.64 -44.99 -24.90
N ILE F 175 48.81 -45.62 -24.07
CA ILE F 175 48.00 -46.75 -24.49
C ILE F 175 46.55 -46.50 -24.06
N GLU F 176 45.62 -46.80 -24.97
CA GLU F 176 44.20 -46.65 -24.64
C GLU F 176 43.76 -47.69 -23.63
N VAL F 177 44.31 -48.90 -23.72
CA VAL F 177 44.01 -49.99 -22.79
C VAL F 177 45.33 -50.67 -22.43
N GLY F 178 45.46 -51.04 -21.15
CA GLY F 178 46.69 -51.66 -20.68
C GLY F 178 46.40 -52.71 -19.62
N LEU F 179 47.46 -53.42 -19.24
CA LEU F 179 47.41 -54.45 -18.22
C LEU F 179 48.18 -54.00 -17.00
N VAL F 180 47.52 -54.01 -15.85
CA VAL F 180 48.18 -53.64 -14.59
C VAL F 180 49.05 -54.79 -14.13
N VAL F 181 50.31 -54.49 -13.81
CA VAL F 181 51.28 -55.50 -13.38
C VAL F 181 51.82 -55.11 -12.01
N GLY F 182 52.69 -55.96 -11.46
CA GLY F 182 53.19 -55.72 -10.11
C GLY F 182 53.96 -54.42 -9.98
N ASN F 183 54.64 -53.99 -11.04
CA ASN F 183 55.48 -52.81 -11.01
C ASN F 183 54.80 -51.59 -11.63
N SER F 184 53.49 -51.65 -11.86
CA SER F 184 52.77 -50.51 -12.40
C SER F 184 52.55 -49.46 -11.32
N GLN F 185 52.66 -48.19 -11.72
CA GLN F 185 52.48 -47.07 -10.82
C GLN F 185 51.12 -46.44 -11.03
N VAL F 186 50.45 -46.07 -9.94
CA VAL F 186 49.09 -45.53 -9.99
C VAL F 186 49.14 -44.09 -9.52
N ALA F 187 48.51 -43.20 -10.28
CA ALA F 187 48.45 -41.78 -9.95
C ALA F 187 47.00 -41.38 -9.74
N PHE F 188 46.74 -40.70 -8.62
CA PHE F 188 45.38 -40.30 -8.25
C PHE F 188 45.29 -38.79 -8.16
N GLU F 189 44.21 -38.24 -8.72
CA GLU F 189 43.90 -36.83 -8.59
C GLU F 189 42.41 -36.69 -8.29
N LYS F 190 42.08 -35.86 -7.30
CA LYS F 190 40.69 -35.74 -6.88
C LYS F 190 39.84 -35.11 -7.99
N ALA F 191 38.59 -35.53 -8.05
CA ALA F 191 37.66 -34.97 -9.02
C ALA F 191 37.50 -33.47 -8.81
N GLU F 192 36.97 -32.81 -9.82
CA GLU F 192 36.75 -31.36 -9.73
C GLU F 192 35.69 -31.08 -8.68
N ASN F 193 35.99 -30.17 -7.76
CA ASN F 193 35.13 -29.81 -6.64
C ASN F 193 35.06 -30.90 -5.58
N SER F 194 35.68 -32.06 -5.80
CA SER F 194 35.60 -33.13 -4.82
C SER F 194 36.32 -32.74 -3.53
N SER F 195 35.69 -33.03 -2.41
CA SER F 195 36.26 -32.71 -1.10
C SER F 195 37.18 -33.80 -0.60
N LEU F 196 37.52 -34.77 -1.45
CA LEU F 196 38.41 -35.85 -1.06
C LEU F 196 39.77 -35.29 -0.64
N ASN F 197 40.27 -35.75 0.50
CA ASN F 197 41.55 -35.32 1.03
C ASN F 197 42.60 -36.36 0.66
N LEU F 198 43.25 -36.17 -0.49
CA LEU F 198 44.27 -37.08 -0.96
C LEU F 198 45.63 -36.66 -0.41
N ILE F 199 46.32 -37.61 0.22
CA ILE F 199 47.61 -37.35 0.84
C ILE F 199 48.64 -38.29 0.26
N GLY F 200 49.91 -37.90 0.37
CA GLY F 200 51.01 -38.71 -0.11
C GLY F 200 51.54 -38.24 -1.45
N LYS F 201 52.56 -38.96 -1.92
CA LYS F 201 53.22 -38.63 -3.17
C LYS F 201 52.39 -39.04 -4.38
N ALA F 202 51.59 -40.10 -4.25
CA ALA F 202 50.78 -40.62 -5.35
C ALA F 202 49.59 -39.68 -5.59
N LYS F 203 49.89 -38.55 -6.22
CA LYS F 203 48.90 -37.52 -6.51
C LYS F 203 49.27 -36.83 -7.80
N THR F 204 48.38 -35.96 -8.27
CA THR F 204 48.60 -35.22 -9.51
C THR F 204 48.53 -36.15 -10.72
N ILE F 212 53.87 -12.93 -8.38
CA ILE F 212 54.42 -11.68 -7.87
C ILE F 212 54.40 -10.63 -8.98
N ASN F 213 53.72 -9.52 -8.74
CA ASN F 213 53.62 -8.42 -9.70
C ASN F 213 53.76 -7.10 -8.95
N PRO F 214 54.98 -6.73 -8.58
CA PRO F 214 55.21 -5.42 -7.93
C PRO F 214 55.44 -4.31 -8.95
N ASP F 215 54.44 -4.09 -9.81
CA ASP F 215 54.50 -3.04 -10.82
C ASP F 215 53.72 -1.83 -10.33
N TRP F 216 54.33 -0.66 -10.41
CA TRP F 216 53.76 0.58 -9.86
C TRP F 216 53.91 1.72 -10.87
N ASN F 217 53.48 1.48 -12.11
CA ASN F 217 53.26 2.55 -13.07
C ASN F 217 51.85 3.13 -12.95
N PHE F 218 51.18 2.90 -11.83
CA PHE F 218 49.79 3.32 -11.68
C PHE F 218 49.65 4.84 -11.83
N GLU F 219 50.56 5.59 -11.20
CA GLU F 219 50.46 7.05 -11.25
C GLU F 219 50.57 7.55 -12.70
N LYS F 220 51.45 6.95 -13.49
CA LYS F 220 51.55 7.28 -14.90
C LYS F 220 50.70 6.39 -15.79
N MET F 221 49.98 5.42 -15.21
CA MET F 221 49.08 4.60 -16.02
C MET F 221 47.88 5.41 -16.52
N GLY F 222 47.53 6.49 -15.83
CA GLY F 222 46.38 7.29 -16.19
C GLY F 222 45.62 7.81 -15.00
N ILE F 223 45.90 7.28 -13.81
CA ILE F 223 45.29 7.74 -12.57
C ILE F 223 46.39 8.17 -11.62
N GLY F 224 46.30 9.39 -11.10
CA GLY F 224 47.29 9.93 -10.20
C GLY F 224 47.18 9.35 -8.81
N GLY F 225 46.06 9.59 -8.14
CA GLY F 225 45.86 9.05 -6.80
C GLY F 225 46.97 9.51 -5.86
N LEU F 226 47.54 8.56 -5.14
CA LEU F 226 48.60 8.85 -4.17
C LEU F 226 49.68 7.79 -4.29
N ASP F 227 50.85 8.12 -3.75
CA ASP F 227 52.01 7.23 -3.77
C ASP F 227 52.22 6.53 -2.42
N LYS F 228 51.13 6.18 -1.73
CA LYS F 228 51.24 5.50 -0.44
C LYS F 228 50.34 4.28 -0.39
N GLU F 229 49.23 4.31 -1.11
CA GLU F 229 48.26 3.22 -1.04
C GLU F 229 48.86 1.91 -1.56
N PHE F 230 49.65 1.99 -2.64
CA PHE F 230 50.05 0.79 -3.35
C PHE F 230 50.81 -0.18 -2.45
N SER F 231 51.72 0.34 -1.63
CA SER F 231 52.55 -0.53 -0.79
C SER F 231 51.67 -1.36 0.13
N ASP F 232 50.78 -0.71 0.87
CA ASP F 232 49.87 -1.43 1.76
C ASP F 232 49.00 -2.40 0.99
N ILE F 233 48.44 -1.94 -0.13
CA ILE F 233 47.48 -2.74 -0.88
C ILE F 233 48.12 -4.05 -1.31
N PHE F 234 49.30 -3.99 -1.93
CA PHE F 234 49.86 -5.24 -2.43
C PHE F 234 50.69 -6.01 -1.42
N ARG F 235 51.19 -5.39 -0.34
CA ARG F 235 51.69 -6.21 0.75
C ARG F 235 50.56 -7.08 1.31
N ARG F 236 49.38 -6.49 1.50
CA ARG F 236 48.24 -7.25 1.99
C ARG F 236 47.80 -8.32 0.99
N ALA F 237 47.76 -7.97 -0.30
CA ALA F 237 47.30 -8.93 -1.30
C ALA F 237 48.28 -10.09 -1.43
N PHE F 238 49.58 -9.79 -1.58
CA PHE F 238 50.59 -10.83 -1.66
C PHE F 238 50.56 -11.70 -0.40
N ALA F 239 50.42 -11.09 0.78
CA ALA F 239 50.21 -11.85 2.00
C ALA F 239 49.06 -12.82 1.84
N SER F 240 47.91 -12.32 1.36
CA SER F 240 46.72 -13.14 1.31
C SER F 240 46.92 -14.35 0.40
N ARG F 241 47.35 -14.13 -0.84
CA ARG F 241 47.13 -15.12 -1.89
C ARG F 241 48.39 -15.75 -2.47
N VAL F 242 49.55 -15.10 -2.39
CA VAL F 242 50.71 -15.56 -3.15
C VAL F 242 51.06 -17.00 -2.81
N PHE F 243 51.07 -17.35 -1.53
CA PHE F 243 51.58 -18.66 -1.14
C PHE F 243 50.69 -19.76 -1.71
N PRO F 244 51.24 -20.96 -1.90
CA PRO F 244 50.46 -22.03 -2.51
C PRO F 244 49.24 -22.37 -1.67
N PRO F 245 48.16 -22.83 -2.29
CA PRO F 245 46.94 -23.10 -1.49
C PRO F 245 47.14 -24.09 -0.36
N GLU F 246 47.99 -25.10 -0.55
CA GLU F 246 48.08 -26.16 0.44
C GLU F 246 48.75 -25.66 1.73
N ILE F 247 49.80 -24.85 1.61
CA ILE F 247 50.47 -24.35 2.80
C ILE F 247 49.56 -23.35 3.52
N VAL F 248 48.80 -22.55 2.76
CA VAL F 248 47.83 -21.66 3.37
C VAL F 248 46.75 -22.45 4.09
N GLU F 249 46.32 -23.57 3.51
CA GLU F 249 45.28 -24.39 4.13
C GLU F 249 45.78 -24.99 5.44
N GLN F 250 46.95 -25.64 5.40
CA GLN F 250 47.59 -26.04 6.65
C GLN F 250 47.69 -24.87 7.60
N MET F 251 47.94 -23.68 7.07
CA MET F 251 48.26 -22.52 7.89
C MET F 251 47.06 -21.99 8.64
N GLY F 252 45.85 -22.28 8.17
CA GLY F 252 44.65 -21.90 8.91
C GLY F 252 44.46 -20.40 9.03
N CYS F 253 44.89 -19.64 8.03
CA CYS F 253 44.68 -18.20 7.98
C CYS F 253 43.61 -17.87 6.95
N LYS F 254 42.86 -16.80 7.20
CA LYS F 254 41.71 -16.44 6.38
C LYS F 254 42.14 -15.44 5.31
N HIS F 255 41.78 -15.74 4.06
CA HIS F 255 42.08 -14.83 2.96
C HIS F 255 41.33 -13.52 3.11
N VAL F 256 41.98 -12.43 2.70
CA VAL F 256 41.38 -11.10 2.83
C VAL F 256 40.31 -10.95 1.76
N LYS F 257 39.08 -10.71 2.20
CA LYS F 257 37.93 -10.56 1.29
C LYS F 257 37.15 -9.31 1.69
N GLY F 258 37.45 -8.18 1.02
CA GLY F 258 36.71 -6.96 1.23
C GLY F 258 37.56 -5.70 1.29
N ILE F 259 37.19 -4.72 0.46
CA ILE F 259 37.86 -3.42 0.40
C ILE F 259 36.78 -2.34 0.52
N LEU F 260 37.20 -1.16 0.96
CA LEU F 260 36.30 -0.01 1.00
C LEU F 260 36.93 1.15 0.26
N LEU F 261 36.20 1.66 -0.75
CA LEU F 261 36.60 2.82 -1.52
C LEU F 261 35.49 3.85 -1.39
N TYR F 262 35.81 5.04 -0.90
CA TYR F 262 34.81 6.10 -0.81
C TYR F 262 35.47 7.45 -1.00
N GLY F 263 34.69 8.40 -1.52
CA GLY F 263 35.17 9.74 -1.77
C GLY F 263 34.21 10.50 -2.65
N PRO F 264 34.52 11.78 -2.91
CA PRO F 264 33.64 12.59 -3.76
C PRO F 264 33.63 12.06 -5.18
N PRO F 265 32.53 12.24 -5.91
CA PRO F 265 32.46 11.73 -7.28
C PRO F 265 33.43 12.45 -8.21
N GLY F 266 33.87 11.74 -9.24
CA GLY F 266 34.73 12.29 -10.27
C GLY F 266 36.21 12.15 -10.03
N CYS F 267 36.62 11.39 -9.01
CA CYS F 267 38.03 11.22 -8.69
C CYS F 267 38.67 10.02 -9.38
N GLY F 268 37.89 9.19 -10.06
CA GLY F 268 38.42 8.06 -10.78
C GLY F 268 38.50 6.78 -9.98
N LYS F 269 37.53 6.54 -9.09
CA LYS F 269 37.52 5.32 -8.30
C LYS F 269 37.28 4.09 -9.19
N THR F 270 36.38 4.22 -10.16
CA THR F 270 36.12 3.11 -11.07
C THR F 270 37.38 2.76 -11.87
N LEU F 271 38.16 3.77 -12.26
CA LEU F 271 39.41 3.49 -12.95
C LEU F 271 40.36 2.69 -12.08
N LEU F 272 40.46 3.04 -10.80
CA LEU F 272 41.31 2.28 -9.88
C LEU F 272 40.81 0.85 -9.72
N ALA F 273 39.49 0.68 -9.60
CA ALA F 273 38.94 -0.67 -9.51
C ALA F 273 39.27 -1.48 -10.74
N ARG F 274 39.12 -0.88 -11.93
CA ARG F 274 39.45 -1.59 -13.16
C ARG F 274 40.93 -1.96 -13.19
N GLN F 275 41.80 -1.04 -12.78
CA GLN F 275 43.24 -1.33 -12.82
C GLN F 275 43.60 -2.45 -11.86
N ILE F 276 43.05 -2.42 -10.64
CA ILE F 276 43.41 -3.46 -9.67
C ILE F 276 42.85 -4.81 -10.10
N GLY F 277 41.63 -4.83 -10.66
CA GLY F 277 41.10 -6.08 -11.18
C GLY F 277 41.92 -6.62 -12.34
N LYS F 278 42.33 -5.74 -13.25
CA LYS F 278 43.10 -6.17 -14.42
C LYS F 278 44.46 -6.71 -14.00
N MET F 279 45.21 -5.94 -13.21
CA MET F 279 46.63 -6.23 -13.04
C MET F 279 46.85 -7.44 -12.14
N LEU F 280 45.96 -7.66 -11.16
CA LEU F 280 45.93 -8.93 -10.47
C LEU F 280 45.59 -10.05 -11.43
N ASN F 281 46.19 -11.22 -11.22
CA ASN F 281 45.91 -12.40 -12.04
C ASN F 281 44.58 -13.02 -11.61
N ALA F 282 43.53 -12.22 -11.72
CA ALA F 282 42.16 -12.61 -11.39
C ALA F 282 41.28 -12.38 -12.61
N ARG F 283 39.97 -12.56 -12.42
CA ARG F 283 39.04 -12.45 -13.54
C ARG F 283 38.65 -11.00 -13.76
N GLU F 284 38.14 -10.74 -14.96
CA GLU F 284 37.71 -9.39 -15.30
C GLU F 284 36.58 -8.96 -14.36
N PRO F 285 36.68 -7.79 -13.73
CA PRO F 285 35.68 -7.44 -12.71
C PRO F 285 34.31 -7.22 -13.31
N LYS F 286 33.29 -7.51 -12.49
CA LYS F 286 31.90 -7.34 -12.85
C LYS F 286 31.31 -6.22 -12.01
N VAL F 287 30.53 -5.35 -12.65
CA VAL F 287 30.11 -4.09 -12.06
C VAL F 287 28.62 -4.16 -11.76
N VAL F 288 28.25 -3.82 -10.51
CA VAL F 288 26.87 -3.76 -10.06
C VAL F 288 26.70 -2.48 -9.28
N ASN F 289 25.56 -1.81 -9.45
CA ASN F 289 25.31 -0.55 -8.79
C ASN F 289 24.73 -0.80 -7.40
N GLY F 290 24.18 0.25 -6.78
CA GLY F 290 23.80 0.20 -5.39
C GLY F 290 22.30 0.02 -5.18
N PRO F 291 21.59 1.12 -4.92
CA PRO F 291 20.19 1.01 -4.48
C PRO F 291 19.29 0.23 -5.42
N GLU F 292 19.67 0.08 -6.69
CA GLU F 292 18.84 -0.68 -7.63
C GLU F 292 18.64 -2.12 -7.18
N ILE F 293 19.52 -2.63 -6.31
CA ILE F 293 19.32 -3.96 -5.74
C ILE F 293 17.99 -4.02 -4.98
N LEU F 294 17.72 -2.97 -4.19
CA LEU F 294 16.52 -2.91 -3.33
C LEU F 294 15.40 -2.18 -4.06
N ASN F 295 14.19 -2.73 -4.04
CA ASN F 295 13.01 -2.13 -4.71
C ASN F 295 11.80 -2.27 -3.78
N LYS F 296 10.64 -1.75 -4.16
CA LYS F 296 9.40 -1.95 -3.37
C LYS F 296 9.16 -3.46 -3.29
N TYR F 297 8.39 -3.90 -2.28
CA TYR F 297 7.78 -5.25 -2.14
C TYR F 297 8.56 -6.09 -1.13
N VAL F 298 7.88 -6.70 -0.15
CA VAL F 298 8.49 -7.60 0.82
C VAL F 298 8.75 -8.94 0.18
N GLY F 299 9.99 -9.43 0.28
CA GLY F 299 10.43 -10.67 -0.32
C GLY F 299 11.41 -10.48 -1.46
N GLU F 300 11.39 -9.30 -2.10
CA GLU F 300 12.33 -8.96 -3.20
C GLU F 300 13.73 -8.80 -2.60
N SER F 301 13.87 -8.30 -1.37
CA SER F 301 15.14 -8.13 -0.68
C SER F 301 15.73 -9.45 -0.21
N GLU F 302 15.05 -10.56 -0.47
CA GLU F 302 15.56 -11.89 -0.16
C GLU F 302 15.94 -12.65 -1.43
N ALA F 303 15.03 -12.80 -2.37
CA ALA F 303 15.35 -13.51 -3.61
C ALA F 303 16.46 -12.79 -4.38
N ASN F 304 16.36 -11.46 -4.51
CA ASN F 304 17.36 -10.74 -5.27
C ASN F 304 18.73 -10.82 -4.61
N ILE F 305 18.79 -10.66 -3.29
CA ILE F 305 20.08 -10.73 -2.61
C ILE F 305 20.66 -12.13 -2.72
N ARG F 306 19.81 -13.16 -2.59
CA ARG F 306 20.29 -14.52 -2.72
C ARG F 306 20.80 -14.81 -4.13
N LYS F 307 20.20 -14.16 -5.14
CA LYS F 307 20.62 -14.39 -6.52
C LYS F 307 22.09 -14.06 -6.71
N LEU F 308 22.54 -12.91 -6.19
CA LEU F 308 23.91 -12.47 -6.40
C LEU F 308 24.90 -13.48 -5.85
N PHE F 309 24.74 -13.86 -4.58
CA PHE F 309 25.66 -14.81 -3.97
C PHE F 309 25.54 -16.19 -4.60
N ALA F 310 24.33 -16.60 -4.98
CA ALA F 310 24.16 -17.90 -5.64
C ALA F 310 24.91 -17.95 -6.96
N ASP F 311 24.92 -16.84 -7.71
CA ASP F 311 25.58 -16.83 -9.01
C ASP F 311 27.04 -17.27 -8.89
N ALA F 312 27.74 -16.76 -7.88
CA ALA F 312 29.11 -17.20 -7.61
C ALA F 312 29.14 -18.56 -6.92
N GLU F 313 28.08 -18.89 -6.18
CA GLU F 313 28.07 -20.14 -5.42
C GLU F 313 28.02 -21.35 -6.36
N GLU F 314 27.28 -21.27 -7.45
CA GLU F 314 27.28 -22.40 -8.38
C GLU F 314 28.67 -22.59 -8.97
N GLU F 315 29.34 -21.50 -9.33
CA GLU F 315 30.70 -21.62 -9.87
C GLU F 315 31.64 -22.23 -8.84
N GLN F 316 31.54 -21.81 -7.58
CA GLN F 316 32.39 -22.40 -6.55
C GLN F 316 32.08 -23.87 -6.32
N ARG F 317 30.79 -24.24 -6.32
CA ARG F 317 30.39 -25.63 -6.13
C ARG F 317 30.72 -26.51 -7.34
N ARG F 318 30.94 -25.91 -8.50
CA ARG F 318 31.34 -26.67 -9.68
C ARG F 318 32.86 -26.80 -9.78
N LEU F 319 33.59 -25.72 -9.53
CA LEU F 319 35.03 -25.69 -9.74
C LEU F 319 35.83 -26.08 -8.50
N GLY F 320 35.16 -26.36 -7.39
CA GLY F 320 35.87 -26.79 -6.19
C GLY F 320 36.50 -25.63 -5.44
N ALA F 321 37.32 -25.99 -4.46
CA ALA F 321 38.00 -24.97 -3.67
C ALA F 321 38.91 -24.12 -4.56
N ASN F 322 39.62 -24.75 -5.48
CA ASN F 322 40.47 -24.03 -6.43
C ASN F 322 39.56 -23.33 -7.43
N SER F 323 39.40 -22.02 -7.26
CA SER F 323 38.55 -21.23 -8.14
C SER F 323 39.00 -19.78 -8.09
N GLY F 324 38.55 -19.02 -9.09
CA GLY F 324 38.89 -17.61 -9.13
C GLY F 324 38.07 -16.79 -8.16
N LEU F 325 38.59 -15.62 -7.82
CA LEU F 325 37.92 -14.72 -6.90
C LEU F 325 36.89 -13.87 -7.64
N HIS F 326 35.68 -13.80 -7.08
CA HIS F 326 34.59 -13.04 -7.67
C HIS F 326 34.51 -11.69 -6.97
N ILE F 327 34.42 -10.62 -7.75
CA ILE F 327 34.42 -9.26 -7.24
C ILE F 327 33.02 -8.68 -7.38
N ILE F 328 32.35 -8.51 -6.25
CA ILE F 328 31.07 -7.80 -6.20
C ILE F 328 31.33 -6.42 -5.63
N ILE F 329 30.63 -5.42 -6.14
CA ILE F 329 30.74 -4.05 -5.69
C ILE F 329 29.38 -3.55 -5.25
N PHE F 330 29.30 -3.01 -4.04
CA PHE F 330 28.09 -2.39 -3.52
C PHE F 330 28.36 -0.92 -3.26
N ASP F 331 27.53 -0.05 -3.83
CA ASP F 331 27.69 1.39 -3.73
C ASP F 331 26.60 1.98 -2.87
N GLU F 332 26.96 2.98 -2.06
CA GLU F 332 26.04 3.60 -1.12
C GLU F 332 25.59 2.59 -0.07
N ILE F 333 26.57 1.93 0.55
CA ILE F 333 26.26 0.98 1.62
C ILE F 333 25.59 1.68 2.79
N ASP F 334 25.95 2.95 3.05
CA ASP F 334 25.45 3.64 4.23
C ASP F 334 23.93 3.71 4.24
N ALA F 335 23.30 3.68 3.05
CA ALA F 335 21.84 3.82 2.99
C ALA F 335 21.15 2.62 3.62
N ILE F 336 21.50 1.41 3.18
CA ILE F 336 20.79 0.22 3.66
C ILE F 336 21.10 -0.05 5.12
N CYS F 337 22.36 0.13 5.53
CA CYS F 337 22.75 -0.11 6.91
C CYS F 337 22.36 1.09 7.76
N LYS F 338 21.34 0.91 8.59
CA LYS F 338 20.87 1.98 9.47
C LYS F 338 20.00 1.40 10.59
N THR F 347 10.25 -0.11 9.05
CA THR F 347 11.63 0.35 9.27
C THR F 347 12.56 -0.83 9.54
N GLY F 348 11.98 -2.01 9.76
CA GLY F 348 12.77 -3.18 10.07
C GLY F 348 13.45 -3.81 8.88
N VAL F 349 13.23 -3.27 7.68
CA VAL F 349 13.89 -3.81 6.48
C VAL F 349 15.40 -3.68 6.61
N HIS F 350 15.87 -2.60 7.22
CA HIS F 350 17.31 -2.37 7.34
C HIS F 350 18.00 -3.52 8.05
N ASP F 351 17.49 -3.90 9.23
CA ASP F 351 18.15 -4.93 10.02
C ASP F 351 18.18 -6.26 9.29
N THR F 352 17.02 -6.67 8.75
CA THR F 352 16.95 -7.98 8.08
C THR F 352 17.83 -8.00 6.83
N VAL F 353 17.82 -6.92 6.06
CA VAL F 353 18.66 -6.88 4.85
C VAL F 353 20.14 -6.94 5.23
N VAL F 354 20.53 -6.17 6.25
CA VAL F 354 21.94 -6.17 6.66
C VAL F 354 22.35 -7.56 7.13
N ASN F 355 21.49 -8.21 7.93
CA ASN F 355 21.83 -9.53 8.43
C ASN F 355 21.91 -10.55 7.31
N GLN F 356 20.97 -10.50 6.36
CA GLN F 356 20.99 -11.43 5.24
C GLN F 356 22.23 -11.23 4.38
N LEU F 357 22.62 -9.97 4.16
CA LEU F 357 23.86 -9.70 3.44
C LEU F 357 25.07 -10.26 4.20
N LEU F 358 25.12 -10.02 5.51
CA LEU F 358 26.23 -10.49 6.32
C LEU F 358 26.29 -12.01 6.42
N SER F 359 25.17 -12.70 6.17
CA SER F 359 25.17 -14.15 6.31
C SER F 359 26.24 -14.80 5.45
N LYS F 360 26.32 -14.40 4.17
CA LYS F 360 27.27 -15.04 3.27
C LYS F 360 28.71 -14.71 3.65
N ILE F 361 29.00 -13.43 3.95
CA ILE F 361 30.37 -13.04 4.26
C ILE F 361 30.83 -13.58 5.60
N ASP F 362 29.90 -13.89 6.51
CA ASP F 362 30.30 -14.38 7.82
C ASP F 362 31.06 -15.70 7.72
N GLY F 363 30.83 -16.47 6.66
CA GLY F 363 31.46 -17.77 6.49
C GLY F 363 30.53 -18.94 6.62
N VAL F 364 29.26 -18.72 7.00
CA VAL F 364 28.32 -19.83 7.11
C VAL F 364 28.22 -20.57 5.78
N GLU F 365 28.08 -19.83 4.68
CA GLU F 365 28.07 -20.45 3.37
C GLU F 365 29.44 -20.94 2.93
N GLN F 366 30.50 -20.50 3.61
CA GLN F 366 31.88 -20.94 3.39
C GLN F 366 32.46 -20.41 2.08
N LEU F 367 31.67 -19.70 1.28
CA LEU F 367 32.14 -19.26 -0.03
C LEU F 367 33.45 -18.49 0.12
N ASN F 368 34.50 -19.00 -0.49
CA ASN F 368 35.84 -18.45 -0.38
C ASN F 368 36.21 -17.54 -1.55
N ASN F 369 35.24 -17.22 -2.43
CA ASN F 369 35.50 -16.41 -3.61
C ASN F 369 34.49 -15.27 -3.63
N ILE F 370 34.81 -14.20 -2.91
CA ILE F 370 34.03 -12.97 -2.90
C ILE F 370 34.96 -11.83 -2.55
N LEU F 371 34.77 -10.69 -3.21
CA LEU F 371 35.57 -9.48 -2.97
C LEU F 371 34.65 -8.27 -2.86
N VAL F 372 33.63 -8.39 -2.00
CA VAL F 372 32.67 -7.31 -1.77
C VAL F 372 33.40 -6.00 -1.47
N ILE F 373 33.22 -5.00 -2.32
CA ILE F 373 33.86 -3.70 -2.17
C ILE F 373 32.78 -2.68 -1.86
N GLY F 374 32.95 -1.95 -0.76
CA GLY F 374 31.95 -0.99 -0.30
C GLY F 374 32.28 0.44 -0.67
N MET F 375 31.28 1.13 -1.21
CA MET F 375 31.38 2.54 -1.58
C MET F 375 30.30 3.31 -0.86
N THR F 376 30.70 4.35 -0.13
CA THR F 376 29.75 5.21 0.57
C THR F 376 30.23 6.66 0.47
N ASN F 377 29.48 7.56 1.12
CA ASN F 377 29.88 8.95 1.24
C ASN F 377 29.64 9.51 2.63
N ARG F 378 29.06 8.75 3.55
CA ARG F 378 28.79 9.19 4.92
C ARG F 378 29.33 8.12 5.87
N PRO F 379 30.58 8.24 6.30
CA PRO F 379 31.17 7.20 7.16
C PRO F 379 30.52 7.09 8.53
N ASP F 380 29.64 8.01 8.89
CA ASP F 380 29.01 8.02 10.21
C ASP F 380 27.66 7.30 10.23
N LEU F 381 27.20 6.78 9.09
CA LEU F 381 25.92 6.09 9.02
C LEU F 381 26.10 4.66 8.51
N ILE F 382 27.09 3.96 9.05
CA ILE F 382 27.41 2.59 8.67
C ILE F 382 27.34 1.71 9.91
N ASP F 383 26.70 0.56 9.79
CA ASP F 383 26.51 -0.32 10.92
C ASP F 383 27.84 -0.81 11.47
N GLU F 384 28.01 -0.70 12.79
CA GLU F 384 29.24 -1.18 13.42
C GLU F 384 29.38 -2.69 13.27
N ALA F 385 28.28 -3.43 13.43
CA ALA F 385 28.34 -4.88 13.29
C ALA F 385 28.89 -5.28 11.94
N LEU F 386 28.52 -4.55 10.88
CA LEU F 386 29.07 -4.83 9.56
C LEU F 386 30.58 -4.57 9.51
N LEU F 387 31.07 -3.67 10.36
CA LEU F 387 32.48 -3.29 10.37
C LEU F 387 33.32 -4.14 11.32
N ARG F 388 32.72 -5.15 11.96
CA ARG F 388 33.46 -5.92 12.94
C ARG F 388 34.62 -6.64 12.27
N PRO F 389 35.67 -6.97 13.02
CA PRO F 389 36.86 -7.58 12.39
C PRO F 389 36.50 -8.87 11.67
N GLY F 390 37.19 -9.11 10.55
CA GLY F 390 36.97 -10.29 9.74
C GLY F 390 35.93 -10.13 8.66
N ARG F 391 35.23 -9.00 8.59
CA ARG F 391 34.23 -8.77 7.54
C ARG F 391 34.71 -7.71 6.55
N LEU F 392 34.99 -6.50 7.04
CA LEU F 392 35.60 -5.44 6.23
C LEU F 392 36.76 -4.89 7.06
N GLU F 393 37.93 -5.53 6.95
CA GLU F 393 39.05 -5.18 7.82
C GLU F 393 39.68 -3.85 7.43
N VAL F 394 39.77 -3.57 6.13
CA VAL F 394 40.54 -2.45 5.61
C VAL F 394 39.57 -1.39 5.10
N LYS F 395 39.99 -0.13 5.25
CA LYS F 395 39.19 1.01 4.81
C LYS F 395 40.13 2.10 4.34
N MET F 396 39.63 2.96 3.44
CA MET F 396 40.48 3.98 2.84
C MET F 396 39.60 5.01 2.15
N GLU F 397 40.07 6.26 2.15
CA GLU F 397 39.33 7.39 1.60
C GLU F 397 40.08 8.02 0.43
N ILE F 398 39.33 8.64 -0.48
CA ILE F 398 39.88 9.38 -1.61
C ILE F 398 39.81 10.86 -1.28
N GLY F 399 40.90 11.57 -1.57
CA GLY F 399 40.93 13.00 -1.30
C GLY F 399 40.52 13.86 -2.47
N LEU F 400 41.43 14.69 -2.95
CA LEU F 400 41.18 15.65 -4.01
C LEU F 400 41.75 15.15 -5.32
N PRO F 401 41.41 15.80 -6.44
CA PRO F 401 42.05 15.43 -7.72
C PRO F 401 43.54 15.73 -7.76
N ASP F 402 44.07 16.51 -6.81
CA ASP F 402 45.51 16.78 -6.75
C ASP F 402 45.92 17.74 -7.86
N GLU F 403 46.76 18.72 -7.54
CA GLU F 403 47.20 19.66 -8.56
C GLU F 403 48.00 18.95 -9.65
N LYS F 404 48.88 18.03 -9.26
CA LYS F 404 49.60 17.25 -10.26
C LYS F 404 48.66 16.27 -10.96
N GLY F 405 47.76 15.64 -10.19
CA GLY F 405 46.72 14.83 -10.81
C GLY F 405 45.82 15.65 -11.71
N ARG F 406 45.53 16.89 -11.30
CA ARG F 406 44.77 17.81 -12.16
C ARG F 406 45.52 18.07 -13.47
N LEU F 407 46.82 18.31 -13.37
CA LEU F 407 47.64 18.48 -14.57
C LEU F 407 47.55 17.25 -15.46
N GLN F 408 47.63 16.06 -14.87
CA GLN F 408 47.61 14.83 -15.66
C GLN F 408 46.28 14.65 -16.37
N ILE F 409 45.16 14.86 -15.67
CA ILE F 409 43.85 14.71 -16.29
C ILE F 409 43.68 15.73 -17.41
N LEU F 410 44.04 16.98 -17.14
CA LEU F 410 43.90 18.02 -18.17
C LEU F 410 44.81 17.72 -19.36
N HIS F 411 46.00 17.18 -19.10
CA HIS F 411 46.88 16.77 -20.20
C HIS F 411 46.23 15.68 -21.04
N ILE F 412 45.61 14.69 -20.38
CA ILE F 412 44.97 13.61 -21.13
C ILE F 412 43.84 14.15 -21.99
N HIS F 413 42.97 14.98 -21.40
CA HIS F 413 41.84 15.51 -22.16
C HIS F 413 42.31 16.43 -23.29
N THR F 414 43.32 17.25 -23.04
CA THR F 414 43.82 18.15 -24.08
C THR F 414 44.55 17.38 -25.17
N ALA F 415 45.19 16.26 -24.85
CA ALA F 415 45.76 15.41 -25.89
C ALA F 415 44.67 14.79 -26.74
N ARG F 416 43.58 14.34 -26.10
CA ARG F 416 42.44 13.83 -26.86
C ARG F 416 41.90 14.91 -27.80
N MET F 417 41.82 16.15 -27.32
CA MET F 417 41.43 17.27 -28.18
C MET F 417 42.43 17.46 -29.33
N ARG F 418 43.72 17.55 -29.01
CA ARG F 418 44.74 17.81 -30.02
C ARG F 418 44.88 16.68 -31.03
N GLY F 419 44.30 15.51 -30.75
CA GLY F 419 44.32 14.45 -31.74
C GLY F 419 43.97 14.92 -33.14
N HIS F 420 43.21 16.01 -33.26
CA HIS F 420 42.92 16.65 -34.53
C HIS F 420 43.58 18.01 -34.68
N GLN F 421 44.53 18.34 -33.82
CA GLN F 421 45.30 19.59 -33.87
C GLN F 421 44.44 20.83 -33.73
N LEU F 422 43.15 20.69 -33.38
CA LEU F 422 42.23 21.81 -33.41
C LEU F 422 42.41 22.74 -32.22
N LEU F 423 43.05 22.27 -31.15
CA LEU F 423 43.37 23.14 -30.03
C LEU F 423 44.44 24.14 -30.46
N SER F 424 44.22 25.41 -30.12
CA SER F 424 45.17 26.47 -30.47
C SER F 424 46.35 26.49 -29.51
N ALA F 425 47.53 26.77 -30.06
CA ALA F 425 48.76 26.75 -29.28
C ALA F 425 48.74 27.76 -28.13
N ASP F 426 47.90 28.79 -28.23
CA ASP F 426 47.79 29.76 -27.14
C ASP F 426 47.42 29.08 -25.83
N VAL F 427 46.75 27.93 -25.91
CA VAL F 427 46.38 27.18 -24.71
C VAL F 427 47.62 26.61 -24.05
N ASP F 428 47.69 26.73 -22.74
CA ASP F 428 48.74 26.11 -21.94
C ASP F 428 48.10 25.41 -20.75
N ILE F 429 48.51 24.16 -20.49
CA ILE F 429 47.91 23.39 -19.43
C ILE F 429 48.26 23.96 -18.06
N LYS F 430 49.49 24.46 -17.90
CA LYS F 430 49.99 24.81 -16.58
C LYS F 430 49.17 25.92 -15.95
N GLU F 431 49.00 27.04 -16.67
CA GLU F 431 48.28 28.17 -16.09
C GLU F 431 46.82 27.81 -15.82
N LEU F 432 46.18 27.09 -16.74
CA LEU F 432 44.79 26.68 -16.53
C LEU F 432 44.67 25.83 -15.26
N ALA F 433 45.51 24.81 -15.13
CA ALA F 433 45.47 23.96 -13.94
C ALA F 433 45.73 24.78 -12.68
N VAL F 434 46.60 25.77 -12.77
CA VAL F 434 46.85 26.65 -11.63
C VAL F 434 45.57 27.40 -11.27
N GLU F 435 44.86 27.92 -12.27
CA GLU F 435 43.60 28.62 -12.01
C GLU F 435 42.58 27.67 -11.39
N THR F 436 42.42 26.48 -11.97
CA THR F 436 41.43 25.52 -11.49
C THR F 436 41.94 24.86 -10.22
N LYS F 437 41.25 25.08 -9.11
CA LYS F 437 41.62 24.53 -7.81
C LYS F 437 40.51 23.59 -7.34
N ASN F 438 40.87 22.34 -7.08
CA ASN F 438 39.93 21.31 -6.62
C ASN F 438 38.71 21.26 -7.54
N PHE F 439 38.96 21.22 -8.84
CA PHE F 439 37.92 20.97 -9.83
C PHE F 439 37.95 19.48 -10.13
N SER F 440 36.93 18.76 -9.67
CA SER F 440 36.86 17.33 -9.90
C SER F 440 36.93 17.04 -11.39
N GLY F 441 37.28 15.80 -11.72
CA GLY F 441 37.36 15.41 -13.11
C GLY F 441 36.08 15.72 -13.87
N ALA F 442 34.94 15.48 -13.23
CA ALA F 442 33.66 15.89 -13.81
C ALA F 442 33.62 17.41 -13.99
N GLU F 443 34.08 18.15 -12.98
CA GLU F 443 34.12 19.61 -13.10
C GLU F 443 35.06 20.06 -14.21
N LEU F 444 36.22 19.42 -14.32
CA LEU F 444 37.16 19.79 -15.38
C LEU F 444 36.58 19.50 -16.76
N GLU F 445 35.92 18.35 -16.91
CA GLU F 445 35.28 18.04 -18.19
C GLU F 445 34.16 19.01 -18.49
N GLY F 446 33.40 19.41 -17.47
CA GLY F 446 32.37 20.42 -17.66
C GLY F 446 32.94 21.77 -18.07
N LEU F 447 34.09 22.13 -17.50
CA LEU F 447 34.76 23.35 -17.91
C LEU F 447 35.18 23.27 -19.37
N VAL F 448 35.75 22.15 -19.78
CA VAL F 448 36.12 21.96 -21.19
C VAL F 448 34.88 22.06 -22.08
N ARG F 449 33.78 21.43 -21.64
CA ARG F 449 32.54 21.48 -22.42
C ARG F 449 32.04 22.91 -22.57
N ALA F 450 32.03 23.67 -21.47
CA ALA F 450 31.56 25.05 -21.54
C ALA F 450 32.47 25.89 -22.43
N ALA F 451 33.78 25.63 -22.38
CA ALA F 451 34.70 26.33 -23.28
C ALA F 451 34.36 26.02 -24.74
N GLN F 452 34.14 24.75 -25.05
CA GLN F 452 33.75 24.40 -26.42
C GLN F 452 32.45 25.09 -26.80
N SER F 453 31.48 25.13 -25.89
CA SER F 453 30.20 25.74 -26.19
C SER F 453 30.34 27.23 -26.47
N THR F 454 31.10 27.94 -25.64
CA THR F 454 31.25 29.38 -25.85
C THR F 454 32.05 29.66 -27.12
N ALA F 455 33.07 28.83 -27.41
CA ALA F 455 33.82 29.03 -28.65
C ALA F 455 32.94 28.81 -29.89
N MET F 456 32.16 27.72 -29.89
CA MET F 456 31.29 27.48 -31.04
C MET F 456 30.20 28.53 -31.14
N ASN F 457 29.78 29.11 -30.00
CA ASN F 457 28.81 30.18 -30.04
C ASN F 457 29.40 31.45 -30.65
N ARG F 458 30.62 31.81 -30.25
CA ARG F 458 31.34 32.88 -30.94
C ARG F 458 31.42 32.60 -32.43
N HIS F 459 31.68 31.34 -32.79
CA HIS F 459 31.79 30.98 -34.21
C HIS F 459 30.48 31.23 -34.94
N ILE F 460 29.37 30.70 -34.42
CA ILE F 460 28.10 30.82 -35.11
C ILE F 460 27.66 32.27 -35.19
N LYS F 461 27.85 33.03 -34.11
CA LYS F 461 27.46 34.43 -34.13
C LYS F 461 28.18 35.22 -35.22
N ALA F 462 29.31 34.73 -35.71
CA ALA F 462 30.04 35.38 -36.79
C ALA F 462 29.12 35.65 -37.97
N MET F 470 31.51 29.48 -44.38
CA MET F 470 31.98 28.20 -43.86
C MET F 470 33.46 28.35 -43.51
N GLU F 471 34.11 29.37 -44.10
CA GLU F 471 35.51 29.62 -43.81
C GLU F 471 35.77 29.75 -42.31
N LYS F 472 34.80 30.29 -41.58
CA LYS F 472 34.92 30.33 -40.13
C LYS F 472 35.10 28.93 -39.56
N ALA F 473 34.29 27.97 -40.01
CA ALA F 473 34.40 26.60 -39.50
C ALA F 473 35.77 25.99 -39.77
N GLU F 474 36.32 26.16 -40.98
CA GLU F 474 37.69 25.72 -41.20
C GLU F 474 38.65 26.45 -40.27
N SER F 475 38.32 27.68 -39.89
CA SER F 475 39.17 28.46 -39.00
C SER F 475 38.81 28.26 -37.53
N LEU F 476 37.89 27.35 -37.22
CA LEU F 476 37.44 27.13 -35.85
C LEU F 476 38.63 26.72 -34.98
N GLN F 477 38.95 27.56 -34.00
CA GLN F 477 40.01 27.26 -33.03
C GLN F 477 39.59 27.80 -31.68
N VAL F 478 39.95 27.08 -30.62
CA VAL F 478 39.62 27.47 -29.25
C VAL F 478 40.83 28.17 -28.65
N THR F 479 40.60 29.34 -28.07
CA THR F 479 41.64 30.18 -27.50
C THR F 479 41.56 30.17 -25.98
N ARG F 480 42.57 30.80 -25.36
CA ARG F 480 42.60 30.93 -23.91
C ARG F 480 41.44 31.80 -23.43
N GLY F 481 41.00 32.75 -24.25
CA GLY F 481 39.92 33.63 -23.84
C GLY F 481 38.62 32.88 -23.58
N ASP F 482 38.31 31.91 -24.45
CA ASP F 482 37.12 31.09 -24.23
C ASP F 482 37.24 30.34 -22.90
N PHE F 483 38.43 29.81 -22.60
CA PHE F 483 38.62 29.09 -21.34
C PHE F 483 38.41 30.03 -20.15
N LEU F 484 38.97 31.23 -20.22
CA LEU F 484 38.82 32.18 -19.12
C LEU F 484 37.35 32.57 -18.94
N ALA F 485 36.65 32.84 -20.04
CA ALA F 485 35.25 33.21 -19.95
C ALA F 485 34.42 32.09 -19.33
N SER F 486 34.62 30.86 -19.80
CA SER F 486 33.88 29.73 -19.24
C SER F 486 34.20 29.53 -17.78
N LEU F 487 35.48 29.67 -17.41
CA LEU F 487 35.88 29.49 -16.02
C LEU F 487 35.21 30.52 -15.12
N GLU F 488 35.18 31.79 -15.55
CA GLU F 488 34.62 32.82 -14.69
C GLU F 488 33.09 32.76 -14.67
N ASN F 489 32.47 32.28 -15.76
CA ASN F 489 31.03 32.41 -15.93
C ASN F 489 30.27 31.12 -15.63
N ASP F 490 30.72 29.98 -16.15
CA ASP F 490 29.90 28.78 -16.18
C ASP F 490 30.22 27.79 -15.06
N ILE F 491 31.47 27.67 -14.65
CA ILE F 491 31.89 26.69 -13.65
C ILE F 491 32.20 27.43 -12.35
N LYS F 492 31.82 26.81 -11.23
CA LYS F 492 32.08 27.35 -9.91
C LYS F 492 33.07 26.45 -9.17
N PRO F 493 34.12 27.01 -8.57
CA PRO F 493 35.11 26.15 -7.89
C PRO F 493 34.50 25.46 -6.68
N ALA F 494 35.30 24.59 -6.08
CA ALA F 494 34.93 23.88 -4.86
C ALA F 494 35.83 24.21 -3.68
N PHE F 495 37.13 24.36 -3.91
CA PHE F 495 38.07 24.81 -2.88
C PHE F 495 38.93 25.93 -3.46
N GLY F 496 38.60 27.16 -3.11
CA GLY F 496 39.55 28.25 -3.24
C GLY F 496 39.09 29.50 -2.50
N THR F 497 39.93 29.98 -1.58
CA THR F 497 39.60 31.12 -0.74
C THR F 497 40.79 32.03 -0.46
N ASN F 498 42.03 31.56 -0.62
CA ASN F 498 43.19 32.37 -0.27
C ASN F 498 43.21 33.70 -1.02
N GLN F 499 42.95 33.67 -2.33
CA GLN F 499 43.05 34.88 -3.14
C GLN F 499 41.98 35.89 -2.75
N GLU F 500 40.73 35.42 -2.60
CA GLU F 500 39.66 36.33 -2.21
C GLU F 500 39.90 36.88 -0.81
N ASP F 501 40.44 36.04 0.09
CA ASP F 501 40.76 36.51 1.43
C ASP F 501 41.80 37.62 1.40
N TYR F 502 42.90 37.39 0.67
CA TYR F 502 43.94 38.41 0.56
C TYR F 502 43.41 39.69 -0.05
N ALA F 503 42.56 39.58 -1.07
CA ALA F 503 41.99 40.78 -1.68
C ALA F 503 41.10 41.53 -0.70
N SER F 504 40.20 40.81 -0.01
CA SER F 504 39.24 41.46 0.87
C SER F 504 39.93 42.13 2.05
N TYR F 505 40.89 41.45 2.69
CA TYR F 505 41.48 42.00 3.91
C TYR F 505 42.56 43.03 3.60
N ILE F 506 43.43 42.75 2.63
CA ILE F 506 44.39 43.75 2.17
C ILE F 506 43.73 44.46 0.99
N MET F 507 42.98 45.52 1.29
CA MET F 507 42.19 46.21 0.28
C MET F 507 42.92 47.39 -0.35
N ASN F 508 43.78 48.09 0.41
CA ASN F 508 44.53 49.22 -0.11
C ASN F 508 46.04 49.01 -0.03
N GLY F 509 46.49 47.76 0.09
CA GLY F 509 47.90 47.46 0.12
C GLY F 509 48.63 48.10 1.29
N ILE F 510 49.93 47.82 1.39
CA ILE F 510 50.78 48.37 2.44
C ILE F 510 51.55 49.54 1.87
N ILE F 511 51.47 50.68 2.55
CA ILE F 511 52.15 51.92 2.14
C ILE F 511 53.07 52.30 3.29
N LYS F 512 54.38 52.05 3.12
CA LYS F 512 55.33 52.39 4.17
C LYS F 512 55.29 53.87 4.49
N TRP F 513 55.28 54.19 5.78
CA TRP F 513 55.33 55.57 6.24
C TRP F 513 56.36 55.83 7.32
N GLY F 514 56.98 54.79 7.88
CA GLY F 514 57.98 55.01 8.90
C GLY F 514 58.74 53.73 9.20
N ASP F 515 59.60 53.82 10.22
CA ASP F 515 60.42 52.68 10.60
C ASP F 515 59.60 51.47 11.04
N PRO F 516 58.57 51.60 11.87
CA PRO F 516 57.95 50.41 12.48
C PRO F 516 57.51 49.35 11.48
N VAL F 517 57.03 49.74 10.30
CA VAL F 517 56.56 48.75 9.33
C VAL F 517 57.70 47.79 8.97
N THR F 518 58.88 48.36 8.69
CA THR F 518 60.03 47.52 8.34
C THR F 518 60.42 46.61 9.51
N ARG F 519 60.39 47.15 10.73
CA ARG F 519 60.71 46.34 11.90
C ARG F 519 59.75 45.16 12.03
N VAL F 520 58.46 45.42 11.87
CA VAL F 520 57.46 44.36 12.00
C VAL F 520 57.68 43.31 10.93
N LEU F 521 57.92 43.75 9.68
CA LEU F 521 58.13 42.79 8.61
C LEU F 521 59.36 41.94 8.85
N ASP F 522 60.45 42.56 9.30
CA ASP F 522 61.67 41.81 9.57
C ASP F 522 61.47 40.80 10.69
N ASP F 523 60.78 41.21 11.77
CA ASP F 523 60.52 40.28 12.87
C ASP F 523 59.65 39.12 12.40
N GLY F 524 58.63 39.40 11.60
CA GLY F 524 57.80 38.34 11.07
C GLY F 524 58.58 37.37 10.22
N GLU F 525 59.44 37.89 9.34
CA GLU F 525 60.26 37.01 8.51
C GLU F 525 61.19 36.15 9.38
N LEU F 526 61.81 36.76 10.39
CA LEU F 526 62.71 36.00 11.25
C LEU F 526 61.97 34.90 12.00
N LEU F 527 60.76 35.19 12.49
CA LEU F 527 59.99 34.18 13.20
C LEU F 527 59.53 33.07 12.26
N VAL F 528 59.14 33.43 11.04
CA VAL F 528 58.82 32.43 10.03
C VAL F 528 60.03 31.53 9.78
N GLN F 529 61.21 32.13 9.69
CA GLN F 529 62.43 31.34 9.50
C GLN F 529 62.64 30.39 10.67
N GLN F 530 62.52 30.89 11.90
CA GLN F 530 62.75 30.03 13.06
C GLN F 530 61.78 28.86 13.08
N THR F 531 60.50 29.10 12.81
CA THR F 531 59.55 28.01 12.82
C THR F 531 59.75 27.08 11.62
N LYS F 532 60.29 27.60 10.52
CA LYS F 532 60.50 26.77 9.33
C LYS F 532 61.47 25.64 9.61
N ASN F 533 62.66 25.96 10.12
CA ASN F 533 63.76 25.00 10.28
C ASN F 533 64.26 25.06 11.72
N SER F 534 63.81 24.10 12.52
CA SER F 534 64.27 23.98 13.89
C SER F 534 63.72 22.67 14.46
N ASP F 535 64.38 22.20 15.51
CA ASP F 535 63.96 21.03 16.26
C ASP F 535 63.66 21.45 17.69
N ARG F 536 63.15 20.49 18.47
CA ARG F 536 62.84 20.64 19.89
C ARG F 536 61.88 21.80 20.16
N THR F 537 61.30 22.39 19.11
CA THR F 537 60.39 23.52 19.25
C THR F 537 59.55 23.66 17.99
N PRO F 538 58.61 22.74 17.75
CA PRO F 538 57.81 22.78 16.53
C PRO F 538 56.64 23.74 16.58
N LEU F 539 56.46 24.50 17.66
CA LEU F 539 55.33 25.39 17.82
C LEU F 539 55.85 26.78 18.22
N VAL F 540 55.22 27.81 17.63
CA VAL F 540 55.61 29.20 17.87
C VAL F 540 54.34 30.05 17.89
N SER F 541 54.28 31.00 18.83
CA SER F 541 53.14 31.87 18.99
C SER F 541 53.58 33.33 19.02
N VAL F 542 52.75 34.21 18.47
CA VAL F 542 53.02 35.64 18.38
C VAL F 542 51.76 36.41 18.73
N LEU F 543 51.94 37.69 19.08
CA LEU F 543 50.81 38.58 19.38
C LEU F 543 51.12 39.98 18.88
N LEU F 544 50.22 40.52 18.07
CA LEU F 544 50.30 41.89 17.59
C LEU F 544 49.24 42.68 18.35
N GLU F 545 49.66 43.70 19.09
CA GLU F 545 48.76 44.52 19.88
C GLU F 545 49.02 45.98 19.57
N GLY F 546 47.96 46.77 19.59
CA GLY F 546 48.07 48.19 19.36
C GLY F 546 46.75 48.90 19.52
N PRO F 547 46.78 50.23 19.42
CA PRO F 547 45.55 51.02 19.52
C PRO F 547 44.64 50.70 18.35
N PRO F 548 43.33 50.92 18.49
CA PRO F 548 42.41 50.58 17.40
C PRO F 548 42.71 51.40 16.16
N HIS F 549 42.40 50.81 15.00
CA HIS F 549 42.58 51.45 13.70
C HIS F 549 44.05 51.66 13.36
N SER F 550 44.95 50.87 13.96
CA SER F 550 46.38 50.98 13.75
C SER F 550 46.88 50.07 12.63
N GLY F 551 45.98 49.48 11.86
CA GLY F 551 46.38 48.65 10.73
C GLY F 551 47.03 47.35 11.13
N LYS F 552 46.47 46.66 12.12
CA LYS F 552 47.00 45.37 12.55
C LYS F 552 46.63 44.26 11.59
N THR F 553 45.35 44.15 11.24
CA THR F 553 44.88 43.05 10.39
C THR F 553 45.66 43.00 9.08
N ALA F 554 45.85 44.15 8.44
CA ALA F 554 46.56 44.18 7.17
C ALA F 554 47.99 43.67 7.34
N LEU F 555 48.66 44.09 8.42
CA LEU F 555 50.03 43.65 8.65
C LEU F 555 50.10 42.14 8.86
N ALA F 556 49.16 41.58 9.63
CA ALA F 556 49.15 40.14 9.83
C ALA F 556 48.89 39.41 8.52
N ALA F 557 47.95 39.89 7.71
CA ALA F 557 47.70 39.26 6.41
C ALA F 557 48.94 39.30 5.54
N LYS F 558 49.64 40.44 5.49
CA LYS F 558 50.84 40.55 4.68
C LYS F 558 51.92 39.60 5.19
N ILE F 559 52.11 39.54 6.50
CA ILE F 559 53.12 38.65 7.06
C ILE F 559 52.82 37.20 6.69
N ALA F 560 51.56 36.80 6.84
CA ALA F 560 51.18 35.43 6.49
C ALA F 560 51.40 35.17 5.01
N GLU F 561 51.07 36.14 4.16
CA GLU F 561 51.23 35.96 2.73
C GLU F 561 52.70 35.86 2.33
N GLU F 562 53.59 36.56 3.04
CA GLU F 562 55.00 36.54 2.67
C GLU F 562 55.57 35.13 2.72
N SER F 563 55.26 34.37 3.77
CA SER F 563 55.64 32.97 3.81
C SER F 563 54.88 32.18 2.75
N ASN F 564 55.50 31.10 2.30
CA ASN F 564 54.96 30.25 1.24
C ASN F 564 54.55 28.88 1.77
N PHE F 565 53.99 28.85 2.97
CA PHE F 565 53.61 27.58 3.58
C PHE F 565 52.54 26.89 2.73
N PRO F 566 52.56 25.56 2.62
CA PRO F 566 51.55 24.89 1.79
C PRO F 566 50.12 25.14 2.23
N PHE F 567 49.87 25.30 3.53
CA PHE F 567 48.52 25.50 4.06
C PHE F 567 48.45 26.84 4.77
N ILE F 568 47.40 27.61 4.45
CA ILE F 568 47.14 28.88 5.12
C ILE F 568 45.64 29.03 5.29
N LYS F 569 45.23 29.69 6.36
CA LYS F 569 43.82 29.88 6.65
C LYS F 569 43.68 30.96 7.71
N ILE F 570 42.53 31.65 7.68
CA ILE F 570 42.23 32.71 8.62
C ILE F 570 40.89 32.41 9.27
N CYS F 571 40.85 32.46 10.60
CA CYS F 571 39.62 32.29 11.38
C CYS F 571 39.22 33.65 11.92
N SER F 572 38.10 34.17 11.43
CA SER F 572 37.60 35.48 11.81
C SER F 572 36.15 35.38 12.28
N PRO F 573 35.74 36.24 13.21
CA PRO F 573 34.36 36.19 13.70
C PRO F 573 33.33 36.54 12.63
N ASP F 574 33.74 37.15 11.52
CA ASP F 574 32.80 37.57 10.49
C ASP F 574 31.91 36.44 10.01
N LYS F 575 32.35 35.18 10.16
CA LYS F 575 31.64 34.02 9.64
C LYS F 575 30.95 33.23 10.74
N MET F 576 30.71 33.85 11.89
CA MET F 576 30.04 33.17 13.00
C MET F 576 28.97 34.08 13.59
N ILE F 577 28.40 34.97 12.77
CA ILE F 577 27.36 35.88 13.26
C ILE F 577 26.18 35.07 13.77
N GLY F 578 25.78 35.34 15.01
CA GLY F 578 24.64 34.67 15.60
C GLY F 578 24.93 33.28 16.10
N PHE F 579 26.17 32.80 15.99
CA PHE F 579 26.51 31.48 16.45
C PHE F 579 26.47 31.40 17.97
N SER F 580 26.42 30.19 18.48
CA SER F 580 26.56 29.93 19.92
C SER F 580 27.97 29.43 20.21
N GLU F 581 28.33 29.46 21.50
CA GLU F 581 29.70 29.11 21.89
C GLU F 581 30.08 27.72 21.38
N THR F 582 29.17 26.76 21.46
CA THR F 582 29.48 25.40 21.00
C THR F 582 29.79 25.40 19.51
N ALA F 583 29.02 26.15 18.72
CA ALA F 583 29.30 26.24 17.29
C ALA F 583 30.68 26.83 17.05
N LYS F 584 31.04 27.87 17.81
CA LYS F 584 32.35 28.49 17.65
C LYS F 584 33.46 27.49 17.93
N CYS F 585 33.34 26.74 19.03
CA CYS F 585 34.40 25.80 19.37
C CYS F 585 34.46 24.66 18.35
N GLN F 586 33.31 24.22 17.83
CA GLN F 586 33.33 23.20 16.80
C GLN F 586 34.04 23.69 15.54
N ALA F 587 33.73 24.92 15.11
CA ALA F 587 34.41 25.48 13.95
C ALA F 587 35.91 25.54 14.18
N MET F 588 36.32 25.99 15.37
CA MET F 588 37.75 26.14 15.63
C MET F 588 38.45 24.78 15.69
N LYS F 589 37.79 23.79 16.29
CA LYS F 589 38.35 22.44 16.28
C LYS F 589 38.53 21.94 14.85
N LYS F 590 37.52 22.14 14.00
CA LYS F 590 37.64 21.69 12.62
C LYS F 590 38.80 22.37 11.92
N ILE F 591 38.93 23.69 12.08
CA ILE F 591 39.98 24.41 11.38
C ILE F 591 41.35 23.95 11.87
N PHE F 592 41.51 23.78 13.18
CA PHE F 592 42.81 23.36 13.70
C PHE F 592 43.14 21.93 13.27
N ASP F 593 42.15 21.02 13.32
CA ASP F 593 42.39 19.65 12.86
C ASP F 593 42.80 19.64 11.39
N ASP F 594 42.12 20.43 10.56
CA ASP F 594 42.53 20.52 9.17
C ASP F 594 43.97 21.03 9.05
N ALA F 595 44.31 22.06 9.82
CA ALA F 595 45.68 22.56 9.82
C ALA F 595 46.68 21.50 10.25
N TYR F 596 46.24 20.53 11.06
CA TYR F 596 47.14 19.50 11.57
C TYR F 596 47.59 18.51 10.50
N LYS F 597 47.09 18.61 9.27
CA LYS F 597 47.37 17.59 8.26
C LYS F 597 48.64 17.87 7.48
N SER F 598 48.83 19.10 7.00
CA SER F 598 49.98 19.40 6.16
C SER F 598 51.27 19.30 6.98
N GLN F 599 52.39 19.32 6.27
CA GLN F 599 53.68 19.21 6.95
C GLN F 599 53.97 20.44 7.79
N LEU F 600 53.62 21.63 7.28
CA LEU F 600 53.84 22.87 8.01
C LEU F 600 52.78 23.87 7.55
N SER F 601 52.28 24.66 8.50
CA SER F 601 51.17 25.56 8.21
C SER F 601 51.21 26.75 9.17
N CYS F 602 50.45 27.78 8.81
CA CYS F 602 50.30 28.98 9.63
C CYS F 602 48.82 29.31 9.74
N VAL F 603 48.43 29.85 10.89
CA VAL F 603 47.04 30.19 11.16
C VAL F 603 46.97 31.61 11.73
N VAL F 604 45.84 32.26 11.48
CA VAL F 604 45.62 33.66 11.84
C VAL F 604 44.31 33.78 12.60
N VAL F 605 44.35 34.44 13.75
CA VAL F 605 43.15 34.77 14.51
C VAL F 605 43.16 36.27 14.79
N ASP F 606 42.11 36.96 14.37
CA ASP F 606 42.01 38.39 14.53
C ASP F 606 40.78 38.74 15.35
N ASP F 607 40.90 39.82 16.13
CA ASP F 607 39.83 40.27 17.02
C ASP F 607 39.51 39.19 18.05
N ILE F 608 40.54 38.82 18.82
CA ILE F 608 40.34 37.82 19.86
C ILE F 608 39.24 38.28 20.82
N GLU F 609 39.26 39.57 21.18
CA GLU F 609 38.23 40.11 22.04
C GLU F 609 36.85 39.97 21.42
N ARG F 610 36.76 39.87 20.09
CA ARG F 610 35.47 39.58 19.47
C ARG F 610 35.20 38.09 19.45
N LEU F 611 36.23 37.26 19.23
CA LEU F 611 36.03 35.82 19.23
C LEU F 611 35.43 35.35 20.54
N LEU F 612 36.05 35.73 21.66
CA LEU F 612 35.47 35.56 22.98
C LEU F 612 34.76 36.86 23.33
N ASP F 613 33.44 36.80 23.46
CA ASP F 613 32.68 38.01 23.76
C ASP F 613 33.21 38.68 25.02
N TYR F 614 33.48 39.98 24.92
CA TYR F 614 33.96 40.75 26.06
C TYR F 614 33.22 42.09 26.12
N VAL F 615 32.89 42.52 27.32
CA VAL F 615 32.26 43.83 27.53
C VAL F 615 32.85 44.44 28.80
N PRO F 616 33.17 45.74 28.82
CA PRO F 616 33.69 46.33 30.07
C PRO F 616 32.75 46.16 31.24
N ILE F 617 31.44 46.26 31.00
CA ILE F 617 30.47 46.16 32.09
C ILE F 617 30.42 44.73 32.60
N GLY F 618 30.36 44.57 33.91
CA GLY F 618 30.45 43.30 34.58
C GLY F 618 31.84 42.93 35.10
N PRO F 619 32.78 42.53 34.24
CA PRO F 619 32.68 42.23 32.80
C PRO F 619 31.99 40.90 32.54
N ARG F 620 31.67 40.59 31.29
CA ARG F 620 31.04 39.32 30.93
C ARG F 620 31.70 38.73 29.70
N PHE F 621 31.65 37.41 29.58
CA PHE F 621 32.32 36.70 28.50
C PHE F 621 31.96 35.22 28.58
N SER F 622 32.41 34.47 27.58
CA SER F 622 32.13 33.04 27.46
C SER F 622 33.37 32.27 27.90
N ASN F 623 33.30 31.67 29.09
CA ASN F 623 34.44 30.93 29.63
C ASN F 623 34.88 29.80 28.69
N LEU F 624 33.92 29.14 28.05
CA LEU F 624 34.22 27.93 27.28
C LEU F 624 35.20 28.24 26.15
N VAL F 625 34.94 29.31 25.39
CA VAL F 625 35.84 29.68 24.30
C VAL F 625 37.22 29.99 24.85
N LEU F 626 37.29 30.71 25.96
CA LEU F 626 38.59 31.09 26.53
C LEU F 626 39.39 29.84 26.89
N GLN F 627 38.73 28.87 27.54
CA GLN F 627 39.40 27.63 27.90
C GLN F 627 39.88 26.89 26.66
N ALA F 628 39.05 26.85 25.62
CA ALA F 628 39.45 26.16 24.39
C ALA F 628 40.67 26.82 23.76
N LEU F 629 40.69 28.15 23.70
CA LEU F 629 41.87 28.85 23.18
C LEU F 629 43.11 28.55 24.02
N LEU F 630 42.98 28.61 25.34
CA LEU F 630 44.14 28.35 26.18
C LEU F 630 44.68 26.95 25.92
N VAL F 631 43.80 25.95 25.84
CA VAL F 631 44.25 24.57 25.61
C VAL F 631 44.91 24.45 24.25
N LEU F 632 44.28 25.03 23.21
CA LEU F 632 44.81 24.87 21.86
C LEU F 632 46.16 25.55 21.68
N LEU F 633 46.38 26.68 22.36
CA LEU F 633 47.62 27.42 22.14
C LEU F 633 48.87 26.66 22.59
N LYS F 634 48.75 25.58 23.35
CA LYS F 634 49.89 24.84 23.85
C LYS F 634 49.70 23.35 23.60
N LYS F 635 49.43 22.99 22.35
CA LYS F 635 49.36 21.59 21.93
C LYS F 635 50.23 21.41 20.70
N ALA F 636 51.31 20.65 20.83
CA ALA F 636 52.16 20.38 19.70
C ALA F 636 51.43 19.48 18.71
N PRO F 637 51.67 19.65 17.41
CA PRO F 637 51.02 18.79 16.42
C PRO F 637 51.56 17.39 16.49
N PRO F 638 51.06 16.47 15.67
CA PRO F 638 51.64 15.13 15.61
C PRO F 638 53.12 15.19 15.27
N GLN F 639 53.79 14.06 15.46
CA GLN F 639 55.25 14.02 15.37
C GLN F 639 55.71 14.44 13.97
N GLY F 640 56.80 15.22 13.94
CA GLY F 640 57.48 15.57 12.72
C GLY F 640 56.94 16.80 12.02
N ARG F 641 55.75 17.25 12.37
CA ARG F 641 55.16 18.43 11.74
C ARG F 641 55.47 19.69 12.54
N LYS F 642 55.10 20.83 11.96
CA LYS F 642 55.36 22.14 12.54
C LYS F 642 54.15 23.03 12.31
N LEU F 643 54.06 24.10 13.10
CA LEU F 643 52.91 25.00 13.01
C LEU F 643 53.31 26.38 13.50
N LEU F 644 52.67 27.40 12.92
CA LEU F 644 52.82 28.77 13.38
C LEU F 644 51.44 29.39 13.57
N ILE F 645 51.31 30.23 14.59
CA ILE F 645 50.06 30.88 14.95
C ILE F 645 50.33 32.37 15.10
N ILE F 646 49.38 33.19 14.65
CA ILE F 646 49.45 34.63 14.86
C ILE F 646 48.08 35.11 15.34
N GLY F 647 48.09 35.90 16.39
CA GLY F 647 46.86 36.44 16.95
C GLY F 647 46.96 37.94 17.14
N THR F 648 45.85 38.63 16.91
CA THR F 648 45.81 40.08 16.98
C THR F 648 44.73 40.53 17.97
N THR F 649 45.02 41.64 18.64
CA THR F 649 44.09 42.23 19.60
C THR F 649 44.47 43.68 19.83
N SER F 650 43.67 44.37 20.65
CA SER F 650 43.93 45.77 20.96
C SER F 650 43.68 46.12 22.42
N ARG F 651 43.62 45.13 23.31
CA ARG F 651 43.29 45.36 24.71
C ARG F 651 44.21 44.53 25.61
N LYS F 652 45.51 44.60 25.33
CA LYS F 652 46.52 43.80 26.01
C LYS F 652 46.26 43.62 27.51
N ASP F 653 45.76 44.66 28.18
CA ASP F 653 45.61 44.58 29.63
C ASP F 653 44.65 43.46 30.03
N VAL F 654 43.50 43.37 29.35
CA VAL F 654 42.53 42.34 29.70
C VAL F 654 43.13 40.95 29.49
N LEU F 655 43.81 40.75 28.36
CA LEU F 655 44.47 39.47 28.11
C LEU F 655 45.49 39.16 29.21
N GLN F 656 46.21 40.18 29.68
CA GLN F 656 47.10 39.99 30.83
C GLN F 656 46.31 39.49 32.02
N GLU F 657 45.13 40.08 32.24
CA GLU F 657 44.32 39.71 33.40
C GLU F 657 43.86 38.25 33.32
N MET F 658 43.76 37.70 32.11
CA MET F 658 43.40 36.30 31.93
C MET F 658 44.59 35.37 31.88
N GLU F 659 45.80 35.87 32.16
CA GLU F 659 46.99 35.03 32.13
C GLU F 659 47.18 34.39 30.75
N MET F 660 46.82 35.11 29.69
CA MET F 660 47.02 34.59 28.35
C MET F 660 48.43 34.84 27.82
N LEU F 661 49.18 35.72 28.47
CA LEU F 661 50.50 36.06 27.97
C LEU F 661 51.56 35.05 28.40
N ASN F 662 51.26 34.21 29.39
CA ASN F 662 52.17 33.12 29.72
C ASN F 662 52.29 32.10 28.59
N ALA F 663 51.22 31.91 27.81
CA ALA F 663 51.26 30.92 26.74
C ALA F 663 51.98 31.44 25.50
N PHE F 664 51.59 32.62 25.04
CA PHE F 664 52.17 33.19 23.83
C PHE F 664 53.67 33.41 24.00
N SER F 665 54.44 32.99 23.00
CA SER F 665 55.89 33.05 23.10
C SER F 665 56.39 34.50 23.13
N THR F 666 55.84 35.36 22.27
CA THR F 666 56.30 36.74 22.19
C THR F 666 55.13 37.65 21.81
N THR F 667 55.43 38.93 21.66
CA THR F 667 54.43 39.93 21.30
C THR F 667 55.11 40.99 20.44
N ILE F 668 54.28 41.77 19.74
CA ILE F 668 54.76 42.85 18.88
C ILE F 668 53.85 44.06 19.08
N HIS F 669 54.42 45.25 18.91
CA HIS F 669 53.71 46.50 19.09
C HIS F 669 53.50 47.21 17.76
N VAL F 670 52.34 47.80 17.58
CA VAL F 670 52.00 48.59 16.39
C VAL F 670 51.67 50.01 16.85
N PRO F 671 52.58 50.96 16.65
CA PRO F 671 52.35 52.32 17.15
C PRO F 671 51.56 53.15 16.14
N ASN F 672 51.14 54.32 16.60
CA ASN F 672 50.42 55.27 15.75
C ASN F 672 51.38 56.32 15.19
N ILE F 673 50.83 57.16 14.32
CA ILE F 673 51.57 58.28 13.75
C ILE F 673 51.56 59.41 14.77
N ALA F 674 52.74 59.98 15.04
CA ALA F 674 52.88 60.88 16.18
C ALA F 674 53.72 62.12 15.91
N THR F 675 53.90 62.52 14.66
CA THR F 675 54.59 63.75 14.36
C THR F 675 54.02 64.37 13.09
N GLY F 676 54.10 65.71 13.02
CA GLY F 676 53.60 66.41 11.85
C GLY F 676 54.35 66.09 10.58
N GLU F 677 55.67 65.87 10.69
CA GLU F 677 56.45 65.51 9.52
C GLU F 677 55.96 64.20 8.91
N GLN F 678 55.68 63.20 9.76
CA GLN F 678 55.15 61.94 9.26
C GLN F 678 53.80 62.13 8.59
N LEU F 679 52.94 62.97 9.16
CA LEU F 679 51.65 63.24 8.53
C LEU F 679 51.83 63.88 7.16
N LEU F 680 52.73 64.87 7.07
CA LEU F 680 52.98 65.51 5.79
C LEU F 680 53.53 64.52 4.76
N GLU F 681 54.43 63.64 5.20
CA GLU F 681 54.99 62.64 4.29
C GLU F 681 53.90 61.70 3.79
N ALA F 682 53.03 61.24 4.68
CA ALA F 682 51.93 60.37 4.27
C ALA F 682 51.00 61.10 3.30
N LEU F 683 50.69 62.36 3.59
CA LEU F 683 49.81 63.12 2.70
C LEU F 683 50.41 63.24 1.32
N GLU F 684 51.69 63.63 1.24
CA GLU F 684 52.31 63.83 -0.07
C GLU F 684 52.41 62.51 -0.83
N LEU F 685 52.69 61.41 -0.12
CA LEU F 685 52.64 60.11 -0.77
C LEU F 685 51.25 59.83 -1.32
N LEU F 686 50.21 60.20 -0.57
CA LEU F 686 48.85 60.07 -1.07
C LEU F 686 48.57 61.05 -2.20
N GLY F 687 49.18 62.24 -2.14
CA GLY F 687 48.92 63.26 -3.14
C GLY F 687 47.94 64.30 -2.63
N ASN F 688 46.82 64.47 -3.34
CA ASN F 688 45.78 65.39 -2.92
C ASN F 688 46.35 66.80 -2.70
N PHE F 689 46.34 67.28 -1.46
CA PHE F 689 46.84 68.63 -1.21
C PHE F 689 48.31 68.73 -1.56
N LYS F 690 48.70 69.88 -2.11
CA LYS F 690 50.06 70.08 -2.59
C LYS F 690 50.30 71.59 -2.72
N ASP F 691 51.50 71.95 -3.16
CA ASP F 691 51.88 73.33 -3.47
C ASP F 691 51.42 74.22 -2.31
N LYS F 692 50.66 75.29 -2.57
CA LYS F 692 50.33 76.24 -1.51
C LYS F 692 49.53 75.59 -0.39
N GLU F 693 48.60 74.69 -0.73
CA GLU F 693 47.81 74.03 0.30
C GLU F 693 48.69 73.22 1.24
N ARG F 694 49.61 72.42 0.67
CA ARG F 694 50.52 71.67 1.52
C ARG F 694 51.45 72.58 2.31
N THR F 695 51.85 73.70 1.71
CA THR F 695 52.70 74.65 2.42
C THR F 695 51.99 75.21 3.65
N THR F 696 50.72 75.59 3.49
CA THR F 696 49.93 76.06 4.62
C THR F 696 49.74 74.95 5.64
N ILE F 697 49.47 73.74 5.19
CA ILE F 697 49.29 72.62 6.12
C ILE F 697 50.56 72.39 6.92
N ALA F 698 51.72 72.56 6.29
CA ALA F 698 52.98 72.42 7.02
C ALA F 698 53.18 73.58 7.99
N GLN F 699 52.88 74.80 7.56
CA GLN F 699 52.97 75.95 8.45
C GLN F 699 52.11 75.77 9.69
N GLN F 700 51.00 75.03 9.54
CA GLN F 700 50.13 74.77 10.68
C GLN F 700 50.65 73.62 11.53
N VAL F 701 50.82 72.44 10.94
CA VAL F 701 51.08 71.23 11.70
C VAL F 701 52.47 71.25 12.32
N LYS F 702 53.47 71.67 11.55
CA LYS F 702 54.85 71.52 11.99
C LYS F 702 55.05 72.20 13.35
N GLY F 703 55.80 71.54 14.22
CA GLY F 703 55.94 72.00 15.58
C GLY F 703 54.80 71.59 16.49
N LYS F 704 54.06 70.54 16.14
CA LYS F 704 52.91 70.08 16.89
C LYS F 704 53.00 68.58 17.10
N LYS F 705 51.98 68.02 17.75
CA LYS F 705 51.87 66.60 18.02
C LYS F 705 50.60 66.06 17.36
N VAL F 706 50.68 64.80 16.89
CA VAL F 706 49.55 64.12 16.29
C VAL F 706 49.45 62.73 16.93
N TRP F 707 48.26 62.15 16.83
CA TRP F 707 48.03 60.80 17.36
C TRP F 707 46.83 60.22 16.61
N ILE F 708 47.08 59.34 15.66
CA ILE F 708 46.02 58.87 14.77
C ILE F 708 46.47 57.59 14.09
N GLY F 709 45.50 56.76 13.71
CA GLY F 709 45.75 55.58 12.91
C GLY F 709 45.46 55.83 11.44
N ILE F 710 46.04 54.97 10.61
CA ILE F 710 45.93 55.14 9.16
C ILE F 710 44.47 55.10 8.71
N LYS F 711 43.71 54.15 9.24
CA LYS F 711 42.35 53.92 8.76
C LYS F 711 41.46 55.15 8.97
N LYS F 712 41.62 55.82 10.11
CA LYS F 712 40.81 57.01 10.38
C LYS F 712 41.27 58.19 9.54
N LEU F 713 42.59 58.33 9.34
CA LEU F 713 43.10 59.38 8.46
C LEU F 713 42.53 59.24 7.05
N LEU F 714 42.44 58.01 6.55
CA LEU F 714 41.85 57.82 5.22
C LEU F 714 40.40 58.27 5.16
N MET F 715 39.61 58.00 6.21
CA MET F 715 38.23 58.50 6.24
C MET F 715 38.21 60.02 6.24
N LEU F 716 39.05 60.65 7.06
CA LEU F 716 39.09 62.11 7.10
C LEU F 716 39.46 62.70 5.75
N ILE F 717 40.33 62.02 5.00
CA ILE F 717 40.75 62.55 3.71
C ILE F 717 39.55 62.64 2.76
N GLU F 718 38.80 61.55 2.64
CA GLU F 718 37.59 61.58 1.82
C GLU F 718 36.62 62.63 2.32
N MET F 719 36.43 62.72 3.64
CA MET F 719 35.46 63.65 4.18
C MET F 719 35.82 65.08 3.81
N SER F 720 37.10 65.45 3.91
CA SER F 720 37.52 66.77 3.48
C SER F 720 37.37 66.94 1.98
N LEU F 721 37.71 65.92 1.20
CA LEU F 721 37.67 66.04 -0.26
C LEU F 721 36.26 66.26 -0.78
N GLN F 722 35.24 65.78 -0.06
CA GLN F 722 33.88 65.94 -0.56
C GLN F 722 33.44 67.40 -0.67
N MET F 723 34.08 68.31 0.04
CA MET F 723 33.58 69.69 0.08
C MET F 723 33.97 70.44 -1.19
N ASP F 724 33.51 71.69 -1.28
CA ASP F 724 33.84 72.53 -2.40
C ASP F 724 35.34 72.72 -2.50
N PRO F 725 35.92 72.80 -3.70
CA PRO F 725 37.38 72.92 -3.81
C PRO F 725 37.94 74.11 -3.04
N GLU F 726 37.21 75.21 -2.98
CA GLU F 726 37.72 76.38 -2.27
C GLU F 726 37.93 76.09 -0.79
N TYR F 727 36.97 75.42 -0.16
CA TYR F 727 37.03 75.11 1.26
C TYR F 727 37.22 73.60 1.42
N ARG F 728 38.48 73.16 1.40
CA ARG F 728 38.81 71.78 1.67
C ARG F 728 39.91 71.63 2.72
N VAL F 729 40.90 72.52 2.72
CA VAL F 729 41.94 72.46 3.74
C VAL F 729 41.40 72.86 5.10
N ARG F 730 40.52 73.86 5.14
CA ARG F 730 39.99 74.33 6.40
C ARG F 730 39.24 73.21 7.14
N LYS F 731 38.37 72.49 6.42
CA LYS F 731 37.62 71.40 7.05
C LYS F 731 38.55 70.29 7.50
N PHE F 732 39.54 69.95 6.68
CA PHE F 732 40.48 68.89 7.04
C PHE F 732 41.23 69.25 8.32
N LEU F 733 41.71 70.51 8.40
CA LEU F 733 42.41 70.96 9.60
C LEU F 733 41.49 70.97 10.82
N ALA F 734 40.25 71.44 10.64
CA ALA F 734 39.32 71.46 11.76
C ALA F 734 39.04 70.06 12.27
N LEU F 735 38.83 69.11 11.37
CA LEU F 735 38.61 67.72 11.78
C LEU F 735 39.84 67.18 12.50
N LEU F 736 41.03 67.41 11.94
CA LEU F 736 42.26 66.88 12.53
C LEU F 736 42.45 67.42 13.94
N ARG F 737 42.21 68.72 14.13
CA ARG F 737 42.36 69.31 15.46
C ARG F 737 41.26 68.85 16.41
N GLU F 738 40.06 68.58 15.87
CA GLU F 738 38.93 68.19 16.71
C GLU F 738 39.24 66.92 17.49
N GLU F 739 39.82 65.92 16.82
CA GLU F 739 40.17 64.65 17.45
C GLU F 739 41.48 64.17 16.85
N GLY F 740 42.15 63.27 17.58
CA GLY F 740 43.44 62.78 17.19
C GLY F 740 44.61 63.51 17.81
N ALA F 741 44.37 64.65 18.46
CA ALA F 741 45.42 65.35 19.19
C ALA F 741 45.64 64.78 20.59
N SER F 742 44.84 63.79 20.99
CA SER F 742 44.99 63.17 22.29
C SER F 742 45.93 61.98 22.19
N PRO F 743 47.09 61.97 22.86
CA PRO F 743 47.98 60.81 22.79
C PRO F 743 47.32 59.53 23.31
N GLU G 40 -0.68 -9.51 -17.65
CA GLU G 40 -0.51 -10.69 -18.50
C GLU G 40 -1.55 -11.75 -18.15
N SER G 41 -1.80 -11.93 -16.86
CA SER G 41 -2.85 -12.85 -16.43
C SER G 41 -4.22 -12.40 -16.94
N LEU G 42 -4.45 -11.09 -17.02
CA LEU G 42 -5.73 -10.59 -17.49
C LEU G 42 -5.98 -10.99 -18.94
N GLU G 43 -5.03 -10.72 -19.83
CA GLU G 43 -5.19 -11.14 -21.22
C GLU G 43 -5.22 -12.66 -21.35
N SER G 44 -4.46 -13.36 -20.50
CA SER G 44 -4.54 -14.83 -20.50
C SER G 44 -5.95 -15.30 -20.22
N THR G 45 -6.61 -14.69 -19.24
CA THR G 45 -7.97 -15.08 -18.91
C THR G 45 -8.94 -14.67 -20.00
N ARG G 46 -8.69 -13.54 -20.66
CA ARG G 46 -9.49 -13.19 -21.84
C ARG G 46 -9.42 -14.30 -22.88
N ARG G 47 -8.20 -14.77 -23.16
CA ARG G 47 -7.99 -15.89 -24.10
C ARG G 47 -8.78 -17.08 -23.58
N MET G 48 -8.70 -17.40 -22.29
CA MET G 48 -9.38 -18.55 -21.71
C MET G 48 -10.88 -18.47 -21.97
N LEU G 49 -11.48 -17.32 -21.66
CA LEU G 49 -12.90 -17.11 -21.93
C LEU G 49 -13.23 -17.39 -23.39
N GLN G 50 -12.47 -16.77 -24.30
CA GLN G 50 -12.78 -16.90 -25.72
C GLN G 50 -12.72 -18.36 -26.15
N LEU G 51 -11.66 -19.06 -25.77
CA LEU G 51 -11.49 -20.46 -26.16
C LEU G 51 -12.61 -21.31 -25.58
N VAL G 52 -12.95 -21.10 -24.31
CA VAL G 52 -13.97 -21.94 -23.66
C VAL G 52 -15.31 -21.76 -24.35
N GLU G 53 -15.72 -20.50 -24.56
CA GLU G 53 -17.01 -20.27 -25.19
C GLU G 53 -17.04 -20.81 -26.61
N GLU G 54 -15.92 -20.70 -27.34
CA GLU G 54 -15.88 -21.23 -28.70
C GLU G 54 -16.04 -22.74 -28.70
N SER G 55 -15.28 -23.43 -27.84
CA SER G 55 -15.40 -24.88 -27.74
C SER G 55 -16.83 -25.28 -27.41
N LYS G 56 -17.46 -24.58 -26.46
CA LYS G 56 -18.85 -24.86 -26.12
C LYS G 56 -19.75 -24.73 -27.35
N ASP G 57 -19.66 -23.58 -28.03
CA ASP G 57 -20.57 -23.31 -29.14
C ASP G 57 -20.45 -24.38 -30.20
N ALA G 58 -19.23 -24.79 -30.53
CA ALA G 58 -19.07 -25.81 -31.55
C ALA G 58 -19.54 -27.18 -31.06
N GLY G 59 -19.24 -27.51 -29.79
CA GLY G 59 -19.63 -28.80 -29.27
C GLY G 59 -21.13 -29.00 -29.25
N ILE G 60 -21.89 -27.93 -29.00
CA ILE G 60 -23.34 -28.06 -29.00
C ILE G 60 -23.81 -28.63 -30.34
N ARG G 61 -23.25 -28.10 -31.44
CA ARG G 61 -23.61 -28.62 -32.75
C ARG G 61 -23.06 -30.02 -32.97
N THR G 62 -21.90 -30.33 -32.42
CA THR G 62 -21.41 -31.71 -32.44
C THR G 62 -22.46 -32.66 -31.87
N LEU G 63 -22.99 -32.31 -30.70
CA LEU G 63 -24.01 -33.15 -30.05
C LEU G 63 -25.26 -33.25 -30.91
N VAL G 64 -25.69 -32.13 -31.51
CA VAL G 64 -26.87 -32.17 -32.37
C VAL G 64 -26.64 -33.16 -33.50
N MET G 65 -25.47 -33.09 -34.13
CA MET G 65 -25.17 -34.01 -35.22
C MET G 65 -25.22 -35.46 -34.75
N LEU G 66 -24.61 -35.74 -33.59
CA LEU G 66 -24.59 -37.11 -33.08
C LEU G 66 -26.01 -37.60 -32.79
N ASP G 67 -26.86 -36.71 -32.28
CA ASP G 67 -28.27 -37.05 -32.08
C ASP G 67 -28.94 -37.40 -33.40
N GLU G 68 -28.66 -36.63 -34.45
CA GLU G 68 -29.21 -36.97 -35.76
C GLU G 68 -28.76 -38.35 -36.21
N GLN G 69 -27.48 -38.67 -36.01
CA GLN G 69 -26.97 -39.99 -36.38
C GLN G 69 -27.74 -41.08 -35.66
N GLY G 70 -27.85 -40.96 -34.33
CA GLY G 70 -28.62 -41.93 -33.56
C GLY G 70 -30.05 -42.05 -34.05
N GLU G 71 -30.70 -40.92 -34.30
CA GLU G 71 -32.08 -40.94 -34.79
C GLU G 71 -32.19 -41.76 -36.06
N GLN G 72 -31.27 -41.54 -37.00
CA GLN G 72 -31.29 -42.24 -38.27
C GLN G 72 -31.08 -43.74 -38.11
N LEU G 73 -30.23 -44.15 -37.17
CA LEU G 73 -29.79 -45.54 -37.21
C LEU G 73 -30.97 -46.48 -36.96
N GLU G 74 -31.91 -46.09 -36.10
CA GLU G 74 -33.01 -47.00 -35.79
C GLU G 74 -33.86 -47.25 -37.03
N ARG G 75 -34.10 -46.22 -37.84
CA ARG G 75 -34.85 -46.41 -39.08
C ARG G 75 -34.12 -47.38 -40.00
N ILE G 76 -32.80 -47.21 -40.14
CA ILE G 76 -32.08 -48.13 -41.03
C ILE G 76 -32.17 -49.55 -40.49
N GLU G 77 -32.10 -49.70 -39.16
CA GLU G 77 -32.19 -51.02 -38.55
C GLU G 77 -33.54 -51.66 -38.83
N GLU G 78 -34.61 -50.88 -38.70
CA GLU G 78 -35.94 -51.41 -38.96
C GLU G 78 -36.06 -51.87 -40.41
N GLY G 79 -35.59 -51.06 -41.34
CA GLY G 79 -35.61 -51.48 -42.74
C GLY G 79 -34.83 -52.75 -42.98
N MET G 80 -33.65 -52.86 -42.36
CA MET G 80 -32.83 -54.06 -42.53
C MET G 80 -33.56 -55.29 -42.02
N ASP G 81 -34.16 -55.20 -40.83
CA ASP G 81 -34.87 -56.34 -40.27
C ASP G 81 -36.05 -56.72 -41.15
N GLN G 82 -36.78 -55.72 -41.67
CA GLN G 82 -37.91 -56.01 -42.54
C GLN G 82 -37.46 -56.77 -43.78
N ILE G 83 -36.38 -56.31 -44.42
CA ILE G 83 -35.92 -57.00 -45.63
C ILE G 83 -35.44 -58.40 -45.29
N ASN G 84 -34.77 -58.57 -44.14
CA ASN G 84 -34.33 -59.89 -43.73
C ASN G 84 -35.52 -60.84 -43.61
N LYS G 85 -36.56 -60.42 -42.90
CA LYS G 85 -37.74 -61.27 -42.74
C LYS G 85 -38.38 -61.59 -44.08
N ASP G 86 -38.55 -60.57 -44.93
CA ASP G 86 -39.18 -60.79 -46.23
C ASP G 86 -38.39 -61.77 -47.06
N MET G 87 -37.06 -61.63 -47.08
CA MET G 87 -36.24 -62.53 -47.88
C MET G 87 -36.31 -63.95 -47.34
N LYS G 88 -36.19 -64.13 -46.03
CA LYS G 88 -36.26 -65.46 -45.47
C LYS G 88 -37.57 -66.14 -45.86
N GLU G 89 -38.69 -65.45 -45.61
CA GLU G 89 -39.98 -66.07 -45.89
C GLU G 89 -40.15 -66.34 -47.39
N ALA G 90 -39.80 -65.38 -48.24
CA ALA G 90 -40.01 -65.54 -49.67
C ALA G 90 -39.17 -66.69 -50.21
N GLU G 91 -37.87 -66.71 -49.90
CA GLU G 91 -37.00 -67.75 -50.43
C GLU G 91 -37.42 -69.12 -49.91
N LYS G 92 -37.80 -69.21 -48.63
CA LYS G 92 -38.20 -70.52 -48.11
C LYS G 92 -39.49 -70.99 -48.76
N ASN G 93 -40.44 -70.08 -48.96
CA ASN G 93 -41.69 -70.46 -49.64
C ASN G 93 -41.43 -70.92 -51.06
N LEU G 94 -40.56 -70.21 -51.79
CA LEU G 94 -40.25 -70.61 -53.16
C LEU G 94 -39.57 -71.97 -53.18
N THR G 95 -38.61 -72.21 -52.28
CA THR G 95 -37.94 -73.50 -52.24
C THR G 95 -38.93 -74.62 -51.92
N ASP G 96 -39.84 -74.39 -50.97
CA ASP G 96 -40.85 -75.40 -50.66
C ASP G 96 -41.75 -75.65 -51.86
N LEU G 97 -42.15 -74.60 -52.56
CA LEU G 97 -42.97 -74.77 -53.76
C LEU G 97 -42.23 -75.55 -54.83
N GLY G 98 -40.91 -75.42 -54.89
CA GLY G 98 -40.15 -76.14 -55.91
C GLY G 98 -40.33 -77.64 -55.82
N LYS G 99 -40.41 -78.17 -54.60
CA LYS G 99 -40.58 -79.60 -54.40
C LYS G 99 -41.83 -80.11 -55.11
N ILE H 187 3.56 9.84 19.40
CA ILE H 187 2.75 8.83 18.74
C ILE H 187 2.39 9.36 17.34
N SER H 188 2.34 8.47 16.35
CA SER H 188 2.14 8.90 14.98
C SER H 188 1.80 7.68 14.12
N LYS H 189 1.80 7.89 12.80
CA LYS H 189 1.65 6.89 11.74
C LYS H 189 0.26 6.88 11.13
N GLN H 190 0.20 6.71 9.81
CA GLN H 190 -1.04 6.50 9.07
C GLN H 190 -0.84 5.27 8.19
N ALA H 191 -1.90 4.82 7.53
CA ALA H 191 -1.88 3.60 6.74
C ALA H 191 -2.20 3.91 5.28
N LEU H 192 -2.27 2.84 4.48
CA LEU H 192 -2.54 2.95 3.05
C LEU H 192 -3.08 1.60 2.58
N SER H 193 -3.32 1.49 1.27
CA SER H 193 -3.85 0.26 0.69
C SER H 193 -3.57 0.28 -0.81
N GLU H 194 -3.79 -0.86 -1.46
CA GLU H 194 -3.53 -0.99 -2.88
C GLU H 194 -4.39 -2.13 -3.43
N ILE H 195 -4.34 -2.30 -4.76
CA ILE H 195 -5.16 -3.27 -5.49
C ILE H 195 -4.22 -4.11 -6.35
N GLU H 196 -4.79 -5.02 -7.15
CA GLU H 196 -3.95 -5.83 -8.04
C GLU H 196 -4.82 -6.40 -9.17
N THR H 197 -4.15 -6.83 -10.24
CA THR H 197 -4.82 -7.43 -11.39
C THR H 197 -5.21 -8.87 -11.09
N ARG H 198 -6.52 -9.15 -11.04
CA ARG H 198 -6.96 -10.47 -10.58
C ARG H 198 -7.89 -11.17 -11.56
N HIS H 199 -8.83 -10.45 -12.19
CA HIS H 199 -9.78 -11.01 -13.16
C HIS H 199 -9.98 -12.51 -12.91
N SER H 200 -10.42 -12.84 -11.69
CA SER H 200 -10.87 -14.20 -11.37
C SER H 200 -12.09 -14.70 -12.13
N GLU H 201 -13.27 -14.15 -11.84
CA GLU H 201 -14.51 -14.56 -12.51
C GLU H 201 -14.66 -16.08 -12.44
N ILE H 202 -14.26 -16.61 -11.27
CA ILE H 202 -14.42 -18.03 -10.98
C ILE H 202 -15.87 -18.47 -11.09
N ILE H 203 -16.82 -17.58 -10.81
CA ILE H 203 -18.23 -17.94 -10.93
C ILE H 203 -18.56 -18.33 -12.36
N LYS H 204 -18.19 -17.47 -13.33
CA LYS H 204 -18.49 -17.76 -14.72
C LYS H 204 -17.71 -18.99 -15.19
N LEU H 205 -16.43 -19.09 -14.81
CA LEU H 205 -15.68 -20.26 -15.23
C LEU H 205 -16.28 -21.54 -14.67
N GLU H 206 -16.87 -21.46 -13.48
CA GLU H 206 -17.48 -22.63 -12.82
C GLU H 206 -18.75 -23.01 -13.57
N ASN H 207 -19.61 -22.05 -13.89
CA ASN H 207 -20.78 -22.30 -14.73
C ASN H 207 -20.37 -23.00 -16.02
N SER H 208 -19.36 -22.44 -16.69
CA SER H 208 -18.93 -22.96 -17.98
C SER H 208 -18.47 -24.41 -17.85
N ILE H 209 -17.60 -24.68 -16.87
CA ILE H 209 -16.98 -26.00 -16.79
C ILE H 209 -18.02 -27.05 -16.39
N ARG H 210 -18.95 -26.65 -15.51
CA ARG H 210 -20.04 -27.56 -15.12
C ARG H 210 -20.84 -27.91 -16.36
N GLU H 211 -21.17 -26.92 -17.19
CA GLU H 211 -21.90 -27.16 -18.43
C GLU H 211 -21.13 -28.15 -19.29
N LEU H 212 -19.81 -27.97 -19.34
CA LEU H 212 -18.95 -28.86 -20.12
C LEU H 212 -19.10 -30.29 -19.60
N HIS H 213 -19.12 -30.44 -18.28
CA HIS H 213 -19.24 -31.79 -17.72
C HIS H 213 -20.53 -32.46 -18.13
N ASP H 214 -21.64 -31.75 -17.96
CA ASP H 214 -22.90 -32.36 -18.36
C ASP H 214 -22.90 -32.67 -19.84
N MET H 215 -22.19 -31.86 -20.64
CA MET H 215 -22.19 -32.07 -22.09
C MET H 215 -21.43 -33.34 -22.53
N PHE H 216 -20.12 -33.44 -22.19
CA PHE H 216 -19.48 -34.73 -22.45
C PHE H 216 -20.25 -35.88 -21.82
N MET H 217 -20.75 -35.67 -20.61
CA MET H 217 -21.41 -36.73 -19.85
C MET H 217 -22.55 -37.32 -20.66
N ASP H 218 -23.40 -36.46 -21.20
CA ASP H 218 -24.52 -36.95 -22.00
C ASP H 218 -24.03 -37.58 -23.29
N MET H 219 -22.92 -37.09 -23.85
CA MET H 219 -22.48 -37.63 -25.13
C MET H 219 -21.95 -39.06 -25.01
N ALA H 220 -21.30 -39.37 -23.89
CA ALA H 220 -20.64 -40.67 -23.72
C ALA H 220 -21.61 -41.83 -23.93
N MET H 221 -22.74 -41.81 -23.22
CA MET H 221 -23.65 -42.96 -23.24
C MET H 221 -24.20 -43.18 -24.64
N LEU H 222 -24.53 -42.09 -25.33
CA LEU H 222 -25.11 -42.22 -26.66
C LEU H 222 -24.11 -42.81 -27.65
N VAL H 223 -22.83 -42.40 -27.55
CA VAL H 223 -21.81 -43.05 -28.38
C VAL H 223 -21.73 -44.53 -28.07
N GLU H 224 -21.72 -44.89 -26.78
CA GLU H 224 -21.58 -46.29 -26.41
C GLU H 224 -22.73 -47.12 -26.95
N SER H 225 -23.96 -46.62 -26.81
CA SER H 225 -25.12 -47.35 -27.30
C SER H 225 -25.09 -47.47 -28.82
N GLN H 226 -24.68 -46.40 -29.51
CA GLN H 226 -24.53 -46.47 -30.96
C GLN H 226 -23.62 -47.63 -31.35
N GLY H 227 -22.49 -47.76 -30.66
CA GLY H 227 -21.62 -48.90 -30.94
C GLY H 227 -22.29 -50.24 -30.65
N GLU H 228 -22.93 -50.33 -29.48
CA GLU H 228 -23.59 -51.56 -29.08
C GLU H 228 -24.60 -52.02 -30.11
N MET H 229 -25.20 -51.09 -30.84
CA MET H 229 -26.30 -51.41 -31.74
C MET H 229 -25.83 -51.58 -33.18
N ILE H 230 -24.79 -50.85 -33.60
CA ILE H 230 -24.17 -51.14 -34.89
C ILE H 230 -23.66 -52.57 -34.91
N ASP H 231 -23.14 -53.07 -33.77
CA ASP H 231 -22.62 -54.44 -33.79
C ASP H 231 -23.73 -55.43 -34.13
N ARG H 232 -24.91 -55.25 -33.56
CA ARG H 232 -26.04 -56.13 -33.88
C ARG H 232 -26.41 -56.00 -35.35
N ILE H 233 -26.44 -54.76 -35.87
CA ILE H 233 -26.69 -54.60 -37.31
C ILE H 233 -25.71 -55.45 -38.10
N GLU H 234 -24.44 -55.45 -37.68
CA GLU H 234 -23.41 -56.20 -38.40
C GLU H 234 -23.72 -57.69 -38.37
N TYR H 235 -24.02 -58.20 -37.17
CA TYR H 235 -24.31 -59.63 -37.06
C TYR H 235 -25.44 -60.02 -38.00
N ASN H 236 -26.53 -59.26 -37.99
CA ASN H 236 -27.70 -59.68 -38.76
C ASN H 236 -27.45 -59.54 -40.26
N VAL H 237 -26.73 -58.50 -40.69
CA VAL H 237 -26.44 -58.38 -42.11
C VAL H 237 -25.55 -59.53 -42.57
N GLU H 238 -24.62 -59.97 -41.71
CA GLU H 238 -23.76 -61.09 -42.11
C GLU H 238 -24.58 -62.37 -42.24
N HIS H 239 -25.47 -62.62 -41.27
CA HIS H 239 -26.39 -63.75 -41.43
C HIS H 239 -27.13 -63.67 -42.76
N ALA H 240 -27.65 -62.49 -43.07
CA ALA H 240 -28.44 -62.32 -44.29
C ALA H 240 -27.61 -62.64 -45.52
N VAL H 241 -26.42 -62.05 -45.63
CA VAL H 241 -25.62 -62.22 -46.84
C VAL H 241 -25.21 -63.69 -47.00
N ASP H 242 -24.75 -64.31 -45.92
CA ASP H 242 -24.31 -65.70 -46.03
C ASP H 242 -25.46 -66.61 -46.43
N TYR H 243 -26.62 -66.44 -45.78
CA TYR H 243 -27.77 -67.27 -46.11
C TYR H 243 -28.21 -67.05 -47.55
N VAL H 244 -28.30 -65.79 -47.98
CA VAL H 244 -28.73 -65.50 -49.35
C VAL H 244 -27.78 -66.17 -50.34
N GLU H 245 -26.48 -65.99 -50.15
CA GLU H 245 -25.52 -66.56 -51.08
C GLU H 245 -25.65 -68.07 -51.15
N ARG H 246 -25.63 -68.74 -50.00
CA ARG H 246 -25.69 -70.20 -50.04
C ARG H 246 -27.01 -70.69 -50.63
N ALA H 247 -28.12 -70.10 -50.22
CA ALA H 247 -29.42 -70.56 -50.71
C ALA H 247 -29.52 -70.39 -52.22
N VAL H 248 -29.17 -69.21 -52.73
CA VAL H 248 -29.28 -68.98 -54.16
C VAL H 248 -28.35 -69.92 -54.92
N SER H 249 -27.12 -70.08 -54.45
CA SER H 249 -26.17 -70.94 -55.16
C SER H 249 -26.68 -72.38 -55.22
N ASP H 250 -27.07 -72.93 -54.07
CA ASP H 250 -27.49 -74.33 -54.02
C ASP H 250 -28.76 -74.53 -54.85
N THR H 251 -29.75 -73.67 -54.67
CA THR H 251 -30.99 -73.83 -55.41
C THR H 251 -30.75 -73.70 -56.91
N LYS H 252 -29.87 -72.78 -57.31
CA LYS H 252 -29.60 -72.58 -58.73
C LYS H 252 -28.91 -73.79 -59.33
N LYS H 253 -27.91 -74.33 -58.64
CA LYS H 253 -27.26 -75.54 -59.16
C LYS H 253 -28.25 -76.70 -59.25
N ALA H 254 -29.09 -76.86 -58.22
CA ALA H 254 -30.05 -77.96 -58.23
C ALA H 254 -31.05 -77.82 -59.37
N VAL H 255 -31.55 -76.59 -59.60
CA VAL H 255 -32.59 -76.39 -60.61
C VAL H 255 -32.02 -76.24 -62.02
N LYS H 256 -30.71 -76.08 -62.16
CA LYS H 256 -30.07 -76.05 -63.47
C LYS H 256 -29.51 -77.40 -63.90
N TYR H 257 -29.14 -78.26 -62.94
CA TYR H 257 -28.47 -79.51 -63.28
C TYR H 257 -29.43 -80.69 -63.41
N GLN H 258 -30.66 -80.59 -62.89
CA GLN H 258 -31.59 -81.70 -63.00
C GLN H 258 -32.07 -81.93 -64.43
N SER H 259 -31.93 -80.92 -65.29
CA SER H 259 -32.33 -81.05 -66.68
C SER H 259 -31.29 -81.81 -67.49
N GLU I 194 3.76 -18.95 -3.90
CA GLU I 194 2.37 -19.03 -4.34
C GLU I 194 2.22 -18.57 -5.78
N ILE I 195 2.66 -17.33 -6.05
CA ILE I 195 2.46 -16.74 -7.36
C ILE I 195 3.16 -17.55 -8.45
N GLU I 196 4.34 -18.09 -8.14
CA GLU I 196 5.03 -18.95 -9.10
C GLU I 196 4.20 -20.19 -9.43
N THR I 197 3.57 -20.78 -8.42
CA THR I 197 2.67 -21.90 -8.67
C THR I 197 1.52 -21.48 -9.56
N ARG I 198 1.04 -20.25 -9.39
CA ARG I 198 -0.05 -19.76 -10.24
C ARG I 198 0.43 -19.58 -11.68
N HIS I 199 1.68 -19.16 -11.87
CA HIS I 199 2.23 -19.08 -13.22
C HIS I 199 2.32 -20.47 -13.85
N SER I 200 2.78 -21.45 -13.09
CA SER I 200 2.80 -22.82 -13.59
C SER I 200 1.39 -23.28 -13.97
N GLU I 201 0.41 -22.95 -13.13
CA GLU I 201 -0.98 -23.34 -13.40
C GLU I 201 -1.49 -22.70 -14.68
N ILE I 202 -1.20 -21.41 -14.88
CA ILE I 202 -1.70 -20.72 -16.06
C ILE I 202 -1.04 -21.29 -17.33
N ILE I 203 0.25 -21.62 -17.25
CA ILE I 203 0.92 -22.23 -18.40
C ILE I 203 0.27 -23.57 -18.73
N LYS I 204 0.09 -24.41 -17.73
CA LYS I 204 -0.52 -25.71 -17.94
C LYS I 204 -1.93 -25.56 -18.53
N LEU I 205 -2.71 -24.62 -17.99
CA LEU I 205 -4.07 -24.43 -18.47
C LEU I 205 -4.09 -23.98 -19.93
N GLU I 206 -3.21 -23.05 -20.29
CA GLU I 206 -3.09 -22.64 -21.69
C GLU I 206 -2.82 -23.84 -22.60
N ASN I 207 -1.81 -24.64 -22.23
CA ASN I 207 -1.47 -25.82 -23.03
C ASN I 207 -2.69 -26.73 -23.20
N SER I 208 -3.35 -27.04 -22.08
CA SER I 208 -4.47 -27.97 -22.10
C SER I 208 -5.60 -27.42 -22.96
N ILE I 209 -5.89 -26.13 -22.85
CA ILE I 209 -6.98 -25.54 -23.64
C ILE I 209 -6.68 -25.66 -25.13
N ARG I 210 -5.44 -25.35 -25.53
CA ARG I 210 -5.12 -25.42 -26.96
C ARG I 210 -5.26 -26.84 -27.49
N GLU I 211 -4.72 -27.82 -26.75
CA GLU I 211 -4.78 -29.19 -27.25
C GLU I 211 -6.22 -29.74 -27.20
N LEU I 212 -7.02 -29.28 -26.24
CA LEU I 212 -8.45 -29.56 -26.25
C LEU I 212 -9.09 -29.04 -27.54
N HIS I 213 -8.74 -27.81 -27.93
CA HIS I 213 -9.29 -27.24 -29.16
C HIS I 213 -8.98 -28.15 -30.35
N ASP I 214 -7.73 -28.57 -30.49
CA ASP I 214 -7.35 -29.44 -31.60
C ASP I 214 -8.18 -30.73 -31.59
N MET I 215 -8.22 -31.40 -30.45
CA MET I 215 -9.03 -32.62 -30.33
C MET I 215 -10.46 -32.38 -30.78
N PHE I 216 -11.08 -31.30 -30.30
CA PHE I 216 -12.48 -31.08 -30.65
C PHE I 216 -12.62 -30.92 -32.16
N MET I 217 -11.71 -30.17 -32.79
CA MET I 217 -11.80 -30.02 -34.24
C MET I 217 -11.72 -31.37 -34.95
N ASP I 218 -10.81 -32.22 -34.51
CA ASP I 218 -10.71 -33.56 -35.11
C ASP I 218 -12.02 -34.34 -34.91
N MET I 219 -12.61 -34.24 -33.72
CA MET I 219 -13.90 -34.87 -33.47
C MET I 219 -14.91 -34.45 -34.53
N ALA I 220 -15.03 -33.14 -34.72
CA ALA I 220 -16.05 -32.62 -35.64
C ALA I 220 -15.82 -33.14 -37.04
N MET I 221 -14.56 -33.12 -37.50
CA MET I 221 -14.27 -33.60 -38.86
C MET I 221 -14.68 -35.07 -39.02
N LEU I 222 -14.24 -35.91 -38.09
CA LEU I 222 -14.56 -37.34 -38.21
C LEU I 222 -16.06 -37.56 -38.18
N VAL I 223 -16.76 -36.84 -37.30
CA VAL I 223 -18.21 -37.03 -37.16
C VAL I 223 -18.93 -36.65 -38.45
N GLU I 224 -18.56 -35.52 -39.06
CA GLU I 224 -19.25 -35.13 -40.29
C GLU I 224 -18.99 -36.12 -41.42
N SER I 225 -17.76 -36.65 -41.49
CA SER I 225 -17.49 -37.70 -42.48
C SER I 225 -18.41 -38.89 -42.27
N GLN I 226 -18.51 -39.36 -41.03
CA GLN I 226 -19.38 -40.50 -40.73
C GLN I 226 -20.82 -40.20 -41.13
N GLY I 227 -21.28 -38.97 -40.86
CA GLY I 227 -22.64 -38.62 -41.24
C GLY I 227 -22.89 -38.74 -42.72
N GLU I 228 -21.99 -38.15 -43.53
CA GLU I 228 -22.11 -38.25 -44.98
C GLU I 228 -22.24 -39.71 -45.42
N MET I 229 -21.33 -40.55 -44.94
CA MET I 229 -21.29 -41.89 -45.51
C MET I 229 -22.43 -42.76 -44.97
N ILE I 230 -22.90 -42.52 -43.74
CA ILE I 230 -24.13 -43.19 -43.32
C ILE I 230 -25.28 -42.79 -44.24
N ASP I 231 -25.32 -41.53 -44.67
CA ASP I 231 -26.40 -41.09 -45.55
C ASP I 231 -26.38 -41.89 -46.85
N ARG I 232 -25.20 -42.03 -47.45
CA ARG I 232 -25.11 -42.80 -48.69
C ARG I 232 -25.59 -44.24 -48.46
N ILE I 233 -25.27 -44.81 -47.29
CA ILE I 233 -25.68 -46.18 -47.03
C ILE I 233 -27.20 -46.26 -46.87
N GLU I 234 -27.80 -45.26 -46.23
CA GLU I 234 -29.26 -45.20 -46.15
C GLU I 234 -29.87 -45.25 -47.54
N TYR I 235 -29.37 -44.40 -48.44
CA TYR I 235 -29.91 -44.40 -49.80
C TYR I 235 -29.84 -45.80 -50.40
N ASN I 236 -28.65 -46.41 -50.37
CA ASN I 236 -28.49 -47.69 -51.04
C ASN I 236 -29.39 -48.76 -50.40
N VAL I 237 -29.51 -48.75 -49.08
CA VAL I 237 -30.32 -49.76 -48.40
C VAL I 237 -31.78 -49.62 -48.81
N GLU I 238 -32.30 -48.39 -48.84
CA GLU I 238 -33.69 -48.20 -49.25
C GLU I 238 -33.91 -48.67 -50.67
N HIS I 239 -32.98 -48.37 -51.57
CA HIS I 239 -33.11 -48.83 -52.95
C HIS I 239 -33.13 -50.35 -53.02
N ALA I 240 -32.24 -51.00 -52.28
CA ALA I 240 -32.24 -52.46 -52.25
C ALA I 240 -33.56 -53.00 -51.72
N VAL I 241 -34.10 -52.37 -50.67
CA VAL I 241 -35.37 -52.82 -50.11
C VAL I 241 -36.45 -52.80 -51.19
N ASP I 242 -36.59 -51.67 -51.88
CA ASP I 242 -37.65 -51.55 -52.88
C ASP I 242 -37.46 -52.53 -54.02
N TYR I 243 -36.23 -52.61 -54.54
CA TYR I 243 -35.96 -53.51 -55.65
C TYR I 243 -36.28 -54.96 -55.27
N VAL I 244 -35.89 -55.37 -54.07
CA VAL I 244 -36.03 -56.79 -53.74
C VAL I 244 -37.48 -57.11 -53.43
N GLU I 245 -38.22 -56.16 -52.85
CA GLU I 245 -39.65 -56.36 -52.64
C GLU I 245 -40.36 -56.56 -53.98
N ARG I 246 -40.14 -55.65 -54.94
CA ARG I 246 -40.78 -55.83 -56.23
C ARG I 246 -40.29 -57.11 -56.92
N ALA I 247 -39.03 -57.50 -56.66
CA ALA I 247 -38.51 -58.75 -57.20
C ALA I 247 -39.32 -59.94 -56.72
N VAL I 248 -39.52 -60.05 -55.40
CA VAL I 248 -40.28 -61.17 -54.87
C VAL I 248 -41.70 -61.14 -55.38
N SER I 249 -42.30 -59.95 -55.46
CA SER I 249 -43.67 -59.84 -55.98
C SER I 249 -43.74 -60.40 -57.40
N ASP I 250 -42.84 -59.95 -58.27
CA ASP I 250 -42.87 -60.39 -59.66
C ASP I 250 -42.62 -61.89 -59.77
N THR I 251 -41.68 -62.42 -58.98
CA THR I 251 -41.39 -63.85 -59.05
C THR I 251 -42.59 -64.67 -58.62
N LYS I 252 -43.28 -64.25 -57.55
CA LYS I 252 -44.45 -65.00 -57.11
C LYS I 252 -45.58 -64.91 -58.12
N LYS I 253 -45.75 -63.75 -58.76
CA LYS I 253 -46.76 -63.66 -59.81
C LYS I 253 -46.41 -64.58 -60.99
N ALA I 254 -45.14 -64.64 -61.36
CA ALA I 254 -44.73 -65.54 -62.43
C ALA I 254 -45.00 -66.99 -62.06
N VAL I 255 -44.71 -67.37 -60.81
CA VAL I 255 -45.02 -68.73 -60.37
C VAL I 255 -46.52 -68.98 -60.43
N LYS I 256 -47.33 -67.99 -60.06
CA LYS I 256 -48.77 -68.13 -60.16
C LYS I 256 -49.20 -68.38 -61.60
N TYR I 257 -48.58 -67.69 -62.56
CA TYR I 257 -48.92 -67.91 -63.97
C TYR I 257 -48.72 -69.37 -64.36
N GLN I 258 -47.68 -70.01 -63.82
CA GLN I 258 -47.43 -71.41 -64.11
C GLN I 258 -48.55 -72.29 -63.59
N ARG J 33 -6.63 -9.47 4.37
CA ARG J 33 -7.59 -9.98 3.38
C ARG J 33 -6.92 -11.07 2.53
N ALA J 34 -5.60 -11.16 2.61
CA ALA J 34 -4.88 -12.15 1.80
C ALA J 34 -5.29 -13.57 2.13
N ASP J 35 -5.89 -13.81 3.30
CA ASP J 35 -6.28 -15.16 3.67
C ASP J 35 -7.31 -15.72 2.69
N GLN J 36 -8.39 -14.97 2.44
CA GLN J 36 -9.39 -15.46 1.50
C GLN J 36 -8.86 -15.47 0.07
N LEU J 37 -7.93 -14.59 -0.25
CA LEU J 37 -7.27 -14.66 -1.56
C LEU J 37 -6.56 -16.00 -1.73
N ALA J 38 -5.76 -16.38 -0.74
CA ALA J 38 -5.07 -17.67 -0.81
C ALA J 38 -6.05 -18.82 -0.84
N ASP J 39 -7.12 -18.75 -0.05
CA ASP J 39 -8.11 -19.83 -0.02
C ASP J 39 -8.76 -20.00 -1.39
N GLU J 40 -9.30 -18.90 -1.95
CA GLU J 40 -9.95 -18.99 -3.25
C GLU J 40 -8.96 -19.39 -4.33
N SER J 41 -7.68 -19.00 -4.18
CA SER J 41 -6.71 -19.32 -5.22
C SER J 41 -6.33 -20.79 -5.19
N LEU J 42 -6.16 -21.37 -3.99
CA LEU J 42 -5.98 -22.82 -3.88
C LEU J 42 -7.19 -23.55 -4.43
N GLU J 43 -8.39 -23.09 -4.07
CA GLU J 43 -9.60 -23.73 -4.58
C GLU J 43 -9.62 -23.69 -6.10
N SER J 44 -9.25 -22.55 -6.67
CA SER J 44 -9.23 -22.39 -8.13
C SER J 44 -8.23 -23.34 -8.77
N THR J 45 -7.00 -23.41 -8.26
CA THR J 45 -6.02 -24.30 -8.88
C THR J 45 -6.49 -25.74 -8.80
N ARG J 46 -7.00 -26.16 -7.63
CA ARG J 46 -7.42 -27.55 -7.48
C ARG J 46 -8.52 -27.87 -8.48
N ARG J 47 -9.56 -27.03 -8.50
CA ARG J 47 -10.69 -27.31 -9.39
C ARG J 47 -10.25 -27.26 -10.85
N MET J 48 -9.47 -26.26 -11.24
CA MET J 48 -9.09 -26.14 -12.64
C MET J 48 -8.27 -27.35 -13.10
N LEU J 49 -7.26 -27.73 -12.31
CA LEU J 49 -6.46 -28.90 -12.70
C LEU J 49 -7.34 -30.15 -12.79
N GLN J 50 -8.15 -30.40 -11.76
CA GLN J 50 -9.00 -31.58 -11.75
C GLN J 50 -9.93 -31.58 -12.97
N LEU J 51 -10.60 -30.46 -13.19
CA LEU J 51 -11.60 -30.34 -14.24
C LEU J 51 -10.96 -30.51 -15.61
N VAL J 52 -9.75 -29.98 -15.79
CA VAL J 52 -9.03 -30.16 -17.05
C VAL J 52 -8.70 -31.62 -17.28
N GLU J 53 -8.24 -32.31 -16.23
CA GLU J 53 -7.93 -33.73 -16.39
C GLU J 53 -9.18 -34.53 -16.75
N GLU J 54 -10.33 -34.21 -16.15
CA GLU J 54 -11.55 -34.92 -16.51
C GLU J 54 -11.94 -34.68 -17.96
N SER J 55 -11.93 -33.42 -18.40
CA SER J 55 -12.19 -33.14 -19.80
C SER J 55 -11.24 -33.90 -20.70
N LYS J 56 -9.97 -34.00 -20.29
CA LYS J 56 -8.95 -34.59 -21.15
C LYS J 56 -9.13 -36.08 -21.31
N ASP J 57 -9.24 -36.82 -20.19
CA ASP J 57 -9.50 -38.24 -20.32
C ASP J 57 -10.78 -38.49 -21.10
N ALA J 58 -11.85 -37.75 -20.80
CA ALA J 58 -13.10 -37.89 -21.54
C ALA J 58 -12.83 -37.84 -23.04
N GLY J 59 -12.23 -36.75 -23.49
CA GLY J 59 -12.05 -36.55 -24.92
C GLY J 59 -11.18 -37.63 -25.54
N ILE J 60 -10.04 -37.94 -24.90
CA ILE J 60 -9.13 -38.90 -25.51
C ILE J 60 -9.81 -40.25 -25.68
N ARG J 61 -10.53 -40.65 -24.62
CA ARG J 61 -11.26 -41.94 -24.60
C ARG J 61 -12.22 -41.97 -25.77
N THR J 62 -13.05 -40.93 -25.89
CA THR J 62 -14.07 -40.89 -26.94
C THR J 62 -13.44 -40.90 -28.34
N LEU J 63 -12.38 -40.12 -28.54
CA LEU J 63 -11.70 -40.12 -29.82
C LEU J 63 -11.20 -41.50 -30.19
N VAL J 64 -10.57 -42.19 -29.24
CA VAL J 64 -10.15 -43.56 -29.50
C VAL J 64 -11.34 -44.45 -29.85
N MET J 65 -12.50 -44.19 -29.23
CA MET J 65 -13.68 -44.99 -29.53
C MET J 65 -14.13 -44.83 -30.98
N LEU J 66 -14.04 -43.60 -31.52
CA LEU J 66 -14.70 -43.34 -32.80
C LEU J 66 -14.21 -44.26 -33.93
N ASP J 67 -12.90 -44.51 -34.00
CA ASP J 67 -12.35 -45.26 -35.12
C ASP J 67 -13.01 -46.62 -35.28
N GLU J 68 -13.36 -47.27 -34.17
CA GLU J 68 -13.89 -48.63 -34.24
C GLU J 68 -15.16 -48.67 -35.07
N GLN J 69 -16.14 -47.83 -34.75
CA GLN J 69 -17.34 -47.79 -35.57
C GLN J 69 -17.02 -47.27 -36.96
N GLY J 70 -15.98 -46.44 -37.09
CA GLY J 70 -15.51 -46.11 -38.41
C GLY J 70 -15.32 -47.32 -39.29
N GLU J 71 -14.37 -48.19 -38.92
CA GLU J 71 -14.08 -49.33 -39.81
C GLU J 71 -15.22 -50.35 -39.81
N GLN J 72 -15.99 -50.44 -38.73
CA GLN J 72 -17.13 -51.34 -38.73
C GLN J 72 -18.13 -50.96 -39.82
N LEU J 73 -18.43 -49.66 -39.90
CA LEU J 73 -19.39 -49.19 -40.88
C LEU J 73 -18.79 -49.22 -42.29
N GLU J 74 -17.47 -49.08 -42.42
CA GLU J 74 -16.80 -49.42 -43.68
C GLU J 74 -17.13 -50.86 -44.09
N ARG J 75 -16.97 -51.80 -43.17
CA ARG J 75 -17.09 -53.19 -43.56
C ARG J 75 -18.53 -53.55 -43.89
N ILE J 76 -19.50 -52.92 -43.23
CA ILE J 76 -20.89 -53.07 -43.66
C ILE J 76 -21.10 -52.45 -45.04
N GLU J 77 -20.45 -51.32 -45.34
CA GLU J 77 -20.42 -50.84 -46.73
C GLU J 77 -20.19 -52.01 -47.67
N GLU J 78 -19.03 -52.66 -47.49
CA GLU J 78 -18.62 -53.66 -48.48
C GLU J 78 -19.56 -54.86 -48.49
N GLY J 79 -19.91 -55.38 -47.31
CA GLY J 79 -20.82 -56.51 -47.26
C GLY J 79 -22.13 -56.22 -47.96
N MET J 80 -22.71 -55.05 -47.71
CA MET J 80 -23.98 -54.68 -48.30
C MET J 80 -23.88 -54.57 -49.81
N ASP J 81 -22.84 -53.88 -50.32
CA ASP J 81 -22.78 -53.74 -51.77
C ASP J 81 -22.57 -55.09 -52.45
N GLN J 82 -21.82 -56.00 -51.81
CA GLN J 82 -21.72 -57.35 -52.36
C GLN J 82 -23.08 -58.02 -52.42
N ILE J 83 -23.87 -57.90 -51.34
CA ILE J 83 -25.22 -58.45 -51.34
C ILE J 83 -26.00 -57.90 -52.52
N ASN J 84 -25.95 -56.58 -52.70
CA ASN J 84 -26.73 -55.92 -53.74
C ASN J 84 -26.35 -56.47 -55.12
N LYS J 85 -25.07 -56.47 -55.43
CA LYS J 85 -24.64 -56.95 -56.74
C LYS J 85 -25.09 -58.39 -56.95
N ASP J 86 -24.83 -59.26 -55.97
CA ASP J 86 -25.12 -60.67 -56.15
C ASP J 86 -26.62 -60.88 -56.40
N MET J 87 -27.46 -60.26 -55.58
CA MET J 87 -28.90 -60.50 -55.72
C MET J 87 -29.42 -59.91 -57.02
N LYS J 88 -28.94 -58.72 -57.42
CA LYS J 88 -29.37 -58.14 -58.69
C LYS J 88 -29.05 -59.08 -59.85
N GLU J 89 -27.80 -59.54 -59.94
CA GLU J 89 -27.42 -60.39 -61.06
C GLU J 89 -28.16 -61.72 -61.01
N ALA J 90 -28.33 -62.28 -59.82
CA ALA J 90 -29.07 -63.53 -59.69
C ALA J 90 -30.49 -63.37 -60.22
N GLU J 91 -31.18 -62.29 -59.80
CA GLU J 91 -32.56 -62.12 -60.22
C GLU J 91 -32.66 -61.88 -61.72
N LYS J 92 -31.76 -61.09 -62.30
CA LYS J 92 -31.86 -60.85 -63.74
C LYS J 92 -31.60 -62.14 -64.52
N ASN J 93 -30.60 -62.92 -64.12
CA ASN J 93 -30.34 -64.19 -64.78
C ASN J 93 -31.53 -65.12 -64.64
N LEU J 94 -32.19 -65.11 -63.47
CA LEU J 94 -33.31 -66.01 -63.26
C LEU J 94 -34.53 -65.61 -64.07
N THR J 95 -34.75 -64.30 -64.21
CA THR J 95 -35.83 -63.85 -65.10
C THR J 95 -35.55 -64.26 -66.54
N ASP J 96 -34.29 -64.12 -66.98
CA ASP J 96 -33.95 -64.55 -68.33
C ASP J 96 -34.17 -66.06 -68.50
N LEU J 97 -33.77 -66.85 -67.51
CA LEU J 97 -33.97 -68.30 -67.59
C LEU J 97 -35.45 -68.65 -67.62
N GLY J 98 -36.26 -67.97 -66.81
CA GLY J 98 -37.69 -68.21 -66.83
C GLY J 98 -38.31 -67.86 -68.17
N LYS J 99 -37.85 -66.76 -68.79
CA LYS J 99 -38.31 -66.44 -70.13
C LYS J 99 -37.91 -67.53 -71.12
N PHE J 100 -36.68 -68.06 -70.99
CA PHE J 100 -36.24 -69.13 -71.87
C PHE J 100 -37.13 -70.35 -71.73
N ALA J 101 -37.45 -70.75 -70.49
CA ALA J 101 -38.29 -71.92 -70.29
C ALA J 101 -39.68 -71.70 -70.86
N GLY J 102 -40.24 -70.52 -70.67
CA GLY J 102 -41.57 -70.22 -71.17
C GLY J 102 -41.57 -69.85 -72.64
N GLY K 1 4.74 -76.17 -34.11
CA GLY K 1 3.34 -76.20 -33.59
C GLY K 1 2.53 -77.34 -34.16
N MET K 2 1.98 -78.17 -33.27
CA MET K 2 1.17 -79.30 -33.72
C MET K 2 -0.05 -78.80 -34.49
N ASP K 3 -0.69 -77.74 -34.00
CA ASP K 3 -1.78 -77.14 -34.74
C ASP K 3 -1.33 -76.79 -36.16
N THR K 4 -0.23 -76.05 -36.28
CA THR K 4 0.26 -75.67 -37.60
C THR K 4 0.78 -76.86 -38.39
N SER K 5 1.32 -77.87 -37.71
CA SER K 5 1.80 -79.06 -38.41
C SER K 5 0.65 -79.78 -39.11
N GLY K 6 -0.40 -80.10 -38.36
CA GLY K 6 -1.58 -80.71 -38.97
C GLY K 6 -2.25 -79.79 -39.97
N LYS K 7 -2.25 -78.49 -39.70
CA LYS K 7 -2.80 -77.53 -40.65
C LYS K 7 -2.09 -77.61 -42.00
N GLN K 8 -0.75 -77.63 -41.97
CA GLN K 8 0.01 -77.74 -43.21
C GLN K 8 -0.16 -79.11 -43.85
N ALA K 9 -0.32 -80.16 -43.05
CA ALA K 9 -0.56 -81.49 -43.62
C ALA K 9 -1.86 -81.50 -44.42
N GLU K 10 -2.95 -81.00 -43.81
CA GLU K 10 -4.21 -80.94 -44.55
C GLU K 10 -4.12 -79.96 -45.71
N ALA K 11 -3.29 -78.91 -45.59
CA ALA K 11 -3.10 -78.00 -46.71
C ALA K 11 -2.45 -78.72 -47.90
N MET K 12 -1.45 -79.55 -47.63
CA MET K 12 -0.84 -80.34 -48.69
C MET K 12 -1.83 -81.33 -49.28
N ALA K 13 -2.66 -81.95 -48.44
CA ALA K 13 -3.69 -82.85 -48.95
C ALA K 13 -4.62 -82.11 -49.89
N LEU K 14 -5.07 -80.91 -49.50
CA LEU K 14 -5.95 -80.13 -50.35
C LEU K 14 -5.23 -79.67 -51.61
N LEU K 15 -3.92 -79.42 -51.54
CA LEU K 15 -3.16 -79.10 -52.74
C LEU K 15 -3.15 -80.28 -53.70
N ALA K 16 -2.98 -81.49 -53.18
CA ALA K 16 -3.04 -82.67 -54.03
C ALA K 16 -4.43 -82.81 -54.66
N GLU K 17 -5.48 -82.57 -53.87
CA GLU K 17 -6.82 -82.60 -54.43
C GLU K 17 -7.01 -81.55 -55.52
N ALA K 18 -6.45 -80.36 -55.32
CA ALA K 18 -6.55 -79.30 -56.31
C ALA K 18 -5.77 -79.64 -57.58
N GLU K 19 -4.62 -80.30 -57.44
CA GLU K 19 -3.91 -80.78 -58.61
C GLU K 19 -4.74 -81.81 -59.37
N ARG K 20 -5.36 -82.73 -58.65
CA ARG K 20 -6.27 -83.67 -59.30
C ARG K 20 -7.43 -82.95 -59.96
N LYS K 21 -7.88 -81.83 -59.39
CA LYS K 21 -9.00 -81.09 -59.97
C LYS K 21 -8.60 -80.30 -61.21
N VAL K 22 -7.38 -79.79 -61.26
CA VAL K 22 -6.92 -79.19 -62.51
C VAL K 22 -6.70 -80.27 -63.58
N LYS K 23 -6.27 -81.46 -63.16
CA LYS K 23 -6.27 -82.60 -64.09
C LYS K 23 -7.68 -82.87 -64.60
N ASN K 24 -8.67 -82.80 -63.71
CA ASN K 24 -10.07 -82.93 -64.13
C ASN K 24 -10.44 -81.84 -65.12
N SER K 25 -10.00 -80.61 -64.88
CA SER K 25 -10.32 -79.50 -65.78
C SER K 25 -9.76 -79.76 -67.17
N GLN K 26 -8.49 -80.16 -67.25
CA GLN K 26 -7.90 -80.41 -68.56
C GLN K 26 -8.50 -81.63 -69.23
N SER K 27 -8.97 -82.61 -68.46
CA SER K 27 -9.63 -83.77 -69.04
C SER K 27 -11.07 -83.46 -69.48
N PHE K 28 -11.69 -82.44 -68.90
CA PHE K 28 -13.06 -82.06 -69.24
C PHE K 28 -13.13 -80.94 -70.26
N PHE K 29 -12.03 -80.26 -70.54
CA PHE K 29 -11.98 -79.32 -71.65
C PHE K 29 -11.59 -79.99 -72.95
N SER K 30 -10.76 -81.03 -72.89
CA SER K 30 -10.33 -81.75 -74.08
C SER K 30 -10.93 -83.15 -74.18
N GLY K 31 -11.31 -83.76 -73.06
CA GLY K 31 -11.84 -85.12 -73.06
C GLY K 31 -13.34 -85.21 -72.90
N LEU K 32 -13.91 -84.37 -72.04
CA LEU K 32 -15.33 -84.37 -71.74
C LEU K 32 -15.94 -83.02 -72.12
N PHE K 33 -17.23 -82.87 -71.87
CA PHE K 33 -17.95 -81.63 -72.09
C PHE K 33 -18.67 -81.23 -70.80
N GLY K 34 -19.08 -79.96 -70.74
CA GLY K 34 -19.75 -79.47 -69.55
C GLY K 34 -18.85 -79.41 -68.33
N GLY K 35 -17.54 -79.42 -68.52
CA GLY K 35 -16.61 -79.31 -67.41
C GLY K 35 -16.69 -78.00 -66.66
N SER K 36 -17.39 -77.01 -67.20
CA SER K 36 -17.56 -75.73 -66.51
C SER K 36 -17.95 -75.94 -65.06
N SER K 37 -18.92 -76.82 -64.81
CA SER K 37 -19.31 -77.13 -63.44
C SER K 37 -18.17 -77.81 -62.68
N LYS K 38 -17.46 -78.72 -63.34
CA LYS K 38 -16.35 -79.40 -62.68
C LYS K 38 -15.25 -78.42 -62.30
N ILE K 39 -14.91 -77.50 -63.21
CA ILE K 39 -13.90 -76.50 -62.87
C ILE K 39 -14.44 -75.47 -61.88
N GLU K 40 -15.75 -75.29 -61.80
CA GLU K 40 -16.31 -74.46 -60.73
C GLU K 40 -16.13 -75.13 -59.37
N GLU K 41 -16.36 -76.45 -59.30
CA GLU K 41 -16.05 -77.17 -58.08
C GLU K 41 -14.55 -77.10 -57.78
N ALA K 42 -13.72 -77.14 -58.82
CA ALA K 42 -12.29 -76.95 -58.63
C ALA K 42 -11.99 -75.59 -58.02
N CYS K 43 -12.67 -74.55 -58.50
CA CYS K 43 -12.51 -73.22 -57.92
C CYS K 43 -12.96 -73.19 -56.46
N GLU K 44 -14.03 -73.91 -56.14
CA GLU K 44 -14.50 -73.97 -54.76
C GLU K 44 -13.44 -74.59 -53.86
N ILE K 45 -12.88 -75.72 -54.27
CA ILE K 45 -11.85 -76.36 -53.46
C ILE K 45 -10.59 -75.48 -53.40
N TYR K 46 -10.29 -74.78 -54.50
CA TYR K 46 -9.15 -73.87 -54.50
C TYR K 46 -9.34 -72.75 -53.48
N ALA K 47 -10.55 -72.19 -53.42
CA ALA K 47 -10.84 -71.13 -52.45
C ALA K 47 -10.75 -71.66 -51.03
N ARG K 48 -11.30 -72.85 -50.79
CA ARG K 48 -11.15 -73.48 -49.48
C ARG K 48 -9.68 -73.60 -49.11
N ALA K 49 -8.87 -74.13 -50.03
CA ALA K 49 -7.46 -74.32 -49.77
C ALA K 49 -6.78 -72.99 -49.49
N ALA K 50 -7.09 -71.96 -50.27
CA ALA K 50 -6.45 -70.65 -50.09
C ALA K 50 -6.80 -70.06 -48.72
N ASN K 51 -8.06 -70.16 -48.32
CA ASN K 51 -8.45 -69.65 -47.01
C ASN K 51 -7.74 -70.41 -45.90
N MET K 52 -7.64 -71.74 -46.04
CA MET K 52 -6.94 -72.52 -45.04
C MET K 52 -5.44 -72.21 -45.03
N PHE K 53 -4.86 -71.90 -46.19
CA PHE K 53 -3.48 -71.41 -46.22
C PHE K 53 -3.36 -70.12 -45.41
N LYS K 54 -4.27 -69.17 -45.65
CA LYS K 54 -4.26 -67.92 -44.91
C LYS K 54 -4.32 -68.17 -43.41
N MET K 55 -5.17 -69.12 -42.99
CA MET K 55 -5.17 -69.55 -41.60
C MET K 55 -3.84 -70.17 -41.19
N ALA K 56 -3.12 -70.77 -42.14
CA ALA K 56 -1.91 -71.51 -41.84
C ALA K 56 -0.67 -70.63 -41.71
N LYS K 57 -0.81 -69.32 -41.89
CA LYS K 57 0.26 -68.33 -41.80
C LYS K 57 1.11 -68.34 -43.07
N ASN K 58 0.86 -69.26 -44.00
CA ASN K 58 1.61 -69.32 -45.25
C ASN K 58 0.98 -68.32 -46.21
N TRP K 59 1.34 -67.05 -46.03
CA TRP K 59 0.68 -65.98 -46.79
C TRP K 59 0.95 -66.13 -48.28
N SER K 60 2.20 -66.43 -48.64
CA SER K 60 2.54 -66.53 -50.06
C SER K 60 1.75 -67.64 -50.74
N ALA K 61 1.63 -68.80 -50.08
CA ALA K 61 0.86 -69.88 -50.65
C ALA K 61 -0.61 -69.51 -50.79
N ALA K 62 -1.17 -68.83 -49.78
CA ALA K 62 -2.57 -68.42 -49.87
C ALA K 62 -2.78 -67.45 -51.03
N GLY K 63 -1.88 -66.48 -51.18
CA GLY K 63 -2.00 -65.54 -52.28
C GLY K 63 -1.85 -66.21 -53.64
N ASN K 64 -0.90 -67.13 -53.76
CA ASN K 64 -0.73 -67.86 -55.01
C ASN K 64 -1.97 -68.68 -55.35
N ALA K 65 -2.54 -69.36 -54.35
CA ALA K 65 -3.76 -70.13 -54.59
C ALA K 65 -4.90 -69.21 -55.01
N PHE K 66 -5.02 -68.04 -54.36
CA PHE K 66 -6.07 -67.11 -54.73
C PHE K 66 -5.88 -66.62 -56.16
N CYS K 67 -4.65 -66.28 -56.54
CA CYS K 67 -4.40 -65.81 -57.90
C CYS K 67 -4.71 -66.90 -58.92
N GLN K 68 -4.31 -68.14 -58.64
CA GLN K 68 -4.59 -69.23 -59.56
C GLN K 68 -6.09 -69.46 -59.71
N ALA K 69 -6.80 -69.50 -58.59
CA ALA K 69 -8.25 -69.69 -58.63
C ALA K 69 -8.91 -68.56 -59.41
N ALA K 70 -8.47 -67.32 -59.18
CA ALA K 70 -9.07 -66.18 -59.86
C ALA K 70 -8.84 -66.27 -61.36
N GLN K 71 -7.58 -66.49 -61.78
CA GLN K 71 -7.29 -66.51 -63.21
C GLN K 71 -7.99 -67.67 -63.90
N LEU K 72 -8.15 -68.81 -63.21
CA LEU K 72 -8.94 -69.89 -63.78
C LEU K 72 -10.41 -69.48 -63.88
N HIS K 73 -10.92 -68.77 -62.88
CA HIS K 73 -12.33 -68.37 -62.87
C HIS K 73 -12.65 -67.37 -63.96
N LEU K 74 -11.69 -66.50 -64.31
CA LEU K 74 -11.95 -65.48 -65.33
C LEU K 74 -12.48 -66.09 -66.62
N GLN K 75 -12.13 -67.35 -66.90
CA GLN K 75 -12.48 -67.95 -68.18
C GLN K 75 -13.96 -68.30 -68.27
N LEU K 76 -14.72 -68.18 -67.19
CA LEU K 76 -16.12 -68.62 -67.14
C LEU K 76 -17.10 -67.47 -67.34
N GLN K 77 -16.72 -66.46 -68.13
CA GLN K 77 -17.62 -65.35 -68.47
C GLN K 77 -18.18 -64.70 -67.22
N SER K 78 -17.41 -64.71 -66.13
CA SER K 78 -17.81 -64.10 -64.87
C SER K 78 -16.71 -63.16 -64.40
N LYS K 79 -17.10 -61.97 -63.95
CA LYS K 79 -16.17 -60.91 -63.65
C LYS K 79 -16.14 -60.50 -62.18
N HIS K 80 -17.28 -60.56 -61.48
CA HIS K 80 -17.31 -60.03 -60.13
C HIS K 80 -16.54 -60.92 -59.16
N ASP K 81 -16.77 -62.23 -59.22
CA ASP K 81 -15.97 -63.14 -58.40
C ASP K 81 -14.50 -63.03 -58.74
N ALA K 82 -14.18 -62.78 -60.01
CA ALA K 82 -12.79 -62.48 -60.36
C ALA K 82 -12.27 -61.29 -59.59
N ALA K 83 -13.06 -60.22 -59.52
CA ALA K 83 -12.67 -59.03 -58.76
C ALA K 83 -12.46 -59.36 -57.30
N THR K 84 -13.39 -60.12 -56.70
CA THR K 84 -13.28 -60.46 -55.29
C THR K 84 -12.01 -61.25 -55.03
N CYS K 85 -11.72 -62.24 -55.87
CA CYS K 85 -10.55 -63.07 -55.64
C CYS K 85 -9.26 -62.30 -55.90
N PHE K 86 -9.27 -61.39 -56.88
CA PHE K 86 -8.11 -60.53 -57.09
C PHE K 86 -7.86 -59.65 -55.88
N VAL K 87 -8.92 -59.08 -55.30
CA VAL K 87 -8.77 -58.25 -54.11
C VAL K 87 -8.26 -59.09 -52.95
N ASP K 88 -8.76 -60.31 -52.81
CA ASP K 88 -8.28 -61.19 -51.74
C ASP K 88 -6.80 -61.52 -51.92
N ALA K 89 -6.38 -61.79 -53.16
CA ALA K 89 -4.97 -62.05 -53.43
C ALA K 89 -4.12 -60.84 -53.11
N GLY K 90 -4.60 -59.65 -53.47
CA GLY K 90 -3.87 -58.43 -53.13
C GLY K 90 -3.76 -58.22 -51.64
N ASN K 91 -4.84 -58.49 -50.90
CA ASN K 91 -4.78 -58.38 -49.44
C ASN K 91 -3.80 -59.38 -48.86
N ALA K 92 -3.80 -60.61 -49.38
CA ALA K 92 -2.84 -61.61 -48.89
C ALA K 92 -1.42 -61.19 -49.17
N PHE K 93 -1.15 -60.66 -50.36
CA PHE K 93 0.19 -60.24 -50.74
C PHE K 93 0.59 -58.91 -50.11
N LYS K 94 -0.36 -58.17 -49.53
CA LYS K 94 -0.03 -56.92 -48.83
C LYS K 94 1.18 -57.13 -47.93
N LYS K 95 1.11 -58.11 -47.05
CA LYS K 95 2.25 -58.51 -46.25
C LYS K 95 3.16 -59.41 -47.08
N ALA K 96 4.37 -59.63 -46.58
CA ALA K 96 5.37 -60.42 -47.30
C ALA K 96 5.76 -59.68 -48.58
N ASP K 97 5.33 -60.18 -49.74
CA ASP K 97 5.67 -59.58 -51.01
C ASP K 97 4.50 -58.75 -51.50
N PRO K 98 4.58 -57.41 -51.50
CA PRO K 98 3.43 -56.61 -51.96
C PRO K 98 3.51 -56.17 -53.41
N GLN K 99 4.63 -56.44 -54.09
CA GLN K 99 4.79 -55.91 -55.44
C GLN K 99 3.73 -56.46 -56.38
N GLU K 100 3.58 -57.78 -56.44
CA GLU K 100 2.53 -58.36 -57.27
C GLU K 100 1.14 -57.99 -56.76
N ALA K 101 1.03 -57.62 -55.48
CA ALA K 101 -0.23 -57.11 -54.98
C ALA K 101 -0.63 -55.83 -55.71
N ILE K 102 0.36 -54.99 -56.04
CA ILE K 102 0.08 -53.78 -56.80
C ILE K 102 -0.51 -54.15 -58.16
N ASN K 103 0.12 -55.10 -58.86
CA ASN K 103 -0.38 -55.51 -60.17
C ASN K 103 -1.81 -56.04 -60.07
N CYS K 104 -2.04 -56.97 -59.14
CA CYS K 104 -3.36 -57.58 -59.04
C CYS K 104 -4.42 -56.55 -58.66
N LEU K 105 -4.06 -55.61 -57.77
CA LEU K 105 -4.97 -54.52 -57.45
C LEU K 105 -5.26 -53.68 -58.68
N MET K 106 -4.26 -53.41 -59.51
CA MET K 106 -4.50 -52.64 -60.73
C MET K 106 -5.46 -53.39 -61.65
N ARG K 107 -5.34 -54.71 -61.73
CA ARG K 107 -6.28 -55.50 -62.52
C ARG K 107 -7.70 -55.36 -61.95
N ALA K 108 -7.83 -55.45 -60.62
CA ALA K 108 -9.13 -55.25 -60.01
C ALA K 108 -9.67 -53.86 -60.32
N ILE K 109 -8.79 -52.85 -60.36
CA ILE K 109 -9.22 -51.48 -60.60
C ILE K 109 -9.73 -51.33 -62.02
N GLU K 110 -8.99 -51.88 -63.00
CA GLU K 110 -9.46 -51.77 -64.37
C GLU K 110 -10.77 -52.51 -64.56
N ILE K 111 -10.94 -53.66 -63.89
CA ILE K 111 -12.23 -54.36 -63.93
C ILE K 111 -13.33 -53.48 -63.37
N TYR K 112 -13.08 -52.87 -62.20
CA TYR K 112 -14.11 -52.06 -61.56
C TYR K 112 -14.49 -50.87 -62.43
N THR K 113 -13.50 -50.10 -62.87
CA THR K 113 -13.78 -48.93 -63.70
C THR K 113 -14.42 -49.34 -65.02
N ASP K 114 -14.19 -50.58 -65.49
CA ASP K 114 -14.96 -51.08 -66.61
C ASP K 114 -16.41 -51.33 -66.20
N MET K 115 -16.63 -51.75 -64.95
CA MET K 115 -17.99 -51.99 -64.47
C MET K 115 -18.71 -50.68 -64.21
N GLY K 116 -18.10 -49.80 -63.42
CA GLY K 116 -18.63 -48.46 -63.23
C GLY K 116 -18.66 -47.97 -61.80
N ARG K 117 -18.27 -48.81 -60.85
CA ARG K 117 -18.23 -48.40 -59.45
C ARG K 117 -16.92 -47.66 -59.19
N PHE K 118 -17.02 -46.36 -58.88
CA PHE K 118 -15.87 -45.47 -58.78
C PHE K 118 -15.36 -45.31 -57.36
N THR K 119 -16.27 -45.24 -56.37
CA THR K 119 -15.84 -45.08 -54.99
C THR K 119 -14.99 -46.27 -54.55
N ILE K 120 -15.37 -47.48 -54.95
CA ILE K 120 -14.55 -48.65 -54.67
C ILE K 120 -13.20 -48.50 -55.35
N ALA K 121 -13.21 -48.10 -56.63
CA ALA K 121 -11.95 -47.88 -57.34
C ALA K 121 -11.11 -46.84 -56.64
N ALA K 122 -11.74 -45.76 -56.14
CA ALA K 122 -10.98 -44.69 -55.51
C ALA K 122 -10.38 -45.14 -54.18
N LYS K 123 -11.15 -45.89 -53.37
CA LYS K 123 -10.60 -46.37 -52.11
C LYS K 123 -9.45 -47.35 -52.35
N HIS K 124 -9.58 -48.20 -53.38
CA HIS K 124 -8.47 -49.06 -53.73
C HIS K 124 -7.28 -48.25 -54.22
N HIS K 125 -7.52 -47.15 -54.95
CA HIS K 125 -6.44 -46.29 -55.38
C HIS K 125 -5.68 -45.72 -54.18
N ILE K 126 -6.42 -45.23 -53.18
CA ILE K 126 -5.75 -44.68 -52.00
C ILE K 126 -5.02 -45.77 -51.23
N SER K 127 -5.57 -47.00 -51.20
CA SER K 127 -4.86 -48.11 -50.58
C SER K 127 -3.55 -48.39 -51.30
N ILE K 128 -3.58 -48.42 -52.63
CA ILE K 128 -2.38 -48.64 -53.42
C ILE K 128 -1.36 -47.53 -53.12
N ALA K 129 -1.83 -46.29 -53.09
CA ALA K 129 -0.95 -45.18 -52.75
C ALA K 129 -0.28 -45.42 -51.40
N GLU K 130 -1.08 -45.59 -50.34
CA GLU K 130 -0.52 -45.68 -48.99
C GLU K 130 0.48 -46.82 -48.88
N ILE K 131 0.16 -47.99 -49.47
CA ILE K 131 1.11 -49.09 -49.43
C ILE K 131 2.38 -48.70 -50.16
N TYR K 132 2.26 -48.00 -51.30
CA TYR K 132 3.43 -47.63 -52.08
C TYR K 132 4.33 -46.70 -51.28
N GLU K 133 3.76 -45.71 -50.60
CA GLU K 133 4.62 -44.76 -49.88
C GLU K 133 5.17 -45.38 -48.61
N THR K 134 4.40 -46.24 -47.94
CA THR K 134 4.88 -46.80 -46.68
C THR K 134 5.96 -47.85 -46.92
N GLU K 135 5.85 -48.63 -48.00
CA GLU K 135 6.80 -49.71 -48.24
C GLU K 135 7.72 -49.44 -49.42
N LEU K 136 7.29 -48.71 -50.45
CA LEU K 136 8.10 -48.41 -51.62
C LEU K 136 8.65 -46.99 -51.50
N VAL K 137 9.96 -46.85 -51.66
CA VAL K 137 10.61 -45.53 -51.49
C VAL K 137 10.51 -44.84 -52.85
N ASP K 138 9.36 -44.19 -53.06
CA ASP K 138 9.12 -43.42 -54.28
C ASP K 138 7.80 -42.67 -54.11
N VAL K 139 7.77 -41.44 -54.60
CA VAL K 139 6.71 -40.51 -54.24
C VAL K 139 5.97 -39.92 -55.44
N GLU K 140 6.56 -39.89 -56.64
CA GLU K 140 5.85 -39.32 -57.78
C GLU K 140 4.59 -40.14 -58.08
N LYS K 141 4.72 -41.48 -58.06
CA LYS K 141 3.55 -42.33 -58.21
C LYS K 141 2.57 -42.11 -57.07
N ALA K 142 3.07 -41.76 -55.88
CA ALA K 142 2.17 -41.38 -54.80
C ALA K 142 1.36 -40.15 -55.17
N ILE K 143 2.02 -39.14 -55.73
CA ILE K 143 1.31 -37.93 -56.14
C ILE K 143 0.26 -38.28 -57.18
N ALA K 144 0.62 -39.12 -58.15
CA ALA K 144 -0.32 -39.48 -59.22
C ALA K 144 -1.52 -40.23 -58.65
N HIS K 145 -1.27 -41.21 -57.78
CA HIS K 145 -2.36 -41.99 -57.20
C HIS K 145 -3.29 -41.11 -56.38
N TYR K 146 -2.72 -40.21 -55.57
CA TYR K 146 -3.56 -39.30 -54.80
C TYR K 146 -4.35 -38.38 -55.73
N GLU K 147 -3.75 -37.95 -56.83
CA GLU K 147 -4.48 -37.11 -57.79
C GLU K 147 -5.67 -37.87 -58.36
N GLN K 148 -5.47 -39.12 -58.78
CA GLN K 148 -6.58 -39.89 -59.33
C GLN K 148 -7.65 -40.14 -58.28
N SER K 149 -7.25 -40.45 -57.04
CA SER K 149 -8.22 -40.66 -55.98
C SER K 149 -9.05 -39.41 -55.73
N ALA K 150 -8.39 -38.25 -55.67
CA ALA K 150 -9.11 -37.00 -55.47
C ALA K 150 -10.04 -36.70 -56.64
N ASP K 151 -9.58 -36.96 -57.86
CA ASP K 151 -10.44 -36.77 -59.03
C ASP K 151 -11.69 -37.63 -58.92
N TYR K 152 -11.52 -38.91 -58.60
CA TYR K 152 -12.67 -39.80 -58.49
C TYR K 152 -13.61 -39.33 -57.39
N TYR K 153 -13.07 -38.95 -56.23
CA TYR K 153 -13.91 -38.53 -55.12
C TYR K 153 -14.69 -37.27 -55.45
N LYS K 154 -14.00 -36.23 -55.91
CA LYS K 154 -14.66 -34.97 -56.21
C LYS K 154 -15.62 -35.10 -57.39
N GLY K 155 -15.35 -36.02 -58.32
CA GLY K 155 -16.29 -36.23 -59.41
C GLY K 155 -17.63 -36.76 -58.93
N GLU K 156 -17.61 -37.55 -57.86
CA GLU K 156 -18.82 -38.15 -57.30
C GLU K 156 -19.44 -37.30 -56.20
N GLU K 157 -18.93 -36.08 -55.99
CA GLU K 157 -19.46 -35.09 -55.06
C GLU K 157 -19.06 -35.40 -53.62
N SER K 158 -18.31 -36.47 -53.37
CA SER K 158 -17.84 -36.76 -52.02
C SER K 158 -16.72 -35.80 -51.68
N ASN K 159 -17.10 -34.63 -51.16
CA ASN K 159 -16.16 -33.52 -51.06
C ASN K 159 -15.08 -33.77 -50.01
N SER K 160 -15.45 -34.33 -48.85
CA SER K 160 -14.53 -34.37 -47.72
C SER K 160 -13.29 -35.20 -48.04
N SER K 161 -13.50 -36.42 -48.55
CA SER K 161 -12.37 -37.28 -48.85
C SER K 161 -11.47 -36.67 -49.92
N ALA K 162 -12.08 -36.08 -50.95
CA ALA K 162 -11.29 -35.38 -51.96
C ALA K 162 -10.48 -34.24 -51.34
N ASN K 163 -11.10 -33.49 -50.42
CA ASN K 163 -10.40 -32.37 -49.79
C ASN K 163 -9.17 -32.87 -49.03
N LYS K 164 -9.35 -33.90 -48.20
CA LYS K 164 -8.21 -34.39 -47.42
C LYS K 164 -7.13 -34.98 -48.33
N CYS K 165 -7.54 -35.71 -49.37
CA CYS K 165 -6.57 -36.26 -50.31
C CYS K 165 -5.78 -35.16 -51.00
N LEU K 166 -6.46 -34.12 -51.47
CA LEU K 166 -5.79 -33.00 -52.10
C LEU K 166 -4.85 -32.29 -51.13
N LEU K 167 -5.30 -32.10 -49.88
CA LEU K 167 -4.45 -31.50 -48.87
C LEU K 167 -3.17 -32.30 -48.69
N LYS K 168 -3.30 -33.63 -48.55
CA LYS K 168 -2.13 -34.46 -48.32
C LYS K 168 -1.18 -34.43 -49.51
N VAL K 169 -1.71 -34.55 -50.72
CA VAL K 169 -0.84 -34.58 -51.90
C VAL K 169 -0.13 -33.25 -52.05
N ALA K 170 -0.85 -32.14 -51.86
CA ALA K 170 -0.23 -30.82 -51.99
C ALA K 170 0.83 -30.61 -50.92
N GLY K 171 0.54 -31.00 -49.67
CA GLY K 171 1.52 -30.87 -48.61
C GLY K 171 2.78 -31.67 -48.89
N TYR K 172 2.61 -32.89 -49.41
CA TYR K 172 3.78 -33.70 -49.75
C TYR K 172 4.57 -33.06 -50.90
N ALA K 173 3.87 -32.60 -51.94
CA ALA K 173 4.55 -31.97 -53.05
C ALA K 173 5.32 -30.73 -52.62
N ALA K 174 4.78 -29.98 -51.66
CA ALA K 174 5.47 -28.78 -51.19
C ALA K 174 6.89 -29.10 -50.72
N GLN K 175 7.07 -30.25 -50.09
CA GLN K 175 8.37 -30.60 -49.52
C GLN K 175 9.42 -30.75 -50.63
N LEU K 176 9.08 -31.42 -51.72
CA LEU K 176 10.04 -31.77 -52.75
C LEU K 176 9.67 -31.28 -54.15
N GLU K 177 8.54 -30.59 -54.30
CA GLU K 177 8.05 -30.17 -55.60
C GLU K 177 7.85 -28.67 -55.59
N GLN K 178 7.77 -28.09 -56.79
CA GLN K 178 7.61 -26.65 -56.90
C GLN K 178 6.38 -26.20 -56.11
N TYR K 179 6.54 -25.08 -55.39
CA TYR K 179 5.54 -24.68 -54.41
C TYR K 179 4.31 -24.06 -55.06
N GLN K 180 4.34 -23.83 -56.37
CA GLN K 180 3.17 -23.26 -57.04
C GLN K 180 1.94 -24.13 -56.83
N LYS K 181 2.09 -25.45 -57.03
CA LYS K 181 0.99 -26.35 -56.76
C LYS K 181 0.60 -26.32 -55.29
N ALA K 182 1.59 -26.30 -54.40
CA ALA K 182 1.29 -26.17 -52.98
C ALA K 182 0.41 -24.94 -52.74
N ILE K 183 0.81 -23.80 -53.30
CA ILE K 183 0.03 -22.57 -53.14
C ILE K 183 -1.38 -22.78 -53.66
N ASP K 184 -1.51 -23.34 -54.87
CA ASP K 184 -2.82 -23.44 -55.50
C ASP K 184 -3.76 -24.31 -54.68
N ILE K 185 -3.33 -25.53 -54.35
CA ILE K 185 -4.21 -26.42 -53.59
C ILE K 185 -4.48 -25.87 -52.19
N TYR K 186 -3.46 -25.31 -51.53
CA TYR K 186 -3.68 -24.79 -50.19
C TYR K 186 -4.70 -23.65 -50.21
N GLU K 187 -4.56 -22.73 -51.16
CA GLU K 187 -5.52 -21.64 -51.28
C GLU K 187 -6.91 -22.17 -51.61
N GLN K 188 -6.99 -23.14 -52.51
CA GLN K 188 -8.30 -23.68 -52.89
C GLN K 188 -9.00 -24.31 -51.68
N VAL K 189 -8.27 -25.14 -50.93
CA VAL K 189 -8.89 -25.81 -49.78
C VAL K 189 -9.24 -24.80 -48.70
N GLY K 190 -8.38 -23.79 -48.49
CA GLY K 190 -8.69 -22.77 -47.51
C GLY K 190 -9.93 -21.99 -47.88
N THR K 191 -10.03 -21.59 -49.15
CA THR K 191 -11.21 -20.86 -49.62
C THR K 191 -12.46 -21.71 -49.48
N SER K 192 -12.37 -22.99 -49.83
CA SER K 192 -13.54 -23.87 -49.68
C SER K 192 -13.95 -23.95 -48.22
N ALA K 193 -12.98 -24.05 -47.31
CA ALA K 193 -13.30 -24.17 -45.89
C ALA K 193 -13.84 -22.88 -45.29
N MET K 194 -13.45 -21.71 -45.83
CA MET K 194 -13.90 -20.46 -45.22
C MET K 194 -15.41 -20.41 -45.09
N ASP K 195 -16.13 -20.67 -46.18
CA ASP K 195 -17.59 -20.61 -46.15
C ASP K 195 -18.17 -21.64 -45.20
N SER K 196 -17.66 -22.88 -45.25
CA SER K 196 -18.24 -23.93 -44.43
C SER K 196 -17.94 -23.67 -42.96
N PRO K 197 -18.92 -23.87 -42.06
CA PRO K 197 -18.66 -23.64 -40.64
C PRO K 197 -17.78 -24.71 -40.01
N LEU K 198 -17.48 -25.78 -40.74
CA LEU K 198 -16.69 -26.87 -40.18
C LEU K 198 -15.23 -26.45 -40.00
N LEU K 199 -14.57 -26.09 -41.10
CA LEU K 199 -13.14 -25.82 -41.12
C LEU K 199 -12.82 -24.33 -41.06
N LYS K 200 -13.82 -23.46 -40.96
CA LYS K 200 -13.54 -22.03 -40.92
C LYS K 200 -12.74 -21.63 -39.70
N TYR K 201 -12.69 -22.51 -38.69
CA TYR K 201 -11.85 -22.30 -37.51
C TYR K 201 -10.50 -23.00 -37.62
N SER K 202 -10.22 -23.64 -38.75
CA SER K 202 -8.94 -24.30 -38.96
C SER K 202 -8.26 -23.91 -40.27
N ALA K 203 -8.95 -23.21 -41.16
CA ALA K 203 -8.33 -22.77 -42.41
C ALA K 203 -7.19 -21.80 -42.16
N LYS K 204 -7.11 -21.22 -40.96
CA LYS K 204 -5.97 -20.37 -40.61
C LYS K 204 -4.66 -21.12 -40.79
N ASP K 205 -4.64 -22.41 -40.45
CA ASP K 205 -3.43 -23.20 -40.64
C ASP K 205 -3.08 -23.33 -42.12
N TYR K 206 -4.08 -23.53 -42.97
CA TYR K 206 -3.82 -23.61 -44.40
C TYR K 206 -3.28 -22.30 -44.95
N PHE K 207 -3.88 -21.18 -44.50
CA PHE K 207 -3.37 -19.87 -44.91
C PHE K 207 -1.94 -19.67 -44.44
N PHE K 208 -1.62 -20.13 -43.23
CA PHE K 208 -0.27 -20.02 -42.70
C PHE K 208 0.71 -20.84 -43.54
N LYS K 209 0.32 -22.07 -43.90
CA LYS K 209 1.18 -22.90 -44.74
C LYS K 209 1.41 -22.25 -46.10
N ALA K 210 0.35 -21.68 -46.69
CA ALA K 210 0.50 -20.99 -47.97
C ALA K 210 1.43 -19.79 -47.83
N ALA K 211 1.32 -19.05 -46.72
CA ALA K 211 2.21 -17.91 -46.51
C ALA K 211 3.66 -18.35 -46.38
N LEU K 212 3.90 -19.45 -45.65
CA LEU K 212 5.26 -19.98 -45.56
C LEU K 212 5.78 -20.42 -46.92
N CYS K 213 4.92 -21.04 -47.72
CA CYS K 213 5.31 -21.45 -49.07
C CYS K 213 5.68 -20.24 -49.92
N HIS K 214 4.89 -19.16 -49.82
CA HIS K 214 5.22 -17.94 -50.54
C HIS K 214 6.56 -17.39 -50.07
N PHE K 215 6.80 -17.38 -48.76
CA PHE K 215 8.03 -16.80 -48.22
C PHE K 215 9.26 -17.61 -48.64
N CYS K 216 9.13 -18.95 -48.68
CA CYS K 216 10.32 -19.76 -48.99
C CYS K 216 10.93 -19.39 -50.32
N ILE K 217 10.12 -18.83 -51.23
CA ILE K 217 10.61 -18.40 -52.54
C ILE K 217 11.11 -16.97 -52.45
N ASP K 218 10.23 -16.04 -52.09
CA ASP K 218 10.56 -14.62 -52.07
C ASP K 218 9.80 -13.94 -50.95
N MET K 219 10.22 -12.71 -50.64
CA MET K 219 9.65 -11.94 -49.55
C MET K 219 8.52 -11.03 -50.01
N LEU K 220 8.76 -10.26 -51.08
CA LEU K 220 7.76 -9.32 -51.55
C LEU K 220 6.45 -10.03 -51.90
N ASN K 221 6.53 -11.12 -52.68
CA ASN K 221 5.33 -11.85 -53.02
C ASN K 221 4.69 -12.46 -51.78
N ALA K 222 5.50 -12.85 -50.79
CA ALA K 222 4.93 -13.32 -49.52
C ALA K 222 4.17 -12.20 -48.82
N LYS K 223 4.72 -10.98 -48.82
CA LYS K 223 4.02 -9.85 -48.25
C LYS K 223 2.69 -9.60 -48.96
N LEU K 224 2.70 -9.65 -50.30
CA LEU K 224 1.47 -9.46 -51.06
C LEU K 224 0.45 -10.54 -50.73
N ALA K 225 0.91 -11.80 -50.65
CA ALA K 225 -0.01 -12.90 -50.36
C ALA K 225 -0.62 -12.74 -48.97
N VAL K 226 0.19 -12.38 -47.97
CA VAL K 226 -0.35 -12.27 -46.62
C VAL K 226 -1.30 -11.10 -46.51
N GLN K 227 -0.97 -9.95 -47.13
CA GLN K 227 -1.88 -8.82 -47.06
C GLN K 227 -3.20 -9.14 -47.78
N LYS K 228 -3.12 -9.82 -48.92
CA LYS K 228 -4.35 -10.21 -49.61
C LYS K 228 -5.16 -11.19 -48.77
N TYR K 229 -4.50 -12.14 -48.10
CA TYR K 229 -5.21 -13.09 -47.25
C TYR K 229 -5.95 -12.37 -46.13
N GLU K 230 -5.24 -11.49 -45.41
CA GLU K 230 -5.88 -10.80 -44.28
C GLU K 230 -6.95 -9.84 -44.76
N GLU K 231 -6.80 -9.25 -45.95
CA GLU K 231 -7.87 -8.42 -46.51
C GLU K 231 -9.10 -9.27 -46.79
N LEU K 232 -8.91 -10.43 -47.41
CA LEU K 232 -10.03 -11.33 -47.70
C LEU K 232 -10.59 -11.94 -46.42
N PHE K 233 -9.71 -12.25 -45.46
CA PHE K 233 -10.07 -12.91 -44.21
C PHE K 233 -9.67 -12.00 -43.06
N PRO K 234 -10.56 -11.07 -42.66
CA PRO K 234 -10.18 -10.12 -41.59
C PRO K 234 -9.77 -10.80 -40.30
N ALA K 235 -10.42 -11.89 -39.93
CA ALA K 235 -10.10 -12.55 -38.66
C ALA K 235 -8.74 -13.21 -38.65
N PHE K 236 -8.01 -13.19 -39.76
CA PHE K 236 -6.64 -13.69 -39.76
C PHE K 236 -5.67 -12.68 -39.16
N SER K 237 -6.03 -11.39 -39.14
CA SER K 237 -5.12 -10.37 -38.64
C SER K 237 -4.78 -10.60 -37.17
N ASP K 238 -5.79 -10.81 -36.33
CA ASP K 238 -5.54 -11.03 -34.92
C ASP K 238 -4.84 -12.35 -34.64
N SER K 239 -4.76 -13.24 -35.63
CA SER K 239 -4.12 -14.53 -35.45
C SER K 239 -2.68 -14.33 -34.99
N ARG K 240 -2.29 -15.09 -33.96
CA ARG K 240 -0.90 -15.06 -33.51
C ARG K 240 0.05 -15.42 -34.64
N GLU K 241 -0.41 -16.24 -35.60
CA GLU K 241 0.42 -16.59 -36.74
C GLU K 241 0.74 -15.38 -37.60
N CYS K 242 -0.22 -14.45 -37.72
CA CYS K 242 0.05 -13.22 -38.47
C CYS K 242 1.15 -12.40 -37.81
N LYS K 243 1.10 -12.26 -36.49
CA LYS K 243 2.16 -11.56 -35.76
C LYS K 243 3.49 -12.29 -35.93
N LEU K 244 3.45 -13.62 -35.89
CA LEU K 244 4.65 -14.42 -36.10
C LEU K 244 5.28 -14.10 -37.45
N MET K 245 4.47 -14.15 -38.51
CA MET K 245 5.01 -13.90 -39.84
C MET K 245 5.50 -12.47 -39.98
N LYS K 246 4.80 -11.52 -39.35
CA LYS K 246 5.24 -10.13 -39.41
C LYS K 246 6.61 -9.97 -38.77
N LYS K 247 6.80 -10.53 -37.57
CA LYS K 247 8.11 -10.39 -36.92
C LYS K 247 9.19 -11.12 -37.70
N LEU K 248 8.90 -12.31 -38.22
CA LEU K 248 9.89 -13.02 -39.03
C LEU K 248 10.30 -12.21 -40.25
N LEU K 249 9.33 -11.69 -41.00
CA LEU K 249 9.67 -10.97 -42.22
C LEU K 249 10.39 -9.66 -41.91
N GLU K 250 10.00 -8.98 -40.83
CA GLU K 250 10.71 -7.76 -40.45
C GLU K 250 12.15 -8.07 -40.08
N ALA K 251 12.37 -9.15 -39.32
CA ALA K 251 13.74 -9.53 -38.98
C ALA K 251 14.53 -9.90 -40.23
N HIS K 252 13.92 -10.66 -41.13
CA HIS K 252 14.61 -11.09 -42.34
C HIS K 252 14.99 -9.89 -43.21
N GLU K 253 14.11 -8.89 -43.29
CA GLU K 253 14.44 -7.68 -44.03
C GLU K 253 15.75 -7.07 -43.54
N GLU K 254 16.03 -7.15 -42.24
CA GLU K 254 17.23 -6.56 -41.67
C GLU K 254 18.42 -7.49 -41.68
N GLN K 255 18.22 -8.77 -41.99
CA GLN K 255 19.30 -9.76 -42.00
C GLN K 255 20.00 -9.79 -40.64
N ASN K 256 19.25 -10.20 -39.63
CA ASN K 256 19.75 -10.35 -38.26
C ASN K 256 19.39 -11.75 -37.78
N VAL K 257 20.38 -12.65 -37.84
CA VAL K 257 20.12 -14.06 -37.53
C VAL K 257 19.64 -14.21 -36.09
N ASP K 258 20.21 -13.44 -35.17
CA ASP K 258 19.90 -13.61 -33.76
C ASP K 258 18.42 -13.38 -33.48
N SER K 259 17.86 -12.30 -34.02
CA SER K 259 16.46 -11.99 -33.76
C SER K 259 15.54 -13.07 -34.31
N TYR K 260 15.79 -13.51 -35.55
CA TYR K 260 14.98 -14.56 -36.14
C TYR K 260 15.05 -15.84 -35.33
N THR K 261 16.26 -16.23 -34.92
CA THR K 261 16.45 -17.46 -34.16
C THR K 261 15.73 -17.39 -32.82
N GLU K 262 15.92 -16.30 -32.08
CA GLU K 262 15.25 -16.20 -30.79
C GLU K 262 13.73 -16.14 -30.95
N SER K 263 13.25 -15.52 -32.04
CA SER K 263 11.81 -15.42 -32.24
C SER K 263 11.20 -16.78 -32.54
N VAL K 264 11.84 -17.56 -33.42
CA VAL K 264 11.35 -18.90 -33.69
C VAL K 264 11.46 -19.78 -32.46
N LYS K 265 12.52 -19.59 -31.66
CA LYS K 265 12.65 -20.35 -30.43
C LYS K 265 11.51 -20.03 -29.46
N GLU K 266 11.17 -18.74 -29.34
CA GLU K 266 10.06 -18.35 -28.46
C GLU K 266 8.75 -18.95 -28.96
N TYR K 267 8.52 -18.91 -30.28
CA TYR K 267 7.31 -19.53 -30.81
C TYR K 267 7.28 -21.03 -30.51
N ASP K 268 8.43 -21.69 -30.62
CA ASP K 268 8.50 -23.11 -30.31
C ASP K 268 8.20 -23.38 -28.84
N SER K 269 8.64 -22.47 -27.95
CA SER K 269 8.45 -22.68 -26.52
C SER K 269 6.99 -22.98 -26.21
N ILE K 270 6.08 -22.15 -26.72
CA ILE K 270 4.66 -22.45 -26.65
C ILE K 270 4.31 -23.37 -27.80
N SER K 271 3.30 -24.21 -27.58
CA SER K 271 2.92 -25.23 -28.57
C SER K 271 4.18 -26.03 -28.93
N ARG K 272 4.31 -26.46 -30.18
CA ARG K 272 5.47 -27.23 -30.60
C ARG K 272 5.59 -27.13 -32.12
N LEU K 273 6.83 -27.17 -32.60
CA LEU K 273 7.08 -27.21 -34.02
C LEU K 273 6.94 -28.64 -34.55
N ASP K 274 6.99 -28.77 -35.88
CA ASP K 274 6.83 -30.05 -36.55
C ASP K 274 8.03 -30.29 -37.46
N GLN K 275 8.24 -31.56 -37.82
CA GLN K 275 9.33 -31.91 -38.72
C GLN K 275 9.26 -31.07 -39.99
N TRP K 276 8.06 -30.81 -40.47
CA TRP K 276 7.90 -30.11 -41.74
C TRP K 276 8.14 -28.62 -41.54
N LEU K 277 7.51 -28.03 -40.54
CA LEU K 277 7.69 -26.59 -40.35
C LEU K 277 9.12 -26.30 -39.94
N THR K 278 9.74 -27.20 -39.15
CA THR K 278 11.15 -27.04 -38.82
C THR K 278 12.01 -27.07 -40.08
N THR K 279 11.74 -28.02 -40.98
CA THR K 279 12.50 -28.09 -42.23
C THR K 279 12.31 -26.82 -43.04
N MET K 280 11.07 -26.32 -43.13
CA MET K 280 10.81 -25.11 -43.89
C MET K 280 11.56 -23.92 -43.30
N LEU K 281 11.51 -23.77 -41.98
CA LEU K 281 12.21 -22.65 -41.34
C LEU K 281 13.70 -22.75 -41.55
N LEU K 282 14.28 -23.95 -41.42
CA LEU K 282 15.71 -24.09 -41.65
C LEU K 282 16.07 -23.78 -43.09
N ARG K 283 15.25 -24.24 -44.05
CA ARG K 283 15.53 -23.99 -45.45
C ARG K 283 15.50 -22.51 -45.77
N ILE K 284 14.48 -21.79 -45.27
CA ILE K 284 14.42 -20.36 -45.53
C ILE K 284 15.57 -19.63 -44.83
N LYS K 285 15.96 -20.11 -43.64
CA LYS K 285 17.06 -19.48 -42.91
C LYS K 285 18.37 -19.63 -43.68
N LYS K 286 18.61 -20.81 -44.26
CA LYS K 286 19.91 -21.12 -44.84
C LYS K 286 20.29 -20.15 -45.95
N THR K 287 19.32 -19.46 -46.56
CA THR K 287 19.57 -18.55 -47.67
C THR K 287 19.42 -17.10 -47.24
N ILE K 288 19.60 -16.82 -45.94
CA ILE K 288 19.49 -15.45 -45.44
C ILE K 288 20.57 -14.57 -46.06
N GLN K 289 21.80 -15.06 -46.13
CA GLN K 289 22.92 -14.27 -46.64
C GLN K 289 23.05 -12.98 -45.85
N GLY L 1 -45.50 -64.30 -14.67
CA GLY L 1 -46.47 -64.94 -13.74
C GLY L 1 -47.43 -65.88 -14.45
N MET L 2 -48.68 -65.45 -14.59
CA MET L 2 -49.66 -66.27 -15.29
C MET L 2 -49.24 -66.49 -16.74
N ASP L 3 -48.69 -65.46 -17.38
CA ASP L 3 -48.19 -65.62 -18.74
C ASP L 3 -47.13 -66.70 -18.80
N THR L 4 -46.16 -66.65 -17.89
CA THR L 4 -45.09 -67.65 -17.89
C THR L 4 -45.63 -69.05 -17.61
N SER L 5 -46.59 -69.16 -16.69
CA SER L 5 -47.15 -70.46 -16.37
C SER L 5 -47.86 -71.06 -17.58
N GLY L 6 -48.70 -70.26 -18.25
CA GLY L 6 -49.36 -70.76 -19.45
C GLY L 6 -48.37 -71.10 -20.55
N LYS L 7 -47.35 -70.26 -20.72
CA LYS L 7 -46.31 -70.55 -21.71
C LYS L 7 -45.67 -71.89 -21.43
N GLN L 8 -45.33 -72.17 -20.16
CA GLN L 8 -44.71 -73.45 -19.83
C GLN L 8 -45.68 -74.61 -20.00
N ALA L 9 -46.97 -74.38 -19.75
CA ALA L 9 -47.96 -75.43 -19.96
C ALA L 9 -48.00 -75.85 -21.43
N GLU L 10 -48.24 -74.90 -22.33
CA GLU L 10 -48.20 -75.28 -23.73
C GLU L 10 -46.79 -75.62 -24.19
N ALA L 11 -45.77 -75.30 -23.39
CA ALA L 11 -44.42 -75.74 -23.70
C ALA L 11 -44.28 -77.25 -23.51
N MET L 12 -44.76 -77.75 -22.39
CA MET L 12 -44.78 -79.19 -22.19
C MET L 12 -45.65 -79.85 -23.25
N ALA L 13 -46.79 -79.23 -23.57
CA ALA L 13 -47.63 -79.75 -24.64
C ALA L 13 -46.84 -79.86 -25.95
N LEU L 14 -46.18 -78.77 -26.34
CA LEU L 14 -45.46 -78.74 -27.62
C LEU L 14 -44.32 -79.74 -27.64
N LEU L 15 -43.63 -79.93 -26.51
CA LEU L 15 -42.58 -80.95 -26.48
C LEU L 15 -43.17 -82.34 -26.62
N ALA L 16 -44.36 -82.58 -26.05
CA ALA L 16 -45.02 -83.86 -26.27
C ALA L 16 -45.33 -84.06 -27.75
N GLU L 17 -45.92 -83.05 -28.39
CA GLU L 17 -46.19 -83.19 -29.83
C GLU L 17 -44.89 -83.29 -30.63
N ALA L 18 -43.79 -82.73 -30.13
CA ALA L 18 -42.53 -82.78 -30.86
C ALA L 18 -41.91 -84.17 -30.79
N GLU L 19 -41.93 -84.80 -29.62
CA GLU L 19 -41.45 -86.17 -29.53
C GLU L 19 -42.33 -87.10 -30.36
N ARG L 20 -43.64 -86.88 -30.33
CA ARG L 20 -44.52 -87.64 -31.22
C ARG L 20 -44.15 -87.39 -32.68
N LYS L 21 -43.84 -86.13 -33.02
CA LYS L 21 -43.46 -85.80 -34.39
C LYS L 21 -42.24 -86.60 -34.81
N VAL L 22 -41.18 -86.58 -34.00
CA VAL L 22 -39.95 -87.25 -34.41
C VAL L 22 -40.19 -88.76 -34.54
N LYS L 23 -40.86 -89.35 -33.55
CA LYS L 23 -41.07 -90.80 -33.58
C LYS L 23 -41.91 -91.21 -34.79
N ASN L 24 -43.09 -90.60 -34.96
CA ASN L 24 -43.94 -90.99 -36.06
C ASN L 24 -43.38 -90.56 -37.41
N SER L 25 -42.51 -89.54 -37.44
CA SER L 25 -41.89 -89.14 -38.69
C SER L 25 -40.84 -90.15 -39.14
N GLN L 26 -40.03 -90.65 -38.20
CA GLN L 26 -39.12 -91.73 -38.56
C GLN L 26 -39.90 -92.99 -38.96
N SER L 27 -41.01 -93.26 -38.26
CA SER L 27 -41.83 -94.41 -38.65
C SER L 27 -42.39 -94.24 -40.06
N PHE L 28 -42.89 -93.06 -40.40
CA PHE L 28 -43.42 -92.81 -41.73
C PHE L 28 -42.33 -92.85 -42.78
N PHE L 29 -41.13 -92.38 -42.46
CA PHE L 29 -40.02 -92.49 -43.39
C PHE L 29 -39.68 -93.95 -43.66
N SER L 30 -39.70 -94.79 -42.62
CA SER L 30 -39.40 -96.20 -42.80
C SER L 30 -40.49 -96.90 -43.62
N GLY L 31 -41.75 -96.61 -43.34
CA GLY L 31 -42.84 -97.37 -43.94
C GLY L 31 -43.36 -96.85 -45.26
N LEU L 32 -43.14 -95.57 -45.54
CA LEU L 32 -43.68 -94.91 -46.73
C LEU L 32 -42.64 -94.11 -47.50
N PHE L 33 -41.55 -93.67 -46.87
CA PHE L 33 -40.50 -92.90 -47.53
C PHE L 33 -41.07 -91.62 -48.13
N GLY L 34 -41.57 -90.76 -47.24
CA GLY L 34 -42.12 -89.47 -47.61
C GLY L 34 -41.10 -88.38 -47.85
N GLY L 35 -39.81 -88.68 -47.67
CA GLY L 35 -38.75 -87.72 -47.90
C GLY L 35 -38.14 -87.17 -46.63
N SER L 36 -38.02 -85.84 -46.53
CA SER L 36 -37.42 -85.22 -45.36
C SER L 36 -38.20 -84.00 -44.88
N SER L 37 -39.36 -83.71 -45.45
CA SER L 37 -40.12 -82.54 -45.00
C SER L 37 -40.53 -82.67 -43.55
N LYS L 38 -40.89 -83.88 -43.12
CA LYS L 38 -41.31 -84.09 -41.73
C LYS L 38 -40.17 -83.79 -40.77
N ILE L 39 -38.93 -84.13 -41.13
CA ILE L 39 -37.79 -83.83 -40.26
C ILE L 39 -37.62 -82.31 -40.15
N GLU L 40 -37.76 -81.59 -41.25
CA GLU L 40 -37.68 -80.13 -41.20
C GLU L 40 -38.78 -79.55 -40.33
N GLU L 41 -40.00 -80.10 -40.45
CA GLU L 41 -41.10 -79.63 -39.61
C GLU L 41 -40.79 -79.86 -38.14
N ALA L 42 -40.23 -81.03 -37.82
CA ALA L 42 -39.82 -81.30 -36.43
C ALA L 42 -38.75 -80.33 -35.99
N CYS L 43 -37.84 -79.95 -36.89
CA CYS L 43 -36.81 -78.97 -36.55
C CYS L 43 -37.43 -77.63 -36.22
N GLU L 44 -38.41 -77.18 -37.02
CA GLU L 44 -39.07 -75.91 -36.73
C GLU L 44 -39.89 -76.01 -35.45
N ILE L 45 -40.46 -77.18 -35.16
CA ILE L 45 -41.16 -77.38 -33.89
C ILE L 45 -40.19 -77.22 -32.73
N TYR L 46 -39.00 -77.82 -32.86
CA TYR L 46 -37.96 -77.65 -31.84
C TYR L 46 -37.59 -76.19 -31.69
N ALA L 47 -37.45 -75.48 -32.81
CA ALA L 47 -37.05 -74.07 -32.75
C ALA L 47 -38.09 -73.24 -32.02
N ARG L 48 -39.36 -73.37 -32.39
CA ARG L 48 -40.40 -72.58 -31.74
C ARG L 48 -40.55 -73.00 -30.27
N ALA L 49 -40.38 -74.29 -29.97
CA ALA L 49 -40.44 -74.74 -28.59
C ALA L 49 -39.35 -74.09 -27.76
N ALA L 50 -38.11 -74.04 -28.28
CA ALA L 50 -37.04 -73.39 -27.54
C ALA L 50 -37.30 -71.89 -27.39
N ASN L 51 -37.81 -71.26 -28.46
CA ASN L 51 -38.19 -69.85 -28.38
C ASN L 51 -39.16 -69.61 -27.24
N MET L 52 -40.24 -70.38 -27.18
CA MET L 52 -41.27 -70.16 -26.18
C MET L 52 -40.85 -70.66 -24.81
N PHE L 53 -39.87 -71.57 -24.74
CA PHE L 53 -39.21 -71.86 -23.48
C PHE L 53 -38.50 -70.62 -22.95
N LYS L 54 -37.71 -69.97 -23.79
CA LYS L 54 -37.08 -68.72 -23.40
C LYS L 54 -38.12 -67.70 -22.95
N MET L 55 -39.25 -67.64 -23.67
CA MET L 55 -40.37 -66.83 -23.20
C MET L 55 -40.81 -67.27 -21.80
N ALA L 56 -40.74 -68.57 -21.53
CA ALA L 56 -41.21 -69.14 -20.26
C ALA L 56 -40.19 -69.02 -19.14
N LYS L 57 -39.05 -68.39 -19.39
CA LYS L 57 -38.03 -68.16 -18.36
C LYS L 57 -37.39 -69.46 -17.91
N ASN L 58 -37.07 -70.34 -18.86
CA ASN L 58 -36.39 -71.60 -18.58
C ASN L 58 -35.23 -71.72 -19.56
N TRP L 59 -34.04 -71.30 -19.13
CA TRP L 59 -32.92 -71.18 -20.05
C TRP L 59 -32.24 -72.52 -20.30
N SER L 60 -32.15 -73.36 -19.28
CA SER L 60 -31.47 -74.65 -19.46
C SER L 60 -32.20 -75.50 -20.49
N ALA L 61 -33.52 -75.62 -20.34
CA ALA L 61 -34.31 -76.42 -21.28
C ALA L 61 -34.34 -75.78 -22.66
N ALA L 62 -34.39 -74.45 -22.73
CA ALA L 62 -34.34 -73.77 -24.01
C ALA L 62 -33.03 -74.06 -24.74
N GLY L 63 -31.92 -74.01 -24.01
CA GLY L 63 -30.63 -74.33 -24.62
C GLY L 63 -30.54 -75.79 -25.02
N ASN L 64 -31.12 -76.69 -24.22
CA ASN L 64 -31.15 -78.10 -24.60
C ASN L 64 -31.94 -78.29 -25.89
N ALA L 65 -33.09 -77.62 -26.00
CA ALA L 65 -33.89 -77.72 -27.22
C ALA L 65 -33.14 -77.15 -28.41
N PHE L 66 -32.43 -76.03 -28.21
CA PHE L 66 -31.64 -75.45 -29.30
C PHE L 66 -30.54 -76.40 -29.73
N CYS L 67 -29.86 -77.03 -28.78
CA CYS L 67 -28.83 -78.01 -29.13
C CYS L 67 -29.42 -79.19 -29.88
N GLN L 68 -30.58 -79.68 -29.44
CA GLN L 68 -31.22 -80.79 -30.13
C GLN L 68 -31.57 -80.41 -31.56
N ALA L 69 -32.14 -79.22 -31.74
CA ALA L 69 -32.47 -78.75 -33.09
C ALA L 69 -31.22 -78.62 -33.93
N ALA L 70 -30.14 -78.08 -33.36
CA ALA L 70 -28.90 -77.92 -34.11
C ALA L 70 -28.34 -79.25 -34.55
N GLN L 71 -28.33 -80.24 -33.66
CA GLN L 71 -27.76 -81.54 -34.01
C GLN L 71 -28.63 -82.26 -35.02
N LEU L 72 -29.96 -82.18 -34.88
CA LEU L 72 -30.83 -82.78 -35.87
C LEU L 72 -30.70 -82.10 -37.23
N HIS L 73 -30.52 -80.78 -37.24
CA HIS L 73 -30.38 -80.07 -38.50
C HIS L 73 -29.06 -80.41 -39.19
N LEU L 74 -27.95 -80.36 -38.45
CA LEU L 74 -26.67 -80.72 -39.05
C LEU L 74 -26.67 -82.19 -39.48
N GLN L 75 -27.41 -83.04 -38.77
CA GLN L 75 -27.65 -84.39 -39.26
C GLN L 75 -28.36 -84.36 -40.60
N LEU L 76 -29.15 -83.32 -40.85
CA LEU L 76 -29.81 -83.11 -42.14
C LEU L 76 -28.88 -82.48 -43.17
N GLN L 77 -27.58 -82.38 -42.87
CA GLN L 77 -26.57 -81.96 -43.84
C GLN L 77 -26.71 -80.48 -44.20
N SER L 78 -26.99 -79.66 -43.19
CA SER L 78 -26.99 -78.21 -43.34
C SER L 78 -26.33 -77.57 -42.12
N LYS L 79 -25.51 -76.55 -42.38
CA LYS L 79 -24.57 -75.99 -41.42
C LYS L 79 -25.02 -74.65 -40.84
N HIS L 80 -25.33 -73.65 -41.66
CA HIS L 80 -25.57 -72.32 -41.12
C HIS L 80 -26.69 -72.32 -40.09
N ASP L 81 -27.78 -73.03 -40.37
CA ASP L 81 -28.85 -73.14 -39.39
C ASP L 81 -28.39 -73.86 -38.12
N ALA L 82 -27.63 -74.94 -38.27
CA ALA L 82 -27.09 -75.62 -37.09
C ALA L 82 -26.16 -74.70 -36.30
N ALA L 83 -25.35 -73.90 -36.99
CA ALA L 83 -24.48 -72.96 -36.30
C ALA L 83 -25.29 -71.92 -35.54
N THR L 84 -26.35 -71.41 -36.16
CA THR L 84 -27.22 -70.45 -35.48
C THR L 84 -27.87 -71.07 -34.25
N CYS L 85 -28.33 -72.31 -34.37
CA CYS L 85 -28.92 -72.99 -33.23
C CYS L 85 -27.90 -73.18 -32.12
N PHE L 86 -26.67 -73.55 -32.48
CA PHE L 86 -25.63 -73.76 -31.47
C PHE L 86 -25.30 -72.45 -30.74
N VAL L 87 -25.18 -71.36 -31.48
CA VAL L 87 -24.86 -70.09 -30.84
C VAL L 87 -26.02 -69.63 -29.96
N ASP L 88 -27.26 -69.88 -30.41
CA ASP L 88 -28.41 -69.54 -29.56
C ASP L 88 -28.41 -70.37 -28.29
N ALA L 89 -28.07 -71.66 -28.40
CA ALA L 89 -27.98 -72.50 -27.20
C ALA L 89 -26.91 -71.99 -26.26
N GLY L 90 -25.76 -71.58 -26.81
CA GLY L 90 -24.71 -71.02 -25.97
C GLY L 90 -25.15 -69.75 -25.27
N ASN L 91 -25.86 -68.87 -25.98
CA ASN L 91 -26.37 -67.66 -25.36
C ASN L 91 -27.36 -68.00 -24.24
N ALA L 92 -28.23 -68.99 -24.49
CA ALA L 92 -29.18 -69.39 -23.45
C ALA L 92 -28.46 -69.95 -22.24
N PHE L 93 -27.39 -70.72 -22.47
CA PHE L 93 -26.63 -71.31 -21.37
C PHE L 93 -25.66 -70.32 -20.72
N LYS L 94 -25.44 -69.16 -21.36
CA LYS L 94 -24.54 -68.16 -20.77
C LYS L 94 -24.86 -67.94 -19.30
N LYS L 95 -26.11 -67.61 -19.00
CA LYS L 95 -26.55 -67.54 -17.61
C LYS L 95 -26.91 -68.94 -17.13
N ALA L 96 -27.12 -69.06 -15.82
CA ALA L 96 -27.39 -70.35 -15.20
C ALA L 96 -26.14 -71.22 -15.30
N ASP L 97 -26.17 -72.25 -16.15
CA ASP L 97 -25.02 -73.14 -16.31
C ASP L 97 -24.30 -72.81 -17.60
N PRO L 98 -23.10 -72.22 -17.56
CA PRO L 98 -22.40 -71.85 -18.81
C PRO L 98 -21.38 -72.86 -19.31
N GLN L 99 -21.09 -73.93 -18.58
CA GLN L 99 -20.00 -74.81 -18.95
C GLN L 99 -20.24 -75.42 -20.33
N GLU L 100 -21.41 -76.03 -20.54
CA GLU L 100 -21.73 -76.57 -21.86
C GLU L 100 -21.85 -75.47 -22.91
N ALA L 101 -22.13 -74.24 -22.49
CA ALA L 101 -22.06 -73.12 -23.42
C ALA L 101 -20.67 -73.03 -24.02
N ILE L 102 -19.65 -73.30 -23.21
CA ILE L 102 -18.27 -73.28 -23.71
C ILE L 102 -18.12 -74.28 -24.85
N ASN L 103 -18.57 -75.53 -24.64
CA ASN L 103 -18.40 -76.56 -25.65
C ASN L 103 -19.17 -76.22 -26.93
N CYS L 104 -20.41 -75.73 -26.77
CA CYS L 104 -21.20 -75.41 -27.96
C CYS L 104 -20.60 -74.23 -28.71
N LEU L 105 -20.05 -73.25 -27.99
CA LEU L 105 -19.38 -72.14 -28.64
C LEU L 105 -18.11 -72.62 -29.34
N MET L 106 -17.41 -73.60 -28.76
CA MET L 106 -16.26 -74.18 -29.45
C MET L 106 -16.69 -74.83 -30.75
N ARG L 107 -17.82 -75.54 -30.73
CA ARG L 107 -18.33 -76.16 -31.95
C ARG L 107 -18.71 -75.11 -32.99
N ALA L 108 -19.36 -74.03 -32.56
CA ALA L 108 -19.72 -72.96 -33.50
C ALA L 108 -18.47 -72.34 -34.12
N ILE L 109 -17.46 -72.05 -33.29
CA ILE L 109 -16.21 -71.50 -33.81
C ILE L 109 -15.56 -72.49 -34.77
N GLU L 110 -15.60 -73.78 -34.44
CA GLU L 110 -14.98 -74.79 -35.29
C GLU L 110 -15.63 -74.83 -36.66
N ILE L 111 -16.97 -74.84 -36.69
CA ILE L 111 -17.64 -74.88 -37.98
C ILE L 111 -17.38 -73.59 -38.76
N TYR L 112 -17.38 -72.45 -38.06
CA TYR L 112 -17.12 -71.18 -38.74
C TYR L 112 -15.74 -71.15 -39.37
N THR L 113 -14.70 -71.49 -38.59
CA THR L 113 -13.34 -71.51 -39.13
C THR L 113 -13.17 -72.57 -40.21
N ASP L 114 -13.91 -73.68 -40.12
CA ASP L 114 -13.88 -74.66 -41.20
C ASP L 114 -14.42 -74.05 -42.48
N MET L 115 -15.52 -73.29 -42.37
CA MET L 115 -16.06 -72.60 -43.54
C MET L 115 -15.06 -71.59 -44.09
N GLY L 116 -14.53 -70.73 -43.23
CA GLY L 116 -13.53 -69.78 -43.65
C GLY L 116 -13.76 -68.35 -43.20
N ARG L 117 -14.80 -68.12 -42.39
CA ARG L 117 -15.06 -66.79 -41.86
C ARG L 117 -14.38 -66.59 -40.52
N PHE L 118 -13.81 -65.40 -40.32
CA PHE L 118 -12.86 -65.15 -39.24
C PHE L 118 -13.42 -64.24 -38.16
N THR L 119 -14.06 -63.13 -38.54
CA THR L 119 -14.44 -62.12 -37.56
C THR L 119 -15.39 -62.70 -36.53
N ILE L 120 -16.40 -63.46 -36.96
CA ILE L 120 -17.32 -64.08 -36.01
C ILE L 120 -16.57 -65.07 -35.11
N ALA L 121 -15.61 -65.78 -35.68
CA ALA L 121 -14.80 -66.70 -34.87
C ALA L 121 -14.05 -65.95 -33.78
N ALA L 122 -13.42 -64.82 -34.13
CA ALA L 122 -12.70 -64.04 -33.13
C ALA L 122 -13.65 -63.46 -32.09
N LYS L 123 -14.83 -63.03 -32.51
CA LYS L 123 -15.82 -62.54 -31.56
C LYS L 123 -16.21 -63.62 -30.57
N HIS L 124 -16.44 -64.85 -31.07
CA HIS L 124 -16.76 -65.95 -30.18
C HIS L 124 -15.58 -66.29 -29.26
N HIS L 125 -14.35 -66.20 -29.77
CA HIS L 125 -13.18 -66.42 -28.93
C HIS L 125 -13.13 -65.42 -27.78
N ILE L 126 -13.35 -64.15 -28.08
CA ILE L 126 -13.30 -63.14 -27.02
C ILE L 126 -14.47 -63.32 -26.06
N SER L 127 -15.64 -63.74 -26.55
CA SER L 127 -16.75 -64.02 -25.67
C SER L 127 -16.42 -65.16 -24.72
N ILE L 128 -15.81 -66.23 -25.23
CA ILE L 128 -15.40 -67.34 -24.37
C ILE L 128 -14.35 -66.88 -23.37
N ALA L 129 -13.42 -66.03 -23.82
CA ALA L 129 -12.38 -65.54 -22.91
C ALA L 129 -12.98 -64.72 -21.78
N GLU L 130 -13.96 -63.86 -22.09
CA GLU L 130 -14.57 -63.08 -21.03
C GLU L 130 -15.45 -63.94 -20.13
N ILE L 131 -16.05 -65.00 -20.68
CA ILE L 131 -16.75 -65.97 -19.83
C ILE L 131 -15.79 -66.58 -18.83
N TYR L 132 -14.63 -67.06 -19.31
CA TYR L 132 -13.63 -67.62 -18.42
C TYR L 132 -13.21 -66.60 -17.36
N GLU L 133 -12.94 -65.37 -17.80
CA GLU L 133 -12.43 -64.35 -16.89
C GLU L 133 -13.46 -64.00 -15.81
N THR L 134 -14.72 -63.83 -16.21
CA THR L 134 -15.74 -63.39 -15.27
C THR L 134 -16.18 -64.50 -14.33
N GLU L 135 -16.32 -65.73 -14.83
CA GLU L 135 -16.89 -66.81 -14.05
C GLU L 135 -15.83 -67.73 -13.45
N LEU L 136 -14.65 -67.80 -14.04
CA LEU L 136 -13.58 -68.67 -13.59
C LEU L 136 -12.32 -67.85 -13.30
N VAL L 137 -11.29 -68.55 -12.83
CA VAL L 137 -10.00 -67.95 -12.48
C VAL L 137 -8.87 -68.48 -13.35
N ASP L 138 -9.14 -69.45 -14.22
CA ASP L 138 -8.11 -70.03 -15.08
C ASP L 138 -7.73 -69.00 -16.13
N VAL L 139 -6.93 -68.01 -15.71
CA VAL L 139 -6.56 -66.91 -16.58
C VAL L 139 -5.75 -67.38 -17.77
N GLU L 140 -5.15 -68.58 -17.70
CA GLU L 140 -4.36 -69.07 -18.83
C GLU L 140 -5.24 -69.29 -20.06
N LYS L 141 -6.43 -69.85 -19.88
CA LYS L 141 -7.34 -70.00 -21.01
C LYS L 141 -7.78 -68.66 -21.56
N ALA L 142 -8.02 -67.68 -20.67
CA ALA L 142 -8.35 -66.34 -21.13
C ALA L 142 -7.22 -65.76 -21.97
N ILE L 143 -5.98 -65.92 -21.50
CA ILE L 143 -4.83 -65.45 -22.27
C ILE L 143 -4.79 -66.12 -23.63
N ALA L 144 -4.97 -67.44 -23.66
CA ALA L 144 -4.91 -68.15 -24.93
C ALA L 144 -5.98 -67.66 -25.90
N HIS L 145 -7.21 -67.47 -25.40
CA HIS L 145 -8.30 -67.06 -26.29
C HIS L 145 -8.12 -65.62 -26.75
N TYR L 146 -7.68 -64.73 -25.87
CA TYR L 146 -7.41 -63.36 -26.27
C TYR L 146 -6.29 -63.31 -27.30
N GLU L 147 -5.24 -64.11 -27.11
CA GLU L 147 -4.14 -64.16 -28.08
C GLU L 147 -4.62 -64.67 -29.42
N GLN L 148 -5.44 -65.72 -29.42
CA GLN L 148 -5.93 -66.26 -30.69
C GLN L 148 -6.81 -65.24 -31.41
N SER L 149 -7.69 -64.57 -30.66
CA SER L 149 -8.53 -63.54 -31.26
C SER L 149 -7.67 -62.41 -31.82
N ALA L 150 -6.67 -61.97 -31.07
CA ALA L 150 -5.80 -60.90 -31.55
C ALA L 150 -5.06 -61.33 -32.81
N ASP L 151 -4.61 -62.58 -32.85
CA ASP L 151 -3.96 -63.09 -34.06
C ASP L 151 -4.91 -63.03 -35.24
N TYR L 152 -6.16 -63.45 -35.05
CA TYR L 152 -7.15 -63.36 -36.12
C TYR L 152 -7.31 -61.91 -36.58
N TYR L 153 -7.53 -61.00 -35.63
CA TYR L 153 -7.79 -59.61 -35.98
C TYR L 153 -6.62 -59.01 -36.74
N LYS L 154 -5.40 -59.22 -36.25
CA LYS L 154 -4.23 -58.68 -36.93
C LYS L 154 -4.04 -59.32 -38.30
N GLY L 155 -4.35 -60.62 -38.43
CA GLY L 155 -4.25 -61.26 -39.72
C GLY L 155 -5.22 -60.68 -40.73
N GLU L 156 -6.41 -60.27 -40.28
CA GLU L 156 -7.39 -59.63 -41.15
C GLU L 156 -7.22 -58.11 -41.15
N GLU L 157 -6.03 -57.62 -40.85
CA GLU L 157 -5.65 -56.21 -40.94
C GLU L 157 -6.45 -55.32 -40.00
N SER L 158 -7.23 -55.90 -39.09
CA SER L 158 -7.97 -55.12 -38.10
C SER L 158 -7.04 -54.76 -36.94
N ASN L 159 -6.13 -53.81 -37.21
CA ASN L 159 -5.12 -53.46 -36.24
C ASN L 159 -5.76 -53.00 -34.93
N SER L 160 -6.81 -52.17 -35.02
CA SER L 160 -7.44 -51.66 -33.81
C SER L 160 -8.00 -52.81 -32.97
N SER L 161 -8.64 -53.78 -33.62
CA SER L 161 -9.23 -54.87 -32.83
C SER L 161 -8.12 -55.65 -32.13
N ALA L 162 -7.02 -55.88 -32.82
CA ALA L 162 -5.92 -56.64 -32.24
C ALA L 162 -5.32 -55.90 -31.05
N ASN L 163 -5.33 -54.57 -31.11
CA ASN L 163 -4.64 -53.77 -30.09
C ASN L 163 -5.27 -53.97 -28.71
N LYS L 164 -6.61 -53.99 -28.65
CA LYS L 164 -7.29 -54.14 -27.36
C LYS L 164 -6.97 -55.50 -26.74
N CYS L 165 -7.04 -56.56 -27.55
CA CYS L 165 -6.71 -57.89 -27.05
C CYS L 165 -5.26 -57.96 -26.59
N LEU L 166 -4.35 -57.35 -27.35
CA LEU L 166 -2.94 -57.36 -26.95
C LEU L 166 -2.74 -56.62 -25.64
N LEU L 167 -3.45 -55.50 -25.45
CA LEU L 167 -3.34 -54.75 -24.20
C LEU L 167 -3.86 -55.58 -23.03
N LYS L 168 -5.00 -56.25 -23.21
CA LYS L 168 -5.53 -57.11 -22.14
C LYS L 168 -4.54 -58.23 -21.82
N VAL L 169 -3.97 -58.87 -22.85
CA VAL L 169 -3.02 -59.94 -22.63
C VAL L 169 -1.79 -59.42 -21.88
N ALA L 170 -1.29 -58.25 -22.27
CA ALA L 170 -0.15 -57.67 -21.59
C ALA L 170 -0.46 -57.37 -20.14
N GLY L 171 -1.65 -56.82 -19.88
CA GLY L 171 -2.02 -56.53 -18.50
C GLY L 171 -2.07 -57.78 -17.65
N TYR L 172 -2.70 -58.84 -18.16
CA TYR L 172 -2.80 -60.07 -17.37
C TYR L 172 -1.42 -60.72 -17.20
N ALA L 173 -0.59 -60.69 -18.24
CA ALA L 173 0.75 -61.27 -18.12
C ALA L 173 1.57 -60.52 -17.08
N ALA L 174 1.49 -59.18 -17.08
CA ALA L 174 2.15 -58.40 -16.04
C ALA L 174 1.58 -58.70 -14.67
N GLN L 175 0.28 -58.98 -14.60
CA GLN L 175 -0.32 -59.32 -13.31
C GLN L 175 0.30 -60.58 -12.72
N LEU L 176 0.54 -61.59 -13.56
CA LEU L 176 1.08 -62.86 -13.09
C LEU L 176 2.62 -62.85 -13.13
N GLU L 177 3.19 -61.79 -12.57
CA GLU L 177 4.64 -61.65 -12.41
C GLU L 177 5.41 -62.10 -13.64
N GLN L 178 4.90 -61.80 -14.84
CA GLN L 178 5.65 -61.94 -16.07
C GLN L 178 5.69 -60.59 -16.78
N TYR L 179 6.90 -60.09 -17.03
CA TYR L 179 7.10 -58.73 -17.51
C TYR L 179 7.60 -58.67 -18.94
N GLN L 180 8.29 -59.71 -19.42
CA GLN L 180 8.85 -59.68 -20.77
C GLN L 180 7.75 -59.53 -21.81
N LYS L 181 6.71 -60.36 -21.71
CA LYS L 181 5.58 -60.22 -22.64
C LYS L 181 4.93 -58.86 -22.48
N ALA L 182 4.73 -58.42 -21.23
CA ALA L 182 4.15 -57.10 -20.99
C ALA L 182 5.03 -56.02 -21.60
N ILE L 183 6.34 -56.07 -21.36
CA ILE L 183 7.24 -55.07 -21.91
C ILE L 183 7.14 -55.03 -23.43
N ASP L 184 7.19 -56.21 -24.06
CA ASP L 184 7.17 -56.26 -25.52
C ASP L 184 5.86 -55.69 -26.07
N ILE L 185 4.73 -56.13 -25.54
CA ILE L 185 3.45 -55.65 -26.06
C ILE L 185 3.29 -54.15 -25.83
N TYR L 186 3.65 -53.67 -24.63
CA TYR L 186 3.50 -52.26 -24.33
C TYR L 186 4.37 -51.41 -25.22
N GLU L 187 5.65 -51.77 -25.37
CA GLU L 187 6.53 -50.99 -26.23
C GLU L 187 6.08 -51.05 -27.69
N GLN L 188 5.60 -52.21 -28.13
CA GLN L 188 5.16 -52.34 -29.52
C GLN L 188 3.96 -51.44 -29.78
N VAL L 189 2.97 -51.45 -28.88
CA VAL L 189 1.79 -50.62 -29.09
C VAL L 189 2.15 -49.14 -28.97
N GLY L 190 3.06 -48.80 -28.05
CA GLY L 190 3.51 -47.42 -27.96
C GLY L 190 4.20 -46.94 -29.21
N THR L 191 5.03 -47.80 -29.81
CA THR L 191 5.75 -47.40 -31.02
C THR L 191 4.80 -47.32 -32.21
N SER L 192 3.86 -48.26 -32.31
CA SER L 192 2.81 -48.14 -33.31
C SER L 192 1.92 -46.93 -33.06
N ALA L 193 1.95 -46.38 -31.84
CA ALA L 193 1.18 -45.21 -31.48
C ALA L 193 1.88 -43.91 -31.83
N MET L 194 3.11 -43.96 -32.35
CA MET L 194 3.85 -42.73 -32.62
C MET L 194 3.12 -41.87 -33.64
N ASP L 195 2.79 -42.45 -34.79
CA ASP L 195 2.40 -41.69 -35.96
C ASP L 195 0.89 -41.52 -36.09
N SER L 196 0.10 -42.11 -35.20
CA SER L 196 -1.33 -41.98 -35.29
C SER L 196 -1.71 -40.51 -35.18
N PRO L 197 -2.38 -39.92 -36.17
CA PRO L 197 -2.77 -38.50 -36.02
C PRO L 197 -3.63 -38.26 -34.78
N LEU L 198 -4.38 -39.27 -34.35
CA LEU L 198 -5.32 -39.13 -33.25
C LEU L 198 -4.77 -39.68 -31.93
N LEU L 199 -4.36 -40.95 -31.94
CA LEU L 199 -3.92 -41.62 -30.73
C LEU L 199 -2.59 -41.11 -30.19
N LYS L 200 -1.89 -40.24 -30.95
CA LYS L 200 -0.59 -39.72 -30.54
C LYS L 200 -0.61 -39.18 -29.12
N TYR L 201 -1.66 -38.44 -28.74
CA TYR L 201 -1.70 -37.88 -27.39
C TYR L 201 -1.56 -38.99 -26.35
N SER L 202 -2.27 -40.10 -26.53
CA SER L 202 -2.18 -41.19 -25.57
C SER L 202 -0.95 -42.05 -25.76
N ALA L 203 -0.19 -41.86 -26.84
CA ALA L 203 0.93 -42.75 -27.11
C ALA L 203 1.90 -42.76 -25.94
N LYS L 204 1.92 -41.68 -25.16
CA LYS L 204 2.81 -41.60 -24.00
C LYS L 204 2.44 -42.67 -22.96
N ASP L 205 1.14 -42.80 -22.67
CA ASP L 205 0.71 -43.53 -21.49
C ASP L 205 1.28 -44.94 -21.47
N TYR L 206 1.08 -45.68 -22.56
CA TYR L 206 1.57 -47.06 -22.61
C TYR L 206 3.04 -47.10 -22.22
N PHE L 207 3.85 -46.22 -22.82
CA PHE L 207 5.28 -46.21 -22.52
C PHE L 207 5.52 -46.08 -21.03
N PHE L 208 4.86 -45.11 -20.39
CA PHE L 208 4.93 -44.97 -18.95
C PHE L 208 4.81 -46.34 -18.28
N LYS L 209 3.72 -47.05 -18.54
CA LYS L 209 3.50 -48.33 -17.89
C LYS L 209 4.73 -49.22 -18.06
N ALA L 210 5.24 -49.31 -19.28
CA ALA L 210 6.39 -50.17 -19.53
C ALA L 210 7.52 -49.84 -18.57
N ALA L 211 7.89 -48.57 -18.49
CA ALA L 211 8.98 -48.19 -17.59
C ALA L 211 8.71 -48.73 -16.19
N LEU L 212 7.50 -48.49 -15.67
CA LEU L 212 7.16 -48.98 -14.35
C LEU L 212 7.41 -50.49 -14.25
N CYS L 213 6.85 -51.26 -15.20
CA CYS L 213 7.08 -52.68 -15.18
C CYS L 213 8.55 -52.99 -15.39
N HIS L 214 9.22 -52.24 -16.26
CA HIS L 214 10.65 -52.44 -16.46
C HIS L 214 11.43 -52.10 -15.20
N PHE L 215 10.88 -51.28 -14.32
CA PHE L 215 11.55 -50.99 -13.05
C PHE L 215 11.42 -52.13 -12.06
N CYS L 216 10.56 -53.12 -12.33
CA CYS L 216 10.42 -54.26 -11.44
C CYS L 216 11.67 -55.14 -11.44
N ILE L 217 12.55 -54.97 -12.42
CA ILE L 217 13.73 -55.81 -12.54
C ILE L 217 14.89 -55.20 -11.76
N ASP L 218 15.31 -53.99 -12.14
CA ASP L 218 16.44 -53.33 -11.52
C ASP L 218 16.30 -51.82 -11.72
N MET L 219 17.35 -51.09 -11.35
CA MET L 219 17.38 -49.63 -11.42
C MET L 219 18.02 -49.12 -12.70
N LEU L 220 19.24 -49.58 -13.00
CA LEU L 220 19.94 -49.10 -14.20
C LEU L 220 19.12 -49.36 -15.46
N ASN L 221 18.52 -50.55 -15.59
CA ASN L 221 17.74 -50.87 -16.77
C ASN L 221 16.55 -49.93 -16.91
N ALA L 222 15.92 -49.57 -15.79
CA ALA L 222 14.81 -48.62 -15.85
C ALA L 222 15.28 -47.27 -16.38
N LYS L 223 16.43 -46.80 -15.91
CA LYS L 223 16.97 -45.53 -16.40
C LYS L 223 17.25 -45.61 -17.89
N LEU L 224 17.88 -46.69 -18.33
CA LEU L 224 18.19 -46.84 -19.75
C LEU L 224 16.92 -46.85 -20.58
N ALA L 225 15.90 -47.59 -20.14
CA ALA L 225 14.65 -47.66 -20.89
C ALA L 225 13.98 -46.30 -20.96
N VAL L 226 13.92 -45.57 -19.84
CA VAL L 226 13.22 -44.30 -19.84
C VAL L 226 13.97 -43.27 -20.70
N GLN L 227 15.30 -43.25 -20.61
CA GLN L 227 16.05 -42.32 -21.47
C GLN L 227 15.91 -42.68 -22.93
N LYS L 228 15.89 -43.98 -23.25
CA LYS L 228 15.69 -44.40 -24.63
C LYS L 228 14.33 -43.96 -25.15
N TYR L 229 13.28 -44.14 -24.34
CA TYR L 229 11.94 -43.69 -24.74
C TYR L 229 11.92 -42.18 -24.90
N GLU L 230 12.54 -41.45 -23.99
CA GLU L 230 12.55 -39.99 -24.08
C GLU L 230 13.25 -39.52 -25.35
N GLU L 231 14.38 -40.16 -25.70
CA GLU L 231 15.03 -39.85 -26.96
C GLU L 231 14.11 -40.17 -28.15
N LEU L 232 13.43 -41.32 -28.08
CA LEU L 232 12.54 -41.70 -29.18
C LEU L 232 11.31 -40.80 -29.24
N PHE L 233 10.79 -40.39 -28.07
CA PHE L 233 9.66 -39.48 -27.99
C PHE L 233 10.14 -38.19 -27.32
N PRO L 234 10.53 -37.18 -28.11
CA PRO L 234 11.12 -35.97 -27.48
C PRO L 234 10.19 -35.27 -26.51
N ALA L 235 8.88 -35.28 -26.77
CA ALA L 235 7.92 -34.59 -25.93
C ALA L 235 7.59 -35.35 -24.66
N PHE L 236 8.14 -36.55 -24.46
CA PHE L 236 7.74 -37.37 -23.32
C PHE L 236 8.06 -36.66 -22.00
N SER L 237 9.21 -35.98 -21.94
CA SER L 237 9.57 -35.25 -20.73
C SER L 237 8.57 -34.14 -20.39
N ASP L 238 7.77 -33.72 -21.38
CA ASP L 238 6.85 -32.61 -21.14
C ASP L 238 5.83 -32.96 -20.07
N SER L 239 5.35 -34.19 -20.06
CA SER L 239 4.34 -34.59 -19.10
C SER L 239 4.94 -34.74 -17.70
N ARG L 240 4.06 -34.64 -16.69
CA ARG L 240 4.50 -34.82 -15.31
C ARG L 240 5.03 -36.23 -15.07
N GLU L 241 4.71 -37.18 -15.94
CA GLU L 241 5.06 -38.58 -15.68
C GLU L 241 6.57 -38.77 -15.62
N CYS L 242 7.31 -38.13 -16.54
CA CYS L 242 8.76 -38.23 -16.49
C CYS L 242 9.32 -37.63 -15.22
N LYS L 243 8.76 -36.50 -14.78
CA LYS L 243 9.16 -35.92 -13.50
C LYS L 243 8.94 -36.93 -12.37
N LEU L 244 7.78 -37.59 -12.39
CA LEU L 244 7.46 -38.55 -11.33
C LEU L 244 8.43 -39.73 -11.35
N MET L 245 8.73 -40.26 -12.54
CA MET L 245 9.67 -41.38 -12.62
C MET L 245 11.05 -40.97 -12.14
N LYS L 246 11.51 -39.78 -12.50
CA LYS L 246 12.80 -39.32 -12.03
C LYS L 246 12.81 -39.17 -10.52
N LYS L 247 11.72 -38.66 -9.95
CA LYS L 247 11.62 -38.55 -8.50
C LYS L 247 11.67 -39.93 -7.85
N LEU L 248 10.94 -40.90 -8.40
CA LEU L 248 10.98 -42.25 -7.84
C LEU L 248 12.38 -42.82 -7.92
N LEU L 249 13.04 -42.64 -9.06
CA LEU L 249 14.39 -43.17 -9.25
C LEU L 249 15.33 -42.59 -8.21
N GLU L 250 15.36 -41.26 -8.07
CA GLU L 250 16.27 -40.66 -7.12
C GLU L 250 15.93 -41.07 -5.69
N ALA L 251 14.64 -41.09 -5.33
CA ALA L 251 14.27 -41.44 -3.97
C ALA L 251 14.69 -42.87 -3.63
N HIS L 252 14.46 -43.80 -4.56
CA HIS L 252 14.89 -45.18 -4.34
C HIS L 252 16.40 -45.33 -4.38
N GLU L 253 17.11 -44.42 -5.04
CA GLU L 253 18.56 -44.52 -5.11
C GLU L 253 19.18 -44.46 -3.72
N GLU L 254 18.76 -43.49 -2.91
CA GLU L 254 19.32 -43.29 -1.57
C GLU L 254 18.35 -43.75 -0.48
N GLN L 255 17.57 -44.81 -0.76
CA GLN L 255 16.69 -45.40 0.25
C GLN L 255 15.83 -44.33 0.92
N ASN L 256 15.30 -43.42 0.11
CA ASN L 256 14.49 -42.31 0.61
C ASN L 256 13.02 -42.69 0.56
N VAL L 257 12.66 -43.63 1.45
CA VAL L 257 11.34 -44.25 1.39
C VAL L 257 10.25 -43.23 1.68
N ASP L 258 10.48 -42.34 2.65
CA ASP L 258 9.45 -41.36 2.98
C ASP L 258 9.15 -40.47 1.79
N SER L 259 10.16 -39.75 1.28
CA SER L 259 9.90 -38.84 0.17
C SER L 259 9.26 -39.58 -1.00
N TYR L 260 9.62 -40.84 -1.21
CA TYR L 260 8.95 -41.69 -2.18
C TYR L 260 7.44 -41.75 -1.91
N THR L 261 7.07 -42.04 -0.66
CA THR L 261 5.64 -42.24 -0.37
C THR L 261 4.88 -40.91 -0.41
N GLU L 262 5.50 -39.82 0.03
CA GLU L 262 4.82 -38.53 -0.06
C GLU L 262 4.66 -38.08 -1.50
N SER L 263 5.65 -38.34 -2.36
CA SER L 263 5.49 -38.03 -3.77
C SER L 263 4.35 -38.84 -4.38
N VAL L 264 4.30 -40.14 -4.05
CA VAL L 264 3.20 -40.97 -4.54
C VAL L 264 1.87 -40.46 -4.03
N LYS L 265 1.81 -40.05 -2.76
CA LYS L 265 0.55 -39.58 -2.19
C LYS L 265 0.11 -38.28 -2.84
N GLU L 266 1.04 -37.37 -3.12
CA GLU L 266 0.67 -36.15 -3.83
C GLU L 266 0.14 -36.45 -5.22
N TYR L 267 0.81 -37.38 -5.93
CA TYR L 267 0.33 -37.78 -7.24
C TYR L 267 -1.07 -38.37 -7.16
N ASP L 268 -1.32 -39.17 -6.12
CA ASP L 268 -2.67 -39.72 -5.90
C ASP L 268 -3.67 -38.60 -5.63
N SER L 269 -3.28 -37.61 -4.83
CA SER L 269 -4.19 -36.53 -4.46
C SER L 269 -4.59 -35.70 -5.68
N ILE L 270 -3.61 -35.35 -6.52
CA ILE L 270 -3.93 -34.55 -7.70
C ILE L 270 -4.83 -35.35 -8.64
N SER L 271 -4.53 -36.63 -8.82
CA SER L 271 -5.36 -37.52 -9.63
C SER L 271 -5.23 -38.92 -9.08
N ARG L 272 -6.37 -39.56 -8.80
CA ARG L 272 -6.36 -40.84 -8.15
C ARG L 272 -5.90 -41.94 -9.10
N LEU L 273 -5.39 -43.01 -8.53
CA LEU L 273 -4.87 -44.15 -9.27
C LEU L 273 -5.89 -45.28 -9.25
N ASP L 274 -5.53 -46.44 -9.79
CA ASP L 274 -6.37 -47.63 -9.80
C ASP L 274 -5.71 -48.72 -8.98
N GLN L 275 -6.39 -49.88 -8.92
CA GLN L 275 -5.84 -51.00 -8.16
C GLN L 275 -4.54 -51.49 -8.79
N TRP L 276 -4.48 -51.54 -10.12
CA TRP L 276 -3.30 -52.09 -10.78
C TRP L 276 -2.06 -51.26 -10.48
N LEU L 277 -2.15 -49.94 -10.71
CA LEU L 277 -0.99 -49.08 -10.50
C LEU L 277 -0.59 -49.06 -9.04
N THR L 278 -1.56 -49.00 -8.13
CA THR L 278 -1.23 -49.00 -6.71
C THR L 278 -0.53 -50.29 -6.31
N THR L 279 -1.01 -51.43 -6.81
CA THR L 279 -0.38 -52.71 -6.51
C THR L 279 1.05 -52.75 -7.03
N MET L 280 1.26 -52.31 -8.27
CA MET L 280 2.62 -52.30 -8.82
C MET L 280 3.53 -51.37 -8.01
N LEU L 281 3.02 -50.20 -7.63
CA LEU L 281 3.84 -49.27 -6.85
C LEU L 281 4.21 -49.87 -5.50
N LEU L 282 3.25 -50.52 -4.83
CA LEU L 282 3.56 -51.15 -3.54
C LEU L 282 4.57 -52.28 -3.73
N ARG L 283 4.41 -53.08 -4.79
CA ARG L 283 5.35 -54.17 -5.04
C ARG L 283 6.76 -53.63 -5.28
N ILE L 284 6.86 -52.51 -6.00
CA ILE L 284 8.16 -51.88 -6.19
C ILE L 284 8.72 -51.40 -4.87
N LYS L 285 7.88 -50.75 -4.04
CA LYS L 285 8.35 -50.20 -2.78
C LYS L 285 8.84 -51.28 -1.82
N LYS L 286 8.43 -52.53 -2.03
CA LYS L 286 8.82 -53.60 -1.13
C LYS L 286 10.34 -53.76 -1.05
N THR L 287 11.06 -53.30 -2.07
CA THR L 287 12.52 -53.34 -2.06
C THR L 287 13.09 -51.94 -2.26
N GLY M 1 -57.45 -27.00 -51.67
CA GLY M 1 -56.49 -27.45 -52.72
C GLY M 1 -57.02 -28.56 -53.61
N MET M 2 -56.69 -28.47 -54.89
CA MET M 2 -57.11 -29.49 -55.83
C MET M 2 -56.51 -30.85 -55.46
N ASP M 3 -55.24 -30.86 -55.07
CA ASP M 3 -54.58 -32.12 -54.75
C ASP M 3 -55.36 -32.90 -53.69
N THR M 4 -55.73 -32.24 -52.59
CA THR M 4 -56.50 -32.89 -51.55
C THR M 4 -57.79 -33.47 -52.13
N SER M 5 -58.68 -32.59 -52.60
CA SER M 5 -60.01 -33.02 -53.01
C SER M 5 -59.92 -34.18 -54.01
N GLY M 6 -59.02 -34.06 -54.99
CA GLY M 6 -58.81 -35.16 -55.92
C GLY M 6 -58.38 -36.44 -55.24
N LYS M 7 -57.48 -36.32 -54.26
CA LYS M 7 -56.93 -37.49 -53.52
C LYS M 7 -58.04 -38.17 -52.72
N GLN M 8 -58.94 -37.41 -52.10
CA GLN M 8 -60.06 -37.99 -51.36
C GLN M 8 -61.10 -38.58 -52.31
N ALA M 9 -61.36 -37.91 -53.44
CA ALA M 9 -62.33 -38.43 -54.40
C ALA M 9 -61.88 -39.78 -54.95
N GLU M 10 -60.64 -39.85 -55.42
CA GLU M 10 -60.13 -41.12 -55.94
C GLU M 10 -59.97 -42.15 -54.84
N ALA M 11 -59.78 -41.73 -53.59
CA ALA M 11 -59.71 -42.69 -52.50
C ALA M 11 -61.07 -43.30 -52.22
N MET M 12 -62.13 -42.50 -52.23
CA MET M 12 -63.48 -43.05 -52.11
C MET M 12 -63.78 -43.98 -53.28
N ALA M 13 -63.41 -43.58 -54.50
CA ALA M 13 -63.62 -44.45 -55.65
C ALA M 13 -62.89 -45.77 -55.49
N LEU M 14 -61.63 -45.72 -55.03
CA LEU M 14 -60.84 -46.93 -54.87
C LEU M 14 -61.37 -47.80 -53.74
N LEU M 15 -61.87 -47.19 -52.67
CA LEU M 15 -62.47 -47.98 -51.59
C LEU M 15 -63.72 -48.70 -52.07
N ALA M 16 -64.57 -48.02 -52.84
CA ALA M 16 -65.72 -48.69 -53.43
C ALA M 16 -65.28 -49.80 -54.38
N GLU M 17 -64.24 -49.54 -55.18
CA GLU M 17 -63.71 -50.54 -56.09
C GLU M 17 -63.22 -51.76 -55.31
N ALA M 18 -62.52 -51.55 -54.19
CA ALA M 18 -62.01 -52.65 -53.40
C ALA M 18 -63.15 -53.44 -52.75
N GLU M 19 -64.19 -52.75 -52.28
CA GLU M 19 -65.33 -53.44 -51.69
C GLU M 19 -66.01 -54.33 -52.72
N ARG M 20 -66.30 -53.77 -53.90
CA ARG M 20 -66.91 -54.59 -54.94
C ARG M 20 -65.96 -55.69 -55.40
N LYS M 21 -64.65 -55.43 -55.37
CA LYS M 21 -63.68 -56.44 -55.76
C LYS M 21 -63.69 -57.61 -54.78
N VAL M 22 -63.77 -57.33 -53.48
CA VAL M 22 -63.78 -58.41 -52.50
C VAL M 22 -65.09 -59.19 -52.58
N LYS M 23 -66.21 -58.49 -52.81
CA LYS M 23 -67.47 -59.21 -52.97
C LYS M 23 -67.44 -60.09 -54.22
N ASN M 24 -66.96 -59.55 -55.34
CA ASN M 24 -66.83 -60.36 -56.54
C ASN M 24 -65.83 -61.48 -56.36
N SER M 25 -64.85 -61.32 -55.48
CA SER M 25 -63.90 -62.39 -55.19
C SER M 25 -64.58 -63.51 -54.42
N GLN M 26 -65.40 -63.16 -53.42
CA GLN M 26 -66.21 -64.16 -52.75
C GLN M 26 -67.09 -64.91 -53.75
N SER M 27 -67.65 -64.17 -54.71
CA SER M 27 -68.47 -64.82 -55.74
C SER M 27 -67.63 -65.75 -56.61
N PHE M 28 -66.46 -65.29 -57.05
CA PHE M 28 -65.67 -66.03 -58.02
C PHE M 28 -65.03 -67.27 -57.41
N PHE M 29 -64.70 -67.23 -56.11
CA PHE M 29 -64.08 -68.40 -55.48
C PHE M 29 -64.93 -69.63 -55.71
N SER M 30 -66.25 -69.50 -55.52
CA SER M 30 -67.15 -70.60 -55.86
C SER M 30 -67.39 -70.67 -57.37
N GLY M 31 -67.52 -69.52 -58.02
CA GLY M 31 -67.87 -69.51 -59.44
C GLY M 31 -66.77 -70.09 -60.31
N LEU M 32 -65.53 -69.69 -60.08
CA LEU M 32 -64.42 -70.08 -60.94
C LEU M 32 -63.30 -70.74 -60.14
N PHE M 33 -63.18 -70.39 -58.86
CA PHE M 33 -62.13 -70.93 -57.99
C PHE M 33 -60.75 -70.63 -58.56
N GLY M 34 -60.44 -69.34 -58.64
CA GLY M 34 -59.15 -68.89 -59.14
C GLY M 34 -58.01 -68.97 -58.15
N GLY M 35 -58.28 -69.39 -56.92
CA GLY M 35 -57.24 -69.49 -55.91
C GLY M 35 -57.34 -68.40 -54.86
N SER M 36 -56.30 -67.55 -54.78
CA SER M 36 -56.31 -66.46 -53.83
C SER M 36 -55.77 -65.16 -54.43
N SER M 37 -55.51 -65.12 -55.74
CA SER M 37 -54.97 -63.90 -56.33
C SER M 37 -55.95 -62.74 -56.19
N LYS M 38 -57.25 -63.04 -56.28
CA LYS M 38 -58.26 -61.98 -56.15
C LYS M 38 -58.14 -61.26 -54.82
N ILE M 39 -58.05 -62.01 -53.72
CA ILE M 39 -57.94 -61.41 -52.40
C ILE M 39 -56.64 -60.61 -52.28
N GLU M 40 -55.55 -61.16 -52.83
CA GLU M 40 -54.26 -60.47 -52.74
C GLU M 40 -54.31 -59.14 -53.48
N GLU M 41 -54.89 -59.13 -54.68
CA GLU M 41 -55.01 -57.88 -55.43
C GLU M 41 -55.95 -56.90 -54.74
N ALA M 42 -57.02 -57.41 -54.11
CA ALA M 42 -57.87 -56.54 -53.31
C ALA M 42 -57.10 -55.90 -52.18
N CYS M 43 -56.23 -56.67 -51.52
CA CYS M 43 -55.40 -56.12 -50.46
C CYS M 43 -54.42 -55.08 -51.01
N GLU M 44 -53.88 -55.32 -52.20
CA GLU M 44 -53.02 -54.32 -52.82
C GLU M 44 -53.79 -53.02 -53.10
N ILE M 45 -55.01 -53.14 -53.60
CA ILE M 45 -55.86 -51.96 -53.80
C ILE M 45 -56.08 -51.25 -52.48
N TYR M 46 -56.38 -52.01 -51.43
CA TYR M 46 -56.61 -51.40 -50.12
C TYR M 46 -55.38 -50.64 -49.64
N ALA M 47 -54.20 -51.24 -49.79
CA ALA M 47 -52.97 -50.60 -49.34
C ALA M 47 -52.71 -49.33 -50.13
N ARG M 48 -52.89 -49.38 -51.45
CA ARG M 48 -52.67 -48.18 -52.26
C ARG M 48 -53.66 -47.09 -51.89
N ALA M 49 -54.93 -47.46 -51.69
CA ALA M 49 -55.92 -46.49 -51.27
C ALA M 49 -55.54 -45.87 -49.93
N ALA M 50 -55.14 -46.68 -48.95
CA ALA M 50 -54.82 -46.20 -47.59
C ALA M 50 -53.59 -45.28 -47.61
N ASN M 51 -52.57 -45.58 -48.41
CA ASN M 51 -51.31 -44.78 -48.42
C ASN M 51 -51.56 -43.41 -49.07
N MET M 52 -52.32 -43.36 -50.16
CA MET M 52 -52.63 -42.08 -50.85
C MET M 52 -53.62 -41.30 -49.98
N PHE M 53 -54.40 -41.98 -49.13
CA PHE M 53 -55.37 -41.33 -48.22
C PHE M 53 -54.61 -40.67 -47.06
N LYS M 54 -53.62 -41.35 -46.48
CA LYS M 54 -52.77 -40.74 -45.41
C LYS M 54 -51.96 -39.63 -46.09
N MET M 55 -51.65 -39.79 -47.38
CA MET M 55 -50.92 -38.76 -48.16
C MET M 55 -51.85 -37.57 -48.39
N ALA M 56 -53.16 -37.79 -48.49
CA ALA M 56 -54.17 -36.72 -48.64
C ALA M 56 -54.19 -35.92 -47.34
N LYS M 57 -53.50 -36.39 -46.29
CA LYS M 57 -53.35 -35.70 -44.97
C LYS M 57 -54.45 -36.18 -44.03
N ASN M 58 -55.41 -36.96 -44.52
CA ASN M 58 -56.43 -37.57 -43.66
C ASN M 58 -55.93 -38.91 -43.15
N TRP M 59 -56.09 -39.14 -41.85
CA TRP M 59 -55.42 -40.21 -41.13
C TRP M 59 -56.34 -41.34 -40.73
N SER M 60 -57.45 -41.05 -40.04
CA SER M 60 -58.23 -42.10 -39.40
C SER M 60 -58.65 -43.17 -40.40
N ALA M 61 -59.26 -42.77 -41.51
CA ALA M 61 -59.68 -43.77 -42.50
C ALA M 61 -58.48 -44.45 -43.13
N ALA M 62 -57.33 -43.77 -43.21
CA ALA M 62 -56.12 -44.42 -43.70
C ALA M 62 -55.73 -45.59 -42.81
N GLY M 63 -55.65 -45.35 -41.49
CA GLY M 63 -55.35 -46.44 -40.58
C GLY M 63 -56.43 -47.51 -40.56
N ASN M 64 -57.68 -47.12 -40.75
CA ASN M 64 -58.75 -48.11 -40.83
C ASN M 64 -58.56 -49.02 -42.03
N ALA M 65 -58.22 -48.43 -43.19
CA ALA M 65 -57.95 -49.23 -44.38
C ALA M 65 -56.73 -50.13 -44.16
N PHE M 66 -55.69 -49.61 -43.49
CA PHE M 66 -54.54 -50.44 -43.17
C PHE M 66 -54.95 -51.63 -42.32
N CYS M 67 -55.77 -51.39 -41.30
CA CYS M 67 -56.21 -52.47 -40.43
C CYS M 67 -57.03 -53.50 -41.20
N GLN M 68 -57.94 -53.03 -42.07
CA GLN M 68 -58.75 -53.96 -42.86
C GLN M 68 -57.88 -54.80 -43.78
N ALA M 69 -56.92 -54.16 -44.47
CA ALA M 69 -56.04 -54.89 -45.37
C ALA M 69 -55.20 -55.90 -44.60
N ALA M 70 -54.69 -55.51 -43.44
CA ALA M 70 -53.89 -56.43 -42.63
C ALA M 70 -54.74 -57.61 -42.15
N GLN M 71 -55.99 -57.34 -41.76
CA GLN M 71 -56.88 -58.42 -41.33
C GLN M 71 -57.12 -59.41 -42.46
N LEU M 72 -57.49 -58.89 -43.64
CA LEU M 72 -57.73 -59.77 -44.77
C LEU M 72 -56.47 -60.52 -45.20
N HIS M 73 -55.31 -59.89 -45.04
CA HIS M 73 -54.05 -60.55 -45.39
C HIS M 73 -53.73 -61.67 -44.42
N LEU M 74 -53.83 -61.40 -43.12
CA LEU M 74 -53.65 -62.45 -42.12
C LEU M 74 -54.68 -63.55 -42.28
N GLN M 75 -55.84 -63.23 -42.85
CA GLN M 75 -56.80 -64.27 -43.17
C GLN M 75 -56.21 -65.32 -44.12
N LEU M 76 -55.19 -64.95 -44.89
CA LEU M 76 -54.53 -65.87 -45.82
C LEU M 76 -53.23 -66.42 -45.26
N GLN M 77 -53.13 -66.53 -43.93
CA GLN M 77 -52.00 -67.16 -43.25
C GLN M 77 -50.69 -66.38 -43.40
N SER M 78 -50.75 -65.11 -43.77
CA SER M 78 -49.57 -64.26 -43.86
C SER M 78 -49.54 -63.34 -42.64
N LYS M 79 -48.45 -63.42 -41.88
CA LYS M 79 -48.37 -62.82 -40.56
C LYS M 79 -47.50 -61.57 -40.52
N HIS M 80 -46.24 -61.67 -40.96
CA HIS M 80 -45.32 -60.55 -40.81
C HIS M 80 -45.80 -59.31 -41.57
N ASP M 81 -46.31 -59.51 -42.79
CA ASP M 81 -46.84 -58.38 -43.55
C ASP M 81 -48.03 -57.76 -42.82
N ALA M 82 -48.93 -58.59 -42.31
CA ALA M 82 -50.08 -58.07 -41.57
C ALA M 82 -49.63 -57.33 -40.32
N ALA M 83 -48.59 -57.81 -39.64
CA ALA M 83 -48.12 -57.14 -38.44
C ALA M 83 -47.45 -55.81 -38.77
N THR M 84 -46.69 -55.74 -39.87
CA THR M 84 -46.13 -54.47 -40.30
C THR M 84 -47.23 -53.48 -40.65
N CYS M 85 -48.28 -53.95 -41.34
CA CYS M 85 -49.41 -53.07 -41.62
C CYS M 85 -50.10 -52.64 -40.34
N PHE M 86 -50.16 -53.52 -39.34
CA PHE M 86 -50.70 -53.16 -38.03
C PHE M 86 -49.89 -52.03 -37.41
N VAL M 87 -48.56 -52.14 -37.47
CA VAL M 87 -47.70 -51.11 -36.90
C VAL M 87 -47.92 -49.78 -37.61
N ASP M 88 -47.99 -49.82 -38.95
CA ASP M 88 -48.22 -48.59 -39.70
C ASP M 88 -49.58 -47.99 -39.35
N ALA M 89 -50.61 -48.82 -39.21
CA ALA M 89 -51.93 -48.32 -38.84
C ALA M 89 -51.91 -47.69 -37.45
N GLY M 90 -51.20 -48.32 -36.51
CA GLY M 90 -51.06 -47.72 -35.19
C GLY M 90 -50.35 -46.39 -35.22
N ASN M 91 -49.28 -46.30 -36.02
CA ASN M 91 -48.60 -45.02 -36.17
C ASN M 91 -49.53 -43.96 -36.74
N ALA M 92 -50.33 -44.33 -37.74
CA ALA M 92 -51.27 -43.38 -38.32
C ALA M 92 -52.31 -42.94 -37.29
N PHE M 93 -52.85 -43.89 -36.52
CA PHE M 93 -53.84 -43.56 -35.51
C PHE M 93 -53.25 -42.79 -34.34
N LYS M 94 -51.93 -42.82 -34.17
CA LYS M 94 -51.30 -42.09 -33.07
C LYS M 94 -51.84 -40.67 -32.97
N LYS M 95 -52.07 -40.03 -34.11
CA LYS M 95 -52.57 -38.66 -34.16
C LYS M 95 -54.08 -38.59 -34.36
N ALA M 96 -54.76 -39.74 -34.44
CA ALA M 96 -56.19 -39.80 -34.70
C ALA M 96 -56.97 -40.30 -33.50
N ASP M 97 -56.63 -41.48 -32.98
CA ASP M 97 -57.33 -42.08 -31.85
C ASP M 97 -56.37 -42.94 -31.04
N PRO M 98 -56.02 -42.52 -29.81
CA PRO M 98 -55.03 -43.31 -29.05
C PRO M 98 -55.44 -44.75 -28.82
N GLN M 99 -56.73 -45.01 -28.58
CA GLN M 99 -57.15 -46.34 -28.17
C GLN M 99 -56.89 -47.37 -29.26
N GLU M 100 -57.32 -47.06 -30.50
CA GLU M 100 -57.12 -48.01 -31.59
C GLU M 100 -55.65 -48.20 -31.90
N ALA M 101 -54.86 -47.12 -31.83
CA ALA M 101 -53.42 -47.24 -32.03
C ALA M 101 -52.81 -48.18 -30.98
N ILE M 102 -53.21 -48.01 -29.72
CA ILE M 102 -52.70 -48.87 -28.65
C ILE M 102 -53.10 -50.33 -28.91
N ASN M 103 -54.34 -50.55 -29.32
CA ASN M 103 -54.80 -51.91 -29.58
C ASN M 103 -53.97 -52.55 -30.69
N CYS M 104 -53.82 -51.85 -31.81
CA CYS M 104 -53.07 -52.42 -32.93
C CYS M 104 -51.61 -52.63 -32.55
N LEU M 105 -51.04 -51.70 -31.78
CA LEU M 105 -49.64 -51.84 -31.37
C LEU M 105 -49.46 -53.03 -30.43
N MET M 106 -50.41 -53.27 -29.52
CA MET M 106 -50.33 -54.46 -28.68
C MET M 106 -50.46 -55.72 -29.51
N ARG M 107 -51.34 -55.71 -30.51
CA ARG M 107 -51.45 -56.86 -31.41
C ARG M 107 -50.11 -57.13 -32.08
N ALA M 108 -49.48 -56.07 -32.59
CA ALA M 108 -48.17 -56.22 -33.23
C ALA M 108 -47.13 -56.75 -32.24
N ILE M 109 -47.17 -56.26 -31.00
CA ILE M 109 -46.21 -56.69 -30.00
C ILE M 109 -46.37 -58.18 -29.71
N GLU M 110 -47.61 -58.61 -29.45
CA GLU M 110 -47.84 -60.02 -29.15
C GLU M 110 -47.40 -60.89 -30.32
N ILE M 111 -47.73 -60.48 -31.54
CA ILE M 111 -47.45 -61.36 -32.68
C ILE M 111 -45.95 -61.41 -32.94
N TYR M 112 -45.26 -60.28 -32.78
CA TYR M 112 -43.81 -60.28 -32.91
C TYR M 112 -43.14 -61.15 -31.85
N THR M 113 -43.49 -60.95 -30.58
CA THR M 113 -42.89 -61.77 -29.54
C THR M 113 -43.21 -63.25 -29.76
N ASP M 114 -44.37 -63.55 -30.35
CA ASP M 114 -44.63 -64.92 -30.77
C ASP M 114 -43.63 -65.35 -31.84
N MET M 115 -43.32 -64.46 -32.78
CA MET M 115 -42.32 -64.79 -33.80
C MET M 115 -40.97 -65.09 -33.18
N GLY M 116 -40.51 -64.24 -32.26
CA GLY M 116 -39.23 -64.45 -31.61
C GLY M 116 -38.34 -63.22 -31.59
N ARG M 117 -38.89 -62.05 -31.94
CA ARG M 117 -38.15 -60.80 -31.93
C ARG M 117 -38.49 -60.02 -30.66
N PHE M 118 -37.48 -59.79 -29.83
CA PHE M 118 -37.65 -59.09 -28.55
C PHE M 118 -37.40 -57.59 -28.70
N THR M 119 -36.31 -57.21 -29.36
CA THR M 119 -35.94 -55.79 -29.43
C THR M 119 -37.05 -54.98 -30.06
N ILE M 120 -37.69 -55.51 -31.11
CA ILE M 120 -38.82 -54.80 -31.70
C ILE M 120 -39.98 -54.74 -30.72
N ALA M 121 -40.23 -55.85 -29.99
CA ALA M 121 -41.27 -55.84 -28.98
C ALA M 121 -40.99 -54.82 -27.88
N ALA M 122 -39.74 -54.75 -27.43
CA ALA M 122 -39.38 -53.78 -26.41
C ALA M 122 -39.52 -52.36 -26.92
N LYS M 123 -39.13 -52.11 -28.18
CA LYS M 123 -39.29 -50.79 -28.77
C LYS M 123 -40.75 -50.39 -28.81
N HIS M 124 -41.62 -51.32 -29.23
CA HIS M 124 -43.05 -51.04 -29.26
C HIS M 124 -43.59 -50.82 -27.85
N HIS M 125 -43.09 -51.56 -26.87
CA HIS M 125 -43.49 -51.34 -25.48
C HIS M 125 -43.13 -49.94 -25.03
N ILE M 126 -41.92 -49.49 -25.37
CA ILE M 126 -41.48 -48.14 -25.00
C ILE M 126 -42.34 -47.10 -25.70
N SER M 127 -42.64 -47.30 -26.97
CA SER M 127 -43.51 -46.36 -27.69
C SER M 127 -44.90 -46.32 -27.05
N ILE M 128 -45.43 -47.47 -26.66
CA ILE M 128 -46.73 -47.53 -26.01
C ILE M 128 -46.70 -46.75 -24.70
N ALA M 129 -45.64 -46.96 -23.90
CA ALA M 129 -45.53 -46.22 -22.65
C ALA M 129 -45.42 -44.72 -22.89
N GLU M 130 -44.65 -44.33 -23.90
CA GLU M 130 -44.49 -42.91 -24.20
C GLU M 130 -45.81 -42.27 -24.58
N ILE M 131 -46.57 -42.90 -25.50
CA ILE M 131 -47.85 -42.34 -25.89
C ILE M 131 -48.83 -42.36 -24.72
N TYR M 132 -48.76 -43.41 -23.89
CA TYR M 132 -49.68 -43.53 -22.77
C TYR M 132 -49.46 -42.43 -21.74
N GLU M 133 -48.20 -42.15 -21.41
CA GLU M 133 -47.90 -41.15 -20.38
C GLU M 133 -47.94 -39.73 -20.91
N THR M 134 -47.53 -39.51 -22.17
CA THR M 134 -47.39 -38.15 -22.67
C THR M 134 -48.72 -37.42 -22.70
N GLU M 135 -49.76 -38.05 -23.25
CA GLU M 135 -51.07 -37.42 -23.40
C GLU M 135 -52.10 -37.92 -22.39
N LEU M 136 -52.10 -39.21 -22.09
CA LEU M 136 -52.96 -39.76 -21.05
C LEU M 136 -52.22 -39.71 -19.73
N VAL M 137 -52.92 -39.27 -18.67
CA VAL M 137 -52.28 -39.07 -17.37
C VAL M 137 -52.41 -40.38 -16.60
N ASP M 138 -51.30 -41.13 -16.54
CA ASP M 138 -51.19 -42.33 -15.73
C ASP M 138 -49.77 -42.86 -15.82
N VAL M 139 -49.31 -43.56 -14.78
CA VAL M 139 -47.93 -43.99 -14.65
C VAL M 139 -47.81 -45.50 -14.55
N GLU M 140 -48.67 -46.15 -13.75
CA GLU M 140 -48.45 -47.55 -13.40
C GLU M 140 -48.33 -48.42 -14.64
N LYS M 141 -49.25 -48.25 -15.60
CA LYS M 141 -49.13 -49.00 -16.85
C LYS M 141 -47.83 -48.63 -17.57
N ALA M 142 -47.46 -47.35 -17.54
CA ALA M 142 -46.19 -46.94 -18.12
C ALA M 142 -45.02 -47.59 -17.39
N ILE M 143 -45.09 -47.67 -16.06
CA ILE M 143 -44.05 -48.35 -15.30
C ILE M 143 -43.93 -49.80 -15.74
N ALA M 144 -45.08 -50.47 -15.90
CA ALA M 144 -45.07 -51.87 -16.32
C ALA M 144 -44.45 -52.02 -17.71
N HIS M 145 -44.82 -51.13 -18.63
CA HIS M 145 -44.27 -51.20 -19.98
C HIS M 145 -42.77 -50.98 -19.98
N TYR M 146 -42.30 -50.00 -19.20
CA TYR M 146 -40.85 -49.75 -19.12
C TYR M 146 -40.13 -50.94 -18.51
N GLU M 147 -40.71 -51.53 -17.46
CA GLU M 147 -40.10 -52.72 -16.86
C GLU M 147 -40.03 -53.87 -17.84
N GLN M 148 -41.10 -54.07 -18.62
CA GLN M 148 -41.10 -55.15 -19.61
C GLN M 148 -40.04 -54.89 -20.69
N SER M 149 -39.93 -53.65 -21.15
CA SER M 149 -38.93 -53.32 -22.16
C SER M 149 -37.52 -53.56 -21.61
N ALA M 150 -37.27 -53.15 -20.36
CA ALA M 150 -35.97 -53.38 -19.76
C ALA M 150 -35.69 -54.88 -19.60
N ASP M 151 -36.72 -55.65 -19.21
CA ASP M 151 -36.55 -57.10 -19.09
C ASP M 151 -36.18 -57.71 -20.43
N TYR M 152 -36.88 -57.32 -21.49
CA TYR M 152 -36.59 -57.87 -22.81
C TYR M 152 -35.19 -57.47 -23.26
N TYR M 153 -34.78 -56.24 -22.96
CA TYR M 153 -33.43 -55.79 -23.31
C TYR M 153 -32.38 -56.61 -22.59
N LYS M 154 -32.53 -56.76 -21.26
CA LYS M 154 -31.59 -57.58 -20.51
C LYS M 154 -31.59 -59.01 -20.99
N GLY M 155 -32.72 -59.49 -21.52
CA GLY M 155 -32.75 -60.82 -22.09
C GLY M 155 -31.75 -61.03 -23.20
N GLU M 156 -31.34 -59.95 -23.87
CA GLU M 156 -30.34 -59.97 -24.91
C GLU M 156 -29.18 -59.04 -24.56
N GLU M 157 -28.80 -59.04 -23.28
CA GLU M 157 -27.65 -58.28 -22.78
C GLU M 157 -27.53 -56.92 -23.43
N SER M 158 -28.66 -56.21 -23.57
CA SER M 158 -28.65 -54.81 -24.00
C SER M 158 -28.59 -53.93 -22.75
N ASN M 159 -27.38 -53.81 -22.20
CA ASN M 159 -27.22 -53.21 -20.89
C ASN M 159 -27.65 -51.75 -20.87
N SER M 160 -27.30 -50.99 -21.91
CA SER M 160 -27.56 -49.55 -21.89
C SER M 160 -29.05 -49.25 -21.89
N SER M 161 -29.80 -49.88 -22.79
CA SER M 161 -31.23 -49.60 -22.89
C SER M 161 -31.96 -50.01 -21.61
N ALA M 162 -31.66 -51.19 -21.09
CA ALA M 162 -32.29 -51.63 -19.84
C ALA M 162 -31.90 -50.72 -18.69
N ASN M 163 -30.65 -50.27 -18.65
CA ASN M 163 -30.20 -49.34 -17.62
C ASN M 163 -31.03 -48.07 -17.68
N LYS M 164 -31.20 -47.49 -18.86
CA LYS M 164 -31.98 -46.25 -18.99
C LYS M 164 -33.42 -46.48 -18.57
N CYS M 165 -34.02 -47.58 -19.02
CA CYS M 165 -35.41 -47.86 -18.67
C CYS M 165 -35.57 -48.01 -17.16
N LEU M 166 -34.65 -48.73 -16.51
CA LEU M 166 -34.75 -48.93 -15.07
C LEU M 166 -34.53 -47.62 -14.32
N LEU M 167 -33.60 -46.79 -14.80
CA LEU M 167 -33.40 -45.49 -14.17
C LEU M 167 -34.66 -44.64 -14.26
N LYS M 168 -35.30 -44.61 -15.43
CA LYS M 168 -36.54 -43.84 -15.57
C LYS M 168 -37.63 -44.40 -14.66
N VAL M 169 -37.75 -45.72 -14.59
CA VAL M 169 -38.76 -46.35 -13.74
C VAL M 169 -38.52 -45.96 -12.28
N ALA M 170 -37.25 -46.03 -11.84
CA ALA M 170 -36.93 -45.68 -10.46
C ALA M 170 -37.23 -44.21 -10.19
N GLY M 171 -36.92 -43.33 -11.14
CA GLY M 171 -37.24 -41.93 -10.95
C GLY M 171 -38.72 -41.69 -10.80
N TYR M 172 -39.53 -42.30 -11.68
CA TYR M 172 -40.98 -42.14 -11.58
C TYR M 172 -41.49 -42.70 -10.26
N ALA M 173 -41.01 -43.87 -9.85
CA ALA M 173 -41.45 -44.46 -8.59
C ALA M 173 -41.10 -43.54 -7.41
N ALA M 174 -39.86 -43.03 -7.38
CA ALA M 174 -39.48 -42.12 -6.31
C ALA M 174 -40.37 -40.89 -6.31
N GLN M 175 -40.73 -40.39 -7.49
CA GLN M 175 -41.67 -39.28 -7.57
C GLN M 175 -42.99 -39.63 -6.91
N LEU M 176 -43.59 -40.77 -7.28
CA LEU M 176 -44.90 -41.17 -6.79
C LEU M 176 -44.87 -42.43 -5.95
N GLU M 177 -44.33 -43.53 -6.48
CA GLU M 177 -44.33 -44.80 -5.77
C GLU M 177 -43.43 -44.72 -4.53
N GLN M 178 -43.43 -45.79 -3.76
CA GLN M 178 -42.59 -45.84 -2.57
C GLN M 178 -41.12 -45.84 -2.96
N TYR M 179 -40.25 -45.84 -1.94
CA TYR M 179 -38.85 -45.49 -2.14
C TYR M 179 -37.92 -46.70 -2.16
N GLN M 180 -38.34 -47.84 -1.61
CA GLN M 180 -37.45 -49.00 -1.54
C GLN M 180 -37.00 -49.43 -2.93
N LYS M 181 -37.93 -49.49 -3.88
CA LYS M 181 -37.55 -49.85 -5.25
C LYS M 181 -36.63 -48.80 -5.84
N ALA M 182 -36.89 -47.51 -5.57
CA ALA M 182 -35.98 -46.47 -6.01
C ALA M 182 -34.60 -46.67 -5.41
N ILE M 183 -34.54 -46.90 -4.10
CA ILE M 183 -33.25 -47.17 -3.46
C ILE M 183 -32.52 -48.28 -4.20
N ASP M 184 -33.19 -49.41 -4.38
CA ASP M 184 -32.54 -50.59 -4.95
C ASP M 184 -32.05 -50.29 -6.37
N ILE M 185 -32.93 -49.77 -7.23
CA ILE M 185 -32.56 -49.55 -8.63
C ILE M 185 -31.45 -48.52 -8.73
N TYR M 186 -31.59 -47.39 -8.04
CA TYR M 186 -30.57 -46.35 -8.11
C TYR M 186 -29.22 -46.87 -7.63
N GLU M 187 -29.20 -47.56 -6.48
CA GLU M 187 -27.93 -48.04 -5.96
C GLU M 187 -27.31 -49.08 -6.89
N GLN M 188 -28.13 -50.00 -7.40
CA GLN M 188 -27.61 -51.04 -8.28
C GLN M 188 -27.01 -50.43 -9.54
N VAL M 189 -27.74 -49.52 -10.19
CA VAL M 189 -27.24 -48.92 -11.41
C VAL M 189 -25.97 -48.11 -11.14
N GLY M 190 -25.96 -47.37 -10.02
CA GLY M 190 -24.78 -46.58 -9.71
C GLY M 190 -23.55 -47.44 -9.45
N THR M 191 -23.71 -48.49 -8.64
CA THR M 191 -22.59 -49.38 -8.34
C THR M 191 -22.20 -50.23 -9.54
N SER M 192 -23.08 -50.38 -10.52
CA SER M 192 -22.77 -51.13 -11.73
C SER M 192 -22.05 -50.27 -12.76
N ALA M 193 -21.50 -49.13 -12.34
CA ALA M 193 -20.72 -48.26 -13.21
C ALA M 193 -19.40 -47.85 -12.57
N MET M 194 -18.96 -48.57 -11.54
CA MET M 194 -17.68 -48.26 -10.91
C MET M 194 -16.54 -48.38 -11.91
N ASP M 195 -16.67 -49.27 -12.89
CA ASP M 195 -15.61 -49.54 -13.86
C ASP M 195 -16.05 -49.17 -15.28
N SER M 196 -16.91 -48.17 -15.40
CA SER M 196 -17.39 -47.77 -16.72
C SER M 196 -16.23 -47.30 -17.58
N PRO M 197 -16.24 -47.58 -18.89
CA PRO M 197 -15.18 -47.05 -19.76
C PRO M 197 -15.16 -45.53 -19.83
N LEU M 198 -16.31 -44.91 -20.14
CA LEU M 198 -16.42 -43.46 -20.18
C LEU M 198 -16.99 -42.85 -18.90
N LEU M 199 -17.75 -43.62 -18.12
CA LEU M 199 -18.57 -43.09 -17.04
C LEU M 199 -17.98 -43.42 -15.67
N LYS M 200 -16.65 -43.48 -15.57
CA LYS M 200 -16.01 -43.76 -14.30
C LYS M 200 -16.40 -42.75 -13.23
N TYR M 201 -16.74 -41.52 -13.64
CA TYR M 201 -17.09 -40.44 -12.72
C TYR M 201 -18.56 -40.09 -12.80
N SER M 202 -19.41 -41.10 -13.00
CA SER M 202 -20.85 -40.90 -13.13
C SER M 202 -21.63 -41.35 -11.91
N ALA M 203 -21.39 -42.56 -11.42
CA ALA M 203 -22.22 -43.15 -10.38
C ALA M 203 -22.45 -42.19 -9.21
N LYS M 204 -21.51 -41.26 -8.98
CA LYS M 204 -21.65 -40.32 -7.86
C LYS M 204 -23.07 -39.78 -7.75
N ASP M 205 -23.56 -39.14 -8.82
CA ASP M 205 -24.89 -38.53 -8.78
C ASP M 205 -25.93 -39.54 -8.32
N TYR M 206 -25.91 -40.74 -8.91
CA TYR M 206 -26.87 -41.76 -8.53
C TYR M 206 -26.86 -41.96 -7.02
N PHE M 207 -25.66 -42.15 -6.44
CA PHE M 207 -25.58 -42.35 -5.00
C PHE M 207 -26.24 -41.20 -4.26
N PHE M 208 -25.94 -39.97 -4.67
CA PHE M 208 -26.58 -38.81 -4.05
C PHE M 208 -28.08 -38.97 -4.07
N LYS M 209 -28.65 -39.29 -5.24
CA LYS M 209 -30.09 -39.50 -5.33
C LYS M 209 -30.51 -40.54 -4.30
N ALA M 210 -29.84 -41.69 -4.28
CA ALA M 210 -30.16 -42.71 -3.29
C ALA M 210 -30.13 -42.10 -1.89
N ALA M 211 -29.04 -41.37 -1.58
CA ALA M 211 -28.94 -40.74 -0.27
C ALA M 211 -30.19 -39.92 0.01
N LEU M 212 -30.57 -39.06 -0.95
CA LEU M 212 -31.76 -38.24 -0.76
C LEU M 212 -32.96 -39.12 -0.44
N CYS M 213 -33.15 -40.18 -1.24
CA CYS M 213 -34.26 -41.09 -0.97
C CYS M 213 -34.15 -41.62 0.45
N HIS M 214 -32.95 -42.08 0.83
CA HIS M 214 -32.76 -42.56 2.19
C HIS M 214 -33.10 -41.47 3.19
N PHE M 215 -32.65 -40.24 2.92
CA PHE M 215 -32.96 -39.13 3.82
C PHE M 215 -34.45 -38.84 3.82
N CYS M 216 -35.12 -39.05 2.69
CA CYS M 216 -36.57 -38.88 2.66
C CYS M 216 -37.25 -39.85 3.61
N ILE M 217 -36.62 -40.99 3.89
CA ILE M 217 -37.21 -41.97 4.79
C ILE M 217 -37.02 -41.56 6.25
N ASP M 218 -35.77 -41.46 6.68
CA ASP M 218 -35.47 -41.15 8.07
C ASP M 218 -34.03 -40.65 8.18
N MET M 219 -33.77 -39.93 9.27
CA MET M 219 -32.43 -39.39 9.50
C MET M 219 -31.42 -40.52 9.74
N LEU M 220 -31.78 -41.50 10.55
CA LEU M 220 -30.84 -42.57 10.90
C LEU M 220 -30.45 -43.38 9.67
N ASN M 221 -31.44 -43.78 8.87
CA ASN M 221 -31.14 -44.49 7.63
C ASN M 221 -30.30 -43.61 6.70
N ALA M 222 -30.61 -42.32 6.63
CA ALA M 222 -29.83 -41.41 5.81
C ALA M 222 -28.35 -41.48 6.18
N LYS M 223 -28.05 -41.26 7.47
CA LYS M 223 -26.65 -41.23 7.90
C LYS M 223 -25.98 -42.59 7.73
N LEU M 224 -26.66 -43.68 8.11
CA LEU M 224 -26.04 -44.99 8.00
C LEU M 224 -25.71 -45.34 6.55
N ALA M 225 -26.64 -45.08 5.64
CA ALA M 225 -26.37 -45.32 4.23
C ALA M 225 -25.27 -44.41 3.72
N VAL M 226 -25.27 -43.15 4.18
CA VAL M 226 -24.22 -42.22 3.79
C VAL M 226 -22.85 -42.77 4.16
N GLN M 227 -22.70 -43.25 5.40
CA GLN M 227 -21.43 -43.84 5.79
C GLN M 227 -21.11 -45.04 4.91
N LYS M 228 -22.07 -45.97 4.79
CA LYS M 228 -21.83 -47.17 3.99
C LYS M 228 -21.25 -46.80 2.63
N TYR M 229 -21.85 -45.81 1.96
CA TYR M 229 -21.34 -45.36 0.67
C TYR M 229 -19.98 -44.68 0.81
N GLU M 230 -19.76 -43.97 1.92
CA GLU M 230 -18.47 -43.31 2.15
C GLU M 230 -17.34 -44.35 2.13
N GLU M 231 -17.52 -45.45 2.85
CA GLU M 231 -16.50 -46.50 2.80
C GLU M 231 -16.49 -47.18 1.44
N LEU M 232 -17.66 -47.45 0.86
CA LEU M 232 -17.70 -48.23 -0.37
C LEU M 232 -17.03 -47.48 -1.52
N PHE M 233 -17.32 -46.20 -1.66
CA PHE M 233 -16.80 -45.39 -2.76
C PHE M 233 -15.94 -44.27 -2.21
N PRO M 234 -14.61 -44.41 -2.21
CA PRO M 234 -13.77 -43.36 -1.58
C PRO M 234 -13.96 -41.98 -2.21
N ALA M 235 -14.14 -41.91 -3.53
CA ALA M 235 -14.22 -40.61 -4.19
C ALA M 235 -15.41 -39.80 -3.69
N PHE M 236 -16.52 -40.46 -3.35
CA PHE M 236 -17.68 -39.74 -2.84
C PHE M 236 -17.33 -38.96 -1.58
N SER M 237 -16.26 -39.35 -0.88
CA SER M 237 -15.83 -38.60 0.29
C SER M 237 -15.54 -37.14 -0.07
N ASP M 238 -14.94 -36.92 -1.24
CA ASP M 238 -14.50 -35.59 -1.65
C ASP M 238 -15.46 -34.94 -2.64
N SER M 239 -16.68 -35.47 -2.78
CA SER M 239 -17.66 -34.87 -3.65
C SER M 239 -18.33 -33.67 -2.97
N ARG M 240 -18.58 -32.63 -3.76
CA ARG M 240 -19.34 -31.48 -3.25
C ARG M 240 -20.69 -31.92 -2.73
N GLU M 241 -21.31 -32.91 -3.36
CA GLU M 241 -22.60 -33.42 -2.91
C GLU M 241 -22.50 -33.97 -1.49
N CYS M 242 -21.39 -34.61 -1.16
CA CYS M 242 -21.22 -35.15 0.19
C CYS M 242 -21.24 -34.02 1.22
N LYS M 243 -20.49 -32.95 0.96
CA LYS M 243 -20.48 -31.81 1.88
C LYS M 243 -21.85 -31.13 1.97
N LEU M 244 -22.54 -30.99 0.83
CA LEU M 244 -23.87 -30.39 0.86
C LEU M 244 -24.80 -31.23 1.74
N MET M 245 -24.77 -32.55 1.54
CA MET M 245 -25.63 -33.44 2.31
C MET M 245 -25.30 -33.39 3.80
N LYS M 246 -24.00 -33.40 4.12
CA LYS M 246 -23.60 -33.35 5.52
C LYS M 246 -24.06 -32.05 6.17
N LYS M 247 -23.91 -30.93 5.45
CA LYS M 247 -24.34 -29.65 5.99
C LYS M 247 -25.85 -29.66 6.23
N LEU M 248 -26.61 -30.18 5.27
CA LEU M 248 -28.06 -30.26 5.44
C LEU M 248 -28.43 -31.16 6.62
N LEU M 249 -27.73 -32.29 6.76
CA LEU M 249 -28.00 -33.20 7.86
C LEU M 249 -27.76 -32.53 9.21
N GLU M 250 -26.60 -31.89 9.36
CA GLU M 250 -26.29 -31.27 10.65
C GLU M 250 -27.21 -30.09 10.92
N ALA M 251 -27.62 -29.35 9.88
CA ALA M 251 -28.55 -28.25 10.10
C ALA M 251 -29.92 -28.76 10.54
N HIS M 252 -30.48 -29.74 9.82
CA HIS M 252 -31.76 -30.30 10.22
C HIS M 252 -31.69 -30.97 11.58
N GLU M 253 -30.50 -31.40 12.01
CA GLU M 253 -30.37 -32.03 13.32
C GLU M 253 -30.77 -31.08 14.43
N GLU M 254 -30.36 -29.81 14.33
CA GLU M 254 -30.58 -28.84 15.39
C GLU M 254 -31.88 -28.09 15.26
N GLN M 255 -32.63 -28.32 14.18
CA GLN M 255 -33.92 -27.65 13.94
C GLN M 255 -33.72 -26.14 13.83
N ASN M 256 -32.89 -25.74 12.87
CA ASN M 256 -32.72 -24.34 12.49
C ASN M 256 -33.01 -24.25 11.00
N VAL M 257 -34.29 -24.03 10.67
CA VAL M 257 -34.70 -24.01 9.27
C VAL M 257 -33.91 -22.96 8.49
N ASP M 258 -33.45 -21.91 9.17
CA ASP M 258 -32.72 -20.85 8.47
C ASP M 258 -31.41 -21.39 7.89
N SER M 259 -30.71 -22.24 8.64
CA SER M 259 -29.48 -22.82 8.13
C SER M 259 -29.74 -23.67 6.89
N TYR M 260 -30.80 -24.49 6.93
CA TYR M 260 -31.15 -25.30 5.77
C TYR M 260 -31.48 -24.43 4.57
N THR M 261 -32.27 -23.37 4.80
CA THR M 261 -32.68 -22.50 3.70
C THR M 261 -31.46 -21.80 3.08
N GLU M 262 -30.57 -21.27 3.91
CA GLU M 262 -29.40 -20.60 3.37
C GLU M 262 -28.47 -21.58 2.66
N SER M 263 -28.36 -22.81 3.18
CA SER M 263 -27.54 -23.81 2.51
C SER M 263 -28.08 -24.13 1.12
N VAL M 264 -29.40 -24.36 1.03
CA VAL M 264 -29.98 -24.70 -0.26
C VAL M 264 -29.89 -23.50 -1.21
N LYS M 265 -30.08 -22.29 -0.69
CA LYS M 265 -29.93 -21.10 -1.52
C LYS M 265 -28.50 -20.99 -2.06
N GLU M 266 -27.50 -21.25 -1.21
CA GLU M 266 -26.11 -21.17 -1.63
C GLU M 266 -25.80 -22.22 -2.68
N TYR M 267 -26.32 -23.43 -2.51
CA TYR M 267 -26.14 -24.47 -3.52
C TYR M 267 -26.78 -24.05 -4.84
N ASP M 268 -28.00 -23.52 -4.79
CA ASP M 268 -28.66 -23.08 -6.01
C ASP M 268 -27.86 -21.96 -6.67
N SER M 269 -27.29 -21.06 -5.88
CA SER M 269 -26.49 -19.98 -6.45
C SER M 269 -25.26 -20.52 -7.16
N ILE M 270 -24.58 -21.49 -6.55
CA ILE M 270 -23.44 -22.12 -7.24
C ILE M 270 -23.92 -22.88 -8.46
N SER M 271 -24.93 -23.74 -8.28
CA SER M 271 -25.38 -24.64 -9.34
C SER M 271 -26.88 -24.54 -9.51
N ARG M 272 -27.33 -24.57 -10.75
CA ARG M 272 -28.75 -24.50 -11.04
C ARG M 272 -29.44 -25.78 -10.57
N LEU M 273 -30.74 -25.66 -10.30
CA LEU M 273 -31.52 -26.78 -9.81
C LEU M 273 -31.82 -27.74 -10.96
N ASP M 274 -32.63 -28.77 -10.69
CA ASP M 274 -33.07 -29.71 -11.71
C ASP M 274 -34.58 -29.91 -11.74
N GLN M 275 -35.31 -29.26 -10.83
CA GLN M 275 -36.77 -29.35 -10.73
C GLN M 275 -37.22 -30.69 -10.17
N TRP M 276 -36.30 -31.62 -9.95
CA TRP M 276 -36.60 -32.87 -9.25
C TRP M 276 -36.01 -32.89 -7.85
N LEU M 277 -34.81 -32.32 -7.68
CA LEU M 277 -34.25 -32.17 -6.35
C LEU M 277 -35.00 -31.14 -5.52
N THR M 278 -35.49 -30.09 -6.16
CA THR M 278 -36.19 -29.04 -5.42
C THR M 278 -37.46 -29.56 -4.76
N THR M 279 -38.21 -30.42 -5.46
CA THR M 279 -39.42 -30.98 -4.87
C THR M 279 -39.09 -31.82 -3.64
N MET M 280 -38.07 -32.67 -3.74
CA MET M 280 -37.68 -33.50 -2.60
C MET M 280 -37.19 -32.64 -1.45
N LEU M 281 -36.41 -31.59 -1.75
CA LEU M 281 -35.92 -30.72 -0.68
C LEU M 281 -37.06 -29.96 -0.01
N LEU M 282 -38.05 -29.52 -0.79
CA LEU M 282 -39.22 -28.88 -0.20
C LEU M 282 -39.97 -29.86 0.70
N ARG M 283 -40.12 -31.11 0.26
CA ARG M 283 -40.80 -32.10 1.09
C ARG M 283 -40.04 -32.34 2.38
N ILE M 284 -38.70 -32.40 2.30
CA ILE M 284 -37.89 -32.56 3.51
C ILE M 284 -38.09 -31.36 4.44
N LYS M 285 -38.04 -30.15 3.89
CA LYS M 285 -38.21 -28.96 4.71
C LYS M 285 -39.58 -28.92 5.36
N LYS M 286 -40.59 -29.50 4.70
CA LYS M 286 -41.94 -29.49 5.23
C LYS M 286 -42.05 -30.18 6.58
N THR M 287 -41.09 -31.05 6.93
CA THR M 287 -41.15 -31.85 8.14
C THR M 287 -40.04 -31.49 9.12
N ILE M 288 -39.82 -30.19 9.33
CA ILE M 288 -38.79 -29.74 10.25
C ILE M 288 -39.30 -29.64 11.68
N GLN M 289 -40.57 -29.30 11.86
CA GLN M 289 -41.17 -29.07 13.18
C GLN M 289 -40.21 -28.29 14.10
N GLY N 1 -6.78 -41.38 -70.77
CA GLY N 1 -6.80 -39.92 -71.07
C GLY N 1 -7.22 -39.63 -72.49
N MET N 2 -6.26 -39.38 -73.33
CA MET N 2 -6.60 -39.15 -74.74
C MET N 2 -7.16 -40.41 -75.39
N ASP N 3 -6.54 -41.56 -75.15
CA ASP N 3 -7.10 -42.80 -75.67
C ASP N 3 -8.48 -43.05 -75.09
N THR N 4 -8.78 -42.51 -73.89
CA THR N 4 -10.13 -42.62 -73.26
C THR N 4 -11.03 -41.62 -73.97
N SER N 5 -10.49 -40.58 -74.62
CA SER N 5 -11.32 -39.77 -75.50
C SER N 5 -11.64 -40.52 -76.79
N GLY N 6 -10.67 -41.28 -77.30
CA GLY N 6 -10.97 -42.14 -78.43
C GLY N 6 -12.01 -43.19 -78.09
N LYS N 7 -11.95 -43.73 -76.87
CA LYS N 7 -12.93 -44.72 -76.48
C LYS N 7 -14.26 -44.08 -76.11
N GLN N 8 -14.28 -42.79 -75.82
CA GLN N 8 -15.57 -42.09 -75.75
C GLN N 8 -16.12 -41.84 -77.14
N ALA N 9 -15.21 -41.72 -78.15
CA ALA N 9 -15.63 -41.71 -79.54
C ALA N 9 -16.32 -43.01 -79.92
N GLU N 10 -15.65 -44.14 -79.63
CA GLU N 10 -16.34 -45.39 -79.91
C GLU N 10 -17.52 -45.61 -78.97
N ALA N 11 -17.66 -44.81 -77.92
CA ALA N 11 -18.86 -44.88 -77.08
C ALA N 11 -20.03 -44.09 -77.66
N MET N 12 -19.75 -42.98 -78.35
CA MET N 12 -20.77 -42.46 -79.26
C MET N 12 -21.11 -43.49 -80.33
N ALA N 13 -20.12 -44.27 -80.77
CA ALA N 13 -20.42 -45.41 -81.65
C ALA N 13 -21.29 -46.45 -80.94
N LEU N 14 -21.10 -46.62 -79.63
CA LEU N 14 -21.93 -47.55 -78.87
C LEU N 14 -23.38 -47.07 -78.84
N LEU N 15 -23.56 -45.77 -78.56
CA LEU N 15 -24.89 -45.19 -78.71
C LEU N 15 -25.39 -45.33 -80.14
N ALA N 16 -24.47 -45.42 -81.10
CA ALA N 16 -24.89 -45.54 -82.50
C ALA N 16 -25.43 -46.95 -82.79
N GLU N 17 -24.81 -47.99 -82.24
CA GLU N 17 -25.45 -49.29 -82.42
C GLU N 17 -26.66 -49.45 -81.50
N ALA N 18 -26.78 -48.62 -80.47
CA ALA N 18 -28.08 -48.50 -79.79
C ALA N 18 -29.12 -47.88 -80.73
N GLU N 19 -28.68 -46.93 -81.55
CA GLU N 19 -29.56 -46.41 -82.60
C GLU N 19 -29.92 -47.50 -83.60
N ARG N 20 -28.98 -48.39 -83.91
CA ARG N 20 -29.33 -49.59 -84.67
C ARG N 20 -30.30 -50.49 -83.90
N LYS N 21 -30.24 -50.50 -82.57
CA LYS N 21 -31.23 -51.25 -81.80
C LYS N 21 -32.63 -50.64 -81.96
N VAL N 22 -32.72 -49.31 -81.96
CA VAL N 22 -34.03 -48.72 -82.20
C VAL N 22 -34.42 -48.85 -83.68
N LYS N 23 -33.46 -49.02 -84.58
CA LYS N 23 -33.80 -49.41 -85.95
C LYS N 23 -34.37 -50.82 -85.99
N ASN N 24 -33.86 -51.70 -85.14
CA ASN N 24 -34.50 -52.99 -84.94
C ASN N 24 -35.94 -52.80 -84.45
N SER N 25 -36.13 -51.94 -83.45
CA SER N 25 -37.48 -51.60 -83.02
C SER N 25 -38.33 -51.13 -84.20
N GLN N 26 -37.71 -50.45 -85.15
CA GLN N 26 -38.43 -49.93 -86.31
C GLN N 26 -38.89 -51.06 -87.23
N SER N 27 -37.99 -52.00 -87.56
CA SER N 27 -38.30 -52.97 -88.62
C SER N 27 -38.10 -54.43 -88.22
N PHE N 28 -37.07 -54.73 -87.43
CA PHE N 28 -36.60 -56.10 -87.24
C PHE N 28 -37.30 -56.83 -86.11
N PHE N 29 -37.81 -56.11 -85.11
CA PHE N 29 -38.54 -56.76 -84.02
C PHE N 29 -39.84 -57.40 -84.49
N SER N 30 -40.29 -57.13 -85.71
CA SER N 30 -41.39 -57.89 -86.28
C SER N 30 -41.09 -59.39 -86.25
N GLY N 31 -39.85 -59.76 -86.55
CA GLY N 31 -39.41 -61.13 -86.41
C GLY N 31 -38.69 -61.43 -85.11
N LEU N 32 -38.32 -60.39 -84.36
CA LEU N 32 -37.69 -60.52 -83.05
C LEU N 32 -38.60 -59.97 -81.96
N PHE N 33 -39.91 -60.18 -82.12
CA PHE N 33 -40.88 -59.61 -81.18
C PHE N 33 -40.56 -60.00 -79.74
N GLY N 34 -40.04 -61.21 -79.53
CA GLY N 34 -39.65 -61.66 -78.21
C GLY N 34 -38.38 -61.05 -77.68
N GLY N 35 -37.74 -60.15 -78.44
CA GLY N 35 -36.49 -59.55 -78.04
C GLY N 35 -36.62 -58.37 -77.11
N SER N 36 -37.61 -58.42 -76.20
CA SER N 36 -37.67 -57.40 -75.15
C SER N 36 -36.36 -57.35 -74.37
N SER N 37 -35.74 -58.51 -74.14
CA SER N 37 -34.40 -58.53 -73.57
C SER N 37 -33.39 -57.86 -74.49
N LYS N 38 -33.65 -57.87 -75.80
CA LYS N 38 -32.81 -57.11 -76.71
C LYS N 38 -32.91 -55.61 -76.44
N ILE N 39 -34.12 -55.12 -76.18
CA ILE N 39 -34.29 -53.73 -75.77
C ILE N 39 -33.60 -53.49 -74.43
N GLU N 40 -33.65 -54.48 -73.53
CA GLU N 40 -33.00 -54.34 -72.24
C GLU N 40 -31.48 -54.18 -72.40
N GLU N 41 -30.87 -55.01 -73.24
CA GLU N 41 -29.43 -54.87 -73.45
C GLU N 41 -29.10 -53.60 -74.23
N ALA N 42 -30.01 -53.14 -75.09
CA ALA N 42 -29.84 -51.83 -75.71
C ALA N 42 -29.79 -50.74 -74.64
N CYS N 43 -30.69 -50.81 -73.66
CA CYS N 43 -30.67 -49.86 -72.55
C CYS N 43 -29.38 -49.99 -71.74
N GLU N 44 -28.89 -51.23 -71.58
CA GLU N 44 -27.66 -51.42 -70.83
C GLU N 44 -26.48 -50.77 -71.53
N ILE N 45 -26.37 -50.96 -72.85
CA ILE N 45 -25.29 -50.31 -73.60
C ILE N 45 -25.47 -48.80 -73.59
N TYR N 46 -26.72 -48.32 -73.64
CA TYR N 46 -26.99 -46.90 -73.45
C TYR N 46 -26.36 -46.41 -72.15
N ALA N 47 -26.67 -47.12 -71.05
CA ALA N 47 -26.21 -46.68 -69.73
C ALA N 47 -24.68 -46.72 -69.65
N ARG N 48 -24.07 -47.75 -70.25
CA ARG N 48 -22.62 -47.88 -70.14
C ARG N 48 -21.90 -46.88 -71.04
N ALA N 49 -22.47 -46.54 -72.21
CA ALA N 49 -21.92 -45.45 -72.99
C ALA N 49 -22.03 -44.14 -72.22
N ALA N 50 -23.13 -43.96 -71.48
CA ALA N 50 -23.25 -42.78 -70.65
C ALA N 50 -22.18 -42.76 -69.56
N ASN N 51 -21.89 -43.93 -68.97
CA ASN N 51 -20.84 -44.01 -67.96
C ASN N 51 -19.46 -43.71 -68.54
N MET N 52 -19.16 -44.22 -69.74
CA MET N 52 -17.90 -43.86 -70.37
C MET N 52 -17.81 -42.37 -70.64
N PHE N 53 -18.91 -41.76 -71.10
CA PHE N 53 -18.94 -40.31 -71.23
C PHE N 53 -18.63 -39.64 -69.90
N LYS N 54 -19.34 -40.03 -68.84
CA LYS N 54 -19.10 -39.45 -67.52
C LYS N 54 -17.64 -39.51 -67.13
N MET N 55 -17.03 -40.69 -67.24
CA MET N 55 -15.60 -40.82 -66.96
C MET N 55 -14.79 -39.90 -67.86
N ALA N 56 -15.24 -39.72 -69.11
CA ALA N 56 -14.58 -38.84 -70.05
C ALA N 56 -14.84 -37.36 -69.77
N LYS N 57 -15.59 -37.04 -68.71
CA LYS N 57 -15.83 -35.67 -68.29
C LYS N 57 -16.66 -34.90 -69.28
N ASN N 58 -17.45 -35.59 -70.11
CA ASN N 58 -18.35 -34.96 -71.07
C ASN N 58 -19.73 -34.95 -70.41
N TRP N 59 -19.97 -33.90 -69.62
CA TRP N 59 -21.17 -33.86 -68.78
C TRP N 59 -22.44 -33.78 -69.63
N SER N 60 -22.42 -32.96 -70.67
CA SER N 60 -23.61 -32.83 -71.51
C SER N 60 -23.94 -34.15 -72.20
N ALA N 61 -22.91 -34.81 -72.76
CA ALA N 61 -23.16 -36.08 -73.42
C ALA N 61 -23.60 -37.15 -72.44
N ALA N 62 -22.98 -37.18 -71.25
CA ALA N 62 -23.39 -38.15 -70.24
C ALA N 62 -24.83 -37.94 -69.81
N GLY N 63 -25.23 -36.68 -69.61
CA GLY N 63 -26.60 -36.40 -69.25
C GLY N 63 -27.58 -36.75 -70.35
N ASN N 64 -27.22 -36.46 -71.60
CA ASN N 64 -28.07 -36.84 -72.73
C ASN N 64 -28.24 -38.35 -72.79
N ALA N 65 -27.15 -39.08 -72.62
CA ALA N 65 -27.23 -40.54 -72.63
C ALA N 65 -28.08 -41.06 -71.49
N PHE N 66 -27.92 -40.48 -70.30
CA PHE N 66 -28.73 -40.89 -69.16
C PHE N 66 -30.21 -40.64 -69.42
N CYS N 67 -30.55 -39.47 -69.94
CA CYS N 67 -31.96 -39.15 -70.19
C CYS N 67 -32.53 -40.07 -71.25
N GLN N 68 -31.77 -40.34 -72.31
CA GLN N 68 -32.26 -41.22 -73.37
C GLN N 68 -32.45 -42.64 -72.84
N ALA N 69 -31.50 -43.12 -72.02
CA ALA N 69 -31.64 -44.45 -71.44
C ALA N 69 -32.85 -44.54 -70.53
N ALA N 70 -33.08 -43.49 -69.74
CA ALA N 70 -34.25 -43.47 -68.87
C ALA N 70 -35.54 -43.49 -69.68
N GLN N 71 -35.60 -42.68 -70.73
CA GLN N 71 -36.80 -42.62 -71.55
C GLN N 71 -37.07 -43.97 -72.23
N LEU N 72 -36.03 -44.59 -72.77
CA LEU N 72 -36.19 -45.90 -73.40
C LEU N 72 -36.59 -46.96 -72.39
N HIS N 73 -36.01 -46.91 -71.19
CA HIS N 73 -36.23 -47.95 -70.20
C HIS N 73 -37.60 -47.83 -69.54
N LEU N 74 -38.15 -46.61 -69.45
CA LEU N 74 -39.40 -46.41 -68.75
C LEU N 74 -40.57 -46.82 -69.63
N GLN N 75 -40.53 -48.05 -70.16
CA GLN N 75 -41.60 -48.58 -70.99
C GLN N 75 -42.73 -49.15 -70.11
N LEU N 76 -43.23 -48.28 -69.22
CA LEU N 76 -44.26 -48.65 -68.26
C LEU N 76 -43.82 -49.84 -67.39
N GLN N 77 -42.51 -50.09 -67.32
CA GLN N 77 -41.98 -51.21 -66.58
C GLN N 77 -40.63 -50.79 -66.00
N SER N 78 -40.24 -51.42 -64.89
CA SER N 78 -38.99 -51.11 -64.21
C SER N 78 -38.88 -49.62 -63.93
N LYS N 79 -39.95 -49.08 -63.32
CA LYS N 79 -40.02 -47.64 -63.10
C LYS N 79 -38.89 -47.15 -62.21
N HIS N 80 -38.56 -47.92 -61.17
CA HIS N 80 -37.50 -47.51 -60.25
C HIS N 80 -36.16 -47.36 -60.97
N ASP N 81 -35.88 -48.23 -61.94
CA ASP N 81 -34.66 -48.07 -62.73
C ASP N 81 -34.69 -46.77 -63.52
N ALA N 82 -35.85 -46.42 -64.09
CA ALA N 82 -35.98 -45.14 -64.78
C ALA N 82 -35.75 -43.97 -63.84
N ALA N 83 -36.27 -44.07 -62.61
CA ALA N 83 -36.07 -43.00 -61.63
C ALA N 83 -34.59 -42.87 -61.26
N THR N 84 -33.90 -44.00 -61.08
CA THR N 84 -32.47 -43.95 -60.81
C THR N 84 -31.71 -43.29 -61.97
N CYS N 85 -32.08 -43.65 -63.20
CA CYS N 85 -31.44 -43.04 -64.36
C CYS N 85 -31.72 -41.55 -64.44
N PHE N 86 -32.95 -41.14 -64.11
CA PHE N 86 -33.30 -39.72 -64.14
C PHE N 86 -32.50 -38.95 -63.09
N VAL N 87 -32.39 -39.48 -61.87
CA VAL N 87 -31.61 -38.79 -60.85
C VAL N 87 -30.14 -38.77 -61.22
N ASP N 88 -29.64 -39.83 -61.86
CA ASP N 88 -28.26 -39.82 -62.34
C ASP N 88 -28.06 -38.72 -63.37
N ALA N 89 -29.01 -38.57 -64.29
CA ALA N 89 -28.93 -37.49 -65.27
C ALA N 89 -28.94 -36.13 -64.60
N GLY N 90 -29.79 -35.99 -63.57
CA GLY N 90 -29.83 -34.73 -62.83
C GLY N 90 -28.51 -34.43 -62.15
N ASN N 91 -27.90 -35.44 -61.54
CA ASN N 91 -26.59 -35.26 -60.91
C ASN N 91 -25.54 -34.88 -61.94
N ALA N 92 -25.56 -35.53 -63.11
CA ALA N 92 -24.61 -35.17 -64.16
C ALA N 92 -24.81 -33.74 -64.60
N PHE N 93 -26.07 -33.31 -64.74
CA PHE N 93 -26.37 -31.94 -65.15
C PHE N 93 -26.13 -30.92 -64.05
N LYS N 94 -26.01 -31.37 -62.79
CA LYS N 94 -25.74 -30.46 -61.69
C LYS N 94 -24.62 -29.48 -62.05
N LYS N 95 -23.49 -30.02 -62.50
CA LYS N 95 -22.44 -29.19 -63.06
C LYS N 95 -22.79 -28.80 -64.48
N ALA N 96 -22.13 -27.77 -64.99
CA ALA N 96 -22.39 -27.27 -66.33
C ALA N 96 -23.81 -26.70 -66.40
N ASP N 97 -24.72 -27.37 -67.10
CA ASP N 97 -26.09 -26.89 -67.24
C ASP N 97 -26.99 -27.64 -66.27
N PRO N 98 -27.51 -27.01 -65.23
CA PRO N 98 -28.37 -27.72 -64.26
C PRO N 98 -29.87 -27.56 -64.48
N GLN N 99 -30.30 -26.77 -65.47
CA GLN N 99 -31.72 -26.43 -65.57
C GLN N 99 -32.57 -27.69 -65.79
N GLU N 100 -32.21 -28.49 -66.80
CA GLU N 100 -32.97 -29.70 -67.07
C GLU N 100 -32.86 -30.71 -65.94
N ALA N 101 -31.81 -30.60 -65.13
CA ALA N 101 -31.73 -31.42 -63.93
C ALA N 101 -32.94 -31.18 -63.04
N ILE N 102 -33.43 -29.94 -63.01
CA ILE N 102 -34.63 -29.62 -62.23
C ILE N 102 -35.82 -30.43 -62.73
N ASN N 103 -36.05 -30.42 -64.05
CA ASN N 103 -37.20 -31.14 -64.59
C ASN N 103 -37.08 -32.64 -64.35
N CYS N 104 -35.89 -33.21 -64.57
CA CYS N 104 -35.74 -34.64 -64.34
C CYS N 104 -35.94 -34.98 -62.87
N LEU N 105 -35.42 -34.14 -61.96
CA LEU N 105 -35.61 -34.37 -60.54
C LEU N 105 -37.08 -34.25 -60.16
N MET N 106 -37.82 -33.32 -60.77
CA MET N 106 -39.26 -33.22 -60.52
C MET N 106 -39.97 -34.48 -60.98
N ARG N 107 -39.58 -35.02 -62.14
CA ARG N 107 -40.17 -36.27 -62.60
C ARG N 107 -39.89 -37.40 -61.62
N ALA N 108 -38.65 -37.50 -61.14
CA ALA N 108 -38.32 -38.51 -60.14
C ALA N 108 -39.12 -38.29 -58.86
N ILE N 109 -39.32 -37.03 -58.47
CA ILE N 109 -40.13 -36.72 -57.30
C ILE N 109 -41.54 -37.24 -57.47
N GLU N 110 -42.12 -37.00 -58.66
CA GLU N 110 -43.47 -37.50 -58.92
C GLU N 110 -43.52 -39.01 -58.86
N ILE N 111 -42.52 -39.68 -59.45
CA ILE N 111 -42.49 -41.14 -59.42
C ILE N 111 -42.43 -41.65 -57.99
N TYR N 112 -41.55 -41.05 -57.17
CA TYR N 112 -41.40 -41.52 -55.79
C TYR N 112 -42.64 -41.23 -54.96
N THR N 113 -43.23 -40.05 -55.11
CA THR N 113 -44.45 -39.66 -54.35
C THR N 113 -45.56 -40.60 -54.80
N ASP N 114 -45.51 -41.08 -56.05
CA ASP N 114 -46.49 -42.07 -56.57
C ASP N 114 -46.23 -43.37 -55.80
N MET N 115 -44.97 -43.77 -55.68
CA MET N 115 -44.55 -44.91 -54.87
C MET N 115 -44.79 -44.66 -53.39
N GLY N 116 -44.66 -43.41 -52.93
CA GLY N 116 -44.83 -43.04 -51.51
C GLY N 116 -43.52 -42.82 -50.75
N ARG N 117 -42.35 -42.99 -51.36
CA ARG N 117 -41.07 -42.91 -50.65
C ARG N 117 -40.76 -41.43 -50.36
N PHE N 118 -41.20 -40.93 -49.21
CA PHE N 118 -41.15 -39.48 -48.93
C PHE N 118 -39.78 -38.99 -48.42
N THR N 119 -38.91 -39.82 -47.85
CA THR N 119 -37.60 -39.30 -47.44
C THR N 119 -36.75 -38.97 -48.67
N ILE N 120 -36.75 -39.86 -49.66
CA ILE N 120 -35.98 -39.62 -50.87
C ILE N 120 -36.51 -38.39 -51.61
N ALA N 121 -37.83 -38.30 -51.74
CA ALA N 121 -38.42 -37.16 -52.43
C ALA N 121 -38.09 -35.86 -51.72
N ALA N 122 -38.12 -35.86 -50.39
CA ALA N 122 -37.87 -34.61 -49.64
C ALA N 122 -36.39 -34.22 -49.71
N LYS N 123 -35.49 -35.20 -49.68
CA LYS N 123 -34.08 -34.86 -49.84
C LYS N 123 -33.81 -34.32 -51.24
N HIS N 124 -34.47 -34.89 -52.26
CA HIS N 124 -34.37 -34.34 -53.60
C HIS N 124 -34.94 -32.92 -53.65
N HIS N 125 -36.02 -32.66 -52.92
CA HIS N 125 -36.55 -31.30 -52.83
C HIS N 125 -35.55 -30.35 -52.21
N ILE N 126 -34.87 -30.79 -51.15
CA ILE N 126 -33.81 -29.99 -50.56
C ILE N 126 -32.71 -29.74 -51.59
N SER N 127 -32.38 -30.76 -52.38
CA SER N 127 -31.35 -30.62 -53.39
C SER N 127 -31.73 -29.53 -54.41
N ILE N 128 -32.96 -29.57 -54.90
CA ILE N 128 -33.38 -28.57 -55.89
C ILE N 128 -33.43 -27.18 -55.25
N ALA N 129 -33.85 -27.11 -53.97
CA ALA N 129 -33.88 -25.81 -53.30
C ALA N 129 -32.47 -25.24 -53.17
N GLU N 130 -31.50 -26.07 -52.78
CA GLU N 130 -30.14 -25.57 -52.59
C GLU N 130 -29.48 -25.23 -53.92
N ILE N 131 -29.78 -25.99 -54.99
CA ILE N 131 -29.22 -25.63 -56.29
C ILE N 131 -29.84 -24.32 -56.78
N TYR N 132 -31.13 -24.11 -56.53
CA TYR N 132 -31.72 -22.81 -56.78
C TYR N 132 -30.96 -21.72 -56.05
N GLU N 133 -30.75 -21.90 -54.75
CA GLU N 133 -30.10 -20.88 -53.94
C GLU N 133 -28.69 -20.57 -54.44
N THR N 134 -27.88 -21.62 -54.63
CA THR N 134 -26.47 -21.43 -54.95
C THR N 134 -26.26 -21.00 -56.39
N GLU N 135 -27.14 -21.41 -57.31
CA GLU N 135 -26.99 -21.10 -58.73
C GLU N 135 -27.90 -19.96 -59.14
N LEU N 136 -29.20 -20.09 -58.91
CA LEU N 136 -30.16 -19.06 -59.25
C LEU N 136 -30.38 -18.15 -58.04
N VAL N 137 -31.26 -17.17 -58.21
CA VAL N 137 -31.53 -16.20 -57.15
C VAL N 137 -32.93 -16.35 -56.56
N ASP N 138 -33.84 -17.05 -57.23
CA ASP N 138 -35.18 -17.23 -56.70
C ASP N 138 -35.12 -17.90 -55.34
N VAL N 139 -35.86 -17.34 -54.38
CA VAL N 139 -35.86 -17.84 -53.01
C VAL N 139 -37.24 -18.37 -52.68
N GLU N 140 -38.28 -17.80 -53.32
CA GLU N 140 -39.64 -18.22 -53.03
C GLU N 140 -39.86 -19.68 -53.42
N LYS N 141 -39.32 -20.09 -54.57
CA LYS N 141 -39.42 -21.49 -54.94
C LYS N 141 -38.65 -22.37 -53.97
N ALA N 142 -37.48 -21.90 -53.53
CA ALA N 142 -36.75 -22.62 -52.49
C ALA N 142 -37.56 -22.70 -51.21
N ILE N 143 -38.24 -21.61 -50.85
CA ILE N 143 -39.07 -21.63 -49.63
C ILE N 143 -40.18 -22.66 -49.76
N ALA N 144 -40.85 -22.71 -50.92
CA ALA N 144 -41.92 -23.67 -51.12
C ALA N 144 -41.39 -25.10 -51.07
N HIS N 145 -40.25 -25.35 -51.71
CA HIS N 145 -39.64 -26.67 -51.66
C HIS N 145 -39.30 -27.07 -50.23
N TYR N 146 -38.75 -26.12 -49.46
CA TYR N 146 -38.40 -26.42 -48.08
C TYR N 146 -39.64 -26.72 -47.26
N GLU N 147 -40.72 -25.94 -47.45
CA GLU N 147 -41.97 -26.22 -46.75
C GLU N 147 -42.48 -27.62 -47.08
N GLN N 148 -42.47 -27.98 -48.36
CA GLN N 148 -42.96 -29.28 -48.78
C GLN N 148 -42.13 -30.41 -48.17
N SER N 149 -40.80 -30.27 -48.23
CA SER N 149 -39.93 -31.30 -47.67
C SER N 149 -40.10 -31.41 -46.16
N ALA N 150 -40.24 -30.28 -45.47
CA ALA N 150 -40.46 -30.32 -44.03
C ALA N 150 -41.80 -30.97 -43.70
N ASP N 151 -42.83 -30.71 -44.50
CA ASP N 151 -44.11 -31.38 -44.30
C ASP N 151 -43.96 -32.89 -44.44
N TYR N 152 -43.28 -33.34 -45.50
CA TYR N 152 -43.08 -34.77 -45.66
C TYR N 152 -42.29 -35.37 -44.48
N TYR N 153 -41.23 -34.68 -44.05
CA TYR N 153 -40.44 -35.19 -42.93
C TYR N 153 -41.28 -35.27 -41.66
N LYS N 154 -42.01 -34.20 -41.34
CA LYS N 154 -42.86 -34.20 -40.15
C LYS N 154 -43.97 -35.24 -40.26
N GLY N 155 -44.33 -35.64 -41.48
CA GLY N 155 -45.33 -36.68 -41.63
C GLY N 155 -44.91 -37.97 -40.95
N GLU N 156 -43.62 -38.30 -41.02
CA GLU N 156 -43.08 -39.53 -40.45
C GLU N 156 -42.28 -39.26 -39.18
N GLU N 157 -42.67 -38.24 -38.42
CA GLU N 157 -42.10 -37.94 -37.11
C GLU N 157 -40.61 -37.60 -37.17
N SER N 158 -40.06 -37.40 -38.38
CA SER N 158 -38.66 -37.01 -38.53
C SER N 158 -38.54 -35.54 -38.15
N ASN N 159 -38.51 -35.30 -36.84
CA ASN N 159 -38.72 -33.95 -36.32
C ASN N 159 -37.49 -33.07 -36.56
N SER N 160 -36.28 -33.61 -36.37
CA SER N 160 -35.09 -32.77 -36.40
C SER N 160 -34.86 -32.17 -37.79
N SER N 161 -35.03 -32.99 -38.84
CA SER N 161 -34.85 -32.48 -40.20
C SER N 161 -35.85 -31.38 -40.51
N ALA N 162 -37.12 -31.58 -40.13
CA ALA N 162 -38.12 -30.54 -40.33
C ALA N 162 -37.77 -29.29 -39.55
N ASN N 163 -37.24 -29.46 -38.33
CA ASN N 163 -36.88 -28.30 -37.51
C ASN N 163 -35.78 -27.49 -38.16
N LYS N 164 -34.74 -28.15 -38.66
CA LYS N 164 -33.66 -27.42 -39.33
C LYS N 164 -34.15 -26.76 -40.61
N CYS N 165 -34.99 -27.46 -41.39
CA CYS N 165 -35.54 -26.85 -42.59
C CYS N 165 -36.36 -25.61 -42.26
N LEU N 166 -37.20 -25.69 -41.23
CA LEU N 166 -37.99 -24.53 -40.82
C LEU N 166 -37.11 -23.43 -40.25
N LEU N 167 -36.00 -23.77 -39.61
CA LEU N 167 -35.06 -22.74 -39.15
C LEU N 167 -34.50 -21.97 -40.34
N LYS N 168 -34.07 -22.69 -41.37
CA LYS N 168 -33.57 -22.02 -42.58
C LYS N 168 -34.67 -21.18 -43.22
N VAL N 169 -35.89 -21.71 -43.30
CA VAL N 169 -36.99 -20.97 -43.90
C VAL N 169 -37.28 -19.70 -43.12
N ALA N 170 -37.28 -19.80 -41.79
CA ALA N 170 -37.53 -18.63 -40.96
C ALA N 170 -36.43 -17.59 -41.13
N GLY N 171 -35.18 -18.04 -41.22
CA GLY N 171 -34.09 -17.11 -41.49
C GLY N 171 -34.29 -16.38 -42.80
N TYR N 172 -34.64 -17.12 -43.85
CA TYR N 172 -34.84 -16.49 -45.15
C TYR N 172 -36.02 -15.52 -45.13
N ALA N 173 -37.12 -15.91 -44.46
CA ALA N 173 -38.27 -15.03 -44.37
C ALA N 173 -37.92 -13.75 -43.61
N ALA N 174 -37.13 -13.88 -42.54
CA ALA N 174 -36.68 -12.69 -41.84
C ALA N 174 -35.84 -11.81 -42.75
N GLN N 175 -34.96 -12.44 -43.56
CA GLN N 175 -34.27 -11.66 -44.58
C GLN N 175 -35.25 -11.04 -45.57
N LEU N 176 -36.37 -11.71 -45.81
CA LEU N 176 -37.42 -11.21 -46.69
C LEU N 176 -38.45 -10.37 -45.93
N GLU N 177 -38.17 -10.04 -44.66
CA GLU N 177 -39.01 -9.18 -43.82
C GLU N 177 -40.48 -9.60 -43.90
N GLN N 178 -40.74 -10.84 -43.48
CA GLN N 178 -42.07 -11.31 -43.11
C GLN N 178 -41.93 -11.92 -41.72
N TYR N 179 -42.07 -11.06 -40.70
CA TYR N 179 -41.61 -11.43 -39.37
C TYR N 179 -42.59 -12.31 -38.61
N GLN N 180 -43.88 -12.33 -38.99
CA GLN N 180 -44.84 -13.16 -38.28
C GLN N 180 -44.50 -14.64 -38.42
N LYS N 181 -44.24 -15.09 -39.65
CA LYS N 181 -43.85 -16.47 -39.88
C LYS N 181 -42.54 -16.78 -39.16
N ALA N 182 -41.58 -15.86 -39.21
CA ALA N 182 -40.28 -16.10 -38.57
C ALA N 182 -40.44 -16.28 -37.06
N ILE N 183 -41.21 -15.38 -36.42
CA ILE N 183 -41.39 -15.49 -34.98
C ILE N 183 -42.13 -16.77 -34.64
N ASP N 184 -43.16 -17.11 -35.43
CA ASP N 184 -43.86 -18.36 -35.20
C ASP N 184 -42.90 -19.54 -35.21
N ILE N 185 -42.08 -19.63 -36.26
CA ILE N 185 -41.19 -20.78 -36.41
C ILE N 185 -40.16 -20.80 -35.29
N TYR N 186 -39.56 -19.65 -34.98
CA TYR N 186 -38.52 -19.61 -33.96
C TYR N 186 -39.08 -19.96 -32.59
N GLU N 187 -40.26 -19.42 -32.24
CA GLU N 187 -40.88 -19.78 -30.96
C GLU N 187 -41.18 -21.27 -30.92
N GLN N 188 -41.76 -21.81 -31.99
CA GLN N 188 -42.06 -23.24 -32.05
C GLN N 188 -40.81 -24.07 -31.81
N VAL N 189 -39.74 -23.77 -32.55
CA VAL N 189 -38.54 -24.61 -32.49
C VAL N 189 -37.87 -24.47 -31.12
N GLY N 190 -37.86 -23.26 -30.55
CA GLY N 190 -37.28 -23.08 -29.23
C GLY N 190 -38.04 -23.82 -28.16
N THR N 191 -39.37 -23.68 -28.14
CA THR N 191 -40.20 -24.37 -27.17
C THR N 191 -40.18 -25.87 -27.37
N SER N 192 -39.86 -26.35 -28.58
CA SER N 192 -39.70 -27.79 -28.77
C SER N 192 -38.33 -28.25 -28.29
N ALA N 193 -37.28 -27.49 -28.60
CA ALA N 193 -35.93 -27.89 -28.19
C ALA N 193 -35.80 -27.91 -26.67
N MET N 194 -36.41 -26.94 -25.99
CA MET N 194 -36.34 -26.94 -24.53
C MET N 194 -37.00 -28.15 -23.92
N ASP N 195 -37.84 -28.88 -24.67
CA ASP N 195 -38.59 -29.99 -24.11
C ASP N 195 -37.69 -31.09 -23.60
N SER N 196 -36.69 -31.48 -24.40
CA SER N 196 -35.87 -32.66 -24.11
C SER N 196 -34.51 -32.25 -23.59
N PRO N 197 -33.88 -33.10 -22.77
CA PRO N 197 -32.62 -32.70 -22.15
C PRO N 197 -31.45 -32.62 -23.12
N LEU N 198 -31.62 -33.06 -24.37
CA LEU N 198 -30.51 -33.09 -25.30
C LEU N 198 -30.28 -31.76 -26.00
N LEU N 199 -31.28 -30.88 -26.01
CA LEU N 199 -31.19 -29.64 -26.78
C LEU N 199 -31.52 -28.40 -25.96
N LYS N 200 -31.70 -28.53 -24.64
CA LYS N 200 -32.12 -27.39 -23.83
C LYS N 200 -31.11 -26.25 -23.84
N TYR N 201 -29.85 -26.54 -24.16
CA TYR N 201 -28.83 -25.50 -24.19
C TYR N 201 -28.97 -24.59 -25.40
N SER N 202 -29.74 -25.01 -26.42
CA SER N 202 -29.86 -24.22 -27.63
C SER N 202 -30.94 -23.14 -27.49
N ALA N 203 -31.93 -23.38 -26.62
CA ALA N 203 -33.11 -22.54 -26.58
C ALA N 203 -32.77 -21.05 -26.53
N LYS N 204 -31.67 -20.70 -25.85
CA LYS N 204 -31.32 -19.30 -25.67
C LYS N 204 -31.22 -18.58 -27.01
N ASP N 205 -30.52 -19.18 -27.98
CA ASP N 205 -30.31 -18.51 -29.27
C ASP N 205 -31.62 -18.33 -30.02
N TYR N 206 -32.46 -19.37 -30.05
CA TYR N 206 -33.75 -19.26 -30.72
C TYR N 206 -34.61 -18.18 -30.08
N PHE N 207 -34.64 -18.14 -28.74
CA PHE N 207 -35.42 -17.13 -28.05
C PHE N 207 -34.89 -15.74 -28.34
N PHE N 208 -33.57 -15.58 -28.39
CA PHE N 208 -32.98 -14.28 -28.70
C PHE N 208 -33.37 -13.82 -30.10
N LYS N 209 -33.27 -14.72 -31.08
CA LYS N 209 -33.62 -14.34 -32.45
C LYS N 209 -35.11 -14.01 -32.57
N ALA N 210 -35.96 -14.80 -31.91
CA ALA N 210 -37.38 -14.49 -31.92
C ALA N 210 -37.67 -13.15 -31.25
N ALA N 211 -36.94 -12.86 -30.17
CA ALA N 211 -37.10 -11.58 -29.49
C ALA N 211 -36.70 -10.43 -30.40
N LEU N 212 -35.60 -10.58 -31.15
CA LEU N 212 -35.20 -9.55 -32.09
C LEU N 212 -36.26 -9.36 -33.17
N CYS N 213 -36.78 -10.46 -33.71
CA CYS N 213 -37.79 -10.35 -34.76
C CYS N 213 -39.04 -9.65 -34.25
N HIS N 214 -39.51 -10.02 -33.06
CA HIS N 214 -40.67 -9.37 -32.48
C HIS N 214 -40.40 -7.90 -32.21
N PHE N 215 -39.22 -7.60 -31.65
CA PHE N 215 -38.83 -6.23 -31.36
C PHE N 215 -38.82 -5.37 -32.63
N CYS N 216 -38.53 -5.98 -33.78
CA CYS N 216 -38.45 -5.20 -35.02
C CYS N 216 -39.76 -4.47 -35.30
N ILE N 217 -40.89 -5.12 -35.05
CA ILE N 217 -42.17 -4.57 -35.49
C ILE N 217 -42.69 -3.54 -34.50
N ASP N 218 -42.87 -3.94 -33.25
CA ASP N 218 -43.46 -3.10 -32.21
C ASP N 218 -42.48 -2.99 -31.05
N MET N 219 -41.96 -1.77 -30.83
CA MET N 219 -41.12 -1.50 -29.67
C MET N 219 -41.83 -1.86 -28.38
N LEU N 220 -43.06 -1.39 -28.20
CA LEU N 220 -43.72 -1.45 -26.90
C LEU N 220 -43.96 -2.89 -26.47
N ASN N 221 -44.50 -3.71 -27.36
CA ASN N 221 -44.77 -5.10 -27.03
C ASN N 221 -43.51 -5.93 -26.89
N ALA N 222 -42.35 -5.41 -27.29
CA ALA N 222 -41.11 -6.16 -27.14
C ALA N 222 -40.83 -6.43 -25.67
N LYS N 223 -41.11 -5.46 -24.81
CA LYS N 223 -40.90 -5.64 -23.37
C LYS N 223 -41.80 -6.74 -22.83
N LEU N 224 -43.06 -6.75 -23.24
CA LEU N 224 -43.96 -7.82 -22.81
C LEU N 224 -43.49 -9.16 -23.32
N ALA N 225 -43.03 -9.22 -24.57
CA ALA N 225 -42.56 -10.48 -25.13
C ALA N 225 -41.35 -11.01 -24.36
N VAL N 226 -40.38 -10.13 -24.06
CA VAL N 226 -39.19 -10.57 -23.34
C VAL N 226 -39.55 -10.98 -21.92
N GLN N 227 -40.51 -10.28 -21.30
CA GLN N 227 -40.98 -10.69 -19.98
C GLN N 227 -41.61 -12.07 -20.04
N LYS N 228 -42.40 -12.33 -21.09
CA LYS N 228 -43.01 -13.64 -21.26
C LYS N 228 -41.95 -14.72 -21.43
N TYR N 229 -40.92 -14.43 -22.22
CA TYR N 229 -39.82 -15.38 -22.38
C TYR N 229 -39.14 -15.64 -21.05
N GLU N 230 -38.89 -14.59 -20.27
CA GLU N 230 -38.22 -14.75 -18.99
C GLU N 230 -39.05 -15.60 -18.03
N GLU N 231 -40.32 -15.24 -17.84
CA GLU N 231 -41.16 -15.99 -16.91
C GLU N 231 -41.35 -17.43 -17.37
N LEU N 232 -41.50 -17.65 -18.67
CA LEU N 232 -41.63 -19.01 -19.18
C LEU N 232 -40.38 -19.83 -18.89
N PHE N 233 -39.21 -19.23 -19.13
CA PHE N 233 -37.92 -19.89 -18.88
C PHE N 233 -37.15 -19.08 -17.84
N PRO N 234 -37.15 -19.50 -16.58
CA PRO N 234 -36.43 -18.71 -15.56
C PRO N 234 -34.95 -18.57 -15.86
N ALA N 235 -34.36 -19.49 -16.63
CA ALA N 235 -32.94 -19.50 -16.90
C ALA N 235 -32.56 -18.75 -18.17
N PHE N 236 -33.36 -17.77 -18.58
CA PHE N 236 -33.10 -17.00 -19.79
C PHE N 236 -32.45 -15.65 -19.50
N SER N 237 -32.85 -14.99 -18.41
CA SER N 237 -32.33 -13.67 -18.11
C SER N 237 -30.82 -13.73 -17.86
N ASP N 238 -30.35 -14.77 -17.16
CA ASP N 238 -28.93 -14.89 -16.87
C ASP N 238 -28.11 -14.81 -18.15
N SER N 239 -28.61 -15.40 -19.23
CA SER N 239 -27.86 -15.41 -20.48
C SER N 239 -27.56 -13.98 -20.92
N ARG N 240 -26.34 -13.79 -21.44
CA ARG N 240 -25.92 -12.46 -21.85
C ARG N 240 -26.88 -11.86 -22.88
N GLU N 241 -27.54 -12.71 -23.66
CA GLU N 241 -28.43 -12.22 -24.71
C GLU N 241 -29.59 -11.41 -24.14
N CYS N 242 -30.23 -11.93 -23.08
CA CYS N 242 -31.34 -11.21 -22.48
C CYS N 242 -30.88 -9.88 -21.88
N LYS N 243 -29.75 -9.88 -21.19
CA LYS N 243 -29.23 -8.65 -20.62
C LYS N 243 -28.93 -7.63 -21.70
N LEU N 244 -28.33 -8.07 -22.81
CA LEU N 244 -28.02 -7.15 -23.89
C LEU N 244 -29.29 -6.59 -24.51
N MET N 245 -30.29 -7.44 -24.75
CA MET N 245 -31.54 -6.96 -25.32
C MET N 245 -32.20 -5.95 -24.39
N LYS N 246 -32.18 -6.23 -23.09
CA LYS N 246 -32.75 -5.29 -22.13
C LYS N 246 -32.01 -3.95 -22.18
N LYS N 247 -30.69 -4.00 -22.27
CA LYS N 247 -29.91 -2.77 -22.36
C LYS N 247 -30.28 -1.99 -23.62
N LEU N 248 -30.38 -2.67 -24.75
CA LEU N 248 -30.74 -1.99 -25.99
C LEU N 248 -32.13 -1.37 -25.92
N LEU N 249 -33.12 -2.15 -25.44
CA LEU N 249 -34.48 -1.63 -25.42
C LEU N 249 -34.63 -0.48 -24.44
N GLU N 250 -33.98 -0.57 -23.27
CA GLU N 250 -34.07 0.53 -22.31
C GLU N 250 -33.33 1.76 -22.82
N ALA N 251 -32.21 1.56 -23.52
CA ALA N 251 -31.50 2.69 -24.09
C ALA N 251 -32.33 3.37 -25.19
N HIS N 252 -33.09 2.57 -25.96
CA HIS N 252 -33.91 3.16 -27.02
C HIS N 252 -34.95 4.11 -26.47
N GLU N 253 -35.34 3.95 -25.20
CA GLU N 253 -36.28 4.88 -24.59
C GLU N 253 -35.77 6.32 -24.67
N GLU N 254 -34.46 6.50 -24.55
CA GLU N 254 -33.82 7.80 -24.68
C GLU N 254 -32.99 7.83 -25.96
N GLN N 255 -33.05 8.95 -26.68
CA GLN N 255 -32.42 9.06 -27.99
C GLN N 255 -30.93 9.28 -27.79
N ASN N 256 -30.21 8.16 -27.61
CA ASN N 256 -28.77 8.18 -27.40
C ASN N 256 -28.15 7.08 -28.27
N VAL N 257 -27.58 7.47 -29.40
CA VAL N 257 -26.97 6.51 -30.31
C VAL N 257 -25.81 5.79 -29.61
N ASP N 258 -25.00 6.55 -28.87
CA ASP N 258 -23.86 5.96 -28.19
C ASP N 258 -24.26 4.71 -27.41
N SER N 259 -25.20 4.85 -26.47
CA SER N 259 -25.55 3.74 -25.58
C SER N 259 -25.51 2.39 -26.30
N TYR N 260 -26.39 2.23 -27.31
CA TYR N 260 -26.41 0.94 -28.01
C TYR N 260 -25.19 0.73 -28.88
N THR N 261 -24.56 1.79 -29.40
CA THR N 261 -23.37 1.57 -30.22
C THR N 261 -22.28 0.90 -29.40
N GLU N 262 -21.96 1.45 -28.23
CA GLU N 262 -20.94 0.81 -27.40
C GLU N 262 -21.44 -0.51 -26.83
N SER N 263 -22.75 -0.65 -26.59
CA SER N 263 -23.26 -1.95 -26.17
C SER N 263 -22.90 -3.02 -27.20
N VAL N 264 -23.19 -2.75 -28.48
CA VAL N 264 -22.95 -3.75 -29.52
C VAL N 264 -21.45 -3.92 -29.75
N LYS N 265 -20.67 -2.83 -29.70
CA LYS N 265 -19.23 -2.98 -29.86
C LYS N 265 -18.63 -3.83 -28.76
N GLU N 266 -19.06 -3.61 -27.51
CA GLU N 266 -18.58 -4.44 -26.41
C GLU N 266 -18.98 -5.90 -26.62
N TYR N 267 -20.22 -6.15 -27.02
CA TYR N 267 -20.64 -7.53 -27.24
C TYR N 267 -19.80 -8.19 -28.33
N ASP N 268 -19.56 -7.47 -29.43
CA ASP N 268 -18.69 -7.99 -30.49
C ASP N 268 -17.26 -8.15 -30.02
N SER N 269 -16.85 -7.40 -29.00
CA SER N 269 -15.49 -7.52 -28.49
C SER N 269 -15.22 -8.87 -27.83
N ILE N 270 -16.26 -9.61 -27.49
CA ILE N 270 -16.09 -10.95 -26.93
C ILE N 270 -16.23 -12.03 -28.00
N SER N 271 -16.95 -11.72 -29.07
CA SER N 271 -17.10 -12.68 -30.16
C SER N 271 -17.55 -11.96 -31.42
N ARG N 272 -17.17 -12.51 -32.56
CA ARG N 272 -17.56 -11.95 -33.85
C ARG N 272 -19.02 -12.26 -34.15
N LEU N 273 -19.63 -11.41 -34.97
CA LEU N 273 -21.02 -11.53 -35.38
C LEU N 273 -21.09 -12.02 -36.81
N ASP N 274 -22.29 -12.45 -37.21
CA ASP N 274 -22.54 -12.93 -38.56
C ASP N 274 -23.20 -11.84 -39.39
N GLN N 275 -23.33 -12.12 -40.70
CA GLN N 275 -23.98 -11.17 -41.58
C GLN N 275 -25.44 -10.94 -41.21
N TRP N 276 -26.15 -12.00 -40.84
CA TRP N 276 -27.58 -11.86 -40.56
C TRP N 276 -27.81 -10.91 -39.38
N LEU N 277 -27.14 -11.16 -38.26
CA LEU N 277 -27.36 -10.32 -37.08
C LEU N 277 -26.89 -8.89 -37.33
N THR N 278 -25.71 -8.72 -37.92
CA THR N 278 -25.21 -7.37 -38.14
C THR N 278 -26.13 -6.59 -39.06
N THR N 279 -26.57 -7.21 -40.15
CA THR N 279 -27.48 -6.53 -41.08
C THR N 279 -28.81 -6.21 -40.39
N MET N 280 -29.35 -7.15 -39.63
CA MET N 280 -30.62 -6.92 -38.95
C MET N 280 -30.52 -5.77 -37.97
N LEU N 281 -29.44 -5.74 -37.17
CA LEU N 281 -29.25 -4.65 -36.22
C LEU N 281 -29.06 -3.32 -36.93
N LEU N 282 -28.27 -3.30 -38.02
CA LEU N 282 -28.08 -2.05 -38.75
C LEU N 282 -29.40 -1.54 -39.32
N ARG N 283 -30.22 -2.43 -39.86
CA ARG N 283 -31.52 -2.01 -40.40
C ARG N 283 -32.44 -1.50 -39.30
N ILE N 284 -32.56 -2.26 -38.20
CA ILE N 284 -33.56 -1.94 -37.19
C ILE N 284 -33.16 -0.69 -36.41
N LYS N 285 -31.91 -0.61 -35.98
CA LYS N 285 -31.47 0.47 -35.11
C LYS N 285 -31.40 1.81 -35.83
N LYS N 286 -31.55 1.83 -37.16
CA LYS N 286 -31.63 3.09 -37.87
C LYS N 286 -32.77 3.96 -37.36
N THR N 287 -33.80 3.34 -36.79
CA THR N 287 -34.92 4.06 -36.22
C THR N 287 -35.60 3.22 -35.13
PB ADP O . 33.26 -11.77 25.03
O1B ADP O . 32.00 -12.60 25.10
O2B ADP O . 33.28 -10.77 23.91
O3B ADP O . 33.74 -11.23 26.36
PA ADP O . 34.38 -13.57 23.21
O1A ADP O . 33.71 -14.92 23.38
O2A ADP O . 33.86 -12.58 22.19
O3A ADP O . 34.40 -12.83 24.64
O5' ADP O . 35.95 -13.80 22.96
C5' ADP O . 36.67 -13.02 21.99
C4' ADP O . 37.77 -13.89 21.38
O4' ADP O . 38.76 -14.19 22.36
C3' ADP O . 37.21 -15.20 20.86
O3' ADP O . 37.52 -15.35 19.47
C2' ADP O . 37.86 -16.28 21.69
O2' ADP O . 38.31 -17.37 20.88
C1' ADP O . 39.01 -15.60 22.40
N9 ADP O . 39.11 -16.04 23.81
C8 ADP O . 38.62 -15.36 24.87
N7 ADP O . 38.86 -16.03 26.02
C5 ADP O . 39.52 -17.15 25.71
C6 ADP O . 40.08 -18.31 26.46
N6 ADP O . 39.97 -18.38 27.81
N1 ADP O . 40.68 -19.28 25.75
C2 ADP O . 40.80 -19.22 24.41
N3 ADP O . 40.32 -18.21 23.67
C4 ADP O . 39.68 -17.16 24.26
H5'1 ADP O . 37.12 -12.15 22.47
H5'2 ADP O . 35.99 -12.67 21.21
H4' ADP O . 38.22 -13.33 20.54
H3' ADP O . 36.11 -15.23 21.01
HO3' ADP O . 37.06 -16.13 19.12
H2' ADP O . 37.14 -16.64 22.45
HO2' ADP O . 37.55 -17.84 20.51
H1' ADP O . 39.94 -15.83 21.87
H8 ADP O . 38.10 -14.41 24.80
HN61 ADP O . 39.50 -17.64 28.32
HN62 ADP O . 40.35 -19.17 28.31
H2 ADP O . 41.30 -20.04 23.90
PG ATP P . 54.10 24.25 32.44
O1G ATP P . 53.92 25.08 33.67
O2G ATP P . 52.83 23.54 31.97
O3G ATP P . 54.69 25.04 31.26
PB ATP P . 55.26 21.51 32.56
O1B ATP P . 55.46 20.86 33.87
O2B ATP P . 54.04 21.04 31.77
O3B ATP P . 55.15 23.08 32.70
PA ATP P . 57.30 20.18 30.89
O1A ATP P . 56.93 20.07 29.47
O2A ATP P . 57.06 18.92 31.73
O3A ATP P . 56.52 21.36 31.61
O5' ATP P . 58.81 20.62 31.07
C5' ATP P . 59.87 19.64 31.11
C4' ATP P . 60.72 19.81 29.87
O4' ATP P . 62.10 19.87 30.32
C3' ATP P . 60.67 18.58 28.99
O3' ATP P . 61.15 18.99 27.72
C2' ATP P . 61.76 17.70 29.59
O2' ATP P . 62.27 16.93 28.51
C1' ATP P . 62.83 18.78 29.81
N9 ATP P . 63.79 18.39 30.82
C8 ATP P . 65.08 18.01 30.62
N7 ATP P . 65.74 17.72 31.71
C5 ATP P . 64.81 17.92 32.71
C6 ATP P . 64.88 17.78 34.11
N6 ATP P . 65.97 17.39 34.78
N1 ATP P . 63.77 18.06 34.83
C2 ATP P . 62.67 18.46 34.18
N3 ATP P . 62.48 18.62 32.86
C4 ATP P . 63.60 18.34 32.18
H5'1 ATP P . 59.49 18.74 31.11
H5'2 ATP P . 60.40 19.77 31.90
H4' ATP P . 60.46 20.61 29.38
H3' ATP P . 59.79 18.14 28.95
HO3' ATP P . 60.52 18.89 27.17
H2' ATP P . 61.52 17.20 30.37
HO2' ATP P . 62.04 17.31 27.79
H1' ATP P . 63.27 19.00 28.98
H8 ATP P . 65.46 17.96 29.77
HN61 ATP P . 66.75 17.65 34.52
HN62 ATP P . 65.90 16.86 35.46
H2 ATP P . 61.93 18.63 34.71
PG ATP Q . 35.87 11.32 57.01
O1G ATP Q . 34.61 10.59 56.72
O2G ATP Q . 36.95 11.15 55.94
O3G ATP Q . 35.67 12.82 57.28
PB ATP Q . 36.19 10.55 59.88
O1B ATP Q . 36.83 11.56 60.76
O2B ATP Q . 34.66 10.47 59.98
O3B ATP Q . 36.54 10.77 58.36
PA ATP Q . 36.34 7.60 59.70
O1A ATP Q . 36.00 7.54 58.26
O2A ATP Q . 35.24 7.16 60.65
O3A ATP Q . 36.74 9.08 60.12
O5' ATP Q . 37.65 6.78 60.02
C5' ATP Q . 37.75 5.96 61.20
C4' ATP Q . 39.01 5.14 61.09
O4' ATP Q . 39.48 4.93 62.45
C3' ATP Q . 38.70 3.75 60.55
O3' ATP Q . 39.92 3.30 59.95
C2' ATP Q . 38.54 2.93 61.82
O2' ATP Q . 39.00 1.61 61.51
C1' ATP Q . 39.66 3.54 62.66
N9 ATP Q . 39.49 3.29 64.08
C8 ATP Q . 39.94 2.20 64.78
N7 ATP Q . 39.65 2.22 66.05
C5 ATP Q . 38.95 3.41 66.22
C6 ATP Q . 38.36 4.02 67.34
N6 ATP Q . 38.39 3.50 68.56
N1 ATP Q . 37.73 5.21 67.15
C2 ATP Q . 37.71 5.73 65.93
N3 ATP Q . 38.22 5.26 64.80
C4 ATP Q . 38.84 4.08 65.00
H5'1 ATP Q . 36.98 5.37 61.25
H5'2 ATP Q . 37.79 6.52 61.99
H4' ATP Q . 39.67 5.60 60.55
H3' ATP Q . 37.93 3.70 59.95
HO3' ATP Q . 39.70 2.70 59.39
H2' ATP Q . 37.66 2.95 62.22
HO2' ATP Q . 38.82 1.12 62.18
H1' ATP Q . 40.53 3.24 62.36
H8 ATP Q . 40.41 1.51 64.37
HN61 ATP Q . 39.01 2.95 68.78
HN62 ATP Q . 37.79 3.72 69.14
H2 ATP Q . 37.27 6.55 65.85
PB ADP R . 4.44 -10.02 43.13
O1B ADP R . 3.00 -10.38 42.89
O2B ADP R . 5.12 -9.32 41.98
O3B ADP R . 4.70 -9.39 44.48
PA ADP R . 5.15 -12.49 42.01
O1A ADP R . 3.71 -12.70 41.61
O2A ADP R . 6.17 -12.06 40.99
O3A ADP R . 5.20 -11.44 43.23
O5' ADP R . 5.67 -13.84 42.74
C5' ADP R . 6.47 -14.79 42.03
C4' ADP R . 6.67 -16.06 42.86
O4' ADP R . 6.82 -15.74 44.25
C3' ADP R . 5.48 -17.00 42.76
O3' ADP R . 5.79 -18.11 41.90
C2' ADP R . 5.20 -17.47 44.17
O2' ADP R . 5.31 -18.89 44.29
C1' ADP R . 6.22 -16.77 45.05
N9 ADP R . 5.54 -16.21 46.25
C8 ADP R . 5.36 -14.89 46.50
N7 ADP R . 4.70 -14.72 47.67
C5 ADP R . 4.45 -15.94 48.19
C6 ADP R . 3.78 -16.48 49.40
N6 ADP R . 3.24 -15.65 50.34
N1 ADP R . 3.74 -17.81 49.56
C2 ADP R . 4.27 -18.66 48.65
N3 ADP R . 4.88 -18.23 47.53
C4 ADP R . 5.00 -16.92 47.25
H5'1 ADP R . 7.43 -14.36 41.79
H5'2 ADP R . 5.98 -15.05 41.08
H4' ADP R . 7.56 -16.58 42.50
H3' ADP R . 4.61 -16.46 42.37
HO3' ADP R . 5.00 -18.64 41.76
H2' ADP R . 4.20 -17.12 44.46
HO2' ADP R . 4.57 -19.32 43.84
H1' ADP R . 6.98 -17.50 45.36
H8 ADP R . 5.69 -14.10 45.86
HN61 ADP R . 3.28 -14.65 50.20
HN62 ADP R . 2.80 -16.04 51.15
H2 ADP R . 4.21 -19.72 48.84
PG ATP S . 5.63 23.41 63.07
O1G ATP S . 4.38 22.62 62.91
O2G ATP S . 6.91 22.65 62.68
O3G ATP S . 5.60 24.75 62.33
PB ATP S . 5.02 24.32 65.84
O1B ATP S . 5.82 25.20 66.73
O2B ATP S . 3.73 24.93 65.31
O3B ATP S . 5.85 23.81 64.60
PA ATP S . 3.68 21.71 66.22
O1A ATP S . 4.22 20.90 65.11
O2A ATP S . 2.29 22.29 65.97
O3A ATP S . 4.62 22.95 66.54
O5' ATP S . 3.66 20.90 67.57
C5' ATP S . 2.56 21.03 68.51
C4' ATP S . 2.52 19.79 69.35
O4' ATP S . 2.10 20.19 70.67
C3' ATP S . 1.43 18.82 68.85
O3' ATP S . 1.89 17.52 69.18
C2' ATP S . 0.27 19.09 69.80
O2' ATP S . -0.36 17.84 70.02
C1' ATP S . 1.04 19.35 71.08
N9 ATP S . 0.26 20.11 72.06
C8 ATP S . -0.21 19.66 73.26
N7 ATP S . -0.87 20.55 73.95
C5 ATP S . -0.83 21.68 73.15
C6 ATP S . -1.34 22.98 73.30
N6 ATP S . -2.05 23.38 74.37
N1 ATP S . -1.12 23.87 72.31
C2 ATP S . -0.44 23.48 71.24
N3 ATP S . 0.11 22.28 70.98
C4 ATP S . -0.13 21.42 71.98
H5'1 ATP S . 1.73 21.12 68.02
H5'2 ATP S . 2.70 21.80 69.08
H4' ATP S . 3.39 19.35 69.36
H3' ATP S . 1.21 18.93 67.91
HO3' ATP S . 1.26 16.98 69.02
H2' ATP S . -0.33 19.81 69.53
HO2' ATP S . -1.14 18.01 70.29
H1' ATP S . 1.37 18.52 71.48
H8 ATP S . -0.08 18.79 73.56
HN61 ATP S . -1.86 23.06 75.15
HN62 ATP S . -2.67 23.96 74.29
H2 ATP S . -0.31 24.13 70.59
PB ADP T . -20.72 10.72 34.70
O1B ADP T . -21.92 10.83 33.79
O2B ADP T . -19.51 10.07 34.08
O3B ADP T . -20.43 11.99 35.47
PA ADP T . -22.61 8.93 35.70
O1A ADP T . -23.68 9.99 35.62
O2A ADP T . -22.54 7.89 34.61
O3A ADP T . -21.20 9.69 35.84
O5' ADP T . -22.76 8.17 37.12
C5' ADP T . -23.64 8.70 38.12
C4' ADP T . -24.17 7.61 39.04
O4' ADP T . -24.76 8.23 40.19
C3' ADP T . -25.25 6.78 38.35
O3' ADP T . -25.01 5.39 38.54
C2' ADP T . -26.55 7.20 39.01
O2' ADP T . -27.39 6.07 39.31
C1' ADP T . -26.16 7.93 40.28
N9 ADP T . -26.93 9.20 40.39
C8 ADP T . -26.45 10.42 40.14
N7 ADP T . -27.41 11.37 40.33
C5 ADP T . -28.52 10.73 40.71
C6 ADP T . -29.91 11.13 41.07
N6 ADP T . -30.28 12.43 41.06
N1 ADP T . -30.78 10.16 41.41
C2 ADP T . -30.42 8.85 41.43
N3 ADP T . -29.19 8.43 41.10
C4 ADP T . -28.21 9.30 40.74
H5'1 ADP T . -24.47 9.20 37.65
H5'2 ADP T . -23.10 9.44 38.72
H4' ADP T . -23.35 6.95 39.35
H3' ADP T . -25.28 7.04 37.28
HO3' ADP T . -25.67 4.88 38.05
H2' ADP T . -27.08 7.90 38.34
HO2' ADP T . -27.76 5.72 38.48
H1' ADP T . -26.36 7.28 41.15
H8 ADP T . -25.43 10.63 39.82
HN61 ADP T . -31.23 12.68 41.32
HN62 ADP T . -29.63 13.15 40.81
H2 ADP T . -31.16 8.12 41.70
PG ATP U . -6.03 47.17 45.15
O1G ATP U . -5.71 47.00 43.71
O2G ATP U . -6.46 45.87 45.84
O3G ATP U . -4.91 47.82 45.97
PB ATP U . -7.79 49.56 44.86
O1B ATP U . -7.12 50.66 45.59
O2B ATP U . -7.65 49.61 43.34
O3B ATP U . -7.28 48.14 45.33
PA ATP U . -10.50 48.40 45.02
O1A ATP U . -9.99 47.03 45.21
O2A ATP U . -11.15 48.66 43.65
O3A ATP U . -9.34 49.47 45.20
O5' ATP U . -11.52 48.79 46.15
C5' ATP U . -12.59 49.73 45.91
C4' ATP U . -13.74 49.36 46.81
O4' ATP U . -14.32 50.61 47.29
C3' ATP U . -14.87 48.71 46.01
O3' ATP U . -15.64 47.97 46.95
C2' ATP U . -15.73 49.90 45.62
O2' ATP U . -17.07 49.43 45.54
C1' ATP U . -15.67 50.68 46.93
N9 ATP U . -15.99 52.10 46.74
C8 ATP U . -17.20 52.68 46.93
N7 ATP U . -17.21 53.97 46.70
C5 ATP U . -15.91 54.25 46.31
C6 ATP U . -15.27 55.44 45.92
N6 ATP U . -15.88 56.63 45.86
N1 ATP U . -13.96 55.37 45.60
C2 ATP U . -13.34 54.18 45.68
N3 ATP U . -13.84 53.00 46.02
C4 ATP U . -15.14 53.10 46.33
H5'1 ATP U . -12.88 49.69 44.98
H5'2 ATP U . -12.29 50.63 46.11
H4' ATP U . -13.45 48.79 47.54
H3' ATP U . -14.56 48.18 45.26
HO3' ATP U . -16.33 47.70 46.55
H2' ATP U . -15.43 50.38 44.83
HO2' ATP U . -17.54 50.08 45.28
H1' ATP U . -16.25 50.28 47.59
H8 ATP U . -17.95 52.22 47.21
HN61 ATP U . -16.64 56.74 46.23
HN62 ATP U . -15.50 57.28 45.44
H2 ATP U . -12.44 54.19 45.45
PB ADP V . -20.36 29.86 8.99
O1B ADP V . -19.96 30.82 7.89
O2B ADP V . -19.32 29.66 10.07
O3B ADP V . -20.99 28.57 8.48
PA ADP V . -22.90 30.99 8.90
O1A ADP V . -22.51 32.03 7.87
O2A ADP V . -23.55 29.71 8.46
O3A ADP V . -21.57 30.61 9.74
O5' ADP V . -23.86 31.70 9.99
C5' ADP V . -25.10 32.21 9.51
C4' ADP V . -26.05 32.56 10.64
O4' ADP V . -25.90 33.94 10.97
C3' ADP V . -27.49 32.36 10.23
O3' ADP V . -28.26 31.85 11.33
C2' ADP V . -27.98 33.74 9.82
O2' ADP V . -29.33 33.95 10.23
C1' ADP V . -27.04 34.70 10.52
N9 ADP V . -26.54 35.76 9.60
C8 ADP V . -25.27 36.20 9.55
N7 ADP V . -25.13 37.18 8.63
C5 ADP V . -26.33 37.39 8.06
C6 ADP V . -26.88 38.27 7.02
N6 ADP V . -26.08 39.16 6.38
N1 ADP V . -28.19 38.18 6.74
C2 ADP V . -29.00 37.30 7.37
N3 ADP V . -28.56 36.46 8.33
C4 ADP V . -27.27 36.46 8.72
H5'1 ADP V . -25.55 31.49 8.83
H5'2 ADP V . -24.90 33.12 8.93
H4' ADP V . -25.83 31.93 11.52
H3' ADP V . -27.56 31.68 9.37
HO3' ADP V . -29.16 31.65 11.03
H2' ADP V . -27.88 33.84 8.73
HO2' ADP V . -29.92 33.35 9.76
H1' ADP V . -27.56 35.15 11.36
H8 ADP V . -24.46 35.81 10.16
HN61 ADP V . -25.09 39.22 6.61
HN62 ADP V . -26.46 39.78 5.68
H2 ADP V . -30.05 37.27 7.09
PG ATP W . 1.10 27.58 -11.39
O1G ATP W . 2.59 27.34 -11.27
O2G ATP W . 0.62 28.64 -10.42
O3G ATP W . 0.30 26.32 -11.32
PB ATP W . 1.45 27.61 -14.26
O1B ATP W . 2.95 27.59 -14.19
O2B ATP W . 0.71 26.36 -14.60
O3B ATP W . 0.89 28.17 -12.88
PA ATP W . 1.42 30.29 -15.36
O1A ATP W . 2.90 30.39 -15.38
O2A ATP W . 0.61 30.98 -14.32
O3A ATP W . 1.02 28.75 -15.29
O5' ATP W . 0.89 30.75 -16.79
C5' ATP W . 1.26 32.10 -17.16
C4' ATP W . 0.16 33.04 -16.74
O4' ATP W . 0.74 34.15 -16.02
C3' ATP W . -0.58 33.72 -17.90
O3' ATP W . -1.85 34.24 -17.50
C2' ATP W . 0.40 34.84 -18.22
O2' ATP W . -0.21 35.85 -19.01
C1' ATP W . 0.77 35.30 -16.82
N9 ATP W . 2.11 35.88 -16.71
C8 ATP W . 2.92 35.84 -15.62
N7 ATP W . 4.08 36.44 -15.83
C5 ATP W . 4.00 36.89 -17.13
C6 ATP W . 4.91 37.60 -17.94
N6 ATP W . 6.10 38.00 -17.53
N1 ATP W . 4.51 37.90 -19.21
C2 ATP W . 3.30 37.51 -19.61
N3 ATP W . 2.37 36.84 -18.93
C4 ATP W . 2.79 36.56 -17.69
H5'1 ATP W . 1.41 32.16 -18.13
H5'2 ATP W . 2.09 32.36 -16.70
H4' ATP W . -0.47 32.57 -16.17
H3' ATP W . -0.68 33.10 -18.67
HO3' ATP W . -2.30 33.60 -17.16
H2' ATP W . 1.18 34.47 -18.69
HO2' ATP W . -0.89 36.14 -18.59
H1' ATP W . 0.11 35.95 -16.51
H8 ATP W . 2.70 35.43 -14.80
HN61 ATP W . 6.71 38.22 -18.12
HN62 ATP W . 6.27 38.06 -16.67
H2 ATP W . 3.07 37.73 -20.49
PG ATP X . 10.62 58.57 20.44
O1G ATP X . 9.44 57.65 20.48
O2G ATP X . 10.75 59.41 21.68
O3G ATP X . 11.92 57.87 20.08
PB ATP X . 11.31 60.78 18.78
O1B ATP X . 11.78 61.43 19.98
O2B ATP X . 12.33 60.28 17.83
O3B ATP X . 10.37 59.58 19.24
PA ATP X . 9.38 61.26 16.76
O1A ATP X . 8.64 60.02 17.11
O2A ATP X . 10.32 61.21 15.61
O3A ATP X . 10.24 61.70 18.04
O5' ATP X . 8.32 62.47 16.60
C5' ATP X . 8.46 63.54 15.63
C4' ATP X . 7.10 63.91 15.09
O4' ATP X . 6.82 65.31 15.32
C3' ATP X . 6.90 63.75 13.58
O3' ATP X . 6.60 62.41 13.20
C2' ATP X . 5.69 64.65 13.37
O2' ATP X . 4.50 64.04 13.83
C1' ATP X . 6.05 65.83 14.26
N9 ATP X . 6.81 66.90 13.60
C8 ATP X . 6.31 67.99 12.96
N7 ATP X . 7.24 68.78 12.50
C5 ATP X . 8.43 68.18 12.86
C6 ATP X . 9.78 68.53 12.68
N6 ATP X . 10.18 69.63 12.05
N1 ATP X . 10.72 67.70 13.19
C2 ATP X . 10.32 66.60 13.83
N3 ATP X . 9.08 66.17 14.08
C4 ATP X . 8.18 67.01 13.56
H5'1 ATP X . 9.05 63.26 14.88
H5'2 ATP X . 8.87 64.34 16.06
H4' ATP X . 6.44 63.36 15.56
H3' ATP X . 7.68 64.09 13.07
HO3' ATP X . 5.85 62.21 13.51
H2' ATP X . 5.61 64.93 12.41
HO2' ATP X . 4.44 64.13 14.67
H1' ATP X . 5.22 66.21 14.63
H8 ATP X . 5.39 68.17 12.85
HN61 ATP X . 9.72 70.36 12.11
HN62 ATP X . 10.92 69.60 11.57
H2 ATP X . 11.00 66.06 14.16
PG ATP Y . 40.78 46.26 12.51
O1G ATP Y . 40.06 45.73 13.70
O2G ATP Y . 41.55 45.19 11.74
O3G ATP Y . 39.89 47.04 11.55
PB ATP Y . 43.38 47.72 12.59
O1B ATP Y . 43.91 48.77 13.48
O2B ATP Y . 44.20 46.44 12.53
O3B ATP Y . 41.90 47.31 12.96
PA ATP Y . 43.01 47.58 9.67
O1A ATP Y . 41.68 46.93 9.55
O2A ATP Y . 44.19 46.64 9.43
O3A ATP Y . 43.20 48.24 11.10
O5' ATP Y . 43.13 48.81 8.69
C5' ATP Y . 44.28 49.00 7.85
C4' ATP Y . 43.85 49.80 6.65
O4' ATP Y . 44.97 50.62 6.26
C3' ATP Y . 43.58 48.89 5.45
O3' ATP Y . 42.72 49.61 4.60
C2' ATP Y . 44.94 48.86 4.75
O2' ATP Y . 44.66 48.73 3.36
C1' ATP Y . 45.33 50.33 4.92
N9 ATP Y . 46.77 50.52 4.82
C8 ATP Y . 47.45 51.13 3.80
N7 ATP Y . 48.74 51.18 3.97
C5 ATP Y . 48.94 50.55 5.19
C6 ATP Y . 50.09 50.27 5.96
N6 ATP Y . 51.33 50.60 5.57
N1 ATP Y . 49.93 49.65 7.14
C2 ATP Y . 48.70 49.32 7.52
N3 ATP Y . 47.54 49.53 6.90
C4 ATP Y . 47.72 50.14 5.73
H5'1 ATP Y . 44.61 48.13 7.55
H5'2 ATP Y . 44.98 49.47 8.32
H4' ATP Y . 43.07 50.33 6.85
H3' ATP Y . 43.25 48.01 5.69
HO3' ATP Y . 42.68 49.18 3.86
H2' ATP Y . 45.57 48.23 5.10
HO2' ATP Y . 45.38 48.90 2.94
H1' ATP Y . 44.86 50.89 4.29
H8 ATP Y . 47.02 51.48 3.05
HN61 ATP Y . 51.47 51.37 5.20
HN62 ATP Y . 51.98 50.06 5.69
H2 ATP Y . 48.64 48.88 8.35
PB ADP Z . 31.80 9.05 -9.97
O1B ADP Z . 32.17 8.61 -8.58
O2B ADP Z . 31.49 7.91 -10.91
O3B ADP Z . 30.80 10.18 -10.03
PA ADP Z . 34.37 8.76 -11.05
O1A ADP Z . 35.07 8.19 -9.85
O2A ADP Z . 33.83 7.85 -12.13
O3A ADP Z . 33.15 9.69 -10.56
O5' ADP Z . 35.34 9.84 -11.76
C5' ADP Z . 35.85 9.62 -13.06
C4' ADP Z . 36.47 10.90 -13.59
O4' ADP Z . 37.72 11.19 -12.93
C3' ADP Z . 36.77 10.80 -15.08
O3' ADP Z . 35.92 11.70 -15.81
C2' ADP Z . 38.23 11.20 -15.23
O2' ADP Z . 38.41 12.17 -16.27
C1' ADP Z . 38.62 11.76 -13.88
N9 ADP Z . 40.04 11.51 -13.53
C8 ADP Z . 40.52 11.32 -12.29
N7 ADP Z . 41.87 11.14 -12.32
C5 ADP Z . 42.26 11.23 -13.61
C6 ADP Z . 43.54 11.14 -14.34
N6 ADP Z . 44.71 10.91 -13.70
N1 ADP Z . 43.51 11.30 -15.68
C2 ADP Z . 42.37 11.52 -16.35
N3 ADP Z . 41.17 11.62 -15.74
C4 ADP Z . 41.05 11.49 -14.40
H5'1 ADP Z . 35.03 9.31 -13.73
H5'2 ADP Z . 36.59 8.82 -13.06
H4' ADP Z . 35.77 11.73 -13.43
H3' ADP Z . 36.63 9.77 -15.42
HO3' ADP Z . 36.05 11.57 -16.76
H2' ADP Z . 38.83 10.29 -15.44
HO2' ADP Z . 38.22 11.77 -17.13
H1' ADP Z . 38.47 12.85 -13.93
H8 ADP Z . 39.92 11.30 -11.39
HN61 ADP Z . 44.71 10.80 -12.69
HN62 ADP Z . 45.58 10.85 -14.22
H2 ADP Z . 42.41 11.64 -17.42
#